data_9CAQ
#
_entry.id   9CAQ
#
_cell.length_a   1.00
_cell.length_b   1.00
_cell.length_c   1.00
_cell.angle_alpha   90.00
_cell.angle_beta   90.00
_cell.angle_gamma   90.00
#
_symmetry.space_group_name_H-M   'P 1'
#
loop_
_entity.id
_entity.type
_entity.pdbx_description
1 polymer 'DNA replication licensing factor MCM2'
2 polymer 'DNA replication licensing factor MCM3'
3 polymer 'DNA replication licensing factor MCM4'
4 polymer 'DNA replication licensing factor MCM5'
5 polymer 'DNA replication licensing factor MCM6'
6 polymer 'DNA replication licensing factor MCM7'
7 polymer 'DNA (44-MER)'
8 polymer 'DNA (44-MER)'
9 non-polymer 'ZINC ION'
10 non-polymer 'MAGNESIUM ION'
11 non-polymer "ADENOSINE-5'-TRIPHOSPHATE"
12 non-polymer "ADENOSINE-5'-DIPHOSPHATE"
#
loop_
_entity_poly.entity_id
_entity_poly.type
_entity_poly.pdbx_seq_one_letter_code
_entity_poly.pdbx_strand_id
1 'polypeptide(L)'
;MAESSESFTMASSPAQRRRGNDPLTSSPGRSSRRTDALTSSPGRDLPPFEDESEGLLGTEGPLEEEEDGEELIGDGMERD
YRAIPELDAYEAEGLALDDEDVEELTASQREAAERAMRQRDREAGRGLGRMRRGLLYDSDEEDEERPARKRRQVERATED
GEEDEEMIESIENLEDLKGHSVREWVSMAGPRLEIHHRFKNFLRTHVDSHGHNVFKERISDMCKENRESLVVNYEDLAAR
EHVLAYFLPEAPAELLQIFDEAALEVVLAMYPKYDRITNHIHVRISHLPLVEELRSLRQLHLNQLIRTSGVVTSCTGVLP
QLSMVKYNCNKCNFVLGPFCQSQNQEVKPGSCPECQSAGPFEVNMEETIYQNYQRIRIQESPGKVAAGRLPRSKDAILLA
DLVDSCKPGDEIELTGIYHNNYDGSLNTANGFPVFATVILANHVAKKDNKVAVGELTDEDVKMITSLSKDQQIGEKIFAS
IAPSIYGHEDIKRGLALALFGGEPKNPGGKHKVRGDINVLLCGDPGTAKSQFLKYIEKVSSRAIFTTGQGASAVGLTAYV
QRHPVSREWTLEAGALVLADRGVCLIDEFDKMNDQDRTSIHEAMEQQSISISKAGIVTSLQARCTVIAAANPIGGRYDPS
LTFSENVDLTEPIISRFDILCVVRDTVDPVQDEMLARFVVGSHVRHHPSNKEEEGLANGSAAEPAMPNTYGVEPLPQEVL
KKYIIYAKERVHPKLNQMDQDKVAKMYSDLRKESMATGSIPITVRHIESMIRMAEAHARIHLRDYVIEDDVNMAIRVMLE
SFIDTQKFSVMRSMRKTFARYLSFRRDNNELLLFILKQLVAEQVTYQRNRFGAQQDTIEVPEKDLVDKARQINIHNLSAF
YDSELFRMNKFSHDLKRKMILQQF
;
2,A
2 'polypeptide(L)'
;MAGTVVLDDVELREAQRDYLDFLDDEEDQGIYQSKVRELISDNQYRLIVNVNDLRRKNEKRANRLLNNAFEELVAFQRAL
KDFVASIDATYAKQYEEFYVGLEGSFGSKHVSPRTLTSCFLSCVVCVEGIVTKCSLVRPKVVRSVHYCPATKKTIERRYS
DLTTLVAFPSSSVYPTKDEENNPLETEYGLSVYKDHQTITIQEMPEKAPAGQLPRSVDVILDDDLVDKAKPGDRVQVVGT
YRCLPGKKGGYTSGTFRTVLIACNVKQMSKDAQPSFSAEDIAKIKKFSKTRSKDIFDQLAKSLAPSIHGHDYVKKAILCL
LLGGVERDLENGSHIRGDINILLIGDPSVAKSQLLRYVLCTAPRAIPTTGRGSSGVGLTAAVTTDQETGERRLEAGAMVL
ADRGVVCIDEFDKMSDMDRTAIHEVMEQGRVTIAKAGIHARLNARCSVLAAANPVYGRYDQYKTPMENIGLQDSLLSRFD
LLFIMLDQMDPEQDREISDHVLRMHRYRAPGEQDGDAMPLGSAVDILATDDPNFSQEDQQDTQIYEKHDNLLHGTKKKKE
KMVSAAFMKKYIHVAKIIKPVLTQESATYIAEEYSRLRSQDSMSSDTARTSPVTARTLETLIRLATAHAKARMSKTVDLQ
DAEEAVELVQYAYFKKVLEKEKKRKKRSEDESETEDEEEKSQEDQEQKRKRRKTRQPDAKDGDSYDPYDFSDTEEEMPQV
HTPKTADSQETKESQKVELSESRLKAFKVALLDVFREAHAQSIGMNRLTESINRDSEEPFSSVEIQAALSKMQDDNQVMV
SEGIIFLI
;
3,B
3 'polypeptide(L)'
;MSSPASTPSRRGSRRGRATPAQTPRSEDARSSPSQRRRGEDSTSTGELQPMPTSPGVDLQSPAAQDVLFSSPPQMHSSAI
PLDFDVSSPLTYGTPSSRVEGTPRSGVRGTPVRQRPDLGSAQKGLQVDLQSDGAAAEDIVASEQSLGQKLVIWGTDVNVA
ACKENFQRFLQRFIDPLAKEEENVGIDITEPLYMQRLGEINVIGEPFLNVNCEHIKSFDKNLYRQLISYPQEVIPTFDMA
VNEIFFDRYPDSILEHQIQVRPFNALKTKNMRNLNPEDIDQLITISGMVIRTSQLIPEMQEAFFQCQVCAHTTRVEMDRG
RIAEPSVCGRCHTTHSMALIHNRSLFSDKQMIKLQESPEDMPAGQTPHTVILFAHNDLVDKVQPGDRVNVTGIYRAVPIR
VNPRVSNVKSVYKTHIDVIHYRKTDAKRLHGLDEEAEQKLFSEKRVELLKELSRKPDIYERLASALAPSIYEHEDIKKGI
LLQLFGGTRKDFSHTGRGKFRAEINILLCGDPGTSKSQLLQYVYNLVPRGQYTSGKGSSAVGLTAYVMKDPETRQLVLQT
GALVLSDNGICCIDEFDKMNESTRSVLHEVMEQQTLSIAKAGIICQLNARTSVLAAANPIESQWNPKKTTIENIQLPHTL
LSRFDLIFLMLDPQDEAYDRRLAHHLVALYYQSEEQAEEELLDMAVLKDYIAYAHSTIMPRLSEEASQALIEAYVDMRKI
GSSRGMVSAYPRQLESLIRLAEAHAKVRLSNKVEAIDVEEAKRLHREALKQSATDPRTGIVDISILTTGMSATSRKRKEE
LAEALKKLILSKGKTPALKYQQLFEDIRGQSDIAITKDMFEEALRALADDDFLTVTGKTVRLL
;
4,C
4 'polypeptide(L)'
;SNAMSGFDDPGIFYSDSFGGDAQADEGQARKSQLQRRFKEFLRQYRVGTDRTGFTFKYRDELKRHYNLGEYWIEVEMEDL
ASFDEDLADYLYKQPAEHLQLLEEAAKEVADEVTRPRPSGEEVLQDIQVMLKSDASPSSIRSLKSDMMSHLVKIPGIIIA
ASAVRAKATRISIQCRSCRNTLTNIAMRPGLEGYALPRKCNTDQAGRPKCPLDPYFIMPDKCKCVDFQTLKLQELPDAVP
HGEMPRHMQLYCDRYLCDKVVPGNRVTIMGIYSIKKFGLTTSRGRDRVGVGIRSSYIRVLGIQVDTDGSGRSFAGAVSPQ
EEEEFRRLAALPNVYEVISKSIAPSIFGGTDMKKAIACLLFGGSRKRLPDGLTRRGDINLLMLGDPGTAKSQLLKFVEKC
SPIGVYTSGKGSSAAGLTASVMRDPSSRNFIMEGGAMVLADGGVVCIDEFDKMREDDRVAIHEAMEQQTISIAKAGITTT
LNSRCSVLAAANSVFGRWDETKGEDNIDFMPTILSRFDMIFIVKDEHNEERDVMLAKHVITLHVSALTQTQAVEGEIDLA
KLKKFIAYCRVKCGPRLSAEAAEKLKNRYIIMRSGARQHERDSDRRSSIPITVRQLEAIVRIAEALSKMKLQPFATEADV
EEALRLFQVSTLDAALSGTLSGVEGFTSQEDQEMLSRIEKQLKRRFAIGSQVSEHSIIKDFTKQKYPEHAIHKVLQLMLR
RGEIQHRMQRKVLYRLK
;
5,D
5 'polypeptide(L)'
;MDLAAAAEPGAGSQHLEVRDEVAEKCQKLFLDFLEEFQSSDGEIKYLQLAEELIRPERNTLVVSFVDLEQFNQQLSTTIQ
EEFYRVYPYLCRALKTFVKDRKEIPLAKDFYVAFQDLPTRHKIRELTSSRIGLLTRISGQVVRTHPVHPELVSGTFLCLD
CQTVIRDVEQQFKYTQPNICRNPVCANRRRFLLDTNKSRFVDFQKVRIQETQAELPRGSIPRSLEVILRAEAVESAQAGD
KCDFTGTLIVVPDVSKLSTPGARAETNSRVSGVDGYETEGIRGLRALGVRDLSYRLVFLACCVAPTNPRFGGKELRDEEQ
TAESIKNQMTVKEWEKVFEMSQDKNLYHNLCTSLFPTIHGNDEVKRGVLLMLFGGVPKTTGEGTSLRGDINVCIVGDPST
AKSQFLKHVEEFSPRAVYTSGKASSAAGLTAAVVRDEESHEFVIEAGALMLADNGVCCIDEFDKMDVRDQVAIHEAMEQQ
TISITKAGVKATLNARTSILAAANPISGHYDRSKSLKQNINLSAPIMSRFDLFFILVDECNEVTDYAIARRIVDLHSRIE
ESIDRVYSLDDIRRYLLFARQFKPKISKESEDFIVEQYKHLRQRDGSGVTKSSWRITVRQLESMIRLSEAMARMHCCDEV
QPKHVKEAFRLLNKSIIRVETPDVNLDQEEEIQMEVDEGAGGINGHADSPAPVNGINGYNEDINQESAPKASLRLGFSEY
CRISNLIVLHLRKVEEEEDESALKRSELVNWYLKEIESEIDSEEELINKKRIIEKVIHRLTHYDHVLIELTQAGLKGSTE
GSESYEEDPYLVVNPNYLLED
;
6,E
6 'polypeptide(L)'
;SNAMALKDYALEKEKVKKFLQEFYQDDELGKKQFKYGNQLVRLAHREQVALYVDLDDVAEDDPELVDSICENARRYAKLF
ADAVQELLPQYKEREVVNKDVLDVYIEHRLMMEQRSRDPGMVRSPQNQYPAELMRRFELYFQGPSSNKPRVIREVRADSV
GKLVTVRGIVTRVSEVKPKMVVATYTCDQCGAETYQPIQSPTFMPLIMCPSQECQTNRSGGRLYLQTRGSRFIKFQEMKM
QEHSDQVPVGNIPRSITVLVEGENTRIAQPGDHVSVTGIFLPILRTGFRQVVQGLLSETYLEAHRIVKMNKSEDDESGAG
ELTREELRQIAEEDFYEKLAASIAPEIYGHEDVKKALLLLLVGGVDQSPRGMKIRGNINICLMGDPGVAKSQLLSYIDRL
APRSQYTTGRGSSGVGLTAAVLRDSVSGELTLEGGALVLADQGVCCIDEFDKMAEADRTAIHEVMEQQTISIAKAGILTT
LNARCSILAAANPAYGRYNPRRSLEQNIQLPAALLSRFDLLWLIQDRPDRDNDLRLAQHITYVHQHSRQPPSQFEPLDMK
LMRRYIAMCREKQPMVPESLADYITAAYVEMRREAWASKDATYTSARTLLAILRLSTALARLRMVDVVEKEDVNEAIRLM
EMSKDSLLGDKGQTARTQRPADVIFATVRELVSGGRSVRFSEAEQRCVSRGFTPAQFQAALDEYEELNVWQVNASRTRIT
FV
;
7,F
7 'polydeoxyribonucleotide'
;(DA)(DA)(DA)(DA)(DA)(DA)(DA)(DA)(DA)(DA)(DA)(DA)(DA)(DA)(DA)(DA)(DA)(DA)(DA)(DA)
(DA)(DA)(DA)(DT)(DT)(DT)(DT)(DT)(DT)(DT)(DT)(DT)(DT)(DT)(DT)(DT)(DT)(DT)(DT)(DT)
(DT)(DT)(DT)(DT)
;
O
8 'polydeoxyribonucleotide'
;(DA)(DA)(DA)(DA)(DA)(DA)(DA)(DA)(DA)(DA)(DA)(DA)(DA)(DA)(DA)(DA)(DA)(DA)(DA)(DA)
(DA)(DT)(DT)(DT)(DT)(DT)(DT)(DT)(DT)(DT)(DT)(DT)(DT)(DT)(DT)(DT)(DT)(DT)(DT)(DT)
(DT)(DT)(DT)(DT)
;
S
#
# COMPACT_ATOMS: atom_id res chain seq x y z
N ASP A 176 -11.79 -19.26 -51.84
CA ASP A 176 -12.91 -18.50 -52.37
C ASP A 176 -12.94 -17.11 -51.73
N LEU A 177 -13.78 -16.23 -52.27
CA LEU A 177 -13.85 -14.83 -51.87
C LEU A 177 -15.26 -14.50 -51.38
N LYS A 178 -15.34 -13.55 -50.47
CA LYS A 178 -16.62 -13.10 -49.92
C LYS A 178 -16.50 -11.62 -49.58
N GLY A 179 -17.54 -11.06 -48.95
CA GLY A 179 -17.57 -9.62 -48.70
C GLY A 179 -16.52 -9.16 -47.70
N HIS A 180 -16.27 -9.97 -46.66
CA HIS A 180 -15.26 -9.67 -45.64
C HIS A 180 -13.87 -9.44 -46.24
N SER A 181 -12.97 -8.87 -45.44
CA SER A 181 -11.63 -8.56 -45.92
C SER A 181 -10.79 -9.82 -46.09
N VAL A 182 -9.66 -9.66 -46.78
CA VAL A 182 -8.76 -10.77 -47.04
C VAL A 182 -8.15 -11.28 -45.74
N ARG A 183 -7.76 -10.36 -44.86
CA ARG A 183 -7.13 -10.78 -43.61
C ARG A 183 -8.10 -11.54 -42.72
N GLU A 184 -9.33 -11.03 -42.56
CA GLU A 184 -10.30 -11.75 -41.75
C GLU A 184 -10.65 -13.09 -42.37
N TRP A 185 -10.77 -13.12 -43.71
CA TRP A 185 -11.01 -14.36 -44.44
C TRP A 185 -9.97 -15.40 -44.10
N VAL A 186 -8.69 -15.09 -44.36
CA VAL A 186 -7.64 -16.05 -44.07
C VAL A 186 -7.54 -16.34 -42.58
N SER A 187 -8.05 -15.47 -41.71
CA SER A 187 -8.12 -15.79 -40.29
C SER A 187 -9.16 -16.87 -40.01
N MET A 188 -10.23 -16.95 -40.81
CA MET A 188 -11.23 -18.00 -40.59
C MET A 188 -10.61 -19.39 -40.76
N ALA A 189 -11.06 -20.33 -39.93
CA ALA A 189 -10.42 -21.65 -39.87
C ALA A 189 -10.62 -22.45 -41.15
N GLY A 190 -11.79 -22.34 -41.77
CA GLY A 190 -12.09 -23.05 -43.00
C GLY A 190 -11.08 -22.76 -44.09
N PRO A 191 -10.89 -21.48 -44.43
CA PRO A 191 -9.85 -21.16 -45.40
C PRO A 191 -8.44 -21.36 -44.88
N ARG A 192 -8.21 -21.34 -43.57
CA ARG A 192 -6.89 -21.73 -43.04
C ARG A 192 -6.55 -23.13 -43.49
N LEU A 193 -7.46 -24.08 -43.29
CA LEU A 193 -7.23 -25.43 -43.77
C LEU A 193 -7.13 -25.47 -45.29
N GLU A 194 -7.97 -24.68 -45.99
CA GLU A 194 -7.93 -24.64 -47.44
C GLU A 194 -6.54 -24.28 -47.98
N ILE A 195 -6.00 -23.15 -47.51
CA ILE A 195 -4.76 -22.67 -48.09
C ILE A 195 -3.57 -23.47 -47.55
N HIS A 196 -3.64 -23.96 -46.30
CA HIS A 196 -2.59 -24.84 -45.83
C HIS A 196 -2.53 -26.10 -46.68
N HIS A 197 -3.70 -26.66 -47.02
CA HIS A 197 -3.73 -27.82 -47.90
C HIS A 197 -3.16 -27.46 -49.26
N ARG A 198 -3.48 -26.28 -49.79
CA ARG A 198 -2.95 -25.88 -51.09
C ARG A 198 -1.43 -25.74 -51.07
N PHE A 199 -0.89 -25.15 -50.00
CA PHE A 199 0.56 -25.01 -49.88
C PHE A 199 1.23 -26.36 -49.78
N LYS A 200 0.68 -27.27 -48.97
CA LYS A 200 1.20 -28.64 -48.94
C LYS A 200 1.12 -29.29 -50.31
N ASN A 201 0.00 -29.08 -51.02
CA ASN A 201 -0.21 -29.71 -52.31
C ASN A 201 0.85 -29.31 -53.30
N PHE A 202 1.08 -27.99 -53.47
CA PHE A 202 2.05 -27.60 -54.48
C PHE A 202 3.48 -27.79 -53.98
N LEU A 203 3.71 -27.81 -52.66
CA LEU A 203 5.03 -28.19 -52.18
C LEU A 203 5.38 -29.61 -52.60
N ARG A 204 4.40 -30.52 -52.52
CA ARG A 204 4.66 -31.90 -52.93
C ARG A 204 4.63 -32.08 -54.44
N THR A 205 3.78 -31.34 -55.16
CA THR A 205 3.42 -31.67 -56.54
C THR A 205 3.99 -30.73 -57.60
N HIS A 206 4.30 -29.47 -57.29
CA HIS A 206 4.84 -28.59 -58.32
C HIS A 206 6.22 -29.10 -58.63
N VAL A 207 6.30 -29.93 -59.68
CA VAL A 207 7.49 -30.75 -59.89
C VAL A 207 8.69 -29.88 -60.26
N ASP A 208 8.64 -29.21 -61.41
CA ASP A 208 9.73 -28.37 -61.91
C ASP A 208 9.26 -27.81 -63.24
N SER A 209 10.04 -26.87 -63.77
CA SER A 209 9.90 -26.49 -65.17
C SER A 209 10.06 -27.69 -66.09
N HIS A 210 11.00 -28.59 -65.75
CA HIS A 210 11.39 -29.72 -66.59
C HIS A 210 11.46 -31.00 -65.77
N GLY A 211 10.41 -31.25 -64.97
CA GLY A 211 10.19 -32.52 -64.32
C GLY A 211 11.32 -33.06 -63.45
N HIS A 212 11.56 -32.42 -62.30
CA HIS A 212 12.65 -32.78 -61.39
C HIS A 212 12.22 -32.90 -59.93
N ASN A 213 11.10 -32.30 -59.53
CA ASN A 213 10.69 -32.22 -58.14
C ASN A 213 11.76 -31.47 -57.34
N VAL A 214 11.94 -30.20 -57.74
CA VAL A 214 13.02 -29.38 -57.20
C VAL A 214 12.90 -29.20 -55.70
N PHE A 215 11.68 -29.27 -55.16
CA PHE A 215 11.50 -29.09 -53.73
C PHE A 215 12.16 -30.21 -52.95
N LYS A 216 12.19 -31.43 -53.51
CA LYS A 216 12.91 -32.52 -52.86
C LYS A 216 14.39 -32.20 -52.71
N GLU A 217 15.02 -31.72 -53.78
CA GLU A 217 16.45 -31.43 -53.72
C GLU A 217 16.73 -30.21 -52.86
N ARG A 218 15.88 -29.19 -52.93
CA ARG A 218 16.05 -28.01 -52.09
C ARG A 218 15.94 -28.38 -50.63
N ILE A 219 14.96 -29.21 -50.27
CA ILE A 219 14.82 -29.65 -48.88
C ILE A 219 16.00 -30.54 -48.50
N SER A 220 16.49 -31.33 -49.45
CA SER A 220 17.65 -32.19 -49.17
C SER A 220 18.85 -31.35 -48.77
N ASP A 221 19.15 -30.31 -49.54
CA ASP A 221 20.26 -29.43 -49.20
C ASP A 221 19.96 -28.64 -47.92
N MET A 222 18.69 -28.25 -47.74
CA MET A 222 18.30 -27.48 -46.57
C MET A 222 18.56 -28.25 -45.29
N CYS A 223 18.21 -29.53 -45.26
CA CYS A 223 18.48 -30.36 -44.10
C CYS A 223 19.91 -30.87 -44.07
N LYS A 224 20.59 -30.92 -45.23
CA LYS A 224 22.00 -31.29 -45.24
C LYS A 224 22.83 -30.26 -44.49
N GLU A 225 22.53 -28.98 -44.69
CA GLU A 225 23.19 -27.91 -43.93
C GLU A 225 22.46 -27.56 -42.64
N ASN A 226 21.20 -27.96 -42.49
CA ASN A 226 20.32 -27.44 -41.45
C ASN A 226 20.20 -25.92 -41.57
N ARG A 227 19.73 -25.48 -42.74
CA ARG A 227 19.67 -24.05 -43.02
C ARG A 227 18.62 -23.32 -42.21
N GLU A 228 17.57 -24.00 -41.76
CA GLU A 228 16.46 -23.48 -40.97
C GLU A 228 15.51 -22.61 -41.81
N SER A 229 15.81 -22.35 -43.08
CA SER A 229 15.05 -21.37 -43.87
C SER A 229 15.01 -21.83 -45.32
N LEU A 230 13.79 -22.02 -45.84
CA LEU A 230 13.57 -22.27 -47.25
C LEU A 230 13.20 -20.97 -47.95
N VAL A 231 13.40 -20.94 -49.27
CA VAL A 231 13.00 -19.80 -50.10
C VAL A 231 12.28 -20.34 -51.34
N VAL A 232 11.21 -19.64 -51.73
CA VAL A 232 10.39 -20.03 -52.87
C VAL A 232 10.18 -18.83 -53.79
N ASN A 233 10.03 -19.11 -55.08
CA ASN A 233 9.93 -18.07 -56.10
C ASN A 233 8.48 -17.64 -56.29
N TYR A 234 8.24 -16.34 -56.21
CA TYR A 234 6.88 -15.82 -56.31
C TYR A 234 6.29 -16.05 -57.69
N GLU A 235 7.11 -16.03 -58.74
CA GLU A 235 6.59 -16.30 -60.07
C GLU A 235 6.03 -17.72 -60.15
N ASP A 236 6.79 -18.70 -59.65
CA ASP A 236 6.30 -20.07 -59.63
C ASP A 236 5.06 -20.19 -58.77
N LEU A 237 5.09 -19.56 -57.59
CA LEU A 237 3.94 -19.55 -56.67
C LEU A 237 2.69 -19.07 -57.38
N ALA A 238 2.73 -17.84 -57.89
CA ALA A 238 1.55 -17.24 -58.51
C ALA A 238 1.12 -18.02 -59.74
N ALA A 239 2.07 -18.45 -60.56
CA ALA A 239 1.74 -19.12 -61.82
C ALA A 239 1.00 -20.43 -61.56
N ARG A 240 1.52 -21.25 -60.64
CA ARG A 240 0.85 -22.52 -60.39
C ARG A 240 -0.41 -22.32 -59.56
N GLU A 241 -0.35 -21.48 -58.53
CA GLU A 241 -1.49 -21.22 -57.64
C GLU A 241 -1.52 -19.72 -57.33
N HIS A 242 -2.51 -19.02 -57.86
CA HIS A 242 -2.48 -17.56 -57.90
C HIS A 242 -3.24 -16.92 -56.76
N VAL A 243 -4.18 -17.65 -56.14
CA VAL A 243 -4.96 -17.10 -55.04
C VAL A 243 -4.03 -16.74 -53.89
N LEU A 244 -3.08 -17.63 -53.59
CA LEU A 244 -2.13 -17.38 -52.52
C LEU A 244 -1.27 -16.17 -52.84
N ALA A 245 -0.83 -16.06 -54.10
CA ALA A 245 0.01 -14.95 -54.52
C ALA A 245 -0.74 -13.63 -54.36
N TYR A 246 -2.01 -13.60 -54.74
CA TYR A 246 -2.80 -12.40 -54.56
C TYR A 246 -2.98 -12.08 -53.08
N PHE A 247 -3.18 -13.11 -52.26
CA PHE A 247 -3.38 -12.88 -50.83
C PHE A 247 -2.11 -12.38 -50.15
N LEU A 248 -0.93 -12.73 -50.71
CA LEU A 248 0.33 -12.55 -49.99
C LEU A 248 0.60 -11.11 -49.57
N PRO A 249 0.58 -10.12 -50.45
CA PRO A 249 0.82 -8.74 -49.97
C PRO A 249 -0.30 -8.21 -49.11
N GLU A 250 -1.50 -8.77 -49.20
CA GLU A 250 -2.63 -8.20 -48.45
C GLU A 250 -2.48 -8.46 -46.96
N ALA A 251 -2.29 -9.72 -46.58
CA ALA A 251 -2.18 -10.13 -45.18
C ALA A 251 -0.99 -11.07 -45.03
N PRO A 252 0.22 -10.57 -45.26
CA PRO A 252 1.39 -11.46 -45.32
C PRO A 252 1.69 -12.22 -44.04
N ALA A 253 1.42 -11.63 -42.87
CA ALA A 253 1.81 -12.26 -41.62
C ALA A 253 1.15 -13.62 -41.44
N GLU A 254 -0.16 -13.69 -41.70
CA GLU A 254 -0.88 -14.93 -41.49
C GLU A 254 -0.42 -16.00 -42.46
N LEU A 255 -0.25 -15.61 -43.73
CA LEU A 255 0.20 -16.56 -44.74
C LEU A 255 1.58 -17.08 -44.40
N LEU A 256 2.45 -16.20 -43.91
CA LEU A 256 3.79 -16.62 -43.53
C LEU A 256 3.77 -17.60 -42.36
N GLN A 257 2.92 -17.36 -41.35
CA GLN A 257 2.82 -18.30 -40.23
C GLN A 257 2.34 -19.68 -40.69
N ILE A 258 1.30 -19.71 -41.52
CA ILE A 258 0.80 -21.00 -42.00
C ILE A 258 1.86 -21.71 -42.82
N PHE A 259 2.60 -20.97 -43.66
CA PHE A 259 3.59 -21.62 -44.51
C PHE A 259 4.75 -22.12 -43.65
N ASP A 260 5.04 -21.43 -42.55
CA ASP A 260 5.96 -21.99 -41.56
C ASP A 260 5.47 -23.36 -41.10
N GLU A 261 4.20 -23.45 -40.72
CA GLU A 261 3.68 -24.72 -40.26
C GLU A 261 3.71 -25.79 -41.36
N ALA A 262 3.31 -25.42 -42.58
CA ALA A 262 3.27 -26.39 -43.67
C ALA A 262 4.67 -26.85 -44.08
N ALA A 263 5.63 -25.94 -44.14
CA ALA A 263 7.01 -26.32 -44.41
C ALA A 263 7.53 -27.22 -43.31
N LEU A 264 7.15 -26.94 -42.06
CA LEU A 264 7.54 -27.83 -40.97
C LEU A 264 6.98 -29.22 -41.19
N GLU A 265 5.73 -29.31 -41.64
CA GLU A 265 5.14 -30.60 -41.92
C GLU A 265 5.90 -31.35 -43.01
N VAL A 266 6.24 -30.66 -44.11
CA VAL A 266 6.86 -31.37 -45.23
C VAL A 266 8.30 -31.75 -44.91
N VAL A 267 9.04 -30.89 -44.21
CA VAL A 267 10.41 -31.25 -43.87
C VAL A 267 10.43 -32.38 -42.85
N LEU A 268 9.46 -32.40 -41.91
CA LEU A 268 9.38 -33.54 -41.02
C LEU A 268 8.99 -34.80 -41.76
N ALA A 269 8.15 -34.68 -42.79
CA ALA A 269 7.81 -35.84 -43.60
C ALA A 269 9.04 -36.39 -44.31
N MET A 270 9.87 -35.52 -44.87
CA MET A 270 11.04 -35.97 -45.60
C MET A 270 12.09 -36.53 -44.67
N TYR A 271 12.38 -35.81 -43.58
CA TYR A 271 13.33 -36.23 -42.54
C TYR A 271 12.64 -36.08 -41.19
N PRO A 272 11.94 -37.12 -40.72
CA PRO A 272 11.37 -37.04 -39.36
C PRO A 272 12.40 -36.87 -38.26
N LYS A 273 13.67 -37.18 -38.54
CA LYS A 273 14.76 -36.96 -37.59
C LYS A 273 15.01 -35.47 -37.32
N TYR A 274 14.46 -34.56 -38.13
CA TYR A 274 14.68 -33.13 -38.01
C TYR A 274 14.10 -32.52 -36.74
N ASP A 275 13.26 -33.27 -35.99
CA ASP A 275 12.50 -32.72 -34.87
C ASP A 275 13.36 -31.96 -33.87
N ARG A 276 14.55 -32.48 -33.57
CA ARG A 276 15.46 -31.76 -32.69
C ARG A 276 16.01 -30.50 -33.34
N ILE A 277 16.02 -30.42 -34.67
CA ILE A 277 16.71 -29.34 -35.37
C ILE A 277 15.79 -28.13 -35.42
N THR A 278 15.86 -27.30 -34.39
CA THR A 278 15.31 -25.94 -34.36
C THR A 278 13.78 -25.87 -34.23
N ASN A 279 13.08 -27.02 -34.34
CA ASN A 279 11.61 -27.14 -34.26
C ASN A 279 10.86 -26.07 -35.09
N HIS A 280 11.47 -25.60 -36.17
CA HIS A 280 10.97 -24.45 -36.89
C HIS A 280 11.66 -24.37 -38.24
N ILE A 281 10.92 -23.91 -39.25
CA ILE A 281 11.48 -23.56 -40.54
C ILE A 281 10.87 -22.22 -40.97
N HIS A 282 11.71 -21.27 -41.33
CA HIS A 282 11.22 -20.05 -41.95
C HIS A 282 11.09 -20.26 -43.44
N VAL A 283 10.26 -19.42 -44.06
CA VAL A 283 10.03 -19.43 -45.49
C VAL A 283 10.18 -18.01 -46.00
N ARG A 284 10.96 -17.84 -47.06
CA ARG A 284 11.21 -16.57 -47.69
C ARG A 284 10.59 -16.57 -49.09
N ILE A 285 10.15 -15.38 -49.53
CA ILE A 285 9.50 -15.18 -50.80
C ILE A 285 10.36 -14.26 -51.64
N SER A 286 10.72 -14.71 -52.82
CA SER A 286 11.64 -14.02 -53.71
C SER A 286 10.92 -13.58 -54.97
N HIS A 287 11.46 -12.54 -55.59
CA HIS A 287 10.96 -12.04 -56.87
C HIS A 287 9.51 -11.59 -56.77
N LEU A 288 9.20 -10.87 -55.71
CA LEU A 288 7.90 -10.22 -55.62
C LEU A 288 7.86 -9.17 -56.72
N PRO A 289 6.87 -9.17 -57.62
CA PRO A 289 7.02 -8.41 -58.88
C PRO A 289 7.07 -6.90 -58.69
N LEU A 290 6.33 -6.37 -57.74
CA LEU A 290 6.10 -4.93 -57.63
C LEU A 290 7.06 -4.37 -56.59
N VAL A 291 8.14 -3.76 -57.08
CA VAL A 291 9.11 -3.10 -56.22
C VAL A 291 8.65 -1.66 -56.03
N GLU A 292 8.47 -1.27 -54.78
CA GLU A 292 8.30 0.13 -54.43
C GLU A 292 9.66 0.74 -54.16
N GLU A 293 9.71 2.06 -54.15
CA GLU A 293 10.93 2.82 -53.92
C GLU A 293 10.82 3.52 -52.58
N LEU A 294 11.96 3.61 -51.88
CA LEU A 294 11.95 4.15 -50.52
C LEU A 294 11.48 5.60 -50.46
N ARG A 295 11.55 6.33 -51.56
CA ARG A 295 10.88 7.63 -51.58
C ARG A 295 9.38 7.46 -51.41
N SER A 296 8.81 6.45 -52.08
CA SER A 296 7.36 6.25 -52.13
C SER A 296 7.01 4.97 -51.38
N LEU A 297 6.83 5.11 -50.07
CA LEU A 297 6.20 4.08 -49.24
C LEU A 297 5.24 4.81 -48.31
N ARG A 298 3.96 4.75 -48.65
CA ARG A 298 2.95 5.59 -48.06
C ARG A 298 2.13 4.79 -47.05
N GLN A 299 1.05 5.39 -46.56
CA GLN A 299 0.09 4.68 -45.72
C GLN A 299 -0.47 3.45 -46.41
N LEU A 300 -0.56 3.48 -47.74
CA LEU A 300 -1.24 2.42 -48.49
C LEU A 300 -0.45 1.12 -48.56
N HIS A 301 0.73 1.03 -47.92
CA HIS A 301 1.53 -0.18 -47.88
C HIS A 301 1.66 -0.78 -46.47
N LEU A 302 1.00 -0.21 -45.47
CA LEU A 302 1.11 -0.73 -44.11
C LEU A 302 0.58 -2.15 -44.04
N ASN A 303 1.25 -2.98 -43.25
CA ASN A 303 0.88 -4.37 -43.05
C ASN A 303 0.83 -5.12 -44.37
N GLN A 304 1.74 -4.80 -45.28
CA GLN A 304 1.86 -5.49 -46.56
C GLN A 304 3.32 -5.85 -46.81
N LEU A 305 3.50 -6.94 -47.55
CA LEU A 305 4.82 -7.43 -47.90
C LEU A 305 5.25 -6.74 -49.20
N ILE A 306 6.27 -5.90 -49.11
CA ILE A 306 6.79 -5.14 -50.23
C ILE A 306 8.20 -5.62 -50.54
N ARG A 307 8.67 -5.25 -51.73
CA ARG A 307 10.05 -5.44 -52.16
C ARG A 307 10.65 -4.08 -52.44
N THR A 308 11.93 -3.93 -52.13
CA THR A 308 12.57 -2.62 -52.08
C THR A 308 14.06 -2.83 -52.29
N SER A 309 14.77 -1.74 -52.59
CA SER A 309 16.21 -1.75 -52.78
C SER A 309 16.83 -0.68 -51.89
N GLY A 310 18.13 -0.79 -51.67
CA GLY A 310 18.81 0.25 -50.91
C GLY A 310 20.25 -0.16 -50.60
N VAL A 311 20.88 0.65 -49.76
CA VAL A 311 22.23 0.40 -49.28
C VAL A 311 22.21 0.46 -47.75
N VAL A 312 22.86 -0.50 -47.12
CA VAL A 312 22.87 -0.58 -45.66
C VAL A 312 23.79 0.52 -45.15
N THR A 313 23.24 1.51 -44.45
CA THR A 313 24.05 2.54 -43.83
C THR A 313 24.53 2.14 -42.45
N SER A 314 23.83 1.26 -41.77
CA SER A 314 24.22 0.82 -40.44
C SER A 314 23.63 -0.56 -40.18
N CYS A 315 24.31 -1.32 -39.32
CA CYS A 315 23.92 -2.70 -39.04
C CYS A 315 24.47 -3.07 -37.66
N THR A 316 23.61 -3.04 -36.64
CA THR A 316 24.12 -3.34 -35.31
C THR A 316 24.46 -4.83 -35.19
N GLY A 317 25.11 -5.17 -34.09
CA GLY A 317 25.51 -6.54 -33.87
C GLY A 317 24.32 -7.43 -33.63
N VAL A 318 24.57 -8.73 -33.59
CA VAL A 318 23.51 -9.71 -33.34
C VAL A 318 23.22 -9.71 -31.85
N LEU A 319 21.94 -9.48 -31.49
CA LEU A 319 21.46 -9.45 -30.13
C LEU A 319 20.50 -10.62 -29.88
N PRO A 320 20.37 -11.09 -28.63
CA PRO A 320 19.47 -12.23 -28.36
C PRO A 320 18.05 -11.78 -28.06
N GLN A 321 17.06 -12.34 -28.75
CA GLN A 321 15.66 -11.99 -28.57
C GLN A 321 14.89 -13.16 -27.97
N LEU A 322 13.92 -12.83 -27.11
CA LEU A 322 13.00 -13.81 -26.58
C LEU A 322 12.07 -14.31 -27.69
N SER A 323 11.88 -15.62 -27.75
CA SER A 323 11.00 -16.26 -28.74
C SER A 323 9.99 -17.21 -28.12
N MET A 324 10.36 -17.94 -27.10
CA MET A 324 9.42 -18.71 -26.27
C MET A 324 9.97 -18.57 -24.86
N VAL A 325 9.46 -17.59 -24.13
CA VAL A 325 10.06 -17.16 -22.88
C VAL A 325 9.35 -17.83 -21.71
N LYS A 326 10.11 -18.28 -20.73
CA LYS A 326 9.61 -18.80 -19.47
C LYS A 326 10.01 -17.85 -18.36
N TYR A 327 9.12 -17.65 -17.39
CA TYR A 327 9.35 -16.69 -16.32
C TYR A 327 9.35 -17.38 -14.98
N ASN A 328 10.35 -17.08 -14.15
CA ASN A 328 10.28 -17.43 -12.74
C ASN A 328 9.35 -16.45 -12.06
N CYS A 329 8.27 -16.97 -11.47
CA CYS A 329 7.50 -16.19 -10.53
C CYS A 329 8.35 -16.06 -9.28
N ASN A 330 8.97 -14.91 -9.06
CA ASN A 330 9.93 -14.82 -7.96
C ASN A 330 9.28 -14.64 -6.60
N LYS A 331 7.98 -14.91 -6.46
CA LYS A 331 7.35 -15.17 -5.18
C LYS A 331 7.46 -16.62 -4.76
N CYS A 332 7.43 -17.55 -5.72
CA CYS A 332 7.44 -18.99 -5.45
C CYS A 332 8.32 -19.81 -6.38
N ASN A 333 8.96 -19.19 -7.38
CA ASN A 333 9.82 -19.89 -8.32
C ASN A 333 9.10 -20.97 -9.12
N PHE A 334 7.83 -20.77 -9.41
CA PHE A 334 7.20 -21.57 -10.45
C PHE A 334 7.67 -21.07 -11.81
N VAL A 335 7.79 -22.01 -12.74
CA VAL A 335 8.25 -21.71 -14.11
C VAL A 335 7.01 -21.48 -14.94
N LEU A 336 6.57 -20.23 -15.02
CA LEU A 336 5.52 -19.80 -15.94
C LEU A 336 5.90 -20.19 -17.36
N GLY A 337 5.00 -20.92 -17.99
CA GLY A 337 5.27 -21.66 -19.19
C GLY A 337 5.72 -20.81 -20.36
N PRO A 338 6.09 -21.47 -21.45
CA PRO A 338 6.75 -20.79 -22.57
C PRO A 338 5.76 -19.98 -23.39
N PHE A 339 5.81 -18.67 -23.23
CA PHE A 339 4.96 -17.76 -23.98
C PHE A 339 5.64 -17.37 -25.28
N CYS A 340 4.93 -17.55 -26.39
CA CYS A 340 5.42 -17.01 -27.65
C CYS A 340 5.52 -15.50 -27.57
N GLN A 341 6.53 -14.95 -28.24
CA GLN A 341 6.83 -13.51 -28.22
C GLN A 341 6.66 -12.99 -29.63
N SER A 342 5.55 -12.31 -29.86
CA SER A 342 5.37 -11.58 -31.10
C SER A 342 6.26 -10.35 -31.10
N GLN A 343 6.51 -9.83 -32.30
CA GLN A 343 7.35 -8.65 -32.44
C GLN A 343 6.67 -7.37 -31.98
N ASN A 344 5.36 -7.40 -31.71
CA ASN A 344 4.61 -6.17 -31.58
C ASN A 344 4.75 -5.57 -30.18
N GLN A 345 4.29 -6.28 -29.16
CA GLN A 345 4.34 -5.81 -27.78
C GLN A 345 4.98 -6.88 -26.91
N GLU A 346 5.75 -6.44 -25.93
CA GLU A 346 6.44 -7.36 -25.03
C GLU A 346 5.44 -8.20 -24.25
N VAL A 347 5.66 -9.51 -24.24
CA VAL A 347 4.79 -10.43 -23.51
C VAL A 347 4.84 -10.08 -22.03
N LYS A 348 3.69 -10.25 -21.36
CA LYS A 348 3.54 -9.89 -19.96
C LYS A 348 2.64 -10.94 -19.29
N PRO A 349 3.15 -11.84 -18.44
CA PRO A 349 2.26 -12.78 -17.79
C PRO A 349 1.31 -12.10 -16.83
N GLY A 350 0.10 -12.63 -16.75
CA GLY A 350 -0.92 -12.08 -15.90
C GLY A 350 -0.69 -12.41 -14.44
N SER A 351 -0.64 -13.69 -14.12
CA SER A 351 -0.36 -14.13 -12.77
C SER A 351 0.25 -15.53 -12.80
N CYS A 352 0.78 -15.95 -11.67
CA CYS A 352 1.36 -17.28 -11.55
C CYS A 352 0.25 -18.30 -11.38
N PRO A 353 0.25 -19.41 -12.13
CA PRO A 353 -0.77 -20.44 -11.90
C PRO A 353 -0.72 -21.08 -10.53
N GLU A 354 0.38 -20.97 -9.78
CA GLU A 354 0.49 -21.63 -8.48
C GLU A 354 0.07 -20.73 -7.33
N CYS A 355 0.80 -19.64 -7.11
CA CYS A 355 0.52 -18.78 -5.97
C CYS A 355 -0.51 -17.71 -6.28
N GLN A 356 -0.91 -17.55 -7.54
CA GLN A 356 -1.92 -16.58 -7.94
C GLN A 356 -1.52 -15.17 -7.53
N SER A 357 -0.44 -14.70 -8.13
CA SER A 357 -0.01 -13.32 -7.97
C SER A 357 0.49 -12.83 -9.31
N ALA A 358 0.15 -11.58 -9.62
CA ALA A 358 0.76 -10.88 -10.75
C ALA A 358 2.11 -10.29 -10.31
N GLY A 359 2.98 -11.19 -9.87
CA GLY A 359 4.10 -10.79 -9.08
C GLY A 359 5.18 -10.16 -9.94
N PRO A 360 6.26 -9.77 -9.31
CA PRO A 360 7.38 -9.27 -10.11
C PRO A 360 8.08 -10.40 -10.87
N PHE A 361 7.43 -10.95 -11.90
CA PHE A 361 8.01 -12.06 -12.64
C PHE A 361 9.33 -11.66 -13.27
N GLU A 362 10.20 -12.64 -13.51
CA GLU A 362 11.48 -12.33 -14.13
C GLU A 362 11.99 -13.53 -14.90
N VAL A 363 12.65 -13.25 -16.03
CA VAL A 363 12.87 -14.28 -17.03
C VAL A 363 13.81 -15.34 -16.50
N ASN A 364 13.47 -16.60 -16.77
CA ASN A 364 14.36 -17.71 -16.50
C ASN A 364 15.35 -17.75 -17.64
N MET A 365 16.62 -17.50 -17.34
CA MET A 365 17.59 -17.28 -18.40
C MET A 365 17.80 -18.52 -19.25
N GLU A 366 17.55 -19.71 -18.71
CA GLU A 366 17.97 -20.97 -19.32
C GLU A 366 16.84 -21.62 -20.11
N GLU A 367 15.70 -21.88 -19.47
CA GLU A 367 14.60 -22.57 -20.13
C GLU A 367 14.04 -21.76 -21.29
N THR A 368 14.21 -20.44 -21.27
CA THR A 368 13.90 -19.63 -22.43
C THR A 368 14.71 -20.12 -23.61
N ILE A 369 14.13 -20.04 -24.81
CA ILE A 369 14.84 -20.31 -26.05
C ILE A 369 14.80 -19.03 -26.87
N TYR A 370 15.93 -18.34 -26.91
CA TYR A 370 16.01 -17.01 -27.48
C TYR A 370 16.04 -17.11 -29.00
N GLN A 371 16.31 -15.99 -29.66
CA GLN A 371 16.33 -15.93 -31.11
C GLN A 371 17.16 -14.72 -31.53
N ASN A 372 17.95 -14.90 -32.57
CA ASN A 372 18.88 -13.86 -32.99
C ASN A 372 18.12 -12.66 -33.54
N TYR A 373 18.57 -11.47 -33.17
CA TYR A 373 17.93 -10.21 -33.56
C TYR A 373 19.01 -9.25 -34.01
N GLN A 374 18.87 -8.72 -35.23
CA GLN A 374 19.78 -7.73 -35.76
C GLN A 374 18.99 -6.62 -36.42
N ARG A 375 19.48 -5.39 -36.27
CA ARG A 375 18.77 -4.19 -36.73
C ARG A 375 19.65 -3.47 -37.74
N ILE A 376 19.16 -3.34 -38.97
CA ILE A 376 19.86 -2.67 -40.05
C ILE A 376 19.05 -1.45 -40.46
N ARG A 377 19.69 -0.57 -41.21
CA ARG A 377 19.03 0.62 -41.75
C ARG A 377 19.44 0.77 -43.20
N ILE A 378 18.49 0.62 -44.12
CA ILE A 378 18.77 0.76 -45.54
C ILE A 378 18.38 2.18 -45.93
N GLN A 379 18.97 2.67 -47.02
CA GLN A 379 18.60 3.96 -47.59
C GLN A 379 18.64 3.87 -49.10
N GLU A 380 17.93 4.78 -49.75
CA GLU A 380 17.91 4.80 -51.20
C GLU A 380 19.30 5.14 -51.73
N SER A 381 19.71 4.42 -52.77
CA SER A 381 21.05 4.61 -53.31
C SER A 381 21.16 5.96 -54.02
N PRO A 382 22.29 6.65 -53.91
CA PRO A 382 22.44 7.90 -54.69
C PRO A 382 22.33 7.70 -56.19
N GLY A 383 22.67 6.52 -56.70
CA GLY A 383 22.46 6.25 -58.11
C GLY A 383 21.01 6.26 -58.53
N LYS A 384 20.09 6.11 -57.57
CA LYS A 384 18.65 6.13 -57.81
C LYS A 384 17.97 7.37 -57.26
N VAL A 385 18.66 8.17 -56.44
CA VAL A 385 18.04 9.39 -55.93
C VAL A 385 17.95 10.41 -57.08
N ALA A 386 16.96 11.29 -56.99
CA ALA A 386 16.69 12.25 -58.05
C ALA A 386 17.54 13.51 -57.85
N ALA A 387 17.21 14.59 -58.56
CA ALA A 387 18.13 15.73 -58.67
C ALA A 387 18.24 16.50 -57.36
N GLY A 388 17.14 17.12 -56.93
CA GLY A 388 17.11 17.87 -55.69
C GLY A 388 16.45 17.06 -54.61
N ARG A 389 17.24 16.42 -53.76
CA ARG A 389 16.72 15.38 -52.89
C ARG A 389 17.69 15.15 -51.75
N LEU A 390 17.23 14.41 -50.76
CA LEU A 390 18.06 13.78 -49.75
C LEU A 390 17.61 12.32 -49.73
N PRO A 391 18.50 11.34 -49.85
CA PRO A 391 18.03 9.94 -49.82
C PRO A 391 17.36 9.59 -48.50
N ARG A 392 16.25 8.87 -48.58
CA ARG A 392 15.48 8.49 -47.42
C ARG A 392 15.85 7.09 -46.96
N SER A 393 15.70 6.85 -45.65
CA SER A 393 16.19 5.65 -45.00
C SER A 393 15.08 4.95 -44.21
N LYS A 394 14.95 3.65 -44.44
CA LYS A 394 14.00 2.80 -43.73
C LYS A 394 14.73 1.79 -42.87
N ASP A 395 14.23 1.58 -41.65
CA ASP A 395 14.81 0.60 -40.77
C ASP A 395 14.47 -0.80 -41.26
N ALA A 396 15.05 -1.79 -40.61
CA ALA A 396 14.70 -3.16 -40.95
C ALA A 396 15.24 -4.10 -39.89
N ILE A 397 14.48 -5.16 -39.63
CA ILE A 397 14.77 -6.13 -38.58
C ILE A 397 15.01 -7.48 -39.23
N LEU A 398 16.16 -8.06 -38.95
CA LEU A 398 16.52 -9.41 -39.38
C LEU A 398 16.47 -10.32 -38.17
N LEU A 399 15.93 -11.52 -38.36
CA LEU A 399 15.62 -12.43 -37.25
C LEU A 399 16.02 -13.86 -37.57
N ALA A 400 16.96 -14.38 -36.79
CA ALA A 400 17.16 -15.81 -36.55
C ALA A 400 17.82 -16.61 -37.67
N ASP A 401 17.85 -16.09 -38.88
CA ASP A 401 18.66 -16.67 -39.95
C ASP A 401 19.30 -15.63 -40.84
N LEU A 402 18.72 -14.44 -40.97
CA LEU A 402 19.22 -13.40 -41.84
C LEU A 402 20.14 -12.42 -41.13
N VAL A 403 20.39 -12.61 -39.83
CA VAL A 403 21.29 -11.69 -39.14
C VAL A 403 22.70 -11.87 -39.69
N ASP A 404 23.38 -10.74 -39.90
CA ASP A 404 24.71 -10.72 -40.50
C ASP A 404 24.70 -11.33 -41.90
N SER A 405 23.56 -11.24 -42.60
CA SER A 405 23.49 -11.56 -44.02
C SER A 405 23.78 -10.34 -44.89
N CYS A 406 24.25 -9.24 -44.32
CA CYS A 406 24.50 -8.02 -45.07
C CYS A 406 25.27 -7.07 -44.18
N LYS A 407 26.30 -6.44 -44.75
CA LYS A 407 27.18 -5.53 -44.05
C LYS A 407 26.94 -4.11 -44.54
N PRO A 408 27.43 -3.09 -43.81
CA PRO A 408 27.23 -1.71 -44.27
C PRO A 408 27.83 -1.46 -45.64
N GLY A 409 27.13 -0.68 -46.43
CA GLY A 409 27.55 -0.39 -47.79
C GLY A 409 27.15 -1.42 -48.82
N ASP A 410 26.49 -2.50 -48.42
CA ASP A 410 26.04 -3.50 -49.38
C ASP A 410 24.78 -3.02 -50.08
N GLU A 411 24.81 -2.98 -51.40
CA GLU A 411 23.59 -2.82 -52.17
C GLU A 411 22.75 -4.07 -51.98
N ILE A 412 21.58 -3.91 -51.37
CA ILE A 412 20.73 -5.03 -51.02
C ILE A 412 19.30 -4.78 -51.49
N GLU A 413 18.70 -5.83 -52.05
CA GLU A 413 17.25 -5.91 -52.14
C GLU A 413 16.72 -6.44 -50.82
N LEU A 414 15.63 -5.86 -50.35
CA LEU A 414 14.96 -6.25 -49.12
C LEU A 414 13.50 -6.53 -49.44
N THR A 415 12.99 -7.66 -48.96
CA THR A 415 11.58 -7.99 -49.03
C THR A 415 11.07 -8.18 -47.62
N GLY A 416 10.01 -7.48 -47.26
CA GLY A 416 9.56 -7.57 -45.89
C GLY A 416 8.23 -6.90 -45.68
N ILE A 417 7.66 -7.14 -44.50
CA ILE A 417 6.35 -6.63 -44.15
C ILE A 417 6.56 -5.21 -43.65
N TYR A 418 6.29 -4.22 -44.50
CA TYR A 418 6.27 -2.85 -44.03
C TYR A 418 5.23 -2.74 -42.93
N HIS A 419 5.60 -2.13 -41.82
CA HIS A 419 5.00 -2.45 -40.54
C HIS A 419 4.97 -1.20 -39.68
N ASN A 420 3.91 -1.05 -38.91
CA ASN A 420 3.67 0.18 -38.16
C ASN A 420 3.26 -0.05 -36.71
N ASN A 421 2.60 -1.18 -36.43
CA ASN A 421 1.90 -1.37 -35.16
C ASN A 421 2.71 -2.28 -34.25
N TYR A 422 3.75 -1.71 -33.63
CA TYR A 422 4.55 -2.45 -32.65
C TYR A 422 4.48 -1.79 -31.28
N ASP A 423 5.16 -0.68 -31.05
CA ASP A 423 4.79 0.33 -30.07
C ASP A 423 5.17 1.72 -30.57
N GLY A 424 5.63 1.87 -31.81
CA GLY A 424 6.13 3.13 -32.30
C GLY A 424 4.99 4.05 -32.65
N SER A 425 4.94 5.18 -31.97
CA SER A 425 3.92 6.20 -32.17
C SER A 425 4.33 7.40 -31.36
N LEU A 426 4.06 8.59 -31.89
CA LEU A 426 4.40 9.83 -31.18
C LEU A 426 3.24 10.28 -30.31
N ASN A 427 2.83 9.38 -29.41
CA ASN A 427 1.85 9.74 -28.39
C ASN A 427 2.43 10.66 -27.34
N THR A 428 3.74 10.88 -27.31
CA THR A 428 4.33 11.74 -26.32
C THR A 428 3.92 13.18 -26.57
N ALA A 429 4.18 14.02 -25.58
CA ALA A 429 3.87 15.44 -25.69
C ALA A 429 4.72 16.08 -26.79
N ASN A 430 4.22 17.20 -27.31
CA ASN A 430 4.91 17.98 -28.34
C ASN A 430 5.20 17.12 -29.57
N GLY A 431 4.12 16.71 -30.23
CA GLY A 431 4.27 15.89 -31.40
C GLY A 431 2.99 15.59 -32.13
N PHE A 432 3.04 15.56 -33.45
CA PHE A 432 1.90 15.16 -34.23
C PHE A 432 1.62 13.68 -33.99
N PRO A 433 0.37 13.24 -34.12
CA PRO A 433 0.10 11.81 -33.90
C PRO A 433 0.64 10.99 -35.07
N VAL A 434 1.96 10.83 -35.08
CA VAL A 434 2.70 10.38 -36.25
C VAL A 434 3.48 9.14 -35.86
N PHE A 435 3.41 8.11 -36.69
CA PHE A 435 3.95 6.80 -36.37
C PHE A 435 5.24 6.55 -37.14
N ALA A 436 6.23 5.99 -36.45
CA ALA A 436 7.39 5.43 -37.12
C ALA A 436 6.97 4.18 -37.88
N THR A 437 7.91 3.60 -38.60
CA THR A 437 7.68 2.34 -39.30
C THR A 437 8.98 1.56 -39.37
N VAL A 438 8.85 0.27 -39.61
CA VAL A 438 10.00 -0.63 -39.75
C VAL A 438 9.73 -1.53 -40.94
N ILE A 439 10.60 -2.51 -41.15
CA ILE A 439 10.35 -3.57 -42.12
C ILE A 439 10.87 -4.86 -41.48
N LEU A 440 9.96 -5.73 -41.09
CA LEU A 440 10.35 -7.08 -40.69
C LEU A 440 10.85 -7.78 -41.94
N ALA A 441 12.15 -7.83 -42.11
CA ALA A 441 12.70 -8.36 -43.35
C ALA A 441 12.39 -9.84 -43.47
N ASN A 442 11.82 -10.21 -44.61
CA ASN A 442 11.53 -11.59 -44.93
C ASN A 442 12.49 -12.17 -45.97
N HIS A 443 13.31 -11.35 -46.61
CA HIS A 443 14.36 -11.86 -47.48
C HIS A 443 15.33 -10.74 -47.82
N VAL A 444 16.62 -10.97 -47.61
CA VAL A 444 17.66 -10.02 -47.95
C VAL A 444 18.53 -10.64 -49.02
N ALA A 445 18.76 -9.91 -50.12
CA ALA A 445 19.53 -10.40 -51.25
C ALA A 445 20.56 -9.35 -51.62
N LYS A 446 21.83 -9.65 -51.40
CA LYS A 446 22.89 -8.77 -51.84
C LYS A 446 22.94 -8.72 -53.35
N LYS A 447 23.50 -7.63 -53.88
CA LYS A 447 23.73 -7.49 -55.31
C LYS A 447 25.08 -6.85 -55.58
N LEU A 456 38.89 -18.57 -51.24
CA LEU A 456 39.34 -19.95 -51.17
C LEU A 456 38.50 -20.82 -52.08
N THR A 457 39.13 -21.80 -52.73
CA THR A 457 38.43 -22.74 -53.59
C THR A 457 39.38 -23.85 -54.00
N ASP A 458 38.84 -24.82 -54.73
CA ASP A 458 39.60 -25.92 -55.29
C ASP A 458 39.44 -25.91 -56.80
N GLU A 459 40.40 -26.55 -57.48
CA GLU A 459 40.82 -26.36 -58.86
C GLU A 459 41.69 -25.09 -59.00
N ASP A 460 41.80 -24.26 -57.95
CA ASP A 460 42.68 -23.11 -58.00
C ASP A 460 44.13 -23.54 -58.16
N VAL A 461 44.51 -24.58 -57.42
CA VAL A 461 45.85 -25.14 -57.56
C VAL A 461 46.07 -25.60 -58.99
N LYS A 462 45.07 -26.26 -59.58
CA LYS A 462 45.19 -26.76 -60.94
C LYS A 462 45.43 -25.62 -61.92
N MET A 463 44.59 -24.60 -61.88
CA MET A 463 44.70 -23.52 -62.86
C MET A 463 45.99 -22.74 -62.67
N ILE A 464 46.31 -22.39 -61.41
CA ILE A 464 47.48 -21.57 -61.14
C ILE A 464 48.76 -22.32 -61.52
N THR A 465 48.85 -23.61 -61.20
CA THR A 465 50.05 -24.35 -61.58
C THR A 465 50.12 -24.57 -63.09
N SER A 466 48.98 -24.85 -63.72
CA SER A 466 48.97 -25.07 -65.16
C SER A 466 49.45 -23.84 -65.92
N LEU A 467 49.01 -22.65 -65.50
CA LEU A 467 49.53 -21.45 -66.13
C LEU A 467 50.95 -21.13 -65.66
N SER A 468 51.30 -21.53 -64.43
CA SER A 468 52.66 -21.31 -63.94
C SER A 468 53.69 -22.10 -64.74
N LYS A 469 53.25 -23.19 -65.40
CA LYS A 469 54.15 -23.90 -66.30
C LYS A 469 54.65 -23.01 -67.45
N ASP A 470 53.88 -21.96 -67.80
CA ASP A 470 54.11 -21.24 -69.05
C ASP A 470 55.48 -20.57 -69.10
N GLN A 471 55.93 -20.01 -67.98
CA GLN A 471 57.23 -19.39 -67.73
C GLN A 471 57.38 -18.00 -68.35
N GLN A 472 56.41 -17.51 -69.12
CA GLN A 472 56.25 -16.07 -69.34
C GLN A 472 55.38 -15.42 -68.27
N ILE A 473 55.07 -16.15 -67.20
CA ILE A 473 54.09 -15.71 -66.21
C ILE A 473 54.54 -14.43 -65.53
N GLY A 474 55.85 -14.21 -65.40
CA GLY A 474 56.31 -12.96 -64.81
C GLY A 474 55.85 -11.75 -65.62
N GLU A 475 56.08 -11.80 -66.93
CA GLU A 475 55.66 -10.68 -67.77
C GLU A 475 54.16 -10.63 -67.94
N LYS A 476 53.49 -11.79 -67.93
CA LYS A 476 52.02 -11.76 -67.95
C LYS A 476 51.47 -11.06 -66.71
N ILE A 477 52.06 -11.32 -65.55
CA ILE A 477 51.66 -10.60 -64.34
C ILE A 477 51.96 -9.12 -64.49
N PHE A 478 53.14 -8.80 -65.01
CA PHE A 478 53.52 -7.40 -65.13
C PHE A 478 52.59 -6.64 -66.07
N ALA A 479 52.05 -7.31 -67.08
CA ALA A 479 51.12 -6.71 -68.01
C ALA A 479 49.65 -6.87 -67.59
N SER A 480 49.36 -7.68 -66.57
CA SER A 480 48.02 -7.76 -66.00
C SER A 480 47.84 -6.80 -64.84
N ILE A 481 48.92 -6.34 -64.24
CA ILE A 481 48.83 -5.33 -63.17
C ILE A 481 48.61 -3.98 -63.82
N ALA A 482 47.57 -3.28 -63.37
CA ALA A 482 47.25 -1.91 -63.76
C ALA A 482 47.01 -1.77 -65.26
N PRO A 483 45.91 -2.31 -65.80
CA PRO A 483 45.62 -2.14 -67.23
C PRO A 483 44.97 -0.82 -67.57
N SER A 484 44.48 -0.07 -66.58
CA SER A 484 43.89 1.24 -66.81
C SER A 484 44.91 2.36 -66.73
N ILE A 485 46.19 2.06 -66.91
CA ILE A 485 47.27 3.03 -66.86
C ILE A 485 48.17 2.73 -68.05
N TYR A 486 48.89 3.76 -68.50
CA TYR A 486 49.77 3.68 -69.65
C TYR A 486 51.20 3.96 -69.21
N GLY A 487 52.12 3.15 -69.69
CA GLY A 487 53.50 3.32 -69.29
C GLY A 487 53.68 2.95 -67.82
N HIS A 488 54.75 3.49 -67.24
CA HIS A 488 55.13 3.19 -65.85
C HIS A 488 55.31 1.69 -65.64
N GLU A 489 55.88 1.02 -66.65
CA GLU A 489 56.10 -0.42 -66.56
C GLU A 489 57.00 -0.77 -65.39
N ASP A 490 57.95 0.12 -65.09
CA ASP A 490 58.79 -0.05 -63.92
C ASP A 490 57.95 -0.13 -62.65
N ILE A 491 56.92 0.71 -62.54
CA ILE A 491 56.12 0.72 -61.33
C ILE A 491 55.10 -0.42 -61.32
N LYS A 492 54.62 -0.86 -62.49
CA LYS A 492 53.81 -2.07 -62.53
C LYS A 492 54.59 -3.27 -61.99
N ARG A 493 55.82 -3.42 -62.47
CA ARG A 493 56.70 -4.48 -61.98
C ARG A 493 56.98 -4.31 -60.50
N GLY A 494 57.31 -3.09 -60.08
CA GLY A 494 57.65 -2.86 -58.69
C GLY A 494 56.50 -3.14 -57.75
N LEU A 495 55.30 -2.72 -58.13
CA LEU A 495 54.14 -3.04 -57.32
C LEU A 495 53.83 -4.53 -57.35
N ALA A 496 54.19 -5.23 -58.43
CA ALA A 496 54.05 -6.68 -58.41
C ALA A 496 54.90 -7.30 -57.32
N LEU A 497 56.15 -6.83 -57.23
CA LEU A 497 57.05 -7.32 -56.19
C LEU A 497 56.56 -6.92 -54.81
N ALA A 498 55.96 -5.75 -54.67
CA ALA A 498 55.37 -5.34 -53.40
C ALA A 498 54.15 -6.18 -53.06
N LEU A 499 53.35 -6.53 -54.06
CA LEU A 499 52.13 -7.27 -53.81
C LEU A 499 52.45 -8.66 -53.34
N PHE A 500 53.31 -9.37 -54.07
CA PHE A 500 53.64 -10.72 -53.68
C PHE A 500 54.57 -10.77 -52.49
N GLY A 501 55.36 -9.74 -52.24
CA GLY A 501 56.18 -9.67 -51.04
C GLY A 501 57.26 -10.73 -51.03
N GLY A 502 58.05 -10.72 -49.95
CA GLY A 502 59.13 -11.67 -49.75
C GLY A 502 58.73 -12.79 -48.80
N GLU A 503 59.47 -12.93 -47.70
CA GLU A 503 59.09 -13.80 -46.60
C GLU A 503 59.51 -13.14 -45.31
N PRO A 504 58.80 -13.37 -44.20
CA PRO A 504 59.30 -12.90 -42.91
C PRO A 504 60.09 -14.00 -42.24
N LYS A 505 61.18 -13.61 -41.60
CA LYS A 505 62.03 -14.53 -40.87
C LYS A 505 62.50 -13.86 -39.59
N ASN A 506 62.94 -14.69 -38.67
CA ASN A 506 63.55 -14.22 -37.42
C ASN A 506 64.61 -15.23 -37.04
N PRO A 507 65.89 -15.01 -37.41
CA PRO A 507 66.94 -15.88 -36.88
C PRO A 507 66.95 -15.80 -35.36
N GLY A 508 66.60 -16.89 -34.70
CA GLY A 508 66.36 -16.78 -33.27
C GLY A 508 65.15 -15.91 -33.01
N GLY A 509 65.06 -15.46 -31.76
CA GLY A 509 64.02 -14.54 -31.34
C GLY A 509 64.59 -13.16 -31.13
N LYS A 510 65.46 -12.74 -32.04
CA LYS A 510 66.35 -11.60 -31.82
C LYS A 510 66.44 -10.61 -32.97
N HIS A 511 66.03 -10.98 -34.19
CA HIS A 511 66.30 -10.19 -35.38
C HIS A 511 65.03 -10.13 -36.20
N LYS A 512 64.45 -8.95 -36.34
CA LYS A 512 63.24 -8.76 -37.15
C LYS A 512 63.66 -8.44 -38.57
N VAL A 513 63.61 -9.46 -39.43
CA VAL A 513 63.77 -9.30 -40.88
C VAL A 513 62.43 -9.61 -41.50
N ARG A 514 61.98 -8.74 -42.39
CA ARG A 514 60.59 -8.67 -42.81
C ARG A 514 60.42 -9.15 -44.25
N GLY A 515 59.20 -9.54 -44.57
CA GLY A 515 58.83 -9.97 -45.90
C GLY A 515 58.03 -8.98 -46.71
N ASP A 516 57.81 -7.78 -46.18
CA ASP A 516 56.97 -6.77 -46.82
C ASP A 516 57.84 -5.80 -47.60
N ILE A 517 57.48 -5.57 -48.85
CA ILE A 517 58.20 -4.69 -49.77
C ILE A 517 57.38 -3.42 -49.88
N ASN A 518 57.88 -2.33 -49.31
CA ASN A 518 57.18 -1.07 -49.26
C ASN A 518 57.62 -0.18 -50.42
N VAL A 519 56.67 0.52 -51.03
CA VAL A 519 56.90 1.23 -52.29
C VAL A 519 56.46 2.67 -52.16
N LEU A 520 57.23 3.57 -52.78
CA LEU A 520 56.90 4.98 -52.89
C LEU A 520 57.01 5.39 -54.35
N LEU A 521 55.88 5.70 -54.98
CA LEU A 521 55.90 6.48 -56.20
C LEU A 521 56.14 7.93 -55.82
N CYS A 522 57.09 8.59 -56.49
CA CYS A 522 57.20 10.04 -56.44
C CYS A 522 57.07 10.56 -57.86
N GLY A 523 56.08 11.41 -58.07
CA GLY A 523 55.70 11.80 -59.41
C GLY A 523 55.23 13.22 -59.58
N ASP A 524 55.62 13.83 -60.69
CA ASP A 524 55.05 15.13 -61.01
C ASP A 524 53.57 14.97 -61.35
N PRO A 525 52.76 16.02 -61.20
CA PRO A 525 51.30 15.84 -61.18
C PRO A 525 50.72 15.27 -62.46
N GLY A 526 49.53 14.70 -62.33
CA GLY A 526 48.80 14.18 -63.46
C GLY A 526 49.49 13.01 -64.14
N THR A 527 49.98 12.05 -63.35
CA THR A 527 50.69 10.89 -63.87
C THR A 527 50.27 9.61 -63.14
N ALA A 528 48.98 9.48 -62.86
CA ALA A 528 48.37 8.19 -62.53
C ALA A 528 48.86 7.61 -61.20
N LYS A 529 49.32 8.45 -60.28
CA LYS A 529 49.69 7.94 -58.96
C LYS A 529 48.47 7.41 -58.21
N SER A 530 47.46 8.25 -58.08
CA SER A 530 46.21 7.80 -57.45
C SER A 530 45.54 6.72 -58.26
N GLN A 531 45.69 6.74 -59.59
CA GLN A 531 45.15 5.66 -60.41
C GLN A 531 45.78 4.32 -60.04
N PHE A 532 47.11 4.31 -59.89
CA PHE A 532 47.82 3.12 -59.42
C PHE A 532 47.31 2.67 -58.06
N LEU A 533 47.25 3.62 -57.11
CA LEU A 533 46.83 3.29 -55.75
C LEU A 533 45.43 2.68 -55.73
N LYS A 534 44.52 3.24 -56.53
CA LYS A 534 43.18 2.71 -56.52
C LYS A 534 43.13 1.35 -57.20
N TYR A 535 44.01 1.08 -58.16
CA TYR A 535 44.08 -0.29 -58.67
C TYR A 535 44.50 -1.25 -57.58
N ILE A 536 45.51 -0.90 -56.79
CA ILE A 536 45.97 -1.80 -55.74
C ILE A 536 44.84 -2.04 -54.74
N GLU A 537 44.12 -0.97 -54.38
CA GLU A 537 42.98 -1.12 -53.47
C GLU A 537 41.95 -2.07 -54.05
N LYS A 538 41.66 -1.94 -55.34
CA LYS A 538 40.67 -2.81 -55.96
C LYS A 538 41.11 -4.26 -55.92
N VAL A 539 42.38 -4.53 -56.22
CA VAL A 539 42.79 -5.91 -56.49
C VAL A 539 43.19 -6.65 -55.23
N SER A 540 43.94 -6.04 -54.32
CA SER A 540 44.57 -6.80 -53.24
C SER A 540 43.65 -6.90 -52.04
N SER A 541 43.38 -8.11 -51.57
CA SER A 541 42.57 -8.31 -50.38
C SER A 541 43.28 -7.72 -49.17
N ARG A 542 42.48 -7.29 -48.20
CA ARG A 542 42.98 -6.57 -47.03
C ARG A 542 43.80 -5.37 -47.46
N ALA A 543 43.18 -4.57 -48.32
CA ALA A 543 43.68 -3.28 -48.75
C ALA A 543 42.81 -2.19 -48.16
N ILE A 544 43.42 -1.11 -47.68
CA ILE A 544 42.65 0.10 -47.45
C ILE A 544 43.42 1.32 -47.96
N PHE A 545 42.67 2.41 -48.10
CA PHE A 545 43.12 3.67 -48.64
C PHE A 545 43.16 4.71 -47.54
N THR A 546 44.08 5.65 -47.67
CA THR A 546 44.17 6.73 -46.72
C THR A 546 45.00 7.82 -47.36
N THR A 547 44.81 9.05 -46.89
CA THR A 547 45.41 10.22 -47.49
C THR A 547 46.12 11.03 -46.42
N GLY A 548 47.22 11.66 -46.80
CA GLY A 548 47.88 12.59 -45.91
C GLY A 548 46.98 13.73 -45.49
N GLN A 549 46.17 14.23 -46.41
CA GLN A 549 45.18 15.24 -46.10
C GLN A 549 44.11 14.67 -45.17
N GLY A 550 43.17 15.53 -44.77
CA GLY A 550 42.13 15.17 -43.84
C GLY A 550 40.88 14.55 -44.43
N ALA A 551 40.84 14.31 -45.74
CA ALA A 551 39.67 13.74 -46.40
C ALA A 551 39.68 12.20 -46.39
N SER A 552 40.40 11.60 -45.46
CA SER A 552 40.68 10.17 -45.53
C SER A 552 39.47 9.35 -45.11
N ALA A 553 39.20 8.28 -45.85
CA ALA A 553 38.19 7.32 -45.43
C ALA A 553 38.60 6.62 -44.15
N VAL A 554 39.87 6.24 -44.04
CA VAL A 554 40.43 5.59 -42.86
C VAL A 554 41.75 6.28 -42.53
N GLY A 555 42.02 6.45 -41.25
CA GLY A 555 43.15 7.24 -40.79
C GLY A 555 44.36 6.42 -40.38
N LEU A 556 45.54 7.06 -40.49
CA LEU A 556 46.78 6.38 -40.16
C LEU A 556 46.94 6.22 -38.65
N THR A 557 46.54 7.23 -37.88
CA THR A 557 46.65 7.12 -36.44
C THR A 557 45.58 6.19 -35.88
N ALA A 558 45.80 5.74 -34.65
CA ALA A 558 44.86 4.93 -33.91
C ALA A 558 44.26 5.76 -32.79
N TYR A 559 42.94 5.66 -32.63
CA TYR A 559 42.24 6.44 -31.62
C TYR A 559 41.06 5.64 -31.11
N VAL A 560 40.66 5.92 -29.89
CA VAL A 560 39.51 5.29 -29.24
C VAL A 560 38.48 6.37 -28.98
N GLN A 561 37.23 6.09 -29.33
CA GLN A 561 36.17 7.06 -29.07
C GLN A 561 34.84 6.32 -29.05
N ARG A 562 33.75 7.08 -29.09
CA ARG A 562 32.41 6.53 -29.29
C ARG A 562 32.06 6.69 -30.76
N HIS A 563 32.07 5.58 -31.47
CA HIS A 563 31.84 5.60 -32.91
C HIS A 563 30.42 6.11 -33.18
N PRO A 564 30.24 7.10 -34.08
CA PRO A 564 28.93 7.78 -34.14
C PRO A 564 27.78 6.94 -34.65
N VAL A 565 27.94 6.22 -35.76
CA VAL A 565 26.80 5.54 -36.34
C VAL A 565 26.32 4.37 -35.48
N SER A 566 27.16 3.88 -34.55
CA SER A 566 26.77 2.84 -33.60
C SER A 566 26.72 3.31 -32.16
N ARG A 567 27.43 4.39 -31.81
CA ARG A 567 27.46 4.93 -30.45
C ARG A 567 27.91 3.86 -29.44
N GLU A 568 28.88 3.05 -29.85
CA GLU A 568 29.57 2.11 -28.95
C GLU A 568 31.05 2.44 -28.97
N TRP A 569 31.70 2.23 -27.83
CA TRP A 569 32.99 2.87 -27.54
C TRP A 569 34.12 2.06 -28.13
N THR A 570 34.39 2.30 -29.41
CA THR A 570 35.37 1.53 -30.15
C THR A 570 36.80 1.98 -29.90
N LEU A 571 37.71 1.01 -30.07
CA LEU A 571 39.12 1.25 -30.34
C LEU A 571 39.29 1.22 -31.84
N GLU A 572 39.11 2.38 -32.47
CA GLU A 572 39.37 2.48 -33.89
C GLU A 572 40.87 2.45 -34.07
N ALA A 573 41.41 1.26 -34.27
CA ALA A 573 42.80 1.12 -34.59
C ALA A 573 43.04 1.61 -36.01
N GLY A 574 44.18 2.23 -36.24
CA GLY A 574 44.38 3.02 -37.44
C GLY A 574 44.42 2.19 -38.72
N ALA A 575 44.87 2.88 -39.77
CA ALA A 575 44.81 2.32 -41.12
C ALA A 575 45.70 1.11 -41.28
N LEU A 576 46.92 1.18 -40.77
CA LEU A 576 47.88 0.11 -40.96
C LEU A 576 47.38 -1.18 -40.32
N VAL A 577 47.20 -1.15 -39.01
CA VAL A 577 46.60 -2.24 -38.24
C VAL A 577 45.34 -2.78 -38.92
N LEU A 578 44.49 -1.91 -39.45
CA LEU A 578 43.35 -2.45 -40.19
C LEU A 578 43.78 -3.13 -41.48
N ALA A 579 44.95 -2.79 -42.01
CA ALA A 579 45.57 -3.48 -43.15
C ALA A 579 46.73 -4.35 -42.71
N ASP A 580 46.58 -5.00 -41.54
CA ASP A 580 47.67 -5.71 -40.88
C ASP A 580 48.36 -6.69 -41.80
N ARG A 581 47.62 -7.50 -42.54
CA ARG A 581 48.26 -8.45 -43.44
C ARG A 581 48.72 -7.79 -44.73
N GLY A 582 47.80 -7.14 -45.44
CA GLY A 582 48.07 -6.60 -46.74
C GLY A 582 48.56 -5.17 -46.76
N VAL A 583 47.82 -4.31 -47.46
CA VAL A 583 48.33 -3.03 -47.95
C VAL A 583 47.55 -1.89 -47.31
N CYS A 584 48.28 -0.95 -46.72
CA CYS A 584 47.80 0.41 -46.58
C CYS A 584 48.30 1.18 -47.80
N LEU A 585 47.48 2.08 -48.31
CA LEU A 585 47.79 2.85 -49.51
C LEU A 585 47.69 4.32 -49.15
N ILE A 586 48.83 5.00 -49.11
CA ILE A 586 48.91 6.38 -48.64
C ILE A 586 49.01 7.26 -49.87
N ASP A 587 47.88 7.79 -50.31
CA ASP A 587 47.87 8.75 -51.41
C ASP A 587 48.20 10.14 -50.87
N GLU A 588 48.98 10.88 -51.64
CA GLU A 588 49.52 12.16 -51.19
C GLU A 588 50.28 11.98 -49.87
N PHE A 589 51.27 11.09 -49.93
CA PHE A 589 52.15 10.77 -48.82
C PHE A 589 53.02 11.96 -48.39
N ASP A 590 53.10 13.02 -49.19
CA ASP A 590 54.03 14.13 -48.98
C ASP A 590 53.44 15.28 -48.17
N LYS A 591 52.23 15.14 -47.62
CA LYS A 591 51.56 16.20 -46.88
C LYS A 591 50.94 15.72 -45.58
N MET A 592 51.07 14.43 -45.25
CA MET A 592 50.57 13.88 -44.00
C MET A 592 51.05 14.70 -42.80
N ASN A 593 50.12 14.99 -41.89
CA ASN A 593 50.44 15.75 -40.70
C ASN A 593 51.50 15.03 -39.88
N ASP A 594 52.18 15.79 -39.02
CA ASP A 594 53.33 15.26 -38.29
C ASP A 594 52.96 14.10 -37.40
N GLN A 595 51.72 14.05 -36.89
CA GLN A 595 51.29 12.88 -36.14
C GLN A 595 51.27 11.65 -37.03
N ASP A 596 50.81 11.81 -38.28
CA ASP A 596 50.82 10.70 -39.22
C ASP A 596 52.24 10.36 -39.66
N ARG A 597 53.13 11.35 -39.72
CA ARG A 597 54.55 11.07 -39.95
C ARG A 597 55.10 10.18 -38.85
N THR A 598 54.86 10.57 -37.60
CA THR A 598 55.29 9.76 -36.46
C THR A 598 54.73 8.36 -36.55
N SER A 599 53.44 8.26 -36.85
CA SER A 599 52.79 6.96 -36.83
C SER A 599 53.30 6.06 -37.94
N ILE A 600 53.46 6.59 -39.15
CA ILE A 600 53.90 5.74 -40.25
C ILE A 600 55.37 5.37 -40.09
N HIS A 601 56.18 6.29 -39.56
CA HIS A 601 57.56 5.97 -39.24
C HIS A 601 57.63 4.84 -38.24
N GLU A 602 56.93 4.99 -37.12
CA GLU A 602 56.95 3.96 -36.10
C GLU A 602 56.34 2.67 -36.60
N ALA A 603 55.40 2.75 -37.54
CA ALA A 603 54.85 1.52 -38.10
C ALA A 603 55.91 0.79 -38.91
N MET A 604 56.44 1.41 -39.95
CA MET A 604 57.39 0.66 -40.79
C MET A 604 58.72 0.38 -40.09
N GLU A 605 59.00 1.01 -38.95
CA GLU A 605 60.19 0.71 -38.17
C GLU A 605 59.93 -0.42 -37.16
N GLN A 606 59.00 -0.19 -36.22
CA GLN A 606 58.68 -1.23 -35.24
C GLN A 606 57.89 -2.36 -35.88
N GLN A 607 56.98 -2.02 -36.79
CA GLN A 607 55.91 -2.90 -37.26
C GLN A 607 54.88 -3.20 -36.17
N SER A 608 54.82 -2.36 -35.14
CA SER A 608 53.76 -2.41 -34.14
C SER A 608 53.39 -0.98 -33.74
N ILE A 609 52.10 -0.72 -33.61
CA ILE A 609 51.56 0.59 -33.29
C ILE A 609 51.21 0.59 -31.82
N SER A 610 51.84 1.49 -31.06
CA SER A 610 51.82 1.46 -29.59
C SER A 610 50.85 2.51 -29.07
N ILE A 611 49.65 2.07 -28.73
CA ILE A 611 48.57 2.97 -28.33
C ILE A 611 48.61 3.11 -26.82
N SER A 612 48.50 4.35 -26.33
CA SER A 612 48.50 4.62 -24.89
C SER A 612 47.55 5.76 -24.53
N LYS A 613 46.34 5.78 -25.08
CA LYS A 613 45.53 7.00 -24.98
C LYS A 613 44.74 7.11 -23.68
N ALA A 614 43.74 6.26 -23.45
CA ALA A 614 42.82 6.48 -22.32
C ALA A 614 43.28 5.72 -21.10
N GLY A 615 43.23 4.40 -21.17
CA GLY A 615 44.00 3.52 -20.31
C GLY A 615 44.55 2.37 -21.12
N ILE A 616 44.43 2.44 -22.44
CA ILE A 616 44.70 1.30 -23.31
C ILE A 616 46.19 1.41 -23.66
N VAL A 617 47.03 0.87 -22.79
CA VAL A 617 48.47 0.88 -23.04
C VAL A 617 48.83 -0.46 -23.65
N THR A 618 48.65 -0.56 -24.97
CA THR A 618 48.83 -1.79 -25.72
C THR A 618 49.68 -1.50 -26.95
N SER A 619 49.91 -2.55 -27.73
CA SER A 619 50.72 -2.45 -28.94
C SER A 619 50.12 -3.39 -29.98
N LEU A 620 49.28 -2.84 -30.85
CA LEU A 620 48.66 -3.63 -31.90
C LEU A 620 49.64 -3.83 -33.03
N GLN A 621 49.94 -5.07 -33.35
CA GLN A 621 50.90 -5.36 -34.40
C GLN A 621 50.35 -4.92 -35.74
N ALA A 622 51.21 -4.31 -36.56
CA ALA A 622 50.85 -3.75 -37.85
C ALA A 622 51.89 -4.23 -38.85
N ARG A 623 51.61 -5.36 -39.50
CA ARG A 623 52.51 -5.91 -40.52
C ARG A 623 52.19 -5.35 -41.89
N CYS A 624 52.13 -4.04 -41.97
CA CYS A 624 51.72 -3.33 -43.19
C CYS A 624 52.67 -3.66 -44.34
N THR A 625 52.18 -3.43 -45.57
CA THR A 625 52.98 -3.51 -46.77
C THR A 625 52.85 -2.22 -47.59
N VAL A 626 53.07 -1.09 -46.91
CA VAL A 626 52.70 0.26 -47.35
C VAL A 626 53.07 0.54 -48.79
N ILE A 627 52.09 1.01 -49.54
CA ILE A 627 52.30 1.69 -50.81
C ILE A 627 52.05 3.16 -50.55
N ALA A 628 52.75 4.03 -51.29
CA ALA A 628 52.56 5.46 -51.09
C ALA A 628 52.81 6.21 -52.40
N ALA A 629 52.23 7.42 -52.47
CA ALA A 629 52.44 8.34 -53.59
C ALA A 629 52.75 9.74 -53.07
N ALA A 630 53.69 10.42 -53.74
CA ALA A 630 54.14 11.73 -53.29
C ALA A 630 54.41 12.64 -54.48
N ASN A 631 53.96 13.90 -54.39
CA ASN A 631 54.25 14.89 -55.41
C ASN A 631 55.53 15.64 -55.04
N PRO A 632 56.54 15.71 -55.89
CA PRO A 632 57.78 16.37 -55.48
C PRO A 632 57.57 17.86 -55.33
N ILE A 633 58.56 18.50 -54.71
CA ILE A 633 58.46 19.94 -54.45
C ILE A 633 58.42 20.70 -55.76
N GLY A 634 57.58 21.73 -55.80
CA GLY A 634 57.44 22.53 -56.99
C GLY A 634 56.61 21.91 -58.09
N GLY A 635 55.96 20.78 -57.83
CA GLY A 635 55.13 20.16 -58.84
C GLY A 635 55.86 19.67 -60.06
N ARG A 636 57.16 19.42 -59.95
CA ARG A 636 57.93 18.94 -61.09
C ARG A 636 59.21 18.29 -60.57
N TYR A 637 59.52 17.11 -61.09
CA TYR A 637 60.73 16.42 -60.68
C TYR A 637 61.95 17.17 -61.20
N ASP A 638 63.00 17.23 -60.37
CA ASP A 638 64.20 18.02 -60.62
C ASP A 638 65.38 17.06 -60.67
N PRO A 639 65.78 16.57 -61.85
CA PRO A 639 66.86 15.57 -61.90
C PRO A 639 68.19 16.05 -61.35
N SER A 640 68.44 17.36 -61.31
CA SER A 640 69.72 17.84 -60.80
C SER A 640 69.87 17.52 -59.32
N LEU A 641 68.84 17.84 -58.53
CA LEU A 641 68.83 17.45 -57.13
C LEU A 641 68.54 15.96 -57.00
N THR A 642 68.91 15.39 -55.86
CA THR A 642 68.65 13.99 -55.60
C THR A 642 67.21 13.79 -55.16
N PHE A 643 66.81 12.51 -55.11
CA PHE A 643 65.45 12.15 -54.73
C PHE A 643 65.08 12.71 -53.36
N SER A 644 65.96 12.50 -52.38
CA SER A 644 65.64 12.87 -51.02
C SER A 644 65.42 14.36 -50.87
N GLU A 645 66.22 15.16 -51.56
CA GLU A 645 66.15 16.60 -51.40
C GLU A 645 65.18 17.27 -52.36
N ASN A 646 64.66 16.56 -53.36
CA ASN A 646 63.57 17.08 -54.18
C ASN A 646 62.23 16.45 -53.86
N VAL A 647 62.14 15.56 -52.87
CA VAL A 647 60.88 15.13 -52.29
C VAL A 647 60.88 15.53 -50.82
N ASP A 648 59.74 15.96 -50.32
CA ASP A 648 59.67 16.54 -48.98
C ASP A 648 59.55 15.48 -47.87
N LEU A 649 59.89 14.23 -48.14
CA LEU A 649 59.90 13.17 -47.15
C LEU A 649 61.28 13.08 -46.52
N THR A 650 61.33 13.10 -45.20
CA THR A 650 62.62 13.13 -44.51
C THR A 650 63.37 11.81 -44.69
N GLU A 651 64.66 11.86 -44.39
CA GLU A 651 65.60 10.77 -44.69
C GLU A 651 65.18 9.40 -44.18
N PRO A 652 64.83 9.21 -42.90
CA PRO A 652 64.50 7.85 -42.47
C PRO A 652 63.23 7.33 -43.11
N ILE A 653 62.26 8.20 -43.34
CA ILE A 653 61.03 7.76 -43.99
C ILE A 653 61.33 7.34 -45.42
N ILE A 654 62.09 8.15 -46.14
CA ILE A 654 62.35 7.81 -47.54
C ILE A 654 63.26 6.59 -47.65
N SER A 655 64.06 6.32 -46.63
CA SER A 655 64.99 5.20 -46.68
C SER A 655 64.28 3.86 -46.85
N ARG A 656 63.50 3.45 -45.86
CA ARG A 656 63.12 2.04 -45.74
C ARG A 656 62.16 1.57 -46.82
N PHE A 657 61.60 2.45 -47.64
CA PHE A 657 60.74 1.99 -48.71
C PHE A 657 61.53 1.15 -49.70
N ASP A 658 61.10 -0.10 -49.87
CA ASP A 658 61.86 -1.08 -50.63
C ASP A 658 62.04 -0.66 -52.08
N ILE A 659 61.08 0.05 -52.64
CA ILE A 659 61.21 0.62 -53.97
C ILE A 659 60.92 2.11 -53.87
N LEU A 660 61.79 2.91 -54.45
CA LEU A 660 61.49 4.27 -54.84
C LEU A 660 61.36 4.29 -56.35
N CYS A 661 60.28 4.86 -56.85
CA CYS A 661 60.09 5.04 -58.28
C CYS A 661 59.90 6.52 -58.57
N VAL A 662 60.41 6.96 -59.71
CA VAL A 662 60.31 8.33 -60.19
C VAL A 662 59.37 8.35 -61.37
N VAL A 663 58.47 9.31 -61.39
CA VAL A 663 57.49 9.49 -62.46
C VAL A 663 57.65 10.91 -62.97
N ARG A 664 58.29 11.04 -64.13
CA ARG A 664 58.48 12.32 -64.81
C ARG A 664 57.51 12.40 -65.96
N ASP A 665 56.87 13.56 -66.10
CA ASP A 665 55.90 13.79 -67.16
C ASP A 665 56.62 14.53 -68.29
N THR A 666 57.50 13.79 -68.95
CA THR A 666 58.35 14.37 -69.98
C THR A 666 57.53 14.54 -71.25
N VAL A 667 57.46 15.77 -71.73
CA VAL A 667 56.77 16.03 -72.99
C VAL A 667 57.43 15.25 -74.10
N ASP A 668 56.61 14.57 -74.92
CA ASP A 668 57.15 13.84 -76.05
C ASP A 668 56.04 13.64 -77.08
N PRO A 669 56.34 13.75 -78.40
CA PRO A 669 55.30 13.55 -79.42
C PRO A 669 54.61 12.18 -79.34
N VAL A 670 55.37 11.10 -79.48
CA VAL A 670 54.75 9.78 -79.59
C VAL A 670 54.11 9.38 -78.27
N GLN A 671 54.76 9.71 -77.15
CA GLN A 671 54.20 9.36 -75.84
C GLN A 671 52.87 10.07 -75.63
N ASP A 672 52.82 11.37 -75.89
CA ASP A 672 51.58 12.10 -75.66
C ASP A 672 50.50 11.64 -76.63
N GLU A 673 50.88 11.32 -77.87
CA GLU A 673 49.90 10.78 -78.82
C GLU A 673 49.30 9.48 -78.30
N MET A 674 50.16 8.57 -77.81
CA MET A 674 49.67 7.30 -77.30
C MET A 674 48.76 7.51 -76.10
N LEU A 675 49.16 8.39 -75.18
CA LEU A 675 48.39 8.60 -73.97
C LEU A 675 47.03 9.20 -74.31
N ALA A 676 47.01 10.19 -75.21
CA ALA A 676 45.76 10.83 -75.58
C ALA A 676 44.83 9.86 -76.29
N ARG A 677 45.38 9.03 -77.18
CA ARG A 677 44.54 8.06 -77.87
C ARG A 677 43.93 7.07 -76.90
N PHE A 678 44.73 6.62 -75.92
CA PHE A 678 44.21 5.71 -74.90
C PHE A 678 43.09 6.36 -74.11
N VAL A 679 43.29 7.60 -73.67
CA VAL A 679 42.30 8.27 -72.82
C VAL A 679 41.01 8.50 -73.59
N VAL A 680 41.11 9.00 -74.83
CA VAL A 680 39.89 9.27 -75.59
C VAL A 680 39.18 7.98 -75.94
N GLY A 681 39.93 6.90 -76.21
CA GLY A 681 39.31 5.62 -76.43
C GLY A 681 38.52 5.15 -75.21
N SER A 682 39.10 5.32 -74.02
CA SER A 682 38.37 4.99 -72.80
C SER A 682 37.12 5.83 -72.68
N HIS A 683 37.22 7.12 -73.02
CA HIS A 683 36.08 8.02 -72.86
C HIS A 683 34.93 7.62 -73.79
N VAL A 684 35.22 7.41 -75.07
CA VAL A 684 34.17 7.03 -75.99
C VAL A 684 33.61 5.66 -75.63
N ARG A 685 34.46 4.76 -75.14
CA ARG A 685 33.97 3.46 -74.70
C ARG A 685 33.07 3.60 -73.48
N HIS A 686 33.30 4.61 -72.65
CA HIS A 686 32.55 4.82 -71.42
C HIS A 686 31.46 5.87 -71.58
N HIS A 687 31.13 6.25 -72.82
CA HIS A 687 29.89 6.97 -73.06
C HIS A 687 28.73 6.11 -72.56
N PRO A 688 27.62 6.72 -72.08
CA PRO A 688 26.51 5.87 -71.59
C PRO A 688 25.67 5.20 -72.68
N SER A 689 26.11 5.21 -73.94
CA SER A 689 25.42 4.52 -75.02
C SER A 689 25.96 3.12 -75.28
N ASN A 690 27.19 2.82 -74.82
CA ASN A 690 27.82 1.53 -75.04
C ASN A 690 27.63 0.58 -73.86
N LYS A 691 26.51 0.70 -73.15
CA LYS A 691 26.15 -0.22 -72.08
C LYS A 691 24.90 -0.99 -72.47
N PRO A 714 47.43 -10.94 -70.95
CA PRO A 714 47.43 -10.89 -69.48
C PRO A 714 46.20 -11.55 -68.88
N LEU A 715 46.18 -11.72 -67.57
CA LEU A 715 45.21 -12.58 -66.89
C LEU A 715 44.09 -11.75 -66.26
N PRO A 716 42.91 -12.33 -66.04
CA PRO A 716 41.86 -11.57 -65.33
C PRO A 716 42.26 -11.24 -63.91
N GLN A 717 41.57 -10.24 -63.35
CA GLN A 717 42.00 -9.66 -62.09
C GLN A 717 41.79 -10.61 -60.92
N GLU A 718 40.65 -11.29 -60.86
CA GLU A 718 40.43 -12.22 -59.76
C GLU A 718 41.24 -13.50 -59.95
N VAL A 719 41.53 -13.87 -61.19
CA VAL A 719 42.51 -14.93 -61.42
C VAL A 719 43.84 -14.54 -60.80
N LEU A 720 44.26 -13.30 -61.04
CA LEU A 720 45.47 -12.80 -60.42
C LEU A 720 45.34 -12.78 -58.90
N LYS A 721 44.15 -12.53 -58.37
CA LYS A 721 44.00 -12.46 -56.92
C LYS A 721 44.15 -13.83 -56.28
N LYS A 722 43.55 -14.86 -56.91
CA LYS A 722 43.78 -16.22 -56.43
C LYS A 722 45.24 -16.58 -56.53
N TYR A 723 45.90 -16.20 -57.63
CA TYR A 723 47.34 -16.35 -57.73
C TYR A 723 48.04 -15.63 -56.58
N ILE A 724 47.55 -14.45 -56.20
CA ILE A 724 48.21 -13.64 -55.18
C ILE A 724 48.18 -14.37 -53.85
N ILE A 725 47.01 -14.84 -53.44
CA ILE A 725 46.91 -15.47 -52.12
C ILE A 725 47.64 -16.81 -52.12
N TYR A 726 47.51 -17.59 -53.21
CA TYR A 726 48.21 -18.86 -53.31
C TYR A 726 49.72 -18.66 -53.16
N ALA A 727 50.31 -17.77 -53.96
CA ALA A 727 51.74 -17.53 -53.91
C ALA A 727 52.17 -16.68 -52.74
N LYS A 728 51.25 -16.10 -51.97
CA LYS A 728 51.61 -15.30 -50.81
C LYS A 728 51.59 -16.10 -49.51
N GLU A 729 50.78 -17.15 -49.42
CA GLU A 729 50.68 -17.98 -48.22
C GLU A 729 51.18 -19.40 -48.42
N ARG A 730 50.78 -20.08 -49.49
CA ARG A 730 51.07 -21.50 -49.61
C ARG A 730 52.50 -21.78 -50.04
N VAL A 731 53.14 -20.86 -50.75
CA VAL A 731 54.41 -21.10 -51.42
C VAL A 731 55.46 -20.22 -50.76
N HIS A 732 56.54 -20.85 -50.28
CA HIS A 732 57.63 -20.18 -49.56
C HIS A 732 58.95 -20.58 -50.20
N PRO A 733 59.35 -19.92 -51.29
CA PRO A 733 60.60 -20.30 -51.94
C PRO A 733 61.79 -20.07 -51.02
N LYS A 734 62.69 -21.04 -51.01
CA LYS A 734 63.84 -21.07 -50.13
C LYS A 734 65.09 -20.80 -50.93
N LEU A 735 66.11 -20.28 -50.26
CA LEU A 735 67.31 -19.74 -50.91
C LEU A 735 68.57 -20.36 -50.32
N ASN A 736 69.10 -21.36 -51.02
CA ASN A 736 70.47 -21.80 -50.88
C ASN A 736 71.13 -21.90 -52.26
N GLN A 737 70.52 -21.33 -53.29
CA GLN A 737 70.82 -21.62 -54.70
C GLN A 737 71.03 -20.32 -55.46
N MET A 738 71.90 -19.46 -54.92
CA MET A 738 72.26 -18.21 -55.55
C MET A 738 73.74 -17.97 -55.33
N ASP A 739 74.36 -17.26 -56.26
CA ASP A 739 75.80 -17.03 -56.24
C ASP A 739 76.07 -16.01 -55.12
N GLN A 740 76.11 -16.54 -53.89
CA GLN A 740 76.47 -15.80 -52.69
C GLN A 740 77.69 -14.91 -52.92
N ASP A 741 78.75 -15.49 -53.50
CA ASP A 741 79.96 -14.71 -53.76
C ASP A 741 79.71 -13.62 -54.79
N LYS A 742 78.89 -13.92 -55.81
CA LYS A 742 78.56 -12.91 -56.82
C LYS A 742 77.89 -11.70 -56.17
N VAL A 743 76.89 -11.95 -55.33
CA VAL A 743 76.17 -10.82 -54.74
C VAL A 743 77.03 -10.11 -53.71
N ALA A 744 77.88 -10.83 -52.98
CA ALA A 744 78.77 -10.19 -52.02
C ALA A 744 79.73 -9.24 -52.74
N LYS A 745 80.34 -9.72 -53.82
CA LYS A 745 81.17 -8.84 -54.64
C LYS A 745 80.34 -7.76 -55.31
N MET A 746 79.05 -8.01 -55.54
CA MET A 746 78.19 -6.98 -56.11
C MET A 746 78.06 -5.81 -55.16
N TYR A 747 77.76 -6.11 -53.90
CA TYR A 747 77.70 -5.05 -52.90
C TYR A 747 79.04 -4.36 -52.78
N SER A 748 80.13 -5.15 -52.84
CA SER A 748 81.47 -4.59 -52.77
C SER A 748 81.69 -3.57 -53.86
N ASP A 749 81.38 -3.95 -55.10
CA ASP A 749 81.66 -3.09 -56.25
C ASP A 749 80.77 -1.86 -56.24
N LEU A 750 79.47 -2.05 -55.98
CA LEU A 750 78.56 -0.92 -55.97
C LEU A 750 78.94 0.09 -54.89
N ARG A 751 79.14 -0.36 -53.66
CA ARG A 751 79.52 0.58 -52.61
C ARG A 751 80.89 1.18 -52.86
N LYS A 752 81.82 0.41 -53.43
CA LYS A 752 83.15 0.94 -53.72
C LYS A 752 83.08 2.06 -54.74
N GLU A 753 82.25 1.91 -55.78
CA GLU A 753 82.03 3.03 -56.68
C GLU A 753 81.35 4.19 -55.97
N SER A 754 80.38 3.90 -55.11
CA SER A 754 79.63 4.98 -54.46
C SER A 754 80.43 5.69 -53.39
N MET A 755 81.61 5.20 -53.02
CA MET A 755 82.45 5.90 -52.05
C MET A 755 82.78 7.29 -52.57
N ALA A 756 82.18 8.32 -51.96
CA ALA A 756 82.36 9.70 -52.37
C ALA A 756 81.58 10.59 -51.40
N THR A 757 81.83 11.89 -51.49
CA THR A 757 81.11 12.86 -50.67
C THR A 757 79.76 13.18 -51.30
N GLY A 758 78.77 13.43 -50.45
CA GLY A 758 77.42 13.66 -50.93
C GLY A 758 76.88 12.49 -51.72
N SER A 759 77.30 11.28 -51.37
CA SER A 759 77.08 10.07 -52.17
C SER A 759 76.68 8.92 -51.24
N ILE A 760 75.67 9.16 -50.41
CA ILE A 760 75.17 8.25 -49.38
C ILE A 760 75.00 6.85 -49.98
N PRO A 761 75.85 5.88 -49.66
CA PRO A 761 75.97 4.71 -50.55
C PRO A 761 74.90 3.66 -50.31
N ILE A 762 74.89 2.72 -51.26
CA ILE A 762 74.18 1.46 -51.09
C ILE A 762 74.68 0.78 -49.81
N THR A 763 73.78 0.17 -49.05
CA THR A 763 74.15 -0.48 -47.78
C THR A 763 73.33 -1.77 -47.61
N VAL A 764 73.41 -2.32 -46.40
CA VAL A 764 72.81 -3.62 -46.09
C VAL A 764 71.30 -3.54 -46.22
N ARG A 765 70.71 -2.35 -45.97
CA ARG A 765 69.30 -2.12 -46.29
C ARG A 765 69.02 -2.55 -47.70
N HIS A 766 69.89 -2.13 -48.61
CA HIS A 766 69.67 -2.40 -50.02
C HIS A 766 69.93 -3.86 -50.31
N ILE A 767 70.90 -4.47 -49.63
CA ILE A 767 71.19 -5.88 -49.92
C ILE A 767 70.06 -6.78 -49.40
N GLU A 768 69.45 -6.43 -48.27
CA GLU A 768 68.32 -7.23 -47.80
C GLU A 768 67.10 -6.97 -48.67
N SER A 769 66.92 -5.72 -49.12
CA SER A 769 65.87 -5.44 -50.09
C SER A 769 66.08 -6.27 -51.35
N MET A 770 67.34 -6.45 -51.75
CA MET A 770 67.63 -7.31 -52.89
C MET A 770 67.15 -8.74 -52.63
N ILE A 771 67.38 -9.25 -51.41
CA ILE A 771 66.94 -10.63 -51.15
C ILE A 771 65.41 -10.71 -51.12
N ARG A 772 64.76 -9.70 -50.53
CA ARG A 772 63.30 -9.62 -50.53
C ARG A 772 62.77 -9.68 -51.95
N MET A 773 63.36 -8.89 -52.84
CA MET A 773 62.89 -8.86 -54.22
C MET A 773 63.14 -10.19 -54.91
N ALA A 774 64.27 -10.84 -54.59
CA ALA A 774 64.53 -12.17 -55.15
C ALA A 774 63.44 -13.15 -54.74
N GLU A 775 63.15 -13.22 -53.44
CA GLU A 775 62.08 -14.08 -52.95
C GLU A 775 60.76 -13.74 -53.60
N ALA A 776 60.51 -12.44 -53.82
CA ALA A 776 59.25 -12.03 -54.40
C ALA A 776 59.13 -12.54 -55.82
N HIS A 777 60.22 -12.47 -56.57
CA HIS A 777 60.14 -12.98 -57.94
C HIS A 777 59.99 -14.49 -57.94
N ALA A 778 60.62 -15.18 -56.98
CA ALA A 778 60.43 -16.62 -56.89
C ALA A 778 58.99 -16.97 -56.54
N ARG A 779 58.40 -16.24 -55.59
CA ARG A 779 56.97 -16.34 -55.30
C ARG A 779 56.17 -16.17 -56.57
N ILE A 780 56.46 -15.11 -57.31
CA ILE A 780 55.74 -14.74 -58.51
C ILE A 780 55.84 -15.85 -59.53
N HIS A 781 56.97 -16.56 -59.56
CA HIS A 781 57.11 -17.70 -60.46
C HIS A 781 56.55 -19.00 -59.89
N LEU A 782 56.16 -19.01 -58.60
CA LEU A 782 55.46 -20.16 -58.00
C LEU A 782 56.31 -21.43 -58.09
N ARG A 783 57.44 -21.40 -57.39
CA ARG A 783 58.54 -22.30 -57.65
C ARG A 783 58.87 -23.23 -56.49
N ASP A 784 59.00 -22.68 -55.28
CA ASP A 784 59.55 -23.27 -54.05
C ASP A 784 61.07 -23.23 -54.01
N TYR A 785 61.75 -22.67 -55.01
CA TYR A 785 63.20 -22.47 -54.91
C TYR A 785 63.63 -21.31 -55.79
N VAL A 786 64.22 -20.29 -55.18
CA VAL A 786 64.72 -19.14 -55.93
C VAL A 786 65.85 -19.58 -56.86
N ILE A 787 65.88 -18.97 -58.05
CA ILE A 787 66.77 -19.37 -59.15
C ILE A 787 67.55 -18.13 -59.58
N GLU A 788 68.66 -18.38 -60.28
CA GLU A 788 69.51 -17.31 -60.81
C GLU A 788 68.71 -16.34 -61.69
N ASP A 789 67.70 -16.82 -62.40
CA ASP A 789 66.86 -15.92 -63.18
C ASP A 789 66.15 -14.92 -62.27
N ASP A 790 65.57 -15.42 -61.18
CA ASP A 790 64.90 -14.55 -60.22
C ASP A 790 65.88 -13.59 -59.58
N VAL A 791 67.07 -14.08 -59.24
CA VAL A 791 68.08 -13.22 -58.63
C VAL A 791 68.50 -12.13 -59.60
N ASN A 792 68.60 -12.46 -60.89
CA ASN A 792 68.92 -11.46 -61.90
C ASN A 792 67.84 -10.39 -61.97
N MET A 793 66.57 -10.79 -61.97
CA MET A 793 65.50 -9.80 -62.04
C MET A 793 65.46 -8.90 -60.80
N ALA A 794 65.67 -9.48 -59.62
CA ALA A 794 65.67 -8.68 -58.40
C ALA A 794 66.85 -7.72 -58.39
N ILE A 795 68.01 -8.19 -58.85
CA ILE A 795 69.17 -7.31 -59.03
C ILE A 795 68.78 -6.15 -59.95
N ARG A 796 68.16 -6.46 -61.08
CA ARG A 796 67.80 -5.44 -62.06
C ARG A 796 66.92 -4.36 -61.45
N VAL A 797 65.85 -4.77 -60.77
CA VAL A 797 64.91 -3.77 -60.26
C VAL A 797 65.52 -2.98 -59.11
N MET A 798 66.25 -3.64 -58.21
CA MET A 798 66.84 -2.92 -57.10
C MET A 798 67.88 -1.92 -57.59
N LEU A 799 68.70 -2.31 -58.56
CA LEU A 799 69.70 -1.39 -59.08
C LEU A 799 69.06 -0.25 -59.87
N GLU A 800 67.98 -0.53 -60.61
CA GLU A 800 67.27 0.54 -61.31
C GLU A 800 66.74 1.56 -60.32
N SER A 801 66.15 1.08 -59.22
CA SER A 801 65.65 1.99 -58.19
C SER A 801 66.78 2.82 -57.61
N PHE A 802 67.93 2.19 -57.35
CA PHE A 802 69.01 2.94 -56.71
C PHE A 802 69.59 4.01 -57.64
N ILE A 803 69.82 3.66 -58.90
CA ILE A 803 70.39 4.65 -59.80
C ILE A 803 69.42 5.81 -60.01
N ASP A 804 68.12 5.51 -60.18
CA ASP A 804 67.16 6.58 -60.39
C ASP A 804 66.93 7.41 -59.13
N THR A 805 67.19 6.84 -57.96
CA THR A 805 67.31 7.68 -56.78
C THR A 805 68.47 8.63 -56.93
N GLN A 806 69.60 8.13 -57.41
CA GLN A 806 70.79 8.95 -57.57
C GLN A 806 70.58 10.01 -58.65
N LYS A 807 71.19 11.20 -58.44
CA LYS A 807 71.00 12.32 -59.35
C LYS A 807 71.69 12.07 -60.69
N PHE A 808 71.54 13.01 -61.61
CA PHE A 808 71.69 12.72 -63.04
C PHE A 808 73.11 12.29 -63.41
N SER A 809 74.11 13.07 -63.02
CA SER A 809 75.48 12.75 -63.43
C SER A 809 75.93 11.42 -62.84
N VAL A 810 75.78 11.27 -61.53
CA VAL A 810 76.11 10.00 -60.89
C VAL A 810 75.21 8.89 -61.40
N MET A 811 73.95 9.21 -61.73
CA MET A 811 73.06 8.21 -62.31
C MET A 811 73.63 7.69 -63.61
N ARG A 812 74.14 8.58 -64.46
CA ARG A 812 74.67 8.16 -65.74
C ARG A 812 75.95 7.36 -65.55
N SER A 813 76.77 7.74 -64.57
CA SER A 813 77.96 6.95 -64.28
C SER A 813 77.60 5.53 -63.87
N MET A 814 76.67 5.39 -62.93
CA MET A 814 76.27 4.06 -62.46
C MET A 814 75.58 3.28 -63.56
N ARG A 815 74.75 3.93 -64.37
CA ARG A 815 74.06 3.24 -65.45
C ARG A 815 75.07 2.73 -66.48
N LYS A 816 76.04 3.57 -66.86
CA LYS A 816 77.04 3.17 -67.84
C LYS A 816 77.87 2.00 -67.32
N THR A 817 78.31 2.05 -66.06
CA THR A 817 79.18 1.00 -65.55
C THR A 817 78.44 -0.25 -65.11
N PHE A 818 77.11 -0.20 -64.94
CA PHE A 818 76.32 -1.34 -64.48
C PHE A 818 75.23 -1.72 -65.47
N ALA A 819 75.37 -1.33 -66.75
CA ALA A 819 74.40 -1.73 -67.76
C ALA A 819 74.29 -3.24 -67.93
N ARG A 820 75.32 -4.01 -67.54
CA ARG A 820 75.29 -5.46 -67.73
C ARG A 820 74.13 -6.10 -66.98
N TYR A 821 73.80 -5.58 -65.80
CA TYR A 821 72.73 -6.17 -65.00
C TYR A 821 71.38 -5.65 -65.46
N LEU A 822 71.29 -4.35 -65.73
CA LEU A 822 70.09 -3.75 -66.29
C LEU A 822 69.85 -4.17 -67.73
N SER A 823 70.84 -4.77 -68.39
CA SER A 823 70.60 -5.35 -69.70
C SER A 823 69.57 -6.47 -69.63
N PHE A 824 69.67 -7.31 -68.61
CA PHE A 824 68.78 -8.47 -68.51
C PHE A 824 67.34 -8.04 -68.31
N THR B 4 13.44 -0.63 23.48
CA THR B 4 14.27 -1.81 23.34
C THR B 4 15.67 -1.51 23.88
N VAL B 5 15.74 -0.93 25.08
CA VAL B 5 17.02 -0.63 25.69
C VAL B 5 17.67 -1.92 26.19
N VAL B 6 18.95 -2.09 25.88
CA VAL B 6 19.66 -3.31 26.24
C VAL B 6 20.07 -3.25 27.70
N LEU B 7 19.83 -4.33 28.43
CA LEU B 7 20.19 -4.35 29.85
C LEU B 7 21.69 -4.49 30.03
N ASP B 8 22.31 -5.42 29.32
CA ASP B 8 23.77 -5.51 29.33
C ASP B 8 24.19 -6.39 28.17
N ASP B 9 25.37 -6.09 27.63
CA ASP B 9 26.01 -6.93 26.62
C ASP B 9 27.45 -7.17 27.03
N VAL B 10 27.84 -8.45 27.09
CA VAL B 10 29.19 -8.81 27.51
C VAL B 10 30.22 -8.19 26.58
N GLU B 11 29.93 -8.18 25.27
CA GLU B 11 30.89 -7.65 24.31
C GLU B 11 31.16 -6.17 24.57
N LEU B 12 30.10 -5.38 24.67
CA LEU B 12 30.27 -3.94 24.85
C LEU B 12 30.89 -3.64 26.20
N ARG B 13 30.44 -4.34 27.25
CA ARG B 13 30.99 -4.11 28.57
C ARG B 13 32.49 -4.43 28.60
N GLU B 14 32.88 -5.56 28.01
CA GLU B 14 34.27 -5.95 27.95
C GLU B 14 35.10 -4.92 27.20
N ALA B 15 34.63 -4.52 26.02
CA ALA B 15 35.40 -3.58 25.20
C ALA B 15 35.55 -2.24 25.90
N GLN B 16 34.47 -1.75 26.53
CA GLN B 16 34.56 -0.48 27.22
C GLN B 16 35.50 -0.57 28.41
N ARG B 17 35.50 -1.69 29.12
CA ARG B 17 36.44 -1.86 30.22
C ARG B 17 37.88 -1.84 29.72
N ASP B 18 38.13 -2.56 28.61
CA ASP B 18 39.49 -2.63 28.07
C ASP B 18 39.99 -1.26 27.68
N TYR B 19 39.15 -0.47 27.02
CA TYR B 19 39.59 0.85 26.58
C TYR B 19 39.61 1.87 27.71
N LEU B 20 38.79 1.69 28.74
CA LEU B 20 38.95 2.53 29.92
C LEU B 20 40.30 2.26 30.58
N ASP B 21 40.71 0.99 30.62
CA ASP B 21 42.06 0.68 31.07
C ASP B 21 43.12 1.31 30.17
N PHE B 22 42.93 1.22 28.85
CA PHE B 22 43.90 1.76 27.90
C PHE B 22 44.06 3.27 28.08
N LEU B 23 42.95 3.98 28.27
CA LEU B 23 43.04 5.40 28.58
C LEU B 23 43.66 5.66 29.94
N ASP B 24 43.46 4.77 30.90
CA ASP B 24 44.02 4.96 32.22
C ASP B 24 45.53 4.86 32.13
N ASP B 25 46.19 6.02 32.14
CA ASP B 25 47.65 6.14 32.03
C ASP B 25 48.12 7.00 33.20
N GLU B 26 48.38 6.35 34.32
CA GLU B 26 49.16 6.91 35.42
C GLU B 26 50.26 5.97 35.84
N GLU B 27 49.98 4.67 35.93
CA GLU B 27 51.02 3.71 36.25
C GLU B 27 52.03 3.61 35.12
N ASP B 28 51.60 3.84 33.89
CA ASP B 28 52.50 4.02 32.77
C ASP B 28 53.00 5.46 32.79
N GLN B 29 53.64 5.91 31.71
CA GLN B 29 54.28 7.22 31.70
C GLN B 29 53.30 8.39 31.73
N GLY B 30 52.00 8.16 31.55
CA GLY B 30 51.03 9.23 31.52
C GLY B 30 50.76 9.81 30.15
N ILE B 31 51.03 9.05 29.08
CA ILE B 31 50.95 9.61 27.74
C ILE B 31 49.50 9.95 27.38
N TYR B 32 48.57 9.01 27.56
CA TYR B 32 47.19 9.28 27.16
C TYR B 32 46.48 10.19 28.14
N GLN B 33 46.84 10.13 29.42
CA GLN B 33 46.32 11.12 30.36
C GLN B 33 46.78 12.51 29.97
N SER B 34 48.04 12.66 29.57
CA SER B 34 48.52 13.96 29.11
C SER B 34 47.80 14.39 27.85
N LYS B 35 47.52 13.45 26.95
CA LYS B 35 46.77 13.77 25.73
C LYS B 35 45.38 14.28 26.07
N VAL B 36 44.72 13.63 27.03
CA VAL B 36 43.40 14.09 27.47
C VAL B 36 43.49 15.48 28.06
N ARG B 37 44.48 15.72 28.91
CA ARG B 37 44.59 17.02 29.57
C ARG B 37 44.87 18.12 28.56
N GLU B 38 45.75 17.87 27.60
CA GLU B 38 46.05 18.90 26.61
C GLU B 38 44.86 19.14 25.68
N LEU B 39 44.12 18.09 25.29
CA LEU B 39 42.99 18.34 24.41
C LEU B 39 41.87 19.05 25.14
N ILE B 40 41.71 18.77 26.44
CA ILE B 40 40.77 19.54 27.25
C ILE B 40 41.20 21.00 27.29
N SER B 41 42.50 21.25 27.44
CA SER B 41 42.97 22.63 27.45
C SER B 41 42.78 23.29 26.08
N ASP B 42 42.90 22.51 25.01
CA ASP B 42 42.78 23.06 23.66
C ASP B 42 41.34 23.35 23.28
N ASN B 43 40.38 22.59 23.83
CA ASN B 43 38.97 22.53 23.47
C ASN B 43 38.76 21.64 22.24
N GLN B 44 39.81 21.09 21.66
CA GLN B 44 39.65 20.03 20.67
C GLN B 44 39.04 18.81 21.36
N TYR B 45 38.29 18.02 20.58
CA TYR B 45 37.46 16.93 21.11
C TYR B 45 37.67 15.64 20.34
N ARG B 46 38.85 15.46 19.77
CA ARG B 46 39.27 14.19 19.20
C ARG B 46 40.61 13.82 19.82
N LEU B 47 40.75 12.55 20.20
CA LEU B 47 41.97 12.03 20.79
C LEU B 47 42.52 10.95 19.89
N ILE B 48 43.82 10.99 19.60
CA ILE B 48 44.43 10.15 18.57
C ILE B 48 45.19 9.01 19.25
N VAL B 49 44.69 7.79 19.07
CA VAL B 49 45.22 6.60 19.75
C VAL B 49 46.01 5.78 18.75
N ASN B 50 47.25 5.47 19.10
CA ASN B 50 48.14 4.76 18.21
C ASN B 50 47.78 3.27 18.16
N VAL B 51 47.61 2.75 16.95
CA VAL B 51 47.19 1.36 16.82
C VAL B 51 48.28 0.41 17.29
N ASN B 52 49.55 0.80 17.19
CA ASN B 52 50.60 -0.07 17.73
C ASN B 52 50.52 -0.12 19.25
N ASP B 53 50.17 1.01 19.89
CA ASP B 53 49.94 0.98 21.33
C ASP B 53 48.81 0.02 21.69
N LEU B 54 47.70 0.14 20.97
CA LEU B 54 46.57 -0.76 21.23
C LEU B 54 46.95 -2.20 20.98
N ARG B 55 47.73 -2.46 19.94
CA ARG B 55 48.11 -3.82 19.62
C ARG B 55 49.02 -4.41 20.69
N ARG B 56 50.01 -3.64 21.15
CA ARG B 56 50.93 -4.18 22.15
C ARG B 56 50.22 -4.40 23.48
N LYS B 57 49.30 -3.50 23.86
CA LYS B 57 48.62 -3.69 25.14
C LYS B 57 47.57 -4.78 25.05
N ASN B 58 46.92 -4.95 23.89
CA ASN B 58 45.98 -6.04 23.69
C ASN B 58 45.87 -6.24 22.18
N GLU B 59 46.56 -7.25 21.66
CA GLU B 59 46.51 -7.50 20.22
C GLU B 59 45.11 -7.88 19.78
N LYS B 60 44.39 -8.63 20.61
CA LYS B 60 43.09 -9.14 20.20
C LYS B 60 42.11 -7.99 19.99
N ARG B 61 42.14 -6.98 20.85
CA ARG B 61 41.26 -5.83 20.67
C ARG B 61 41.62 -5.06 19.41
N ALA B 62 42.91 -4.97 19.10
CA ALA B 62 43.30 -4.33 17.85
C ALA B 62 42.76 -5.10 16.65
N ASN B 63 42.85 -6.42 16.69
CA ASN B 63 42.30 -7.22 15.60
C ASN B 63 40.80 -7.02 15.49
N ARG B 64 40.11 -7.06 16.62
CA ARG B 64 38.66 -6.89 16.64
C ARG B 64 38.27 -5.53 16.08
N LEU B 65 38.96 -4.46 16.49
CA LEU B 65 38.58 -3.11 16.08
C LEU B 65 38.90 -2.89 14.61
N LEU B 66 40.09 -3.28 14.17
CA LEU B 66 40.45 -3.15 12.77
C LEU B 66 39.68 -4.09 11.87
N ASN B 67 38.93 -5.06 12.42
CA ASN B 67 37.99 -5.84 11.64
C ASN B 67 36.55 -5.35 11.71
N ASN B 68 36.15 -4.68 12.79
CA ASN B 68 34.77 -4.22 12.96
C ASN B 68 34.80 -2.92 13.76
N ALA B 69 34.67 -1.80 13.06
CA ALA B 69 34.99 -0.51 13.66
C ALA B 69 33.85 0.06 14.48
N PHE B 70 32.71 0.35 13.84
CA PHE B 70 31.79 1.39 14.33
C PHE B 70 31.31 1.14 15.76
N GLU B 71 30.81 -0.05 16.05
CA GLU B 71 30.38 -0.34 17.42
C GLU B 71 31.56 -0.36 18.38
N GLU B 72 32.70 -0.89 17.92
CA GLU B 72 33.91 -0.88 18.74
C GLU B 72 34.32 0.54 19.11
N LEU B 73 34.26 1.46 18.15
CA LEU B 73 34.59 2.84 18.41
C LEU B 73 33.50 3.54 19.19
N VAL B 74 32.25 3.06 19.12
CA VAL B 74 31.24 3.57 20.03
C VAL B 74 31.63 3.23 21.46
N ALA B 75 32.11 2.01 21.66
CA ALA B 75 32.63 1.64 22.98
C ALA B 75 33.80 2.53 23.37
N PHE B 76 34.71 2.74 22.43
CA PHE B 76 35.89 3.56 22.68
C PHE B 76 35.51 4.98 23.08
N GLN B 77 34.54 5.54 22.38
CA GLN B 77 34.14 6.91 22.60
C GLN B 77 33.31 7.07 23.86
N ARG B 78 32.52 6.06 24.22
CA ARG B 78 31.86 6.09 25.51
C ARG B 78 32.87 6.01 26.65
N ALA B 79 33.88 5.15 26.48
CA ALA B 79 34.97 5.11 27.46
C ALA B 79 35.66 6.46 27.53
N LEU B 80 35.87 7.08 26.38
CA LEU B 80 36.50 8.39 26.34
C LEU B 80 35.67 9.41 27.07
N LYS B 81 34.36 9.37 26.89
CA LYS B 81 33.50 10.33 27.58
C LYS B 81 33.55 10.10 29.08
N ASP B 82 33.53 8.85 29.51
CA ASP B 82 33.61 8.57 30.95
C ASP B 82 34.95 9.04 31.50
N PHE B 83 36.03 8.79 30.76
CA PHE B 83 37.37 9.13 31.23
C PHE B 83 37.54 10.64 31.34
N VAL B 84 37.19 11.36 30.27
CA VAL B 84 37.30 12.81 30.29
C VAL B 84 36.30 13.42 31.26
N ALA B 85 35.25 12.69 31.63
CA ALA B 85 34.38 13.17 32.70
C ALA B 85 35.06 13.04 34.06
N SER B 86 35.77 11.93 34.28
CA SER B 86 36.51 11.78 35.52
C SER B 86 37.59 12.85 35.65
N ILE B 87 38.31 13.15 34.56
CA ILE B 87 39.26 14.26 34.60
C ILE B 87 38.53 15.58 34.80
N ASP B 88 37.44 15.80 34.05
CA ASP B 88 36.65 17.01 34.20
C ASP B 88 35.23 16.70 33.73
N ALA B 89 34.32 16.52 34.69
CA ALA B 89 32.92 16.28 34.34
C ALA B 89 32.31 17.48 33.64
N THR B 90 32.71 18.69 34.05
CA THR B 90 32.12 19.89 33.47
C THR B 90 32.40 19.99 31.97
N TYR B 91 33.63 19.67 31.56
CA TYR B 91 33.96 19.72 30.14
C TYR B 91 33.34 18.54 29.40
N ALA B 92 33.31 17.36 30.02
CA ALA B 92 32.72 16.20 29.36
C ALA B 92 31.24 16.39 29.11
N LYS B 93 30.56 17.12 29.99
CA LYS B 93 29.18 17.49 29.74
C LYS B 93 29.02 18.44 28.56
N GLN B 94 30.09 19.14 28.17
CA GLN B 94 29.96 20.21 27.19
C GLN B 94 29.57 19.69 25.82
N TYR B 95 30.18 18.60 25.37
CA TYR B 95 29.98 18.06 24.03
C TYR B 95 29.23 16.75 24.12
N GLU B 96 28.17 16.63 23.32
CA GLU B 96 27.34 15.43 23.32
C GLU B 96 28.12 14.20 22.92
N GLU B 97 29.22 14.34 22.19
CA GLU B 97 30.09 13.23 21.87
C GLU B 97 31.52 13.74 21.83
N PHE B 98 32.45 12.83 22.05
CA PHE B 98 33.87 13.02 21.82
C PHE B 98 34.32 11.90 20.89
N TYR B 99 35.42 12.11 20.18
CA TYR B 99 35.81 11.22 19.09
C TYR B 99 37.24 10.71 19.26
N VAL B 100 37.54 9.67 18.48
CA VAL B 100 38.79 8.92 18.60
C VAL B 100 39.40 8.81 17.22
N GLY B 101 40.45 9.58 16.98
CA GLY B 101 41.27 9.41 15.80
C GLY B 101 42.28 8.29 15.98
N LEU B 102 42.87 7.85 14.87
CA LEU B 102 43.80 6.74 14.86
C LEU B 102 45.12 7.17 14.25
N GLU B 103 46.12 6.31 14.42
CA GLU B 103 47.48 6.52 13.94
C GLU B 103 48.21 5.20 14.16
N GLY B 104 49.29 5.02 13.41
CA GLY B 104 50.21 3.91 13.62
C GLY B 104 50.40 3.02 12.42
N SER B 105 50.89 1.81 12.64
CA SER B 105 51.23 0.87 11.58
C SER B 105 50.03 0.00 11.27
N PHE B 106 49.23 0.44 10.29
CA PHE B 106 48.10 -0.34 9.81
C PHE B 106 48.59 -1.30 8.73
N GLY B 107 49.33 -2.31 9.20
CA GLY B 107 50.13 -3.17 8.34
C GLY B 107 49.43 -3.76 7.13
N SER B 108 48.51 -4.69 7.35
CA SER B 108 47.67 -5.16 6.26
C SER B 108 46.59 -4.16 5.91
N LYS B 109 46.22 -3.27 6.84
CA LYS B 109 45.18 -2.28 6.63
C LYS B 109 45.70 -0.99 6.03
N HIS B 110 46.85 -1.04 5.35
CA HIS B 110 47.36 0.07 4.54
C HIS B 110 47.31 -0.37 3.09
N VAL B 111 46.34 0.16 2.34
CA VAL B 111 46.18 -0.10 0.92
C VAL B 111 46.09 1.24 0.23
N SER B 112 45.80 1.25 -1.06
CA SER B 112 45.57 2.46 -1.83
C SER B 112 44.25 2.31 -2.57
N PRO B 113 43.64 3.41 -3.04
CA PRO B 113 42.29 3.31 -3.60
C PRO B 113 42.17 2.39 -4.79
N ARG B 114 43.25 2.10 -5.49
CA ARG B 114 43.23 0.99 -6.42
C ARG B 114 43.01 -0.33 -5.69
N THR B 115 43.61 -0.47 -4.50
CA THR B 115 43.59 -1.71 -3.72
C THR B 115 42.71 -1.60 -2.49
N LEU B 116 41.60 -0.87 -2.58
CA LEU B 116 40.56 -0.85 -1.55
C LEU B 116 39.45 -1.77 -2.04
N THR B 117 39.73 -3.07 -1.93
CA THR B 117 38.81 -4.10 -2.39
C THR B 117 37.59 -4.18 -1.47
N SER B 118 36.71 -5.13 -1.76
CA SER B 118 35.51 -5.37 -0.98
C SER B 118 35.77 -6.32 0.18
N CYS B 119 37.02 -6.55 0.54
CA CYS B 119 37.36 -7.32 1.73
C CYS B 119 37.37 -6.47 3.00
N PHE B 120 37.49 -5.15 2.88
CA PHE B 120 37.76 -4.27 4.00
C PHE B 120 36.53 -3.51 4.47
N LEU B 121 35.35 -4.11 4.42
CA LEU B 121 34.13 -3.39 4.80
C LEU B 121 33.92 -3.41 6.30
N SER B 122 33.56 -2.26 6.84
CA SER B 122 33.46 -2.00 8.28
C SER B 122 34.80 -2.14 8.99
N CYS B 123 35.91 -2.15 8.25
CA CYS B 123 37.25 -2.24 8.80
C CYS B 123 37.92 -0.89 8.63
N VAL B 124 38.58 -0.40 9.67
CA VAL B 124 39.26 0.88 9.53
C VAL B 124 40.46 0.67 8.62
N VAL B 125 40.34 1.15 7.39
CA VAL B 125 41.38 1.05 6.37
C VAL B 125 42.23 2.32 6.44
N CYS B 126 43.52 2.18 6.13
CA CYS B 126 44.44 3.29 5.94
C CYS B 126 44.75 3.43 4.45
N VAL B 127 44.71 4.67 3.95
CA VAL B 127 44.85 4.92 2.52
C VAL B 127 45.49 6.29 2.29
N GLU B 128 46.58 6.32 1.55
CA GLU B 128 47.18 7.57 1.08
C GLU B 128 46.56 7.95 -0.25
N GLY B 129 46.52 9.25 -0.52
CA GLY B 129 46.10 9.68 -1.83
C GLY B 129 45.95 11.17 -1.91
N ILE B 130 45.70 11.62 -3.14
CA ILE B 130 45.54 13.02 -3.46
C ILE B 130 44.05 13.34 -3.46
N VAL B 131 43.70 14.47 -2.86
CA VAL B 131 42.33 14.97 -2.95
C VAL B 131 42.05 15.26 -4.42
N THR B 132 40.79 15.31 -4.76
CA THR B 132 40.36 15.76 -6.08
C THR B 132 39.30 16.83 -6.02
N LYS B 133 38.36 16.74 -5.08
CA LYS B 133 37.27 17.69 -4.94
C LYS B 133 37.23 18.23 -3.53
N CYS B 134 36.48 19.30 -3.37
CA CYS B 134 36.22 19.87 -2.05
C CYS B 134 34.81 20.45 -2.13
N SER B 135 33.84 19.62 -1.78
CA SER B 135 32.46 20.06 -1.78
C SER B 135 32.27 21.15 -0.73
N LEU B 136 31.25 21.97 -0.92
CA LEU B 136 30.98 23.05 0.02
C LEU B 136 30.67 22.47 1.39
N VAL B 137 31.38 22.95 2.40
CA VAL B 137 31.15 22.50 3.76
C VAL B 137 29.85 23.12 4.25
N ARG B 138 28.78 22.33 4.24
CA ARG B 138 27.43 22.82 4.52
C ARG B 138 26.87 22.15 5.78
N PRO B 139 25.99 22.81 6.54
CA PRO B 139 25.49 22.20 7.77
C PRO B 139 24.58 21.02 7.51
N LYS B 140 24.49 20.18 8.54
CA LYS B 140 23.55 19.07 8.62
C LYS B 140 22.90 19.15 9.98
N VAL B 141 21.58 19.10 10.02
CA VAL B 141 20.85 19.28 11.27
C VAL B 141 20.86 17.98 12.06
N VAL B 142 21.05 18.09 13.38
CA VAL B 142 21.15 16.94 14.26
C VAL B 142 20.08 16.96 15.34
N ARG B 143 19.80 18.13 15.93
CA ARG B 143 18.79 18.28 16.97
C ARG B 143 18.06 19.59 16.68
N SER B 144 16.82 19.49 16.21
CA SER B 144 16.10 20.64 15.67
C SER B 144 14.99 21.04 16.62
N VAL B 145 14.99 22.32 17.03
CA VAL B 145 14.03 22.85 18.00
C VAL B 145 12.98 23.64 17.26
N HIS B 146 11.74 23.58 17.74
CA HIS B 146 10.58 24.22 17.11
C HIS B 146 9.79 24.94 18.17
N TYR B 147 9.04 25.96 17.74
CA TYR B 147 8.20 26.76 18.62
C TYR B 147 6.84 26.93 17.99
N CYS B 148 5.80 26.57 18.74
CA CYS B 148 4.42 26.79 18.32
C CYS B 148 3.93 28.09 18.95
N PRO B 149 3.61 29.15 18.19
CA PRO B 149 3.15 30.38 18.84
C PRO B 149 1.70 30.35 19.25
N ALA B 150 0.89 29.51 18.60
CA ALA B 150 -0.51 29.40 18.99
C ALA B 150 -0.63 28.84 20.41
N THR B 151 0.15 27.81 20.72
CA THR B 151 0.08 27.10 21.99
C THR B 151 1.24 27.41 22.93
N LYS B 152 2.12 28.37 22.57
CA LYS B 152 3.25 28.75 23.41
C LYS B 152 4.13 27.55 23.73
N LYS B 153 4.30 26.67 22.74
CA LYS B 153 4.89 25.36 22.93
C LYS B 153 6.29 25.36 22.33
N THR B 154 7.14 24.47 22.83
CA THR B 154 8.44 24.19 22.24
C THR B 154 8.62 22.69 22.13
N ILE B 155 9.30 22.25 21.07
CA ILE B 155 9.57 20.85 20.82
C ILE B 155 11.03 20.76 20.40
N GLU B 156 11.64 19.59 20.60
CA GLU B 156 12.98 19.28 20.08
C GLU B 156 12.92 17.94 19.37
N ARG B 157 12.71 17.96 18.06
CA ARG B 157 12.90 16.75 17.28
C ARG B 157 14.38 16.39 17.30
N ARG B 158 14.66 15.08 17.31
CA ARG B 158 16.00 14.54 17.44
C ARG B 158 16.30 13.67 16.24
N TYR B 159 17.53 13.78 15.74
CA TYR B 159 17.99 13.03 14.57
C TYR B 159 19.22 12.22 14.92
N SER B 160 19.27 11.01 14.38
CA SER B 160 20.37 10.09 14.57
C SER B 160 21.19 10.06 13.29
N ASP B 161 22.51 10.18 13.42
CA ASP B 161 23.40 10.21 12.25
C ASP B 161 23.46 8.80 11.68
N LEU B 162 22.42 8.45 10.93
CA LEU B 162 22.36 7.19 10.21
C LEU B 162 22.88 7.36 8.79
N THR B 163 24.07 7.96 8.68
CA THR B 163 24.72 8.09 7.37
C THR B 163 25.12 6.75 6.79
N THR B 164 25.18 5.70 7.61
CA THR B 164 25.70 4.40 7.23
C THR B 164 24.74 3.26 7.44
N LEU B 165 23.83 3.36 8.41
CA LEU B 165 22.90 2.29 8.75
C LEU B 165 21.63 2.46 7.91
N VAL B 166 20.57 1.75 8.25
CA VAL B 166 19.26 1.96 7.64
C VAL B 166 18.59 3.16 8.29
N ALA B 167 17.93 3.98 7.47
CA ALA B 167 17.26 5.20 7.90
C ALA B 167 15.81 5.16 7.47
N PHE B 168 14.91 5.57 8.38
CA PHE B 168 13.48 5.50 8.21
C PHE B 168 12.86 6.90 8.11
N PRO B 169 11.74 7.06 7.36
CA PRO B 169 11.09 8.38 7.33
C PRO B 169 10.68 8.87 8.69
N SER B 170 10.25 7.97 9.59
CA SER B 170 9.91 8.38 10.95
C SER B 170 11.10 9.02 11.65
N SER B 171 12.31 8.57 11.34
CA SER B 171 13.51 9.23 11.85
C SER B 171 13.79 10.53 11.11
N SER B 172 13.44 10.61 9.83
CA SER B 172 13.78 11.76 9.01
C SER B 172 12.73 12.87 9.02
N VAL B 173 11.65 12.75 9.80
CA VAL B 173 10.62 13.79 9.81
C VAL B 173 11.19 15.08 10.37
N TYR B 174 10.90 16.19 9.69
CA TYR B 174 11.14 17.53 10.20
C TYR B 174 9.79 18.14 10.56
N PRO B 175 9.41 18.31 11.82
CA PRO B 175 8.05 18.72 12.11
C PRO B 175 7.78 20.15 11.71
N THR B 176 6.55 20.40 11.29
CA THR B 176 6.08 21.70 10.87
C THR B 176 4.72 22.08 11.42
N LYS B 177 3.93 21.14 11.93
CA LYS B 177 2.65 21.43 12.53
C LYS B 177 2.47 20.60 13.79
N ASP B 178 1.70 21.15 14.72
CA ASP B 178 1.44 20.52 16.00
C ASP B 178 0.36 19.46 15.80
N GLU B 179 -0.17 18.90 16.90
CA GLU B 179 -1.30 18.00 16.79
C GLU B 179 -2.57 18.74 16.42
N GLU B 180 -2.68 20.02 16.78
CA GLU B 180 -3.82 20.86 16.44
C GLU B 180 -3.65 21.57 15.11
N ASN B 181 -2.75 21.09 14.24
CA ASN B 181 -2.52 21.66 12.91
C ASN B 181 -2.16 23.15 12.97
N ASN B 182 -1.56 23.58 14.08
CA ASN B 182 -1.04 24.93 14.20
C ASN B 182 0.24 25.06 13.40
N PRO B 183 0.72 26.29 13.15
CA PRO B 183 2.02 26.44 12.49
C PRO B 183 3.17 26.39 13.46
N LEU B 184 4.21 25.60 13.16
CA LEU B 184 5.44 25.56 13.94
C LEU B 184 6.51 26.37 13.24
N GLU B 185 7.21 27.22 14.00
CA GLU B 185 8.32 28.01 13.51
C GLU B 185 9.62 27.39 14.01
N THR B 186 10.52 27.08 13.08
CA THR B 186 11.80 26.52 13.45
C THR B 186 12.59 27.52 14.28
N GLU B 187 13.37 27.00 15.22
CA GLU B 187 14.30 27.79 16.03
C GLU B 187 15.70 27.37 15.59
N TYR B 188 16.22 28.07 14.57
CA TYR B 188 17.50 27.70 13.97
C TYR B 188 18.63 27.79 14.98
N GLY B 189 18.68 28.87 15.75
CA GLY B 189 19.75 29.03 16.70
C GLY B 189 19.70 27.98 17.79
N LEU B 190 18.52 27.74 18.34
CA LEU B 190 18.39 26.74 19.38
C LEU B 190 18.61 25.34 18.84
N SER B 191 18.48 25.12 17.54
CA SER B 191 18.79 23.83 16.97
C SER B 191 20.29 23.60 17.04
N VAL B 192 20.72 22.42 16.62
CA VAL B 192 22.12 22.03 16.64
C VAL B 192 22.47 21.39 15.31
N TYR B 193 23.64 21.74 14.79
CA TYR B 193 24.08 21.36 13.47
C TYR B 193 25.51 20.89 13.56
N LYS B 194 25.92 20.11 12.57
CA LYS B 194 27.29 19.69 12.39
C LYS B 194 27.65 19.91 10.93
N ASP B 195 28.87 20.37 10.68
CA ASP B 195 29.29 20.57 9.30
C ASP B 195 29.27 19.25 8.55
N HIS B 196 29.30 19.36 7.22
CA HIS B 196 29.36 18.18 6.39
C HIS B 196 30.05 18.55 5.09
N GLN B 197 31.02 17.74 4.67
CA GLN B 197 31.74 17.95 3.44
C GLN B 197 32.01 16.59 2.82
N THR B 198 31.93 16.52 1.51
CA THR B 198 32.41 15.39 0.75
C THR B 198 33.72 15.79 0.08
N ILE B 199 34.64 14.83 -0.04
CA ILE B 199 35.86 14.99 -0.82
C ILE B 199 36.11 13.68 -1.54
N THR B 200 37.14 13.65 -2.37
CA THR B 200 37.46 12.49 -3.19
C THR B 200 38.97 12.31 -3.18
N ILE B 201 39.42 11.25 -2.52
CA ILE B 201 40.83 10.88 -2.52
C ILE B 201 41.11 10.12 -3.81
N GLN B 202 42.34 10.21 -4.29
CA GLN B 202 42.75 9.59 -5.54
C GLN B 202 44.12 8.94 -5.37
N GLU B 203 44.32 7.84 -6.08
CA GLU B 203 45.65 7.23 -6.08
C GLU B 203 46.66 8.17 -6.71
N MET B 204 47.78 8.36 -6.01
CA MET B 204 48.75 9.36 -6.44
C MET B 204 49.30 8.98 -7.81
N PRO B 205 49.49 9.94 -8.74
CA PRO B 205 50.07 9.55 -10.02
C PRO B 205 51.52 9.13 -9.91
N GLU B 206 52.24 9.63 -8.90
CA GLU B 206 53.59 9.13 -8.68
C GLU B 206 53.58 7.70 -8.17
N LYS B 207 52.52 7.30 -7.46
CA LYS B 207 52.38 5.95 -6.97
C LYS B 207 51.60 5.06 -7.93
N ALA B 208 50.68 5.63 -8.70
CA ALA B 208 49.73 4.83 -9.43
C ALA B 208 50.41 4.08 -10.57
N PRO B 209 49.76 3.06 -11.13
CA PRO B 209 50.31 2.42 -12.32
C PRO B 209 50.41 3.42 -13.47
N ALA B 210 51.40 3.22 -14.32
CA ALA B 210 51.78 4.24 -15.29
C ALA B 210 50.67 4.47 -16.32
N GLY B 211 50.19 3.40 -16.94
CA GLY B 211 49.32 3.51 -18.08
C GLY B 211 47.84 3.47 -17.79
N GLN B 212 47.43 3.54 -16.53
CA GLN B 212 46.07 3.18 -16.13
C GLN B 212 45.30 4.41 -15.70
N LEU B 213 43.97 4.31 -15.80
CA LEU B 213 43.11 5.39 -15.41
C LEU B 213 43.22 5.61 -13.90
N PRO B 214 42.88 6.79 -13.41
CA PRO B 214 42.86 6.99 -11.96
C PRO B 214 41.77 6.17 -11.31
N ARG B 215 41.96 5.89 -10.03
CA ARG B 215 40.92 5.32 -9.18
C ARG B 215 40.86 6.12 -7.89
N SER B 216 39.64 6.42 -7.48
CA SER B 216 39.35 7.34 -6.38
C SER B 216 38.25 6.79 -5.49
N VAL B 217 38.22 7.31 -4.26
CA VAL B 217 37.28 6.89 -3.23
C VAL B 217 36.69 8.13 -2.57
N ASP B 218 35.41 8.04 -2.23
CA ASP B 218 34.65 9.15 -1.68
C ASP B 218 34.82 9.17 -0.17
N VAL B 219 34.95 10.37 0.41
CA VAL B 219 35.22 10.52 1.83
C VAL B 219 34.32 11.60 2.41
N ILE B 220 33.58 11.24 3.47
CA ILE B 220 32.56 12.10 4.05
C ILE B 220 33.14 12.64 5.34
N LEU B 221 33.62 13.87 5.32
CA LEU B 221 34.14 14.54 6.51
C LEU B 221 32.98 15.27 7.19
N ASP B 222 32.53 14.74 8.32
CA ASP B 222 31.59 15.45 9.16
C ASP B 222 32.37 16.48 9.97
N ASP B 223 31.77 17.03 11.02
CA ASP B 223 32.42 18.03 11.86
C ASP B 223 33.78 17.57 12.35
N ASP B 224 34.61 18.52 12.79
CA ASP B 224 35.97 18.36 13.29
C ASP B 224 36.98 18.16 12.15
N LEU B 225 36.55 17.92 10.92
CA LEU B 225 37.43 17.65 9.80
C LEU B 225 36.96 18.42 8.58
N VAL B 226 36.55 19.66 8.79
CA VAL B 226 35.92 20.45 7.73
C VAL B 226 36.92 20.78 6.63
N ASP B 227 37.95 21.56 6.95
CA ASP B 227 38.86 22.14 5.96
C ASP B 227 40.25 21.50 6.03
N LYS B 228 40.35 20.28 6.52
CA LYS B 228 41.62 19.59 6.63
C LYS B 228 42.08 18.97 5.31
N ALA B 229 41.38 19.23 4.20
CA ALA B 229 41.77 18.61 2.93
C ALA B 229 41.14 19.41 1.80
N LYS B 230 41.97 20.07 1.02
CA LYS B 230 41.60 20.82 -0.18
C LYS B 230 42.05 20.05 -1.40
N PRO B 231 41.60 20.42 -2.61
CA PRO B 231 42.01 19.67 -3.79
C PRO B 231 43.51 19.81 -4.06
N GLY B 232 44.10 18.72 -4.54
CA GLY B 232 45.50 18.68 -4.85
C GLY B 232 46.41 18.26 -3.71
N ASP B 233 45.95 18.39 -2.47
CA ASP B 233 46.78 18.06 -1.33
C ASP B 233 47.07 16.57 -1.26
N ARG B 234 48.23 16.23 -0.70
CA ARG B 234 48.51 14.85 -0.33
C ARG B 234 47.90 14.63 1.04
N VAL B 235 47.12 13.55 1.20
CA VAL B 235 46.46 13.29 2.47
C VAL B 235 46.37 11.78 2.69
N GLN B 236 46.66 11.38 3.92
CA GLN B 236 46.47 10.03 4.39
C GLN B 236 45.19 10.00 5.19
N VAL B 237 44.23 9.20 4.74
CA VAL B 237 42.91 9.08 5.35
C VAL B 237 42.84 7.70 5.99
N VAL B 238 42.45 7.65 7.27
CA VAL B 238 42.23 6.40 7.98
C VAL B 238 40.80 6.42 8.49
N GLY B 239 40.04 5.40 8.13
CA GLY B 239 38.63 5.39 8.51
C GLY B 239 37.89 4.21 7.95
N THR B 240 36.57 4.27 8.09
CA THR B 240 35.69 3.11 7.94
C THR B 240 35.09 3.06 6.55
N TYR B 241 35.62 2.20 5.70
CA TYR B 241 34.95 1.86 4.46
C TYR B 241 33.68 1.09 4.80
N ARG B 242 32.57 1.47 4.18
CA ARG B 242 31.27 0.87 4.49
C ARG B 242 30.44 0.86 3.22
N CYS B 243 29.16 0.52 3.36
CA CYS B 243 28.17 0.62 2.31
C CYS B 243 27.14 1.66 2.68
N LEU B 244 26.41 2.12 1.67
CA LEU B 244 25.37 3.13 1.78
C LEU B 244 24.01 2.49 1.58
N PRO B 245 22.94 3.09 2.11
CA PRO B 245 21.61 2.57 1.83
C PRO B 245 21.02 3.20 0.59
N GLY B 246 20.57 2.41 -0.38
CA GLY B 246 19.75 2.98 -1.43
C GLY B 246 18.45 3.50 -0.85
N LYS B 247 17.97 4.61 -1.40
CA LYS B 247 16.71 5.13 -0.92
C LYS B 247 15.59 4.16 -1.26
N LYS B 248 14.48 4.29 -0.53
CA LYS B 248 13.43 3.28 -0.53
C LYS B 248 12.86 3.08 -1.93
N GLY B 249 12.34 1.89 -2.16
CA GLY B 249 11.86 1.50 -3.45
C GLY B 249 11.82 0.00 -3.53
N GLY B 250 10.76 -0.55 -4.11
CA GLY B 250 10.54 -1.97 -4.04
C GLY B 250 11.59 -2.81 -4.73
N TYR B 251 12.40 -2.20 -5.59
CA TYR B 251 13.44 -2.91 -6.33
C TYR B 251 14.81 -2.53 -5.82
N THR B 252 15.75 -3.46 -5.96
CA THR B 252 17.16 -3.15 -5.83
C THR B 252 17.92 -3.97 -6.85
N SER B 253 18.83 -3.33 -7.55
CA SER B 253 19.98 -4.04 -8.06
C SER B 253 20.93 -4.24 -6.89
N GLY B 254 21.89 -5.13 -7.05
CA GLY B 254 22.78 -5.38 -5.94
C GLY B 254 23.72 -4.25 -5.62
N THR B 255 23.81 -3.24 -6.47
CA THR B 255 24.81 -2.18 -6.34
C THR B 255 24.70 -1.48 -4.99
N PHE B 256 25.84 -1.27 -4.37
CA PHE B 256 25.96 -0.59 -3.08
C PHE B 256 27.13 0.38 -3.23
N ARG B 257 26.85 1.58 -3.71
CA ARG B 257 27.90 2.58 -3.80
C ARG B 257 28.47 2.83 -2.41
N THR B 258 29.79 2.78 -2.31
CA THR B 258 30.48 2.75 -1.03
C THR B 258 31.31 4.00 -0.84
N VAL B 259 31.62 4.28 0.42
CA VAL B 259 32.31 5.48 0.84
C VAL B 259 33.41 5.12 1.82
N LEU B 260 34.05 6.11 2.39
CA LEU B 260 35.05 5.91 3.43
C LEU B 260 34.83 7.03 4.44
N ILE B 261 34.05 6.72 5.48
CA ILE B 261 33.74 7.71 6.49
C ILE B 261 35.02 7.86 7.30
N ALA B 262 35.78 8.91 6.99
CA ALA B 262 37.13 9.03 7.51
C ALA B 262 37.12 9.22 9.01
N CYS B 263 37.98 8.47 9.70
CA CYS B 263 38.15 8.58 11.13
C CYS B 263 39.15 9.67 11.47
N ASN B 264 40.15 9.85 10.62
CA ASN B 264 40.95 11.06 10.62
C ASN B 264 41.68 11.15 9.30
N VAL B 265 42.14 12.36 8.99
CA VAL B 265 42.93 12.63 7.80
C VAL B 265 44.10 13.49 8.23
N LYS B 266 45.30 13.12 7.79
CA LYS B 266 46.53 13.85 8.11
C LYS B 266 47.26 14.21 6.82
N GLN B 267 48.11 15.22 6.93
CA GLN B 267 48.88 15.71 5.80
C GLN B 267 49.94 14.68 5.45
N MET B 268 49.77 14.01 4.30
CA MET B 268 50.70 12.99 3.85
C MET B 268 52.03 13.57 3.38
N SER B 269 52.13 14.89 3.22
CA SER B 269 53.40 15.50 2.84
C SER B 269 54.50 15.16 3.85
N LYS B 270 54.14 15.10 5.14
CA LYS B 270 55.07 14.80 6.22
C LYS B 270 56.26 15.76 6.18
N ASP B 271 55.97 17.03 5.87
CA ASP B 271 56.95 18.09 5.81
C ASP B 271 56.63 19.23 6.77
N ALA B 272 55.43 19.28 7.31
CA ALA B 272 55.15 20.04 8.53
C ALA B 272 55.61 19.16 9.69
N GLN B 273 56.91 19.24 9.98
CA GLN B 273 57.58 18.38 10.96
C GLN B 273 58.42 19.22 11.93
N PRO B 274 57.77 19.93 12.89
CA PRO B 274 58.56 20.62 13.93
C PRO B 274 58.83 19.76 15.16
N SER B 275 58.70 18.44 15.04
CA SER B 275 58.79 17.53 16.19
C SER B 275 60.07 17.71 16.99
N PHE B 276 59.94 18.17 18.24
CA PHE B 276 61.06 18.53 19.10
C PHE B 276 60.95 17.82 20.44
N SER B 277 62.02 17.97 21.23
CA SER B 277 62.03 17.67 22.64
C SER B 277 62.79 18.79 23.34
N ALA B 278 62.59 18.90 24.66
CA ALA B 278 63.24 19.96 25.42
C ALA B 278 64.76 19.84 25.35
N GLU B 279 65.27 18.60 25.33
CA GLU B 279 66.70 18.40 25.13
C GLU B 279 67.14 18.95 23.78
N ASP B 280 66.34 18.75 22.74
CA ASP B 280 66.70 19.28 21.43
C ASP B 280 66.64 20.81 21.42
N ILE B 281 65.68 21.39 22.14
CA ILE B 281 65.62 22.85 22.26
C ILE B 281 66.88 23.38 22.92
N ALA B 282 67.30 22.73 24.01
CA ALA B 282 68.54 23.15 24.68
C ALA B 282 69.75 22.96 23.77
N LYS B 283 69.75 21.88 22.99
CA LYS B 283 70.82 21.64 22.04
C LYS B 283 70.94 22.78 21.03
N ILE B 284 69.80 23.19 20.46
CA ILE B 284 69.80 24.31 19.51
C ILE B 284 70.25 25.58 20.20
N LYS B 285 69.79 25.81 21.44
CA LYS B 285 70.13 27.04 22.15
C LYS B 285 71.63 27.14 22.38
N LYS B 286 72.26 26.04 22.81
CA LYS B 286 73.70 26.07 23.02
C LYS B 286 74.43 26.20 21.69
N PHE B 287 73.95 25.49 20.66
CA PHE B 287 74.57 25.59 19.34
C PHE B 287 74.56 27.02 18.84
N SER B 288 73.49 27.75 19.11
CA SER B 288 73.46 29.16 18.77
C SER B 288 74.48 29.93 19.61
N LYS B 289 74.32 29.90 20.92
CA LYS B 289 74.95 30.92 21.75
C LYS B 289 76.45 30.70 21.92
N THR B 290 76.91 29.44 21.94
CA THR B 290 78.33 29.19 22.19
C THR B 290 79.20 29.78 21.10
N ARG B 291 78.86 29.52 19.84
CA ARG B 291 79.65 29.92 18.68
C ARG B 291 78.77 30.64 17.67
N SER B 292 77.99 31.62 18.17
CA SER B 292 77.08 32.39 17.33
C SER B 292 77.79 33.07 16.15
N LYS B 293 79.04 33.48 16.32
CA LYS B 293 79.68 34.27 15.29
C LYS B 293 80.14 33.44 14.10
N ASP B 294 80.54 32.18 14.34
CA ASP B 294 80.93 31.25 13.29
C ASP B 294 79.79 30.33 12.85
N ILE B 295 78.59 30.49 13.41
CA ILE B 295 77.55 29.50 13.19
C ILE B 295 77.04 29.53 11.76
N PHE B 296 77.03 30.70 11.12
CA PHE B 296 76.60 30.74 9.74
C PHE B 296 77.53 29.93 8.85
N ASP B 297 78.84 30.07 9.05
CA ASP B 297 79.76 29.27 8.27
C ASP B 297 79.68 27.80 8.65
N GLN B 298 79.42 27.50 9.92
CA GLN B 298 79.19 26.11 10.32
C GLN B 298 78.04 25.51 9.53
N LEU B 299 76.90 26.20 9.53
CA LEU B 299 75.73 25.75 8.79
C LEU B 299 76.02 25.66 7.30
N ALA B 300 76.70 26.68 6.76
CA ALA B 300 76.92 26.74 5.32
C ALA B 300 77.81 25.60 4.85
N LYS B 301 78.90 25.34 5.58
CA LYS B 301 79.73 24.19 5.24
C LYS B 301 78.95 22.89 5.43
N SER B 302 78.11 22.83 6.47
CA SER B 302 77.35 21.61 6.72
C SER B 302 76.38 21.32 5.58
N LEU B 303 75.67 22.34 5.12
CA LEU B 303 74.53 22.13 4.25
C LEU B 303 74.95 21.58 2.91
N ALA B 304 74.14 20.69 2.38
CA ALA B 304 74.42 19.95 1.17
C ALA B 304 75.78 19.25 1.28
N PRO B 305 75.92 18.22 2.12
CA PRO B 305 77.04 17.30 1.92
C PRO B 305 76.84 16.53 0.64
N SER B 306 77.78 15.64 0.33
CA SER B 306 77.77 14.93 -0.94
C SER B 306 77.89 15.88 -2.11
N ILE B 307 78.58 17.01 -1.91
CA ILE B 307 78.95 17.91 -2.98
C ILE B 307 80.10 18.75 -2.46
N HIS B 308 80.95 19.22 -3.36
CA HIS B 308 82.25 19.78 -3.02
C HIS B 308 82.28 21.26 -3.39
N GLY B 309 82.84 22.07 -2.50
CA GLY B 309 83.00 23.49 -2.79
C GLY B 309 81.66 24.18 -2.89
N HIS B 310 81.59 25.15 -3.80
CA HIS B 310 80.39 25.99 -3.99
C HIS B 310 79.98 26.63 -2.67
N ASP B 311 80.96 27.02 -1.87
CA ASP B 311 80.69 27.43 -0.51
C ASP B 311 79.86 28.70 -0.49
N TYR B 312 80.12 29.61 -1.42
CA TYR B 312 79.30 30.81 -1.52
C TYR B 312 77.85 30.46 -1.86
N VAL B 313 77.65 29.50 -2.75
CA VAL B 313 76.30 29.10 -3.11
C VAL B 313 75.60 28.44 -1.93
N LYS B 314 76.34 27.65 -1.13
CA LYS B 314 75.73 27.07 0.06
C LYS B 314 75.33 28.16 1.04
N LYS B 315 76.17 29.18 1.18
CA LYS B 315 75.81 30.32 2.01
C LYS B 315 74.54 31.00 1.49
N ALA B 316 74.43 31.11 0.17
CA ALA B 316 73.29 31.81 -0.41
C ALA B 316 72.01 30.99 -0.28
N ILE B 317 72.10 29.68 -0.49
CA ILE B 317 70.92 28.84 -0.32
C ILE B 317 70.53 28.81 1.15
N LEU B 318 71.48 28.96 2.07
CA LEU B 318 71.11 29.18 3.45
C LEU B 318 70.36 30.48 3.62
N CYS B 319 70.82 31.54 2.96
CA CYS B 319 70.13 32.83 3.05
C CYS B 319 68.70 32.72 2.53
N LEU B 320 68.50 31.95 1.46
CA LEU B 320 67.15 31.66 0.95
C LEU B 320 66.33 30.90 1.98
N LEU B 321 66.78 29.68 2.34
CA LEU B 321 65.99 28.79 3.19
C LEU B 321 65.66 29.44 4.53
N LEU B 322 66.67 30.01 5.19
CA LEU B 322 66.41 30.78 6.39
C LEU B 322 65.52 31.99 6.08
N GLY B 323 65.60 32.52 4.87
CA GLY B 323 64.72 33.59 4.46
C GLY B 323 65.08 34.91 5.11
N GLY B 324 64.64 36.00 4.50
CA GLY B 324 64.84 37.31 5.09
C GLY B 324 63.75 37.58 6.10
N VAL B 325 63.05 38.70 5.94
CA VAL B 325 61.87 38.97 6.76
C VAL B 325 60.90 39.80 5.94
N GLU B 326 59.72 39.25 5.68
CA GLU B 326 58.69 40.01 4.97
C GLU B 326 58.27 41.21 5.79
N ARG B 327 57.98 42.29 5.10
CA ARG B 327 57.60 43.55 5.72
C ARG B 327 56.30 44.03 5.11
N ASP B 328 55.33 44.31 5.98
CA ASP B 328 54.02 44.84 5.58
C ASP B 328 53.82 46.10 6.41
N LEU B 329 54.05 47.25 5.78
CA LEU B 329 54.11 48.51 6.50
C LEU B 329 52.69 48.99 6.81
N GLU B 330 52.58 50.26 7.23
CA GLU B 330 51.32 50.77 7.79
C GLU B 330 50.17 50.65 6.81
N ASN B 331 50.38 50.98 5.54
CA ASN B 331 49.32 51.02 4.55
C ASN B 331 49.29 49.79 3.65
N GLY B 332 49.92 48.69 4.07
CA GLY B 332 49.94 47.50 3.25
C GLY B 332 50.97 47.49 2.14
N SER B 333 51.91 48.42 2.14
CA SER B 333 53.01 48.36 1.19
C SER B 333 53.89 47.18 1.59
N HIS B 334 53.72 46.06 0.89
CA HIS B 334 54.33 44.80 1.28
C HIS B 334 55.66 44.65 0.56
N ILE B 335 56.77 44.76 1.31
CA ILE B 335 58.12 44.61 0.78
C ILE B 335 58.58 43.19 1.10
N ARG B 336 58.94 42.43 0.07
CA ARG B 336 59.12 40.99 0.25
C ARG B 336 60.35 40.70 1.09
N GLY B 337 60.41 39.46 1.57
CA GLY B 337 61.46 39.00 2.44
C GLY B 337 61.94 37.62 2.07
N ASP B 338 61.97 37.34 0.77
CA ASP B 338 62.45 36.08 0.23
C ASP B 338 63.64 36.36 -0.66
N ILE B 339 64.57 35.41 -0.70
CA ILE B 339 65.67 35.45 -1.64
C ILE B 339 65.24 34.71 -2.89
N ASN B 340 65.90 34.99 -4.00
CA ASN B 340 65.72 34.20 -5.20
C ASN B 340 67.05 34.11 -5.94
N ILE B 341 67.42 32.89 -6.27
CA ILE B 341 68.75 32.59 -6.76
C ILE B 341 68.63 32.02 -8.15
N LEU B 342 69.50 32.48 -9.04
CA LEU B 342 69.63 31.94 -10.39
C LEU B 342 71.02 31.31 -10.50
N LEU B 343 71.05 29.99 -10.48
CA LEU B 343 72.25 29.26 -10.88
C LEU B 343 72.38 29.30 -12.38
N ILE B 344 73.43 29.95 -12.88
CA ILE B 344 73.79 29.84 -14.30
C ILE B 344 75.21 29.31 -14.35
N GLY B 345 75.42 28.25 -15.10
CA GLY B 345 76.73 27.63 -15.06
C GLY B 345 76.78 26.49 -16.03
N ASP B 346 77.99 25.99 -16.22
CA ASP B 346 78.23 24.96 -17.22
C ASP B 346 77.48 23.69 -16.83
N PRO B 347 77.29 22.75 -17.76
CA PRO B 347 76.68 21.48 -17.38
C PRO B 347 77.59 20.69 -16.44
N SER B 348 76.97 19.77 -15.71
CA SER B 348 77.69 18.91 -14.77
C SER B 348 78.33 19.72 -13.65
N VAL B 349 77.58 20.69 -13.12
CA VAL B 349 78.01 21.52 -11.99
C VAL B 349 77.07 21.36 -10.80
N ALA B 350 76.34 20.24 -10.75
CA ALA B 350 75.50 19.86 -9.61
C ALA B 350 74.42 20.89 -9.29
N LYS B 351 74.08 21.76 -10.26
CA LYS B 351 73.01 22.73 -10.04
C LYS B 351 71.70 22.02 -9.77
N SER B 352 71.36 21.06 -10.64
CA SER B 352 70.16 20.28 -10.41
C SER B 352 70.26 19.44 -9.14
N GLN B 353 71.47 19.04 -8.75
CA GLN B 353 71.61 18.31 -7.49
C GLN B 353 71.31 19.22 -6.29
N LEU B 354 71.73 20.48 -6.34
CA LEU B 354 71.34 21.40 -5.29
C LEU B 354 69.83 21.55 -5.25
N LEU B 355 69.22 21.63 -6.44
CA LEU B 355 67.76 21.75 -6.50
C LEU B 355 67.10 20.54 -5.85
N ARG B 356 67.59 19.34 -6.14
CA ARG B 356 66.98 18.17 -5.55
C ARG B 356 67.27 18.09 -4.06
N TYR B 357 68.39 18.64 -3.61
CA TYR B 357 68.64 18.71 -2.17
C TYR B 357 67.58 19.56 -1.48
N VAL B 358 67.35 20.76 -1.99
CA VAL B 358 66.36 21.61 -1.33
C VAL B 358 64.96 21.01 -1.47
N LEU B 359 64.71 20.27 -2.56
CA LEU B 359 63.44 19.55 -2.67
C LEU B 359 63.29 18.54 -1.55
N CYS B 360 64.34 17.78 -1.26
CA CYS B 360 64.22 16.76 -0.23
C CYS B 360 64.18 17.34 1.18
N THR B 361 64.80 18.50 1.39
CA THR B 361 64.95 19.06 2.74
C THR B 361 63.92 20.13 3.09
N ALA B 362 63.84 21.19 2.30
CA ALA B 362 63.03 22.33 2.71
C ALA B 362 61.56 21.96 2.76
N PRO B 363 60.82 22.33 3.81
CA PRO B 363 59.41 21.92 3.87
C PRO B 363 58.59 22.67 2.84
N ARG B 364 57.71 21.94 2.16
CA ARG B 364 56.86 22.51 1.11
C ARG B 364 57.73 23.06 -0.03
N ALA B 365 58.56 22.16 -0.54
CA ALA B 365 59.36 22.38 -1.73
C ALA B 365 58.69 21.67 -2.89
N ILE B 366 58.74 22.27 -4.08
CA ILE B 366 58.03 21.70 -5.23
C ILE B 366 58.78 21.96 -6.54
N PRO B 367 58.89 20.97 -7.45
CA PRO B 367 59.69 21.19 -8.67
C PRO B 367 58.85 21.68 -9.83
N THR B 368 59.42 22.61 -10.60
CA THR B 368 58.81 23.12 -11.82
C THR B 368 59.84 23.05 -12.94
N THR B 369 59.50 22.36 -14.02
CA THR B 369 60.42 22.19 -15.14
C THR B 369 60.14 23.32 -16.14
N GLY B 370 60.98 23.45 -17.16
CA GLY B 370 60.78 24.48 -18.17
C GLY B 370 59.44 24.37 -18.87
N ARG B 371 59.25 23.30 -19.63
CA ARG B 371 58.01 23.06 -20.35
C ARG B 371 57.20 21.91 -19.77
N GLY B 372 57.54 21.44 -18.57
CA GLY B 372 56.62 20.63 -17.81
C GLY B 372 55.48 21.49 -17.31
N SER B 373 55.79 22.40 -16.40
CA SER B 373 54.83 23.39 -15.93
C SER B 373 54.88 24.62 -16.84
N SER B 374 53.74 25.28 -16.99
CA SER B 374 53.65 26.38 -17.95
C SER B 374 52.52 27.32 -17.56
N GLY B 375 52.90 28.50 -17.03
CA GLY B 375 51.95 29.59 -16.86
C GLY B 375 50.78 29.27 -15.96
N VAL B 376 49.62 29.06 -16.60
CA VAL B 376 48.39 28.66 -15.91
C VAL B 376 48.64 27.53 -14.92
N GLY B 377 49.55 26.61 -15.25
CA GLY B 377 49.99 25.65 -14.27
C GLY B 377 50.85 26.28 -13.19
N LEU B 378 51.78 27.16 -13.61
CA LEU B 378 52.71 27.76 -12.66
C LEU B 378 51.97 28.63 -11.66
N THR B 379 51.36 29.70 -12.12
CA THR B 379 50.53 30.56 -11.29
C THR B 379 49.12 29.98 -11.28
N ALA B 380 48.17 30.69 -10.70
CA ALA B 380 46.85 30.15 -10.45
C ALA B 380 46.01 30.18 -11.73
N ALA B 381 44.72 29.82 -11.61
CA ALA B 381 43.81 29.84 -12.74
C ALA B 381 42.39 30.07 -12.25
N VAL B 382 41.52 30.48 -13.17
CA VAL B 382 40.09 30.68 -12.91
C VAL B 382 39.32 29.82 -13.91
N THR B 383 38.41 28.99 -13.40
CA THR B 383 37.61 28.11 -14.23
C THR B 383 36.22 27.99 -13.64
N THR B 384 35.23 27.71 -14.48
CA THR B 384 33.87 27.57 -14.01
C THR B 384 33.64 26.19 -13.39
N ASP B 385 32.54 26.06 -12.67
CA ASP B 385 32.25 24.82 -11.96
C ASP B 385 31.62 23.81 -12.91
N GLN B 386 30.62 24.23 -13.68
CA GLN B 386 29.74 23.47 -14.56
C GLN B 386 28.65 22.71 -13.79
N GLU B 387 28.71 22.67 -12.45
CA GLU B 387 27.61 22.21 -11.62
C GLU B 387 26.81 23.35 -11.01
N THR B 388 27.35 24.56 -11.02
CA THR B 388 26.61 25.75 -10.62
C THR B 388 26.86 26.96 -11.52
N GLY B 389 27.64 26.82 -12.59
CA GLY B 389 27.92 27.93 -13.47
C GLY B 389 28.62 29.09 -12.78
N GLU B 390 29.44 28.79 -11.77
CA GLU B 390 30.08 29.78 -10.94
C GLU B 390 31.60 29.62 -11.06
N ARG B 391 32.31 30.74 -11.01
CA ARG B 391 33.75 30.73 -11.28
C ARG B 391 34.51 30.42 -10.00
N ARG B 392 35.16 29.26 -9.98
CA ARG B 392 36.07 28.86 -8.91
C ARG B 392 37.50 29.12 -9.36
N LEU B 393 38.41 29.05 -8.38
CA LEU B 393 39.82 29.35 -8.57
C LEU B 393 40.63 28.10 -8.29
N GLU B 394 41.57 27.80 -9.18
CA GLU B 394 42.42 26.61 -9.11
C GLU B 394 43.85 27.07 -8.81
N ALA B 395 44.29 26.86 -7.58
CA ALA B 395 45.58 27.37 -7.14
C ALA B 395 46.70 26.67 -7.87
N GLY B 396 47.67 27.45 -8.33
CA GLY B 396 48.75 26.94 -9.14
C GLY B 396 49.92 26.45 -8.31
N ALA B 397 51.03 26.18 -9.01
CA ALA B 397 52.22 25.67 -8.35
C ALA B 397 52.75 26.66 -7.33
N MET B 398 52.87 27.92 -7.73
CA MET B 398 53.41 28.93 -6.81
C MET B 398 52.48 29.12 -5.62
N VAL B 399 51.17 29.16 -5.86
CA VAL B 399 50.22 29.36 -4.78
C VAL B 399 50.26 28.20 -3.82
N LEU B 400 50.44 26.98 -4.35
CA LEU B 400 50.68 25.84 -3.48
C LEU B 400 51.94 26.06 -2.67
N ALA B 401 52.97 26.59 -3.29
CA ALA B 401 54.24 26.84 -2.64
C ALA B 401 54.26 28.12 -1.85
N ASP B 402 53.11 28.73 -1.55
CA ASP B 402 53.09 29.90 -0.68
C ASP B 402 53.79 29.61 0.63
N ARG B 403 54.70 30.50 1.01
CA ARG B 403 55.58 30.29 2.16
C ARG B 403 56.30 28.95 2.01
N GLY B 404 56.95 28.79 0.87
CA GLY B 404 57.64 27.57 0.54
C GLY B 404 58.63 27.82 -0.56
N VAL B 405 59.15 26.73 -1.13
CA VAL B 405 60.23 26.78 -2.10
C VAL B 405 59.77 26.15 -3.41
N VAL B 406 60.24 26.73 -4.52
CA VAL B 406 60.01 26.18 -5.84
C VAL B 406 61.37 26.08 -6.51
N CYS B 407 61.65 24.90 -7.05
CA CYS B 407 62.90 24.57 -7.70
C CYS B 407 62.65 24.56 -9.19
N ILE B 408 63.19 25.55 -9.91
CA ILE B 408 62.91 25.71 -11.31
C ILE B 408 64.03 25.06 -12.11
N ASP B 409 63.78 23.84 -12.58
CA ASP B 409 64.70 23.16 -13.49
C ASP B 409 64.62 23.78 -14.88
N GLU B 410 65.77 24.15 -15.43
CA GLU B 410 65.85 24.66 -16.80
C GLU B 410 65.00 25.92 -16.95
N PHE B 411 65.30 26.89 -16.10
CA PHE B 411 64.59 28.18 -16.13
C PHE B 411 64.75 28.87 -17.49
N ASP B 412 65.86 28.63 -18.18
CA ASP B 412 66.10 29.26 -19.46
C ASP B 412 65.02 28.89 -20.49
N LYS B 413 64.41 27.71 -20.35
CA LYS B 413 63.52 27.19 -21.37
C LYS B 413 62.07 27.63 -21.20
N MET B 414 61.72 28.30 -20.11
CA MET B 414 60.38 28.86 -19.99
C MET B 414 60.23 30.02 -20.97
N SER B 415 59.20 29.97 -21.81
CA SER B 415 58.99 30.99 -22.82
C SER B 415 58.68 32.33 -22.15
N ASP B 416 58.70 33.38 -22.97
CA ASP B 416 58.61 34.74 -22.44
C ASP B 416 57.27 34.99 -21.75
N MET B 417 56.21 34.32 -22.20
CA MET B 417 54.89 34.51 -21.59
C MET B 417 54.92 34.11 -20.12
N ASP B 418 55.50 32.95 -19.82
CA ASP B 418 55.55 32.49 -18.43
C ASP B 418 56.63 33.23 -17.66
N ARG B 419 57.73 33.53 -18.33
CA ARG B 419 58.80 34.28 -17.71
C ARG B 419 58.34 35.67 -17.27
N THR B 420 57.32 36.22 -17.93
CA THR B 420 56.68 37.46 -17.49
C THR B 420 55.49 37.21 -16.56
N ALA B 421 54.86 36.05 -16.68
CA ALA B 421 53.81 35.68 -15.75
C ALA B 421 54.32 35.50 -14.33
N ILE B 422 55.62 35.23 -14.16
CA ILE B 422 56.18 35.02 -12.83
C ILE B 422 56.52 36.34 -12.13
N HIS B 423 56.16 37.47 -12.73
CA HIS B 423 56.72 38.75 -12.29
C HIS B 423 56.19 39.16 -10.92
N GLU B 424 54.87 39.15 -10.74
CA GLU B 424 54.33 39.65 -9.49
C GLU B 424 54.53 38.66 -8.36
N VAL B 425 54.60 37.36 -8.68
CA VAL B 425 55.00 36.41 -7.65
C VAL B 425 56.45 36.61 -7.27
N MET B 426 57.31 36.97 -8.24
CA MET B 426 58.71 37.21 -7.93
C MET B 426 58.87 38.40 -7.00
N GLU B 427 58.13 39.48 -7.24
CA GLU B 427 58.32 40.68 -6.42
C GLU B 427 57.38 40.71 -5.21
N GLN B 428 56.07 40.76 -5.45
CA GLN B 428 55.10 40.94 -4.40
C GLN B 428 54.55 39.64 -3.83
N GLY B 429 54.87 38.50 -4.44
CA GLY B 429 54.37 37.24 -3.92
C GLY B 429 52.86 37.15 -3.98
N ARG B 430 52.25 37.64 -5.05
CA ARG B 430 50.83 37.48 -5.26
C ARG B 430 50.54 37.33 -6.74
N VAL B 431 49.43 36.70 -7.04
CA VAL B 431 48.91 36.56 -8.39
C VAL B 431 47.51 37.14 -8.35
N THR B 432 47.32 38.26 -9.03
CA THR B 432 46.01 38.89 -9.16
C THR B 432 45.36 38.32 -10.41
N ILE B 433 44.45 37.37 -10.23
CA ILE B 433 43.76 36.73 -11.35
C ILE B 433 42.30 37.18 -11.33
N ALA B 434 41.69 37.13 -12.51
CA ALA B 434 40.33 37.60 -12.68
C ALA B 434 39.81 37.19 -14.04
N LYS B 435 38.58 36.70 -14.05
CA LYS B 435 37.75 36.67 -15.25
C LYS B 435 36.40 37.20 -14.83
N ALA B 436 35.47 37.27 -15.79
CA ALA B 436 34.30 38.14 -15.69
C ALA B 436 33.48 37.90 -14.43
N GLY B 437 33.38 36.66 -14.00
CA GLY B 437 32.64 36.35 -12.80
C GLY B 437 33.38 36.73 -11.54
N ILE B 438 34.56 36.14 -11.35
CA ILE B 438 35.28 36.17 -10.08
C ILE B 438 36.65 36.78 -10.29
N HIS B 439 37.11 37.50 -9.27
CA HIS B 439 38.49 37.99 -9.22
C HIS B 439 39.03 37.78 -7.82
N ALA B 440 40.35 37.65 -7.73
CA ALA B 440 40.99 37.52 -6.43
C ALA B 440 42.48 37.79 -6.57
N ARG B 441 43.11 38.03 -5.43
CA ARG B 441 44.56 38.19 -5.32
C ARG B 441 45.06 37.01 -4.48
N LEU B 442 45.34 35.91 -5.16
CA LEU B 442 45.92 34.77 -4.46
C LEU B 442 47.32 35.12 -4.00
N ASN B 443 47.67 34.66 -2.80
CA ASN B 443 48.93 35.03 -2.16
C ASN B 443 49.87 33.84 -2.22
N ALA B 444 51.03 34.05 -2.83
CA ALA B 444 52.08 33.03 -2.98
C ALA B 444 53.38 33.70 -2.57
N ARG B 445 53.62 33.79 -1.25
CA ARG B 445 54.90 34.30 -0.76
C ARG B 445 55.99 33.27 -0.96
N CYS B 446 56.32 32.98 -2.21
CA CYS B 446 57.20 31.88 -2.55
C CYS B 446 58.66 32.31 -2.54
N SER B 447 59.55 31.32 -2.60
CA SER B 447 60.97 31.54 -2.83
C SER B 447 61.40 30.63 -3.97
N VAL B 448 62.32 31.12 -4.80
CA VAL B 448 62.62 30.51 -6.09
C VAL B 448 64.12 30.25 -6.19
N LEU B 449 64.48 28.98 -6.36
CA LEU B 449 65.85 28.58 -6.70
C LEU B 449 65.80 28.00 -8.11
N ALA B 450 66.40 28.71 -9.07
CA ALA B 450 66.22 28.43 -10.49
C ALA B 450 67.54 28.14 -11.16
N ALA B 451 67.64 26.99 -11.83
CA ALA B 451 68.89 26.54 -12.46
C ALA B 451 68.77 26.68 -13.97
N ALA B 452 69.14 27.84 -14.48
CA ALA B 452 69.22 28.05 -15.91
C ALA B 452 70.52 27.45 -16.43
N ASN B 453 70.61 27.34 -17.75
CA ASN B 453 71.82 26.91 -18.42
C ASN B 453 72.21 27.95 -19.45
N PRO B 454 73.49 28.08 -19.78
CA PRO B 454 73.93 29.23 -20.57
C PRO B 454 73.58 29.04 -22.04
N VAL B 455 73.60 30.16 -22.75
CA VAL B 455 73.47 30.09 -24.19
C VAL B 455 74.72 29.37 -24.72
N TYR B 456 74.58 28.75 -25.89
CA TYR B 456 75.59 27.91 -26.54
C TYR B 456 75.80 26.56 -25.85
N GLY B 457 75.06 26.26 -24.79
CA GLY B 457 75.22 25.00 -24.07
C GLY B 457 76.38 24.96 -23.12
N ARG B 458 77.18 26.00 -23.03
CA ARG B 458 78.31 26.05 -22.10
C ARG B 458 78.88 27.46 -22.13
N TYR B 459 79.27 27.95 -20.97
CA TYR B 459 79.76 29.33 -20.86
C TYR B 459 81.06 29.49 -21.63
N ASP B 460 81.13 30.54 -22.45
CA ASP B 460 82.36 30.96 -23.09
C ASP B 460 83.01 32.02 -22.21
N GLN B 461 84.25 31.77 -21.77
CA GLN B 461 84.87 32.60 -20.76
C GLN B 461 85.05 34.04 -21.24
N TYR B 462 85.42 34.22 -22.50
CA TYR B 462 85.75 35.55 -23.00
C TYR B 462 84.50 36.39 -23.26
N LYS B 463 83.36 35.77 -23.53
CA LYS B 463 82.13 36.51 -23.78
C LYS B 463 81.55 37.01 -22.47
N THR B 464 80.90 38.19 -22.54
CA THR B 464 80.35 38.80 -21.35
C THR B 464 79.17 37.98 -20.82
N PRO B 465 78.88 38.08 -19.52
CA PRO B 465 77.73 37.32 -19.00
C PRO B 465 76.39 37.76 -19.59
N MET B 466 76.22 39.05 -19.87
CA MET B 466 74.96 39.49 -20.44
C MET B 466 74.77 38.92 -21.84
N GLU B 467 75.84 38.85 -22.63
CA GLU B 467 75.75 38.19 -23.92
C GLU B 467 75.49 36.71 -23.73
N ASN B 468 76.13 36.10 -22.74
CA ASN B 468 76.12 34.65 -22.60
C ASN B 468 74.88 34.11 -21.87
N ILE B 469 74.08 34.97 -21.25
CA ILE B 469 72.83 34.59 -20.62
C ILE B 469 71.70 35.04 -21.53
N GLY B 470 70.82 34.11 -21.87
CA GLY B 470 69.69 34.43 -22.73
C GLY B 470 68.49 34.96 -21.98
N LEU B 471 68.72 35.89 -21.04
CA LEU B 471 67.68 36.38 -20.14
C LEU B 471 67.75 37.90 -20.05
N GLN B 472 66.59 38.53 -20.00
CA GLN B 472 66.50 39.98 -20.05
C GLN B 472 66.96 40.61 -18.75
N ASP B 473 67.49 41.83 -18.89
CA ASP B 473 67.82 42.64 -17.73
C ASP B 473 66.59 42.91 -16.89
N SER B 474 65.42 42.98 -17.54
CA SER B 474 64.15 43.12 -16.86
C SER B 474 63.97 42.05 -15.78
N LEU B 475 64.17 40.80 -16.15
CA LEU B 475 64.00 39.73 -15.19
C LEU B 475 65.16 39.66 -14.21
N LEU B 476 66.38 39.82 -14.70
CA LEU B 476 67.53 39.72 -13.82
C LEU B 476 67.53 40.79 -12.75
N SER B 477 66.80 41.88 -12.95
CA SER B 477 66.54 42.77 -11.82
C SER B 477 65.74 42.04 -10.74
N ARG B 478 64.63 41.39 -11.12
CA ARG B 478 63.73 40.80 -10.13
C ARG B 478 64.42 39.70 -9.35
N PHE B 479 65.16 38.85 -10.03
CA PHE B 479 66.05 37.95 -9.31
C PHE B 479 67.00 38.78 -8.49
N ASP B 480 67.16 38.42 -7.22
CA ASP B 480 68.04 39.19 -6.35
C ASP B 480 69.45 38.62 -6.24
N LEU B 481 69.69 37.35 -6.60
CA LEU B 481 71.07 36.89 -6.74
C LEU B 481 71.22 35.98 -7.95
N LEU B 482 72.34 36.17 -8.66
CA LEU B 482 72.70 35.39 -9.84
C LEU B 482 74.11 34.85 -9.65
N PHE B 483 74.22 33.54 -9.41
CA PHE B 483 75.48 32.89 -9.12
C PHE B 483 75.98 32.13 -10.33
N ILE B 484 77.26 32.34 -10.65
CA ILE B 484 77.86 31.88 -11.89
C ILE B 484 78.81 30.73 -11.56
N MET B 485 78.52 29.56 -12.12
CA MET B 485 79.17 28.30 -11.75
C MET B 485 79.94 27.75 -12.95
N LEU B 486 81.23 28.03 -13.01
CA LEU B 486 82.07 27.62 -14.12
C LEU B 486 82.84 26.34 -13.78
N ASP B 487 83.07 25.54 -14.83
CA ASP B 487 83.87 24.32 -14.74
C ASP B 487 85.28 24.69 -15.16
N GLN B 488 86.14 24.99 -14.19
CA GLN B 488 87.46 25.51 -14.48
C GLN B 488 88.33 24.50 -15.22
N MET B 489 88.06 23.20 -15.04
CA MET B 489 88.73 22.12 -15.77
C MET B 489 90.21 22.01 -15.41
N ASP B 490 90.65 22.60 -14.31
CA ASP B 490 92.03 22.46 -13.89
C ASP B 490 92.25 21.09 -13.24
N PRO B 491 93.41 20.45 -13.44
CA PRO B 491 93.62 19.15 -12.78
C PRO B 491 93.61 19.21 -11.27
N GLU B 492 94.06 20.30 -10.64
CA GLU B 492 94.16 20.35 -9.18
C GLU B 492 92.79 20.30 -8.54
N GLN B 493 91.92 21.25 -8.89
CA GLN B 493 90.57 21.20 -8.39
C GLN B 493 89.83 19.99 -8.93
N ASP B 494 90.25 19.44 -10.07
CA ASP B 494 89.68 18.18 -10.50
C ASP B 494 90.01 17.05 -9.51
N ARG B 495 91.25 17.02 -9.01
CA ARG B 495 91.60 16.03 -7.99
C ARG B 495 90.71 16.19 -6.77
N GLU B 496 90.55 17.43 -6.32
CA GLU B 496 89.64 17.74 -5.21
C GLU B 496 88.26 17.13 -5.42
N ILE B 497 87.58 17.57 -6.50
CA ILE B 497 86.20 17.17 -6.74
C ILE B 497 86.12 15.67 -6.95
N SER B 498 87.11 15.09 -7.62
CA SER B 498 87.05 13.68 -7.96
C SER B 498 87.16 12.82 -6.70
N ASP B 499 88.09 13.16 -5.81
CA ASP B 499 88.22 12.36 -4.60
C ASP B 499 86.96 12.45 -3.77
N HIS B 500 86.37 13.64 -3.67
CA HIS B 500 85.09 13.80 -2.97
C HIS B 500 84.01 12.91 -3.59
N VAL B 501 83.90 12.95 -4.92
CA VAL B 501 82.82 12.25 -5.61
C VAL B 501 82.98 10.74 -5.42
N LEU B 502 84.19 10.24 -5.58
CA LEU B 502 84.35 8.80 -5.47
C LEU B 502 84.28 8.32 -4.02
N ARG B 503 84.62 9.18 -3.06
CA ARG B 503 84.32 8.84 -1.67
C ARG B 503 82.83 8.66 -1.45
N MET B 504 82.03 9.58 -1.99
CA MET B 504 80.58 9.42 -1.86
C MET B 504 80.05 8.22 -2.65
N HIS B 505 80.72 7.85 -3.74
CA HIS B 505 80.36 6.60 -4.40
C HIS B 505 80.70 5.40 -3.53
N ARG B 506 81.73 5.53 -2.68
CA ARG B 506 82.08 4.43 -1.78
C ARG B 506 81.28 4.42 -0.47
N TYR B 507 80.59 5.51 -0.13
CA TYR B 507 79.85 5.52 1.13
C TYR B 507 78.61 4.65 1.04
N ARG B 508 78.37 3.86 2.10
CA ARG B 508 77.31 2.87 2.15
C ARG B 508 76.42 3.17 3.35
N ALA B 509 75.23 2.58 3.34
CA ALA B 509 74.41 2.52 4.54
C ALA B 509 75.24 1.84 5.62
N PRO B 510 75.50 2.49 6.80
CA PRO B 510 76.45 1.89 7.74
C PRO B 510 75.92 0.63 8.39
N GLY B 511 76.43 -0.52 7.96
CA GLY B 511 76.02 -1.79 8.54
C GLY B 511 74.74 -2.37 7.97
N GLU B 512 73.80 -1.51 7.55
CA GLU B 512 72.49 -1.98 7.14
C GLU B 512 72.55 -2.83 5.88
N GLN B 513 73.54 -2.60 5.03
CA GLN B 513 73.69 -3.28 3.75
C GLN B 513 74.88 -4.22 3.77
N ASP B 514 74.84 -5.20 2.85
CA ASP B 514 75.85 -6.25 2.76
C ASP B 514 76.46 -6.39 1.37
N GLY B 515 75.86 -5.81 0.33
CA GLY B 515 76.28 -6.06 -1.04
C GLY B 515 75.15 -6.05 -2.03
N ASP B 516 73.90 -6.19 -1.56
CA ASP B 516 72.74 -5.98 -2.41
C ASP B 516 72.37 -4.50 -2.45
N ALA B 517 72.01 -4.03 -3.64
CA ALA B 517 71.51 -2.68 -3.82
C ALA B 517 70.02 -2.62 -3.50
N MET B 518 69.48 -1.41 -3.44
CA MET B 518 68.07 -1.20 -3.15
C MET B 518 67.18 -1.84 -4.22
N GLN B 543 71.04 14.60 17.52
CA GLN B 543 72.38 15.06 17.88
C GLN B 543 72.71 16.31 17.09
N ILE B 544 73.35 17.29 17.74
CA ILE B 544 73.75 18.52 17.08
C ILE B 544 74.71 18.17 15.95
N TYR B 545 75.87 17.68 16.31
CA TYR B 545 76.88 17.32 15.33
C TYR B 545 76.67 15.89 14.89
N GLU B 546 77.30 15.55 13.77
CA GLU B 546 77.26 14.22 13.20
C GLU B 546 78.49 13.44 13.65
N LYS B 547 78.31 12.13 13.80
CA LYS B 547 79.45 11.26 14.03
C LYS B 547 80.40 11.37 12.84
N HIS B 548 81.60 11.87 13.11
CA HIS B 548 82.49 12.35 12.05
C HIS B 548 83.05 11.16 11.27
N ASP B 549 82.20 10.61 10.40
CA ASP B 549 82.64 9.54 9.51
C ASP B 549 83.77 10.03 8.62
N ASN B 550 84.85 9.25 8.55
CA ASN B 550 85.99 9.65 7.74
C ASN B 550 85.63 9.74 6.27
N LEU B 551 84.75 8.86 5.80
CA LEU B 551 84.34 8.89 4.40
C LEU B 551 83.41 10.06 4.09
N LEU B 552 82.80 10.65 5.11
CA LEU B 552 82.06 11.90 4.93
C LEU B 552 83.05 13.05 4.87
N ALA B 566 68.49 16.41 9.41
CA ALA B 566 67.89 16.25 10.73
C ALA B 566 68.02 17.55 11.54
N PHE B 567 69.13 17.70 12.27
CA PHE B 567 69.31 18.93 13.05
C PHE B 567 69.35 20.15 12.15
N MET B 568 69.75 19.98 10.89
CA MET B 568 69.62 21.06 9.93
C MET B 568 68.17 21.55 9.86
N LYS B 569 67.23 20.62 9.67
CA LYS B 569 65.81 20.99 9.61
C LYS B 569 65.36 21.62 10.91
N LYS B 570 65.75 21.01 12.05
CA LYS B 570 65.33 21.55 13.35
C LYS B 570 65.78 23.00 13.51
N TYR B 571 67.07 23.26 13.26
CA TYR B 571 67.59 24.58 13.55
C TYR B 571 67.07 25.60 12.56
N ILE B 572 67.03 25.28 11.26
CA ILE B 572 66.57 26.28 10.31
C ILE B 572 65.08 26.57 10.53
N HIS B 573 64.30 25.56 10.90
CA HIS B 573 62.89 25.77 11.19
C HIS B 573 62.73 26.75 12.35
N VAL B 574 63.45 26.54 13.45
CA VAL B 574 63.32 27.52 14.53
C VAL B 574 63.89 28.86 14.11
N ALA B 575 64.90 28.86 13.23
CA ALA B 575 65.56 30.10 12.84
C ALA B 575 64.63 31.01 12.05
N LYS B 576 63.72 30.42 11.27
CA LYS B 576 62.87 31.21 10.36
C LYS B 576 62.06 32.29 11.08
N ILE B 577 61.70 32.08 12.35
CA ILE B 577 60.71 32.95 12.99
C ILE B 577 61.31 34.26 13.45
N ILE B 578 62.61 34.31 13.74
CA ILE B 578 63.18 35.48 14.40
C ILE B 578 63.21 36.65 13.44
N LYS B 579 62.94 37.84 13.96
CA LYS B 579 62.93 39.07 13.18
C LYS B 579 64.08 39.97 13.63
N PRO B 580 65.33 39.65 13.29
CA PRO B 580 66.43 40.49 13.76
C PRO B 580 66.45 41.84 13.07
N VAL B 581 66.14 42.88 13.84
CA VAL B 581 66.08 44.24 13.30
C VAL B 581 67.49 44.73 12.97
N LEU B 582 67.58 45.61 11.98
CA LEU B 582 68.87 46.16 11.58
C LEU B 582 69.32 47.24 12.55
N THR B 583 70.59 47.19 12.92
CA THR B 583 71.21 48.22 13.74
C THR B 583 71.51 49.46 12.89
N GLN B 584 71.70 50.58 13.58
CA GLN B 584 72.07 51.81 12.88
C GLN B 584 73.39 51.65 12.14
N GLU B 585 74.37 51.00 12.78
CA GLU B 585 75.66 50.77 12.12
C GLU B 585 75.50 49.92 10.87
N SER B 586 74.71 48.85 10.96
CA SER B 586 74.52 47.98 9.81
C SER B 586 73.81 48.71 8.69
N ALA B 587 72.78 49.50 9.02
CA ALA B 587 72.06 50.22 7.99
C ALA B 587 72.93 51.26 7.29
N THR B 588 73.76 51.98 8.06
CA THR B 588 74.62 52.95 7.40
C THR B 588 75.67 52.27 6.55
N TYR B 589 76.27 51.18 7.05
CA TYR B 589 77.30 50.50 6.27
C TYR B 589 76.73 49.87 5.00
N ILE B 590 75.59 49.20 5.12
CA ILE B 590 74.97 48.56 3.96
C ILE B 590 74.55 49.61 2.95
N ALA B 591 74.07 50.77 3.42
CA ALA B 591 73.74 51.85 2.51
C ALA B 591 74.96 52.34 1.74
N GLU B 592 76.07 52.59 2.45
CA GLU B 592 77.26 53.10 1.77
C GLU B 592 77.82 52.08 0.80
N GLU B 593 77.82 50.80 1.17
CA GLU B 593 78.32 49.78 0.27
C GLU B 593 77.45 49.69 -0.97
N TYR B 594 76.14 49.85 -0.81
CA TYR B 594 75.28 49.86 -1.99
C TYR B 594 75.60 51.05 -2.89
N SER B 595 75.83 52.22 -2.30
CA SER B 595 76.19 53.38 -3.11
C SER B 595 77.48 53.12 -3.87
N ARG B 596 78.44 52.49 -3.20
CA ARG B 596 79.68 52.12 -3.85
C ARG B 596 79.42 51.16 -5.02
N LEU B 597 78.57 50.15 -4.81
CA LEU B 597 78.27 49.20 -5.88
C LEU B 597 77.61 49.89 -7.07
N ARG B 598 76.71 50.84 -6.79
CA ARG B 598 76.07 51.57 -7.86
C ARG B 598 77.10 52.35 -8.67
N SER B 599 78.05 52.99 -7.99
CA SER B 599 79.06 53.76 -8.70
C SER B 599 79.90 52.84 -9.58
N GLN B 600 80.16 53.30 -10.81
CA GLN B 600 80.84 52.47 -11.81
C GLN B 600 82.27 52.17 -11.39
N ASP B 601 82.91 53.06 -10.64
CA ASP B 601 84.31 52.88 -10.28
C ASP B 601 84.52 51.62 -9.45
N SER B 602 83.50 51.18 -8.71
CA SER B 602 83.63 49.99 -7.86
C SER B 602 83.98 48.76 -8.68
N MET B 603 83.49 48.67 -9.91
CA MET B 603 83.96 47.64 -10.83
C MET B 603 85.14 48.19 -11.62
N SER B 604 86.23 47.44 -11.64
CA SER B 604 87.34 47.78 -12.51
C SER B 604 86.98 47.45 -13.95
N SER B 605 87.71 48.04 -14.87
CA SER B 605 87.61 47.60 -16.25
C SER B 605 88.07 46.15 -16.35
N ASP B 606 87.65 45.50 -17.44
CA ASP B 606 87.86 44.08 -17.74
C ASP B 606 86.89 43.18 -16.96
N THR B 607 86.09 43.72 -16.03
CA THR B 607 85.00 43.00 -15.41
C THR B 607 83.69 43.43 -16.08
N ALA B 608 82.71 42.53 -16.08
CA ALA B 608 81.41 42.76 -16.68
C ALA B 608 80.32 42.45 -15.67
N ARG B 609 79.37 43.36 -15.51
CA ARG B 609 78.26 43.12 -14.60
C ARG B 609 77.43 41.94 -15.07
N THR B 610 76.92 41.18 -14.11
CA THR B 610 76.03 40.05 -14.39
C THR B 610 74.56 40.37 -14.13
N SER B 611 74.26 41.35 -13.26
CA SER B 611 72.90 41.80 -12.99
C SER B 611 72.94 43.30 -12.66
N PRO B 612 72.19 44.17 -13.36
CA PRO B 612 72.28 45.60 -13.05
C PRO B 612 71.82 45.91 -11.63
N VAL B 613 72.46 46.91 -11.04
CA VAL B 613 72.25 47.21 -9.62
C VAL B 613 71.10 48.20 -9.55
N THR B 614 69.88 47.65 -9.56
CA THR B 614 68.69 48.41 -9.21
C THR B 614 68.54 48.44 -7.71
N ALA B 615 67.51 49.13 -7.20
CA ALA B 615 67.28 49.16 -5.76
C ALA B 615 66.90 47.78 -5.20
N ARG B 616 66.47 46.87 -6.07
CA ARG B 616 66.29 45.48 -5.67
C ARG B 616 67.56 44.91 -5.07
N THR B 617 68.72 45.34 -5.56
CA THR B 617 69.96 44.87 -4.97
C THR B 617 70.15 45.39 -3.56
N LEU B 618 69.76 46.63 -3.26
CA LEU B 618 69.84 47.07 -1.88
C LEU B 618 68.94 46.23 -0.99
N GLU B 619 67.70 46.04 -1.42
CA GLU B 619 66.80 45.20 -0.64
C GLU B 619 67.35 43.79 -0.51
N THR B 620 68.08 43.33 -1.52
CA THR B 620 68.78 42.07 -1.41
C THR B 620 69.78 42.12 -0.27
N LEU B 621 70.51 43.23 -0.16
CA LEU B 621 71.50 43.35 0.90
C LEU B 621 70.82 43.21 2.25
N ILE B 622 69.71 43.92 2.44
CA ILE B 622 69.00 43.87 3.72
C ILE B 622 68.49 42.45 3.98
N ARG B 623 67.93 41.79 2.96
CA ARG B 623 67.36 40.46 3.17
C ARG B 623 68.44 39.44 3.50
N LEU B 624 69.58 39.49 2.81
CA LEU B 624 70.66 38.57 3.11
C LEU B 624 71.24 38.83 4.50
N ALA B 625 71.31 40.10 4.89
CA ALA B 625 71.74 40.43 6.25
C ALA B 625 70.80 39.84 7.29
N THR B 626 69.50 39.96 7.06
CA THR B 626 68.53 39.37 7.98
C THR B 626 68.65 37.86 8.01
N ALA B 627 68.90 37.23 6.86
CA ALA B 627 69.00 35.77 6.85
C ALA B 627 70.22 35.30 7.64
N HIS B 628 71.34 36.00 7.50
CA HIS B 628 72.53 35.68 8.29
C HIS B 628 72.24 35.87 9.78
N ALA B 629 71.61 36.97 10.15
CA ALA B 629 71.31 37.19 11.56
C ALA B 629 70.35 36.13 12.09
N LYS B 630 69.41 35.71 11.26
CA LYS B 630 68.51 34.62 11.66
C LYS B 630 69.28 33.34 11.87
N ALA B 631 70.30 33.09 11.04
CA ALA B 631 71.19 31.97 11.28
C ALA B 631 71.82 32.08 12.65
N ARG B 632 72.27 33.28 13.00
CA ARG B 632 72.90 33.47 14.30
C ARG B 632 71.91 33.49 15.46
N MET B 633 70.60 33.55 15.19
CA MET B 633 69.58 33.80 16.22
C MET B 633 69.92 35.08 16.98
N SER B 634 70.29 36.11 16.21
CA SER B 634 70.88 37.31 16.80
C SER B 634 69.88 38.08 17.63
N LYS B 635 68.70 38.34 17.08
CA LYS B 635 67.75 39.38 17.47
C LYS B 635 68.21 40.77 17.07
N THR B 636 69.30 40.89 16.31
CA THR B 636 69.68 42.16 15.71
C THR B 636 70.69 41.89 14.61
N VAL B 637 70.50 42.52 13.46
CA VAL B 637 71.46 42.40 12.35
C VAL B 637 72.57 43.42 12.58
N ASP B 638 73.80 42.92 12.68
CA ASP B 638 74.97 43.73 13.02
C ASP B 638 75.89 43.85 11.81
N LEU B 639 76.98 44.59 12.03
CA LEU B 639 77.93 44.86 10.95
C LEU B 639 78.58 43.59 10.42
N GLN B 640 78.70 42.56 11.27
CA GLN B 640 79.20 41.27 10.80
C GLN B 640 78.32 40.72 9.67
N ASP B 641 77.01 40.67 9.92
CA ASP B 641 76.10 40.18 8.91
C ASP B 641 76.07 41.10 7.71
N ALA B 642 76.17 42.41 7.94
CA ALA B 642 76.16 43.36 6.83
C ALA B 642 77.35 43.14 5.91
N GLU B 643 78.55 42.98 6.49
CA GLU B 643 79.72 42.75 5.64
C GLU B 643 79.67 41.38 4.99
N GLU B 644 79.07 40.38 5.64
CA GLU B 644 78.89 39.11 4.96
C GLU B 644 77.98 39.27 3.75
N ALA B 645 76.89 40.02 3.89
CA ALA B 645 75.98 40.24 2.77
C ALA B 645 76.70 40.96 1.63
N VAL B 646 77.49 41.98 1.96
CA VAL B 646 78.17 42.72 0.91
C VAL B 646 79.22 41.84 0.24
N GLU B 647 79.87 40.98 1.02
CA GLU B 647 80.79 40.01 0.43
C GLU B 647 80.04 39.09 -0.53
N LEU B 648 78.85 38.65 -0.12
CA LEU B 648 78.05 37.76 -0.95
C LEU B 648 77.76 38.39 -2.29
N VAL B 649 77.23 39.62 -2.27
CA VAL B 649 76.85 40.25 -3.54
C VAL B 649 78.09 40.54 -4.37
N GLN B 650 79.19 40.98 -3.74
CA GLN B 650 80.37 41.33 -4.50
C GLN B 650 80.94 40.12 -5.22
N TYR B 651 80.91 38.96 -4.58
CA TYR B 651 81.34 37.76 -5.31
C TYR B 651 80.31 37.36 -6.36
N ALA B 652 79.03 37.47 -6.03
CA ALA B 652 77.99 36.90 -6.89
C ALA B 652 77.84 37.67 -8.19
N TYR B 653 77.82 39.00 -8.11
CA TYR B 653 77.36 39.81 -9.22
C TYR B 653 78.48 40.14 -10.22
N PHE B 654 79.51 40.82 -9.77
CA PHE B 654 80.55 41.29 -10.68
C PHE B 654 81.41 40.10 -11.09
N LYS B 655 81.50 39.86 -12.39
CA LYS B 655 82.25 38.75 -12.95
C LYS B 655 83.47 39.30 -13.71
N LYS B 656 84.56 38.53 -13.67
CA LYS B 656 85.81 38.90 -14.34
C LYS B 656 85.83 38.18 -15.69
N VAL B 657 85.32 38.86 -16.72
CA VAL B 657 85.50 38.38 -18.08
C VAL B 657 86.95 38.58 -18.48
N LEU B 658 87.56 37.53 -19.02
CA LEU B 658 88.99 37.50 -19.30
C LEU B 658 89.24 37.63 -20.80
N GLU B 659 90.41 38.16 -21.14
CA GLU B 659 90.81 38.38 -22.53
C GLU B 659 91.94 37.46 -22.93
N VAL C 107 -21.82 53.82 -29.03
CA VAL C 107 -22.26 52.48 -29.40
C VAL C 107 -23.23 52.55 -30.57
N ARG C 108 -22.83 51.98 -31.69
CA ARG C 108 -23.63 51.90 -32.91
C ARG C 108 -23.56 50.49 -33.44
N GLY C 109 -23.78 49.52 -32.54
CA GLY C 109 -23.59 48.13 -32.91
C GLY C 109 -22.18 47.78 -33.30
N THR C 110 -21.18 48.55 -32.82
CA THR C 110 -19.78 48.31 -33.12
C THR C 110 -19.15 47.64 -31.91
N PRO C 111 -18.78 46.36 -31.95
CA PRO C 111 -18.35 45.67 -30.72
C PRO C 111 -17.08 46.27 -30.12
N VAL C 112 -17.04 46.31 -28.79
CA VAL C 112 -15.81 46.63 -28.08
C VAL C 112 -14.85 45.45 -28.20
N ARG C 113 -13.63 45.74 -28.64
CA ARG C 113 -12.68 44.69 -28.94
C ARG C 113 -11.98 44.22 -27.68
N GLN C 114 -11.57 42.95 -27.70
CA GLN C 114 -10.71 42.42 -26.65
C GLN C 114 -9.46 43.27 -26.53
N ARG C 115 -8.93 43.34 -25.32
CA ARG C 115 -7.77 44.18 -24.99
C ARG C 115 -6.74 43.29 -24.30
N PRO C 116 -6.00 42.47 -25.04
CA PRO C 116 -5.00 41.62 -24.39
C PRO C 116 -3.88 42.39 -23.71
N ASP C 117 -3.64 43.63 -24.14
CA ASP C 117 -2.55 44.40 -23.54
C ASP C 117 -2.81 44.69 -22.08
N LEU C 118 -4.06 45.03 -21.72
CA LEU C 118 -4.35 45.37 -20.34
C LEU C 118 -4.16 44.19 -19.42
N GLY C 119 -4.34 42.97 -19.94
CA GLY C 119 -4.11 41.75 -19.21
C GLY C 119 -5.41 41.00 -18.98
N SER C 120 -5.30 39.93 -18.21
CA SER C 120 -6.48 39.22 -17.74
C SER C 120 -7.33 40.16 -16.89
N ALA C 121 -8.61 40.26 -17.23
CA ALA C 121 -9.50 41.15 -16.51
C ALA C 121 -9.65 40.67 -15.07
N GLN C 122 -9.83 41.63 -14.15
CA GLN C 122 -10.13 41.33 -12.77
C GLN C 122 -11.64 41.35 -12.56
N LYS C 123 -12.06 40.99 -11.35
CA LYS C 123 -13.48 40.96 -11.03
C LYS C 123 -14.16 42.32 -11.14
N GLY C 124 -13.40 43.41 -11.04
CA GLY C 124 -14.01 44.72 -11.04
C GLY C 124 -14.84 44.97 -9.80
N LEU C 125 -14.34 44.59 -8.62
CA LEU C 125 -15.09 44.77 -7.40
C LEU C 125 -15.16 46.24 -7.04
N GLN C 126 -16.31 46.67 -6.53
CA GLN C 126 -16.57 48.04 -6.11
C GLN C 126 -16.62 48.12 -4.58
N VAL C 127 -15.94 49.10 -4.02
CA VAL C 127 -15.87 49.32 -2.58
C VAL C 127 -16.42 50.71 -2.27
N ASP C 128 -17.27 50.80 -1.26
CA ASP C 128 -17.88 52.06 -0.85
C ASP C 128 -17.01 52.70 0.21
N LEU C 129 -16.53 53.91 -0.07
CA LEU C 129 -15.64 54.63 0.84
C LEU C 129 -16.45 55.46 1.82
N VAL C 151 -15.43 53.53 -6.04
CA VAL C 151 -14.12 53.21 -6.60
C VAL C 151 -13.97 51.70 -6.69
N ILE C 152 -12.88 51.26 -7.29
CA ILE C 152 -12.55 49.85 -7.41
C ILE C 152 -11.70 49.51 -6.20
N TRP C 153 -11.79 48.25 -5.75
CA TRP C 153 -11.17 47.82 -4.51
C TRP C 153 -9.67 48.09 -4.50
N GLY C 154 -9.23 48.86 -3.53
CA GLY C 154 -7.83 49.19 -3.35
C GLY C 154 -7.29 50.25 -4.29
N THR C 155 -8.12 50.82 -5.16
CA THR C 155 -7.68 51.79 -6.17
C THR C 155 -8.76 52.85 -6.31
N ASP C 156 -8.40 54.11 -6.07
CA ASP C 156 -9.36 55.21 -6.14
C ASP C 156 -9.36 55.78 -7.54
N VAL C 157 -10.38 55.41 -8.32
CA VAL C 157 -10.54 55.86 -9.70
C VAL C 157 -11.86 56.57 -9.94
N ASN C 158 -12.97 56.05 -9.38
CA ASN C 158 -14.30 56.65 -9.54
C ASN C 158 -14.67 56.73 -11.02
N VAL C 159 -14.90 55.53 -11.60
CA VAL C 159 -15.06 55.29 -13.04
C VAL C 159 -15.91 56.35 -13.73
N ALA C 160 -17.02 56.75 -13.11
CA ALA C 160 -17.81 57.85 -13.65
C ALA C 160 -17.00 59.13 -13.67
N ALA C 161 -16.29 59.42 -12.57
CA ALA C 161 -15.50 60.64 -12.50
C ALA C 161 -14.39 60.63 -13.54
N CYS C 162 -13.73 59.47 -13.72
CA CYS C 162 -12.70 59.34 -14.74
C CYS C 162 -13.27 59.55 -16.12
N LYS C 163 -14.43 58.97 -16.42
CA LYS C 163 -15.00 59.07 -17.75
C LYS C 163 -15.38 60.51 -18.09
N GLU C 164 -16.03 61.19 -17.14
CA GLU C 164 -16.41 62.58 -17.40
C GLU C 164 -15.18 63.48 -17.48
N ASN C 165 -14.19 63.27 -16.61
CA ASN C 165 -12.97 64.06 -16.68
C ASN C 165 -12.27 63.87 -18.02
N PHE C 166 -12.32 62.65 -18.57
CA PHE C 166 -11.63 62.40 -19.81
C PHE C 166 -12.38 63.01 -20.99
N GLN C 167 -13.72 62.98 -20.96
CA GLN C 167 -14.49 63.72 -21.95
C GLN C 167 -14.15 65.21 -21.90
N ARG C 168 -14.09 65.76 -20.68
CA ARG C 168 -13.78 67.17 -20.48
C ARG C 168 -12.42 67.52 -21.08
N PHE C 169 -11.42 66.69 -20.80
CA PHE C 169 -10.11 66.90 -21.41
C PHE C 169 -10.20 66.83 -22.92
N LEU C 170 -10.95 65.86 -23.44
CA LEU C 170 -10.94 65.61 -24.87
C LEU C 170 -11.62 66.72 -25.66
N GLN C 171 -12.54 67.47 -25.06
CA GLN C 171 -13.07 68.66 -25.72
C GLN C 171 -12.26 69.92 -25.43
N ARG C 172 -11.92 70.16 -24.17
CA ARG C 172 -11.44 71.49 -23.80
C ARG C 172 -10.01 71.75 -24.26
N PHE C 173 -9.18 70.71 -24.35
CA PHE C 173 -7.74 70.90 -24.40
C PHE C 173 -7.31 71.54 -25.72
N ILE C 174 -6.72 72.73 -25.63
CA ILE C 174 -6.04 73.39 -26.72
C ILE C 174 -4.60 73.59 -26.26
N ASP C 175 -3.67 72.88 -26.89
CA ASP C 175 -2.24 72.95 -26.57
C ASP C 175 -1.72 74.38 -26.73
N PRO C 176 -1.42 75.13 -25.64
CA PRO C 176 -1.02 76.54 -25.83
C PRO C 176 0.30 76.73 -26.55
N LEU C 177 1.36 76.08 -26.06
CA LEU C 177 2.72 76.32 -26.52
C LEU C 177 3.11 75.48 -27.73
N ALA C 178 2.15 74.77 -28.34
CA ALA C 178 2.46 73.84 -29.41
C ALA C 178 2.99 74.57 -30.64
N LYS C 179 3.37 73.79 -31.65
CA LYS C 179 3.94 74.28 -32.89
C LYS C 179 3.20 73.67 -34.08
N GLU C 180 3.03 74.49 -35.13
CA GLU C 180 2.44 73.98 -36.37
C GLU C 180 3.33 72.91 -37.00
N GLU C 181 4.65 72.98 -36.76
CA GLU C 181 5.53 71.92 -37.22
C GLU C 181 5.17 70.61 -36.55
N GLU C 182 4.90 70.64 -35.24
CA GLU C 182 4.55 69.42 -34.52
C GLU C 182 3.18 68.91 -34.98
N ASN C 183 2.16 69.73 -34.85
CA ASN C 183 0.80 69.35 -35.25
C ASN C 183 0.61 69.67 -36.72
N VAL C 184 0.54 68.64 -37.54
CA VAL C 184 0.54 68.75 -39.00
C VAL C 184 -0.85 68.45 -39.51
N GLY C 185 -1.38 69.34 -40.35
CA GLY C 185 -2.71 69.17 -40.88
C GLY C 185 -3.82 69.32 -39.86
N ILE C 186 -3.53 69.94 -38.71
CA ILE C 186 -4.47 70.08 -37.61
C ILE C 186 -4.69 71.56 -37.38
N ASP C 187 -5.95 71.99 -37.35
CA ASP C 187 -6.29 73.35 -37.00
C ASP C 187 -6.07 73.53 -35.51
N ILE C 188 -5.10 74.39 -35.15
CA ILE C 188 -4.60 74.43 -33.78
C ILE C 188 -5.65 74.99 -32.83
N THR C 189 -6.29 76.11 -33.20
CA THR C 189 -7.28 76.72 -32.32
C THR C 189 -8.49 75.81 -32.14
N GLU C 190 -8.86 75.06 -33.18
CA GLU C 190 -9.96 74.11 -33.09
C GLU C 190 -9.61 73.00 -32.10
N PRO C 191 -10.61 72.27 -31.59
CA PRO C 191 -10.33 71.26 -30.55
C PRO C 191 -9.39 70.16 -31.05
N LEU C 192 -8.24 70.06 -30.37
CA LEU C 192 -7.14 69.21 -30.80
C LEU C 192 -7.58 67.76 -30.99
N TYR C 193 -7.99 67.12 -29.91
CA TYR C 193 -8.29 65.71 -30.00
C TYR C 193 -9.58 65.45 -30.78
N MET C 194 -10.47 66.43 -30.90
CA MET C 194 -11.60 66.23 -31.78
C MET C 194 -11.17 66.23 -33.24
N GLN C 195 -10.19 67.06 -33.60
CA GLN C 195 -9.64 66.96 -34.95
C GLN C 195 -8.92 65.64 -35.15
N ARG C 196 -8.29 65.12 -34.10
CA ARG C 196 -7.75 63.76 -34.18
C ARG C 196 -8.86 62.76 -34.46
N LEU C 197 -9.99 62.91 -33.76
CA LEU C 197 -11.12 62.03 -34.01
C LEU C 197 -11.62 62.17 -35.43
N GLY C 198 -11.56 63.38 -36.00
CA GLY C 198 -11.95 63.56 -37.39
C GLY C 198 -11.02 62.84 -38.33
N GLU C 199 -9.71 62.91 -38.07
CA GLU C 199 -8.75 62.12 -38.83
C GLU C 199 -9.07 60.63 -38.70
N ILE C 200 -9.47 60.20 -37.50
CA ILE C 200 -9.85 58.81 -37.29
C ILE C 200 -11.05 58.46 -38.18
N ASN C 201 -12.04 59.34 -38.23
CA ASN C 201 -13.24 59.05 -39.01
C ASN C 201 -12.93 58.94 -40.50
N VAL C 202 -12.14 59.88 -41.02
CA VAL C 202 -11.88 59.86 -42.46
C VAL C 202 -11.00 58.67 -42.82
N ILE C 203 -9.99 58.37 -41.99
CA ILE C 203 -9.05 57.30 -42.34
C ILE C 203 -9.69 55.94 -42.11
N GLY C 204 -10.04 55.64 -40.86
CA GLY C 204 -10.66 54.38 -40.52
C GLY C 204 -9.75 53.48 -39.71
N GLU C 205 -8.84 54.08 -38.94
CA GLU C 205 -7.98 53.35 -38.01
C GLU C 205 -8.43 53.66 -36.59
N PRO C 206 -8.99 52.68 -35.81
CA PRO C 206 -9.61 53.01 -34.52
C PRO C 206 -8.62 53.14 -33.36
N PHE C 207 -7.55 53.89 -33.58
CA PHE C 207 -6.51 54.12 -32.58
C PHE C 207 -6.37 55.62 -32.36
N LEU C 208 -6.39 56.04 -31.10
CA LEU C 208 -6.26 57.45 -30.75
C LEU C 208 -5.06 57.58 -29.82
N ASN C 209 -4.00 58.22 -30.33
CA ASN C 209 -2.73 58.29 -29.62
C ASN C 209 -2.75 59.51 -28.71
N VAL C 210 -3.06 59.31 -27.44
CA VAL C 210 -3.19 60.40 -26.48
C VAL C 210 -1.86 60.59 -25.76
N ASN C 211 -1.55 61.83 -25.39
CA ASN C 211 -0.27 62.19 -24.79
C ASN C 211 -0.43 62.38 -23.30
N CYS C 212 0.35 61.63 -22.53
CA CYS C 212 0.32 61.77 -21.09
C CYS C 212 0.80 63.13 -20.62
N GLU C 213 1.61 63.84 -21.41
CA GLU C 213 1.98 65.19 -21.01
C GLU C 213 0.84 66.17 -21.24
N HIS C 214 0.05 65.99 -22.30
CA HIS C 214 -1.18 66.77 -22.45
C HIS C 214 -2.10 66.54 -21.26
N ILE C 215 -2.28 65.27 -20.88
CA ILE C 215 -3.14 64.96 -19.75
C ILE C 215 -2.61 65.60 -18.48
N LYS C 216 -1.29 65.54 -18.29
CA LYS C 216 -0.68 66.13 -17.10
C LYS C 216 -0.88 67.64 -17.08
N SER C 217 -0.71 68.31 -18.24
CA SER C 217 -0.87 69.75 -18.28
C SER C 217 -2.31 70.14 -17.98
N PHE C 218 -3.27 69.41 -18.52
CA PHE C 218 -4.67 69.78 -18.31
C PHE C 218 -5.10 69.53 -16.87
N ASP C 219 -4.79 68.35 -16.32
CA ASP C 219 -5.15 68.05 -14.94
C ASP C 219 -4.21 67.01 -14.37
N LYS C 220 -3.88 67.15 -13.10
CA LYS C 220 -2.89 66.27 -12.48
C LYS C 220 -3.49 64.98 -11.95
N ASN C 221 -4.64 65.05 -11.28
CA ASN C 221 -5.20 63.85 -10.66
C ASN C 221 -5.59 62.81 -11.70
N LEU C 222 -6.11 63.25 -12.85
CA LEU C 222 -6.40 62.30 -13.92
C LEU C 222 -5.12 61.61 -14.39
N TYR C 223 -4.03 62.36 -14.49
CA TYR C 223 -2.76 61.77 -14.89
C TYR C 223 -2.27 60.78 -13.85
N ARG C 224 -2.43 61.10 -12.56
CA ARG C 224 -2.08 60.15 -11.50
C ARG C 224 -2.92 58.88 -11.62
N GLN C 225 -4.21 59.02 -11.92
CA GLN C 225 -5.06 57.85 -12.12
C GLN C 225 -4.52 57.01 -13.26
N LEU C 226 -4.16 57.66 -14.36
CA LEU C 226 -3.66 56.92 -15.52
C LEU C 226 -2.34 56.22 -15.21
N ILE C 227 -1.41 56.91 -14.54
CA ILE C 227 -0.11 56.31 -14.30
C ILE C 227 -0.22 55.20 -13.28
N SER C 228 -1.04 55.36 -12.24
CA SER C 228 -1.03 54.45 -11.12
C SER C 228 -1.92 53.25 -11.33
N TYR C 229 -3.04 53.40 -12.03
CA TYR C 229 -3.99 52.29 -12.25
C TYR C 229 -4.41 52.24 -13.71
N PRO C 230 -3.48 51.98 -14.64
CA PRO C 230 -3.87 51.89 -16.06
C PRO C 230 -4.85 50.78 -16.36
N GLN C 231 -4.77 49.66 -15.63
CA GLN C 231 -5.44 48.43 -16.02
C GLN C 231 -6.95 48.62 -16.16
N GLU C 232 -7.53 49.51 -15.35
CA GLU C 232 -8.92 49.90 -15.46
C GLU C 232 -9.10 51.27 -16.10
N VAL C 233 -8.14 52.17 -15.92
CA VAL C 233 -8.31 53.53 -16.42
C VAL C 233 -8.37 53.55 -17.94
N ILE C 234 -7.78 52.58 -18.62
CA ILE C 234 -7.83 52.58 -20.08
C ILE C 234 -9.25 52.31 -20.58
N PRO C 235 -9.93 51.22 -20.19
CA PRO C 235 -11.29 51.01 -20.73
C PRO C 235 -12.26 52.12 -20.38
N THR C 236 -12.07 52.82 -19.25
CA THR C 236 -12.88 54.02 -19.01
C THR C 236 -12.62 55.06 -20.07
N PHE C 237 -11.35 55.27 -20.44
CA PHE C 237 -11.03 56.22 -21.50
C PHE C 237 -11.62 55.77 -22.82
N ASP C 238 -11.59 54.48 -23.12
CA ASP C 238 -12.18 54.01 -24.37
C ASP C 238 -13.68 54.20 -24.39
N MET C 239 -14.33 53.97 -23.24
CA MET C 239 -15.76 54.25 -23.13
C MET C 239 -16.05 55.73 -23.38
N ALA C 240 -15.27 56.60 -22.74
CA ALA C 240 -15.43 58.04 -22.92
C ALA C 240 -15.24 58.44 -24.37
N VAL C 241 -14.18 57.92 -25.00
CA VAL C 241 -13.88 58.33 -26.37
C VAL C 241 -14.94 57.81 -27.31
N ASN C 242 -15.46 56.61 -27.08
CA ASN C 242 -16.54 56.13 -27.93
C ASN C 242 -17.80 56.97 -27.74
N GLU C 243 -18.06 57.39 -26.51
CA GLU C 243 -19.19 58.28 -26.23
C GLU C 243 -19.07 59.56 -27.04
N ILE C 244 -17.90 60.19 -26.99
CA ILE C 244 -17.70 61.41 -27.77
C ILE C 244 -17.75 61.10 -29.25
N PHE C 245 -17.23 59.93 -29.65
CA PHE C 245 -17.11 59.61 -31.06
C PHE C 245 -18.47 59.47 -31.73
N PHE C 246 -19.41 58.80 -31.06
CA PHE C 246 -20.76 58.68 -31.58
C PHE C 246 -21.69 59.77 -31.04
N ASP C 247 -21.19 60.70 -30.24
CA ASP C 247 -21.84 62.01 -30.12
C ASP C 247 -21.62 62.83 -31.38
N ARG C 248 -20.37 62.86 -31.86
CA ARG C 248 -20.12 63.18 -33.26
C ARG C 248 -20.47 61.96 -34.11
N TYR C 249 -20.27 62.08 -35.44
CA TYR C 249 -20.21 60.99 -36.42
C TYR C 249 -21.03 59.74 -36.13
N PRO C 250 -22.38 59.81 -36.08
CA PRO C 250 -23.15 58.58 -35.79
C PRO C 250 -23.43 57.73 -37.02
N ASP C 251 -22.72 57.94 -38.13
CA ASP C 251 -22.90 57.18 -39.36
C ASP C 251 -21.64 56.55 -39.91
N SER C 252 -20.46 56.88 -39.37
CA SER C 252 -19.22 56.28 -39.85
C SER C 252 -19.22 54.78 -39.59
N ILE C 253 -18.27 54.09 -40.22
CA ILE C 253 -18.08 52.65 -40.09
C ILE C 253 -16.68 52.40 -39.57
N LEU C 254 -16.58 51.60 -38.52
CA LEU C 254 -15.31 51.22 -37.92
C LEU C 254 -15.28 49.71 -37.70
N GLU C 255 -14.08 49.15 -37.82
CA GLU C 255 -13.95 47.71 -37.67
C GLU C 255 -14.08 47.27 -36.21
N HIS C 256 -13.89 48.19 -35.27
CA HIS C 256 -14.19 47.95 -33.85
C HIS C 256 -14.10 49.30 -33.15
N GLN C 257 -14.43 49.29 -31.86
CA GLN C 257 -14.50 50.53 -31.09
C GLN C 257 -13.11 51.15 -31.00
N ILE C 258 -13.09 52.40 -30.54
CA ILE C 258 -11.85 53.18 -30.51
C ILE C 258 -11.03 52.73 -29.32
N GLN C 259 -9.71 52.65 -29.52
CA GLN C 259 -8.75 52.29 -28.49
C GLN C 259 -7.82 53.46 -28.26
N VAL C 260 -7.84 54.00 -27.06
CA VAL C 260 -6.88 55.01 -26.68
C VAL C 260 -5.53 54.33 -26.48
N ARG C 261 -4.46 55.10 -26.68
CA ARG C 261 -3.09 54.62 -26.44
C ARG C 261 -2.33 55.78 -25.82
N PRO C 262 -2.11 55.78 -24.50
CA PRO C 262 -1.31 56.85 -23.89
C PRO C 262 0.16 56.71 -24.27
N PHE C 263 0.89 57.82 -24.16
CA PHE C 263 2.32 57.76 -24.41
C PHE C 263 2.98 58.99 -23.82
N ASN C 264 4.30 59.03 -23.95
CA ASN C 264 5.12 60.12 -23.42
C ASN C 264 4.87 60.31 -21.93
N ALA C 265 4.90 59.23 -21.18
CA ALA C 265 4.80 59.33 -19.74
C ALA C 265 6.04 60.05 -19.18
N LEU C 266 6.07 60.22 -17.87
CA LEU C 266 7.30 60.71 -17.27
C LEU C 266 8.40 59.70 -17.54
N LYS C 267 9.37 60.09 -18.35
CA LYS C 267 10.43 59.21 -18.84
C LYS C 267 11.16 58.54 -17.69
N THR C 268 11.03 57.23 -17.58
CA THR C 268 11.76 56.46 -16.59
C THR C 268 13.22 56.39 -17.02
N LYS C 269 14.07 57.15 -16.33
CA LYS C 269 15.44 57.35 -16.82
C LYS C 269 16.21 56.04 -16.85
N ASN C 270 16.18 55.30 -15.76
CA ASN C 270 16.95 54.08 -15.58
C ASN C 270 16.02 52.99 -15.08
N MET C 271 15.69 52.04 -15.93
CA MET C 271 14.71 51.02 -15.57
C MET C 271 15.20 50.14 -14.44
N ARG C 272 16.50 50.06 -14.19
CA ARG C 272 16.97 49.31 -13.04
C ARG C 272 16.52 49.95 -11.74
N ASN C 273 16.17 51.23 -11.76
CA ASN C 273 15.64 51.91 -10.58
C ASN C 273 14.16 51.65 -10.36
N LEU C 274 13.51 50.83 -11.18
CA LEU C 274 12.09 50.54 -10.99
C LEU C 274 11.93 49.60 -9.82
N ASN C 275 11.40 50.13 -8.73
CA ASN C 275 11.12 49.36 -7.54
C ASN C 275 9.93 48.44 -7.83
N PRO C 276 9.60 47.52 -6.93
CA PRO C 276 8.32 46.81 -7.05
C PRO C 276 7.12 47.63 -6.65
N GLU C 277 7.33 48.81 -6.03
CA GLU C 277 6.23 49.74 -5.82
C GLU C 277 5.71 50.32 -7.12
N ASP C 278 6.41 50.13 -8.24
CA ASP C 278 5.97 50.57 -9.56
C ASP C 278 5.50 49.41 -10.44
N ILE C 279 5.02 48.33 -9.84
CA ILE C 279 4.57 47.17 -10.61
C ILE C 279 3.16 47.43 -11.10
N ASP C 280 2.89 47.03 -12.34
CA ASP C 280 1.59 47.21 -13.00
C ASP C 280 1.21 48.68 -13.12
N GLN C 281 2.20 49.58 -13.15
CA GLN C 281 2.00 50.97 -13.51
C GLN C 281 2.26 51.13 -15.01
N LEU C 282 2.22 52.37 -15.50
CA LEU C 282 2.52 52.71 -16.88
C LEU C 282 3.88 53.39 -16.92
N ILE C 283 4.74 52.95 -17.85
CA ILE C 283 6.09 53.47 -17.97
C ILE C 283 6.41 53.73 -19.43
N THR C 284 7.37 54.63 -19.63
CA THR C 284 7.95 54.89 -20.94
C THR C 284 9.45 54.67 -20.84
N ILE C 285 9.99 53.89 -21.77
CA ILE C 285 11.42 53.64 -21.86
C ILE C 285 11.86 53.90 -23.28
N SER C 286 13.16 54.14 -23.44
CA SER C 286 13.79 54.30 -24.74
C SER C 286 14.86 53.23 -24.89
N GLY C 287 14.86 52.56 -26.04
CA GLY C 287 15.84 51.52 -26.24
C GLY C 287 16.04 51.21 -27.70
N MET C 288 16.71 50.09 -27.94
CA MET C 288 17.05 49.63 -29.27
C MET C 288 16.51 48.21 -29.43
N VAL C 289 15.67 48.00 -30.43
CA VAL C 289 15.05 46.68 -30.64
C VAL C 289 16.12 45.74 -31.17
N ILE C 290 16.40 44.69 -30.41
CA ILE C 290 17.46 43.73 -30.75
C ILE C 290 16.85 42.47 -31.35
N ARG C 291 15.67 42.07 -30.88
CA ARG C 291 15.03 40.86 -31.39
C ARG C 291 13.52 41.00 -31.37
N THR C 292 12.87 40.32 -32.29
CA THR C 292 11.42 40.18 -32.30
C THR C 292 11.09 38.74 -32.62
N SER C 293 10.28 38.11 -31.79
CA SER C 293 9.95 36.71 -31.95
C SER C 293 8.97 36.51 -33.11
N GLN C 294 8.73 35.25 -33.43
CA GLN C 294 7.65 34.89 -34.32
C GLN C 294 6.32 35.15 -33.61
N LEU C 295 5.24 35.14 -34.38
CA LEU C 295 3.90 35.34 -33.80
C LEU C 295 3.54 34.22 -32.83
N ILE C 296 3.05 34.61 -31.66
CA ILE C 296 2.56 33.71 -30.63
C ILE C 296 1.03 33.86 -30.59
N PRO C 297 0.24 32.84 -30.93
CA PRO C 297 -1.20 32.97 -30.74
C PRO C 297 -1.59 33.10 -29.27
N GLU C 298 -2.83 33.51 -29.08
CA GLU C 298 -3.41 33.73 -27.76
C GLU C 298 -4.89 33.41 -27.88
N MET C 299 -5.30 32.29 -27.28
CA MET C 299 -6.70 31.87 -27.26
C MET C 299 -7.57 33.01 -26.81
N GLN C 300 -8.74 33.15 -27.44
CA GLN C 300 -9.71 34.16 -27.04
C GLN C 300 -11.12 33.62 -26.87
N GLU C 301 -11.57 32.71 -27.73
CA GLU C 301 -12.94 32.18 -27.67
C GLU C 301 -12.82 30.67 -27.88
N ALA C 302 -12.64 29.95 -26.78
CA ALA C 302 -12.58 28.50 -26.84
C ALA C 302 -13.87 27.95 -27.42
N PHE C 303 -13.78 27.37 -28.60
CA PHE C 303 -14.92 26.86 -29.34
C PHE C 303 -15.00 25.37 -29.08
N PHE C 304 -16.00 24.96 -28.30
CA PHE C 304 -16.17 23.56 -27.91
C PHE C 304 -17.23 22.91 -28.77
N GLN C 305 -17.04 21.63 -29.03
CA GLN C 305 -18.00 20.82 -29.76
C GLN C 305 -18.19 19.51 -29.02
N CYS C 306 -19.45 19.14 -28.80
CA CYS C 306 -19.76 17.82 -28.27
C CYS C 306 -19.34 16.77 -29.27
N GLN C 307 -18.87 15.63 -28.77
CA GLN C 307 -18.54 14.48 -29.62
C GLN C 307 -19.68 13.47 -29.70
N VAL C 308 -20.83 13.74 -29.06
CA VAL C 308 -22.01 12.89 -29.16
C VAL C 308 -22.97 13.52 -30.14
N CYS C 309 -23.44 14.72 -29.84
CA CYS C 309 -24.46 15.41 -30.61
C CYS C 309 -23.95 16.57 -31.42
N ALA C 310 -22.65 16.88 -31.37
CA ALA C 310 -22.04 17.94 -32.18
C ALA C 310 -22.59 19.33 -31.86
N HIS C 311 -23.25 19.50 -30.72
CA HIS C 311 -23.63 20.84 -30.29
C HIS C 311 -22.37 21.65 -30.04
N THR C 312 -22.43 22.95 -30.35
CA THR C 312 -21.29 23.83 -30.28
C THR C 312 -21.51 24.92 -29.24
N THR C 313 -20.42 25.45 -28.70
CA THR C 313 -20.50 26.58 -27.80
C THR C 313 -19.18 27.33 -27.83
N ARG C 314 -19.20 28.52 -27.26
CA ARG C 314 -18.04 29.41 -27.23
C ARG C 314 -17.89 29.96 -25.83
N VAL C 315 -16.69 29.86 -25.27
CA VAL C 315 -16.35 30.44 -23.99
C VAL C 315 -15.26 31.47 -24.21
N GLU C 316 -15.58 32.73 -23.94
CA GLU C 316 -14.56 33.77 -23.98
C GLU C 316 -13.52 33.51 -22.90
N MET C 317 -12.31 34.02 -23.12
CA MET C 317 -11.26 33.91 -22.12
C MET C 317 -11.71 34.62 -20.86
N ASP C 318 -12.03 33.85 -19.83
CA ASP C 318 -12.66 34.42 -18.65
C ASP C 318 -11.73 35.39 -17.94
N ARG C 319 -10.66 34.89 -17.33
CA ARG C 319 -9.69 35.70 -16.62
C ARG C 319 -8.31 35.14 -16.87
N GLY C 320 -8.03 34.82 -18.13
CA GLY C 320 -6.87 34.05 -18.51
C GLY C 320 -7.11 32.56 -18.55
N ARG C 321 -8.28 32.08 -18.16
CA ARG C 321 -8.61 30.67 -18.15
C ARG C 321 -9.82 30.41 -19.01
N ILE C 322 -9.92 29.18 -19.48
CA ILE C 322 -11.03 28.71 -20.30
C ILE C 322 -11.81 27.75 -19.44
N ALA C 323 -12.92 28.21 -18.88
CA ALA C 323 -13.77 27.32 -18.10
C ALA C 323 -14.49 26.38 -19.06
N GLU C 324 -13.93 25.19 -19.28
CA GLU C 324 -14.51 24.27 -20.24
C GLU C 324 -15.90 23.85 -19.79
N PRO C 325 -16.85 23.64 -20.70
CA PRO C 325 -18.25 23.51 -20.28
C PRO C 325 -18.54 22.28 -19.45
N SER C 326 -17.83 21.17 -19.68
CA SER C 326 -17.94 19.97 -18.85
C SER C 326 -19.24 19.20 -18.99
N VAL C 327 -20.21 19.70 -19.74
CA VAL C 327 -21.48 19.01 -19.93
C VAL C 327 -22.16 19.64 -21.13
N CYS C 328 -22.64 18.81 -22.04
CA CYS C 328 -23.33 19.35 -23.21
C CYS C 328 -24.63 20.01 -22.79
N GLY C 329 -25.02 21.03 -23.53
CA GLY C 329 -26.24 21.76 -23.29
C GLY C 329 -27.44 21.27 -24.07
N ARG C 330 -27.32 20.17 -24.81
CA ARG C 330 -28.38 19.66 -25.67
C ARG C 330 -28.65 18.18 -25.46
N CYS C 331 -27.62 17.37 -25.20
CA CYS C 331 -27.77 15.98 -24.81
C CYS C 331 -27.41 15.72 -23.36
N HIS C 332 -26.80 16.68 -22.67
CA HIS C 332 -26.53 16.64 -21.23
C HIS C 332 -25.51 15.58 -20.83
N THR C 333 -24.79 14.98 -21.77
CA THR C 333 -23.72 14.08 -21.41
C THR C 333 -22.57 14.86 -20.78
N THR C 334 -21.95 14.28 -19.77
CA THR C 334 -20.89 14.94 -19.03
C THR C 334 -19.55 14.70 -19.73
N HIS C 335 -18.75 15.76 -19.85
CA HIS C 335 -17.41 15.71 -20.42
C HIS C 335 -17.42 15.12 -21.82
N SER C 336 -18.43 15.50 -22.61
CA SER C 336 -18.47 15.19 -24.02
C SER C 336 -17.96 16.32 -24.90
N MET C 337 -17.66 17.49 -24.33
CA MET C 337 -17.35 18.70 -25.08
C MET C 337 -15.83 18.81 -25.22
N ALA C 338 -15.34 18.72 -26.44
CA ALA C 338 -13.92 18.83 -26.75
C ALA C 338 -13.63 20.20 -27.31
N LEU C 339 -12.51 20.79 -26.87
CA LEU C 339 -12.05 22.05 -27.43
C LEU C 339 -11.57 21.81 -28.85
N ILE C 340 -12.07 22.62 -29.80
CA ILE C 340 -11.61 22.60 -31.18
C ILE C 340 -10.74 23.83 -31.36
N HIS C 341 -9.46 23.61 -31.66
CA HIS C 341 -8.48 24.70 -31.54
C HIS C 341 -8.68 25.72 -32.65
N ASN C 342 -8.56 25.28 -33.90
CA ASN C 342 -8.53 26.19 -35.04
C ASN C 342 -9.92 26.54 -35.54
N ARG C 343 -10.95 26.37 -34.70
CA ARG C 343 -12.20 27.11 -34.83
C ARG C 343 -12.35 28.18 -33.77
N SER C 344 -11.50 28.20 -32.75
CA SER C 344 -11.47 29.28 -31.78
C SER C 344 -10.74 30.48 -32.35
N LEU C 345 -11.29 31.66 -32.14
CA LEU C 345 -10.61 32.87 -32.57
C LEU C 345 -9.42 33.15 -31.67
N PHE C 346 -8.35 33.70 -32.25
CA PHE C 346 -7.12 34.00 -31.56
C PHE C 346 -6.76 35.46 -31.75
N SER C 347 -5.70 35.88 -31.06
CA SER C 347 -5.09 37.20 -31.23
C SER C 347 -3.62 37.01 -31.55
N ASP C 348 -2.85 38.09 -31.54
CA ASP C 348 -1.41 38.05 -31.76
C ASP C 348 -0.67 38.41 -30.48
N LYS C 349 0.62 38.11 -30.49
CA LYS C 349 1.52 38.45 -29.40
C LYS C 349 2.91 38.18 -29.90
N GLN C 350 3.84 39.10 -29.62
CA GLN C 350 5.21 38.99 -30.08
C GLN C 350 6.13 39.47 -28.99
N MET C 351 7.16 38.68 -28.70
CA MET C 351 8.15 39.02 -27.69
C MET C 351 9.23 39.89 -28.32
N ILE C 352 9.35 41.12 -27.83
CA ILE C 352 10.32 42.08 -28.32
C ILE C 352 11.42 42.16 -27.28
N LYS C 353 12.64 41.79 -27.67
CA LYS C 353 13.81 41.85 -26.80
C LYS C 353 14.55 43.14 -27.11
N LEU C 354 14.53 44.04 -26.15
CA LEU C 354 15.05 45.39 -26.21
C LEU C 354 16.11 45.58 -25.13
N GLN C 355 17.13 46.40 -25.42
CA GLN C 355 18.14 46.77 -24.45
C GLN C 355 17.98 48.25 -24.13
N GLU C 356 17.88 48.56 -22.85
CA GLU C 356 17.64 49.93 -22.45
C GLU C 356 18.85 50.79 -22.75
N SER C 357 18.60 51.93 -23.35
CA SER C 357 19.60 52.95 -23.63
C SER C 357 19.27 54.17 -22.78
N PRO C 358 19.48 54.11 -21.46
CA PRO C 358 19.03 55.20 -20.60
C PRO C 358 19.80 56.47 -20.83
N GLU C 359 19.35 57.54 -20.17
CA GLU C 359 20.06 58.81 -20.12
C GLU C 359 20.63 59.09 -18.72
N ASP C 360 20.71 58.08 -17.87
CA ASP C 360 21.36 58.23 -16.57
C ASP C 360 21.88 56.85 -16.17
N MET C 361 23.17 56.61 -16.42
CA MET C 361 23.80 55.33 -16.15
C MET C 361 24.60 55.45 -14.87
N PRO C 362 24.31 54.67 -13.80
CA PRO C 362 25.12 54.81 -12.58
C PRO C 362 26.50 54.22 -12.74
N ALA C 363 27.29 54.25 -11.67
CA ALA C 363 28.68 53.80 -11.75
C ALA C 363 28.75 52.29 -11.91
N GLY C 364 29.46 51.84 -12.93
CA GLY C 364 29.79 50.43 -13.08
C GLY C 364 28.62 49.49 -13.21
N GLN C 365 27.59 49.91 -13.95
CA GLN C 365 26.41 49.10 -14.21
C GLN C 365 26.41 48.70 -15.66
N THR C 366 26.43 47.40 -15.91
CA THR C 366 26.41 46.94 -17.27
C THR C 366 25.05 47.24 -17.90
N PRO C 367 24.97 47.33 -19.24
CA PRO C 367 23.65 47.48 -19.86
C PRO C 367 22.81 46.23 -19.71
N HIS C 368 21.56 46.29 -20.15
CA HIS C 368 20.54 45.39 -19.62
C HIS C 368 19.43 45.20 -20.64
N THR C 369 19.31 43.98 -21.14
CA THR C 369 18.19 43.63 -22.00
C THR C 369 16.89 43.70 -21.21
N VAL C 370 15.77 43.69 -21.93
CA VAL C 370 14.46 43.67 -21.31
C VAL C 370 13.48 43.06 -22.31
N ILE C 371 12.37 42.55 -21.80
CA ILE C 371 11.40 41.80 -22.60
C ILE C 371 10.13 42.64 -22.74
N LEU C 372 9.65 42.76 -23.96
CA LEU C 372 8.43 43.46 -24.29
C LEU C 372 7.47 42.50 -24.98
N PHE C 373 6.18 42.68 -24.74
CA PHE C 373 5.12 41.92 -25.40
C PHE C 373 4.20 42.89 -26.11
N ALA C 374 4.10 42.76 -27.43
CA ALA C 374 3.27 43.63 -28.26
C ALA C 374 2.11 42.83 -28.82
N HIS C 375 0.90 43.36 -28.72
CA HIS C 375 -0.34 42.63 -28.96
C HIS C 375 -1.11 43.16 -30.15
N ASN C 376 -1.68 42.25 -30.93
CA ASN C 376 -2.60 42.54 -32.04
C ASN C 376 -1.91 43.46 -33.02
N ASP C 377 -2.43 44.66 -33.31
CA ASP C 377 -1.93 45.43 -34.43
C ASP C 377 -0.51 45.96 -34.21
N LEU C 378 -0.03 45.97 -32.97
CA LEU C 378 1.34 46.40 -32.70
C LEU C 378 2.39 45.38 -33.13
N VAL C 379 2.00 44.17 -33.55
CA VAL C 379 2.98 43.17 -33.93
C VAL C 379 3.71 43.60 -35.19
N ASP C 380 5.02 43.38 -35.21
CA ASP C 380 5.90 43.54 -36.36
C ASP C 380 6.01 44.99 -36.83
N LYS C 381 5.55 45.96 -36.06
CA LYS C 381 5.70 47.37 -36.42
C LYS C 381 7.02 47.97 -35.96
N VAL C 382 7.88 47.19 -35.31
CA VAL C 382 9.25 47.59 -35.01
C VAL C 382 10.16 46.44 -35.40
N GLN C 383 11.20 46.75 -36.17
CA GLN C 383 12.15 45.78 -36.67
C GLN C 383 13.47 45.93 -35.94
N PRO C 384 14.34 44.91 -35.94
CA PRO C 384 15.57 45.00 -35.14
C PRO C 384 16.48 46.12 -35.61
N GLY C 385 17.15 46.76 -34.65
CA GLY C 385 17.95 47.92 -34.91
C GLY C 385 17.22 49.23 -34.79
N ASP C 386 15.89 49.21 -34.75
CA ASP C 386 15.10 50.43 -34.62
C ASP C 386 15.16 50.93 -33.19
N ARG C 387 15.65 52.15 -33.00
CA ARG C 387 15.57 52.79 -31.69
C ARG C 387 14.17 53.33 -31.50
N VAL C 388 13.52 52.92 -30.41
CA VAL C 388 12.12 53.27 -30.15
C VAL C 388 11.99 53.84 -28.75
N ASN C 389 10.92 54.61 -28.57
CA ASN C 389 10.37 54.93 -27.26
C ASN C 389 9.11 54.10 -27.11
N VAL C 390 9.17 53.10 -26.24
CA VAL C 390 8.06 52.19 -26.00
C VAL C 390 7.38 52.60 -24.71
N THR C 391 6.05 52.78 -24.78
CA THR C 391 5.22 53.08 -23.63
C THR C 391 4.34 51.88 -23.36
N GLY C 392 4.36 51.41 -22.13
CA GLY C 392 3.75 50.14 -21.81
C GLY C 392 3.54 49.98 -20.34
N ILE C 393 2.69 49.03 -19.98
CA ILE C 393 2.41 48.71 -18.60
C ILE C 393 3.46 47.72 -18.12
N TYR C 394 4.05 48.02 -16.97
CA TYR C 394 5.01 47.12 -16.36
C TYR C 394 4.29 45.87 -15.91
N ARG C 395 5.02 44.75 -15.86
CA ARG C 395 4.46 43.49 -15.37
C ARG C 395 5.53 42.73 -14.63
N ALA C 396 5.13 42.05 -13.56
CA ALA C 396 5.94 41.03 -12.91
C ALA C 396 5.16 39.73 -12.93
N VAL C 397 5.80 38.65 -13.35
CA VAL C 397 5.16 37.35 -13.56
C VAL C 397 5.94 36.27 -12.81
N PRO C 398 5.31 35.24 -12.26
CA PRO C 398 6.08 34.11 -11.72
C PRO C 398 6.74 33.32 -12.84
N ILE C 399 7.70 32.49 -12.44
CA ILE C 399 8.42 31.62 -13.35
C ILE C 399 8.42 30.21 -12.77
N ARG C 400 7.92 29.25 -13.54
CA ARG C 400 7.85 27.88 -13.04
C ARG C 400 9.24 27.30 -12.91
N VAL C 401 9.47 26.56 -11.81
CA VAL C 401 10.83 26.13 -11.45
C VAL C 401 11.38 25.20 -12.51
N ASN C 402 10.59 24.22 -12.92
CA ASN C 402 10.84 23.40 -14.08
C ASN C 402 9.85 23.79 -15.17
N PRO C 403 10.05 23.31 -16.40
CA PRO C 403 9.01 23.51 -17.41
C PRO C 403 7.69 22.85 -17.05
N ARG C 404 7.71 21.71 -16.36
CA ARG C 404 6.53 20.88 -16.16
C ARG C 404 5.89 21.06 -14.80
N VAL C 405 6.68 21.22 -13.74
CA VAL C 405 6.08 21.41 -12.42
C VAL C 405 5.41 22.79 -12.36
N SER C 406 4.54 22.95 -11.38
CA SER C 406 3.77 24.18 -11.20
C SER C 406 4.28 25.03 -10.05
N ASN C 407 5.29 24.59 -9.30
CA ASN C 407 5.90 25.48 -8.33
C ASN C 407 6.54 26.64 -9.07
N VAL C 408 6.60 27.79 -8.41
CA VAL C 408 7.14 29.01 -8.99
C VAL C 408 8.06 29.67 -7.99
N LYS C 409 9.20 30.16 -8.47
CA LYS C 409 10.16 30.81 -7.59
C LYS C 409 9.56 32.06 -6.98
N SER C 410 9.88 32.30 -5.71
CA SER C 410 9.39 33.48 -5.04
C SER C 410 9.93 34.75 -5.67
N VAL C 411 11.10 34.69 -6.29
CA VAL C 411 11.61 35.82 -7.07
C VAL C 411 10.85 35.90 -8.38
N TYR C 412 10.47 37.11 -8.76
CA TYR C 412 9.63 37.37 -9.93
C TYR C 412 10.44 38.05 -11.01
N LYS C 413 10.44 37.48 -12.21
CA LYS C 413 10.94 38.20 -13.37
C LYS C 413 9.88 39.16 -13.86
N THR C 414 10.34 40.21 -14.54
CA THR C 414 9.48 41.28 -15.02
C THR C 414 9.64 41.47 -16.51
N HIS C 415 8.73 42.25 -17.07
CA HIS C 415 8.72 42.57 -18.50
C HIS C 415 7.73 43.73 -18.68
N ILE C 416 7.45 44.08 -19.94
CA ILE C 416 6.54 45.17 -20.26
C ILE C 416 5.53 44.66 -21.28
N ASP C 417 4.27 45.05 -21.11
CA ASP C 417 3.26 44.96 -22.15
C ASP C 417 3.17 46.31 -22.83
N VAL C 418 3.18 46.32 -24.16
CA VAL C 418 3.48 47.53 -24.94
C VAL C 418 2.18 48.07 -25.53
N ILE C 419 1.85 49.32 -25.19
CA ILE C 419 0.71 50.02 -25.78
C ILE C 419 1.14 50.83 -26.99
N HIS C 420 2.19 51.66 -26.89
CA HIS C 420 2.55 52.57 -27.97
C HIS C 420 4.02 52.48 -28.34
N TYR C 421 4.28 52.31 -29.64
CA TYR C 421 5.57 52.56 -30.24
C TYR C 421 5.65 54.01 -30.67
N ARG C 422 6.78 54.67 -30.39
CA ARG C 422 7.04 56.02 -30.87
C ARG C 422 8.46 56.08 -31.42
N LYS C 423 8.58 56.26 -32.73
CA LYS C 423 9.86 56.27 -33.42
C LYS C 423 10.28 57.70 -33.80
N THR C 424 10.01 58.65 -32.91
CA THR C 424 10.33 60.06 -33.12
C THR C 424 11.25 60.54 -32.01
N ASP C 425 12.35 61.18 -32.39
CA ASP C 425 13.33 61.71 -31.47
C ASP C 425 14.05 62.87 -32.12
N ALA C 426 14.23 63.94 -31.34
CA ALA C 426 14.79 65.16 -31.90
C ALA C 426 16.24 64.98 -32.34
N LYS C 427 17.01 64.14 -31.65
CA LYS C 427 18.45 64.02 -31.88
C LYS C 427 18.80 63.04 -33.00
N ARG C 428 17.82 62.52 -33.72
CA ARG C 428 18.06 61.55 -34.77
C ARG C 428 17.18 61.85 -35.98
N LEU C 429 17.65 61.40 -37.13
CA LEU C 429 16.96 61.66 -38.39
C LEU C 429 15.70 60.80 -38.49
N HIS C 430 14.86 61.14 -39.46
CA HIS C 430 13.62 60.41 -39.64
C HIS C 430 13.90 59.01 -40.15
N GLY C 431 13.31 58.03 -39.49
CA GLY C 431 13.46 56.66 -39.89
C GLY C 431 12.79 56.39 -41.23
N LEU C 432 12.92 55.15 -41.67
CA LEU C 432 12.39 54.79 -42.98
C LEU C 432 10.87 54.81 -43.00
N ASP C 433 10.23 54.51 -41.87
CA ASP C 433 8.77 54.60 -41.81
C ASP C 433 8.30 56.03 -42.01
N GLU C 434 8.97 56.99 -41.37
CA GLU C 434 8.58 58.38 -41.51
C GLU C 434 8.93 58.91 -42.89
N GLU C 435 10.00 58.37 -43.51
CA GLU C 435 10.23 58.65 -44.92
C GLU C 435 9.05 58.20 -45.75
N ALA C 436 8.58 56.97 -45.52
CA ALA C 436 7.54 56.40 -46.37
C ALA C 436 6.21 57.12 -46.18
N GLU C 437 5.91 57.58 -44.97
CA GLU C 437 4.64 58.25 -44.73
C GLU C 437 4.61 59.57 -45.49
N GLN C 438 3.40 59.96 -45.91
CA GLN C 438 3.21 61.14 -46.75
C GLN C 438 2.91 62.38 -45.93
N LYS C 439 1.84 62.34 -45.13
CA LYS C 439 1.43 63.51 -44.36
C LYS C 439 2.37 63.63 -43.16
N LEU C 440 3.54 64.21 -43.43
CA LEU C 440 4.58 64.43 -42.43
C LEU C 440 5.06 65.87 -42.37
N PHE C 441 4.93 66.64 -43.43
CA PHE C 441 5.36 68.03 -43.48
C PHE C 441 4.19 68.91 -43.87
N SER C 442 4.01 70.01 -43.14
CA SER C 442 3.01 70.99 -43.50
C SER C 442 3.38 71.66 -44.82
N GLU C 443 2.41 72.36 -45.39
CA GLU C 443 2.66 73.08 -46.64
C GLU C 443 3.73 74.13 -46.45
N LYS C 444 3.67 74.87 -45.36
CA LYS C 444 4.68 75.89 -45.08
C LYS C 444 6.05 75.25 -44.90
N ARG C 445 6.12 74.10 -44.25
CA ARG C 445 7.42 73.47 -44.03
C ARG C 445 8.03 72.97 -45.33
N VAL C 446 7.23 72.34 -46.19
CA VAL C 446 7.78 71.91 -47.48
C VAL C 446 8.22 73.12 -48.30
N GLU C 447 7.47 74.23 -48.23
CA GLU C 447 7.89 75.41 -48.99
C GLU C 447 9.17 76.01 -48.42
N LEU C 448 9.34 75.98 -47.10
CA LEU C 448 10.60 76.41 -46.52
C LEU C 448 11.74 75.54 -47.01
N LEU C 449 11.49 74.23 -47.13
CA LEU C 449 12.52 73.36 -47.68
C LEU C 449 12.84 73.73 -49.12
N LYS C 450 11.82 74.05 -49.91
CA LYS C 450 12.06 74.44 -51.29
C LYS C 450 12.94 75.69 -51.37
N GLU C 451 12.63 76.72 -50.58
CA GLU C 451 13.46 77.92 -50.66
C GLU C 451 14.86 77.68 -50.11
N LEU C 452 15.00 76.79 -49.12
CA LEU C 452 16.36 76.40 -48.71
C LEU C 452 17.11 75.74 -49.87
N SER C 453 16.42 74.92 -50.66
CA SER C 453 17.08 74.36 -51.84
C SER C 453 17.47 75.48 -52.81
N ARG C 454 16.65 76.54 -52.90
CA ARG C 454 16.99 77.65 -53.77
C ARG C 454 18.13 78.50 -53.21
N LYS C 455 18.47 78.36 -51.92
CA LYS C 455 19.59 79.11 -51.37
C LYS C 455 20.87 78.76 -52.14
N PRO C 456 21.82 79.70 -52.26
CA PRO C 456 22.95 79.45 -53.16
C PRO C 456 23.96 78.46 -52.63
N ASP C 457 24.32 78.55 -51.35
CA ASP C 457 25.40 77.78 -50.74
C ASP C 457 24.86 76.75 -49.76
N ILE C 458 23.78 76.06 -50.15
CA ILE C 458 23.11 75.16 -49.23
C ILE C 458 24.02 73.98 -48.86
N TYR C 459 24.82 73.52 -49.82
CA TYR C 459 25.77 72.43 -49.57
C TYR C 459 26.67 72.75 -48.39
N GLU C 460 27.32 73.91 -48.44
CA GLU C 460 28.20 74.33 -47.36
C GLU C 460 27.42 74.64 -46.09
N ARG C 461 26.20 75.18 -46.23
CA ARG C 461 25.37 75.46 -45.06
C ARG C 461 25.15 74.18 -44.26
N LEU C 462 24.68 73.14 -44.93
CA LEU C 462 24.43 71.87 -44.25
C LEU C 462 25.71 71.26 -43.72
N ALA C 463 26.79 71.35 -44.51
CA ALA C 463 28.07 70.79 -44.07
C ALA C 463 28.53 71.42 -42.76
N SER C 464 28.46 72.75 -42.68
CA SER C 464 28.81 73.42 -41.43
C SER C 464 27.82 73.08 -40.33
N ALA C 465 26.55 72.84 -40.69
CA ALA C 465 25.56 72.48 -39.70
C ALA C 465 25.91 71.17 -39.02
N LEU C 466 26.41 70.21 -39.77
CA LEU C 466 26.83 68.94 -39.19
C LEU C 466 27.96 69.17 -38.19
N ALA C 467 27.84 68.53 -37.01
CA ALA C 467 28.88 68.46 -35.99
C ALA C 467 29.50 69.81 -35.65
N PRO C 468 28.77 70.73 -35.02
CA PRO C 468 29.35 72.06 -34.73
C PRO C 468 30.58 72.01 -33.83
N SER C 469 30.67 71.02 -32.94
CA SER C 469 31.75 70.97 -31.98
C SER C 469 33.08 70.50 -32.56
N ILE C 470 33.15 70.21 -33.87
CA ILE C 470 34.38 69.85 -34.55
C ILE C 470 34.71 70.98 -35.53
N TYR C 471 35.98 71.36 -35.58
CA TYR C 471 36.40 72.58 -36.24
C TYR C 471 36.90 72.32 -37.66
N GLU C 472 36.22 72.95 -38.63
CA GLU C 472 36.73 73.24 -39.97
C GLU C 472 37.35 72.01 -40.64
N HIS C 473 36.54 70.96 -40.74
CA HIS C 473 36.89 69.77 -41.47
C HIS C 473 35.93 69.70 -42.65
N GLU C 474 35.78 70.84 -43.34
CA GLU C 474 34.69 71.06 -44.29
C GLU C 474 34.56 69.94 -45.30
N ASP C 475 35.68 69.46 -45.84
CA ASP C 475 35.61 68.37 -46.80
C ASP C 475 35.10 67.10 -46.15
N ILE C 476 35.55 66.84 -44.92
CA ILE C 476 35.14 65.63 -44.22
C ILE C 476 33.65 65.68 -43.93
N LYS C 477 33.16 66.83 -43.47
CA LYS C 477 31.75 66.94 -43.16
C LYS C 477 30.90 66.92 -44.41
N LYS C 478 31.40 67.46 -45.52
CA LYS C 478 30.69 67.31 -46.79
C LYS C 478 30.57 65.84 -47.17
N GLY C 479 31.63 65.07 -46.97
CA GLY C 479 31.55 63.65 -47.26
C GLY C 479 30.55 62.93 -46.38
N ILE C 480 30.56 63.23 -45.08
CA ILE C 480 29.62 62.59 -44.15
C ILE C 480 28.20 62.99 -44.51
N LEU C 481 28.00 64.24 -44.94
CA LEU C 481 26.70 64.70 -45.37
C LEU C 481 26.23 63.93 -46.59
N LEU C 482 27.11 63.76 -47.58
CA LEU C 482 26.75 62.96 -48.75
C LEU C 482 26.39 61.55 -48.32
N GLN C 483 27.09 61.01 -47.32
CA GLN C 483 26.77 59.68 -46.82
C GLN C 483 25.38 59.64 -46.20
N LEU C 484 25.04 60.67 -45.41
CA LEU C 484 23.71 60.71 -44.82
C LEU C 484 22.64 60.76 -45.89
N PHE C 485 22.88 61.52 -46.96
CA PHE C 485 21.89 61.59 -48.03
C PHE C 485 21.79 60.26 -48.78
N GLY C 486 22.90 59.56 -48.96
CA GLY C 486 22.90 58.34 -49.73
C GLY C 486 23.00 58.62 -51.22
N GLY C 487 22.23 57.90 -52.02
CA GLY C 487 22.17 58.13 -53.45
C GLY C 487 20.78 57.88 -53.98
N THR C 488 20.70 57.18 -55.11
CA THR C 488 19.44 56.72 -55.67
C THR C 488 19.46 55.20 -55.61
N ARG C 489 18.63 54.63 -54.74
CA ARG C 489 18.46 53.19 -54.72
C ARG C 489 17.80 52.78 -56.03
N LYS C 490 18.58 52.18 -56.92
CA LYS C 490 18.14 51.83 -58.26
C LYS C 490 17.65 50.40 -58.29
N ASP C 491 16.48 50.18 -58.88
CA ASP C 491 16.04 48.82 -59.12
C ASP C 491 16.91 48.19 -60.20
N PHE C 492 17.12 46.88 -60.08
CA PHE C 492 17.97 46.15 -61.01
C PHE C 492 17.46 44.77 -61.36
N SER C 493 16.26 44.39 -60.90
CA SER C 493 15.87 42.97 -60.84
C SER C 493 15.89 42.31 -62.20
N HIS C 494 15.31 42.95 -63.22
CA HIS C 494 15.33 42.38 -64.55
C HIS C 494 16.62 42.66 -65.30
N THR C 495 17.48 43.53 -64.80
CA THR C 495 18.75 43.77 -65.47
C THR C 495 19.66 42.56 -65.40
N GLY C 496 19.53 41.75 -64.34
CA GLY C 496 20.42 40.65 -64.09
C GLY C 496 21.67 41.03 -63.32
N ARG C 497 21.95 42.32 -63.18
CA ARG C 497 23.17 42.78 -62.51
C ARG C 497 23.23 42.36 -61.05
N GLY C 498 22.10 42.04 -60.43
CA GLY C 498 22.06 41.81 -59.01
C GLY C 498 21.94 43.14 -58.29
N LYS C 499 21.90 43.06 -56.97
CA LYS C 499 21.76 44.27 -56.17
C LYS C 499 22.97 45.18 -56.37
N PHE C 500 22.73 46.48 -56.29
CA PHE C 500 23.74 47.50 -56.50
C PHE C 500 23.79 48.39 -55.28
N ARG C 501 24.96 48.54 -54.69
CA ARG C 501 25.10 49.40 -53.53
C ARG C 501 24.86 50.83 -53.95
N ALA C 502 23.85 51.46 -53.35
CA ALA C 502 23.53 52.86 -53.57
C ALA C 502 24.01 53.75 -52.44
N GLU C 503 24.84 53.24 -51.54
CA GLU C 503 25.31 53.96 -50.38
C GLU C 503 26.79 54.29 -50.52
N ILE C 504 27.27 55.09 -49.59
CA ILE C 504 28.61 55.65 -49.61
C ILE C 504 29.37 55.07 -48.44
N ASN C 505 30.58 54.60 -48.69
CA ASN C 505 31.48 54.11 -47.66
C ASN C 505 32.67 55.05 -47.55
N ILE C 506 33.01 55.40 -46.32
CA ILE C 506 34.00 56.43 -46.03
C ILE C 506 35.02 55.82 -45.08
N LEU C 507 36.30 56.14 -45.32
CA LEU C 507 37.40 55.79 -44.43
C LEU C 507 38.07 57.07 -43.99
N LEU C 508 38.39 57.14 -42.71
CA LEU C 508 39.04 58.29 -42.08
C LEU C 508 40.38 57.79 -41.54
N CYS C 509 41.47 58.10 -42.24
CA CYS C 509 42.79 57.57 -41.92
C CYS C 509 43.61 58.64 -41.22
N GLY C 510 44.15 58.30 -40.05
CA GLY C 510 44.94 59.26 -39.31
C GLY C 510 45.50 58.66 -38.04
N ASP C 511 46.52 59.32 -37.52
CA ASP C 511 47.16 58.89 -36.29
C ASP C 511 46.21 59.09 -35.12
N PRO C 512 46.54 58.60 -33.91
CA PRO C 512 45.61 58.79 -32.78
C PRO C 512 45.69 60.16 -32.10
N GLY C 513 45.81 61.23 -32.88
CA GLY C 513 45.73 62.60 -32.39
C GLY C 513 44.54 63.32 -32.99
N THR C 514 44.16 62.92 -34.21
CA THR C 514 43.03 63.53 -34.87
C THR C 514 41.73 63.13 -34.17
N SER C 515 40.61 63.58 -34.72
CA SER C 515 39.30 63.42 -34.12
C SER C 515 38.41 62.55 -35.02
N LYS C 516 39.01 61.52 -35.64
CA LYS C 516 38.22 60.56 -36.39
C LYS C 516 37.29 59.80 -35.45
N SER C 517 37.77 59.43 -34.27
CA SER C 517 36.93 58.75 -33.30
C SER C 517 35.80 59.65 -32.84
N GLN C 518 36.07 60.94 -32.70
CA GLN C 518 35.02 61.88 -32.36
C GLN C 518 33.97 61.92 -33.46
N LEU C 519 34.40 61.95 -34.73
CA LEU C 519 33.44 61.97 -35.83
C LEU C 519 32.57 60.72 -35.84
N LEU C 520 33.18 59.56 -35.64
CA LEU C 520 32.39 58.33 -35.64
C LEU C 520 31.42 58.29 -34.47
N GLN C 521 31.86 58.75 -33.29
CA GLN C 521 30.96 58.81 -32.15
C GLN C 521 29.78 59.74 -32.42
N TYR C 522 30.06 60.91 -33.00
CA TYR C 522 28.98 61.85 -33.31
C TYR C 522 28.00 61.26 -34.31
N VAL C 523 28.51 60.64 -35.38
CA VAL C 523 27.62 60.10 -36.39
C VAL C 523 26.81 58.94 -35.82
N TYR C 524 27.43 58.12 -34.98
CA TYR C 524 26.70 57.02 -34.35
C TYR C 524 25.58 57.55 -33.47
N ASN C 525 25.85 58.62 -32.71
CA ASN C 525 24.77 59.24 -31.93
C ASN C 525 23.68 59.78 -32.84
N LEU C 526 24.06 60.49 -33.89
CA LEU C 526 23.11 61.26 -34.68
C LEU C 526 22.27 60.41 -35.61
N VAL C 527 22.74 59.25 -36.04
CA VAL C 527 22.03 58.50 -37.06
C VAL C 527 20.91 57.67 -36.44
N PRO C 528 19.83 57.34 -37.18
CA PRO C 528 18.97 56.22 -36.77
C PRO C 528 19.43 54.96 -37.46
N ARG C 529 19.34 53.84 -36.74
CA ARG C 529 19.97 52.59 -37.14
C ARG C 529 21.47 52.78 -37.28
N GLY C 530 22.07 53.20 -36.17
CA GLY C 530 23.50 53.24 -36.02
C GLY C 530 23.98 52.02 -35.27
N GLN C 531 25.17 51.55 -35.64
CA GLN C 531 25.88 50.55 -34.86
C GLN C 531 27.34 50.95 -34.78
N TYR C 532 28.00 50.53 -33.72
CA TYR C 532 29.36 50.94 -33.42
C TYR C 532 30.22 49.72 -33.11
N THR C 533 31.44 49.73 -33.64
CA THR C 533 32.43 48.71 -33.35
C THR C 533 33.77 49.39 -33.18
N SER C 534 34.68 48.75 -32.44
CA SER C 534 36.00 49.33 -32.21
C SER C 534 37.04 48.20 -32.14
N GLY C 535 37.92 48.15 -33.13
CA GLY C 535 39.07 47.28 -33.08
C GLY C 535 38.69 45.81 -33.12
N LYS C 536 39.52 44.99 -32.49
CA LYS C 536 39.23 43.57 -32.30
C LYS C 536 38.51 43.32 -30.99
N GLY C 537 37.44 44.08 -30.75
CA GLY C 537 36.46 43.79 -29.74
C GLY C 537 35.23 43.21 -30.40
N SER C 538 35.44 42.38 -31.42
CA SER C 538 34.36 41.85 -32.23
C SER C 538 34.80 40.48 -32.75
N SER C 539 34.10 39.99 -33.76
CA SER C 539 34.42 38.75 -34.46
C SER C 539 33.41 38.61 -35.58
N ALA C 540 33.74 37.79 -36.58
CA ALA C 540 32.83 37.62 -37.70
C ALA C 540 31.53 36.97 -37.26
N VAL C 541 31.62 36.00 -36.34
CA VAL C 541 30.44 35.29 -35.89
C VAL C 541 29.50 36.24 -35.16
N GLY C 542 30.03 37.02 -34.23
CA GLY C 542 29.24 37.98 -33.52
C GLY C 542 28.94 39.25 -34.27
N LEU C 543 29.49 39.43 -35.48
CA LEU C 543 29.11 40.49 -36.38
C LEU C 543 27.97 40.07 -37.29
N THR C 544 27.93 38.80 -37.70
CA THR C 544 26.88 38.34 -38.60
C THR C 544 25.71 37.78 -37.82
N ALA C 545 25.91 36.67 -37.12
CA ALA C 545 24.79 36.01 -36.46
C ALA C 545 25.29 34.80 -35.68
N TYR C 546 24.49 34.38 -34.71
CA TYR C 546 24.80 33.20 -33.93
C TYR C 546 23.51 32.56 -33.45
N VAL C 547 23.64 31.36 -32.87
CA VAL C 547 22.53 30.55 -32.38
C VAL C 547 22.63 30.48 -30.87
N MET C 548 21.54 30.82 -30.18
CA MET C 548 21.55 30.91 -28.72
C MET C 548 20.23 30.41 -28.17
N LYS C 549 20.29 29.76 -27.01
CA LYS C 549 19.10 29.36 -26.28
C LYS C 549 18.55 30.60 -25.60
N ASP C 550 17.38 31.05 -26.04
CA ASP C 550 16.75 32.19 -25.40
C ASP C 550 16.33 31.77 -23.98
N PRO C 551 16.67 32.53 -22.94
CA PRO C 551 16.26 32.12 -21.58
C PRO C 551 14.76 32.13 -21.38
N GLU C 552 13.98 32.83 -22.21
CA GLU C 552 12.56 32.99 -21.98
C GLU C 552 11.73 31.88 -22.57
N THR C 553 12.18 31.27 -23.69
CA THR C 553 11.44 30.21 -24.37
C THR C 553 12.18 28.89 -24.46
N ARG C 554 13.47 28.84 -24.11
CA ARG C 554 14.25 27.61 -24.13
C ARG C 554 14.29 27.02 -25.54
N GLN C 555 14.61 27.89 -26.51
CA GLN C 555 14.67 27.54 -27.92
C GLN C 555 15.92 28.14 -28.53
N LEU C 556 16.56 27.38 -29.43
CA LEU C 556 17.76 27.84 -30.11
C LEU C 556 17.37 28.84 -31.18
N VAL C 557 17.14 30.08 -30.74
CA VAL C 557 16.79 31.16 -31.64
C VAL C 557 18.06 31.66 -32.30
N LEU C 558 17.91 32.46 -33.35
CA LEU C 558 19.00 33.10 -34.06
C LEU C 558 19.06 34.56 -33.67
N GLN C 559 20.27 35.06 -33.48
CA GLN C 559 20.52 36.43 -33.08
C GLN C 559 21.44 37.06 -34.10
N THR C 560 21.22 38.33 -34.40
CA THR C 560 21.99 39.09 -35.38
C THR C 560 23.06 39.93 -34.71
N GLY C 561 24.16 40.13 -35.44
CA GLY C 561 25.26 40.98 -35.00
C GLY C 561 25.15 42.38 -35.56
N ALA C 562 26.20 43.17 -35.30
CA ALA C 562 26.15 44.62 -35.53
C ALA C 562 25.89 44.96 -36.98
N LEU C 563 26.52 44.24 -37.92
CA LEU C 563 26.35 44.56 -39.33
C LEU C 563 24.91 44.37 -39.77
N VAL C 564 24.25 43.33 -39.26
CA VAL C 564 22.87 43.09 -39.63
C VAL C 564 21.95 44.03 -38.86
N LEU C 565 22.30 44.38 -37.62
CA LEU C 565 21.47 45.29 -36.85
C LEU C 565 21.39 46.64 -37.54
N SER C 566 22.52 47.21 -37.91
CA SER C 566 22.54 48.46 -38.65
C SER C 566 22.27 48.21 -40.13
N ASP C 567 21.12 47.61 -40.42
CA ASP C 567 20.87 47.13 -41.78
C ASP C 567 20.77 48.29 -42.75
N ASN C 568 19.75 49.14 -42.57
CA ASN C 568 19.47 50.24 -43.48
C ASN C 568 19.94 51.55 -42.90
N GLY C 569 21.07 51.53 -42.20
CA GLY C 569 21.66 52.72 -41.63
C GLY C 569 23.18 52.73 -41.74
N ILE C 570 23.87 53.06 -40.66
CA ILE C 570 25.30 53.32 -40.67
C ILE C 570 25.97 52.42 -39.64
N CYS C 571 27.05 51.76 -40.06
CA CYS C 571 27.93 51.00 -39.17
C CYS C 571 29.23 51.78 -39.07
N CYS C 572 29.52 52.27 -37.87
CA CYS C 572 30.69 53.08 -37.61
C CYS C 572 31.75 52.19 -36.99
N ILE C 573 32.81 51.93 -37.75
CA ILE C 573 33.88 51.02 -37.35
C ILE C 573 35.07 51.87 -36.95
N ASP C 574 35.63 51.59 -35.77
CA ASP C 574 36.75 52.36 -35.23
C ASP C 574 37.95 51.45 -35.08
N GLU C 575 39.14 52.03 -35.24
CA GLU C 575 40.39 51.29 -35.16
C GLU C 575 40.39 50.16 -36.19
N PHE C 576 40.09 50.51 -37.43
CA PHE C 576 39.84 49.54 -38.47
C PHE C 576 41.09 48.76 -38.85
N ASP C 577 42.28 49.29 -38.59
CA ASP C 577 43.50 48.55 -38.93
C ASP C 577 43.62 47.29 -38.06
N LYS C 578 43.38 47.42 -36.76
CA LYS C 578 43.46 46.28 -35.84
C LYS C 578 42.15 45.51 -35.90
N MET C 579 41.94 44.88 -37.05
CA MET C 579 40.76 44.07 -37.31
C MET C 579 41.29 42.80 -37.97
N ASN C 580 41.46 41.75 -37.18
CA ASN C 580 42.07 40.51 -37.66
C ASN C 580 41.36 39.97 -38.89
N GLU C 581 42.05 39.10 -39.63
CA GLU C 581 41.65 38.77 -40.99
C GLU C 581 40.25 38.16 -41.05
N SER C 582 39.91 37.31 -40.07
CA SER C 582 38.61 36.65 -40.09
C SER C 582 37.48 37.66 -39.98
N THR C 583 37.59 38.62 -39.05
CA THR C 583 36.53 39.59 -38.81
C THR C 583 36.67 40.86 -39.65
N ARG C 584 37.71 40.96 -40.49
CA ARG C 584 37.76 41.97 -41.53
C ARG C 584 37.30 41.43 -42.88
N SER C 585 37.43 40.13 -43.11
CA SER C 585 37.03 39.56 -44.39
C SER C 585 35.51 39.56 -44.57
N VAL C 586 34.75 39.71 -43.49
CA VAL C 586 33.30 39.73 -43.65
C VAL C 586 32.83 41.09 -44.16
N LEU C 587 33.56 42.17 -43.87
CA LEU C 587 33.17 43.48 -44.33
C LEU C 587 33.19 43.59 -45.85
N HIS C 588 33.94 42.71 -46.54
CA HIS C 588 33.92 42.71 -47.99
C HIS C 588 32.54 42.39 -48.52
N GLU C 589 31.87 41.41 -47.91
CA GLU C 589 30.52 41.04 -48.35
C GLU C 589 29.58 42.23 -48.23
N VAL C 590 29.60 42.89 -47.07
CA VAL C 590 28.70 44.00 -46.81
C VAL C 590 28.97 45.15 -47.76
N MET C 591 30.25 45.53 -47.89
CA MET C 591 30.58 46.68 -48.72
C MET C 591 30.34 46.40 -50.20
N GLU C 592 30.42 45.14 -50.62
CA GLU C 592 30.30 44.79 -52.02
C GLU C 592 28.84 44.62 -52.44
N GLN C 593 28.12 43.73 -51.76
CA GLN C 593 26.86 43.21 -52.26
C GLN C 593 25.63 43.85 -51.64
N GLN C 594 25.73 44.32 -50.40
CA GLN C 594 24.64 44.76 -49.53
C GLN C 594 23.88 43.56 -48.96
N THR C 595 24.24 42.33 -49.29
CA THR C 595 23.68 41.14 -48.69
C THR C 595 24.65 40.62 -47.64
N LEU C 596 24.36 39.44 -47.11
CA LEU C 596 25.26 38.78 -46.19
C LEU C 596 24.83 37.33 -46.10
N SER C 597 25.80 36.43 -45.97
CA SER C 597 25.55 35.00 -45.95
C SER C 597 26.04 34.44 -44.61
N ILE C 598 25.21 33.59 -44.00
CA ILE C 598 25.60 32.81 -42.82
C ILE C 598 25.22 31.37 -43.10
N ALA C 599 26.14 30.61 -43.70
CA ALA C 599 25.96 29.20 -44.03
C ALA C 599 26.65 28.39 -42.95
N LYS C 600 25.89 27.96 -41.96
CA LYS C 600 26.41 27.19 -40.83
C LYS C 600 25.38 26.14 -40.45
N ALA C 601 25.69 25.37 -39.40
CA ALA C 601 24.75 24.38 -38.89
C ALA C 601 23.50 25.01 -38.30
N GLY C 602 23.54 26.28 -37.93
CA GLY C 602 22.35 26.94 -37.41
C GLY C 602 21.28 27.09 -38.48
N ILE C 603 21.53 27.96 -39.47
CA ILE C 603 20.61 28.18 -40.58
C ILE C 603 21.47 28.38 -41.83
N ILE C 604 20.85 28.14 -42.98
CA ILE C 604 21.48 28.33 -44.29
C ILE C 604 20.59 29.31 -45.05
N CYS C 605 20.94 30.59 -44.99
CA CYS C 605 20.08 31.67 -45.50
C CYS C 605 20.96 32.76 -46.08
N GLN C 606 20.37 33.94 -46.31
CA GLN C 606 21.10 35.08 -46.86
C GLN C 606 20.42 36.34 -46.35
N LEU C 607 20.94 36.89 -45.27
CA LEU C 607 20.37 38.08 -44.66
C LEU C 607 20.67 39.31 -45.52
N ASN C 608 19.95 40.39 -45.23
CA ASN C 608 20.22 41.70 -45.81
C ASN C 608 21.12 42.49 -44.87
N ALA C 609 22.08 43.22 -45.44
CA ALA C 609 22.88 44.17 -44.68
C ALA C 609 23.27 45.27 -45.66
N ARG C 610 22.44 46.30 -45.75
CA ARG C 610 22.62 47.40 -46.69
C ARG C 610 23.25 48.60 -46.02
N THR C 611 24.13 48.37 -45.05
CA THR C 611 24.67 49.43 -44.22
C THR C 611 25.64 50.31 -45.02
N SER C 612 25.97 51.46 -44.43
CA SER C 612 27.04 52.32 -44.91
C SER C 612 28.16 52.30 -43.87
N VAL C 613 29.36 51.95 -44.30
CA VAL C 613 30.49 51.80 -43.41
C VAL C 613 31.19 53.15 -43.26
N LEU C 614 31.38 53.57 -42.02
CA LEU C 614 32.16 54.76 -41.68
C LEU C 614 33.34 54.26 -40.86
N ALA C 615 34.43 53.96 -41.54
CA ALA C 615 35.61 53.36 -40.92
C ALA C 615 36.60 54.43 -40.48
N ALA C 616 37.32 54.13 -39.41
CA ALA C 616 38.36 55.00 -38.88
C ALA C 616 39.60 54.17 -38.65
N ALA C 617 40.64 54.40 -39.46
CA ALA C 617 41.85 53.60 -39.47
C ALA C 617 43.05 54.46 -39.09
N ASN C 618 44.12 53.78 -38.71
CA ASN C 618 45.37 54.39 -38.31
C ASN C 618 46.52 53.90 -39.18
N PRO C 619 47.54 54.71 -39.43
CA PRO C 619 48.68 54.21 -40.20
C PRO C 619 49.49 53.26 -39.36
N ILE C 620 50.44 52.59 -40.02
CA ILE C 620 51.34 51.70 -39.30
C ILE C 620 52.15 52.52 -38.30
N GLU C 621 52.49 51.88 -37.17
CA GLU C 621 53.23 52.48 -36.04
C GLU C 621 52.62 53.78 -35.57
N SER C 622 51.30 53.92 -35.71
CA SER C 622 50.50 54.98 -35.09
C SER C 622 51.02 56.39 -35.42
N GLN C 623 51.61 56.56 -36.60
CA GLN C 623 52.03 57.91 -37.00
C GLN C 623 52.32 57.94 -38.50
N TRP C 624 51.75 58.94 -39.19
CA TRP C 624 51.93 59.07 -40.63
C TRP C 624 53.30 59.68 -40.90
N ASN C 625 54.32 58.83 -40.85
CA ASN C 625 55.66 59.31 -41.11
C ASN C 625 55.78 59.68 -42.59
N PRO C 626 56.62 60.67 -42.93
CA PRO C 626 56.62 61.15 -44.31
C PRO C 626 57.28 60.20 -45.29
N LYS C 627 58.27 59.43 -44.84
CA LYS C 627 59.11 58.64 -45.74
C LYS C 627 58.46 57.30 -46.09
N LYS C 628 57.20 57.32 -46.49
CA LYS C 628 56.44 56.13 -46.79
C LYS C 628 55.24 56.55 -47.63
N THR C 629 54.99 55.84 -48.73
CA THR C 629 53.87 56.22 -49.57
C THR C 629 52.55 55.95 -48.84
N THR C 630 51.46 56.44 -49.43
CA THR C 630 50.19 56.41 -48.72
C THR C 630 49.69 54.99 -48.48
N ILE C 631 49.79 54.13 -49.50
CA ILE C 631 49.19 52.81 -49.37
C ILE C 631 49.94 51.97 -48.35
N GLU C 632 51.27 52.10 -48.30
CA GLU C 632 52.03 51.35 -47.30
C GLU C 632 51.83 51.95 -45.90
N ASN C 633 51.72 53.28 -45.82
CA ASN C 633 51.49 53.90 -44.52
C ASN C 633 50.15 53.47 -43.94
N ILE C 634 49.11 53.42 -44.77
CA ILE C 634 47.81 52.93 -44.32
C ILE C 634 47.91 51.46 -43.98
N GLN C 635 48.44 50.67 -44.90
CA GLN C 635 48.58 49.22 -44.76
C GLN C 635 47.23 48.56 -44.49
N LEU C 636 46.36 48.66 -45.48
CA LEU C 636 45.14 47.89 -45.59
C LEU C 636 45.16 47.13 -46.91
N PRO C 637 44.35 46.08 -47.06
CA PRO C 637 44.28 45.42 -48.36
C PRO C 637 43.82 46.35 -49.48
N HIS C 638 44.40 46.15 -50.65
CA HIS C 638 44.14 47.07 -51.74
C HIS C 638 42.75 46.86 -52.28
N THR C 639 42.26 45.62 -52.26
CA THR C 639 40.89 45.36 -52.64
C THR C 639 39.91 46.07 -51.70
N LEU C 640 40.20 46.10 -50.40
CA LEU C 640 39.31 46.77 -49.47
C LEU C 640 39.32 48.28 -49.69
N LEU C 641 40.51 48.86 -49.91
CA LEU C 641 40.53 50.28 -50.23
C LEU C 641 39.83 50.56 -51.55
N SER C 642 39.76 49.57 -52.45
CA SER C 642 38.92 49.73 -53.64
C SER C 642 37.45 49.71 -53.27
N ARG C 643 37.06 48.88 -52.30
CA ARG C 643 35.66 48.85 -51.87
C ARG C 643 35.21 50.21 -51.39
N PHE C 644 36.06 50.90 -50.65
CA PHE C 644 35.67 52.20 -50.10
C PHE C 644 35.37 53.20 -51.21
N ASP C 645 34.64 54.25 -50.84
CA ASP C 645 34.19 55.30 -51.77
C ASP C 645 34.72 56.68 -51.45
N LEU C 646 35.22 56.91 -50.25
CA LEU C 646 35.98 58.12 -49.98
C LEU C 646 37.02 57.78 -48.92
N ILE C 647 38.22 58.35 -49.04
CA ILE C 647 39.31 58.06 -48.12
C ILE C 647 39.96 59.37 -47.72
N PHE C 648 39.59 59.89 -46.56
CA PHE C 648 40.13 61.16 -46.06
C PHE C 648 41.36 60.90 -45.22
N LEU C 649 42.48 61.50 -45.58
CA LEU C 649 43.74 61.38 -44.85
C LEU C 649 43.91 62.62 -43.98
N MET C 650 43.54 62.53 -42.71
CA MET C 650 43.65 63.67 -41.81
C MET C 650 45.11 63.83 -41.37
N LEU C 651 45.93 64.27 -42.31
CA LEU C 651 47.27 64.70 -41.94
C LEU C 651 47.18 65.93 -41.07
N ASP C 652 48.23 66.18 -40.31
CA ASP C 652 48.29 67.40 -39.53
C ASP C 652 48.64 68.56 -40.46
N PRO C 653 47.76 69.54 -40.65
CA PRO C 653 48.22 70.80 -41.24
C PRO C 653 49.04 71.55 -40.22
N GLN C 654 50.26 71.91 -40.59
CA GLN C 654 51.15 72.65 -39.71
C GLN C 654 50.90 74.14 -39.77
N ASP C 655 49.83 74.58 -40.44
CA ASP C 655 49.60 76.00 -40.68
C ASP C 655 49.32 76.73 -39.38
N GLU C 656 49.91 77.90 -39.25
CA GLU C 656 49.88 78.60 -37.98
C GLU C 656 48.52 79.20 -37.69
N ALA C 657 47.87 79.78 -38.70
CA ALA C 657 46.56 80.37 -38.50
C ALA C 657 45.53 79.30 -38.18
N TYR C 658 45.61 78.16 -38.86
CA TYR C 658 44.74 77.04 -38.53
C TYR C 658 44.97 76.57 -37.11
N ASP C 659 46.24 76.51 -36.70
CA ASP C 659 46.55 76.13 -35.33
C ASP C 659 45.87 77.08 -34.34
N ARG C 660 45.98 78.39 -34.59
CA ARG C 660 45.40 79.35 -33.66
C ARG C 660 43.88 79.25 -33.62
N ARG C 661 43.24 79.10 -34.78
CA ARG C 661 41.79 79.00 -34.80
C ARG C 661 41.31 77.72 -34.13
N LEU C 662 42.02 76.60 -34.32
CA LEU C 662 41.66 75.37 -33.62
C LEU C 662 41.77 75.55 -32.11
N ALA C 663 42.85 76.20 -31.65
CA ALA C 663 43.04 76.38 -30.22
C ALA C 663 41.93 77.24 -29.63
N HIS C 664 41.62 78.35 -30.29
CA HIS C 664 40.51 79.19 -29.82
C HIS C 664 39.20 78.42 -29.87
N HIS C 665 39.03 77.56 -30.87
CA HIS C 665 37.79 76.81 -31.00
C HIS C 665 37.61 75.84 -29.85
N LEU C 666 38.67 75.13 -29.46
CA LEU C 666 38.53 74.19 -28.36
C LEU C 666 38.34 74.91 -27.04
N VAL C 667 39.08 76.00 -26.79
CA VAL C 667 38.87 76.69 -25.53
C VAL C 667 37.48 77.31 -25.48
N ALA C 668 36.94 77.75 -26.62
CA ALA C 668 35.57 78.21 -26.65
C ALA C 668 34.60 77.05 -26.47
N LEU C 669 34.93 75.87 -26.99
CA LEU C 669 34.13 74.67 -26.76
C LEU C 669 34.02 74.38 -25.28
N TYR C 670 35.02 74.78 -24.49
CA TYR C 670 34.86 74.72 -23.05
C TYR C 670 34.02 75.87 -22.53
N TYR C 671 34.43 77.11 -22.80
CA TYR C 671 33.79 78.24 -22.12
C TYR C 671 32.43 78.62 -22.73
N GLN C 672 31.86 77.79 -23.58
CA GLN C 672 30.43 77.82 -23.92
C GLN C 672 29.54 78.13 -22.71
N LEU C 682 22.90 75.40 -39.16
CA LEU C 682 21.45 75.24 -39.25
C LEU C 682 20.94 74.43 -38.07
N ASP C 683 19.63 74.49 -37.83
CA ASP C 683 19.03 73.75 -36.74
C ASP C 683 18.98 72.26 -37.07
N MET C 684 19.09 71.45 -36.01
CA MET C 684 18.90 70.02 -36.16
C MET C 684 17.56 69.70 -36.80
N ALA C 685 16.52 70.48 -36.46
CA ALA C 685 15.19 70.21 -36.99
C ALA C 685 15.13 70.43 -38.49
N VAL C 686 15.64 71.56 -38.97
CA VAL C 686 15.60 71.82 -40.40
C VAL C 686 16.50 70.84 -41.14
N LEU C 687 17.62 70.47 -40.51
CA LEU C 687 18.49 69.47 -41.10
C LEU C 687 17.75 68.15 -41.29
N LYS C 688 17.08 67.69 -40.24
CA LYS C 688 16.31 66.45 -40.30
C LYS C 688 15.24 66.54 -41.37
N ASP C 689 14.52 67.65 -41.39
CA ASP C 689 13.41 67.79 -42.32
C ASP C 689 13.90 67.79 -43.76
N TYR C 690 15.00 68.50 -44.02
CA TYR C 690 15.52 68.55 -45.38
C TYR C 690 15.99 67.18 -45.84
N ILE C 691 16.71 66.48 -44.96
CA ILE C 691 17.24 65.18 -45.34
C ILE C 691 16.11 64.19 -45.57
N ALA C 692 15.10 64.21 -44.69
CA ALA C 692 13.99 63.27 -44.81
C ALA C 692 13.16 63.56 -46.06
N TYR C 693 12.94 64.85 -46.35
CA TYR C 693 12.22 65.20 -47.56
C TYR C 693 12.99 64.76 -48.80
N ALA C 694 14.31 64.96 -48.80
CA ALA C 694 15.12 64.54 -49.94
C ALA C 694 15.04 63.04 -50.13
N HIS C 695 15.04 62.29 -49.03
CA HIS C 695 14.87 60.85 -49.14
C HIS C 695 13.50 60.50 -49.71
N SER C 696 12.46 61.16 -49.21
CA SER C 696 11.10 60.76 -49.56
C SER C 696 10.79 61.09 -51.02
N THR C 697 11.08 62.32 -51.44
CA THR C 697 10.59 62.82 -52.71
C THR C 697 11.53 62.52 -53.88
N ILE C 698 12.76 63.03 -53.82
CA ILE C 698 13.61 63.19 -54.99
C ILE C 698 14.62 62.04 -55.04
N MET C 699 14.52 61.24 -56.10
CA MET C 699 15.49 60.18 -56.42
C MET C 699 16.19 60.59 -57.71
N PRO C 700 17.41 61.16 -57.67
CA PRO C 700 18.00 61.70 -58.90
C PRO C 700 18.27 60.64 -59.96
N ARG C 701 18.09 61.06 -61.21
CA ARG C 701 18.46 60.29 -62.40
C ARG C 701 19.52 61.07 -63.14
N LEU C 702 20.40 60.36 -63.83
CA LEU C 702 21.52 61.03 -64.49
C LEU C 702 21.04 61.89 -65.65
N SER C 703 21.77 62.99 -65.87
CA SER C 703 21.62 63.84 -67.04
C SER C 703 22.77 63.59 -67.99
N GLU C 704 22.52 63.76 -69.29
CA GLU C 704 23.51 63.44 -70.31
C GLU C 704 24.79 64.23 -70.13
N GLU C 705 24.67 65.49 -69.68
CA GLU C 705 25.85 66.27 -69.35
C GLU C 705 26.65 65.60 -68.24
N ALA C 706 25.96 65.13 -67.20
CA ALA C 706 26.64 64.49 -66.10
C ALA C 706 27.28 63.17 -66.52
N SER C 707 26.63 62.43 -67.41
CA SER C 707 27.20 61.17 -67.89
C SER C 707 28.51 61.43 -68.63
N GLN C 708 28.51 62.42 -69.52
CA GLN C 708 29.74 62.73 -70.25
C GLN C 708 30.82 63.22 -69.29
N ALA C 709 30.42 64.03 -68.30
CA ALA C 709 31.37 64.49 -67.29
C ALA C 709 31.95 63.33 -66.51
N LEU C 710 31.13 62.34 -66.18
CA LEU C 710 31.61 61.18 -65.44
C LEU C 710 32.61 60.36 -66.25
N ILE C 711 32.31 60.13 -67.54
CA ILE C 711 33.23 59.35 -68.37
C ILE C 711 34.57 60.05 -68.45
N GLU C 712 34.54 61.37 -68.70
CA GLU C 712 35.78 62.14 -68.73
C GLU C 712 36.49 62.09 -67.38
N ALA C 713 35.73 62.17 -66.30
CA ALA C 713 36.30 62.17 -64.97
C ALA C 713 37.04 60.88 -64.68
N TYR C 714 36.43 59.75 -65.05
CA TYR C 714 37.07 58.46 -64.75
C TYR C 714 38.30 58.23 -65.62
N VAL C 715 38.25 58.60 -66.90
CA VAL C 715 39.45 58.40 -67.71
C VAL C 715 40.58 59.29 -67.19
N ASP C 716 40.26 60.52 -66.76
CA ASP C 716 41.28 61.36 -66.17
C ASP C 716 41.82 60.76 -64.89
N MET C 717 40.94 60.15 -64.08
CA MET C 717 41.38 59.54 -62.83
C MET C 717 42.33 58.39 -63.09
N ARG C 718 42.01 57.56 -64.09
CA ARG C 718 42.92 56.47 -64.44
C ARG C 718 44.23 57.01 -64.99
N LYS C 719 44.18 58.11 -65.75
CA LYS C 719 45.41 58.66 -66.31
C LYS C 719 46.34 59.16 -65.21
N ILE C 720 45.81 59.87 -64.22
CA ILE C 720 46.67 60.24 -63.09
C ILE C 720 47.11 59.00 -62.32
N GLY C 721 46.29 57.95 -62.32
CA GLY C 721 46.62 56.74 -61.59
C GLY C 721 47.74 55.87 -62.13
N SER C 722 48.48 56.35 -63.14
CA SER C 722 49.65 55.62 -63.61
C SER C 722 50.66 55.43 -62.49
N SER C 723 50.92 56.49 -61.73
CA SER C 723 51.74 56.39 -60.53
C SER C 723 50.93 55.67 -59.46
N ARG C 724 51.32 54.44 -59.15
CA ARG C 724 50.56 53.59 -58.25
C ARG C 724 50.92 53.79 -56.79
N GLY C 725 51.81 54.74 -56.47
CA GLY C 725 52.09 55.03 -55.07
C GLY C 725 50.85 55.47 -54.33
N MET C 726 50.08 56.36 -54.93
CA MET C 726 48.75 56.69 -54.43
C MET C 726 47.81 55.53 -54.66
N VAL C 727 46.57 55.67 -54.20
CA VAL C 727 45.56 54.63 -54.37
C VAL C 727 45.01 54.76 -55.80
N SER C 728 45.29 53.77 -56.64
CA SER C 728 44.92 53.86 -58.04
C SER C 728 43.40 53.82 -58.20
N ALA C 729 42.94 54.40 -59.31
CA ALA C 729 41.52 54.43 -59.61
C ALA C 729 41.05 53.05 -60.07
N TYR C 730 39.73 52.88 -60.10
CA TYR C 730 39.12 51.64 -60.54
C TYR C 730 37.72 51.96 -61.06
N PRO C 731 37.09 51.01 -61.77
CA PRO C 731 35.65 51.17 -62.04
C PRO C 731 34.82 51.32 -60.78
N ARG C 732 35.27 50.74 -59.67
CA ARG C 732 34.61 51.00 -58.40
C ARG C 732 34.68 52.48 -58.04
N GLN C 733 35.81 53.14 -58.31
CA GLN C 733 35.85 54.57 -58.05
C GLN C 733 34.95 55.34 -59.01
N LEU C 734 34.78 54.84 -60.24
CA LEU C 734 33.78 55.46 -61.10
C LEU C 734 32.39 55.36 -60.47
N GLU C 735 32.06 54.18 -59.94
CA GLU C 735 30.77 54.01 -59.28
C GLU C 735 30.65 54.93 -58.06
N SER C 736 31.76 55.12 -57.35
CA SER C 736 31.76 56.05 -56.24
C SER C 736 31.47 57.47 -56.71
N LEU C 737 32.02 57.86 -57.85
CA LEU C 737 31.73 59.18 -58.38
C LEU C 737 30.26 59.29 -58.78
N ILE C 738 29.70 58.21 -59.33
CA ILE C 738 28.27 58.20 -59.65
C ILE C 738 27.46 58.47 -58.40
N ARG C 739 27.75 57.74 -57.33
CA ARG C 739 26.95 57.87 -56.12
C ARG C 739 27.13 59.24 -55.48
N LEU C 740 28.34 59.80 -55.52
CA LEU C 740 28.54 61.11 -54.93
C LEU C 740 27.87 62.21 -55.75
N ALA C 741 27.83 62.05 -57.08
CA ALA C 741 27.05 62.97 -57.89
C ALA C 741 25.59 62.90 -57.51
N GLU C 742 25.07 61.69 -57.30
CA GLU C 742 23.68 61.56 -56.89
C GLU C 742 23.44 62.18 -55.52
N ALA C 743 24.40 62.06 -54.63
CA ALA C 743 24.27 62.66 -53.30
C ALA C 743 24.23 64.18 -53.39
N HIS C 744 25.09 64.77 -54.23
CA HIS C 744 25.04 66.23 -54.42
C HIS C 744 23.71 66.65 -55.04
N ALA C 745 23.22 65.88 -56.00
CA ALA C 745 21.91 66.15 -56.58
C ALA C 745 20.83 66.13 -55.51
N LYS C 746 20.88 65.15 -54.61
CA LYS C 746 19.89 65.12 -53.53
C LYS C 746 20.07 66.29 -52.56
N VAL C 747 21.30 66.75 -52.37
CA VAL C 747 21.50 67.94 -51.53
C VAL C 747 20.77 69.12 -52.15
N ARG C 748 20.86 69.25 -53.47
CA ARG C 748 20.14 70.31 -54.15
C ARG C 748 18.66 70.02 -54.34
N LEU C 749 18.20 68.81 -54.01
CA LEU C 749 16.89 68.31 -54.45
C LEU C 749 16.80 68.44 -55.96
N SER C 750 17.86 68.01 -56.63
CA SER C 750 17.96 68.26 -58.06
C SER C 750 16.87 67.52 -58.82
N ASN C 751 16.77 66.20 -58.58
CA ASN C 751 16.03 65.23 -59.40
C ASN C 751 16.74 64.96 -60.73
N LYS C 752 17.88 65.58 -60.99
CA LYS C 752 18.62 65.36 -62.22
C LYS C 752 20.08 65.67 -61.90
N VAL C 753 20.94 64.67 -62.07
CA VAL C 753 22.35 64.83 -61.75
C VAL C 753 23.04 65.53 -62.90
N GLU C 754 23.77 66.60 -62.60
CA GLU C 754 24.29 67.52 -63.60
C GLU C 754 25.80 67.72 -63.43
N ALA C 755 26.37 68.49 -64.35
CA ALA C 755 27.81 68.69 -64.40
C ALA C 755 28.34 69.35 -63.13
N ILE C 756 27.54 70.21 -62.50
CA ILE C 756 27.95 70.79 -61.23
C ILE C 756 28.13 69.70 -60.20
N ASP C 757 27.19 68.76 -60.16
CA ASP C 757 27.26 67.66 -59.22
C ASP C 757 28.48 66.81 -59.47
N VAL C 758 28.73 66.47 -60.75
CA VAL C 758 29.84 65.60 -61.09
C VAL C 758 31.16 66.29 -60.77
N GLU C 759 31.25 67.59 -61.02
CA GLU C 759 32.49 68.30 -60.74
C GLU C 759 32.76 68.35 -59.24
N GLU C 760 31.72 68.57 -58.44
CA GLU C 760 31.92 68.51 -56.99
C GLU C 760 32.33 67.12 -56.55
N ALA C 761 31.78 66.09 -57.20
CA ALA C 761 32.17 64.72 -56.89
C ALA C 761 33.65 64.51 -57.16
N LYS C 762 34.13 64.96 -58.32
CA LYS C 762 35.55 64.83 -58.65
C LYS C 762 36.42 65.59 -57.64
N ARG C 763 36.05 66.83 -57.36
CA ARG C 763 36.88 67.65 -56.49
C ARG C 763 36.94 67.07 -55.08
N LEU C 764 35.81 66.57 -54.58
CA LEU C 764 35.83 65.95 -53.27
C LEU C 764 36.65 64.66 -53.28
N HIS C 765 36.47 63.83 -54.31
CA HIS C 765 37.21 62.57 -54.38
C HIS C 765 38.71 62.78 -54.60
N ARG C 766 39.12 63.97 -55.05
CA ARG C 766 40.54 64.32 -55.19
C ARG C 766 41.10 64.91 -53.89
N GLU C 767 40.42 65.90 -53.32
CA GLU C 767 40.88 66.48 -52.06
C GLU C 767 40.93 65.43 -50.97
N ALA C 768 39.88 64.62 -50.85
CA ALA C 768 40.02 63.33 -50.20
C ALA C 768 40.97 62.50 -51.04
N LEU C 769 41.91 61.83 -50.36
CA LEU C 769 43.09 61.15 -50.87
C LEU C 769 44.20 62.13 -51.26
N LYS C 770 43.94 63.44 -51.30
CA LYS C 770 44.98 64.47 -51.44
C LYS C 770 45.87 64.23 -52.65
N GLN C 771 45.23 63.82 -53.75
CA GLN C 771 45.98 63.41 -54.94
C GLN C 771 46.79 64.56 -55.54
N SER C 772 46.45 65.81 -55.24
CA SER C 772 47.28 66.93 -55.64
C SER C 772 48.66 66.83 -55.01
N ALA C 773 48.71 66.54 -53.71
CA ALA C 773 49.98 66.43 -52.98
C ALA C 773 50.67 65.11 -53.29
N SER D 5 2.75 -18.63 27.16
CA SER D 5 3.63 -19.61 26.55
C SER D 5 3.74 -19.37 25.05
N GLY D 6 2.71 -18.80 24.46
CA GLY D 6 2.79 -18.31 23.09
C GLY D 6 3.55 -17.02 22.92
N PHE D 7 4.09 -16.46 24.01
CA PHE D 7 4.83 -15.22 23.94
C PHE D 7 6.08 -15.35 23.08
N ASP D 8 6.81 -16.46 23.23
CA ASP D 8 8.06 -16.70 22.54
C ASP D 8 7.87 -17.72 21.43
N ASP D 9 8.87 -17.79 20.56
CA ASP D 9 8.90 -18.78 19.49
C ASP D 9 10.36 -19.13 19.23
N PRO D 10 10.87 -20.22 19.82
CA PRO D 10 12.19 -20.69 19.40
C PRO D 10 12.12 -21.24 17.98
N GLY D 11 13.30 -21.44 17.41
CA GLY D 11 13.39 -21.79 16.01
C GLY D 11 12.80 -23.14 15.68
N ILE D 12 13.02 -23.57 14.45
CA ILE D 12 12.66 -24.90 13.97
C ILE D 12 13.96 -25.65 13.81
N PHE D 13 14.32 -26.42 14.81
CA PHE D 13 15.61 -27.10 14.82
C PHE D 13 15.51 -28.30 13.90
N TYR D 14 16.65 -28.71 13.34
CA TYR D 14 16.66 -29.73 12.30
C TYR D 14 17.89 -30.61 12.46
N SER D 15 18.02 -31.59 11.57
CA SER D 15 19.08 -32.57 11.64
C SER D 15 19.47 -32.95 10.21
N ASP D 16 20.20 -34.04 10.06
CA ASP D 16 20.78 -34.44 8.79
C ASP D 16 19.87 -35.41 8.04
N SER D 17 20.23 -35.70 6.80
CA SER D 17 19.42 -36.57 5.94
C SER D 17 19.86 -38.02 6.04
N PHE D 18 19.92 -38.52 7.25
CA PHE D 18 20.23 -39.94 7.47
C PHE D 18 19.21 -40.82 6.75
N GLY D 19 19.72 -41.84 6.06
CA GLY D 19 18.87 -42.72 5.29
C GLY D 19 18.44 -42.11 3.99
N GLY D 20 17.68 -42.91 3.23
CA GLY D 20 17.14 -42.47 1.95
C GLY D 20 18.08 -42.77 0.79
N GLY D 27 17.99 -41.71 -14.66
CA GLY D 27 18.72 -40.90 -15.64
C GLY D 27 19.08 -39.53 -15.12
N GLN D 28 18.20 -38.96 -14.30
CA GLN D 28 18.38 -37.62 -13.74
C GLN D 28 18.97 -37.74 -12.34
N ALA D 29 20.04 -37.00 -12.10
CA ALA D 29 20.67 -36.95 -10.80
C ALA D 29 20.13 -35.76 -10.01
N ARG D 30 20.57 -35.64 -8.76
CA ARG D 30 20.12 -34.61 -7.84
C ARG D 30 21.29 -33.76 -7.41
N LYS D 31 20.99 -32.52 -7.05
CA LYS D 31 22.04 -31.52 -6.89
C LYS D 31 22.93 -31.80 -5.68
N SER D 32 22.38 -32.38 -4.61
CA SER D 32 23.23 -32.76 -3.49
C SER D 32 24.22 -33.82 -3.90
N GLN D 33 23.79 -34.80 -4.70
CA GLN D 33 24.71 -35.80 -5.22
C GLN D 33 25.76 -35.15 -6.10
N LEU D 34 25.39 -34.17 -6.92
CA LEU D 34 26.38 -33.55 -7.78
C LEU D 34 27.37 -32.71 -6.98
N GLN D 35 26.91 -32.03 -5.95
CA GLN D 35 27.85 -31.34 -5.06
C GLN D 35 28.78 -32.33 -4.40
N ARG D 36 28.26 -33.50 -4.03
CA ARG D 36 29.10 -34.55 -3.45
C ARG D 36 30.14 -35.02 -4.45
N ARG D 37 29.75 -35.19 -5.71
CA ARG D 37 30.70 -35.62 -6.73
C ARG D 37 31.78 -34.57 -6.93
N PHE D 38 31.42 -33.29 -6.89
CA PHE D 38 32.44 -32.25 -6.96
C PHE D 38 33.34 -32.30 -5.73
N LYS D 39 32.77 -32.56 -4.55
CA LYS D 39 33.58 -32.61 -3.34
C LYS D 39 34.62 -33.74 -3.44
N GLU D 40 34.18 -34.91 -3.89
CA GLU D 40 35.11 -36.03 -4.03
C GLU D 40 36.15 -35.75 -5.10
N PHE D 41 35.73 -35.15 -6.23
CA PHE D 41 36.65 -34.85 -7.32
C PHE D 41 37.73 -33.86 -6.86
N LEU D 42 37.34 -32.86 -6.08
CA LEU D 42 38.29 -31.84 -5.66
C LEU D 42 39.14 -32.27 -4.46
N ARG D 43 38.64 -33.18 -3.63
CA ARG D 43 39.49 -33.71 -2.57
C ARG D 43 40.49 -34.72 -3.11
N GLN D 44 40.03 -35.64 -3.96
CA GLN D 44 40.80 -36.79 -4.40
C GLN D 44 41.00 -36.70 -5.92
N TYR D 45 42.07 -36.02 -6.33
CA TYR D 45 42.50 -36.00 -7.72
C TYR D 45 44.02 -35.96 -7.73
N ARG D 46 44.63 -36.91 -8.41
CA ARG D 46 46.06 -37.14 -8.35
C ARG D 46 46.69 -36.77 -9.68
N VAL D 47 47.81 -36.05 -9.60
CA VAL D 47 48.53 -35.56 -10.76
C VAL D 47 49.96 -36.06 -10.68
N GLY D 48 50.59 -36.22 -11.84
CA GLY D 48 51.95 -36.74 -11.91
C GLY D 48 51.94 -38.26 -11.98
N THR D 49 52.89 -38.88 -11.30
CA THR D 49 52.97 -40.32 -11.26
C THR D 49 53.66 -40.73 -9.96
N ASP D 50 53.59 -42.03 -9.66
CA ASP D 50 54.25 -42.57 -8.48
C ASP D 50 55.76 -42.33 -8.50
N ARG D 51 56.34 -42.21 -9.70
CA ARG D 51 57.75 -41.85 -9.80
C ARG D 51 58.00 -40.48 -9.18
N THR D 52 57.17 -39.51 -9.53
CA THR D 52 57.30 -38.14 -9.05
C THR D 52 56.46 -37.86 -7.80
N GLY D 53 55.82 -38.88 -7.24
CA GLY D 53 54.98 -38.70 -6.08
C GLY D 53 53.56 -38.34 -6.45
N PHE D 54 52.68 -38.43 -5.45
CA PHE D 54 51.26 -38.07 -5.59
C PHE D 54 50.89 -37.16 -4.42
N THR D 55 50.92 -35.86 -4.67
CA THR D 55 50.25 -34.89 -3.83
C THR D 55 48.92 -34.55 -4.51
N PHE D 56 47.83 -34.66 -3.77
CA PHE D 56 46.53 -34.35 -4.31
C PHE D 56 46.47 -32.86 -4.62
N LYS D 57 46.42 -32.53 -5.91
CA LYS D 57 46.71 -31.18 -6.37
C LYS D 57 45.73 -30.17 -5.79
N TYR D 58 44.44 -30.49 -5.82
CA TYR D 58 43.47 -29.53 -5.34
C TYR D 58 43.43 -29.49 -3.83
N ARG D 59 43.75 -30.60 -3.17
CA ARG D 59 43.86 -30.59 -1.72
C ARG D 59 44.93 -29.62 -1.25
N ASP D 60 46.15 -29.75 -1.80
CA ASP D 60 47.22 -28.86 -1.38
C ASP D 60 47.00 -27.44 -1.89
N GLU D 61 46.39 -27.29 -3.08
CA GLU D 61 46.12 -25.98 -3.62
C GLU D 61 45.16 -25.22 -2.72
N LEU D 62 44.11 -25.90 -2.27
CA LEU D 62 43.18 -25.29 -1.33
C LEU D 62 43.82 -25.01 0.01
N LYS D 63 44.66 -25.93 0.51
CA LYS D 63 45.33 -25.68 1.78
C LYS D 63 46.17 -24.41 1.69
N ARG D 64 47.03 -24.32 0.68
CA ARG D 64 47.87 -23.15 0.52
C ARG D 64 47.03 -21.90 0.34
N HIS D 65 46.00 -21.98 -0.50
CA HIS D 65 45.22 -20.80 -0.84
C HIS D 65 44.48 -20.25 0.37
N TYR D 66 43.76 -21.11 1.11
CA TYR D 66 43.05 -20.62 2.28
C TYR D 66 44.04 -20.14 3.33
N ASN D 67 45.16 -20.84 3.51
CA ASN D 67 46.12 -20.46 4.54
C ASN D 67 46.71 -19.09 4.24
N LEU D 68 47.04 -18.82 2.97
CA LEU D 68 47.49 -17.49 2.59
C LEU D 68 46.38 -16.48 2.81
N GLY D 69 45.15 -16.85 2.47
CA GLY D 69 44.01 -15.94 2.46
C GLY D 69 43.57 -15.65 1.03
N GLU D 70 43.69 -16.66 0.17
CA GLU D 70 43.41 -16.46 -1.24
C GLU D 70 41.91 -16.55 -1.53
N TYR D 71 41.24 -17.54 -0.96
CA TYR D 71 39.80 -17.72 -1.11
C TYR D 71 39.37 -17.95 -2.56
N TRP D 72 40.27 -18.41 -3.42
CA TRP D 72 39.91 -18.79 -4.78
C TRP D 72 40.70 -20.00 -5.23
N ILE D 73 40.14 -20.75 -6.18
CA ILE D 73 40.87 -21.77 -6.93
C ILE D 73 40.47 -21.66 -8.39
N GLU D 74 41.15 -22.45 -9.22
CA GLU D 74 40.96 -22.41 -10.67
C GLU D 74 40.90 -23.86 -11.16
N VAL D 75 39.75 -24.23 -11.68
CA VAL D 75 39.50 -25.60 -12.11
C VAL D 75 39.80 -25.66 -13.60
N GLU D 76 40.09 -26.86 -14.09
CA GLU D 76 40.35 -27.12 -15.50
C GLU D 76 39.38 -28.15 -16.01
N MET D 77 38.70 -27.80 -17.10
CA MET D 77 37.68 -28.67 -17.65
C MET D 77 38.26 -29.99 -18.13
N GLU D 78 39.55 -30.06 -18.45
CA GLU D 78 40.13 -31.34 -18.83
C GLU D 78 40.27 -32.26 -17.63
N ASP D 79 40.61 -31.70 -16.46
CA ASP D 79 40.57 -32.49 -15.23
C ASP D 79 39.16 -33.02 -14.97
N LEU D 80 38.16 -32.13 -15.07
CA LEU D 80 36.81 -32.56 -14.77
C LEU D 80 36.29 -33.56 -15.81
N ALA D 81 36.67 -33.38 -17.07
CA ALA D 81 36.24 -34.31 -18.11
C ALA D 81 37.06 -35.60 -18.12
N SER D 82 38.21 -35.62 -17.43
CA SER D 82 38.93 -36.87 -17.25
C SER D 82 38.28 -37.70 -16.17
N PHE D 83 38.01 -37.09 -15.01
CA PHE D 83 37.42 -37.85 -13.91
C PHE D 83 35.95 -38.16 -14.21
N ASP D 84 35.11 -37.12 -14.29
CA ASP D 84 33.65 -37.27 -14.40
C ASP D 84 33.20 -36.62 -15.70
N GLU D 85 33.01 -37.43 -16.74
CA GLU D 85 32.60 -36.90 -18.04
C GLU D 85 31.23 -36.22 -17.93
N ASP D 86 30.30 -36.85 -17.22
CA ASP D 86 28.96 -36.30 -17.11
C ASP D 86 28.97 -34.95 -16.40
N LEU D 87 29.80 -34.81 -15.36
CA LEU D 87 29.87 -33.53 -14.65
C LEU D 87 30.50 -32.46 -15.52
N ALA D 88 31.48 -32.81 -16.34
CA ALA D 88 32.03 -31.83 -17.27
C ALA D 88 30.96 -31.38 -18.25
N ASP D 89 30.18 -32.31 -18.81
CA ASP D 89 29.15 -31.92 -19.77
C ASP D 89 28.07 -31.07 -19.12
N TYR D 90 27.64 -31.45 -17.90
CA TYR D 90 26.61 -30.66 -17.23
C TYR D 90 27.13 -29.29 -16.84
N LEU D 91 28.38 -29.21 -16.38
CA LEU D 91 28.95 -27.92 -16.07
C LEU D 91 29.15 -27.07 -17.32
N TYR D 92 29.25 -27.69 -18.50
CA TYR D 92 29.29 -26.91 -19.74
C TYR D 92 27.90 -26.39 -20.10
N LYS D 93 26.85 -27.19 -19.90
CA LYS D 93 25.53 -26.86 -20.42
C LYS D 93 24.62 -26.12 -19.45
N GLN D 94 24.85 -26.23 -18.14
CA GLN D 94 24.10 -25.48 -17.12
C GLN D 94 25.12 -24.89 -16.15
N PRO D 95 25.89 -23.88 -16.59
CA PRO D 95 27.03 -23.44 -15.78
C PRO D 95 26.69 -22.85 -14.42
N ALA D 96 25.55 -22.17 -14.27
CA ALA D 96 25.34 -21.36 -13.07
C ALA D 96 25.09 -22.23 -11.84
N GLU D 97 24.07 -23.10 -11.90
CA GLU D 97 23.78 -23.99 -10.78
C GLU D 97 24.99 -24.81 -10.41
N HIS D 98 25.58 -25.48 -11.39
CA HIS D 98 26.69 -26.37 -11.11
C HIS D 98 27.92 -25.61 -10.66
N LEU D 99 28.03 -24.34 -11.07
CA LEU D 99 29.11 -23.51 -10.53
C LEU D 99 28.91 -23.28 -9.04
N GLN D 100 27.68 -22.98 -8.61
CA GLN D 100 27.48 -22.75 -7.18
C GLN D 100 27.68 -24.02 -6.37
N LEU D 101 27.26 -25.16 -6.95
CA LEU D 101 27.54 -26.44 -6.31
C LEU D 101 29.03 -26.66 -6.16
N LEU D 102 29.79 -26.44 -7.24
CA LEU D 102 31.24 -26.54 -7.19
C LEU D 102 31.81 -25.59 -6.15
N GLU D 103 31.22 -24.40 -6.03
CA GLU D 103 31.75 -23.39 -5.12
C GLU D 103 31.62 -23.86 -3.68
N GLU D 104 30.43 -24.32 -3.28
CA GLU D 104 30.31 -24.79 -1.90
C GLU D 104 31.01 -26.13 -1.69
N ALA D 105 31.16 -26.94 -2.74
CA ALA D 105 31.95 -28.17 -2.61
C ALA D 105 33.38 -27.84 -2.27
N ALA D 106 33.95 -26.87 -2.98
CA ALA D 106 35.26 -26.34 -2.67
C ALA D 106 35.30 -25.81 -1.26
N LYS D 107 34.23 -25.16 -0.83
CA LYS D 107 34.17 -24.61 0.53
C LYS D 107 34.25 -25.71 1.59
N GLU D 108 33.50 -26.79 1.41
CA GLU D 108 33.52 -27.90 2.37
C GLU D 108 34.88 -28.56 2.44
N VAL D 109 35.43 -28.91 1.28
CA VAL D 109 36.74 -29.55 1.27
C VAL D 109 37.79 -28.60 1.84
N ALA D 110 37.62 -27.30 1.62
CA ALA D 110 38.55 -26.32 2.16
C ALA D 110 38.53 -26.32 3.67
N ASP D 111 37.34 -26.29 4.27
CA ASP D 111 37.28 -26.25 5.73
C ASP D 111 37.85 -27.52 6.34
N GLU D 112 37.54 -28.68 5.75
CA GLU D 112 38.06 -29.89 6.37
C GLU D 112 39.58 -29.97 6.23
N VAL D 113 40.15 -29.51 5.11
CA VAL D 113 41.60 -29.60 5.00
C VAL D 113 42.28 -28.63 5.96
N THR D 114 41.75 -27.42 6.11
CA THR D 114 42.33 -26.45 7.03
C THR D 114 41.76 -26.54 8.44
N ARG D 115 41.05 -27.64 8.76
CA ARG D 115 40.09 -27.77 9.86
C ARG D 115 40.50 -27.12 11.18
N PRO D 116 41.63 -27.49 11.81
CA PRO D 116 41.88 -27.00 13.18
C PRO D 116 42.39 -25.57 13.20
N ARG D 117 41.56 -24.64 12.71
CA ARG D 117 42.03 -23.29 12.45
C ARG D 117 42.23 -22.50 13.74
N PRO D 118 43.03 -21.42 13.70
CA PRO D 118 43.24 -20.61 14.92
C PRO D 118 42.07 -19.67 15.18
N SER D 119 42.24 -18.78 16.16
CA SER D 119 41.18 -17.86 16.54
C SER D 119 40.84 -16.90 15.41
N GLY D 120 39.61 -16.43 15.41
CA GLY D 120 39.14 -15.46 14.43
C GLY D 120 38.84 -16.08 13.09
N GLU D 121 39.86 -16.60 12.43
CA GLU D 121 39.70 -17.22 11.12
C GLU D 121 39.03 -18.58 11.25
N GLU D 122 37.75 -18.59 11.58
CA GLU D 122 36.96 -19.80 11.76
C GLU D 122 35.69 -19.80 10.92
N VAL D 123 35.04 -18.65 10.77
CA VAL D 123 33.89 -18.54 9.87
C VAL D 123 34.39 -18.84 8.47
N LEU D 124 33.91 -19.95 7.92
CA LEU D 124 34.41 -20.47 6.66
C LEU D 124 34.18 -19.49 5.52
N GLN D 125 35.25 -18.89 5.01
CA GLN D 125 35.12 -17.83 4.02
C GLN D 125 34.81 -18.42 2.64
N ASP D 126 34.17 -17.62 1.81
CA ASP D 126 33.66 -18.09 0.54
C ASP D 126 34.82 -18.39 -0.41
N ILE D 127 34.67 -19.43 -1.23
CA ILE D 127 35.77 -19.98 -2.02
C ILE D 127 35.39 -19.87 -3.49
N GLN D 128 35.78 -18.78 -4.15
CA GLN D 128 35.50 -18.64 -5.57
C GLN D 128 36.19 -19.73 -6.36
N VAL D 129 35.56 -20.16 -7.45
CA VAL D 129 36.11 -21.21 -8.31
C VAL D 129 36.07 -20.67 -9.74
N MET D 130 37.18 -20.07 -10.17
CA MET D 130 37.31 -19.66 -11.55
C MET D 130 37.72 -20.87 -12.38
N LEU D 131 37.78 -20.70 -13.69
CA LEU D 131 37.90 -21.83 -14.61
C LEU D 131 38.99 -21.53 -15.63
N LYS D 132 39.21 -22.49 -16.54
CA LYS D 132 40.08 -22.34 -17.70
C LYS D 132 39.96 -23.62 -18.50
N SER D 133 40.57 -23.63 -19.68
CA SER D 133 40.47 -24.78 -20.57
C SER D 133 41.67 -24.80 -21.51
N ASP D 134 41.72 -25.84 -22.35
CA ASP D 134 42.72 -25.99 -23.39
C ASP D 134 42.14 -26.00 -24.80
N ALA D 135 40.82 -25.93 -24.94
CA ALA D 135 40.24 -25.92 -26.28
C ALA D 135 40.45 -24.57 -26.94
N SER D 136 40.25 -24.54 -28.24
CA SER D 136 40.41 -23.31 -28.99
C SER D 136 39.32 -22.32 -28.58
N PRO D 137 39.66 -21.07 -28.25
CA PRO D 137 38.60 -20.06 -28.10
C PRO D 137 37.81 -19.86 -29.37
N SER D 138 36.54 -19.54 -29.21
CA SER D 138 35.62 -19.24 -30.30
C SER D 138 35.45 -17.72 -30.43
N SER D 139 35.27 -17.28 -31.66
CA SER D 139 35.26 -15.86 -31.97
C SER D 139 34.05 -15.17 -31.35
N ILE D 140 34.23 -13.88 -31.01
CA ILE D 140 33.16 -13.07 -30.46
C ILE D 140 32.02 -12.83 -31.43
N ARG D 141 32.21 -13.08 -32.73
CA ARG D 141 31.14 -13.03 -33.70
C ARG D 141 30.31 -14.31 -33.75
N SER D 142 30.74 -15.37 -33.06
CA SER D 142 30.04 -16.65 -33.08
C SER D 142 29.06 -16.83 -31.92
N LEU D 143 28.83 -15.78 -31.12
CA LEU D 143 27.88 -15.85 -30.01
C LEU D 143 26.48 -15.52 -30.55
N LYS D 144 25.87 -16.51 -31.17
CA LYS D 144 24.48 -16.40 -31.58
C LYS D 144 23.59 -16.59 -30.36
N SER D 145 22.28 -16.76 -30.58
CA SER D 145 21.39 -17.04 -29.46
C SER D 145 21.63 -18.42 -28.87
N ASP D 146 21.95 -19.40 -29.71
CA ASP D 146 21.93 -20.79 -29.26
C ASP D 146 23.02 -21.07 -28.25
N MET D 147 24.10 -20.30 -28.26
CA MET D 147 25.15 -20.42 -27.25
C MET D 147 24.93 -19.45 -26.09
N MET D 148 23.72 -19.43 -25.55
CA MET D 148 23.31 -18.50 -24.52
C MET D 148 23.08 -19.24 -23.22
N SER D 149 23.61 -18.70 -22.12
CA SER D 149 23.61 -19.36 -20.82
C SER D 149 24.37 -20.67 -20.83
N HIS D 150 25.31 -20.84 -21.76
CA HIS D 150 26.21 -21.98 -21.82
C HIS D 150 27.56 -21.53 -21.30
N LEU D 151 28.56 -22.41 -21.38
CA LEU D 151 29.93 -22.09 -21.01
C LEU D 151 30.71 -21.76 -22.27
N VAL D 152 31.15 -20.51 -22.37
CA VAL D 152 31.80 -19.97 -23.57
C VAL D 152 33.17 -19.40 -23.19
N LYS D 153 34.20 -19.88 -23.88
CA LYS D 153 35.52 -19.27 -23.86
C LYS D 153 35.68 -18.46 -25.15
N ILE D 154 36.26 -17.27 -25.03
CA ILE D 154 36.43 -16.40 -26.20
C ILE D 154 37.76 -15.68 -26.12
N PRO D 155 38.31 -15.23 -27.29
CA PRO D 155 39.43 -14.27 -27.28
C PRO D 155 38.95 -12.85 -27.43
N GLY D 156 39.55 -11.91 -26.71
CA GLY D 156 39.16 -10.52 -26.88
C GLY D 156 40.29 -9.60 -26.48
N ILE D 157 40.07 -8.31 -26.69
CA ILE D 157 40.97 -7.26 -26.23
C ILE D 157 40.15 -6.31 -25.36
N ILE D 158 40.58 -6.14 -24.12
CA ILE D 158 39.98 -5.15 -23.27
C ILE D 158 40.30 -3.78 -23.85
N ILE D 159 39.36 -2.85 -23.67
CA ILE D 159 39.58 -1.46 -24.07
C ILE D 159 39.21 -0.50 -22.94
N ALA D 160 38.62 -1.01 -21.87
CA ALA D 160 38.39 -0.20 -20.68
C ALA D 160 37.98 -1.15 -19.56
N ALA D 161 37.88 -0.59 -18.36
CA ALA D 161 37.51 -1.38 -17.20
C ALA D 161 36.93 -0.44 -16.16
N SER D 162 35.66 -0.60 -15.85
CA SER D 162 35.05 0.22 -14.83
C SER D 162 35.69 -0.07 -13.48
N ALA D 163 35.40 0.78 -12.51
CA ALA D 163 36.02 0.65 -11.21
C ALA D 163 35.55 -0.62 -10.51
N VAL D 164 36.36 -1.09 -9.57
CA VAL D 164 35.94 -2.18 -8.68
C VAL D 164 35.02 -1.56 -7.63
N ARG D 165 33.76 -1.97 -7.64
CA ARG D 165 32.74 -1.43 -6.77
C ARG D 165 32.05 -2.60 -6.07
N ALA D 166 31.03 -2.30 -5.27
CA ALA D 166 30.47 -3.22 -4.30
C ALA D 166 29.06 -3.65 -4.69
N LYS D 167 28.92 -4.91 -5.10
CA LYS D 167 27.63 -5.55 -5.30
C LYS D 167 27.43 -6.60 -4.22
N ALA D 168 26.21 -6.72 -3.72
CA ALA D 168 25.93 -7.57 -2.58
C ALA D 168 25.67 -9.01 -3.03
N THR D 169 25.89 -9.95 -2.10
CA THR D 169 25.50 -11.34 -2.26
C THR D 169 24.56 -11.83 -1.17
N ARG D 170 24.71 -11.32 0.05
CA ARG D 170 23.74 -11.50 1.12
C ARG D 170 23.29 -10.13 1.55
N ILE D 171 21.98 -9.95 1.72
CA ILE D 171 21.41 -8.69 2.16
C ILE D 171 20.35 -8.97 3.21
N SER D 172 20.42 -8.26 4.32
CA SER D 172 19.42 -8.31 5.36
C SER D 172 18.59 -7.05 5.26
N ILE D 173 17.27 -7.22 5.26
CA ILE D 173 16.33 -6.10 5.30
C ILE D 173 15.67 -6.11 6.66
N GLN D 174 14.98 -5.02 6.99
CA GLN D 174 14.19 -5.01 8.21
C GLN D 174 12.96 -4.15 7.99
N CYS D 175 11.87 -4.56 8.62
CA CYS D 175 10.61 -3.88 8.47
C CYS D 175 10.64 -2.53 9.20
N ARG D 176 9.74 -1.66 8.79
CA ARG D 176 9.69 -0.29 9.30
C ARG D 176 8.77 -0.15 10.50
N SER D 177 7.88 -1.11 10.74
CA SER D 177 6.93 -1.05 11.85
C SER D 177 7.47 -1.78 13.08
N CYS D 178 7.69 -3.08 12.96
CA CYS D 178 8.15 -3.91 14.07
C CYS D 178 9.65 -4.07 14.12
N ARG D 179 10.39 -3.62 13.11
CA ARG D 179 11.84 -3.70 13.07
C ARG D 179 12.35 -5.14 13.06
N ASN D 180 11.49 -6.12 12.77
CA ASN D 180 11.98 -7.46 12.57
C ASN D 180 12.81 -7.52 11.30
N THR D 181 13.94 -8.21 11.37
CA THR D 181 14.80 -8.38 10.22
C THR D 181 14.34 -9.59 9.42
N LEU D 182 14.90 -9.76 8.23
CA LEU D 182 14.59 -10.91 7.40
C LEU D 182 15.89 -11.43 6.78
N THR D 183 16.90 -11.59 7.64
CA THR D 183 18.30 -11.60 7.25
C THR D 183 18.64 -12.71 6.26
N ASN D 184 19.79 -12.55 5.62
CA ASN D 184 20.49 -13.60 4.87
C ASN D 184 19.76 -13.98 3.59
N ILE D 185 19.27 -12.98 2.88
CA ILE D 185 18.55 -13.22 1.63
C ILE D 185 19.57 -13.48 0.53
N ALA D 186 19.34 -14.52 -0.25
CA ALA D 186 20.28 -14.96 -1.28
C ALA D 186 20.20 -14.03 -2.47
N MET D 187 20.98 -12.96 -2.46
CA MET D 187 21.09 -12.12 -3.64
C MET D 187 21.82 -12.87 -4.74
N ARG D 188 21.31 -12.76 -5.96
CA ARG D 188 21.81 -13.58 -7.05
C ARG D 188 23.10 -13.00 -7.62
N PRO D 189 23.89 -13.82 -8.33
CA PRO D 189 25.14 -13.31 -8.90
C PRO D 189 24.95 -12.77 -10.32
N GLY D 190 25.93 -11.98 -10.74
CA GLY D 190 25.86 -11.33 -12.02
C GLY D 190 24.95 -10.11 -11.95
N LEU D 191 24.55 -9.62 -13.12
CA LEU D 191 23.67 -8.47 -13.22
C LEU D 191 22.24 -8.94 -13.09
N GLU D 192 21.74 -8.95 -11.86
CA GLU D 192 20.43 -9.53 -11.58
C GLU D 192 19.90 -8.89 -10.30
N GLY D 193 19.00 -7.94 -10.44
CA GLY D 193 18.41 -7.31 -9.28
C GLY D 193 17.41 -8.23 -8.60
N TYR D 194 16.82 -7.71 -7.54
CA TYR D 194 15.98 -8.51 -6.65
C TYR D 194 14.89 -7.63 -6.08
N ALA D 195 13.64 -7.88 -6.50
CA ALA D 195 12.50 -7.11 -5.98
C ALA D 195 12.30 -7.41 -4.51
N LEU D 196 12.20 -6.36 -3.69
CA LEU D 196 12.11 -6.56 -2.26
C LEU D 196 10.81 -7.26 -1.92
N PRO D 197 10.73 -7.97 -0.79
CA PRO D 197 9.45 -8.52 -0.37
C PRO D 197 8.46 -7.42 -0.02
N ARG D 198 7.18 -7.76 -0.15
CA ARG D 198 6.11 -6.77 -0.22
C ARG D 198 5.35 -6.58 1.08
N LYS D 199 5.17 -7.64 1.88
CA LYS D 199 4.37 -7.60 3.10
C LYS D 199 5.13 -8.26 4.24
N CYS D 200 5.15 -7.60 5.39
CA CYS D 200 5.81 -8.18 6.56
C CYS D 200 5.12 -9.46 6.97
N ASN D 201 5.92 -10.47 7.32
CA ASN D 201 5.44 -11.79 7.69
C ASN D 201 5.75 -12.01 9.17
N THR D 202 4.86 -11.52 10.04
CA THR D 202 4.91 -11.76 11.47
C THR D 202 3.66 -12.44 11.98
N ASP D 203 2.48 -11.96 11.59
CA ASP D 203 1.20 -12.29 12.21
C ASP D 203 1.15 -11.89 13.70
N GLN D 204 2.04 -10.98 14.10
CA GLN D 204 2.17 -10.55 15.49
C GLN D 204 2.64 -9.10 15.57
N ALA D 205 2.51 -8.31 14.50
CA ALA D 205 2.91 -6.91 14.52
C ALA D 205 2.12 -6.08 15.52
N GLY D 206 0.98 -6.57 15.97
CA GLY D 206 0.14 -5.89 16.92
C GLY D 206 -1.28 -6.32 16.63
N ARG D 207 -2.21 -5.63 17.25
CA ARG D 207 -3.59 -5.78 16.81
C ARG D 207 -3.75 -5.33 15.37
N PRO D 208 -3.22 -4.18 14.94
CA PRO D 208 -3.13 -3.90 13.50
C PRO D 208 -1.99 -4.70 12.88
N LYS D 209 -1.77 -4.48 11.58
CA LYS D 209 -0.79 -5.20 10.79
C LYS D 209 0.24 -4.23 10.24
N CYS D 210 1.28 -4.79 9.65
CA CYS D 210 2.38 -4.01 9.10
C CYS D 210 1.94 -3.36 7.78
N PRO D 211 2.53 -2.23 7.42
CA PRO D 211 2.05 -1.51 6.23
C PRO D 211 2.42 -2.24 4.95
N LEU D 212 2.09 -1.65 3.82
CA LEU D 212 2.48 -2.22 2.54
C LEU D 212 3.89 -1.77 2.18
N ASP D 213 4.71 -2.70 1.69
CA ASP D 213 6.12 -2.46 1.41
C ASP D 213 6.83 -1.92 2.63
N PRO D 214 7.01 -2.72 3.68
CA PRO D 214 7.60 -2.19 4.92
C PRO D 214 9.11 -2.30 5.02
N TYR D 215 9.78 -3.02 4.13
CA TYR D 215 11.17 -3.39 4.33
C TYR D 215 12.12 -2.35 3.78
N PHE D 216 13.07 -1.92 4.62
CA PHE D 216 14.21 -1.12 4.22
C PHE D 216 15.44 -2.01 4.30
N ILE D 217 16.29 -1.96 3.27
CA ILE D 217 17.52 -2.75 3.29
C ILE D 217 18.40 -2.23 4.41
N MET D 218 18.95 -3.15 5.19
CA MET D 218 19.94 -2.82 6.18
C MET D 218 21.28 -2.77 5.44
N PRO D 219 21.90 -1.60 5.25
CA PRO D 219 23.14 -1.59 4.47
C PRO D 219 24.30 -2.29 5.15
N ASP D 220 24.46 -2.05 6.46
CA ASP D 220 25.63 -2.58 7.15
C ASP D 220 25.61 -4.10 7.19
N LYS D 221 24.43 -4.70 7.28
CA LYS D 221 24.31 -6.15 7.42
C LYS D 221 24.32 -6.88 6.08
N CYS D 222 24.70 -6.20 4.99
CA CYS D 222 24.90 -6.85 3.70
C CYS D 222 26.37 -7.22 3.55
N LYS D 223 26.62 -8.49 3.24
CA LYS D 223 27.95 -8.97 2.92
C LYS D 223 28.10 -8.96 1.41
N CYS D 224 29.10 -8.23 0.92
CA CYS D 224 29.22 -7.89 -0.49
C CYS D 224 30.58 -8.28 -1.01
N VAL D 225 30.80 -8.03 -2.30
CA VAL D 225 31.94 -8.53 -3.04
C VAL D 225 32.40 -7.46 -4.02
N ASP D 226 33.48 -7.77 -4.73
CA ASP D 226 33.98 -6.94 -5.81
C ASP D 226 33.37 -7.36 -7.14
N PHE D 227 33.05 -6.37 -7.97
CA PHE D 227 32.58 -6.62 -9.31
C PHE D 227 33.08 -5.51 -10.22
N GLN D 228 33.13 -5.83 -11.50
CA GLN D 228 33.75 -4.95 -12.48
C GLN D 228 33.12 -5.21 -13.83
N THR D 229 32.72 -4.14 -14.49
CA THR D 229 32.08 -4.19 -15.80
C THR D 229 33.13 -3.86 -16.85
N LEU D 230 33.66 -4.89 -17.51
CA LEU D 230 34.65 -4.70 -18.55
C LEU D 230 33.96 -4.50 -19.90
N LYS D 231 34.67 -3.82 -20.80
CA LYS D 231 34.20 -3.56 -22.16
C LYS D 231 35.15 -4.32 -23.08
N LEU D 232 34.84 -5.58 -23.35
CA LEU D 232 35.71 -6.37 -24.22
C LEU D 232 35.37 -6.05 -25.67
N GLN D 233 36.40 -5.85 -26.50
CA GLN D 233 36.26 -5.55 -27.92
C GLN D 233 36.93 -6.66 -28.72
N GLU D 234 36.38 -6.93 -29.89
CA GLU D 234 36.83 -8.02 -30.75
C GLU D 234 38.32 -7.92 -31.04
N LEU D 235 38.98 -9.03 -31.36
CA LEU D 235 40.41 -8.99 -31.63
C LEU D 235 40.66 -8.25 -32.94
N PRO D 236 41.57 -7.27 -32.99
CA PRO D 236 41.74 -6.50 -34.25
C PRO D 236 42.12 -7.34 -35.44
N ASP D 237 42.96 -8.36 -35.27
CA ASP D 237 43.24 -9.27 -36.36
C ASP D 237 42.07 -10.20 -36.63
N ALA D 238 41.19 -10.40 -35.65
CA ALA D 238 40.03 -11.25 -35.86
C ALA D 238 38.93 -10.54 -36.64
N VAL D 239 38.86 -9.22 -36.55
CA VAL D 239 37.77 -8.49 -37.20
C VAL D 239 37.87 -8.68 -38.71
N PRO D 240 36.79 -9.05 -39.43
CA PRO D 240 36.90 -9.13 -40.89
C PRO D 240 37.17 -7.78 -41.53
N HIS D 241 37.35 -7.76 -42.85
CA HIS D 241 37.91 -6.59 -43.52
C HIS D 241 37.03 -5.35 -43.38
N GLY D 242 35.84 -5.37 -43.97
CA GLY D 242 35.03 -4.17 -44.05
C GLY D 242 34.24 -3.86 -42.81
N GLU D 243 34.05 -4.82 -41.91
CA GLU D 243 33.11 -4.67 -40.81
C GLU D 243 33.74 -3.78 -39.73
N MET D 244 33.05 -3.69 -38.60
CA MET D 244 33.49 -2.96 -37.43
C MET D 244 33.74 -3.92 -36.27
N PRO D 245 34.56 -3.55 -35.29
CA PRO D 245 34.81 -4.47 -34.18
C PRO D 245 33.58 -4.63 -33.30
N ARG D 246 33.14 -5.88 -33.13
CA ARG D 246 32.07 -6.19 -32.20
C ARG D 246 32.56 -5.99 -30.77
N HIS D 247 31.61 -5.99 -29.83
CA HIS D 247 31.88 -5.70 -28.43
C HIS D 247 31.11 -6.67 -27.56
N MET D 248 31.41 -6.61 -26.27
CA MET D 248 30.62 -7.35 -25.30
C MET D 248 30.86 -6.75 -23.93
N GLN D 249 29.77 -6.50 -23.21
CA GLN D 249 29.86 -6.17 -21.81
C GLN D 249 30.21 -7.45 -21.03
N LEU D 250 31.16 -7.32 -20.12
CA LEU D 250 31.67 -8.43 -19.34
C LEU D 250 31.49 -8.13 -17.88
N TYR D 251 31.20 -9.16 -17.09
CA TYR D 251 31.01 -9.03 -15.65
C TYR D 251 32.02 -9.92 -14.93
N CYS D 252 32.94 -9.31 -14.21
CA CYS D 252 33.91 -10.04 -13.42
C CYS D 252 33.29 -10.38 -12.06
N ASP D 253 34.10 -10.87 -11.13
CA ASP D 253 33.67 -11.34 -9.80
C ASP D 253 34.83 -11.04 -8.84
N ARG D 254 34.85 -11.74 -7.69
CA ARG D 254 35.72 -11.34 -6.59
C ARG D 254 37.20 -11.32 -6.97
N TYR D 255 37.70 -12.45 -7.48
CA TYR D 255 39.12 -12.59 -7.84
C TYR D 255 39.33 -12.67 -9.35
N LEU D 256 38.31 -12.27 -10.13
CA LEU D 256 38.49 -11.84 -11.50
C LEU D 256 38.52 -10.32 -11.64
N CYS D 257 38.52 -9.59 -10.53
CA CYS D 257 38.57 -8.13 -10.54
C CYS D 257 40.00 -7.66 -10.47
N ASP D 258 40.33 -6.66 -11.28
CA ASP D 258 41.64 -6.00 -11.33
C ASP D 258 42.79 -6.95 -11.71
N LYS D 259 42.49 -8.16 -12.20
CA LYS D 259 43.53 -9.02 -12.74
C LYS D 259 43.93 -8.65 -14.16
N VAL D 260 43.20 -7.74 -14.81
CA VAL D 260 43.47 -7.34 -16.18
C VAL D 260 43.33 -5.84 -16.27
N VAL D 261 44.22 -5.20 -17.01
CA VAL D 261 44.28 -3.75 -17.12
C VAL D 261 43.90 -3.37 -18.54
N PRO D 262 43.41 -2.15 -18.80
CA PRO D 262 42.93 -1.82 -20.15
C PRO D 262 44.02 -1.94 -21.20
N GLY D 263 43.75 -2.78 -22.20
CA GLY D 263 44.65 -3.02 -23.31
C GLY D 263 45.18 -4.44 -23.38
N ASN D 264 45.05 -5.21 -22.32
CA ASN D 264 45.59 -6.58 -22.31
C ASN D 264 44.62 -7.52 -23.01
N ARG D 265 45.08 -8.13 -24.09
CA ARG D 265 44.32 -9.19 -24.73
C ARG D 265 44.12 -10.33 -23.74
N VAL D 266 42.96 -10.97 -23.82
CA VAL D 266 42.58 -12.03 -22.90
C VAL D 266 41.98 -13.19 -23.68
N THR D 267 42.14 -14.39 -23.13
CA THR D 267 41.27 -15.53 -23.42
C THR D 267 40.48 -15.75 -22.14
N ILE D 268 39.17 -15.58 -22.23
CA ILE D 268 38.32 -15.42 -21.06
C ILE D 268 37.19 -16.43 -21.13
N MET D 269 36.98 -17.16 -20.03
CA MET D 269 36.02 -18.26 -19.94
C MET D 269 34.89 -17.89 -19.00
N GLY D 270 33.67 -17.81 -19.53
CA GLY D 270 32.54 -17.34 -18.78
C GLY D 270 31.23 -17.83 -19.34
N ILE D 271 30.15 -17.11 -19.01
CA ILE D 271 28.78 -17.54 -19.27
C ILE D 271 28.05 -16.40 -19.96
N TYR D 272 27.52 -16.66 -21.14
CA TYR D 272 26.68 -15.69 -21.81
C TYR D 272 25.42 -15.47 -20.98
N SER D 273 24.90 -14.26 -20.99
CA SER D 273 23.77 -13.97 -20.11
C SER D 273 23.12 -12.66 -20.54
N ILE D 274 21.83 -12.51 -20.20
CA ILE D 274 21.12 -11.24 -20.32
C ILE D 274 20.83 -10.71 -18.92
N LYS D 275 20.76 -9.40 -18.84
CA LYS D 275 20.50 -8.74 -17.57
C LYS D 275 19.08 -9.05 -17.10
N LYS D 276 18.88 -8.96 -15.79
CA LYS D 276 17.61 -9.24 -15.13
C LYS D 276 17.30 -8.13 -14.14
N PHE D 277 16.70 -7.04 -14.60
CA PHE D 277 16.39 -5.90 -13.76
C PHE D 277 14.90 -5.62 -13.59
N GLY D 278 14.02 -6.54 -14.04
CA GLY D 278 12.59 -6.41 -13.82
C GLY D 278 11.72 -6.59 -15.04
N LEU D 279 12.27 -7.17 -16.11
CA LEU D 279 11.59 -7.33 -17.40
C LEU D 279 10.97 -6.02 -17.89
N ARG D 287 13.77 2.98 -29.75
CA ARG D 287 13.79 1.52 -29.68
C ARG D 287 12.61 0.94 -30.43
N VAL D 288 12.89 0.37 -31.60
CA VAL D 288 11.87 -0.21 -32.47
C VAL D 288 11.79 -1.73 -32.31
N GLY D 289 12.26 -2.25 -31.19
CA GLY D 289 12.38 -3.69 -31.01
C GLY D 289 12.04 -4.10 -29.59
N VAL D 290 11.60 -5.34 -29.45
CA VAL D 290 11.05 -5.87 -28.21
C VAL D 290 11.69 -7.20 -27.89
N GLY D 291 11.75 -7.51 -26.60
CA GLY D 291 12.38 -8.73 -26.13
C GLY D 291 13.88 -8.70 -26.22
N ILE D 292 14.48 -7.52 -26.18
CA ILE D 292 15.90 -7.33 -26.44
C ILE D 292 16.49 -6.74 -25.15
N ARG D 293 16.92 -7.61 -24.25
CA ARG D 293 17.58 -7.19 -23.04
C ARG D 293 19.09 -7.13 -23.27
N SER D 294 19.77 -6.35 -22.45
CA SER D 294 21.19 -6.08 -22.64
C SER D 294 22.01 -7.32 -22.29
N SER D 295 22.54 -7.98 -23.31
CA SER D 295 23.30 -9.21 -23.12
C SER D 295 24.67 -8.89 -22.55
N TYR D 296 25.29 -9.92 -21.97
CA TYR D 296 26.61 -9.78 -21.38
C TYR D 296 27.18 -11.16 -21.14
N ILE D 297 28.48 -11.22 -20.89
CA ILE D 297 29.14 -12.45 -20.48
C ILE D 297 29.47 -12.34 -19.01
N ARG D 298 29.34 -13.45 -18.29
CA ARG D 298 29.67 -13.55 -16.88
C ARG D 298 30.97 -14.32 -16.79
N VAL D 299 32.06 -13.62 -16.49
CA VAL D 299 33.39 -14.16 -16.57
C VAL D 299 33.57 -15.25 -15.52
N LEU D 300 34.40 -16.24 -15.84
CA LEU D 300 34.78 -17.26 -14.85
C LEU D 300 36.23 -17.70 -14.97
N GLY D 301 37.06 -17.04 -15.78
CA GLY D 301 38.47 -17.37 -15.82
C GLY D 301 39.20 -16.45 -16.77
N ILE D 302 40.33 -15.91 -16.32
CA ILE D 302 41.11 -14.93 -17.06
C ILE D 302 42.43 -15.56 -17.46
N GLN D 303 42.81 -15.40 -18.73
CA GLN D 303 44.13 -15.77 -19.22
C GLN D 303 44.65 -14.58 -20.03
N VAL D 304 45.44 -13.74 -19.38
CA VAL D 304 46.06 -12.62 -20.07
C VAL D 304 47.02 -13.15 -21.13
N ASP D 305 47.16 -12.42 -22.22
CA ASP D 305 48.07 -12.77 -23.31
C ASP D 305 49.09 -11.65 -23.50
N SER D 318 62.88 -19.32 -9.17
CA SER D 318 62.90 -20.75 -8.91
C SER D 318 64.34 -21.21 -8.62
N PRO D 319 64.54 -22.10 -7.64
CA PRO D 319 65.92 -22.44 -7.23
C PRO D 319 66.76 -23.06 -8.34
N GLN D 320 66.14 -23.86 -9.22
CA GLN D 320 66.91 -24.56 -10.26
C GLN D 320 67.59 -23.54 -11.18
N GLU D 321 66.79 -22.72 -11.86
CA GLU D 321 67.35 -21.72 -12.74
C GLU D 321 68.09 -20.64 -11.96
N GLU D 322 67.77 -20.45 -10.67
CA GLU D 322 68.54 -19.51 -9.86
C GLU D 322 69.99 -19.95 -9.74
N GLU D 323 70.21 -21.19 -9.31
CA GLU D 323 71.57 -21.71 -9.26
C GLU D 323 72.17 -21.84 -10.65
N GLU D 324 71.34 -22.08 -11.67
CA GLU D 324 71.83 -22.11 -13.04
C GLU D 324 72.43 -20.76 -13.42
N PHE D 325 71.69 -19.68 -13.18
CA PHE D 325 72.22 -18.34 -13.39
C PHE D 325 73.44 -18.09 -12.53
N ARG D 326 73.48 -18.64 -11.32
CA ARG D 326 74.65 -18.46 -10.47
C ARG D 326 75.88 -19.05 -11.14
N ARG D 327 75.74 -20.25 -11.71
CA ARG D 327 76.87 -20.85 -12.41
C ARG D 327 77.25 -20.05 -13.65
N LEU D 328 76.24 -19.62 -14.42
CA LEU D 328 76.50 -18.85 -15.64
C LEU D 328 77.24 -17.56 -15.33
N ALA D 329 76.93 -16.93 -14.19
CA ALA D 329 77.71 -15.78 -13.76
C ALA D 329 79.06 -16.21 -13.20
N ALA D 330 79.15 -17.43 -12.66
CA ALA D 330 80.41 -17.93 -12.14
C ALA D 330 81.40 -18.29 -13.23
N LEU D 331 80.96 -18.37 -14.49
CA LEU D 331 81.91 -18.63 -15.57
C LEU D 331 82.95 -17.51 -15.63
N PRO D 332 84.16 -17.78 -16.16
CA PRO D 332 85.18 -16.72 -16.22
C PRO D 332 84.95 -15.79 -17.39
N ASN D 333 84.40 -16.32 -18.49
CA ASN D 333 84.11 -15.53 -19.68
C ASN D 333 82.67 -15.02 -19.67
N VAL D 334 82.26 -14.41 -18.55
CA VAL D 334 80.90 -13.86 -18.45
C VAL D 334 80.73 -12.72 -19.44
N TYR D 335 81.72 -11.84 -19.50
CA TYR D 335 81.68 -10.68 -20.39
C TYR D 335 81.58 -11.12 -21.84
N GLU D 336 82.44 -12.05 -22.24
CA GLU D 336 82.42 -12.48 -23.63
C GLU D 336 81.15 -13.24 -23.97
N VAL D 337 80.66 -14.09 -23.06
CA VAL D 337 79.49 -14.89 -23.42
C VAL D 337 78.27 -13.99 -23.57
N ILE D 338 78.10 -13.00 -22.68
CA ILE D 338 76.95 -12.10 -22.86
C ILE D 338 77.16 -11.22 -24.09
N SER D 339 78.39 -10.82 -24.37
CA SER D 339 78.65 -10.01 -25.55
C SER D 339 78.29 -10.76 -26.83
N LYS D 340 78.66 -12.03 -26.91
CA LYS D 340 78.28 -12.83 -28.07
C LYS D 340 76.78 -13.07 -28.10
N SER D 341 76.18 -13.36 -26.94
CA SER D 341 74.82 -13.83 -26.90
C SER D 341 73.78 -12.73 -27.00
N ILE D 342 74.16 -11.46 -26.81
CA ILE D 342 73.21 -10.37 -26.90
C ILE D 342 72.71 -10.30 -28.34
N ALA D 343 73.57 -9.91 -29.27
CA ALA D 343 73.15 -9.69 -30.65
C ALA D 343 74.16 -10.32 -31.60
N PRO D 344 74.32 -11.65 -31.55
CA PRO D 344 75.25 -12.30 -32.49
C PRO D 344 74.80 -12.22 -33.94
N SER D 345 73.56 -11.84 -34.21
CA SER D 345 73.01 -11.72 -35.55
C SER D 345 73.30 -10.36 -36.19
N ILE D 346 74.30 -9.62 -35.71
CA ILE D 346 74.83 -8.45 -36.38
C ILE D 346 76.31 -8.68 -36.59
N PHE D 347 76.82 -8.28 -37.75
CA PHE D 347 78.25 -8.43 -38.02
C PHE D 347 79.04 -7.40 -37.23
N GLY D 348 80.01 -7.88 -36.46
CA GLY D 348 80.94 -6.99 -35.80
C GLY D 348 80.26 -6.09 -34.80
N GLY D 349 80.78 -4.88 -34.67
CA GLY D 349 80.31 -3.96 -33.65
C GLY D 349 80.52 -4.51 -32.25
N THR D 350 81.64 -5.21 -32.03
CA THR D 350 81.84 -5.95 -30.79
C THR D 350 81.86 -5.03 -29.57
N ASP D 351 82.51 -3.87 -29.69
CA ASP D 351 82.46 -2.90 -28.61
C ASP D 351 81.05 -2.47 -28.32
N MET D 352 80.23 -2.33 -29.36
CA MET D 352 78.85 -1.93 -29.15
C MET D 352 78.05 -3.03 -28.46
N LYS D 353 78.31 -4.30 -28.82
CA LYS D 353 77.66 -5.41 -28.12
C LYS D 353 78.01 -5.41 -26.65
N LYS D 354 79.30 -5.29 -26.33
CA LYS D 354 79.69 -5.25 -24.92
C LYS D 354 79.11 -4.04 -24.21
N ALA D 355 79.03 -2.92 -24.92
CA ALA D 355 78.41 -1.73 -24.37
C ALA D 355 76.95 -1.98 -24.02
N ILE D 356 76.22 -2.62 -24.94
CA ILE D 356 74.83 -2.99 -24.66
C ILE D 356 74.77 -3.92 -23.46
N ALA D 357 75.74 -4.81 -23.35
CA ALA D 357 75.79 -5.72 -22.21
C ALA D 357 75.87 -4.94 -20.91
N CYS D 358 76.79 -3.98 -20.85
CA CYS D 358 76.95 -3.21 -19.63
C CYS D 358 75.71 -2.36 -19.37
N LEU D 359 75.12 -1.84 -20.44
CA LEU D 359 73.93 -0.99 -20.34
C LEU D 359 72.77 -1.75 -19.70
N LEU D 360 72.51 -2.98 -20.17
CA LEU D 360 71.32 -3.71 -19.77
C LEU D 360 71.27 -3.95 -18.27
N PHE D 361 72.42 -4.16 -17.62
CA PHE D 361 72.46 -4.29 -16.17
C PHE D 361 72.54 -2.96 -15.45
N GLY D 362 73.19 -1.96 -16.03
CA GLY D 362 73.22 -0.65 -15.42
C GLY D 362 73.90 -0.60 -14.06
N GLY D 363 74.06 0.60 -13.52
CA GLY D 363 74.87 0.77 -12.33
C GLY D 363 74.18 0.41 -11.04
N SER D 364 74.29 1.29 -10.04
CA SER D 364 73.60 1.10 -8.78
C SER D 364 73.29 2.47 -8.21
N ARG D 365 72.01 2.74 -7.95
CA ARG D 365 71.60 4.05 -7.49
C ARG D 365 72.17 4.35 -6.11
N LYS D 366 72.48 5.62 -5.87
CA LYS D 366 72.99 6.09 -4.59
C LYS D 366 72.03 7.15 -4.04
N ARG D 367 71.41 6.84 -2.91
CA ARG D 367 70.76 7.83 -2.06
C ARG D 367 71.67 8.06 -0.87
N LEU D 368 72.07 9.29 -0.66
CA LEU D 368 73.11 9.63 0.28
C LEU D 368 72.48 10.02 1.61
N PRO D 369 73.26 10.03 2.70
CA PRO D 369 72.67 10.34 4.02
C PRO D 369 72.06 11.72 4.10
N ASP D 370 72.46 12.65 3.23
CA ASP D 370 71.76 13.92 3.17
C ASP D 370 70.37 13.74 2.56
N GLY D 371 70.27 13.02 1.45
CA GLY D 371 69.03 12.75 0.78
C GLY D 371 69.09 12.83 -0.74
N LEU D 372 70.17 13.36 -1.29
CA LEU D 372 70.26 13.53 -2.74
C LEU D 372 70.31 12.17 -3.41
N THR D 373 70.22 12.17 -4.73
CA THR D 373 70.12 10.94 -5.52
C THR D 373 71.09 11.00 -6.68
N ARG D 374 71.77 9.88 -6.94
CA ARG D 374 72.67 9.71 -8.07
C ARG D 374 72.23 8.48 -8.86
N ARG D 375 72.29 8.57 -10.18
CA ARG D 375 71.72 7.53 -11.03
C ARG D 375 72.52 6.25 -10.95
N GLY D 376 71.84 5.13 -11.19
CA GLY D 376 72.44 3.82 -11.28
C GLY D 376 72.21 3.17 -12.64
N ASP D 377 72.31 3.97 -13.70
CA ASP D 377 72.05 3.51 -15.06
C ASP D 377 73.09 4.08 -16.01
N ILE D 378 73.04 3.59 -17.25
CA ILE D 378 74.01 3.96 -18.28
C ILE D 378 73.22 4.35 -19.52
N ASN D 379 73.71 5.36 -20.24
CA ASN D 379 73.15 5.84 -21.49
C ASN D 379 74.12 5.58 -22.63
N LEU D 380 73.57 5.09 -23.73
CA LEU D 380 74.32 4.75 -24.94
C LEU D 380 73.82 5.53 -26.13
N LEU D 381 74.64 6.46 -26.61
CA LEU D 381 74.33 7.20 -27.83
C LEU D 381 75.05 6.55 -29.00
N MET D 382 74.37 6.50 -30.14
CA MET D 382 74.79 5.71 -31.29
C MET D 382 74.73 6.54 -32.57
N LEU D 383 75.41 7.69 -32.57
CA LEU D 383 75.47 8.52 -33.76
C LEU D 383 76.01 7.71 -34.92
N GLY D 384 75.50 7.94 -36.12
CA GLY D 384 76.17 7.42 -37.29
C GLY D 384 75.25 7.15 -38.47
N ASP D 385 75.83 6.44 -39.41
CA ASP D 385 75.39 6.19 -40.78
C ASP D 385 74.00 5.57 -40.87
N PRO D 386 73.39 5.53 -42.06
CA PRO D 386 72.19 4.70 -42.23
C PRO D 386 72.48 3.21 -42.18
N GLY D 387 73.50 2.79 -42.94
CA GLY D 387 73.62 1.38 -43.32
C GLY D 387 73.78 0.43 -42.14
N THR D 388 74.46 0.86 -41.09
CA THR D 388 74.70 -0.02 -39.97
C THR D 388 73.41 -0.28 -39.22
N ALA D 389 73.43 -1.33 -38.39
CA ALA D 389 72.20 -1.83 -37.76
C ALA D 389 71.87 -1.06 -36.48
N LYS D 390 71.81 0.26 -36.55
CA LYS D 390 71.54 1.02 -35.33
C LYS D 390 70.11 0.79 -34.84
N SER D 391 69.12 0.97 -35.72
CA SER D 391 67.75 0.76 -35.28
C SER D 391 67.50 -0.71 -34.98
N GLN D 392 68.24 -1.60 -35.63
CA GLN D 392 68.05 -3.03 -35.38
C GLN D 392 68.57 -3.41 -34.01
N LEU D 393 69.71 -2.86 -33.60
CA LEU D 393 70.16 -3.05 -32.24
C LEU D 393 69.18 -2.47 -31.24
N LEU D 394 68.62 -1.28 -31.53
CA LEU D 394 67.57 -0.73 -30.68
C LEU D 394 66.39 -1.69 -30.57
N LYS D 395 65.98 -2.26 -31.71
CA LYS D 395 64.88 -3.22 -31.74
C LYS D 395 65.15 -4.41 -30.85
N PHE D 396 66.33 -5.02 -30.99
CA PHE D 396 66.64 -6.18 -30.19
C PHE D 396 66.71 -5.82 -28.71
N VAL D 397 67.34 -4.70 -28.37
CA VAL D 397 67.52 -4.37 -26.97
C VAL D 397 66.18 -4.16 -26.29
N GLU D 398 65.23 -3.57 -27.03
CA GLU D 398 63.88 -3.48 -26.47
C GLU D 398 63.29 -4.87 -26.26
N LYS D 399 63.48 -5.76 -27.21
CA LYS D 399 62.96 -7.11 -27.05
C LYS D 399 63.58 -7.80 -25.84
N CYS D 400 64.87 -7.56 -25.61
CA CYS D 400 65.66 -8.33 -24.67
C CYS D 400 65.72 -7.75 -23.27
N SER D 401 65.35 -6.49 -23.08
CA SER D 401 65.28 -5.98 -21.72
C SER D 401 64.11 -6.66 -21.00
N PRO D 402 64.15 -6.75 -19.66
CA PRO D 402 62.95 -7.24 -18.97
C PRO D 402 61.73 -6.37 -19.24
N ILE D 403 61.87 -5.06 -19.05
CA ILE D 403 60.85 -4.08 -19.43
C ILE D 403 61.53 -2.99 -20.24
N GLY D 404 61.13 -2.82 -21.50
CA GLY D 404 61.75 -1.84 -22.36
C GLY D 404 60.84 -1.42 -23.48
N VAL D 405 60.96 -0.16 -23.88
CA VAL D 405 60.06 0.48 -24.84
C VAL D 405 60.90 1.23 -25.88
N TYR D 406 60.70 0.90 -27.16
CA TYR D 406 61.51 1.45 -28.25
C TYR D 406 60.62 2.40 -29.03
N THR D 407 60.97 3.69 -28.96
CA THR D 407 60.15 4.75 -29.50
C THR D 407 61.00 5.66 -30.37
N SER D 408 60.34 6.63 -31.00
CA SER D 408 60.98 7.69 -31.75
C SER D 408 61.07 8.93 -30.89
N GLY D 409 61.94 9.85 -31.29
CA GLY D 409 61.97 11.14 -30.63
C GLY D 409 60.64 11.85 -30.73
N LYS D 410 59.99 11.75 -31.89
CA LYS D 410 58.68 12.37 -32.10
C LYS D 410 57.57 11.55 -31.48
N GLY D 411 57.66 11.23 -30.18
CA GLY D 411 56.63 10.43 -29.52
C GLY D 411 56.41 9.08 -30.16
N SER D 412 55.15 8.69 -30.29
CA SER D 412 54.78 7.44 -30.90
C SER D 412 53.34 7.53 -31.37
N SER D 413 52.94 6.55 -32.19
CA SER D 413 51.58 6.48 -32.69
C SER D 413 50.62 6.32 -31.53
N ALA D 414 49.85 7.37 -31.23
CA ALA D 414 48.92 7.36 -30.12
C ALA D 414 49.64 7.07 -28.80
N ALA D 415 50.85 7.60 -28.66
CA ALA D 415 51.58 7.51 -27.40
C ALA D 415 52.67 8.58 -27.40
N GLY D 416 52.70 9.38 -26.34
CA GLY D 416 53.68 10.44 -26.23
C GLY D 416 55.08 9.91 -26.02
N LEU D 417 55.95 10.74 -25.45
CA LEU D 417 57.27 10.33 -25.01
C LEU D 417 57.47 10.56 -23.53
N THR D 418 57.32 11.79 -23.08
CA THR D 418 57.26 12.08 -21.66
C THR D 418 55.82 11.87 -21.19
N ALA D 419 55.65 11.77 -19.89
CA ALA D 419 54.31 11.66 -19.36
C ALA D 419 53.64 13.03 -19.37
N SER D 420 52.32 13.03 -19.31
CA SER D 420 51.55 14.24 -19.09
C SER D 420 50.38 13.89 -18.18
N VAL D 421 49.94 14.87 -17.40
CA VAL D 421 48.76 14.74 -16.56
C VAL D 421 47.85 15.90 -16.88
N MET D 422 46.54 15.64 -16.90
CA MET D 422 45.55 16.62 -17.29
C MET D 422 44.29 16.44 -16.46
N ARG D 423 43.73 17.54 -15.97
CA ARG D 423 42.47 17.48 -15.26
C ARG D 423 41.36 17.07 -16.22
N ASP D 424 40.39 16.32 -15.72
CA ASP D 424 39.17 16.00 -16.44
C ASP D 424 38.04 16.83 -15.85
N PRO D 425 37.50 17.85 -16.55
CA PRO D 425 36.55 18.76 -15.87
C PRO D 425 35.29 18.08 -15.36
N SER D 426 34.81 17.04 -16.03
CA SER D 426 33.61 16.36 -15.57
C SER D 426 33.84 15.71 -14.21
N SER D 427 34.75 14.74 -14.16
CA SER D 427 35.01 13.98 -12.94
C SER D 427 36.09 14.58 -12.06
N ARG D 428 36.81 15.61 -12.51
CA ARG D 428 37.85 16.31 -11.77
C ARG D 428 39.11 15.49 -11.52
N ASN D 429 39.18 14.24 -11.98
CA ASN D 429 40.36 13.43 -11.79
C ASN D 429 41.47 13.86 -12.75
N PHE D 430 42.70 13.82 -12.26
CA PHE D 430 43.86 14.20 -13.05
C PHE D 430 44.31 12.93 -13.78
N ILE D 431 43.74 12.72 -14.98
CA ILE D 431 44.14 11.58 -15.79
C ILE D 431 45.61 11.74 -16.12
N MET D 432 46.34 10.62 -16.16
CA MET D 432 47.78 10.61 -16.36
C MET D 432 48.14 9.81 -17.61
N GLU D 433 48.25 10.51 -18.73
CA GLU D 433 48.81 9.91 -19.92
C GLU D 433 50.25 9.51 -19.65
N GLY D 434 50.56 8.23 -19.87
CA GLY D 434 51.88 7.70 -19.62
C GLY D 434 52.69 7.63 -20.89
N GLY D 435 53.83 8.31 -20.89
CA GLY D 435 54.73 8.29 -22.01
C GLY D 435 55.63 7.06 -21.96
N ALA D 436 56.60 7.04 -22.86
CA ALA D 436 57.56 5.96 -22.87
C ALA D 436 58.38 5.94 -21.60
N MET D 437 58.79 7.13 -21.15
CA MET D 437 59.69 7.25 -20.01
C MET D 437 59.12 6.63 -18.75
N VAL D 438 57.81 6.79 -18.53
CA VAL D 438 57.16 6.32 -17.32
C VAL D 438 56.54 4.95 -17.56
N LEU D 439 56.08 4.69 -18.78
CA LEU D 439 55.57 3.36 -19.10
C LEU D 439 56.67 2.30 -19.11
N ALA D 440 57.95 2.70 -19.15
CA ALA D 440 59.08 1.81 -18.95
C ALA D 440 59.91 2.25 -17.76
N ASP D 441 59.25 2.64 -16.67
CA ASP D 441 59.97 2.90 -15.44
C ASP D 441 60.63 1.62 -14.94
N GLY D 442 61.85 1.75 -14.43
CA GLY D 442 62.60 0.58 -14.06
C GLY D 442 63.12 -0.21 -15.23
N GLY D 443 63.20 0.41 -16.41
CA GLY D 443 63.41 -0.31 -17.65
C GLY D 443 64.42 0.31 -18.61
N VAL D 444 64.34 -0.09 -19.87
CA VAL D 444 65.22 0.40 -20.93
C VAL D 444 64.37 1.05 -22.00
N VAL D 445 64.42 2.38 -22.09
CA VAL D 445 63.89 3.07 -23.26
C VAL D 445 64.95 3.03 -24.34
N CYS D 446 64.50 2.85 -25.57
CA CYS D 446 65.34 2.86 -26.74
C CYS D 446 64.79 3.97 -27.62
N ILE D 447 65.31 5.17 -27.46
CA ILE D 447 64.86 6.28 -28.28
C ILE D 447 65.55 6.15 -29.62
N ASP D 448 64.86 6.59 -30.66
CA ASP D 448 65.43 6.67 -31.99
C ASP D 448 65.19 8.09 -32.49
N GLU D 449 66.01 8.49 -33.45
CA GLU D 449 65.99 9.85 -34.00
C GLU D 449 66.05 10.88 -32.88
N PHE D 450 67.02 10.71 -32.00
CA PHE D 450 67.20 11.65 -30.89
C PHE D 450 67.48 13.07 -31.40
N ASP D 451 68.10 13.19 -32.57
CA ASP D 451 68.30 14.51 -33.16
C ASP D 451 66.96 15.19 -33.42
N LYS D 452 65.94 14.42 -33.79
CA LYS D 452 64.72 14.92 -34.41
C LYS D 452 63.57 14.99 -33.41
N MET D 453 63.84 15.46 -32.19
CA MET D 453 62.89 15.38 -31.09
C MET D 453 62.17 16.71 -30.87
N ARG D 454 61.04 16.63 -30.17
CA ARG D 454 60.25 17.81 -29.84
C ARG D 454 61.02 18.70 -28.88
N GLU D 455 60.67 19.98 -28.87
CA GLU D 455 61.35 20.89 -27.95
C GLU D 455 60.87 20.69 -26.51
N ASP D 456 59.57 20.49 -26.32
CA ASP D 456 59.05 20.20 -24.98
C ASP D 456 59.67 18.92 -24.45
N ASP D 457 59.78 17.90 -25.30
CA ASP D 457 60.43 16.66 -24.91
C ASP D 457 61.90 16.91 -24.62
N ARG D 458 62.55 17.79 -25.37
CA ARG D 458 63.95 18.10 -25.11
C ARG D 458 64.15 18.63 -23.71
N VAL D 459 63.29 19.57 -23.29
CA VAL D 459 63.40 20.14 -21.95
C VAL D 459 63.15 19.07 -20.88
N ALA D 460 62.05 18.33 -21.02
CA ALA D 460 61.71 17.35 -20.00
C ALA D 460 62.74 16.24 -19.95
N ILE D 461 63.36 15.92 -21.08
CA ILE D 461 64.41 14.91 -21.09
C ILE D 461 65.66 15.43 -20.42
N HIS D 462 66.00 16.71 -20.63
CA HIS D 462 67.11 17.30 -19.87
C HIS D 462 66.92 17.15 -18.38
N GLU D 463 65.69 17.38 -17.87
CA GLU D 463 65.47 17.09 -16.46
C GLU D 463 65.56 15.59 -16.16
N ALA D 464 65.01 14.76 -17.04
CA ALA D 464 64.71 13.36 -16.71
C ALA D 464 65.91 12.42 -16.72
N MET D 465 66.85 12.61 -17.64
CA MET D 465 67.79 11.54 -17.96
C MET D 465 68.69 11.23 -16.78
N GLU D 466 69.58 12.17 -16.43
CA GLU D 466 70.60 11.84 -15.43
C GLU D 466 70.04 11.85 -14.01
N GLN D 467 68.98 12.60 -13.77
CA GLN D 467 68.29 12.63 -12.47
C GLN D 467 66.85 12.20 -12.71
N GLN D 468 66.40 11.24 -11.90
CA GLN D 468 65.37 10.30 -12.32
C GLN D 468 63.97 10.75 -11.87
N THR D 469 63.40 11.70 -12.59
CA THR D 469 62.02 12.11 -12.41
C THR D 469 61.47 12.65 -13.72
N ILE D 470 60.15 13.02 -13.82
CA ILE D 470 59.59 14.01 -14.74
C ILE D 470 58.58 14.83 -13.95
N SER D 471 58.95 16.02 -13.54
CA SER D 471 58.02 16.86 -12.80
C SER D 471 57.04 17.54 -13.75
N ILE D 472 55.77 17.56 -13.33
CA ILE D 472 54.71 18.27 -14.06
C ILE D 472 53.81 18.94 -13.04
N ALA D 473 53.37 20.16 -13.35
CA ALA D 473 52.58 20.97 -12.43
C ALA D 473 51.51 21.71 -13.23
N LYS D 474 50.34 21.09 -13.35
CA LYS D 474 49.22 21.70 -14.05
C LYS D 474 48.53 22.70 -13.14
N ALA D 475 47.32 23.13 -13.52
CA ALA D 475 46.61 24.20 -12.84
C ALA D 475 46.37 23.89 -11.37
N GLY D 476 46.17 22.62 -11.02
CA GLY D 476 45.84 22.23 -9.66
C GLY D 476 46.92 21.47 -8.91
N ILE D 477 47.65 20.60 -9.60
CA ILE D 477 48.49 19.60 -8.96
C ILE D 477 49.96 19.92 -9.20
N THR D 478 50.83 19.21 -8.49
CA THR D 478 52.28 19.32 -8.69
C THR D 478 52.86 17.94 -8.42
N THR D 479 53.00 17.15 -9.48
CA THR D 479 53.49 15.79 -9.37
C THR D 479 55.00 15.75 -9.56
N THR D 480 55.57 14.57 -9.31
CA THR D 480 56.95 14.29 -9.67
C THR D 480 57.02 12.80 -9.97
N LEU D 481 56.80 12.45 -11.23
CA LEU D 481 56.71 11.04 -11.59
C LEU D 481 58.08 10.39 -11.46
N ASN D 482 58.08 9.07 -11.26
CA ASN D 482 59.31 8.31 -11.13
C ASN D 482 59.67 7.73 -12.48
N SER D 483 60.88 8.07 -12.98
CA SER D 483 61.37 7.63 -14.28
C SER D 483 62.76 7.01 -14.11
N ARG D 484 62.77 5.71 -13.79
CA ARG D 484 64.00 4.92 -13.76
C ARG D 484 64.12 4.25 -15.12
N CYS D 485 64.96 4.81 -15.98
CA CYS D 485 65.10 4.29 -17.33
C CYS D 485 66.52 4.48 -17.85
N SER D 486 67.01 3.47 -18.56
CA SER D 486 68.26 3.54 -19.29
C SER D 486 67.98 3.78 -20.77
N VAL D 487 68.76 4.67 -21.38
CA VAL D 487 68.51 5.15 -22.73
C VAL D 487 69.49 4.51 -23.69
N LEU D 488 68.94 3.91 -24.73
CA LEU D 488 69.70 3.56 -25.93
C LEU D 488 69.18 4.48 -27.02
N ALA D 489 69.94 5.52 -27.33
CA ALA D 489 69.53 6.55 -28.27
C ALA D 489 70.36 6.40 -29.54
N ALA D 490 69.69 6.34 -30.68
CA ALA D 490 70.32 6.40 -31.99
C ALA D 490 70.15 7.80 -32.56
N ALA D 491 70.87 8.07 -33.65
CA ALA D 491 70.68 9.28 -34.44
C ALA D 491 71.60 9.24 -35.64
N ASN D 492 71.25 10.03 -36.65
CA ASN D 492 72.11 10.32 -37.79
C ASN D 492 72.73 11.69 -37.61
N SER D 493 73.97 11.84 -38.05
CA SER D 493 74.53 13.17 -38.17
C SER D 493 73.79 13.93 -39.27
N VAL D 494 73.93 15.25 -39.25
CA VAL D 494 73.10 16.11 -40.10
C VAL D 494 73.37 15.82 -41.57
N PHE D 495 74.63 15.70 -41.93
CA PHE D 495 75.03 15.64 -43.34
C PHE D 495 75.13 14.19 -43.83
N GLY D 496 74.03 13.45 -43.64
CA GLY D 496 73.91 12.14 -44.25
C GLY D 496 74.77 11.07 -43.60
N ARG D 497 76.09 11.27 -43.64
CA ARG D 497 77.05 10.42 -42.95
C ARG D 497 78.06 11.32 -42.26
N TRP D 498 79.16 10.77 -41.79
CA TRP D 498 80.23 11.55 -41.17
C TRP D 498 81.25 11.88 -42.26
N ASP D 499 81.20 13.14 -42.74
CA ASP D 499 82.26 13.67 -43.58
C ASP D 499 83.40 14.15 -42.70
N GLU D 500 84.63 13.79 -43.08
CA GLU D 500 85.78 14.13 -42.26
C GLU D 500 86.00 15.63 -42.17
N THR D 501 85.57 16.38 -43.18
CA THR D 501 85.81 17.82 -43.20
C THR D 501 85.06 18.53 -42.08
N LYS D 502 83.90 18.00 -41.67
CA LYS D 502 83.06 18.61 -40.65
C LYS D 502 83.26 17.99 -39.28
N GLY D 503 84.41 17.36 -39.05
CA GLY D 503 84.70 16.85 -37.72
C GLY D 503 84.73 17.97 -36.69
N GLU D 504 84.17 17.70 -35.52
CA GLU D 504 83.90 18.66 -34.45
C GLU D 504 82.76 19.62 -34.80
N ASP D 505 82.07 19.41 -35.91
CA ASP D 505 80.90 20.18 -36.30
C ASP D 505 79.76 19.36 -36.86
N ASN D 506 79.94 18.06 -37.10
CA ASN D 506 78.97 17.23 -37.78
C ASN D 506 77.93 16.64 -36.84
N ILE D 507 77.71 17.27 -35.68
CA ILE D 507 76.73 16.84 -34.69
C ILE D 507 75.90 18.05 -34.30
N ASP D 508 74.58 17.87 -34.23
CA ASP D 508 73.66 18.97 -33.93
C ASP D 508 73.13 18.97 -32.51
N PHE D 509 73.37 17.93 -31.72
CA PHE D 509 72.84 17.92 -30.37
C PHE D 509 73.59 18.92 -29.52
N MET D 510 72.98 19.32 -28.44
CA MET D 510 73.60 20.30 -27.57
C MET D 510 74.60 19.61 -26.63
N PRO D 511 75.60 20.34 -26.15
CA PRO D 511 76.49 19.73 -25.16
C PRO D 511 75.78 19.42 -23.86
N THR D 512 74.72 20.14 -23.52
CA THR D 512 73.95 19.85 -22.33
C THR D 512 72.94 18.74 -22.55
N ILE D 513 73.04 17.95 -23.62
CA ILE D 513 72.38 16.64 -23.68
C ILE D 513 73.37 15.56 -24.10
N LEU D 514 74.56 15.93 -24.57
CA LEU D 514 75.66 14.98 -24.58
C LEU D 514 76.34 14.84 -23.22
N SER D 515 76.16 15.81 -22.33
CA SER D 515 76.69 15.69 -20.97
C SER D 515 76.06 14.51 -20.25
N ARG D 516 74.72 14.46 -20.25
CA ARG D 516 73.95 13.41 -19.58
C ARG D 516 74.43 11.99 -19.86
N PHE D 517 75.07 11.77 -21.00
CA PHE D 517 75.37 10.42 -21.44
C PHE D 517 76.58 9.85 -20.72
N ASP D 518 76.76 8.55 -20.94
CA ASP D 518 77.79 7.75 -20.32
C ASP D 518 78.64 6.99 -21.32
N MET D 519 78.18 6.78 -22.57
CA MET D 519 79.13 6.59 -23.66
C MET D 519 78.44 6.84 -25.01
N ILE D 520 79.17 7.51 -25.90
CA ILE D 520 78.64 8.12 -27.12
C ILE D 520 79.50 7.61 -28.27
N PHE D 521 79.00 6.65 -29.03
CA PHE D 521 79.74 6.05 -30.14
C PHE D 521 79.27 6.62 -31.47
N ILE D 522 80.25 6.97 -32.32
CA ILE D 522 80.00 7.34 -33.70
C ILE D 522 80.23 6.09 -34.54
N VAL D 523 79.42 5.93 -35.58
CA VAL D 523 79.40 4.74 -36.42
C VAL D 523 79.45 5.20 -37.87
N LYS D 524 80.59 4.98 -38.52
CA LYS D 524 80.78 5.31 -39.93
C LYS D 524 81.37 4.10 -40.62
N ASP D 525 80.86 3.81 -41.81
CA ASP D 525 81.29 2.67 -42.62
C ASP D 525 82.00 3.25 -43.84
N GLU D 526 83.29 3.55 -43.69
CA GLU D 526 83.96 4.39 -44.66
C GLU D 526 84.68 3.60 -45.75
N HIS D 527 85.70 2.81 -45.38
CA HIS D 527 86.54 2.14 -46.37
C HIS D 527 87.01 0.82 -45.76
N ASN D 528 86.24 -0.24 -45.96
CA ASN D 528 86.63 -1.58 -45.52
C ASN D 528 86.06 -2.59 -46.50
N GLU D 529 86.85 -2.94 -47.51
CA GLU D 529 86.38 -3.86 -48.54
C GLU D 529 86.11 -5.25 -47.96
N GLU D 530 87.07 -5.78 -47.20
CA GLU D 530 86.90 -7.11 -46.61
C GLU D 530 85.73 -7.13 -45.65
N ARG D 531 85.61 -6.10 -44.80
CA ARG D 531 84.51 -6.05 -43.86
C ARG D 531 83.18 -6.01 -44.58
N ASP D 532 83.09 -5.25 -45.66
CA ASP D 532 81.80 -5.11 -46.31
C ASP D 532 81.42 -6.37 -47.10
N VAL D 533 82.38 -7.02 -47.75
CA VAL D 533 82.01 -8.27 -48.43
C VAL D 533 81.64 -9.34 -47.40
N MET D 534 82.39 -9.41 -46.29
CA MET D 534 82.00 -10.32 -45.21
C MET D 534 80.64 -9.96 -44.63
N LEU D 535 80.30 -8.67 -44.62
CA LEU D 535 79.00 -8.24 -44.12
C LEU D 535 77.87 -8.74 -45.02
N ALA D 536 78.08 -8.68 -46.33
CA ALA D 536 77.12 -9.29 -47.25
C ALA D 536 76.97 -10.79 -46.96
N LYS D 537 78.11 -11.47 -46.75
CA LYS D 537 78.05 -12.89 -46.37
C LYS D 537 77.23 -13.08 -45.11
N HIS D 538 77.47 -12.25 -44.10
CA HIS D 538 76.84 -12.41 -42.80
C HIS D 538 75.33 -12.23 -42.89
N VAL D 539 74.90 -11.17 -43.58
CA VAL D 539 73.47 -10.89 -43.62
C VAL D 539 72.74 -11.97 -44.40
N ILE D 540 73.30 -12.44 -45.51
CA ILE D 540 72.57 -13.50 -46.21
C ILE D 540 72.69 -14.82 -45.46
N THR D 541 73.73 -15.00 -44.65
CA THR D 541 73.77 -16.17 -43.76
C THR D 541 72.62 -16.13 -42.76
N LEU D 542 72.34 -14.96 -42.19
CA LEU D 542 71.15 -14.81 -41.36
C LEU D 542 69.91 -15.20 -42.15
N HIS D 543 69.82 -14.69 -43.38
CA HIS D 543 68.64 -14.89 -44.20
C HIS D 543 68.38 -16.37 -44.44
N VAL D 544 69.44 -17.15 -44.64
CA VAL D 544 69.28 -18.58 -44.96
C VAL D 544 69.17 -19.42 -43.70
N SER D 545 69.94 -19.10 -42.66
CA SER D 545 69.89 -19.89 -41.43
C SER D 545 68.53 -19.77 -40.75
N ALA D 546 67.93 -18.59 -40.76
CA ALA D 546 66.62 -18.42 -40.15
C ALA D 546 65.57 -19.25 -40.89
N ILE D 557 73.92 -18.19 -25.07
CA ILE D 557 72.73 -18.54 -24.31
C ILE D 557 71.49 -18.10 -25.10
N ASP D 558 70.32 -18.19 -24.47
CA ASP D 558 69.05 -17.89 -25.11
C ASP D 558 68.51 -16.55 -24.65
N LEU D 559 67.54 -16.04 -25.41
CA LEU D 559 66.99 -14.72 -25.15
C LEU D 559 66.24 -14.66 -23.81
N ALA D 560 65.35 -15.62 -23.57
CA ALA D 560 64.58 -15.64 -22.33
C ALA D 560 65.50 -15.82 -21.14
N LYS D 561 66.47 -16.73 -21.27
CA LYS D 561 67.45 -16.94 -20.22
C LYS D 561 68.24 -15.66 -19.95
N LEU D 562 68.60 -14.95 -21.02
CA LEU D 562 69.40 -13.75 -20.85
C LEU D 562 68.61 -12.65 -20.15
N LYS D 563 67.36 -12.44 -20.54
CA LYS D 563 66.58 -11.37 -19.88
C LYS D 563 66.31 -11.73 -18.43
N LYS D 564 66.03 -13.01 -18.15
CA LYS D 564 65.83 -13.42 -16.77
C LYS D 564 67.10 -13.21 -15.97
N PHE D 565 68.25 -13.54 -16.55
CA PHE D 565 69.53 -13.35 -15.88
C PHE D 565 69.79 -11.87 -15.62
N ILE D 566 69.37 -11.01 -16.55
CA ILE D 566 69.53 -9.57 -16.39
C ILE D 566 68.74 -9.10 -15.17
N ALA D 567 67.47 -9.48 -15.11
CA ALA D 567 66.64 -9.11 -13.96
C ALA D 567 67.23 -9.67 -12.68
N TYR D 568 67.80 -10.88 -12.76
CA TYR D 568 68.35 -11.56 -11.59
C TYR D 568 69.53 -10.79 -11.02
N CYS D 569 70.47 -10.38 -11.89
CA CYS D 569 71.62 -9.61 -11.44
C CYS D 569 71.18 -8.29 -10.84
N ARG D 570 70.29 -7.58 -11.54
CA ARG D 570 69.85 -6.25 -11.10
C ARG D 570 69.18 -6.32 -9.73
N VAL D 571 68.35 -7.34 -9.50
CA VAL D 571 67.67 -7.42 -8.21
C VAL D 571 68.60 -7.94 -7.12
N LYS D 572 69.53 -8.83 -7.46
CA LYS D 572 70.30 -9.50 -6.40
C LYS D 572 71.47 -8.66 -5.92
N CYS D 573 72.39 -8.28 -6.82
CA CYS D 573 73.66 -7.72 -6.39
C CYS D 573 73.68 -6.19 -6.50
N GLY D 574 74.28 -5.54 -5.50
CA GLY D 574 74.66 -4.15 -5.60
C GLY D 574 76.16 -4.00 -5.78
N PRO D 575 76.63 -3.84 -7.02
CA PRO D 575 78.07 -3.64 -7.23
C PRO D 575 78.51 -2.24 -6.81
N ARG D 576 79.59 -2.17 -6.05
CA ARG D 576 80.09 -0.90 -5.57
C ARG D 576 81.61 -1.01 -5.37
N LEU D 577 82.34 -0.20 -6.13
CA LEU D 577 83.77 -0.38 -6.35
C LEU D 577 84.58 -0.33 -5.06
N SER D 578 85.83 -0.76 -5.17
CA SER D 578 86.82 -0.73 -4.09
C SER D 578 87.71 0.49 -4.21
N ALA D 579 88.39 0.82 -3.10
CA ALA D 579 89.17 2.05 -3.04
C ALA D 579 90.35 2.03 -4.01
N GLU D 580 90.97 0.87 -4.23
CA GLU D 580 92.07 0.79 -5.19
C GLU D 580 91.58 1.10 -6.60
N ALA D 581 90.43 0.53 -6.96
CA ALA D 581 89.82 0.85 -8.25
C ALA D 581 89.48 2.33 -8.33
N ALA D 582 89.00 2.90 -7.23
CA ALA D 582 88.69 4.33 -7.21
C ALA D 582 89.94 5.17 -7.44
N GLU D 583 91.06 4.77 -6.86
CA GLU D 583 92.29 5.54 -7.02
C GLU D 583 92.82 5.40 -8.45
N LYS D 584 92.72 4.21 -9.04
CA LYS D 584 93.11 4.08 -10.44
C LYS D 584 92.25 4.95 -11.33
N LEU D 585 90.94 4.96 -11.08
CA LEU D 585 90.04 5.80 -11.85
C LEU D 585 90.36 7.28 -11.65
N LYS D 586 90.78 7.65 -10.44
CA LYS D 586 91.20 9.03 -10.19
C LYS D 586 92.38 9.41 -11.07
N ASN D 587 93.41 8.55 -11.10
CA ASN D 587 94.59 8.84 -11.90
C ASN D 587 94.23 8.97 -13.38
N ARG D 588 93.52 7.97 -13.91
CA ARG D 588 93.15 8.06 -15.32
C ARG D 588 92.14 9.16 -15.57
N TYR D 589 91.41 9.62 -14.55
CA TYR D 589 90.48 10.74 -14.74
C TYR D 589 91.23 12.04 -14.91
N ILE D 590 92.23 12.28 -14.08
CA ILE D 590 93.06 13.47 -14.25
C ILE D 590 93.73 13.43 -15.62
N ILE D 591 94.24 12.25 -16.01
CA ILE D 591 94.91 12.15 -17.30
C ILE D 591 93.93 12.43 -18.43
N MET D 592 92.72 11.86 -18.34
CA MET D 592 91.72 12.03 -19.39
C MET D 592 91.28 13.49 -19.50
N ARG D 593 91.06 14.15 -18.35
CA ARG D 593 90.62 15.55 -18.39
C ARG D 593 91.73 16.46 -18.89
N SER D 594 92.98 16.16 -18.53
CA SER D 594 94.10 16.90 -19.08
C SER D 594 94.15 16.75 -20.59
N GLY D 595 93.94 15.52 -21.08
CA GLY D 595 93.93 15.30 -22.52
C GLY D 595 92.80 16.04 -23.21
N ALA D 596 91.62 16.05 -22.60
CA ALA D 596 90.49 16.78 -23.20
C ALA D 596 90.76 18.28 -23.24
N ARG D 597 91.28 18.84 -22.15
CA ARG D 597 91.67 20.24 -22.13
C ARG D 597 92.73 20.51 -23.19
N GLN D 598 93.66 19.58 -23.35
CA GLN D 598 94.75 19.76 -24.30
C GLN D 598 94.22 19.81 -25.72
N HIS D 599 93.33 18.88 -26.07
CA HIS D 599 92.75 18.90 -27.41
C HIS D 599 91.93 20.16 -27.62
N GLU D 600 91.22 20.60 -26.58
CA GLU D 600 90.44 21.83 -26.68
C GLU D 600 91.34 23.02 -27.04
N ARG D 601 92.41 23.23 -26.27
CA ARG D 601 93.26 24.39 -26.55
C ARG D 601 94.05 24.20 -27.84
N ASP D 602 94.36 22.96 -28.22
CA ASP D 602 95.04 22.73 -29.49
C ASP D 602 94.16 23.13 -30.66
N SER D 603 92.92 22.63 -30.69
CA SER D 603 91.99 23.03 -31.74
C SER D 603 91.60 24.50 -31.62
N ASP D 604 91.77 25.11 -30.45
CA ASP D 604 91.47 26.52 -30.18
C ASP D 604 89.98 26.84 -30.27
N ARG D 605 89.12 25.83 -30.38
CA ARG D 605 87.67 25.98 -30.42
C ARG D 605 87.08 24.94 -29.49
N ARG D 606 86.05 25.33 -28.77
CA ARG D 606 85.55 24.52 -27.66
C ARG D 606 85.00 23.20 -28.16
N SER D 607 85.37 22.11 -27.49
CA SER D 607 85.04 20.77 -27.95
C SER D 607 83.53 20.57 -28.00
N SER D 608 83.09 19.83 -29.01
CA SER D 608 81.67 19.62 -29.26
C SER D 608 81.07 18.52 -28.42
N ILE D 609 81.75 18.03 -27.39
CA ILE D 609 81.27 16.90 -26.61
C ILE D 609 81.90 16.96 -25.22
N PRO D 610 81.15 17.28 -24.15
CA PRO D 610 81.79 17.34 -22.83
C PRO D 610 82.36 16.01 -22.37
N ILE D 611 83.48 16.10 -21.66
CA ILE D 611 84.04 15.01 -20.86
C ILE D 611 84.16 15.58 -19.46
N THR D 612 83.32 15.09 -18.54
CA THR D 612 83.02 15.77 -17.29
C THR D 612 83.01 14.80 -16.12
N VAL D 613 82.64 15.34 -14.95
CA VAL D 613 82.41 14.50 -13.78
C VAL D 613 81.28 13.52 -14.04
N ARG D 614 80.33 13.88 -14.90
CA ARG D 614 79.35 12.90 -15.35
C ARG D 614 80.03 11.72 -16.00
N GLN D 615 81.13 11.96 -16.74
CA GLN D 615 81.82 10.88 -17.42
C GLN D 615 82.67 10.05 -16.46
N LEU D 616 83.26 10.71 -15.45
CA LEU D 616 83.84 9.97 -14.33
C LEU D 616 82.83 8.99 -13.75
N GLU D 617 81.69 9.52 -13.31
CA GLU D 617 80.65 8.67 -12.75
C GLU D 617 80.10 7.69 -13.77
N ALA D 618 80.19 8.00 -15.07
CA ALA D 618 79.81 7.02 -16.07
C ALA D 618 80.72 5.82 -16.01
N ILE D 619 82.03 6.04 -15.87
CA ILE D 619 82.96 4.92 -15.71
C ILE D 619 82.61 4.17 -14.44
N VAL D 620 82.22 4.89 -13.39
CA VAL D 620 81.87 4.24 -12.13
C VAL D 620 80.69 3.31 -12.34
N ARG D 621 79.65 3.80 -13.02
CA ARG D 621 78.48 2.99 -13.30
C ARG D 621 78.82 1.82 -14.21
N ILE D 622 79.70 2.06 -15.20
CA ILE D 622 80.10 1.00 -16.13
C ILE D 622 80.84 -0.11 -15.40
N ALA D 623 81.77 0.26 -14.51
CA ALA D 623 82.48 -0.73 -13.71
C ALA D 623 81.52 -1.49 -12.81
N GLU D 624 80.58 -0.79 -12.19
CA GLU D 624 79.61 -1.46 -11.34
C GLU D 624 78.79 -2.47 -12.12
N ALA D 625 78.35 -2.10 -13.32
CA ALA D 625 77.58 -3.04 -14.13
C ALA D 625 78.44 -4.24 -14.53
N LEU D 626 79.69 -4.00 -14.89
CA LEU D 626 80.57 -5.11 -15.26
C LEU D 626 80.73 -6.09 -14.10
N SER D 627 81.07 -5.59 -12.92
CA SER D 627 81.14 -6.47 -11.76
C SER D 627 79.78 -7.04 -11.37
N LYS D 628 78.69 -6.41 -11.80
CA LYS D 628 77.37 -7.00 -11.63
C LYS D 628 77.22 -8.23 -12.49
N MET D 629 77.92 -8.26 -13.62
CA MET D 629 77.89 -9.47 -14.46
C MET D 629 78.35 -10.71 -13.68
N LYS D 630 79.24 -10.52 -12.68
CA LYS D 630 79.68 -11.57 -11.77
C LYS D 630 79.04 -11.49 -10.39
N LEU D 631 78.27 -10.44 -10.10
CA LEU D 631 77.58 -10.28 -8.82
C LEU D 631 78.56 -10.18 -7.67
N GLN D 632 79.65 -9.45 -7.88
CA GLN D 632 80.66 -9.23 -6.86
C GLN D 632 80.49 -7.83 -6.28
N PRO D 633 80.09 -7.64 -5.02
CA PRO D 633 79.83 -6.26 -4.53
C PRO D 633 81.06 -5.37 -4.42
N PHE D 634 82.26 -5.81 -4.81
CA PHE D 634 83.42 -4.93 -4.92
C PHE D 634 84.05 -5.14 -6.29
N ALA D 635 83.76 -4.21 -7.21
CA ALA D 635 84.31 -4.29 -8.56
C ALA D 635 85.82 -4.07 -8.53
N THR D 636 86.51 -4.74 -9.44
CA THR D 636 87.97 -4.79 -9.44
C THR D 636 88.57 -3.71 -10.31
N GLU D 637 89.86 -3.45 -10.07
CA GLU D 637 90.62 -2.57 -10.95
C GLU D 637 90.63 -3.09 -12.38
N ALA D 638 90.54 -4.40 -12.57
CA ALA D 638 90.41 -4.94 -13.91
C ALA D 638 89.08 -4.51 -14.54
N ASP D 639 88.00 -4.55 -13.76
CA ASP D 639 86.72 -4.08 -14.27
C ASP D 639 86.78 -2.61 -14.62
N VAL D 640 87.38 -1.78 -13.75
CA VAL D 640 87.49 -0.36 -14.05
C VAL D 640 88.40 -0.15 -15.25
N GLU D 641 89.41 -1.00 -15.45
CA GLU D 641 90.26 -0.86 -16.62
C GLU D 641 89.48 -1.13 -17.89
N GLU D 642 88.67 -2.19 -17.91
CA GLU D 642 87.87 -2.44 -19.10
C GLU D 642 86.83 -1.35 -19.28
N ALA D 643 86.34 -0.78 -18.18
CA ALA D 643 85.46 0.37 -18.28
C ALA D 643 86.16 1.53 -18.96
N LEU D 644 87.41 1.80 -18.58
CA LEU D 644 88.15 2.87 -19.22
C LEU D 644 88.43 2.55 -20.68
N ARG D 645 88.60 1.27 -20.99
CA ARG D 645 88.80 0.88 -22.39
C ARG D 645 87.56 1.23 -23.20
N LEU D 646 86.38 0.86 -22.69
CA LEU D 646 85.15 1.24 -23.37
C LEU D 646 85.01 2.75 -23.43
N PHE D 647 85.42 3.44 -22.38
CA PHE D 647 85.31 4.88 -22.35
C PHE D 647 86.25 5.55 -23.34
N GLN D 648 87.43 4.97 -23.58
CA GLN D 648 88.34 5.50 -24.59
C GLN D 648 87.80 5.24 -25.98
N VAL D 649 87.21 4.06 -26.20
CA VAL D 649 86.54 3.83 -27.47
C VAL D 649 85.31 4.72 -27.60
N SER D 650 84.79 5.29 -26.51
CA SER D 650 83.82 6.36 -26.61
C SER D 650 84.48 7.71 -26.89
N THR D 651 85.63 7.96 -26.28
CA THR D 651 86.34 9.23 -26.39
C THR D 651 87.04 9.38 -27.72
N LEU D 652 87.00 8.35 -28.58
CA LEU D 652 87.63 8.43 -29.90
C LEU D 652 87.18 9.66 -30.68
N ASP D 653 85.95 10.13 -30.46
CA ASP D 653 85.43 11.29 -31.19
C ASP D 653 85.82 12.61 -30.52
N ALA D 654 85.87 12.65 -29.19
CA ALA D 654 86.09 13.91 -28.49
C ALA D 654 87.47 14.47 -28.82
N ALA D 655 88.52 13.68 -28.54
CA ALA D 655 89.86 14.09 -28.91
C ALA D 655 90.00 14.27 -30.42
N LEU D 656 89.24 13.50 -31.19
CA LEU D 656 89.18 13.69 -32.63
C LEU D 656 88.38 14.95 -32.93
N LEU E 16 -28.96 15.11 -30.87
CA LEU E 16 -29.67 14.65 -32.05
C LEU E 16 -29.01 15.21 -33.32
N GLU E 17 -27.72 14.89 -33.48
CA GLU E 17 -26.93 15.10 -34.71
C GLU E 17 -27.17 16.47 -35.34
N VAL E 18 -26.87 17.52 -34.56
CA VAL E 18 -27.06 18.88 -35.06
C VAL E 18 -26.18 19.09 -36.28
N ARG E 19 -26.73 19.78 -37.28
CA ARG E 19 -26.12 19.92 -38.59
C ARG E 19 -25.55 21.32 -38.77
N ASP E 20 -24.33 21.41 -39.29
CA ASP E 20 -23.70 22.67 -39.66
C ASP E 20 -24.34 23.14 -40.96
N GLU E 21 -25.26 24.09 -40.84
CA GLU E 21 -26.10 24.48 -41.98
C GLU E 21 -25.27 25.07 -43.11
N VAL E 22 -24.34 25.97 -42.78
CA VAL E 22 -23.58 26.63 -43.83
C VAL E 22 -22.61 25.65 -44.48
N ALA E 23 -22.01 24.77 -43.69
CA ALA E 23 -21.08 23.81 -44.25
C ALA E 23 -21.79 22.81 -45.14
N GLU E 24 -22.99 22.38 -44.76
CA GLU E 24 -23.71 21.43 -45.59
C GLU E 24 -24.25 22.10 -46.86
N LYS E 25 -24.66 23.37 -46.77
CA LYS E 25 -25.01 24.08 -47.99
C LYS E 25 -23.80 24.24 -48.90
N CYS E 26 -22.62 24.45 -48.30
CA CYS E 26 -21.40 24.51 -49.10
C CYS E 26 -21.15 23.17 -49.77
N GLN E 27 -21.38 22.07 -49.06
CA GLN E 27 -21.24 20.74 -49.67
C GLN E 27 -22.19 20.61 -50.86
N LYS E 28 -23.42 21.05 -50.69
CA LYS E 28 -24.41 20.96 -51.78
C LYS E 28 -23.96 21.77 -52.99
N LEU E 29 -23.65 23.05 -52.76
CA LEU E 29 -23.31 23.94 -53.86
C LEU E 29 -22.01 23.51 -54.53
N PHE E 30 -21.03 23.04 -53.76
CA PHE E 30 -19.79 22.60 -54.36
C PHE E 30 -19.97 21.28 -55.10
N LEU E 31 -20.86 20.41 -54.64
CA LEU E 31 -21.14 19.21 -55.40
C LEU E 31 -21.77 19.58 -56.74
N ASP E 32 -22.65 20.58 -56.73
CA ASP E 32 -23.18 21.10 -57.98
C ASP E 32 -22.08 21.68 -58.85
N PHE E 33 -21.13 22.39 -58.23
CA PHE E 33 -20.00 22.96 -58.98
C PHE E 33 -19.20 21.86 -59.65
N LEU E 34 -18.89 20.81 -58.89
CA LEU E 34 -18.13 19.69 -59.43
C LEU E 34 -18.85 19.05 -60.61
N GLU E 35 -20.15 18.80 -60.45
CA GLU E 35 -20.88 18.01 -61.44
C GLU E 35 -21.52 18.85 -62.54
N GLU E 36 -21.34 20.18 -62.54
CA GLU E 36 -21.94 21.04 -63.56
C GLU E 36 -21.03 22.13 -64.11
N PHE E 37 -19.85 22.38 -63.56
CA PHE E 37 -18.95 23.34 -64.18
C PHE E 37 -18.23 22.67 -65.33
N GLN E 38 -18.32 23.28 -66.51
CA GLN E 38 -17.79 22.74 -67.76
C GLN E 38 -16.82 23.72 -68.38
N SER E 39 -15.77 23.17 -68.99
CA SER E 39 -14.73 24.00 -69.58
C SER E 39 -15.26 24.75 -70.79
N SER E 40 -14.38 25.54 -71.40
CA SER E 40 -14.75 26.26 -72.62
C SER E 40 -15.14 25.31 -73.74
N ASP E 41 -14.53 24.13 -73.78
CA ASP E 41 -14.91 23.13 -74.77
C ASP E 41 -16.32 22.59 -74.54
N GLY E 42 -16.85 22.73 -73.33
CA GLY E 42 -18.22 22.33 -73.00
C GLY E 42 -18.32 21.08 -72.15
N GLU E 43 -17.26 20.30 -71.98
CA GLU E 43 -17.30 19.10 -71.17
C GLU E 43 -17.03 19.41 -69.70
N ILE E 44 -17.49 18.52 -68.84
CA ILE E 44 -17.39 18.69 -67.38
C ILE E 44 -15.97 18.34 -66.99
N LYS E 45 -15.12 19.37 -66.83
CA LYS E 45 -13.69 19.15 -66.65
C LYS E 45 -13.42 18.39 -65.36
N TYR E 46 -14.14 18.71 -64.29
CA TYR E 46 -13.89 18.05 -63.01
C TYR E 46 -14.51 16.66 -62.95
N LEU E 47 -15.51 16.36 -63.76
CA LEU E 47 -15.86 14.96 -63.96
C LEU E 47 -14.69 14.23 -64.61
N GLN E 48 -14.08 14.84 -65.62
CA GLN E 48 -12.95 14.20 -66.28
C GLN E 48 -11.75 14.07 -65.34
N LEU E 49 -11.61 14.99 -64.39
CA LEU E 49 -10.51 14.90 -63.42
C LEU E 49 -10.82 13.89 -62.33
N ALA E 50 -12.07 13.84 -61.87
CA ALA E 50 -12.49 12.84 -60.89
C ALA E 50 -12.41 11.42 -61.45
N GLU E 51 -12.42 11.28 -62.77
CA GLU E 51 -12.19 9.96 -63.37
C GLU E 51 -10.88 9.34 -62.90
N GLU E 52 -9.86 10.16 -62.64
CA GLU E 52 -8.52 9.65 -62.35
C GLU E 52 -8.31 9.29 -60.88
N LEU E 53 -9.21 9.67 -59.97
CA LEU E 53 -9.05 9.29 -58.57
C LEU E 53 -9.37 7.82 -58.34
N ILE E 54 -9.94 7.12 -59.31
CA ILE E 54 -10.16 5.68 -59.19
C ILE E 54 -8.84 4.94 -59.05
N ARG E 55 -7.77 5.47 -59.65
CA ARG E 55 -6.49 4.82 -59.57
C ARG E 55 -6.00 4.79 -58.12
N PRO E 56 -5.18 3.80 -57.73
CA PRO E 56 -4.54 3.90 -56.42
C PRO E 56 -3.49 5.00 -56.41
N GLU E 57 -2.85 5.22 -55.26
CA GLU E 57 -1.84 6.28 -55.04
C GLU E 57 -2.30 7.65 -55.55
N ARG E 58 -3.60 7.90 -55.47
CA ARG E 58 -4.19 9.15 -55.94
C ARG E 58 -5.42 9.35 -55.08
N ASN E 59 -5.45 10.40 -54.26
CA ASN E 59 -6.63 10.66 -53.44
C ASN E 59 -6.90 12.15 -53.30
N THR E 60 -6.60 12.94 -54.32
CA THR E 60 -7.02 14.34 -54.29
C THR E 60 -7.35 14.82 -55.69
N LEU E 61 -8.39 15.62 -55.77
CA LEU E 61 -8.68 16.43 -56.95
C LEU E 61 -8.03 17.79 -56.77
N VAL E 62 -7.77 18.46 -57.89
CA VAL E 62 -7.14 19.78 -57.89
C VAL E 62 -8.12 20.72 -58.60
N VAL E 63 -8.95 21.37 -57.81
CA VAL E 63 -10.01 22.24 -58.32
C VAL E 63 -9.46 23.66 -58.31
N SER E 64 -9.72 24.39 -59.40
CA SER E 64 -9.14 25.72 -59.57
C SER E 64 -10.03 26.77 -58.91
N PHE E 65 -9.43 27.59 -58.06
CA PHE E 65 -10.19 28.58 -57.33
C PHE E 65 -10.81 29.62 -58.27
N VAL E 66 -10.19 29.87 -59.41
CA VAL E 66 -10.80 30.77 -60.40
C VAL E 66 -12.06 30.13 -60.97
N ASP E 67 -12.05 28.82 -61.21
CA ASP E 67 -13.28 28.13 -61.64
C ASP E 67 -14.35 28.27 -60.58
N LEU E 68 -13.98 28.13 -59.31
CA LEU E 68 -14.90 28.35 -58.21
C LEU E 68 -15.53 29.72 -58.30
N GLU E 69 -14.70 30.75 -58.50
CA GLU E 69 -15.18 32.12 -58.56
C GLU E 69 -16.13 32.32 -59.73
N GLN E 70 -15.75 31.83 -60.91
CA GLN E 70 -16.58 32.03 -62.09
C GLN E 70 -17.94 31.38 -61.92
N PHE E 71 -17.96 30.12 -61.47
CA PHE E 71 -19.23 29.42 -61.34
C PHE E 71 -20.12 30.08 -60.29
N ASN E 72 -19.56 30.37 -59.12
CA ASN E 72 -20.36 30.90 -58.03
C ASN E 72 -19.46 31.75 -57.16
N GLN E 73 -19.69 33.07 -57.17
CA GLN E 73 -18.92 33.95 -56.31
C GLN E 73 -19.28 33.75 -54.84
N GLN E 74 -20.56 33.48 -54.56
CA GLN E 74 -20.99 33.34 -53.18
C GLN E 74 -20.30 32.16 -52.50
N LEU E 75 -20.29 31.01 -53.17
CA LEU E 75 -19.61 29.86 -52.60
C LEU E 75 -18.11 30.09 -52.49
N SER E 76 -17.53 30.81 -53.46
CA SER E 76 -16.09 31.06 -53.40
C SER E 76 -15.73 31.90 -52.20
N THR E 77 -16.46 32.99 -51.96
CA THR E 77 -16.16 33.80 -50.79
C THR E 77 -16.45 33.03 -49.51
N THR E 78 -17.49 32.19 -49.51
CA THR E 78 -17.79 31.41 -48.32
C THR E 78 -16.66 30.45 -48.00
N ILE E 79 -16.11 29.78 -49.01
CA ILE E 79 -14.99 28.87 -48.77
C ILE E 79 -13.78 29.65 -48.30
N GLN E 80 -13.46 30.76 -48.98
CA GLN E 80 -12.28 31.54 -48.61
C GLN E 80 -12.39 32.10 -47.19
N GLU E 81 -13.61 32.33 -46.69
CA GLU E 81 -13.79 32.88 -45.35
C GLU E 81 -14.06 31.82 -44.29
N GLU E 82 -14.41 30.59 -44.68
CA GLU E 82 -14.73 29.51 -43.75
C GLU E 82 -14.07 28.22 -44.19
N PHE E 83 -12.82 28.31 -44.64
CA PHE E 83 -12.19 27.18 -45.31
C PHE E 83 -11.98 26.00 -44.39
N TYR E 84 -11.65 26.25 -43.13
CA TYR E 84 -11.37 25.13 -42.23
C TYR E 84 -12.64 24.34 -41.93
N ARG E 85 -13.74 25.02 -41.64
CA ARG E 85 -14.95 24.30 -41.26
C ARG E 85 -15.50 23.50 -42.43
N VAL E 86 -15.38 24.03 -43.65
CA VAL E 86 -15.98 23.38 -44.82
C VAL E 86 -15.12 22.29 -45.42
N TYR E 87 -13.84 22.20 -45.04
CA TYR E 87 -12.94 21.30 -45.75
C TYR E 87 -13.35 19.83 -45.69
N PRO E 88 -13.64 19.23 -44.54
CA PRO E 88 -14.13 17.84 -44.58
C PRO E 88 -15.46 17.72 -45.32
N TYR E 89 -16.26 18.78 -45.33
CA TYR E 89 -17.51 18.71 -46.06
C TYR E 89 -17.27 18.72 -47.56
N LEU E 90 -16.31 19.53 -48.04
CA LEU E 90 -15.95 19.48 -49.45
C LEU E 90 -15.35 18.13 -49.81
N CYS E 91 -14.55 17.56 -48.91
CA CYS E 91 -13.99 16.24 -49.15
C CYS E 91 -15.09 15.19 -49.28
N ARG E 92 -16.10 15.25 -48.41
CA ARG E 92 -17.20 14.29 -48.52
C ARG E 92 -18.05 14.57 -49.75
N ALA E 93 -18.15 15.82 -50.18
CA ALA E 93 -18.82 16.12 -51.43
C ALA E 93 -18.11 15.44 -52.59
N LEU E 94 -16.78 15.51 -52.60
CA LEU E 94 -16.02 14.80 -53.63
C LEU E 94 -16.22 13.29 -53.51
N LYS E 95 -16.31 12.79 -52.28
CA LYS E 95 -16.54 11.37 -52.08
C LYS E 95 -17.85 10.94 -52.71
N THR E 96 -18.90 11.73 -52.53
CA THR E 96 -20.16 11.45 -53.21
C THR E 96 -19.98 11.51 -54.72
N PHE E 97 -19.34 12.59 -55.20
CA PHE E 97 -19.20 12.83 -56.63
C PHE E 97 -18.46 11.71 -57.34
N VAL E 98 -17.56 11.02 -56.66
CA VAL E 98 -16.77 9.95 -57.26
C VAL E 98 -17.37 8.58 -56.98
N LYS E 99 -17.94 8.37 -55.80
CA LYS E 99 -18.51 7.06 -55.52
C LYS E 99 -19.76 6.82 -56.33
N ASP E 100 -20.53 7.88 -56.61
CA ASP E 100 -21.75 7.70 -57.40
C ASP E 100 -21.41 7.19 -58.80
N ARG E 101 -20.36 7.73 -59.41
CA ARG E 101 -19.97 7.29 -60.75
C ARG E 101 -19.26 5.94 -60.69
N LYS E 102 -18.11 5.89 -60.00
CA LYS E 102 -17.22 4.73 -60.02
C LYS E 102 -17.27 4.01 -58.67
N GLU E 103 -16.78 2.78 -58.70
CA GLU E 103 -16.97 1.79 -57.63
C GLU E 103 -15.73 1.64 -56.75
N ILE E 104 -15.13 2.77 -56.38
CA ILE E 104 -13.91 2.85 -55.55
C ILE E 104 -14.00 2.00 -54.28
N PRO E 105 -12.89 1.66 -53.63
CA PRO E 105 -12.98 1.11 -52.28
C PRO E 105 -13.66 2.10 -51.35
N LEU E 106 -14.53 1.57 -50.48
CA LEU E 106 -15.36 2.44 -49.66
C LEU E 106 -14.55 3.18 -48.61
N ALA E 107 -13.46 2.59 -48.13
CA ALA E 107 -12.70 3.17 -47.04
C ALA E 107 -11.82 4.33 -47.48
N LYS E 108 -11.51 4.45 -48.77
CA LYS E 108 -10.59 5.48 -49.23
C LYS E 108 -11.14 6.88 -48.96
N ASP E 109 -10.25 7.76 -48.51
CA ASP E 109 -10.56 9.16 -48.28
C ASP E 109 -10.12 9.97 -49.50
N PHE E 110 -10.59 11.22 -49.56
CA PHE E 110 -10.28 12.11 -50.67
C PHE E 110 -10.06 13.53 -50.17
N TYR E 111 -9.39 14.32 -51.02
CA TYR E 111 -9.04 15.69 -50.69
C TYR E 111 -9.27 16.60 -51.89
N VAL E 112 -9.34 17.89 -51.60
CA VAL E 112 -9.56 18.94 -52.60
C VAL E 112 -8.43 19.94 -52.47
N ALA E 113 -7.77 20.23 -53.59
CA ALA E 113 -6.62 21.13 -53.63
C ALA E 113 -6.97 22.37 -54.44
N PHE E 114 -6.81 23.54 -53.83
CA PHE E 114 -7.04 24.82 -54.48
C PHE E 114 -5.75 25.38 -55.04
N GLN E 115 -5.87 26.13 -56.13
CA GLN E 115 -4.74 26.84 -56.71
C GLN E 115 -5.28 28.00 -57.53
N ASP E 116 -4.36 28.80 -58.07
CA ASP E 116 -4.69 29.99 -58.83
C ASP E 116 -5.52 30.96 -58.00
N LEU E 117 -5.26 31.03 -56.70
CA LEU E 117 -6.01 31.92 -55.85
C LEU E 117 -5.68 33.37 -56.21
N PRO E 118 -6.67 34.28 -56.29
CA PRO E 118 -6.36 35.65 -56.72
C PRO E 118 -5.47 36.41 -55.76
N THR E 119 -5.86 36.49 -54.50
CA THR E 119 -5.10 37.25 -53.54
C THR E 119 -3.79 36.56 -53.22
N ARG E 120 -2.91 37.28 -52.54
CA ARG E 120 -1.69 36.71 -52.00
C ARG E 120 -1.32 37.48 -50.75
N HIS E 121 -0.50 36.85 -49.91
CA HIS E 121 -0.12 37.42 -48.63
C HIS E 121 1.37 37.16 -48.43
N LYS E 122 1.86 37.47 -47.24
CA LYS E 122 3.25 37.30 -46.88
C LYS E 122 3.33 36.63 -45.51
N ILE E 123 4.48 36.00 -45.25
CA ILE E 123 4.68 35.32 -43.97
C ILE E 123 4.62 36.31 -42.82
N ARG E 124 4.90 37.59 -43.07
CA ARG E 124 4.60 38.61 -42.07
C ARG E 124 3.12 38.91 -41.98
N GLU E 125 2.39 38.77 -43.09
CA GLU E 125 0.96 39.02 -43.09
C GLU E 125 0.15 37.88 -42.47
N LEU E 126 0.75 36.70 -42.30
CA LEU E 126 -0.01 35.57 -41.74
C LEU E 126 -0.25 35.78 -40.25
N THR E 127 -1.17 36.67 -39.93
CA THR E 127 -1.51 37.01 -38.56
C THR E 127 -2.64 36.11 -38.08
N SER E 128 -2.97 36.24 -36.80
CA SER E 128 -3.93 35.32 -36.19
C SER E 128 -5.31 35.42 -36.82
N SER E 129 -5.70 36.60 -37.28
CA SER E 129 -6.99 36.75 -37.95
C SER E 129 -7.11 35.88 -39.19
N ARG E 130 -5.99 35.48 -39.80
CA ARG E 130 -6.00 34.57 -40.93
C ARG E 130 -6.09 33.11 -40.51
N ILE E 131 -6.34 32.82 -39.24
CA ILE E 131 -6.41 31.44 -38.79
C ILE E 131 -7.69 30.82 -39.32
N GLY E 132 -7.58 29.59 -39.82
CA GLY E 132 -8.75 28.84 -40.20
C GLY E 132 -9.42 29.25 -41.48
N LEU E 133 -8.79 30.12 -42.28
CA LEU E 133 -9.35 30.54 -43.56
C LEU E 133 -8.24 30.58 -44.59
N LEU E 134 -8.62 30.32 -45.84
CA LEU E 134 -7.66 30.02 -46.90
C LEU E 134 -6.75 31.20 -47.17
N THR E 135 -5.50 30.90 -47.51
CA THR E 135 -4.46 31.91 -47.67
C THR E 135 -3.30 31.24 -48.41
N ARG E 136 -2.58 32.04 -49.22
CA ARG E 136 -1.43 31.53 -49.97
C ARG E 136 -0.24 32.47 -49.81
N ILE E 137 0.94 31.86 -49.80
CA ILE E 137 2.22 32.53 -49.54
C ILE E 137 3.26 31.92 -50.48
N SER E 138 4.42 32.55 -50.54
CA SER E 138 5.60 32.02 -51.21
C SER E 138 6.69 31.76 -50.19
N GLY E 139 7.59 30.84 -50.53
CA GLY E 139 8.67 30.53 -49.60
C GLY E 139 9.77 29.71 -50.25
N GLN E 140 10.89 29.64 -49.54
CA GLN E 140 12.03 28.82 -49.91
C GLN E 140 12.08 27.64 -48.96
N VAL E 141 11.89 26.44 -49.49
CA VAL E 141 11.78 25.25 -48.66
C VAL E 141 13.15 24.96 -48.05
N VAL E 142 13.27 25.18 -46.74
CA VAL E 142 14.56 24.98 -46.08
C VAL E 142 14.89 23.49 -46.03
N ARG E 143 14.08 22.70 -45.32
CA ARG E 143 14.30 21.27 -45.20
C ARG E 143 12.97 20.55 -45.13
N THR E 144 13.02 19.25 -45.41
CA THR E 144 11.85 18.40 -45.52
C THR E 144 12.06 17.13 -44.72
N HIS E 145 11.23 16.92 -43.72
CA HIS E 145 11.33 15.73 -42.91
C HIS E 145 10.74 14.54 -43.66
N PRO E 146 11.01 13.31 -43.21
CA PRO E 146 10.52 12.15 -43.94
C PRO E 146 9.01 12.01 -43.91
N VAL E 147 8.52 11.24 -44.88
CA VAL E 147 7.12 10.85 -44.91
C VAL E 147 6.82 9.97 -43.69
N HIS E 148 5.59 10.06 -43.21
CA HIS E 148 5.13 9.19 -42.13
C HIS E 148 3.64 8.96 -42.29
N PRO E 149 3.10 7.87 -41.74
CA PRO E 149 1.65 7.82 -41.52
C PRO E 149 1.26 8.59 -40.27
N GLU E 150 0.28 9.47 -40.40
CA GLU E 150 -0.26 10.26 -39.30
C GLU E 150 -1.68 9.82 -39.01
N LEU E 151 -1.99 9.64 -37.74
CA LEU E 151 -3.33 9.25 -37.32
C LEU E 151 -4.28 10.44 -37.43
N VAL E 152 -5.42 10.24 -38.10
CA VAL E 152 -6.46 11.27 -38.24
C VAL E 152 -7.69 10.93 -37.41
N SER E 153 -8.27 9.76 -37.61
CA SER E 153 -9.42 9.29 -36.85
C SER E 153 -9.01 8.00 -36.16
N GLY E 154 -9.02 8.04 -34.83
CA GLY E 154 -8.61 6.90 -34.03
C GLY E 154 -9.82 6.14 -33.49
N THR E 155 -9.64 4.83 -33.35
CA THR E 155 -10.55 3.97 -32.62
C THR E 155 -9.83 3.45 -31.40
N PHE E 156 -10.46 3.60 -30.24
CA PHE E 156 -9.84 3.31 -28.95
C PHE E 156 -10.65 2.22 -28.25
N LEU E 157 -10.06 1.67 -27.19
CA LEU E 157 -10.69 0.69 -26.33
C LEU E 157 -10.50 1.14 -24.90
N CYS E 158 -11.59 1.24 -24.14
CA CYS E 158 -11.49 1.68 -22.75
C CYS E 158 -11.11 0.50 -21.87
N LEU E 159 -10.03 0.62 -21.12
CA LEU E 159 -9.50 -0.51 -20.36
C LEU E 159 -10.17 -0.70 -19.01
N ASP E 160 -11.38 -0.15 -18.79
CA ASP E 160 -12.16 -0.40 -17.59
C ASP E 160 -13.51 -1.03 -17.88
N CYS E 161 -13.97 -1.03 -19.12
CA CYS E 161 -15.13 -1.80 -19.52
C CYS E 161 -14.99 -2.45 -20.89
N GLN E 162 -13.84 -2.31 -21.55
CA GLN E 162 -13.55 -2.97 -22.83
C GLN E 162 -14.56 -2.58 -23.92
N THR E 163 -15.18 -1.41 -23.80
CA THR E 163 -16.00 -0.87 -24.87
C THR E 163 -15.10 -0.09 -25.84
N VAL E 164 -15.40 -0.22 -27.12
CA VAL E 164 -14.65 0.45 -28.17
C VAL E 164 -15.28 1.79 -28.44
N ILE E 165 -14.47 2.85 -28.40
CA ILE E 165 -14.90 4.21 -28.71
C ILE E 165 -14.46 4.48 -30.14
N ARG E 166 -15.40 4.91 -30.98
CA ARG E 166 -15.22 4.89 -32.42
C ARG E 166 -15.01 6.30 -32.94
N ASP E 167 -14.00 6.46 -33.81
CA ASP E 167 -13.87 7.62 -34.69
C ASP E 167 -13.76 8.93 -33.90
N VAL E 168 -12.65 9.04 -33.18
CA VAL E 168 -12.30 10.27 -32.47
C VAL E 168 -11.25 11.01 -33.30
N GLU E 169 -11.46 12.31 -33.50
CA GLU E 169 -10.61 13.09 -34.39
C GLU E 169 -9.34 13.53 -33.67
N GLN E 170 -8.25 13.60 -34.43
CA GLN E 170 -6.95 14.07 -33.94
C GLN E 170 -6.75 15.49 -34.42
N GLN E 171 -6.66 16.43 -33.49
CA GLN E 171 -6.49 17.84 -33.81
C GLN E 171 -5.01 18.21 -33.72
N PHE E 172 -4.21 17.60 -34.60
CA PHE E 172 -2.77 17.85 -34.68
C PHE E 172 -2.10 17.54 -33.35
N LYS E 173 -2.55 16.46 -32.71
CA LYS E 173 -2.00 15.98 -31.46
C LYS E 173 -2.64 14.63 -31.20
N TYR E 174 -1.93 13.76 -30.50
CA TYR E 174 -2.50 12.48 -30.14
C TYR E 174 -3.64 12.71 -29.17
N THR E 175 -4.88 12.58 -29.64
CA THR E 175 -6.08 12.84 -28.86
C THR E 175 -6.70 11.51 -28.45
N GLN E 176 -6.86 11.31 -27.16
CA GLN E 176 -7.65 10.22 -26.62
C GLN E 176 -9.08 10.67 -26.47
N PRO E 177 -10.05 9.74 -26.41
CA PRO E 177 -11.44 10.16 -26.22
C PRO E 177 -11.61 10.90 -24.91
N ASN E 178 -12.44 11.93 -24.94
CA ASN E 178 -12.53 12.84 -23.81
C ASN E 178 -13.17 12.18 -22.61
N ILE E 179 -14.04 11.19 -22.82
CA ILE E 179 -14.57 10.36 -21.75
C ILE E 179 -15.15 9.12 -22.39
N CYS E 180 -15.12 8.02 -21.65
CA CYS E 180 -15.61 6.76 -22.20
C CYS E 180 -17.08 6.85 -22.54
N ARG E 181 -17.45 6.27 -23.67
CA ARG E 181 -18.81 6.41 -24.17
C ARG E 181 -19.83 5.74 -23.25
N ASN E 182 -19.40 4.74 -22.50
CA ASN E 182 -20.29 4.11 -21.53
C ASN E 182 -20.65 5.14 -20.46
N PRO E 183 -21.94 5.36 -20.15
CA PRO E 183 -22.25 6.38 -19.14
C PRO E 183 -21.73 6.05 -17.76
N VAL E 184 -21.96 4.83 -17.28
CA VAL E 184 -21.46 4.43 -15.97
C VAL E 184 -20.08 3.82 -16.15
N CYS E 185 -19.14 4.65 -16.57
CA CYS E 185 -17.70 4.42 -16.51
C CYS E 185 -17.07 5.73 -16.95
N ALA E 186 -16.41 6.45 -16.06
CA ALA E 186 -15.89 7.78 -16.41
C ALA E 186 -14.42 7.72 -16.76
N ASN E 187 -14.00 6.65 -17.42
CA ASN E 187 -12.61 6.51 -17.84
C ASN E 187 -12.24 7.66 -18.76
N ARG E 188 -11.25 8.44 -18.34
CA ARG E 188 -10.60 9.44 -19.17
C ARG E 188 -9.13 9.17 -19.40
N ARG E 189 -8.56 8.14 -18.77
CA ARG E 189 -7.12 7.90 -18.74
C ARG E 189 -6.74 6.64 -19.51
N ARG E 190 -7.30 5.50 -19.16
CA ARG E 190 -6.79 4.21 -19.61
C ARG E 190 -7.49 3.82 -20.90
N PHE E 191 -6.90 4.21 -22.03
CA PHE E 191 -7.39 3.89 -23.37
C PHE E 191 -6.28 3.25 -24.18
N LEU E 192 -6.61 2.19 -24.91
CA LEU E 192 -5.67 1.47 -25.75
C LEU E 192 -6.09 1.67 -27.21
N LEU E 193 -5.20 2.23 -28.02
CA LEU E 193 -5.54 2.48 -29.40
C LEU E 193 -5.59 1.18 -30.19
N ASP E 194 -6.66 0.98 -30.96
CA ASP E 194 -6.85 -0.19 -31.80
C ASP E 194 -6.39 0.18 -33.20
N THR E 195 -5.14 -0.12 -33.50
CA THR E 195 -4.46 0.49 -34.65
C THR E 195 -5.11 0.11 -35.97
N ASN E 196 -5.52 -1.15 -36.12
CA ASN E 196 -6.09 -1.58 -37.39
C ASN E 196 -7.39 -0.84 -37.70
N LYS E 197 -8.21 -0.57 -36.68
CA LYS E 197 -9.47 0.09 -36.92
C LYS E 197 -9.29 1.57 -37.22
N SER E 198 -8.23 2.19 -36.71
CA SER E 198 -7.99 3.59 -36.99
C SER E 198 -7.55 3.79 -38.43
N ARG E 199 -7.70 5.01 -38.91
CA ARG E 199 -7.31 5.40 -40.27
C ARG E 199 -6.33 6.57 -40.19
N PHE E 200 -5.32 6.53 -41.04
CA PHE E 200 -4.22 7.48 -41.05
C PHE E 200 -4.27 8.34 -42.29
N VAL E 201 -3.38 9.34 -42.35
CA VAL E 201 -3.17 10.15 -43.53
C VAL E 201 -1.68 10.27 -43.75
N ASP E 202 -1.24 10.11 -44.98
CA ASP E 202 0.17 10.30 -45.29
C ASP E 202 0.53 11.75 -45.04
N PHE E 203 1.74 12.00 -44.55
CA PHE E 203 2.02 13.29 -43.93
C PHE E 203 3.51 13.57 -43.90
N GLN E 204 3.90 14.75 -44.41
CA GLN E 204 5.28 15.23 -44.37
C GLN E 204 5.31 16.63 -43.80
N LYS E 205 6.22 16.86 -42.85
CA LYS E 205 6.45 18.17 -42.27
C LYS E 205 7.65 18.80 -42.94
N VAL E 206 7.51 20.06 -43.40
CA VAL E 206 8.57 20.78 -44.09
C VAL E 206 8.73 22.13 -43.39
N ARG E 207 9.91 22.71 -43.50
CA ARG E 207 10.22 24.01 -42.93
C ARG E 207 10.50 24.96 -44.08
N ILE E 208 9.86 26.13 -44.10
CA ILE E 208 10.11 27.14 -45.12
C ILE E 208 10.40 28.45 -44.41
N GLN E 209 11.02 29.38 -45.15
CA GLN E 209 11.37 30.69 -44.62
C GLN E 209 11.05 31.77 -45.63
N GLU E 210 11.08 33.01 -45.11
CA GLU E 210 10.72 34.18 -45.91
C GLU E 210 11.61 34.29 -47.13
N THR E 211 10.99 34.60 -48.26
CA THR E 211 11.77 34.86 -49.47
C THR E 211 12.61 36.11 -49.26
N GLN E 212 13.76 36.14 -49.95
CA GLN E 212 14.71 37.24 -49.77
C GLN E 212 14.12 38.59 -50.16
N ALA E 213 13.12 38.61 -51.04
CA ALA E 213 12.52 39.88 -51.45
C ALA E 213 11.74 40.53 -50.31
N GLU E 214 11.13 39.73 -49.43
CA GLU E 214 10.15 40.22 -48.48
C GLU E 214 10.73 40.53 -47.10
N LEU E 215 12.06 40.60 -46.98
CA LEU E 215 12.64 40.84 -45.67
C LEU E 215 12.37 42.29 -45.24
N PRO E 216 12.02 42.54 -43.96
CA PRO E 216 12.10 43.91 -43.45
C PRO E 216 13.53 44.32 -43.14
N ARG E 217 13.69 45.51 -42.58
CA ARG E 217 15.01 46.03 -42.26
C ARG E 217 15.55 45.38 -41.00
N GLY E 218 16.79 44.93 -41.05
CA GLY E 218 17.43 44.33 -39.89
C GLY E 218 16.76 43.08 -39.39
N SER E 219 16.01 42.37 -40.24
CA SER E 219 15.18 41.26 -39.84
C SER E 219 15.81 39.93 -40.25
N ILE E 220 15.89 39.01 -39.29
CA ILE E 220 16.19 37.61 -39.64
C ILE E 220 15.08 37.09 -40.52
N PRO E 221 15.34 36.22 -41.50
CA PRO E 221 14.21 35.58 -42.19
C PRO E 221 13.45 34.69 -41.23
N ARG E 222 12.20 35.06 -40.97
CA ARG E 222 11.32 34.15 -40.25
C ARG E 222 11.17 32.85 -41.01
N SER E 223 10.90 31.79 -40.25
CA SER E 223 10.62 30.48 -40.81
C SER E 223 9.47 29.87 -40.04
N LEU E 224 8.60 29.20 -40.79
CA LEU E 224 7.48 28.48 -40.20
C LEU E 224 7.40 27.10 -40.84
N GLU E 225 6.71 26.22 -40.14
CA GLU E 225 6.58 24.83 -40.53
C GLU E 225 5.27 24.65 -41.27
N VAL E 226 5.34 23.92 -42.37
CA VAL E 226 4.21 23.71 -43.25
C VAL E 226 3.98 22.21 -43.32
N ILE E 227 2.74 21.80 -43.06
CA ILE E 227 2.35 20.40 -43.06
C ILE E 227 1.76 20.07 -44.41
N LEU E 228 2.18 18.92 -44.96
CA LEU E 228 1.79 18.45 -46.27
C LEU E 228 1.09 17.11 -46.08
N ARG E 229 -0.23 17.12 -46.19
CA ARG E 229 -1.03 15.92 -46.02
C ARG E 229 -0.92 15.08 -47.30
N ALA E 230 -1.80 14.09 -47.45
CA ALA E 230 -1.68 13.10 -48.52
C ALA E 230 -1.68 13.72 -49.91
N GLU E 231 -0.82 13.19 -50.77
CA GLU E 231 -0.70 13.43 -52.21
C GLU E 231 -0.04 14.76 -52.54
N ALA E 232 0.15 15.66 -51.59
CA ALA E 232 0.87 16.91 -51.78
C ALA E 232 2.10 16.88 -50.90
N VAL E 233 2.81 15.76 -50.95
CA VAL E 233 3.62 15.29 -49.83
C VAL E 233 5.10 15.34 -50.15
N GLU E 234 5.52 14.77 -51.27
CA GLU E 234 6.89 14.89 -51.76
C GLU E 234 7.03 15.98 -52.81
N SER E 235 5.97 16.74 -53.08
CA SER E 235 6.03 17.74 -54.14
C SER E 235 7.03 18.83 -53.82
N ALA E 236 7.03 19.32 -52.59
CA ALA E 236 8.05 20.27 -52.18
C ALA E 236 9.40 19.56 -52.03
N GLN E 237 10.48 20.31 -52.23
CA GLN E 237 11.82 19.79 -52.07
C GLN E 237 12.73 20.89 -51.56
N ALA E 238 13.84 20.49 -50.95
CA ALA E 238 14.74 21.46 -50.31
C ALA E 238 15.40 22.33 -51.36
N GLY E 239 15.33 23.65 -51.15
CA GLY E 239 15.94 24.63 -52.03
C GLY E 239 15.02 25.25 -53.05
N ASP E 240 13.85 24.68 -53.28
CA ASP E 240 12.93 25.21 -54.27
C ASP E 240 12.40 26.58 -53.84
N LYS E 241 11.64 27.20 -54.74
CA LYS E 241 10.96 28.47 -54.50
C LYS E 241 9.48 28.21 -54.77
N CYS E 242 8.76 27.77 -53.75
CA CYS E 242 7.41 27.24 -53.91
C CYS E 242 6.37 28.18 -53.32
N ASP E 243 5.30 28.38 -54.07
CA ASP E 243 4.07 28.94 -53.53
C ASP E 243 3.26 27.83 -52.86
N PHE E 244 2.74 28.13 -51.69
CA PHE E 244 1.87 27.24 -50.93
C PHE E 244 0.52 27.91 -50.77
N THR E 245 -0.53 27.09 -50.73
CA THR E 245 -1.89 27.56 -50.52
C THR E 245 -2.60 26.62 -49.57
N GLY E 246 -3.31 27.18 -48.60
CA GLY E 246 -3.99 26.35 -47.63
C GLY E 246 -4.38 27.17 -46.43
N THR E 247 -4.75 26.46 -45.37
CA THR E 247 -5.12 27.08 -44.12
C THR E 247 -3.88 27.51 -43.34
N LEU E 248 -4.06 28.48 -42.47
CA LEU E 248 -3.20 28.67 -41.32
C LEU E 248 -3.94 28.06 -40.14
N ILE E 249 -3.36 27.04 -39.53
CA ILE E 249 -3.98 26.33 -38.42
C ILE E 249 -3.14 26.65 -37.20
N VAL E 250 -3.53 26.12 -36.05
CA VAL E 250 -2.74 26.18 -34.84
C VAL E 250 -2.62 24.77 -34.31
N VAL E 251 -1.39 24.34 -34.05
CA VAL E 251 -1.10 23.04 -33.48
C VAL E 251 -0.79 23.26 -32.00
N PRO E 252 -1.36 22.47 -31.09
CA PRO E 252 -1.09 22.73 -29.66
C PRO E 252 0.37 22.51 -29.33
N ASP E 253 0.89 23.41 -28.50
CA ASP E 253 2.23 23.32 -27.93
C ASP E 253 2.08 23.20 -26.42
N VAL E 254 3.12 22.68 -25.79
CA VAL E 254 3.15 22.53 -24.33
C VAL E 254 4.58 22.74 -23.86
N SER E 255 4.71 23.36 -22.68
CA SER E 255 6.01 23.68 -22.08
C SER E 255 6.86 24.52 -23.03
N LYS E 256 6.22 25.44 -23.74
CA LYS E 256 6.95 26.40 -24.56
C LYS E 256 7.50 27.57 -23.75
N LEU E 257 6.89 27.88 -22.60
CA LEU E 257 7.26 29.03 -21.79
C LEU E 257 7.50 28.61 -20.35
N SER E 258 8.40 29.33 -19.69
CA SER E 258 8.66 29.16 -18.26
C SER E 258 7.78 30.06 -17.40
N THR E 259 6.95 30.91 -17.99
CA THR E 259 5.99 31.77 -17.30
C THR E 259 4.59 31.19 -17.45
N PRO E 260 3.73 31.15 -16.41
CA PRO E 260 2.39 30.61 -16.63
C PRO E 260 1.56 31.51 -17.53
N GLY E 261 0.76 30.88 -18.39
CA GLY E 261 -0.06 31.55 -19.37
C GLY E 261 -1.49 31.05 -19.32
N ALA E 262 -2.13 31.09 -20.49
CA ALA E 262 -3.53 30.68 -20.56
C ALA E 262 -3.65 29.18 -20.36
N ARG E 263 -4.59 28.79 -19.49
CA ARG E 263 -4.79 27.39 -19.14
C ARG E 263 -6.27 27.07 -19.12
N ALA E 264 -6.63 25.94 -19.71
CA ALA E 264 -7.99 25.46 -19.65
C ALA E 264 -8.25 24.76 -18.32
N GLU E 265 -9.53 24.59 -17.99
CA GLU E 265 -9.95 23.80 -16.84
C GLU E 265 -11.46 23.67 -16.88
N THR E 266 -11.96 22.54 -16.38
CA THR E 266 -13.40 22.29 -16.36
C THR E 266 -14.10 23.34 -15.50
N ASN E 267 -15.34 23.66 -15.88
CA ASN E 267 -16.13 24.65 -15.16
C ASN E 267 -16.99 24.03 -14.07
N SER E 268 -16.81 22.74 -13.77
CA SER E 268 -17.52 22.13 -12.66
C SER E 268 -16.99 22.65 -11.35
N ARG E 269 -17.90 22.90 -10.40
CA ARG E 269 -17.59 23.63 -9.18
C ARG E 269 -17.16 22.72 -8.05
N VAL E 270 -16.50 21.59 -8.36
CA VAL E 270 -16.10 20.65 -7.33
C VAL E 270 -15.10 21.28 -6.38
N SER E 271 -15.13 20.82 -5.14
CA SER E 271 -14.17 21.17 -4.11
C SER E 271 -13.42 19.90 -3.72
N GLY E 272 -12.62 19.98 -2.67
CA GLY E 272 -11.84 18.86 -2.18
C GLY E 272 -12.13 18.50 -0.75
N VAL E 273 -12.37 17.21 -0.50
CA VAL E 273 -12.66 16.77 0.86
C VAL E 273 -11.35 16.75 1.64
N ASP E 274 -11.45 16.62 2.96
CA ASP E 274 -10.26 16.62 3.80
C ASP E 274 -9.42 15.37 3.54
N GLY E 275 -8.10 15.57 3.47
CA GLY E 275 -7.19 14.51 3.14
C GLY E 275 -7.04 14.21 1.67
N TYR E 276 -7.88 14.80 0.82
CA TYR E 276 -7.80 14.64 -0.62
C TYR E 276 -7.94 15.99 -1.31
N GLU E 277 -7.65 17.08 -0.59
CA GLU E 277 -8.01 18.43 -1.02
C GLU E 277 -7.37 18.77 -2.36
N THR E 278 -8.19 19.32 -3.26
CA THR E 278 -7.78 19.55 -4.63
C THR E 278 -6.80 20.70 -4.72
N GLU E 279 -5.58 20.45 -4.26
CA GLU E 279 -4.49 21.42 -4.22
C GLU E 279 -3.25 20.77 -4.81
N GLY E 280 -2.34 21.62 -5.27
CA GLY E 280 -1.07 21.15 -5.78
C GLY E 280 -1.25 20.23 -6.98
N ILE E 281 -0.44 19.18 -7.03
CA ILE E 281 -0.43 18.31 -8.20
C ILE E 281 -1.73 17.53 -8.28
N ARG E 282 -2.20 17.02 -7.15
CA ARG E 282 -3.50 16.37 -7.10
C ARG E 282 -4.59 17.32 -7.59
N GLY E 283 -4.53 18.58 -7.16
CA GLY E 283 -5.55 19.53 -7.56
C GLY E 283 -5.56 19.78 -9.05
N LEU E 284 -4.38 19.99 -9.63
CA LEU E 284 -4.32 20.25 -11.06
C LEU E 284 -4.74 19.03 -11.86
N ARG E 285 -4.34 17.83 -11.45
CA ARG E 285 -4.79 16.64 -12.17
C ARG E 285 -6.29 16.47 -12.06
N ALA E 286 -6.86 16.75 -10.89
CA ALA E 286 -8.30 16.59 -10.70
C ALA E 286 -9.07 17.54 -11.59
N LEU E 287 -8.73 18.84 -11.52
CA LEU E 287 -9.42 19.80 -12.36
C LEU E 287 -9.08 19.66 -13.84
N GLY E 288 -8.05 18.90 -14.19
CA GLY E 288 -7.67 18.80 -15.58
C GLY E 288 -7.09 20.09 -16.13
N VAL E 289 -6.26 20.77 -15.36
CA VAL E 289 -5.63 21.99 -15.82
C VAL E 289 -4.59 21.65 -16.88
N ARG E 290 -4.50 22.49 -17.90
CA ARG E 290 -3.56 22.28 -18.99
C ARG E 290 -3.32 23.61 -19.67
N ASP E 291 -2.05 23.96 -19.85
CA ASP E 291 -1.73 25.20 -20.53
C ASP E 291 -2.18 25.12 -21.98
N LEU E 292 -2.55 26.27 -22.54
CA LEU E 292 -2.93 26.40 -23.94
C LEU E 292 -1.90 27.32 -24.59
N SER E 293 -0.82 26.72 -25.04
CA SER E 293 0.22 27.40 -25.81
C SER E 293 0.18 26.82 -27.21
N TYR E 294 0.07 27.68 -28.21
CA TYR E 294 -0.07 27.30 -29.60
C TYR E 294 1.10 27.85 -30.40
N ARG E 295 1.15 27.47 -31.67
CA ARG E 295 2.16 27.98 -32.58
C ARG E 295 1.60 27.91 -33.98
N LEU E 296 1.82 28.95 -34.76
CA LEU E 296 1.35 28.94 -36.14
C LEU E 296 2.06 27.84 -36.91
N VAL E 297 1.30 27.04 -37.63
CA VAL E 297 1.82 25.98 -38.46
C VAL E 297 0.97 25.95 -39.72
N PHE E 298 1.52 26.41 -40.83
CA PHE E 298 0.72 26.48 -42.05
C PHE E 298 0.38 25.07 -42.51
N LEU E 299 -0.80 24.92 -43.12
CA LEU E 299 -1.33 23.61 -43.52
C LEU E 299 -1.52 23.64 -45.02
N ALA E 300 -0.47 23.32 -45.77
CA ALA E 300 -0.46 23.58 -47.20
C ALA E 300 -1.43 22.63 -47.91
N CYS E 301 -2.48 23.20 -48.47
CA CYS E 301 -3.43 22.42 -49.24
C CYS E 301 -2.90 22.10 -50.62
N CYS E 302 -2.06 22.97 -51.18
CA CYS E 302 -1.49 22.78 -52.49
C CYS E 302 -0.16 23.50 -52.56
N VAL E 303 0.66 23.09 -53.52
CA VAL E 303 2.02 23.55 -53.66
C VAL E 303 2.39 23.61 -55.14
N ALA E 304 2.89 24.75 -55.59
CA ALA E 304 3.33 24.98 -56.96
C ALA E 304 4.67 25.68 -56.91
N PRO E 305 5.46 25.63 -57.99
CA PRO E 305 6.62 26.52 -58.06
C PRO E 305 6.19 27.96 -58.17
N THR E 306 6.88 28.84 -57.44
CA THR E 306 6.49 30.25 -57.45
C THR E 306 6.79 30.90 -58.79
N ASN E 307 7.77 30.40 -59.52
CA ASN E 307 8.12 30.88 -60.86
C ASN E 307 8.13 29.67 -61.77
N PRO E 308 6.95 29.21 -62.23
CA PRO E 308 6.91 27.94 -62.96
C PRO E 308 7.66 28.03 -64.27
N ARG E 309 8.34 26.93 -64.61
CA ARG E 309 9.10 26.90 -65.84
C ARG E 309 8.21 26.70 -67.05
N PHE E 310 7.13 25.91 -66.93
CA PHE E 310 6.28 25.54 -68.04
C PHE E 310 4.83 25.56 -67.59
N GLY E 311 3.94 25.58 -68.57
CA GLY E 311 2.52 25.48 -68.31
C GLY E 311 2.00 24.07 -68.07
N GLY E 312 2.86 23.05 -68.16
CA GLY E 312 2.43 21.69 -67.94
C GLY E 312 2.40 21.31 -66.48
N ALA E 322 15.00 13.57 -73.22
CA ALA E 322 14.61 14.80 -73.90
C ALA E 322 13.16 14.75 -74.39
N GLU E 323 12.68 13.54 -74.69
CA GLU E 323 11.34 13.41 -75.25
C GLU E 323 10.27 13.77 -74.24
N SER E 324 10.45 13.39 -72.98
CA SER E 324 9.46 13.69 -71.95
C SER E 324 9.33 15.19 -71.73
N ILE E 325 10.47 15.87 -71.55
CA ILE E 325 10.44 17.32 -71.40
C ILE E 325 9.88 17.96 -72.66
N LYS E 326 10.21 17.41 -73.83
CA LYS E 326 9.68 17.95 -75.09
C LYS E 326 8.17 17.86 -75.14
N ASN E 327 7.61 16.73 -74.71
CA ASN E 327 6.16 16.63 -74.60
C ASN E 327 5.61 17.66 -73.63
N GLN E 328 6.34 17.89 -72.53
CA GLN E 328 5.89 18.91 -71.57
C GLN E 328 5.93 20.32 -72.18
N MET E 329 6.80 20.55 -73.18
CA MET E 329 6.86 21.85 -73.82
C MET E 329 5.52 22.22 -74.45
N THR E 330 5.10 23.46 -74.24
CA THR E 330 4.01 24.00 -75.05
C THR E 330 4.51 24.26 -76.47
N VAL E 331 3.56 24.44 -77.39
CA VAL E 331 3.91 24.58 -78.79
C VAL E 331 4.79 25.81 -79.01
N LYS E 332 4.44 26.93 -78.37
CA LYS E 332 5.16 28.18 -78.59
C LYS E 332 6.59 28.08 -78.07
N GLU E 333 6.76 27.58 -76.84
CA GLU E 333 8.10 27.44 -76.31
C GLU E 333 8.89 26.41 -77.10
N TRP E 334 8.23 25.37 -77.60
CA TRP E 334 8.92 24.36 -78.38
C TRP E 334 9.48 24.96 -79.67
N GLU E 335 8.66 25.70 -80.41
CA GLU E 335 9.19 26.32 -81.62
C GLU E 335 10.23 27.39 -81.28
N LYS E 336 10.09 28.07 -80.13
CA LYS E 336 11.08 29.05 -79.71
C LYS E 336 12.45 28.39 -79.52
N VAL E 337 12.49 27.32 -78.73
CA VAL E 337 13.78 26.67 -78.51
C VAL E 337 14.25 25.99 -79.78
N PHE E 338 13.34 25.57 -80.66
CA PHE E 338 13.75 24.98 -81.92
C PHE E 338 14.50 25.99 -82.77
N GLU E 339 13.91 27.16 -82.99
CA GLU E 339 14.59 28.18 -83.77
C GLU E 339 15.82 28.68 -83.04
N MET E 340 15.84 28.59 -81.70
CA MET E 340 17.05 28.89 -80.95
C MET E 340 18.17 27.95 -81.33
N SER E 341 17.89 26.65 -81.33
CA SER E 341 18.90 25.67 -81.71
C SER E 341 19.33 25.86 -83.16
N GLN E 342 18.36 26.08 -84.04
CA GLN E 342 18.66 26.28 -85.45
C GLN E 342 19.42 27.58 -85.69
N ASP E 343 19.35 28.53 -84.75
CA ASP E 343 20.06 29.80 -84.91
C ASP E 343 21.56 29.57 -84.97
N LYS E 344 22.21 30.31 -85.86
CA LYS E 344 23.65 30.48 -85.86
C LYS E 344 23.99 31.85 -85.30
N ASN E 345 25.18 31.97 -84.71
CA ASN E 345 25.59 33.07 -83.84
C ASN E 345 24.92 32.99 -82.47
N LEU E 346 24.22 31.88 -82.18
CA LEU E 346 23.69 31.62 -80.84
C LEU E 346 24.76 31.72 -79.77
N TYR E 347 26.00 31.40 -80.13
CA TYR E 347 27.17 31.51 -79.26
C TYR E 347 27.28 32.92 -78.68
N HIS E 348 27.52 33.90 -79.55
CA HIS E 348 27.66 35.27 -79.07
C HIS E 348 26.34 35.83 -78.57
N ASN E 349 25.21 35.36 -79.11
CA ASN E 349 23.91 35.79 -78.60
C ASN E 349 23.72 35.41 -77.15
N LEU E 350 24.06 34.15 -76.81
CA LEU E 350 23.96 33.70 -75.44
C LEU E 350 24.92 34.47 -74.55
N CYS E 351 26.12 34.75 -75.06
CA CYS E 351 27.06 35.60 -74.32
C CYS E 351 26.41 36.93 -73.96
N THR E 352 25.83 37.60 -74.96
CA THR E 352 25.23 38.90 -74.73
C THR E 352 24.04 38.82 -73.79
N SER E 353 23.20 37.81 -73.96
CA SER E 353 22.01 37.69 -73.12
C SER E 353 22.39 37.40 -71.68
N LEU E 354 23.37 36.52 -71.46
CA LEU E 354 23.82 36.25 -70.11
C LEU E 354 24.45 37.49 -69.48
N PHE E 355 25.26 38.22 -70.25
CA PHE E 355 26.06 39.33 -69.73
C PHE E 355 25.88 40.57 -70.60
N PRO E 356 24.69 41.17 -70.62
CA PRO E 356 24.58 42.46 -71.30
C PRO E 356 25.37 43.55 -70.61
N THR E 357 25.48 43.49 -69.28
CA THR E 357 26.21 44.51 -68.55
C THR E 357 27.69 44.49 -68.92
N ILE E 358 28.27 43.30 -69.03
CA ILE E 358 29.72 43.18 -69.18
C ILE E 358 30.14 43.71 -70.55
N HIS E 359 31.37 44.24 -70.61
CA HIS E 359 32.03 44.62 -71.84
C HIS E 359 33.38 43.93 -71.90
N GLY E 360 33.75 43.45 -73.08
CA GLY E 360 34.95 42.65 -73.14
C GLY E 360 34.77 41.38 -72.34
N ASN E 361 35.87 40.84 -71.84
CA ASN E 361 35.86 39.63 -71.01
C ASN E 361 35.18 38.47 -71.74
N ASP E 362 35.36 38.44 -73.07
CA ASP E 362 34.68 37.43 -73.88
C ASP E 362 35.09 36.03 -73.49
N GLU E 363 36.35 35.84 -73.10
CA GLU E 363 36.78 34.51 -72.67
C GLU E 363 36.03 34.06 -71.44
N VAL E 364 35.84 34.96 -70.47
CA VAL E 364 35.08 34.60 -69.28
C VAL E 364 33.63 34.32 -69.64
N LYS E 365 33.05 35.14 -70.53
CA LYS E 365 31.69 34.89 -71.00
C LYS E 365 31.57 33.49 -71.56
N ARG E 366 32.52 33.11 -72.41
CA ARG E 366 32.44 31.81 -73.07
C ARG E 366 32.61 30.68 -72.07
N GLY E 367 33.61 30.79 -71.20
CA GLY E 367 33.84 29.75 -70.22
C GLY E 367 32.68 29.55 -69.29
N VAL E 368 32.08 30.64 -68.82
CA VAL E 368 30.97 30.52 -67.88
C VAL E 368 29.74 29.94 -68.57
N LEU E 369 29.51 30.33 -69.83
CA LEU E 369 28.39 29.74 -70.58
C LEU E 369 28.57 28.23 -70.73
N LEU E 370 29.77 27.82 -71.13
CA LEU E 370 30.03 26.39 -71.26
C LEU E 370 29.90 25.70 -69.92
N MET E 371 30.29 26.38 -68.83
CA MET E 371 30.11 25.81 -67.50
C MET E 371 28.63 25.56 -67.22
N LEU E 372 27.78 26.53 -67.56
CA LEU E 372 26.36 26.37 -67.31
C LEU E 372 25.82 25.17 -68.08
N PHE E 373 26.25 25.00 -69.33
CA PHE E 373 25.77 23.84 -70.07
C PHE E 373 26.34 22.54 -69.52
N GLY E 374 27.60 22.54 -69.12
CA GLY E 374 28.20 21.37 -68.50
C GLY E 374 28.65 20.33 -69.52
N GLY E 375 29.44 19.38 -69.02
CA GLY E 375 29.85 18.23 -69.79
C GLY E 375 28.98 17.03 -69.50
N VAL E 376 29.44 15.87 -69.96
CA VAL E 376 28.73 14.60 -69.81
C VAL E 376 29.48 13.78 -68.76
N PRO E 377 28.98 13.64 -67.53
CA PRO E 377 29.60 12.69 -66.60
C PRO E 377 29.54 11.27 -67.14
N LYS E 378 30.62 10.54 -66.93
CA LYS E 378 30.74 9.15 -67.37
C LYS E 378 31.38 8.34 -66.25
N THR E 379 31.42 7.03 -66.43
CA THR E 379 31.96 6.14 -65.41
C THR E 379 32.53 4.89 -66.08
N THR E 380 33.62 4.39 -65.51
CA THR E 380 34.35 3.28 -66.09
C THR E 380 33.70 1.94 -65.73
N GLY E 381 34.12 0.90 -66.45
CA GLY E 381 33.68 -0.44 -66.11
C GLY E 381 34.15 -0.87 -64.74
N GLU E 382 35.32 -0.39 -64.31
CA GLU E 382 35.81 -0.73 -62.98
C GLU E 382 35.04 0.00 -61.89
N GLY E 383 34.58 1.22 -62.16
CA GLY E 383 33.77 2.00 -61.24
C GLY E 383 34.33 3.38 -60.94
N THR E 384 35.28 3.85 -61.74
CA THR E 384 35.85 5.18 -61.54
C THR E 384 34.90 6.21 -62.15
N SER E 385 34.42 7.14 -61.33
CA SER E 385 33.45 8.13 -61.77
C SER E 385 34.17 9.27 -62.47
N LEU E 386 34.26 9.18 -63.78
CA LEU E 386 34.82 10.27 -64.58
C LEU E 386 33.99 11.53 -64.39
N ARG E 387 34.67 12.63 -64.08
CA ARG E 387 33.99 13.90 -63.91
C ARG E 387 33.35 14.34 -65.22
N GLY E 388 32.21 15.01 -65.12
CA GLY E 388 31.54 15.63 -66.25
C GLY E 388 31.40 17.13 -66.10
N ASP E 389 31.22 17.60 -64.86
CA ASP E 389 31.21 19.04 -64.61
C ASP E 389 32.56 19.63 -64.96
N ILE E 390 32.58 20.95 -65.14
CA ILE E 390 33.79 21.67 -65.55
C ILE E 390 33.89 22.93 -64.70
N ASN E 391 34.84 22.95 -63.78
CA ASN E 391 34.97 24.03 -62.83
C ASN E 391 35.78 25.16 -63.44
N VAL E 392 35.36 26.38 -63.18
CA VAL E 392 36.00 27.55 -63.76
C VAL E 392 36.50 28.40 -62.61
N CYS E 393 37.63 29.08 -62.85
CA CYS E 393 38.19 30.01 -61.88
C CYS E 393 38.49 31.32 -62.59
N ILE E 394 38.11 32.42 -61.94
CA ILE E 394 38.40 33.77 -62.39
C ILE E 394 39.36 34.34 -61.37
N VAL E 395 40.54 34.74 -61.82
CA VAL E 395 41.56 35.33 -60.97
C VAL E 395 42.04 36.59 -61.64
N GLY E 396 42.16 37.67 -60.88
CA GLY E 396 42.57 38.91 -61.52
C GLY E 396 42.75 40.03 -60.53
N ASP E 397 43.21 41.15 -61.07
CA ASP E 397 43.39 42.37 -60.30
C ASP E 397 42.05 42.81 -59.73
N PRO E 398 42.05 43.64 -58.69
CA PRO E 398 40.78 44.00 -58.04
C PRO E 398 39.87 44.81 -58.95
N SER E 399 38.57 44.64 -58.75
CA SER E 399 37.54 45.41 -59.43
C SER E 399 37.56 45.12 -60.93
N THR E 400 37.51 43.83 -61.26
CA THR E 400 37.55 43.36 -62.64
C THR E 400 36.35 42.46 -62.93
N ALA E 401 35.23 42.69 -62.25
CA ALA E 401 33.95 42.05 -62.53
C ALA E 401 33.94 40.56 -62.20
N LYS E 402 34.86 40.08 -61.34
CA LYS E 402 34.86 38.66 -60.99
C LYS E 402 33.63 38.30 -60.17
N SER E 403 33.47 38.96 -59.03
CA SER E 403 32.27 38.79 -58.22
C SER E 403 31.02 39.13 -59.03
N GLN E 404 31.14 40.04 -59.99
CA GLN E 404 30.00 40.38 -60.83
C GLN E 404 29.60 39.20 -61.71
N PHE E 405 30.57 38.49 -62.29
CA PHE E 405 30.23 37.31 -63.07
C PHE E 405 29.55 36.27 -62.20
N LEU E 406 30.08 36.06 -61.00
CA LEU E 406 29.46 35.07 -60.12
C LEU E 406 28.04 35.47 -59.75
N LYS E 407 27.82 36.76 -59.49
CA LYS E 407 26.48 37.24 -59.19
C LYS E 407 25.55 37.07 -60.39
N HIS E 408 26.06 37.30 -61.60
CA HIS E 408 25.25 37.09 -62.79
C HIS E 408 24.80 35.64 -62.89
N VAL E 409 25.70 34.71 -62.66
CA VAL E 409 25.34 33.29 -62.73
C VAL E 409 24.31 32.96 -61.64
N GLU E 410 24.53 33.47 -60.42
CA GLU E 410 23.60 33.25 -59.32
C GLU E 410 22.21 33.73 -59.69
N GLU E 411 22.07 35.02 -59.98
CA GLU E 411 20.76 35.60 -60.27
C GLU E 411 20.14 34.99 -61.53
N PHE E 412 20.96 34.44 -62.43
CA PHE E 412 20.38 33.85 -63.63
C PHE E 412 19.81 32.47 -63.37
N SER E 413 20.65 31.52 -62.96
CA SER E 413 20.21 30.14 -63.08
C SER E 413 19.45 29.69 -61.84
N PRO E 414 18.61 28.67 -61.95
CA PRO E 414 18.17 27.95 -60.75
C PRO E 414 19.20 26.90 -60.39
N ARG E 415 19.13 26.47 -59.12
CA ARG E 415 20.16 25.62 -58.54
C ARG E 415 21.53 26.26 -58.71
N ALA E 416 21.57 27.56 -58.40
CA ALA E 416 22.77 28.38 -58.49
C ALA E 416 22.98 28.97 -57.11
N VAL E 417 23.68 28.24 -56.29
CA VAL E 417 23.93 28.68 -54.92
C VAL E 417 25.16 29.56 -54.95
N TYR E 418 25.25 30.45 -53.97
CA TYR E 418 26.33 31.42 -53.88
C TYR E 418 26.87 31.43 -52.47
N THR E 419 28.19 31.56 -52.36
CA THR E 419 28.85 31.75 -51.08
C THR E 419 30.17 32.46 -51.33
N SER E 420 30.69 33.10 -50.29
CA SER E 420 31.87 33.97 -50.42
C SER E 420 32.83 33.70 -49.29
N GLY E 421 33.95 33.04 -49.61
CA GLY E 421 35.10 33.01 -48.73
C GLY E 421 34.81 32.39 -47.38
N LYS E 422 35.06 33.17 -46.32
CA LYS E 422 34.94 32.72 -44.94
C LYS E 422 33.58 33.02 -44.34
N ALA E 423 32.54 33.12 -45.17
CA ALA E 423 31.18 33.30 -44.70
C ALA E 423 30.42 31.99 -44.52
N SER E 424 31.09 30.83 -44.72
CA SER E 424 30.43 29.53 -44.71
C SER E 424 31.31 28.52 -43.99
N SER E 425 30.96 28.24 -42.73
CA SER E 425 31.58 27.13 -42.02
C SER E 425 31.19 25.83 -42.72
N ALA E 426 32.03 24.81 -42.56
CA ALA E 426 31.97 23.61 -43.41
C ALA E 426 30.63 22.89 -43.28
N ALA E 427 30.08 22.84 -42.06
CA ALA E 427 28.85 22.10 -41.83
C ALA E 427 27.71 22.64 -42.69
N GLY E 428 27.48 23.95 -42.65
CA GLY E 428 26.53 24.53 -43.57
C GLY E 428 27.00 24.56 -45.00
N LEU E 429 28.31 24.49 -45.21
CA LEU E 429 28.84 24.52 -46.58
C LEU E 429 28.44 23.28 -47.35
N THR E 430 28.49 22.10 -46.72
CA THR E 430 28.25 20.84 -47.41
C THR E 430 27.08 20.05 -46.87
N ALA E 431 26.95 19.87 -45.54
CA ALA E 431 25.86 19.09 -44.98
C ALA E 431 25.89 19.15 -43.45
N ALA E 432 24.72 19.06 -42.83
CA ALA E 432 24.60 19.03 -41.38
C ALA E 432 23.56 17.98 -41.01
N VAL E 433 23.33 17.82 -39.71
CA VAL E 433 22.46 16.76 -39.19
C VAL E 433 21.56 17.36 -38.12
N VAL E 434 20.32 16.88 -38.08
CA VAL E 434 19.42 17.14 -36.96
C VAL E 434 18.59 15.88 -36.75
N ARG E 435 18.08 15.71 -35.53
CA ARG E 435 17.19 14.60 -35.24
C ARG E 435 15.76 15.00 -35.58
N ASP E 436 15.01 14.04 -36.10
CA ASP E 436 13.59 14.25 -36.33
C ASP E 436 12.93 14.58 -35.01
N GLU E 437 12.36 15.78 -34.92
CA GLU E 437 11.69 16.19 -33.69
C GLU E 437 10.49 15.30 -33.40
N GLU E 438 9.86 14.76 -34.45
CA GLU E 438 8.73 13.87 -34.26
C GLU E 438 9.19 12.45 -33.94
N SER E 439 9.89 11.82 -34.89
CA SER E 439 10.24 10.41 -34.83
C SER E 439 11.68 10.24 -34.39
N HIS E 440 12.18 8.99 -34.46
CA HIS E 440 13.55 8.70 -34.08
C HIS E 440 14.55 9.01 -35.18
N GLU E 441 14.12 9.04 -36.44
CA GLU E 441 15.03 9.21 -37.57
C GLU E 441 15.73 10.56 -37.51
N PHE E 442 16.67 10.75 -38.43
CA PHE E 442 17.48 11.96 -38.52
C PHE E 442 17.33 12.57 -39.90
N VAL E 443 17.22 13.90 -39.93
CA VAL E 443 17.14 14.68 -41.16
C VAL E 443 18.54 15.18 -41.47
N ILE E 444 19.00 14.88 -42.67
CA ILE E 444 20.31 15.30 -43.17
C ILE E 444 20.11 16.66 -43.86
N GLU E 445 20.42 17.72 -43.12
CA GLU E 445 20.22 19.06 -43.64
C GLU E 445 21.20 19.34 -44.76
N ALA E 446 20.70 19.98 -45.81
CA ALA E 446 21.41 20.14 -47.07
C ALA E 446 22.23 21.42 -47.05
N GLY E 447 23.53 21.30 -47.33
CA GLY E 447 24.43 22.44 -47.40
C GLY E 447 24.53 22.99 -48.81
N ALA E 448 25.48 23.92 -48.98
CA ALA E 448 25.56 24.68 -50.23
C ALA E 448 25.80 23.77 -51.42
N LEU E 449 26.67 22.78 -51.28
CA LEU E 449 26.93 21.85 -52.38
C LEU E 449 25.67 21.10 -52.77
N MET E 450 24.91 20.63 -51.78
CA MET E 450 23.67 19.92 -52.07
C MET E 450 22.68 20.82 -52.78
N LEU E 451 22.46 22.02 -52.25
CA LEU E 451 21.51 22.93 -52.87
C LEU E 451 21.97 23.34 -54.25
N ALA E 452 23.27 23.28 -54.53
CA ALA E 452 23.81 23.50 -55.87
C ALA E 452 23.93 22.21 -56.67
N ASP E 453 23.43 21.09 -56.16
CA ASP E 453 23.57 19.81 -56.85
C ASP E 453 22.96 19.88 -58.25
N ASN E 454 23.68 19.26 -59.20
CA ASN E 454 23.28 19.24 -60.60
C ASN E 454 23.10 20.65 -61.14
N GLY E 455 23.96 21.56 -60.67
CA GLY E 455 23.87 22.96 -61.02
C GLY E 455 25.18 23.66 -60.77
N VAL E 456 25.12 24.88 -60.24
CA VAL E 456 26.30 25.73 -60.08
C VAL E 456 26.41 26.18 -58.63
N CYS E 457 27.64 26.15 -58.11
CA CYS E 457 27.99 26.81 -56.87
C CYS E 457 29.02 27.88 -57.18
N CYS E 458 28.68 29.13 -56.87
CA CYS E 458 29.55 30.26 -57.11
C CYS E 458 30.26 30.58 -55.80
N ILE E 459 31.54 30.26 -55.74
CA ILE E 459 32.37 30.48 -54.56
C ILE E 459 33.23 31.71 -54.81
N ASP E 460 33.13 32.70 -53.93
CA ASP E 460 33.84 33.96 -54.05
C ASP E 460 34.89 34.04 -52.95
N GLU E 461 36.01 34.69 -53.27
CA GLU E 461 37.18 34.69 -52.40
C GLU E 461 37.62 33.25 -52.14
N PHE E 462 37.67 32.48 -53.23
CA PHE E 462 38.01 31.06 -53.14
C PHE E 462 39.37 30.83 -52.51
N ASP E 463 40.32 31.73 -52.76
CA ASP E 463 41.65 31.59 -52.18
C ASP E 463 41.64 31.70 -50.66
N LYS E 464 40.63 32.36 -50.09
CA LYS E 464 40.56 32.64 -48.66
C LYS E 464 39.67 31.64 -47.91
N MET E 465 39.52 30.43 -48.46
CA MET E 465 38.82 29.36 -47.76
C MET E 465 39.80 28.62 -46.88
N ASP E 466 39.37 28.30 -45.67
CA ASP E 466 40.19 27.52 -44.74
C ASP E 466 40.52 26.16 -45.38
N VAL E 467 41.64 25.58 -44.93
CA VAL E 467 42.04 24.27 -45.43
C VAL E 467 40.95 23.24 -45.10
N ARG E 468 40.33 23.37 -43.92
CA ARG E 468 39.41 22.37 -43.41
C ARG E 468 38.22 22.15 -44.31
N ASP E 469 37.81 23.18 -45.06
CA ASP E 469 36.67 23.13 -45.96
C ASP E 469 37.06 23.20 -47.42
N GLN E 470 38.20 23.82 -47.75
CA GLN E 470 38.67 23.73 -49.13
C GLN E 470 38.98 22.28 -49.48
N VAL E 471 39.47 21.51 -48.51
CA VAL E 471 39.62 20.07 -48.73
C VAL E 471 38.26 19.40 -48.88
N ALA E 472 37.23 19.88 -48.19
CA ALA E 472 35.90 19.29 -48.32
C ALA E 472 35.37 19.48 -49.74
N ILE E 473 35.42 20.70 -50.26
CA ILE E 473 34.97 20.91 -51.62
C ILE E 473 35.90 20.22 -52.60
N HIS E 474 37.17 20.03 -52.25
CA HIS E 474 38.05 19.23 -53.08
C HIS E 474 37.57 17.79 -53.16
N GLU E 475 37.12 17.23 -52.03
CA GLU E 475 36.55 15.90 -52.04
C GLU E 475 35.30 15.87 -52.93
N ALA E 476 34.46 16.89 -52.80
CA ALA E 476 33.27 16.96 -53.65
C ALA E 476 33.65 16.99 -55.12
N MET E 477 34.72 17.72 -55.45
CA MET E 477 35.14 17.84 -56.84
C MET E 477 35.74 16.53 -57.35
N GLU E 478 36.48 15.82 -56.49
CA GLU E 478 37.05 14.54 -56.90
C GLU E 478 35.96 13.51 -57.13
N GLN E 479 35.02 13.40 -56.18
CA GLN E 479 34.11 12.27 -56.12
C GLN E 479 32.68 12.59 -56.49
N GLN E 480 32.32 13.87 -56.67
CA GLN E 480 30.94 14.29 -56.92
C GLN E 480 29.99 13.87 -55.81
N THR E 481 30.51 13.58 -54.62
CA THR E 481 29.74 12.96 -53.54
C THR E 481 30.49 13.25 -52.26
N ILE E 482 29.74 13.45 -51.18
CA ILE E 482 30.32 13.54 -49.85
C ILE E 482 29.50 12.66 -48.93
N SER E 483 30.18 11.88 -48.11
CA SER E 483 29.53 10.98 -47.15
C SER E 483 29.73 11.56 -45.77
N ILE E 484 28.62 11.88 -45.11
CA ILE E 484 28.63 12.47 -43.78
C ILE E 484 28.24 11.39 -42.79
N THR E 485 29.06 11.25 -41.75
CA THR E 485 28.81 10.32 -40.65
C THR E 485 29.11 11.10 -39.38
N LYS E 486 28.07 11.53 -38.68
CA LYS E 486 28.25 12.45 -37.57
C LYS E 486 27.02 12.44 -36.70
N ALA E 487 27.24 12.49 -35.38
CA ALA E 487 26.20 12.72 -34.38
C ALA E 487 25.10 11.67 -34.41
N GLY E 488 25.36 10.48 -34.97
CA GLY E 488 24.44 9.37 -34.93
C GLY E 488 23.72 9.05 -36.22
N VAL E 489 24.14 9.60 -37.37
CA VAL E 489 23.59 9.22 -38.66
C VAL E 489 24.71 9.20 -39.69
N LYS E 490 24.65 8.19 -40.57
CA LYS E 490 25.57 8.03 -41.69
C LYS E 490 24.79 8.06 -42.99
N ALA E 491 25.33 8.75 -43.98
CA ALA E 491 24.70 8.77 -45.30
C ALA E 491 25.72 9.24 -46.33
N THR E 492 25.43 8.93 -47.59
CA THR E 492 26.28 9.22 -48.74
C THR E 492 25.54 10.16 -49.70
N LEU E 493 25.69 11.44 -49.45
CA LEU E 493 24.94 12.46 -50.18
C LEU E 493 25.63 12.77 -51.51
N ASN E 494 24.84 12.81 -52.57
CA ASN E 494 25.33 13.09 -53.91
C ASN E 494 25.37 14.59 -54.13
N ALA E 495 26.43 15.07 -54.78
CA ALA E 495 26.53 16.49 -55.12
C ALA E 495 27.36 16.58 -56.41
N ARG E 496 26.64 16.62 -57.53
CA ARG E 496 27.27 16.72 -58.85
C ARG E 496 27.39 18.16 -59.32
N THR E 497 27.57 19.10 -58.39
CA THR E 497 27.59 20.51 -58.75
C THR E 497 28.88 20.86 -59.48
N SER E 498 28.84 22.01 -60.16
CA SER E 498 30.02 22.59 -60.81
C SER E 498 30.37 23.89 -60.11
N ILE E 499 31.66 24.12 -59.90
CA ILE E 499 32.16 25.22 -59.08
C ILE E 499 32.70 26.32 -60.00
N LEU E 500 32.17 27.52 -59.82
CA LEU E 500 32.73 28.73 -60.43
C LEU E 500 33.36 29.50 -59.28
N ALA E 501 34.68 29.63 -59.32
CA ALA E 501 35.47 30.19 -58.24
C ALA E 501 36.02 31.55 -58.62
N ALA E 502 36.13 32.42 -57.62
CA ALA E 502 36.83 33.69 -57.74
C ALA E 502 38.00 33.65 -56.78
N ALA E 503 39.18 34.04 -57.25
CA ALA E 503 40.40 33.92 -56.45
C ALA E 503 41.23 35.19 -56.61
N ASN E 504 41.41 35.90 -55.52
CA ASN E 504 42.30 37.05 -55.54
C ASN E 504 43.74 36.57 -55.61
N PRO E 505 44.61 37.16 -56.44
CA PRO E 505 46.02 36.79 -56.37
C PRO E 505 46.64 37.21 -55.05
N ILE E 506 47.73 36.53 -54.70
CA ILE E 506 48.54 36.97 -53.57
C ILE E 506 49.06 38.37 -53.88
N SER E 507 49.20 39.18 -52.84
CA SER E 507 49.61 40.59 -52.86
C SER E 507 48.49 41.50 -53.33
N GLY E 508 47.31 40.98 -53.69
CA GLY E 508 46.23 41.75 -54.22
C GLY E 508 46.23 41.88 -55.74
N HIS E 509 47.42 41.87 -56.36
CA HIS E 509 47.57 42.08 -57.79
C HIS E 509 48.30 40.91 -58.41
N TYR E 510 47.80 40.45 -59.55
CA TYR E 510 48.46 39.38 -60.28
C TYR E 510 49.80 39.86 -60.82
N ASP E 511 50.74 38.93 -60.97
CA ASP E 511 52.11 39.21 -61.39
C ASP E 511 52.43 38.30 -62.57
N ARG E 512 52.51 38.89 -63.76
CA ARG E 512 52.71 38.09 -64.97
C ARG E 512 54.12 37.55 -65.12
N SER E 513 55.07 37.97 -64.28
CA SER E 513 56.41 37.41 -64.28
C SER E 513 56.54 36.18 -63.37
N LYS E 514 55.45 35.72 -62.77
CA LYS E 514 55.44 34.56 -61.88
C LYS E 514 54.43 33.55 -62.39
N SER E 515 54.61 32.31 -61.97
CA SER E 515 53.66 31.27 -62.33
C SER E 515 52.38 31.41 -61.53
N LEU E 516 51.30 30.86 -62.09
CA LEU E 516 49.99 30.97 -61.45
C LEU E 516 49.97 30.30 -60.09
N LYS E 517 50.66 29.17 -59.97
CA LYS E 517 50.69 28.42 -58.71
C LYS E 517 51.32 29.20 -57.58
N GLN E 518 52.13 30.21 -57.89
CA GLN E 518 52.73 31.09 -56.88
C GLN E 518 52.09 32.46 -56.87
N ASN E 519 51.28 32.81 -57.86
CA ASN E 519 50.45 34.00 -57.75
C ASN E 519 49.31 33.78 -56.78
N ILE E 520 48.63 32.64 -56.86
CA ILE E 520 47.54 32.29 -55.95
C ILE E 520 48.02 31.23 -54.97
N ASN E 521 47.21 30.99 -53.93
CA ASN E 521 47.57 30.06 -52.86
C ASN E 521 46.53 28.95 -52.70
N LEU E 522 46.15 28.32 -53.80
CA LEU E 522 45.33 27.11 -53.73
C LEU E 522 46.21 25.90 -53.53
N SER E 523 45.63 24.86 -52.94
CA SER E 523 46.33 23.59 -52.87
C SER E 523 46.52 23.06 -54.28
N ALA E 524 47.68 22.44 -54.51
CA ALA E 524 48.01 21.86 -55.80
C ALA E 524 46.96 20.90 -56.34
N PRO E 525 46.42 19.95 -55.55
CA PRO E 525 45.33 19.14 -56.10
C PRO E 525 44.09 19.93 -56.47
N ILE E 526 43.73 20.96 -55.71
CA ILE E 526 42.58 21.78 -56.07
C ILE E 526 42.82 22.46 -57.40
N MET E 527 44.00 23.06 -57.55
CA MET E 527 44.33 23.74 -58.80
C MET E 527 44.34 22.75 -59.95
N SER E 528 44.78 21.52 -59.69
CA SER E 528 44.73 20.50 -60.74
C SER E 528 43.29 20.20 -61.13
N ARG E 529 42.42 20.04 -60.13
CA ARG E 529 41.02 19.72 -60.42
C ARG E 529 40.34 20.82 -61.21
N PHE E 530 40.70 22.09 -60.94
CA PHE E 530 40.02 23.20 -61.60
C PHE E 530 40.19 23.12 -63.11
N ASP E 531 39.06 23.19 -63.82
CA ASP E 531 39.07 22.84 -65.22
C ASP E 531 39.63 23.99 -66.05
N LEU E 532 39.05 25.19 -65.90
CA LEU E 532 39.48 26.39 -66.60
C LEU E 532 39.98 27.44 -65.61
N PHE E 533 41.03 28.15 -66.01
CA PHE E 533 41.59 29.27 -65.26
C PHE E 533 41.66 30.48 -66.17
N PHE E 534 41.04 31.58 -65.77
CA PHE E 534 41.06 32.84 -66.51
C PHE E 534 41.80 33.89 -65.71
N ILE E 535 42.71 34.60 -66.40
CA ILE E 535 43.52 35.67 -65.82
C ILE E 535 42.97 36.99 -66.31
N LEU E 536 42.56 37.85 -65.37
CA LEU E 536 41.98 39.16 -65.66
C LEU E 536 42.89 40.24 -65.08
N VAL E 537 43.80 40.73 -65.93
CA VAL E 537 44.76 41.74 -65.55
C VAL E 537 44.15 43.11 -65.78
N ASP E 538 44.26 43.99 -64.77
CA ASP E 538 43.68 45.33 -64.84
C ASP E 538 44.69 46.33 -65.41
N GLU E 539 45.10 46.07 -66.65
CA GLU E 539 45.94 47.01 -67.36
C GLU E 539 45.18 48.31 -67.62
N CYS E 540 45.93 49.38 -67.87
CA CYS E 540 45.39 50.73 -68.04
C CYS E 540 45.53 51.14 -69.51
N ASN E 541 44.53 50.76 -70.31
CA ASN E 541 44.44 51.13 -71.72
C ASN E 541 43.18 51.95 -71.91
N GLU E 542 43.32 53.13 -72.53
CA GLU E 542 42.28 54.14 -72.42
C GLU E 542 41.14 53.96 -73.40
N VAL E 543 41.35 53.29 -74.53
CA VAL E 543 40.20 52.95 -75.38
C VAL E 543 39.28 52.01 -74.62
N THR E 544 39.84 51.00 -73.96
CA THR E 544 39.04 50.12 -73.12
C THR E 544 38.44 50.89 -71.96
N ASP E 545 39.19 51.82 -71.38
CA ASP E 545 38.70 52.60 -70.25
C ASP E 545 37.47 53.43 -70.64
N TYR E 546 37.55 54.09 -71.80
CA TYR E 546 36.39 54.80 -72.34
C TYR E 546 35.23 53.85 -72.55
N ALA E 547 35.51 52.65 -73.08
CA ALA E 547 34.44 51.69 -73.31
C ALA E 547 33.73 51.33 -72.02
N ILE E 548 34.49 51.01 -70.98
CA ILE E 548 33.90 50.59 -69.72
C ILE E 548 33.11 51.73 -69.09
N ALA E 549 33.69 52.94 -69.09
CA ALA E 549 33.00 54.07 -68.48
C ALA E 549 31.69 54.34 -69.19
N ARG E 550 31.73 54.38 -70.52
CA ARG E 550 30.51 54.60 -71.29
C ARG E 550 29.49 53.53 -70.99
N ARG E 551 29.92 52.27 -70.90
CA ARG E 551 29.00 51.17 -70.68
C ARG E 551 28.26 51.31 -69.35
N ILE E 552 29.02 51.45 -68.26
CA ILE E 552 28.36 51.43 -66.94
C ILE E 552 27.56 52.71 -66.73
N VAL E 553 28.07 53.85 -67.21
CA VAL E 553 27.31 55.08 -67.04
C VAL E 553 26.04 55.04 -67.87
N ASP E 554 26.11 54.46 -69.07
CA ASP E 554 24.91 54.26 -69.86
C ASP E 554 23.90 53.41 -69.11
N LEU E 555 24.37 52.37 -68.44
CA LEU E 555 23.47 51.53 -67.66
C LEU E 555 22.79 52.33 -66.56
N HIS E 556 23.58 53.10 -65.81
CA HIS E 556 23.01 53.85 -64.69
C HIS E 556 22.03 54.92 -65.15
N SER E 557 22.36 55.63 -66.23
CA SER E 557 21.43 56.63 -66.74
C SER E 557 20.16 55.98 -67.26
N ARG E 558 20.29 54.94 -68.08
CA ARG E 558 19.16 54.19 -68.62
C ARG E 558 19.21 52.78 -68.02
N ILE E 559 18.65 52.66 -66.81
CA ILE E 559 18.58 51.39 -66.12
C ILE E 559 17.72 50.40 -66.92
N GLU E 560 16.44 50.72 -67.09
CA GLU E 560 15.46 49.73 -67.52
C GLU E 560 15.69 49.31 -68.97
N GLU E 561 15.84 50.29 -69.85
CA GLU E 561 16.30 50.03 -71.21
C GLU E 561 17.83 49.96 -71.16
N SER E 562 18.47 50.01 -72.33
CA SER E 562 19.90 49.80 -72.51
C SER E 562 20.33 48.36 -72.27
N ILE E 563 19.38 47.43 -72.23
CA ILE E 563 19.66 46.00 -72.21
C ILE E 563 19.02 45.40 -73.46
N ASP E 564 19.81 44.64 -74.21
CA ASP E 564 19.39 43.99 -75.44
C ASP E 564 19.73 42.52 -75.40
N ARG E 565 19.29 41.85 -74.34
CA ARG E 565 19.37 40.41 -74.32
C ARG E 565 18.47 39.89 -75.43
N VAL E 566 19.08 39.41 -76.51
CA VAL E 566 18.33 39.03 -77.70
C VAL E 566 17.38 37.89 -77.42
N TYR E 567 17.67 37.08 -76.42
CA TYR E 567 16.77 36.06 -75.89
C TYR E 567 16.54 36.36 -74.43
N SER E 568 15.28 36.31 -74.00
CA SER E 568 14.95 36.66 -72.63
C SER E 568 15.58 35.67 -71.67
N LEU E 569 15.66 36.07 -70.39
CA LEU E 569 16.24 35.20 -69.38
C LEU E 569 15.46 33.91 -69.25
N ASP E 570 14.13 34.00 -69.26
CA ASP E 570 13.31 32.79 -69.23
C ASP E 570 13.55 31.94 -70.47
N ASP E 571 13.71 32.58 -71.63
CA ASP E 571 13.93 31.83 -72.86
C ASP E 571 15.21 31.01 -72.78
N ILE E 572 16.32 31.65 -72.41
CA ILE E 572 17.57 30.90 -72.37
C ILE E 572 17.57 29.93 -71.20
N ARG E 573 16.88 30.23 -70.10
CA ARG E 573 16.82 29.30 -68.99
C ARG E 573 16.09 28.03 -69.39
N ARG E 574 14.95 28.18 -70.06
CA ARG E 574 14.26 27.02 -70.62
C ARG E 574 15.16 26.30 -71.62
N TYR E 575 15.92 27.05 -72.41
CA TYR E 575 16.81 26.41 -73.38
C TYR E 575 17.87 25.59 -72.67
N LEU E 576 18.40 26.09 -71.55
CA LEU E 576 19.37 25.32 -70.77
C LEU E 576 18.75 24.04 -70.25
N LEU E 577 17.55 24.16 -69.66
CA LEU E 577 16.90 23.00 -69.08
C LEU E 577 16.59 21.95 -70.13
N PHE E 578 16.22 22.39 -71.34
CA PHE E 578 15.92 21.45 -72.42
C PHE E 578 17.20 20.88 -73.03
N ALA E 579 18.26 21.68 -73.11
CA ALA E 579 19.48 21.23 -73.75
C ALA E 579 20.24 20.24 -72.88
N ARG E 580 20.11 20.38 -71.54
CA ARG E 580 20.93 19.61 -70.59
C ARG E 580 20.86 18.11 -70.82
N GLN E 581 19.71 17.61 -71.28
CA GLN E 581 19.49 16.17 -71.35
C GLN E 581 20.01 15.54 -72.64
N PHE E 582 20.67 16.31 -73.52
CA PHE E 582 21.29 15.76 -74.72
C PHE E 582 22.74 15.43 -74.42
N LYS E 583 23.13 14.19 -74.71
CA LYS E 583 24.44 13.66 -74.35
C LYS E 583 25.26 13.39 -75.60
N PRO E 584 26.19 14.27 -75.99
CA PRO E 584 26.92 14.05 -77.24
C PRO E 584 27.80 12.81 -77.23
N LYS E 585 27.93 12.22 -78.42
CA LYS E 585 28.95 11.22 -78.71
C LYS E 585 30.27 11.94 -78.94
N ILE E 586 31.29 11.20 -79.39
CA ILE E 586 32.53 11.78 -79.91
C ILE E 586 32.91 10.97 -81.14
N SER E 587 32.70 11.53 -82.32
CA SER E 587 32.96 10.81 -83.56
C SER E 587 34.46 10.64 -83.78
N LYS E 588 34.81 9.71 -84.67
CA LYS E 588 36.20 9.31 -84.84
C LYS E 588 37.05 10.45 -85.39
N GLU E 589 36.53 11.23 -86.35
CA GLU E 589 37.28 12.37 -86.86
C GLU E 589 37.56 13.38 -85.76
N SER E 590 36.54 13.67 -84.94
CA SER E 590 36.73 14.59 -83.83
C SER E 590 37.75 14.05 -82.85
N GLU E 591 37.75 12.72 -82.62
CA GLU E 591 38.73 12.12 -81.74
C GLU E 591 40.15 12.29 -82.28
N ASP E 592 40.32 12.10 -83.60
CA ASP E 592 41.63 12.32 -84.22
C ASP E 592 42.08 13.76 -84.03
N PHE E 593 41.17 14.69 -84.26
CA PHE E 593 41.49 16.10 -84.07
C PHE E 593 41.81 16.39 -82.61
N ILE E 594 41.08 15.75 -81.69
CA ILE E 594 41.33 15.93 -80.27
C ILE E 594 42.75 15.53 -79.92
N VAL E 595 43.16 14.33 -80.33
CA VAL E 595 44.47 13.83 -79.94
C VAL E 595 45.57 14.67 -80.57
N GLU E 596 45.44 15.01 -81.87
CA GLU E 596 46.49 15.80 -82.49
C GLU E 596 46.56 17.19 -81.90
N GLN E 597 45.42 17.77 -81.51
CA GLN E 597 45.46 19.11 -80.95
C GLN E 597 46.03 19.10 -79.55
N TYR E 598 45.76 18.06 -78.76
CA TYR E 598 46.41 17.97 -77.46
C TYR E 598 47.91 17.79 -77.62
N LYS E 599 48.33 17.04 -78.64
CA LYS E 599 49.75 16.94 -78.93
C LYS E 599 50.34 18.30 -79.26
N HIS E 600 49.61 19.12 -80.03
CA HIS E 600 50.09 20.47 -80.32
C HIS E 600 50.16 21.30 -79.05
N LEU E 601 49.21 21.11 -78.15
CA LEU E 601 49.22 21.83 -76.89
C LEU E 601 50.45 21.46 -76.06
N ARG E 602 50.81 20.18 -76.05
CA ARG E 602 52.03 19.77 -75.38
C ARG E 602 53.25 20.38 -76.06
N GLN E 603 53.23 20.48 -77.39
CA GLN E 603 54.34 21.12 -78.09
C GLN E 603 54.48 22.58 -77.66
N ARG E 604 53.35 23.28 -77.47
CA ARG E 604 53.40 24.61 -76.89
C ARG E 604 54.06 24.57 -75.52
N ASP E 605 53.68 23.59 -74.70
CA ASP E 605 54.21 23.51 -73.35
C ASP E 605 55.72 23.32 -73.35
N GLY E 606 56.23 22.51 -74.26
CA GLY E 606 57.66 22.27 -74.35
C GLY E 606 58.46 23.51 -74.68
N THR E 610 60.72 29.66 -73.23
CA THR E 610 59.42 30.20 -72.87
C THR E 610 58.62 29.11 -72.14
N LYS E 611 57.60 29.51 -71.41
CA LYS E 611 56.80 28.57 -70.64
C LYS E 611 55.55 29.26 -70.14
N SER E 612 54.46 28.49 -70.05
CA SER E 612 53.20 29.03 -69.59
C SER E 612 53.20 29.18 -68.07
N SER E 613 52.31 30.04 -67.59
CA SER E 613 52.23 30.30 -66.15
C SER E 613 51.65 29.13 -65.37
N TRP E 614 51.03 28.16 -66.04
CA TRP E 614 50.58 26.94 -65.39
C TRP E 614 50.68 25.79 -66.39
N ARG E 615 51.46 24.78 -66.04
CA ARG E 615 51.92 23.80 -67.00
C ARG E 615 50.78 22.93 -67.50
N ILE E 616 51.00 22.29 -68.64
CA ILE E 616 50.02 21.46 -69.32
C ILE E 616 50.27 20.00 -68.98
N THR E 617 49.21 19.29 -68.60
CA THR E 617 49.24 17.88 -68.26
C THR E 617 48.14 17.14 -69.00
N VAL E 618 47.90 15.88 -68.63
CA VAL E 618 46.78 15.14 -69.19
C VAL E 618 45.46 15.67 -68.65
N ARG E 619 45.47 16.36 -67.52
CA ARG E 619 44.24 16.95 -67.03
C ARG E 619 43.73 18.02 -67.99
N GLN E 620 44.62 18.70 -68.71
CA GLN E 620 44.16 19.66 -69.70
C GLN E 620 43.53 18.97 -70.91
N LEU E 621 44.01 17.77 -71.27
CA LEU E 621 43.29 16.98 -72.27
C LEU E 621 41.90 16.67 -71.79
N GLU E 622 41.78 16.29 -70.51
CA GLU E 622 40.47 15.99 -69.95
C GLU E 622 39.57 17.22 -70.00
N SER E 623 40.13 18.38 -69.65
CA SER E 623 39.37 19.62 -69.71
C SER E 623 38.90 19.92 -71.12
N MET E 624 39.78 19.77 -72.11
CA MET E 624 39.42 20.10 -73.47
C MET E 624 38.31 19.18 -73.97
N ILE E 625 38.39 17.89 -73.68
CA ILE E 625 37.32 17.00 -74.15
C ILE E 625 36.02 17.32 -73.46
N ARG E 626 36.06 17.68 -72.17
CA ARG E 626 34.82 18.03 -71.49
C ARG E 626 34.22 19.32 -72.05
N LEU E 627 35.05 20.30 -72.40
CA LEU E 627 34.52 21.52 -73.00
C LEU E 627 33.99 21.27 -74.40
N SER E 628 34.61 20.37 -75.16
CA SER E 628 34.07 20.01 -76.46
C SER E 628 32.69 19.38 -76.30
N GLU E 629 32.56 18.50 -75.31
CA GLU E 629 31.25 17.94 -74.98
C GLU E 629 30.27 19.05 -74.63
N ALA E 630 30.71 20.06 -73.88
CA ALA E 630 29.78 21.11 -73.45
C ALA E 630 29.39 22.04 -74.59
N MET E 631 30.25 22.19 -75.59
CA MET E 631 29.87 22.96 -76.77
C MET E 631 28.85 22.19 -77.61
N ALA E 632 29.08 20.88 -77.77
CA ALA E 632 28.05 20.04 -78.37
C ALA E 632 26.76 20.10 -77.58
N ARG E 633 26.86 20.24 -76.26
CA ARG E 633 25.67 20.38 -75.43
C ARG E 633 24.98 21.72 -75.68
N MET E 634 25.75 22.78 -75.87
CA MET E 634 25.18 24.08 -76.21
C MET E 634 24.37 24.00 -77.49
N HIS E 635 24.94 23.40 -78.53
CA HIS E 635 24.21 23.23 -79.79
C HIS E 635 23.30 22.02 -79.79
N CYS E 636 23.15 21.32 -78.66
CA CYS E 636 22.20 20.23 -78.50
C CYS E 636 22.45 19.11 -79.51
N CYS E 637 23.71 18.90 -79.87
CA CYS E 637 24.06 17.88 -80.84
C CYS E 637 24.19 16.52 -80.15
N ASP E 638 24.17 15.47 -80.97
CA ASP E 638 24.51 14.12 -80.55
C ASP E 638 25.87 13.69 -81.08
N GLU E 639 26.74 14.65 -81.40
CA GLU E 639 28.06 14.35 -81.90
C GLU E 639 28.93 15.58 -81.74
N VAL E 640 30.08 15.40 -81.10
CA VAL E 640 31.06 16.48 -80.95
C VAL E 640 31.91 16.51 -82.20
N GLN E 641 31.94 17.65 -82.88
CA GLN E 641 32.58 17.82 -84.17
C GLN E 641 33.86 18.63 -84.08
N PRO E 642 34.68 18.63 -85.14
CA PRO E 642 35.91 19.45 -85.11
C PRO E 642 35.67 20.93 -84.89
N LYS E 643 34.50 21.46 -85.24
CA LYS E 643 34.19 22.85 -84.88
C LYS E 643 34.26 23.04 -83.38
N HIS E 644 33.59 22.16 -82.64
CA HIS E 644 33.57 22.24 -81.19
C HIS E 644 34.97 22.00 -80.63
N VAL E 645 35.69 21.03 -81.20
CA VAL E 645 37.03 20.72 -80.70
C VAL E 645 37.97 21.91 -80.91
N LYS E 646 37.92 22.52 -82.10
CA LYS E 646 38.75 23.68 -82.38
C LYS E 646 38.44 24.81 -81.42
N GLU E 647 37.15 25.07 -81.19
CA GLU E 647 36.82 26.18 -80.32
C GLU E 647 37.25 25.91 -78.89
N ALA E 648 37.10 24.65 -78.43
CA ALA E 648 37.53 24.32 -77.08
C ALA E 648 39.03 24.49 -76.93
N PHE E 649 39.79 24.03 -77.93
CA PHE E 649 41.23 24.22 -77.88
C PHE E 649 41.59 25.70 -77.87
N ARG E 650 40.89 26.50 -78.68
CA ARG E 650 41.17 27.93 -78.70
C ARG E 650 40.91 28.53 -77.33
N LEU E 651 39.82 28.11 -76.69
CA LEU E 651 39.48 28.61 -75.37
C LEU E 651 40.59 28.31 -74.38
N LEU E 652 41.06 27.06 -74.38
CA LEU E 652 42.13 26.70 -73.44
C LEU E 652 43.44 27.40 -73.79
N ASN E 653 43.74 27.53 -75.08
CA ASN E 653 45.00 28.13 -75.49
C ASN E 653 45.05 29.60 -75.10
N LYS E 654 43.94 30.31 -75.23
CA LYS E 654 43.91 31.70 -74.80
C LYS E 654 43.81 31.82 -73.29
N SER E 655 43.22 30.83 -72.62
CA SER E 655 43.21 30.85 -71.17
C SER E 655 44.63 30.71 -70.61
N ILE E 656 45.41 29.81 -71.18
CA ILE E 656 46.78 29.57 -70.73
C ILE E 656 47.69 30.60 -71.39
N ILE E 657 48.37 31.40 -70.56
CA ILE E 657 49.14 32.55 -71.01
C ILE E 657 50.61 32.32 -70.70
N ARG E 658 51.47 32.98 -71.49
CA ARG E 658 52.90 32.87 -71.28
C ARG E 658 53.32 33.80 -70.16
N VAL E 659 54.04 33.26 -69.18
CA VAL E 659 54.59 34.09 -68.12
C VAL E 659 55.58 35.06 -68.73
N GLU E 660 55.47 36.33 -68.36
CA GLU E 660 56.19 37.41 -69.01
C GLU E 660 57.31 37.88 -68.08
N THR E 661 58.47 37.25 -68.23
CA THR E 661 59.67 37.81 -67.63
C THR E 661 60.14 39.01 -68.46
N PRO E 662 60.70 40.07 -67.82
CA PRO E 662 61.18 41.15 -68.69
C PRO E 662 62.37 40.75 -69.56
N LEU F 6 15.03 29.10 25.62
CA LEU F 6 13.74 28.84 26.26
C LEU F 6 13.41 29.96 27.23
N LYS F 7 12.95 31.07 26.68
CA LYS F 7 12.57 32.26 27.44
C LYS F 7 11.17 32.68 27.03
N ASP F 8 10.46 33.30 27.97
CA ASP F 8 9.09 33.73 27.70
C ASP F 8 9.12 34.83 26.66
N TYR F 9 8.71 34.50 25.43
CA TYR F 9 8.82 35.45 24.34
C TYR F 9 7.89 36.64 24.52
N ALA F 10 6.76 36.46 25.21
CA ALA F 10 5.94 37.62 25.54
C ALA F 10 6.67 38.56 26.49
N LEU F 11 7.38 38.01 27.48
CA LEU F 11 8.16 38.83 28.39
C LEU F 11 9.25 39.58 27.64
N GLU F 12 9.95 38.87 26.75
CA GLU F 12 10.98 39.52 25.96
C GLU F 12 10.38 40.55 25.01
N LYS F 13 9.15 40.32 24.53
CA LYS F 13 8.51 41.30 23.67
C LYS F 13 8.22 42.58 24.43
N GLU F 14 7.76 42.44 25.67
CA GLU F 14 7.58 43.64 26.48
C GLU F 14 8.91 44.32 26.76
N LYS F 15 9.99 43.56 26.90
CA LYS F 15 11.29 44.18 27.12
C LYS F 15 11.78 44.93 25.89
N VAL F 16 11.57 44.39 24.68
CA VAL F 16 12.02 45.12 23.48
C VAL F 16 11.15 46.35 23.29
N LYS F 17 9.86 46.27 23.63
CA LYS F 17 9.04 47.48 23.65
C LYS F 17 9.62 48.49 24.61
N LYS F 18 10.04 48.04 25.79
CA LYS F 18 10.63 48.95 26.77
C LYS F 18 11.87 49.62 26.22
N PHE F 19 12.73 48.86 25.56
CA PHE F 19 13.96 49.42 25.01
C PHE F 19 13.66 50.43 23.91
N LEU F 20 12.78 50.06 22.97
CA LEU F 20 12.44 50.96 21.87
C LEU F 20 11.86 52.26 22.39
N GLN F 21 10.97 52.17 23.39
CA GLN F 21 10.34 53.38 23.90
C GLN F 21 11.30 54.22 24.72
N GLU F 22 12.14 53.57 25.53
CA GLU F 22 12.88 54.26 26.56
C GLU F 22 14.28 54.69 26.15
N PHE F 23 14.79 54.20 25.02
CA PHE F 23 16.16 54.56 24.67
C PHE F 23 16.26 56.02 24.29
N TYR F 24 17.39 56.63 24.64
CA TYR F 24 17.66 58.02 24.31
C TYR F 24 19.17 58.18 24.13
N GLN F 25 19.55 59.35 23.61
CA GLN F 25 20.94 59.69 23.42
C GLN F 25 21.05 61.16 23.06
N LYS F 32 19.99 63.32 25.12
CA LYS F 32 18.59 62.89 25.13
C LYS F 32 17.87 63.38 23.89
N GLN F 33 17.57 62.46 22.97
CA GLN F 33 16.74 62.78 21.82
C GLN F 33 15.75 61.69 21.44
N PHE F 34 15.75 60.53 22.10
CA PHE F 34 14.90 59.41 21.72
C PHE F 34 15.06 59.06 20.24
N LYS F 35 16.27 58.57 19.92
CA LYS F 35 16.60 58.08 18.58
C LYS F 35 15.48 57.21 18.02
N TYR F 36 15.17 56.13 18.72
CA TYR F 36 14.21 55.19 18.19
C TYR F 36 12.80 55.74 18.27
N GLY F 37 12.52 56.64 19.22
CA GLY F 37 11.22 57.29 19.23
C GLY F 37 10.98 58.13 17.99
N ASN F 38 11.98 58.93 17.61
CA ASN F 38 11.86 59.73 16.40
C ASN F 38 11.76 58.85 15.18
N GLN F 39 12.55 57.78 15.14
CA GLN F 39 12.43 56.85 14.02
C GLN F 39 11.05 56.22 13.98
N LEU F 40 10.43 56.02 15.14
CA LEU F 40 9.08 55.46 15.16
C LEU F 40 8.07 56.46 14.63
N VAL F 41 8.25 57.74 14.94
CA VAL F 41 7.38 58.77 14.38
C VAL F 41 7.53 58.79 12.87
N ARG F 42 8.76 58.74 12.38
CA ARG F 42 9.01 58.72 10.93
C ARG F 42 8.40 57.49 10.29
N LEU F 43 8.50 56.34 10.98
CA LEU F 43 7.84 55.13 10.52
C LEU F 43 6.35 55.34 10.38
N ALA F 44 5.72 55.87 11.43
CA ALA F 44 4.27 56.04 11.42
C ALA F 44 3.85 56.95 10.28
N HIS F 45 4.62 57.99 10.03
CA HIS F 45 4.31 58.87 8.91
C HIS F 45 4.69 58.27 7.55
N ARG F 46 5.46 57.17 7.53
CA ARG F 46 5.94 56.54 6.30
C ARG F 46 6.94 57.43 5.56
N GLU F 47 7.78 58.12 6.32
CA GLU F 47 8.97 58.77 5.80
C GLU F 47 10.22 57.90 5.94
N GLN F 48 10.05 56.62 6.27
CA GLN F 48 11.18 55.73 6.51
C GLN F 48 10.72 54.30 6.31
N VAL F 49 11.38 53.56 5.41
CA VAL F 49 10.96 52.22 5.02
C VAL F 49 11.77 51.13 5.71
N ALA F 50 12.86 51.47 6.39
CA ALA F 50 13.65 50.48 7.12
C ALA F 50 14.23 51.10 8.38
N LEU F 51 14.17 50.34 9.48
CA LEU F 51 14.71 50.73 10.76
C LEU F 51 15.89 49.82 11.09
N TYR F 52 16.97 50.42 11.59
CA TYR F 52 18.21 49.72 11.91
C TYR F 52 18.44 49.79 13.39
N VAL F 53 18.22 48.68 14.08
CA VAL F 53 18.51 48.57 15.50
C VAL F 53 20.01 48.43 15.69
N ASP F 54 20.51 48.99 16.79
CA ASP F 54 21.94 49.02 17.10
C ASP F 54 22.17 48.19 18.36
N LEU F 55 22.85 47.06 18.21
CA LEU F 55 23.01 46.18 19.35
C LEU F 55 23.94 46.74 20.41
N ASP F 56 24.84 47.65 20.05
CA ASP F 56 25.58 48.37 21.08
C ASP F 56 24.63 49.17 21.95
N ASP F 57 23.66 49.83 21.31
CA ASP F 57 22.66 50.57 22.06
C ASP F 57 21.81 49.64 22.92
N VAL F 58 21.50 48.44 22.40
CA VAL F 58 20.75 47.47 23.19
C VAL F 58 21.56 47.09 24.43
N ALA F 59 22.83 46.76 24.24
CA ALA F 59 23.67 46.29 25.34
C ALA F 59 24.03 47.40 26.30
N GLU F 60 23.84 48.67 25.91
CA GLU F 60 24.08 49.76 26.84
C GLU F 60 23.23 49.65 28.10
N ASP F 61 22.06 49.01 28.01
CA ASP F 61 21.21 48.71 29.15
C ASP F 61 21.07 47.23 29.45
N ASP F 62 20.92 46.38 28.41
CA ASP F 62 20.58 44.96 28.59
C ASP F 62 21.53 44.10 27.75
N PRO F 63 22.77 43.91 28.19
CA PRO F 63 23.70 43.07 27.40
C PRO F 63 23.23 41.63 27.24
N GLU F 64 22.59 41.05 28.25
CA GLU F 64 22.10 39.68 28.11
C GLU F 64 21.04 39.58 27.03
N LEU F 65 20.28 40.64 26.79
CA LEU F 65 19.38 40.64 25.65
C LEU F 65 20.15 40.52 24.35
N VAL F 66 21.27 41.25 24.22
CA VAL F 66 22.10 41.14 23.03
C VAL F 66 22.64 39.73 22.88
N ASP F 67 22.98 39.11 24.02
CA ASP F 67 23.44 37.72 23.99
C ASP F 67 22.36 36.82 23.41
N SER F 68 21.12 37.00 23.87
CA SER F 68 20.02 36.18 23.36
C SER F 68 19.79 36.42 21.87
N ILE F 69 19.85 37.69 21.44
CA ILE F 69 19.68 38.00 20.01
C ILE F 69 20.73 37.28 19.18
N CYS F 70 22.00 37.43 19.58
CA CYS F 70 23.08 36.88 18.78
C CYS F 70 23.00 35.36 18.72
N GLU F 71 22.68 34.72 19.85
CA GLU F 71 22.54 33.28 19.83
C GLU F 71 21.26 32.84 19.13
N ASN F 72 20.28 33.74 18.95
CA ASN F 72 19.02 33.41 18.30
C ASN F 72 18.51 34.68 17.64
N ALA F 73 18.89 34.87 16.37
CA ALA F 73 18.67 36.13 15.66
C ALA F 73 17.30 36.22 14.99
N ARG F 74 16.98 35.26 14.09
CA ARG F 74 15.80 35.41 13.25
C ARG F 74 14.51 35.46 14.06
N ARG F 75 14.44 34.68 15.14
CA ARG F 75 13.37 34.80 16.11
C ARG F 75 13.22 36.24 16.57
N TYR F 76 14.33 36.86 16.94
CA TYR F 76 14.25 38.21 17.44
C TYR F 76 14.05 39.23 16.35
N ALA F 77 14.44 38.94 15.11
CA ALA F 77 14.00 39.78 14.01
C ALA F 77 12.48 39.81 13.95
N LYS F 78 11.85 38.62 14.02
CA LYS F 78 10.39 38.56 14.00
C LYS F 78 9.78 39.29 15.20
N LEU F 79 10.35 39.09 16.39
CA LEU F 79 9.77 39.71 17.58
C LEU F 79 9.91 41.22 17.56
N PHE F 80 11.06 41.73 17.14
CA PHE F 80 11.23 43.17 17.02
C PHE F 80 10.26 43.74 16.00
N ALA F 81 10.10 43.05 14.86
CA ALA F 81 9.18 43.53 13.83
C ALA F 81 7.76 43.61 14.37
N ASP F 82 7.32 42.56 15.07
CA ASP F 82 5.97 42.55 15.63
C ASP F 82 5.81 43.64 16.67
N ALA F 83 6.81 43.83 17.52
CA ALA F 83 6.69 44.85 18.57
C ALA F 83 6.59 46.24 17.98
N VAL F 84 7.38 46.54 16.96
CA VAL F 84 7.31 47.87 16.36
C VAL F 84 5.98 48.05 15.64
N GLN F 85 5.48 47.01 14.97
CA GLN F 85 4.15 47.06 14.36
C GLN F 85 3.12 47.41 15.41
N GLU F 86 3.17 46.75 16.57
CA GLU F 86 2.22 47.04 17.62
C GLU F 86 2.39 48.46 18.14
N LEU F 87 3.60 49.00 18.11
CA LEU F 87 3.88 50.29 18.73
C LEU F 87 3.64 51.48 17.80
N LEU F 88 3.50 51.26 16.48
CA LEU F 88 3.29 52.38 15.56
C LEU F 88 2.09 53.27 15.91
N PRO F 89 0.88 52.76 16.17
CA PRO F 89 -0.25 53.67 16.41
C PRO F 89 -0.07 54.54 17.63
N GLN F 90 0.72 54.11 18.60
CA GLN F 90 0.95 54.92 19.78
C GLN F 90 1.61 56.25 19.41
N TYR F 91 2.58 56.21 18.49
CA TYR F 91 3.32 57.39 18.09
C TYR F 91 2.73 58.10 16.87
N LYS F 92 1.83 57.46 16.14
CA LYS F 92 1.27 58.07 14.94
C LYS F 92 0.52 59.35 15.28
N GLU F 93 0.84 60.43 14.55
CA GLU F 93 0.28 61.76 14.81
C GLU F 93 -0.83 62.11 13.82
N ARG F 94 -0.53 62.11 12.53
CA ARG F 94 -1.44 62.53 11.48
C ARG F 94 -1.53 61.45 10.41
N GLU F 95 -2.58 61.52 9.61
CA GLU F 95 -2.79 60.52 8.58
C GLU F 95 -1.69 60.58 7.53
N VAL F 96 -1.23 59.40 7.12
CA VAL F 96 -0.26 59.33 6.04
C VAL F 96 -0.89 59.88 4.77
N VAL F 97 -0.03 60.36 3.85
CA VAL F 97 -0.50 60.93 2.60
C VAL F 97 -0.80 59.87 1.55
N ASN F 98 -0.64 58.58 1.87
CA ASN F 98 -0.91 57.48 0.95
C ASN F 98 -0.04 57.60 -0.30
N LYS F 99 1.27 57.58 -0.05
CA LYS F 99 2.23 57.79 -1.13
C LYS F 99 2.14 56.69 -2.19
N ASP F 100 2.13 55.44 -1.75
CA ASP F 100 2.28 54.29 -2.63
C ASP F 100 0.97 53.52 -2.74
N VAL F 101 0.84 52.82 -3.86
CA VAL F 101 -0.34 51.98 -4.09
C VAL F 101 -0.45 50.91 -3.01
N LEU F 102 0.69 50.42 -2.53
CA LEU F 102 0.67 49.49 -1.40
C LEU F 102 0.05 50.14 -0.19
N ASP F 103 0.39 51.40 0.08
CA ASP F 103 -0.15 52.07 1.25
C ASP F 103 -1.65 52.28 1.09
N VAL F 104 -2.11 52.59 -0.12
CA VAL F 104 -3.55 52.66 -0.37
C VAL F 104 -4.20 51.32 -0.09
N TYR F 105 -3.56 50.23 -0.50
CA TYR F 105 -4.15 48.91 -0.26
C TYR F 105 -4.27 48.62 1.22
N ILE F 106 -3.24 48.92 2.01
CA ILE F 106 -3.33 48.60 3.44
C ILE F 106 -4.38 49.49 4.09
N GLU F 107 -4.49 50.75 3.66
CA GLU F 107 -5.53 51.62 4.22
C GLU F 107 -6.91 51.10 3.90
N HIS F 108 -7.13 50.65 2.66
CA HIS F 108 -8.44 50.12 2.30
C HIS F 108 -8.76 48.85 3.09
N ARG F 109 -7.78 47.97 3.26
CA ARG F 109 -8.03 46.74 4.00
C ARG F 109 -8.33 47.02 5.46
N LEU F 110 -7.59 47.94 6.08
CA LEU F 110 -7.90 48.35 7.44
C LEU F 110 -9.30 48.94 7.53
N MET F 111 -9.67 49.77 6.55
CA MET F 111 -11.01 50.35 6.52
C MET F 111 -12.08 49.27 6.52
N MET F 112 -11.97 48.30 5.61
CA MET F 112 -13.05 47.33 5.50
C MET F 112 -13.07 46.35 6.65
N GLU F 113 -11.91 45.98 7.20
CA GLU F 113 -11.93 45.10 8.36
C GLU F 113 -12.52 45.81 9.57
N GLN F 114 -12.20 47.10 9.76
CA GLN F 114 -12.83 47.84 10.85
C GLN F 114 -14.31 48.02 10.60
N ARG F 115 -14.72 48.12 9.34
CA ARG F 115 -16.14 48.24 9.01
C ARG F 115 -16.89 46.99 9.43
N SER F 116 -16.42 45.82 9.00
CA SER F 116 -17.11 44.56 9.25
C SER F 116 -16.52 43.79 10.43
N ARG F 117 -15.90 44.49 11.38
CA ARG F 117 -15.13 43.81 12.43
C ARG F 117 -16.01 42.95 13.33
N ASP F 118 -17.19 43.44 13.73
CA ASP F 118 -17.96 42.85 14.82
C ASP F 118 -17.04 42.75 16.04
N PRO F 119 -16.76 43.86 16.74
CA PRO F 119 -15.64 43.89 17.71
C PRO F 119 -15.67 42.81 18.79
N GLY F 120 -16.85 42.47 19.30
CA GLY F 120 -16.92 41.39 20.27
C GLY F 120 -16.56 40.05 19.67
N MET F 121 -16.92 39.84 18.40
CA MET F 121 -16.85 38.52 17.78
C MET F 121 -15.41 38.00 17.73
N VAL F 122 -15.30 36.67 17.73
CA VAL F 122 -14.02 35.97 17.65
C VAL F 122 -13.97 35.25 16.30
N ARG F 123 -12.79 35.31 15.67
CA ARG F 123 -12.58 34.74 14.35
C ARG F 123 -11.42 33.76 14.39
N SER F 124 -11.33 32.94 13.35
CA SER F 124 -10.30 31.93 13.28
C SER F 124 -8.93 32.62 13.15
N PRO F 125 -7.84 31.93 13.52
CA PRO F 125 -6.52 32.54 13.31
C PRO F 125 -6.20 32.83 11.85
N GLN F 126 -6.73 32.04 10.92
CA GLN F 126 -6.41 32.25 9.52
C GLN F 126 -7.28 33.31 8.84
N ASN F 127 -8.42 33.68 9.44
CA ASN F 127 -9.19 34.82 8.97
C ASN F 127 -8.56 36.08 9.53
N GLN F 128 -7.37 36.39 9.02
CA GLN F 128 -6.60 37.53 9.48
C GLN F 128 -5.68 37.97 8.37
N TYR F 129 -5.24 39.20 8.46
CA TYR F 129 -4.24 39.70 7.53
C TYR F 129 -2.88 39.13 7.94
N PRO F 130 -2.12 38.51 7.03
CA PRO F 130 -0.77 38.06 7.39
C PRO F 130 0.08 39.18 7.94
N ALA F 131 0.80 38.88 9.02
CA ALA F 131 1.40 39.92 9.86
C ALA F 131 2.39 40.77 9.09
N GLU F 132 3.06 40.20 8.08
CA GLU F 132 3.97 40.98 7.26
C GLU F 132 3.26 41.74 6.15
N LEU F 133 1.99 41.43 5.85
CA LEU F 133 1.30 42.09 4.75
C LEU F 133 1.07 43.57 5.04
N MET F 134 0.97 43.95 6.31
CA MET F 134 0.58 45.31 6.70
C MET F 134 1.73 46.13 7.25
N ARG F 135 2.97 45.64 7.17
CA ARG F 135 4.07 46.30 7.87
C ARG F 135 4.46 47.61 7.20
N ARG F 136 4.96 47.56 5.96
CA ARG F 136 5.53 48.72 5.29
C ARG F 136 6.67 49.33 6.09
N PHE F 137 7.40 48.48 6.81
CA PHE F 137 8.65 48.86 7.42
C PHE F 137 9.46 47.60 7.63
N GLU F 138 10.75 47.68 7.37
CA GLU F 138 11.68 46.62 7.64
C GLU F 138 12.39 46.92 8.96
N LEU F 139 12.88 45.86 9.61
CA LEU F 139 13.71 46.00 10.80
C LEU F 139 14.92 45.11 10.64
N TYR F 140 16.09 45.68 10.90
CA TYR F 140 17.36 44.95 10.81
C TYR F 140 18.20 45.30 12.02
N PHE F 141 19.28 44.55 12.23
CA PHE F 141 20.21 44.74 13.33
C PHE F 141 21.54 45.25 12.82
N GLN F 142 22.13 46.18 13.56
CA GLN F 142 23.52 46.57 13.40
C GLN F 142 24.31 45.86 14.50
N GLY F 143 25.23 44.99 14.10
CA GLY F 143 25.82 44.03 15.00
C GLY F 143 26.60 44.68 16.12
N PRO F 144 26.79 43.98 17.23
CA PRO F 144 27.46 44.59 18.36
C PRO F 144 28.95 44.70 18.09
N SER F 145 29.53 45.82 18.55
CA SER F 145 30.97 45.97 18.45
C SER F 145 31.72 44.94 19.28
N SER F 146 31.08 44.38 20.32
CA SER F 146 31.72 43.35 21.11
C SER F 146 32.01 42.10 20.30
N ASN F 147 31.18 41.81 19.30
CA ASN F 147 31.46 40.66 18.44
C ASN F 147 32.66 40.93 17.56
N LYS F 148 33.46 39.91 17.34
CA LYS F 148 34.65 40.00 16.49
C LYS F 148 34.29 39.63 15.05
N PRO F 149 34.71 40.38 14.05
CA PRO F 149 34.32 40.03 12.68
C PRO F 149 34.96 38.72 12.26
N ARG F 150 34.12 37.78 11.83
CA ARG F 150 34.57 36.41 11.62
C ARG F 150 35.29 36.31 10.28
N VAL F 151 35.56 35.08 9.84
CA VAL F 151 36.13 34.80 8.54
C VAL F 151 35.35 33.65 7.91
N ILE F 152 35.15 33.73 6.59
CA ILE F 152 34.17 32.89 5.90
C ILE F 152 34.51 31.41 6.00
N ARG F 153 35.75 31.05 6.28
CA ARG F 153 36.05 29.65 6.57
C ARG F 153 35.59 29.30 7.98
N GLU F 154 35.73 30.24 8.91
CA GLU F 154 35.45 29.95 10.30
C GLU F 154 33.96 29.91 10.58
N VAL F 155 33.18 30.69 9.85
CA VAL F 155 31.72 30.66 10.01
C VAL F 155 31.23 29.30 9.51
N ARG F 156 30.72 28.47 10.41
CA ARG F 156 30.42 27.08 10.12
C ARG F 156 29.10 26.74 10.80
N ALA F 157 28.80 25.43 10.89
CA ALA F 157 27.47 24.96 11.29
C ALA F 157 27.07 25.48 12.66
N ASP F 158 28.02 25.70 13.56
CA ASP F 158 27.68 26.22 14.88
C ASP F 158 27.31 27.69 14.88
N SER F 159 27.34 28.36 13.73
CA SER F 159 26.86 29.73 13.58
C SER F 159 25.49 29.81 12.92
N VAL F 160 24.87 28.67 12.61
CA VAL F 160 23.60 28.69 11.88
C VAL F 160 22.51 29.30 12.76
N GLY F 161 21.78 30.24 12.20
CA GLY F 161 20.76 30.94 12.94
C GLY F 161 21.27 32.05 13.82
N LYS F 162 22.56 32.38 13.74
CA LYS F 162 23.18 33.39 14.59
C LYS F 162 23.56 34.61 13.77
N LEU F 163 23.66 35.74 14.47
CA LEU F 163 23.95 37.03 13.88
C LEU F 163 25.46 37.16 13.78
N VAL F 164 26.04 36.67 12.69
CA VAL F 164 27.48 36.82 12.50
C VAL F 164 27.78 38.19 11.92
N THR F 165 29.01 38.64 12.13
CA THR F 165 29.56 39.81 11.47
C THR F 165 30.77 39.36 10.68
N VAL F 166 30.79 39.68 9.38
CA VAL F 166 31.81 39.17 8.47
C VAL F 166 32.23 40.31 7.56
N ARG F 167 33.45 40.21 7.03
CA ARG F 167 34.03 41.19 6.13
C ARG F 167 34.61 40.48 4.92
N GLY F 168 34.48 41.10 3.75
CA GLY F 168 34.98 40.49 2.54
C GLY F 168 34.70 41.39 1.36
N ILE F 169 35.18 40.97 0.20
CA ILE F 169 35.01 41.75 -1.02
C ILE F 169 33.81 41.21 -1.78
N VAL F 170 32.97 42.10 -2.27
CA VAL F 170 31.80 41.71 -3.06
C VAL F 170 32.23 41.50 -4.49
N THR F 171 32.09 40.26 -4.97
CA THR F 171 32.60 39.87 -6.28
C THR F 171 31.53 39.77 -7.34
N ARG F 172 30.26 39.89 -6.98
CA ARG F 172 29.18 39.72 -7.93
C ARG F 172 27.89 40.08 -7.22
N VAL F 173 26.95 40.66 -7.95
CA VAL F 173 25.64 40.97 -7.39
C VAL F 173 24.62 41.05 -8.53
N SER F 174 23.48 40.40 -8.34
CA SER F 174 22.42 40.48 -9.34
C SER F 174 21.69 41.81 -9.20
N GLU F 175 20.87 42.12 -10.20
CA GLU F 175 20.08 43.35 -10.19
C GLU F 175 18.80 43.13 -9.40
N VAL F 176 18.24 44.23 -8.90
CA VAL F 176 17.11 44.15 -7.99
C VAL F 176 15.92 43.56 -8.71
N LYS F 177 15.51 42.37 -8.29
CA LYS F 177 14.35 41.67 -8.79
C LYS F 177 13.24 41.71 -7.75
N PRO F 178 11.96 41.74 -8.13
CA PRO F 178 10.89 41.70 -7.13
C PRO F 178 10.69 40.28 -6.63
N LYS F 179 10.58 40.14 -5.30
CA LYS F 179 10.39 38.85 -4.65
C LYS F 179 9.07 38.85 -3.90
N MET F 180 8.27 37.82 -4.12
CA MET F 180 7.02 37.63 -3.40
C MET F 180 7.29 37.46 -1.91
N VAL F 181 6.45 38.08 -1.08
CA VAL F 181 6.50 37.84 0.36
C VAL F 181 5.14 37.41 0.90
N VAL F 182 4.06 37.88 0.28
CA VAL F 182 2.71 37.40 0.57
C VAL F 182 1.90 37.39 -0.71
N ALA F 183 1.71 36.24 -1.32
CA ALA F 183 0.88 36.21 -2.51
C ALA F 183 -0.56 36.52 -2.15
N THR F 184 -1.26 37.22 -3.03
CA THR F 184 -2.65 37.59 -2.85
C THR F 184 -3.45 37.00 -4.00
N TYR F 185 -4.66 36.54 -3.68
CA TYR F 185 -5.54 35.91 -4.65
C TYR F 185 -6.93 36.48 -4.49
N THR F 186 -7.73 36.34 -5.55
CA THR F 186 -9.15 36.75 -5.52
C THR F 186 -10.02 35.62 -6.05
N CYS F 187 -11.12 35.36 -5.35
CA CYS F 187 -12.05 34.35 -5.80
C CYS F 187 -12.82 34.83 -7.01
N ASP F 188 -13.33 33.89 -7.78
CA ASP F 188 -14.34 34.16 -8.79
C ASP F 188 -15.75 34.08 -8.24
N GLN F 189 -15.93 33.81 -6.94
CA GLN F 189 -17.23 33.74 -6.30
C GLN F 189 -17.37 34.78 -5.20
N CYS F 190 -16.66 34.65 -4.10
CA CYS F 190 -17.06 35.31 -2.87
C CYS F 190 -16.54 36.73 -2.74
N GLY F 191 -15.69 37.18 -3.66
CA GLY F 191 -15.20 38.55 -3.56
C GLY F 191 -14.42 38.84 -2.31
N ALA F 192 -13.71 37.84 -1.79
CA ALA F 192 -12.84 37.98 -0.64
C ALA F 192 -11.43 37.65 -1.07
N GLU F 193 -10.49 38.54 -0.76
CA GLU F 193 -9.11 38.23 -1.04
C GLU F 193 -8.66 37.07 -0.17
N THR F 194 -7.61 36.40 -0.64
CA THR F 194 -6.94 35.34 0.10
C THR F 194 -5.46 35.65 0.08
N TYR F 195 -4.75 35.21 1.12
CA TYR F 195 -3.34 35.52 1.29
C TYR F 195 -2.57 34.26 1.62
N GLN F 196 -1.41 34.11 0.97
CA GLN F 196 -0.49 32.99 1.18
C GLN F 196 0.89 33.54 1.50
N PRO F 197 1.33 33.49 2.76
CA PRO F 197 2.70 33.92 3.06
C PRO F 197 3.73 33.07 2.34
N ILE F 198 4.97 33.55 2.34
CA ILE F 198 6.08 32.88 1.67
C ILE F 198 7.28 32.83 2.61
N GLN F 199 7.85 31.63 2.75
CA GLN F 199 9.08 31.39 3.48
C GLN F 199 10.11 30.65 2.63
N SER F 200 9.66 29.69 1.84
CA SER F 200 10.55 28.92 0.99
C SER F 200 11.08 29.79 -0.14
N PRO F 201 12.19 29.41 -0.77
CA PRO F 201 12.58 30.11 -1.99
C PRO F 201 11.55 29.99 -3.10
N THR F 202 10.87 28.85 -3.19
CA THR F 202 9.83 28.62 -4.19
C THR F 202 8.54 28.29 -3.48
N PHE F 203 7.45 28.25 -4.24
CA PHE F 203 6.15 27.93 -3.67
C PHE F 203 5.23 27.41 -4.76
N MET F 204 4.16 26.80 -4.33
CA MET F 204 3.06 26.35 -5.16
C MET F 204 1.91 27.32 -5.00
N PRO F 205 1.24 27.81 -6.06
CA PRO F 205 0.10 28.70 -5.85
C PRO F 205 -1.18 27.95 -5.62
N LEU F 206 -2.02 28.49 -4.74
CA LEU F 206 -3.27 27.86 -4.34
C LEU F 206 -4.18 27.72 -5.54
N ILE F 207 -5.24 26.91 -5.37
CA ILE F 207 -6.26 26.71 -6.39
C ILE F 207 -7.61 27.08 -5.82
N MET F 208 -8.06 26.37 -4.78
CA MET F 208 -9.40 26.56 -4.27
C MET F 208 -9.42 27.63 -3.19
N CYS F 209 -10.61 28.20 -2.97
CA CYS F 209 -10.77 29.30 -2.03
C CYS F 209 -11.11 28.77 -0.63
N PRO F 210 -10.38 29.17 0.43
CA PRO F 210 -10.83 28.83 1.78
C PRO F 210 -11.79 29.83 2.40
N SER F 211 -12.41 30.72 1.62
CA SER F 211 -13.30 31.69 2.24
C SER F 211 -14.53 31.01 2.79
N GLN F 212 -15.05 31.57 3.88
CA GLN F 212 -16.19 30.98 4.57
C GLN F 212 -17.40 30.90 3.66
N GLU F 213 -17.64 31.95 2.86
CA GLU F 213 -18.80 31.92 1.96
C GLU F 213 -18.65 30.83 0.90
N CYS F 214 -17.46 30.69 0.32
CA CYS F 214 -17.25 29.67 -0.71
C CYS F 214 -17.43 28.28 -0.13
N GLN F 215 -16.90 28.04 1.06
CA GLN F 215 -17.05 26.72 1.67
C GLN F 215 -18.50 26.45 2.04
N THR F 216 -19.20 27.46 2.54
CA THR F 216 -20.59 27.27 2.93
C THR F 216 -21.46 26.98 1.73
N ASN F 217 -21.37 27.80 0.68
CA ASN F 217 -22.13 27.55 -0.53
C ASN F 217 -21.68 26.31 -1.28
N ARG F 218 -20.51 25.76 -0.95
CA ARG F 218 -19.99 24.56 -1.62
C ARG F 218 -19.82 24.81 -3.12
N SER F 219 -19.50 26.04 -3.48
CA SER F 219 -19.03 26.38 -4.81
C SER F 219 -17.52 26.23 -4.86
N GLY F 220 -16.98 26.24 -6.07
CA GLY F 220 -15.55 26.10 -6.25
C GLY F 220 -14.78 27.21 -5.57
N GLY F 221 -14.93 28.44 -6.05
CA GLY F 221 -14.07 29.50 -5.60
C GLY F 221 -12.65 29.16 -5.97
N ARG F 222 -12.38 29.11 -7.27
CA ARG F 222 -11.04 28.80 -7.76
C ARG F 222 -10.29 30.11 -7.87
N LEU F 223 -9.62 30.48 -6.80
CA LEU F 223 -9.04 31.81 -6.72
C LEU F 223 -7.91 31.99 -7.72
N TYR F 224 -7.80 33.20 -8.24
CA TYR F 224 -6.79 33.59 -9.21
C TYR F 224 -5.74 34.46 -8.55
N LEU F 225 -4.47 34.25 -8.93
CA LEU F 225 -3.38 35.00 -8.33
C LEU F 225 -3.35 36.41 -8.91
N GLN F 226 -3.19 37.40 -8.03
CA GLN F 226 -3.11 38.80 -8.42
C GLN F 226 -1.73 39.32 -8.10
N THR F 227 -1.03 39.78 -9.12
CA THR F 227 0.21 40.51 -8.91
C THR F 227 -0.03 41.91 -8.36
N ARG F 228 -1.28 42.38 -8.34
CA ARG F 228 -1.57 43.77 -8.01
C ARG F 228 -1.79 43.97 -6.51
N GLY F 229 -2.56 43.10 -5.88
CA GLY F 229 -2.84 43.22 -4.48
C GLY F 229 -1.90 42.47 -3.56
N SER F 230 -0.80 41.93 -4.10
CA SER F 230 0.17 41.20 -3.32
C SER F 230 1.24 42.15 -2.82
N ARG F 231 2.14 41.63 -2.00
CA ARG F 231 3.29 42.36 -1.51
C ARG F 231 4.54 41.75 -2.13
N PHE F 232 5.44 42.62 -2.58
CA PHE F 232 6.77 42.25 -3.00
C PHE F 232 7.77 43.08 -2.21
N ILE F 233 9.00 42.59 -2.16
CA ILE F 233 10.12 43.34 -1.60
C ILE F 233 11.29 43.19 -2.56
N LYS F 234 12.08 44.26 -2.70
CA LYS F 234 13.26 44.24 -3.54
C LYS F 234 14.17 43.13 -3.09
N PHE F 235 14.70 42.35 -4.03
CA PHE F 235 15.50 41.17 -3.74
C PHE F 235 16.75 41.16 -4.58
N GLN F 236 17.91 41.11 -3.92
CA GLN F 236 19.20 41.09 -4.56
C GLN F 236 20.02 39.99 -3.91
N GLU F 237 20.95 39.40 -4.65
CA GLU F 237 21.85 38.40 -4.11
C GLU F 237 23.27 38.70 -4.57
N MET F 238 24.21 38.66 -3.63
CA MET F 238 25.61 38.94 -3.92
C MET F 238 26.49 37.82 -3.41
N LYS F 239 27.64 37.65 -4.06
CA LYS F 239 28.61 36.62 -3.73
C LYS F 239 29.83 37.30 -3.15
N MET F 240 29.92 37.31 -1.82
CA MET F 240 31.04 37.93 -1.13
C MET F 240 32.09 36.87 -0.86
N GLN F 241 33.34 37.31 -0.67
CA GLN F 241 34.42 36.35 -0.44
C GLN F 241 35.52 36.97 0.41
N GLU F 242 36.41 36.10 0.87
CA GLU F 242 37.47 36.50 1.78
C GLU F 242 38.45 37.45 1.11
N HIS F 243 38.91 38.43 1.89
CA HIS F 243 40.14 39.11 1.57
C HIS F 243 41.26 38.10 1.38
N SER F 244 42.25 38.47 0.57
CA SER F 244 43.42 37.61 0.42
C SER F 244 44.17 37.46 1.73
N ASP F 245 44.25 38.54 2.51
CA ASP F 245 45.18 38.57 3.65
C ASP F 245 44.81 37.54 4.71
N GLN F 246 43.53 37.21 4.85
CA GLN F 246 43.06 36.32 5.90
C GLN F 246 42.83 34.90 5.40
N VAL F 247 43.23 34.57 4.18
CA VAL F 247 43.27 33.19 3.73
C VAL F 247 44.42 32.52 4.46
N PRO F 248 44.41 31.21 4.74
CA PRO F 248 45.63 30.55 5.22
C PRO F 248 46.64 30.40 4.09
N VAL F 249 47.75 29.71 4.35
CA VAL F 249 48.92 29.81 3.47
C VAL F 249 48.64 29.22 2.09
N GLY F 250 48.09 28.02 2.02
CA GLY F 250 48.01 27.33 0.75
C GLY F 250 46.73 27.53 -0.02
N ASN F 251 45.72 28.11 0.61
CA ASN F 251 44.35 27.99 0.15
C ASN F 251 43.97 29.09 -0.83
N ILE F 252 42.78 28.92 -1.41
CA ILE F 252 42.12 29.93 -2.25
C ILE F 252 41.05 30.59 -1.39
N PRO F 253 40.73 31.87 -1.59
CA PRO F 253 39.75 32.50 -0.70
C PRO F 253 38.36 31.91 -0.86
N ARG F 254 37.60 31.93 0.23
CA ARG F 254 36.30 31.26 0.32
C ARG F 254 35.18 32.27 0.28
N SER F 255 34.03 31.84 -0.24
CA SER F 255 32.91 32.72 -0.56
C SER F 255 31.65 32.34 0.22
N ILE F 256 30.85 33.36 0.51
CA ILE F 256 29.53 33.20 1.11
C ILE F 256 28.51 33.92 0.24
N THR F 257 27.33 33.31 0.12
CA THR F 257 26.23 33.86 -0.67
C THR F 257 25.36 34.71 0.25
N VAL F 258 25.49 36.02 0.13
CA VAL F 258 24.69 36.96 0.90
C VAL F 258 23.42 37.25 0.13
N LEU F 259 22.30 37.30 0.85
CA LEU F 259 21.01 37.68 0.30
C LEU F 259 20.57 39.00 0.91
N VAL F 260 20.20 39.94 0.06
CA VAL F 260 19.89 41.31 0.41
C VAL F 260 18.45 41.58 0.01
N GLU F 261 17.73 42.32 0.83
CA GLU F 261 16.36 42.64 0.48
C GLU F 261 15.87 43.81 1.29
N GLY F 262 15.03 44.64 0.67
CA GLY F 262 14.49 45.82 1.32
C GLY F 262 15.30 47.05 0.97
N GLU F 263 15.70 47.81 1.98
CA GLU F 263 16.53 48.98 1.77
C GLU F 263 18.02 48.68 1.80
N ASN F 264 18.41 47.42 2.02
CA ASN F 264 19.82 47.03 1.89
C ASN F 264 20.23 46.80 0.44
N THR F 265 19.29 46.63 -0.49
CA THR F 265 19.67 46.40 -1.87
C THR F 265 20.22 47.69 -2.48
N ARG F 266 20.91 47.53 -3.60
CA ARG F 266 21.56 48.64 -4.31
C ARG F 266 22.50 49.40 -3.39
N ILE F 267 23.33 48.65 -2.67
CA ILE F 267 24.44 49.21 -1.92
C ILE F 267 25.72 48.61 -2.49
N ALA F 268 25.83 47.29 -2.44
CA ALA F 268 27.02 46.61 -2.90
C ALA F 268 26.99 46.46 -4.42
N GLN F 269 28.14 46.69 -5.05
CA GLN F 269 28.37 46.49 -6.46
C GLN F 269 29.63 45.64 -6.60
N PRO F 270 29.82 44.96 -7.74
CA PRO F 270 30.96 44.04 -7.86
C PRO F 270 32.28 44.77 -7.71
N GLY F 271 33.03 44.41 -6.68
CA GLY F 271 34.39 44.86 -6.50
C GLY F 271 34.65 45.42 -5.12
N ASP F 272 33.65 46.05 -4.53
CA ASP F 272 33.88 46.83 -3.33
C ASP F 272 34.17 45.91 -2.13
N HIS F 273 34.67 46.53 -1.07
CA HIS F 273 34.94 45.86 0.19
C HIS F 273 33.80 46.19 1.14
N VAL F 274 33.21 45.16 1.73
CA VAL F 274 32.03 45.33 2.58
C VAL F 274 32.21 44.59 3.89
N SER F 275 31.43 45.03 4.87
CA SER F 275 31.23 44.34 6.12
C SER F 275 29.73 44.14 6.30
N VAL F 276 29.32 42.89 6.39
CA VAL F 276 27.92 42.51 6.52
C VAL F 276 27.71 41.99 7.93
N THR F 277 26.76 42.60 8.65
CA THR F 277 26.11 41.96 9.78
C THR F 277 24.91 41.20 9.23
N GLY F 278 24.88 39.90 9.46
CA GLY F 278 23.89 39.06 8.83
C GLY F 278 23.58 37.84 9.64
N ILE F 279 22.35 37.37 9.51
CA ILE F 279 21.91 36.14 10.15
C ILE F 279 22.29 35.01 9.22
N PHE F 280 23.18 34.15 9.67
CA PHE F 280 23.46 32.93 8.95
C PHE F 280 22.24 32.03 9.06
N LEU F 281 21.85 31.41 7.95
CA LEU F 281 20.66 30.57 7.93
C LEU F 281 20.88 29.44 6.94
N PRO F 282 20.13 28.35 7.07
CA PRO F 282 20.15 27.29 6.04
C PRO F 282 19.02 27.45 5.03
N ILE F 283 19.10 26.63 3.99
CA ILE F 283 18.01 26.41 3.04
C ILE F 283 17.96 24.92 2.78
N LEU F 284 16.77 24.32 2.86
CA LEU F 284 16.67 22.88 2.69
C LEU F 284 17.04 22.48 1.27
N ARG F 285 17.72 21.34 1.13
CA ARG F 285 18.21 20.84 -0.15
C ARG F 285 17.21 19.84 -0.72
N THR F 286 16.55 20.23 -1.82
CA THR F 286 15.52 19.44 -2.46
C THR F 286 15.76 19.44 -3.97
N GLY F 287 15.53 18.29 -4.60
CA GLY F 287 15.91 18.11 -5.98
C GLY F 287 17.35 17.66 -6.16
N PHE F 288 17.88 16.88 -5.22
CA PHE F 288 19.23 16.35 -5.30
C PHE F 288 19.26 14.92 -4.77
N ARG F 289 20.28 14.19 -5.21
CA ARG F 289 20.51 12.79 -4.84
C ARG F 289 21.96 12.70 -4.37
N GLN F 290 22.17 12.92 -3.08
CA GLN F 290 23.50 12.84 -2.48
C GLN F 290 23.69 11.46 -1.87
N VAL F 291 24.76 11.31 -1.11
CA VAL F 291 25.07 10.07 -0.40
C VAL F 291 24.37 10.10 0.95
N VAL F 292 24.75 11.05 1.78
CA VAL F 292 24.39 11.01 3.19
C VAL F 292 22.89 11.25 3.37
N GLN F 293 22.32 10.59 4.35
CA GLN F 293 20.91 10.74 4.68
C GLN F 293 20.77 11.98 5.55
N GLY F 294 19.60 12.16 6.17
CA GLY F 294 19.37 13.33 6.99
C GLY F 294 19.07 14.54 6.12
N LEU F 295 19.27 15.71 6.71
CA LEU F 295 18.96 16.98 6.08
C LEU F 295 20.22 17.82 6.03
N LEU F 296 20.71 18.09 4.83
CA LEU F 296 21.77 19.05 4.60
C LEU F 296 21.13 20.40 4.30
N SER F 297 21.95 21.42 4.04
CA SER F 297 21.38 22.73 3.75
C SER F 297 22.42 23.64 3.11
N GLU F 298 22.15 24.10 1.88
CA GLU F 298 22.85 25.27 1.39
C GLU F 298 22.59 26.42 2.34
N THR F 299 23.65 27.13 2.72
CA THR F 299 23.54 28.24 3.65
C THR F 299 23.81 29.54 2.94
N TYR F 300 22.89 30.47 3.07
CA TYR F 300 23.06 31.85 2.69
C TYR F 300 23.24 32.66 3.95
N LEU F 301 23.45 33.96 3.76
CA LEU F 301 23.57 34.91 4.85
C LEU F 301 22.52 35.98 4.60
N GLU F 302 21.44 35.96 5.38
CA GLU F 302 20.53 37.09 5.33
C GLU F 302 21.29 38.32 5.77
N ALA F 303 21.25 39.38 4.97
CA ALA F 303 21.98 40.60 5.27
C ALA F 303 21.07 41.58 6.00
N HIS F 304 21.46 41.94 7.22
CA HIS F 304 20.76 42.95 8.00
C HIS F 304 21.42 44.31 7.93
N ARG F 305 22.75 44.38 7.82
CA ARG F 305 23.43 45.67 7.70
C ARG F 305 24.64 45.49 6.80
N ILE F 306 24.58 46.07 5.62
CA ILE F 306 25.73 46.19 4.72
C ILE F 306 26.40 47.52 4.98
N VAL F 307 27.72 47.52 5.05
CA VAL F 307 28.50 48.75 5.08
C VAL F 307 29.65 48.54 4.12
N LYS F 308 30.13 49.63 3.52
CA LYS F 308 31.33 49.61 2.70
C LYS F 308 32.52 50.12 3.51
N MET F 309 33.59 49.34 3.53
CA MET F 309 34.74 49.59 4.40
C MET F 309 35.99 49.88 3.57
N ASN F 310 36.88 50.68 4.17
CA ASN F 310 38.22 50.95 3.64
C ASN F 310 38.10 51.66 2.30
N LYS F 311 38.65 51.13 1.21
CA LYS F 311 38.78 51.91 -0.01
C LYS F 311 37.46 52.11 -0.75
N SER F 312 36.37 51.46 -0.34
CA SER F 312 35.08 51.58 -0.99
C SER F 312 34.10 52.46 -0.21
N GLU F 313 34.58 53.24 0.76
CA GLU F 313 33.71 54.05 1.61
C GLU F 313 32.89 55.05 0.80
N GLU F 332 46.71 76.43 4.60
CA GLU F 332 47.39 75.50 3.71
C GLU F 332 47.27 75.97 2.26
N GLU F 333 48.03 77.02 1.94
CA GLU F 333 48.02 77.59 0.60
C GLU F 333 48.54 76.60 -0.43
N ASP F 334 49.54 75.81 -0.05
CA ASP F 334 50.22 74.89 -0.97
C ASP F 334 49.57 73.51 -1.01
N PHE F 335 48.24 73.46 -0.83
CA PHE F 335 47.47 72.21 -0.77
C PHE F 335 47.85 71.22 -1.87
N TYR F 336 48.16 71.73 -3.07
CA TYR F 336 48.58 70.85 -4.15
C TYR F 336 49.83 70.07 -3.76
N GLU F 337 50.92 70.77 -3.45
CA GLU F 337 52.16 70.09 -3.08
C GLU F 337 51.98 69.26 -1.81
N LYS F 338 51.21 69.79 -0.86
CA LYS F 338 51.00 69.09 0.41
C LYS F 338 50.33 67.74 0.19
N LEU F 339 49.25 67.71 -0.59
CA LEU F 339 48.60 66.45 -0.87
C LEU F 339 49.45 65.59 -1.80
N ALA F 340 50.17 66.21 -2.74
CA ALA F 340 50.93 65.45 -3.72
C ALA F 340 52.06 64.67 -3.06
N ALA F 341 52.75 65.28 -2.10
CA ALA F 341 53.81 64.59 -1.40
C ALA F 341 53.32 63.51 -0.45
N SER F 342 52.01 63.41 -0.23
CA SER F 342 51.45 62.41 0.67
C SER F 342 51.04 61.13 -0.04
N ILE F 343 51.19 61.03 -1.36
CA ILE F 343 50.89 59.79 -2.07
C ILE F 343 52.12 58.90 -1.99
N ALA F 344 51.94 57.71 -1.43
CA ALA F 344 52.93 56.65 -1.43
C ALA F 344 54.22 57.11 -0.78
N PRO F 345 54.19 57.47 0.52
CA PRO F 345 55.41 58.01 1.15
C PRO F 345 56.51 57.00 1.33
N GLU F 346 56.25 55.72 1.09
CA GLU F 346 57.31 54.73 1.12
C GLU F 346 58.32 54.99 0.01
N ILE F 347 57.84 55.14 -1.21
CA ILE F 347 58.72 55.30 -2.36
C ILE F 347 59.40 56.65 -2.27
N TYR F 348 60.70 56.69 -2.55
CA TYR F 348 61.48 57.91 -2.44
C TYR F 348 61.48 58.67 -3.76
N GLY F 349 61.36 59.99 -3.68
CA GLY F 349 61.49 60.81 -4.86
C GLY F 349 60.28 60.73 -5.76
N HIS F 350 60.53 61.02 -7.05
CA HIS F 350 59.49 61.04 -8.07
C HIS F 350 58.40 62.06 -7.75
N GLU F 351 58.76 63.14 -7.04
CA GLU F 351 57.77 64.09 -6.49
C GLU F 351 56.85 64.63 -7.58
N ASP F 352 57.40 64.90 -8.76
CA ASP F 352 56.56 65.38 -9.85
C ASP F 352 55.66 64.28 -10.39
N VAL F 353 56.12 63.03 -10.37
CA VAL F 353 55.22 61.93 -10.71
C VAL F 353 54.07 61.89 -9.71
N LYS F 354 54.35 62.17 -8.43
CA LYS F 354 53.30 62.20 -7.41
C LYS F 354 52.29 63.29 -7.70
N LYS F 355 52.78 64.47 -8.09
CA LYS F 355 51.90 65.56 -8.49
C LYS F 355 50.99 65.13 -9.65
N ALA F 356 51.57 64.52 -10.68
CA ALA F 356 50.78 64.09 -11.83
C ALA F 356 49.78 63.02 -11.45
N LEU F 357 50.17 62.11 -10.57
CA LEU F 357 49.24 61.07 -10.13
C LEU F 357 48.07 61.67 -9.37
N LEU F 358 48.34 62.66 -8.52
CA LEU F 358 47.24 63.29 -7.80
C LEU F 358 46.29 63.96 -8.77
N LEU F 359 46.83 64.54 -9.84
CA LEU F 359 45.93 65.07 -10.87
C LEU F 359 45.12 63.96 -11.53
N LEU F 360 45.73 62.81 -11.79
CA LEU F 360 44.97 61.71 -12.39
C LEU F 360 43.83 61.29 -11.49
N LEU F 361 44.06 61.34 -10.18
CA LEU F 361 42.99 60.98 -9.25
C LEU F 361 41.89 62.02 -9.25
N VAL F 362 42.23 63.31 -9.18
CA VAL F 362 41.20 64.32 -9.06
C VAL F 362 40.42 64.47 -10.36
N GLY F 363 41.09 64.38 -11.50
CA GLY F 363 40.42 64.54 -12.77
C GLY F 363 40.22 66.00 -13.12
N GLY F 364 39.72 66.24 -14.34
CA GLY F 364 39.56 67.58 -14.87
C GLY F 364 38.15 68.10 -14.81
N VAL F 365 37.45 68.10 -15.95
CA VAL F 365 36.02 68.39 -16.02
C VAL F 365 35.47 67.70 -17.25
N ASP F 366 34.20 67.31 -17.18
CA ASP F 366 33.46 66.74 -18.31
C ASP F 366 32.49 67.79 -18.81
N GLN F 367 32.84 68.46 -19.90
CA GLN F 367 31.98 69.46 -20.50
C GLN F 367 31.03 68.81 -21.50
N SER F 368 29.89 69.46 -21.72
CA SER F 368 28.78 68.90 -22.50
C SER F 368 28.44 69.89 -23.62
N PRO F 369 29.22 69.89 -24.71
CA PRO F 369 28.91 70.78 -25.85
C PRO F 369 27.91 70.17 -26.81
N ARG F 370 27.61 70.88 -27.90
CA ARG F 370 26.58 70.43 -28.84
C ARG F 370 27.08 69.22 -29.61
N GLY F 371 26.33 68.13 -29.55
CA GLY F 371 26.67 66.91 -30.30
C GLY F 371 27.77 66.06 -29.71
N MET F 372 28.91 66.67 -29.42
CA MET F 372 30.06 65.97 -28.87
C MET F 372 29.99 65.92 -27.35
N LYS F 373 30.58 64.86 -26.79
CA LYS F 373 30.97 64.82 -25.39
C LYS F 373 32.45 64.50 -25.34
N ILE F 374 33.16 65.17 -24.43
CA ILE F 374 34.60 65.01 -24.26
C ILE F 374 34.86 64.49 -22.86
N ARG F 375 35.56 63.37 -22.79
CA ARG F 375 35.98 62.82 -21.51
C ARG F 375 36.86 63.81 -20.76
N GLY F 376 36.72 63.84 -19.43
CA GLY F 376 37.50 64.72 -18.58
C GLY F 376 38.53 63.99 -17.73
N ASN F 377 38.93 62.79 -18.14
CA ASN F 377 39.79 61.93 -17.36
C ASN F 377 41.23 61.97 -17.89
N ILE F 378 42.18 62.19 -16.98
CA ILE F 378 43.58 62.12 -17.36
C ILE F 378 43.97 60.66 -17.53
N ASN F 379 44.96 60.40 -18.38
CA ASN F 379 45.62 59.11 -18.47
C ASN F 379 47.11 59.33 -18.27
N ILE F 380 47.73 58.46 -17.49
CA ILE F 380 49.15 58.58 -17.17
C ILE F 380 49.81 57.24 -17.44
N CYS F 381 50.98 57.28 -18.07
CA CYS F 381 51.81 56.10 -18.27
C CYS F 381 53.16 56.34 -17.63
N LEU F 382 53.64 55.36 -16.87
CA LEU F 382 54.97 55.34 -16.28
C LEU F 382 55.79 54.35 -17.08
N MET F 383 56.58 54.85 -18.01
CA MET F 383 57.58 54.05 -18.70
C MET F 383 58.87 54.21 -17.91
N GLY F 384 59.51 53.10 -17.59
CA GLY F 384 60.64 53.20 -16.66
C GLY F 384 61.58 52.02 -16.73
N ASP F 385 62.75 52.22 -16.14
CA ASP F 385 63.69 51.13 -16.00
C ASP F 385 63.25 50.22 -14.86
N PRO F 386 63.73 48.97 -14.81
CA PRO F 386 63.33 48.08 -13.71
C PRO F 386 63.76 48.63 -12.36
N GLY F 387 63.06 48.17 -11.33
CA GLY F 387 63.43 48.52 -9.97
C GLY F 387 63.32 49.99 -9.65
N VAL F 388 62.30 50.66 -10.18
CA VAL F 388 61.98 52.04 -9.85
C VAL F 388 60.58 52.13 -9.23
N ALA F 389 60.05 51.01 -8.74
CA ALA F 389 58.84 51.01 -7.93
C ALA F 389 57.63 51.49 -8.72
N LYS F 390 57.63 51.24 -10.02
CA LYS F 390 56.43 51.48 -10.82
C LYS F 390 55.24 50.73 -10.23
N SER F 391 55.41 49.44 -9.99
CA SER F 391 54.32 48.64 -9.45
C SER F 391 53.93 49.10 -8.07
N GLN F 392 54.87 49.60 -7.27
CA GLN F 392 54.53 50.11 -5.94
C GLN F 392 53.63 51.33 -6.06
N LEU F 393 53.99 52.28 -6.93
CA LEU F 393 53.13 53.43 -7.16
C LEU F 393 51.77 53.00 -7.69
N LEU F 394 51.77 52.04 -8.61
CA LEU F 394 50.54 51.56 -9.22
C LEU F 394 49.62 50.94 -8.16
N SER F 395 50.18 50.13 -7.27
CA SER F 395 49.41 49.51 -6.21
C SER F 395 48.91 50.54 -5.20
N TYR F 396 49.75 51.53 -4.88
CA TYR F 396 49.29 52.57 -3.97
C TYR F 396 48.10 53.30 -4.55
N ILE F 397 48.14 53.59 -5.85
CA ILE F 397 46.99 54.24 -6.47
C ILE F 397 45.78 53.33 -6.39
N ASP F 398 45.98 52.03 -6.65
CA ASP F 398 44.86 51.10 -6.59
C ASP F 398 44.19 51.07 -5.23
N ARG F 399 44.97 51.06 -4.17
CA ARG F 399 44.39 51.00 -2.83
C ARG F 399 43.87 52.36 -2.38
N LEU F 400 44.49 53.45 -2.82
CA LEU F 400 44.02 54.76 -2.41
C LEU F 400 42.70 55.09 -3.05
N ALA F 401 42.56 54.85 -4.35
CA ALA F 401 41.48 55.43 -5.12
C ALA F 401 40.13 54.89 -4.64
N PRO F 402 39.04 55.69 -4.73
CA PRO F 402 37.76 55.20 -4.21
C PRO F 402 37.26 53.98 -4.96
N ARG F 403 37.13 54.11 -6.27
CA ARG F 403 36.72 53.03 -7.15
C ARG F 403 37.91 52.73 -8.04
N SER F 404 38.61 51.63 -7.76
CA SER F 404 39.88 51.31 -8.40
C SER F 404 39.91 49.83 -8.75
N GLN F 405 40.73 49.50 -9.73
CA GLN F 405 40.99 48.10 -10.05
C GLN F 405 42.43 47.96 -10.52
N TYR F 406 42.97 46.75 -10.41
CA TYR F 406 44.40 46.50 -10.61
C TYR F 406 44.57 45.26 -11.47
N THR F 407 45.31 45.39 -12.57
CA THR F 407 45.62 44.29 -13.46
C THR F 407 47.13 44.23 -13.61
N THR F 408 47.67 43.01 -13.61
CA THR F 408 49.10 42.76 -13.77
C THR F 408 49.30 41.72 -14.87
N GLY F 409 49.51 42.20 -16.09
CA GLY F 409 49.85 41.27 -17.16
C GLY F 409 48.72 40.32 -17.48
N ARG F 410 49.07 39.05 -17.63
CA ARG F 410 48.14 38.02 -18.03
C ARG F 410 47.24 37.53 -16.91
N GLY F 411 47.27 38.17 -15.73
CA GLY F 411 46.35 37.77 -14.68
C GLY F 411 44.91 37.96 -15.06
N SER F 412 44.60 39.09 -15.70
CA SER F 412 43.24 39.44 -16.13
C SER F 412 43.31 39.86 -17.59
N SER F 413 43.16 38.90 -18.49
CA SER F 413 43.18 39.12 -19.93
C SER F 413 41.86 38.63 -20.51
N GLY F 414 41.79 38.58 -21.84
CA GLY F 414 40.63 38.01 -22.52
C GLY F 414 39.35 38.74 -22.19
N VAL F 415 38.56 38.15 -21.29
CA VAL F 415 37.33 38.74 -20.79
C VAL F 415 37.51 39.10 -19.32
N GLY F 416 38.74 39.37 -18.90
CA GLY F 416 39.00 39.81 -17.55
C GLY F 416 38.89 41.31 -17.40
N LEU F 417 39.13 42.04 -18.49
CA LEU F 417 38.94 43.47 -18.53
C LEU F 417 37.54 43.85 -18.98
N THR F 418 37.00 43.11 -19.95
CA THR F 418 35.67 43.34 -20.50
C THR F 418 34.67 42.47 -19.74
N ALA F 419 33.46 42.32 -20.28
CA ALA F 419 32.41 41.53 -19.65
C ALA F 419 32.15 40.25 -20.44
N ALA F 420 31.75 39.20 -19.72
CA ALA F 420 31.30 37.94 -20.29
C ALA F 420 29.99 37.55 -19.66
N VAL F 421 29.23 36.71 -20.36
CA VAL F 421 27.87 36.35 -19.98
C VAL F 421 27.89 35.03 -19.21
N LEU F 422 27.18 35.00 -18.08
CA LEU F 422 27.05 33.82 -17.24
C LEU F 422 25.61 33.35 -17.18
N LEU F 430 20.93 33.94 -17.93
CA LEU F 430 22.25 34.53 -18.17
C LEU F 430 22.30 35.97 -17.68
N THR F 431 23.52 36.50 -17.54
CA THR F 431 23.71 37.84 -17.00
C THR F 431 25.08 38.34 -17.42
N LEU F 432 25.16 39.64 -17.71
CA LEU F 432 26.40 40.27 -18.15
C LEU F 432 27.07 40.91 -16.95
N GLU F 433 28.31 40.49 -16.67
CA GLU F 433 29.05 40.92 -15.50
C GLU F 433 30.41 41.43 -15.94
N GLY F 434 30.88 42.48 -15.28
CA GLY F 434 31.97 43.27 -15.81
C GLY F 434 33.36 42.81 -15.37
N GLY F 435 34.34 43.07 -16.23
CA GLY F 435 35.73 42.85 -15.93
C GLY F 435 36.34 44.02 -15.20
N ALA F 436 37.67 44.12 -15.29
CA ALA F 436 38.39 45.15 -14.55
C ALA F 436 37.97 46.55 -14.98
N LEU F 437 37.85 46.78 -16.28
CA LEU F 437 37.51 48.12 -16.75
C LEU F 437 36.10 48.50 -16.32
N VAL F 438 35.15 47.60 -16.48
CA VAL F 438 33.77 47.89 -16.11
C VAL F 438 33.67 48.10 -14.61
N LEU F 439 34.43 47.31 -13.83
CA LEU F 439 34.45 47.54 -12.39
C LEU F 439 35.00 48.91 -12.06
N ALA F 440 36.08 49.31 -12.73
CA ALA F 440 36.68 50.61 -12.51
C ALA F 440 35.94 51.74 -13.22
N ASP F 441 34.80 51.46 -13.84
CA ASP F 441 33.96 52.49 -14.43
C ASP F 441 33.69 53.60 -13.43
N GLN F 442 33.70 54.84 -13.92
CA GLN F 442 33.65 56.03 -13.07
C GLN F 442 34.75 55.98 -12.03
N GLY F 443 35.93 55.53 -12.44
CA GLY F 443 37.00 55.25 -11.50
C GLY F 443 38.40 55.24 -12.07
N VAL F 444 39.25 54.34 -11.57
CA VAL F 444 40.64 54.23 -12.00
C VAL F 444 40.95 52.77 -12.30
N CYS F 445 41.63 52.54 -13.42
CA CYS F 445 42.15 51.22 -13.75
C CYS F 445 43.66 51.32 -13.78
N CYS F 446 44.30 50.45 -13.04
CA CYS F 446 45.74 50.43 -12.86
C CYS F 446 46.29 49.20 -13.55
N ILE F 447 46.96 49.39 -14.68
CA ILE F 447 47.43 48.30 -15.52
C ILE F 447 48.94 48.28 -15.40
N ASP F 448 49.49 47.08 -15.16
CA ASP F 448 50.91 46.86 -14.97
C ASP F 448 51.43 46.03 -16.14
N GLU F 449 52.67 46.29 -16.52
CA GLU F 449 53.27 45.70 -17.71
C GLU F 449 52.38 45.97 -18.92
N PHE F 450 52.16 47.26 -19.15
CA PHE F 450 51.30 47.70 -20.24
C PHE F 450 51.82 47.22 -21.58
N ASP F 451 53.13 47.25 -21.78
CA ASP F 451 53.71 46.82 -23.04
C ASP F 451 53.49 45.34 -23.29
N LYS F 452 53.43 44.53 -22.24
CA LYS F 452 53.36 43.08 -22.37
C LYS F 452 51.93 42.53 -22.44
N MET F 453 50.92 43.38 -22.42
CA MET F 453 49.56 42.90 -22.53
C MET F 453 49.32 42.28 -23.90
N ALA F 454 48.21 41.56 -24.01
CA ALA F 454 47.83 40.99 -25.29
C ALA F 454 47.36 42.07 -26.23
N GLU F 455 47.36 41.75 -27.53
CA GLU F 455 46.96 42.73 -28.53
C GLU F 455 45.50 43.14 -28.33
N ALA F 456 44.62 42.18 -28.02
CA ALA F 456 43.21 42.50 -27.86
C ALA F 456 42.98 43.37 -26.65
N ASP F 457 43.62 43.06 -25.53
CA ASP F 457 43.50 43.89 -24.34
C ASP F 457 44.04 45.28 -24.58
N ARG F 458 45.13 45.40 -25.35
CA ARG F 458 45.63 46.72 -25.70
C ARG F 458 44.62 47.50 -26.52
N THR F 459 43.97 46.83 -27.47
CA THR F 459 42.98 47.49 -28.30
C THR F 459 41.80 47.99 -27.46
N ALA F 460 41.31 47.14 -26.55
CA ALA F 460 40.21 47.55 -25.68
C ALA F 460 40.61 48.72 -24.81
N ILE F 461 41.85 48.71 -24.30
CA ILE F 461 42.33 49.82 -23.49
C ILE F 461 42.36 51.10 -24.32
N HIS F 462 42.77 51.00 -25.59
CA HIS F 462 42.80 52.18 -26.45
C HIS F 462 41.40 52.76 -26.63
N GLU F 463 40.41 51.90 -26.87
CA GLU F 463 39.03 52.38 -26.99
C GLU F 463 38.58 53.05 -25.70
N VAL F 464 38.91 52.47 -24.55
CA VAL F 464 38.49 53.05 -23.28
C VAL F 464 39.10 54.43 -23.11
N MET F 465 40.38 54.57 -23.48
CA MET F 465 41.01 55.88 -23.39
C MET F 465 40.31 56.88 -24.30
N GLU F 466 39.92 56.44 -25.50
CA GLU F 466 39.40 57.39 -26.47
C GLU F 466 37.97 57.83 -26.14
N GLN F 467 37.09 56.88 -25.76
CA GLN F 467 35.67 57.11 -25.68
C GLN F 467 34.99 56.62 -24.41
N GLN F 468 35.72 56.01 -23.49
CA GLN F 468 35.17 55.56 -22.22
C GLN F 468 34.10 54.49 -22.38
N THR F 469 34.19 53.68 -23.44
CA THR F 469 33.28 52.56 -23.64
C THR F 469 34.02 51.38 -24.24
N ILE F 470 33.42 50.20 -24.11
CA ILE F 470 33.92 48.95 -24.69
C ILE F 470 32.79 48.39 -25.53
N SER F 471 33.02 48.26 -26.84
CA SER F 471 31.98 47.79 -27.77
C SER F 471 32.27 46.33 -28.10
N ILE F 472 31.63 45.42 -27.36
CA ILE F 472 31.84 43.99 -27.53
C ILE F 472 30.84 43.48 -28.54
N ALA F 473 31.30 42.65 -29.46
CA ALA F 473 30.45 42.00 -30.45
C ALA F 473 30.89 40.56 -30.66
N LYS F 474 31.16 39.83 -29.58
CA LYS F 474 31.61 38.46 -29.67
C LYS F 474 30.41 37.56 -29.94
N ALA F 475 30.61 36.24 -29.84
CA ALA F 475 29.55 35.29 -30.17
C ALA F 475 28.36 35.43 -29.23
N GLY F 476 28.58 35.25 -27.94
CA GLY F 476 27.46 35.31 -27.01
C GLY F 476 27.00 36.69 -26.63
N ILE F 477 27.71 37.74 -27.04
CA ILE F 477 27.54 39.10 -26.51
C ILE F 477 27.48 40.08 -27.67
N LEU F 478 26.56 41.03 -27.58
CA LEU F 478 26.57 42.23 -28.41
C LEU F 478 26.18 43.37 -27.50
N THR F 479 27.13 44.24 -27.18
CA THR F 479 26.96 45.19 -26.10
C THR F 479 27.87 46.39 -26.34
N THR F 480 27.49 47.53 -25.75
CA THR F 480 28.33 48.72 -25.68
C THR F 480 28.44 49.13 -24.22
N LEU F 481 29.36 48.49 -23.50
CA LEU F 481 29.50 48.74 -22.08
C LEU F 481 30.14 50.10 -21.85
N ASN F 482 29.76 50.73 -20.74
CA ASN F 482 30.20 52.07 -20.40
C ASN F 482 31.31 51.93 -19.36
N ALA F 483 32.56 52.16 -19.78
CA ALA F 483 33.75 51.98 -18.95
C ALA F 483 34.46 53.33 -18.85
N ARG F 484 34.06 54.11 -17.86
CA ARG F 484 34.59 55.46 -17.66
C ARG F 484 35.65 55.38 -16.57
N CYS F 485 36.90 55.31 -16.98
CA CYS F 485 38.00 55.16 -16.04
C CYS F 485 39.23 55.90 -16.53
N SER F 486 39.87 56.60 -15.61
CA SER F 486 41.23 57.07 -15.83
C SER F 486 42.17 55.88 -15.78
N ILE F 487 43.06 55.78 -16.78
CA ILE F 487 43.98 54.64 -16.87
C ILE F 487 45.37 55.09 -16.42
N LEU F 488 45.93 54.32 -15.49
CA LEU F 488 47.30 54.48 -15.04
C LEU F 488 48.06 53.24 -15.47
N ALA F 489 49.09 53.43 -16.28
CA ALA F 489 49.83 52.35 -16.91
C ALA F 489 51.25 52.29 -16.37
N ALA F 490 51.80 51.08 -16.32
CA ALA F 490 53.22 50.87 -16.05
C ALA F 490 53.81 50.04 -17.18
N ALA F 491 55.05 50.33 -17.52
CA ALA F 491 55.76 49.53 -18.53
C ALA F 491 57.23 49.93 -18.50
N ASN F 492 58.04 49.23 -19.29
CA ASN F 492 59.45 49.52 -19.44
C ASN F 492 59.81 49.64 -20.91
N PRO F 493 60.82 50.45 -21.27
CA PRO F 493 61.01 50.71 -22.69
C PRO F 493 61.61 49.54 -23.44
N ALA F 512 55.16 54.88 -30.00
CA ALA F 512 54.43 55.86 -30.80
C ALA F 512 52.95 55.86 -30.44
N ALA F 513 52.39 54.66 -30.33
CA ALA F 513 50.98 54.54 -29.93
C ALA F 513 50.77 55.13 -28.54
N LEU F 514 51.69 54.86 -27.62
CA LEU F 514 51.58 55.39 -26.26
C LEU F 514 51.61 56.92 -26.27
N LEU F 515 52.56 57.50 -27.00
CA LEU F 515 52.66 58.95 -27.06
C LEU F 515 51.41 59.56 -27.69
N SER F 516 50.93 58.96 -28.77
CA SER F 516 49.77 59.53 -29.46
C SER F 516 48.52 59.46 -28.61
N ARG F 517 48.35 58.37 -27.85
CA ARG F 517 47.13 58.17 -27.09
C ARG F 517 47.16 58.93 -25.76
N PHE F 518 48.15 58.64 -24.94
CA PHE F 518 48.09 59.02 -23.53
C PHE F 518 48.17 60.52 -23.36
N ASP F 519 47.71 60.98 -22.19
CA ASP F 519 47.76 62.39 -21.87
C ASP F 519 49.12 62.76 -21.28
N LEU F 520 49.62 61.98 -20.32
CA LEU F 520 50.95 62.17 -19.78
C LEU F 520 51.73 60.87 -19.84
N LEU F 521 52.99 60.96 -20.22
CA LEU F 521 53.89 59.82 -20.34
C LEU F 521 55.20 60.22 -19.68
N TRP F 522 55.65 59.44 -18.69
CA TRP F 522 56.78 59.79 -17.86
C TRP F 522 57.86 58.74 -17.96
N LEU F 523 59.02 59.14 -18.44
CA LEU F 523 60.21 58.31 -18.35
C LEU F 523 60.83 58.45 -16.97
N ILE F 524 60.95 57.33 -16.26
CA ILE F 524 61.69 57.27 -15.01
C ILE F 524 62.77 56.22 -15.20
N GLN F 525 63.98 56.71 -15.47
CA GLN F 525 65.15 55.89 -15.73
C GLN F 525 66.17 56.14 -14.62
N ASP F 526 66.62 55.07 -13.99
CA ASP F 526 67.68 55.18 -13.00
C ASP F 526 69.02 55.26 -13.72
N ARG F 527 69.89 56.15 -13.24
CA ARG F 527 71.27 56.22 -13.65
C ARG F 527 72.05 56.46 -12.37
N PRO F 528 73.17 55.77 -12.16
CA PRO F 528 73.80 55.80 -10.83
C PRO F 528 74.34 57.17 -10.47
N ASP F 529 74.30 57.46 -9.18
CA ASP F 529 74.85 58.70 -8.66
C ASP F 529 75.15 58.50 -7.18
N ARG F 530 76.31 58.99 -6.74
CA ARG F 530 76.76 58.75 -5.37
C ARG F 530 75.78 59.31 -4.34
N ASP F 531 75.54 60.62 -4.40
CA ASP F 531 74.70 61.28 -3.40
C ASP F 531 73.28 60.76 -3.45
N ASN F 532 72.72 60.63 -4.65
CA ASN F 532 71.30 60.28 -4.73
C ASN F 532 71.08 58.82 -4.38
N ASP F 533 72.01 57.94 -4.73
CA ASP F 533 71.86 56.55 -4.29
C ASP F 533 72.06 56.43 -2.79
N LEU F 534 72.93 57.26 -2.20
CA LEU F 534 72.99 57.30 -0.74
C LEU F 534 71.65 57.73 -0.16
N ARG F 535 71.01 58.72 -0.75
CA ARG F 535 69.73 59.19 -0.23
C ARG F 535 68.66 58.10 -0.35
N LEU F 536 68.60 57.44 -1.50
CA LEU F 536 67.63 56.37 -1.70
C LEU F 536 67.91 55.23 -0.72
N ALA F 537 69.19 54.90 -0.53
CA ALA F 537 69.54 53.83 0.39
C ALA F 537 69.14 54.17 1.81
N GLN F 538 69.38 55.41 2.23
CA GLN F 538 68.99 55.84 3.55
C GLN F 538 67.47 55.75 3.73
N HIS F 539 66.72 56.16 2.71
CA HIS F 539 65.26 56.10 2.80
C HIS F 539 64.78 54.67 2.94
N ILE F 540 65.24 53.79 2.05
CA ILE F 540 64.71 52.42 2.07
C ILE F 540 65.19 51.65 3.30
N THR F 541 66.41 51.89 3.77
CA THR F 541 66.86 51.18 4.96
C THR F 541 66.16 51.72 6.21
N TYR F 542 65.85 53.02 6.25
CA TYR F 542 64.99 53.50 7.34
C TYR F 542 63.64 52.83 7.29
N VAL F 543 63.11 52.64 6.08
CA VAL F 543 61.85 51.92 5.94
C VAL F 543 61.99 50.52 6.51
N HIS F 544 63.04 49.81 6.13
CA HIS F 544 63.21 48.44 6.62
C HIS F 544 63.50 48.38 8.11
N GLN F 545 64.00 49.46 8.72
CA GLN F 545 64.19 49.43 10.17
C GLN F 545 62.90 49.72 10.91
N HIS F 546 62.32 50.89 10.67
CA HIS F 546 61.23 51.38 11.49
C HIS F 546 59.86 50.99 10.98
N SER F 547 59.76 50.29 9.85
CA SER F 547 58.49 49.95 9.23
C SER F 547 57.66 51.22 9.01
N ARG F 548 58.30 52.24 8.49
CA ARG F 548 57.70 53.56 8.38
C ARG F 548 58.62 54.45 7.56
N GLN F 549 58.03 55.44 6.91
CA GLN F 549 58.81 56.42 6.16
C GLN F 549 59.68 57.24 7.11
N PRO F 550 60.77 57.83 6.61
CA PRO F 550 61.54 58.75 7.46
C PRO F 550 60.78 60.05 7.67
N PRO F 551 60.71 60.60 8.91
CA PRO F 551 59.88 61.79 9.13
C PRO F 551 60.31 62.99 8.29
N SER F 552 59.43 63.40 7.39
CA SER F 552 59.63 64.63 6.62
C SER F 552 59.22 65.80 7.50
N GLN F 553 59.21 67.01 6.93
CA GLN F 553 58.80 68.19 7.70
C GLN F 553 57.33 68.08 8.12
N PHE F 554 56.52 67.36 7.35
CA PHE F 554 55.12 67.11 7.69
C PHE F 554 54.83 65.62 7.53
N GLU F 555 54.00 65.09 8.42
CA GLU F 555 53.61 63.70 8.32
C GLU F 555 52.78 63.49 7.05
N PRO F 556 52.95 62.38 6.33
CA PRO F 556 52.03 62.10 5.22
C PRO F 556 50.60 61.97 5.71
N LEU F 557 49.67 62.44 4.89
CA LEU F 557 48.26 62.44 5.26
C LEU F 557 47.67 61.04 5.09
N ASP F 558 46.69 60.75 5.94
CA ASP F 558 46.10 59.41 5.97
C ASP F 558 45.28 59.16 4.70
N MET F 559 45.14 57.89 4.36
CA MET F 559 44.43 57.51 3.14
C MET F 559 42.96 57.88 3.21
N LYS F 560 42.35 57.80 4.40
CA LYS F 560 40.94 58.16 4.54
C LYS F 560 40.72 59.62 4.19
N LEU F 561 41.49 60.50 4.81
CA LEU F 561 41.39 61.92 4.50
C LEU F 561 41.76 62.18 3.06
N MET F 562 42.66 61.37 2.50
CA MET F 562 43.03 61.52 1.10
C MET F 562 41.83 61.28 0.18
N ARG F 563 41.10 60.18 0.41
CA ARG F 563 39.93 59.91 -0.41
C ARG F 563 38.87 60.99 -0.19
N ARG F 564 38.75 61.48 1.04
CA ARG F 564 37.80 62.56 1.31
C ARG F 564 38.11 63.80 0.48
N TYR F 565 39.36 64.25 0.51
CA TYR F 565 39.72 65.45 -0.24
C TYR F 565 39.63 65.22 -1.74
N ILE F 566 39.94 64.00 -2.20
CA ILE F 566 39.81 63.73 -3.63
C ILE F 566 38.36 63.85 -4.06
N ALA F 567 37.43 63.32 -3.27
CA ALA F 567 36.01 63.45 -3.61
C ALA F 567 35.56 64.91 -3.57
N MET F 568 35.99 65.65 -2.55
CA MET F 568 35.62 67.07 -2.45
C MET F 568 36.13 67.85 -3.66
N CYS F 569 37.37 67.61 -4.06
CA CYS F 569 37.91 68.26 -5.24
C CYS F 569 37.18 67.81 -6.50
N ARG F 570 36.79 66.54 -6.57
CA ARG F 570 36.11 66.03 -7.75
C ARG F 570 34.76 66.71 -7.95
N GLU F 571 34.09 67.11 -6.87
CA GLU F 571 32.76 67.71 -6.97
C GLU F 571 32.80 69.23 -7.13
N LYS F 572 33.85 69.79 -7.73
CA LYS F 572 34.08 71.24 -7.77
C LYS F 572 34.41 71.66 -9.20
N GLN F 573 33.52 71.33 -10.14
CA GLN F 573 33.73 71.61 -11.56
C GLN F 573 33.86 73.12 -11.81
N PRO F 574 35.06 73.65 -12.16
CA PRO F 574 35.16 75.06 -12.52
C PRO F 574 35.08 75.28 -14.01
N MET F 575 35.03 76.54 -14.44
CA MET F 575 34.99 76.92 -15.84
C MET F 575 36.39 77.33 -16.31
N VAL F 576 36.58 77.33 -17.62
CA VAL F 576 37.74 77.99 -18.22
C VAL F 576 37.25 79.39 -18.58
N PRO F 577 37.90 80.50 -18.17
CA PRO F 577 37.34 81.81 -18.53
C PRO F 577 37.44 82.10 -20.01
N GLU F 578 36.95 83.29 -20.40
CA GLU F 578 37.19 83.83 -21.72
C GLU F 578 38.49 84.61 -21.81
N SER F 579 38.96 85.15 -20.67
CA SER F 579 40.20 85.92 -20.66
C SER F 579 41.40 85.05 -21.00
N LEU F 580 41.45 83.83 -20.47
CA LEU F 580 42.63 82.99 -20.57
C LEU F 580 42.76 82.27 -21.91
N ALA F 581 41.78 82.44 -22.81
CA ALA F 581 41.88 81.81 -24.13
C ALA F 581 43.12 82.28 -24.86
N ASP F 582 43.42 83.59 -24.77
CA ASP F 582 44.61 84.14 -25.42
C ASP F 582 45.88 83.46 -24.90
N TYR F 583 46.06 83.43 -23.58
CA TYR F 583 47.30 82.90 -23.02
C TYR F 583 47.44 81.41 -23.31
N ILE F 584 46.36 80.65 -23.17
CA ILE F 584 46.48 79.21 -23.37
C ILE F 584 46.73 78.90 -24.85
N THR F 585 46.07 79.64 -25.74
CA THR F 585 46.36 79.50 -27.16
C THR F 585 47.83 79.83 -27.44
N ALA F 586 48.34 80.88 -26.79
CA ALA F 586 49.73 81.28 -26.97
C ALA F 586 50.68 80.17 -26.51
N ALA F 587 50.40 79.57 -25.37
CA ALA F 587 51.24 78.49 -24.88
C ALA F 587 51.21 77.29 -25.82
N TYR F 588 50.01 76.93 -26.30
CA TYR F 588 49.89 75.80 -27.19
C TYR F 588 50.67 76.05 -28.48
N VAL F 589 50.48 77.21 -29.10
CA VAL F 589 51.16 77.51 -30.36
C VAL F 589 52.66 77.55 -30.14
N GLU F 590 53.10 78.05 -28.98
CA GLU F 590 54.52 78.08 -28.67
C GLU F 590 55.09 76.67 -28.68
N MET F 591 54.44 75.74 -27.97
CA MET F 591 54.95 74.37 -27.99
C MET F 591 54.87 73.75 -29.37
N ARG F 592 53.93 74.19 -30.21
CA ARG F 592 53.95 73.74 -31.61
C ARG F 592 55.20 74.22 -32.31
N ARG F 593 55.62 75.48 -32.10
CA ARG F 593 56.87 75.94 -32.68
C ARG F 593 58.03 75.08 -32.21
N GLU F 594 58.09 74.83 -30.90
CA GLU F 594 59.22 74.06 -30.36
C GLU F 594 59.23 72.63 -30.90
N ALA F 595 58.07 71.99 -30.97
CA ALA F 595 58.02 70.62 -31.46
C ALA F 595 58.34 70.55 -32.94
N TRP F 596 57.88 71.54 -33.72
CA TRP F 596 58.21 71.55 -35.13
C TRP F 596 59.70 71.74 -35.35
N ALA F 597 60.33 72.62 -34.57
CA ALA F 597 61.77 72.83 -34.68
C ALA F 597 62.53 71.65 -34.11
N TYR F 603 56.53 65.10 -30.93
CA TYR F 603 55.14 64.81 -31.29
C TYR F 603 54.18 65.74 -30.56
N THR F 604 53.20 66.26 -31.29
CA THR F 604 52.19 67.13 -30.73
C THR F 604 50.96 67.07 -31.63
N SER F 605 49.80 67.33 -31.04
CA SER F 605 48.54 67.31 -31.77
C SER F 605 47.47 67.87 -30.84
N ALA F 606 46.22 67.90 -31.33
CA ALA F 606 45.11 68.47 -30.57
C ALA F 606 44.92 67.75 -29.24
N ARG F 607 45.30 66.47 -29.18
CA ARG F 607 45.28 65.74 -27.91
C ARG F 607 46.14 66.44 -26.88
N THR F 608 47.23 67.06 -27.30
CA THR F 608 48.09 67.77 -26.37
C THR F 608 47.37 68.98 -25.79
N LEU F 609 46.65 69.74 -26.62
CA LEU F 609 45.90 70.87 -26.08
C LEU F 609 44.83 70.39 -25.11
N LEU F 610 44.14 69.31 -25.46
CA LEU F 610 43.11 68.81 -24.57
C LEU F 610 43.70 68.32 -23.26
N ALA F 611 44.90 67.74 -23.31
CA ALA F 611 45.60 67.36 -22.09
C ALA F 611 45.92 68.59 -21.25
N ILE F 612 46.38 69.66 -21.87
CA ILE F 612 46.69 70.87 -21.12
C ILE F 612 45.43 71.43 -20.48
N LEU F 613 44.32 71.46 -21.21
CA LEU F 613 43.07 71.96 -20.67
C LEU F 613 42.58 71.12 -19.50
N ARG F 614 42.59 69.79 -19.66
CA ARG F 614 42.13 68.92 -18.59
C ARG F 614 43.00 69.06 -17.36
N LEU F 615 44.31 69.18 -17.55
CA LEU F 615 45.18 69.38 -16.40
C LEU F 615 44.91 70.73 -15.75
N SER F 616 44.63 71.76 -16.54
CA SER F 616 44.34 73.06 -15.95
C SER F 616 43.06 73.02 -15.13
N THR F 617 42.03 72.35 -15.64
CA THR F 617 40.79 72.21 -14.88
C THR F 617 41.01 71.39 -13.62
N ALA F 618 41.84 70.34 -13.70
CA ALA F 618 42.16 69.55 -12.51
C ALA F 618 42.88 70.39 -11.48
N LEU F 619 43.80 71.23 -11.92
CA LEU F 619 44.49 72.14 -11.01
C LEU F 619 43.54 73.10 -10.35
N ALA F 620 42.55 73.60 -11.09
CA ALA F 620 41.52 74.43 -10.48
C ALA F 620 40.74 73.63 -9.43
N ARG F 621 40.38 72.39 -9.76
CA ARG F 621 39.69 71.52 -8.81
C ARG F 621 40.49 71.38 -7.51
N LEU F 622 41.78 71.04 -7.64
CA LEU F 622 42.63 70.89 -6.46
C LEU F 622 42.75 72.19 -5.70
N ARG F 623 42.89 73.30 -6.42
CA ARG F 623 42.96 74.60 -5.77
C ARG F 623 41.66 74.96 -5.06
N MET F 624 40.57 74.30 -5.39
CA MET F 624 39.37 74.17 -4.57
C MET F 624 38.45 75.38 -4.70
N VAL F 625 38.79 76.41 -5.46
CA VAL F 625 37.98 77.61 -5.55
C VAL F 625 38.14 78.22 -6.94
N ASP F 626 37.12 78.99 -7.34
CA ASP F 626 37.22 79.87 -8.49
C ASP F 626 37.41 79.07 -9.77
N VAL F 627 37.81 79.74 -10.85
CA VAL F 627 37.87 79.16 -12.19
C VAL F 627 39.32 79.05 -12.62
N VAL F 628 39.56 78.48 -13.81
CA VAL F 628 40.91 78.21 -14.27
C VAL F 628 41.64 79.54 -14.45
N GLU F 629 42.96 79.52 -14.21
CA GLU F 629 43.73 80.74 -14.08
C GLU F 629 45.14 80.56 -14.63
N LYS F 630 45.89 81.68 -14.59
CA LYS F 630 47.25 81.71 -15.11
C LYS F 630 48.14 80.71 -14.40
N GLU F 631 48.04 80.63 -13.08
CA GLU F 631 48.86 79.70 -12.32
C GLU F 631 48.51 78.26 -12.67
N ASP F 632 47.23 77.97 -12.89
CA ASP F 632 46.82 76.62 -13.25
C ASP F 632 47.42 76.22 -14.60
N VAL F 633 47.30 77.08 -15.61
CA VAL F 633 47.90 76.73 -16.89
C VAL F 633 49.42 76.64 -16.78
N ASN F 634 50.04 77.49 -15.95
CA ASN F 634 51.49 77.44 -15.77
C ASN F 634 51.92 76.10 -15.20
N GLU F 635 51.25 75.64 -14.16
CA GLU F 635 51.64 74.37 -13.56
C GLU F 635 51.34 73.21 -14.50
N ALA F 636 50.25 73.28 -15.25
CA ALA F 636 49.96 72.21 -16.21
C ALA F 636 51.04 72.13 -17.28
N ILE F 637 51.47 73.28 -17.82
CA ILE F 637 52.51 73.23 -18.83
C ILE F 637 53.82 72.79 -18.21
N ARG F 638 54.06 73.11 -16.94
CA ARG F 638 55.26 72.62 -16.29
C ARG F 638 55.24 71.09 -16.22
N LEU F 639 54.10 70.50 -15.86
CA LEU F 639 54.03 69.05 -15.80
C LEU F 639 54.22 68.43 -17.18
N MET F 640 53.61 69.02 -18.20
CA MET F 640 53.81 68.50 -19.56
C MET F 640 55.26 68.63 -19.98
N GLU F 641 55.90 69.77 -19.68
CA GLU F 641 57.28 69.98 -20.06
C GLU F 641 58.21 69.02 -19.33
N MET F 642 57.90 68.69 -18.08
CA MET F 642 58.71 67.72 -17.38
C MET F 642 58.49 66.32 -17.91
N SER F 643 57.29 66.01 -18.39
CA SER F 643 57.11 64.77 -19.13
C SER F 643 57.97 64.75 -20.38
N LYS F 644 58.07 65.88 -21.06
CA LYS F 644 58.93 65.96 -22.23
C LYS F 644 60.40 65.78 -21.86
N ASP F 645 60.84 66.50 -20.81
CA ASP F 645 62.21 66.37 -20.32
C ASP F 645 62.53 64.96 -19.90
N SER F 646 61.52 64.22 -19.43
CA SER F 646 61.67 62.80 -19.21
C SER F 646 61.98 62.13 -20.54
N SER G 181 -33.25 -16.28 -31.83
CA SER G 181 -34.28 -16.36 -30.81
C SER G 181 -35.02 -15.03 -30.66
N VAL G 182 -36.18 -15.10 -30.00
CA VAL G 182 -37.05 -13.94 -29.88
C VAL G 182 -36.37 -12.83 -29.10
N ARG G 183 -35.51 -13.18 -28.13
CA ARG G 183 -34.88 -12.16 -27.29
C ARG G 183 -34.05 -11.20 -28.14
N GLU G 184 -33.15 -11.73 -28.97
CA GLU G 184 -32.37 -10.85 -29.82
C GLU G 184 -33.19 -10.31 -30.99
N TRP G 185 -34.13 -11.10 -31.51
CA TRP G 185 -34.96 -10.64 -32.62
C TRP G 185 -35.88 -9.49 -32.23
N VAL G 186 -36.10 -9.26 -30.92
CA VAL G 186 -36.80 -8.07 -30.45
C VAL G 186 -35.83 -7.02 -29.92
N SER G 187 -34.66 -7.45 -29.43
CA SER G 187 -33.65 -6.48 -29.03
C SER G 187 -33.08 -5.71 -30.20
N MET G 188 -33.13 -6.27 -31.41
CA MET G 188 -32.68 -5.54 -32.60
C MET G 188 -33.53 -4.30 -32.84
N ALA G 189 -32.89 -3.21 -33.26
CA ALA G 189 -33.56 -1.92 -33.35
C ALA G 189 -34.63 -1.90 -34.43
N GLY G 190 -34.37 -2.59 -35.55
CA GLY G 190 -35.31 -2.63 -36.66
C GLY G 190 -36.66 -3.21 -36.26
N PRO G 191 -36.68 -4.48 -35.84
CA PRO G 191 -37.93 -5.03 -35.29
C PRO G 191 -38.42 -4.27 -34.08
N ARG G 192 -37.52 -3.68 -33.29
CA ARG G 192 -37.97 -2.81 -32.20
C ARG G 192 -38.70 -1.60 -32.77
N LEU G 193 -38.19 -1.01 -33.85
CA LEU G 193 -38.85 0.14 -34.45
C LEU G 193 -40.23 -0.24 -35.01
N GLU G 194 -40.31 -1.36 -35.73
CA GLU G 194 -41.59 -1.71 -36.32
C GLU G 194 -42.60 -2.11 -35.26
N ILE G 195 -42.14 -2.78 -34.19
CA ILE G 195 -43.04 -3.09 -33.08
C ILE G 195 -43.48 -1.83 -32.38
N HIS G 196 -42.59 -0.85 -32.26
CA HIS G 196 -42.94 0.43 -31.66
C HIS G 196 -44.04 1.12 -32.46
N HIS G 197 -43.87 1.17 -33.79
CA HIS G 197 -44.91 1.77 -34.63
C HIS G 197 -46.21 0.99 -34.54
N ARG G 198 -46.11 -0.35 -34.54
CA ARG G 198 -47.31 -1.18 -34.51
C ARG G 198 -48.09 -0.96 -33.22
N PHE G 199 -47.39 -0.88 -32.09
CA PHE G 199 -48.09 -0.65 -30.83
C PHE G 199 -48.62 0.76 -30.73
N LYS G 200 -47.91 1.74 -31.31
CA LYS G 200 -48.46 3.09 -31.39
C LYS G 200 -49.80 3.08 -32.11
N ASN G 201 -49.84 2.47 -33.29
CA ASN G 201 -51.08 2.46 -34.06
C ASN G 201 -52.16 1.65 -33.34
N PHE G 202 -51.78 0.55 -32.69
CA PHE G 202 -52.73 -0.23 -31.90
C PHE G 202 -53.36 0.61 -30.81
N LEU G 203 -52.52 1.33 -30.05
CA LEU G 203 -53.03 2.11 -28.94
C LEU G 203 -53.91 3.25 -29.44
N ARG G 204 -53.56 3.83 -30.59
CA ARG G 204 -54.37 4.91 -31.14
C ARG G 204 -55.72 4.40 -31.62
N THR G 205 -55.73 3.27 -32.34
CA THR G 205 -56.88 2.81 -33.11
C THR G 205 -57.24 1.38 -32.72
N HIS G 206 -58.16 1.24 -31.76
CA HIS G 206 -58.71 -0.05 -31.37
C HIS G 206 -60.21 0.05 -31.29
N VAL G 207 -60.88 -1.07 -31.57
CA VAL G 207 -62.33 -1.13 -31.68
C VAL G 207 -62.88 -1.91 -30.50
N ASP G 208 -63.89 -1.34 -29.84
CA ASP G 208 -64.63 -2.08 -28.83
C ASP G 208 -65.60 -3.09 -29.42
N SER G 209 -65.82 -3.06 -30.74
CA SER G 209 -66.84 -3.83 -31.46
C SER G 209 -68.25 -3.29 -31.21
N HIS G 210 -68.40 -2.11 -30.60
CA HIS G 210 -69.69 -1.47 -30.40
C HIS G 210 -69.65 0.02 -30.71
N GLY G 211 -68.68 0.47 -31.50
CA GLY G 211 -68.55 1.88 -31.84
C GLY G 211 -67.77 2.70 -30.86
N HIS G 212 -67.29 2.12 -29.76
CA HIS G 212 -66.43 2.82 -28.81
C HIS G 212 -64.97 2.58 -29.17
N ASN G 213 -64.18 3.65 -29.10
CA ASN G 213 -62.72 3.52 -29.07
C ASN G 213 -62.32 3.45 -27.60
N VAL G 214 -61.75 2.31 -27.21
CA VAL G 214 -61.57 2.04 -25.78
C VAL G 214 -60.44 2.91 -25.22
N PHE G 215 -59.31 2.95 -25.92
CA PHE G 215 -58.10 3.49 -25.32
C PHE G 215 -58.19 5.00 -25.14
N LYS G 216 -58.97 5.67 -25.96
CA LYS G 216 -59.17 7.11 -25.77
C LYS G 216 -59.80 7.40 -24.42
N GLU G 217 -60.91 6.72 -24.10
CA GLU G 217 -61.52 6.91 -22.79
C GLU G 217 -60.61 6.43 -21.67
N ARG G 218 -59.92 5.31 -21.87
CA ARG G 218 -59.02 4.79 -20.84
C ARG G 218 -57.95 5.83 -20.51
N ILE G 219 -57.25 6.33 -21.51
CA ILE G 219 -56.18 7.29 -21.28
C ILE G 219 -56.75 8.60 -20.74
N SER G 220 -57.94 9.00 -21.20
CA SER G 220 -58.53 10.24 -20.72
C SER G 220 -58.77 10.18 -19.21
N ASP G 221 -59.47 9.15 -18.74
CA ASP G 221 -59.72 9.05 -17.30
C ASP G 221 -58.44 8.83 -16.52
N MET G 222 -57.54 7.99 -17.05
CA MET G 222 -56.31 7.67 -16.33
C MET G 222 -55.42 8.90 -16.20
N CYS G 223 -55.36 9.73 -17.23
CA CYS G 223 -54.62 10.97 -17.15
C CYS G 223 -55.33 12.01 -16.29
N LYS G 224 -56.67 11.99 -16.30
CA LYS G 224 -57.41 12.93 -15.48
C LYS G 224 -57.13 12.70 -14.00
N GLU G 225 -57.11 11.44 -13.58
CA GLU G 225 -56.84 11.09 -12.19
C GLU G 225 -55.39 10.72 -11.90
N ASN G 226 -54.50 10.78 -12.89
CA ASN G 226 -53.06 10.69 -12.70
C ASN G 226 -52.64 9.37 -12.04
N ARG G 227 -52.85 8.28 -12.79
CA ARG G 227 -52.61 6.93 -12.30
C ARG G 227 -51.50 6.16 -13.03
N GLU G 228 -51.19 6.50 -14.29
CA GLU G 228 -49.99 6.02 -14.98
C GLU G 228 -50.01 4.55 -15.38
N SER G 229 -51.02 3.80 -14.96
CA SER G 229 -51.03 2.34 -15.07
C SER G 229 -52.12 1.91 -16.05
N LEU G 230 -51.77 1.87 -17.33
CA LEU G 230 -52.73 1.49 -18.36
C LEU G 230 -52.83 -0.03 -18.40
N VAL G 231 -53.94 -0.57 -17.92
CA VAL G 231 -54.20 -1.99 -18.11
C VAL G 231 -54.44 -2.24 -19.59
N VAL G 232 -54.16 -3.48 -20.02
CA VAL G 232 -54.27 -3.85 -21.43
C VAL G 232 -54.70 -5.31 -21.47
N ASN G 233 -55.45 -5.67 -22.51
CA ASN G 233 -55.99 -7.01 -22.67
C ASN G 233 -55.17 -7.78 -23.71
N TYR G 234 -54.66 -8.94 -23.29
CA TYR G 234 -53.93 -9.80 -24.21
C TYR G 234 -54.81 -10.25 -25.36
N GLU G 235 -56.11 -10.42 -25.12
CA GLU G 235 -57.00 -10.82 -26.20
C GLU G 235 -57.07 -9.73 -27.28
N ASP G 236 -57.17 -8.47 -26.85
CA ASP G 236 -57.16 -7.37 -27.82
C ASP G 236 -55.85 -7.32 -28.58
N LEU G 237 -54.72 -7.46 -27.87
CA LEU G 237 -53.43 -7.43 -28.54
C LEU G 237 -53.30 -8.57 -29.55
N ALA G 238 -53.74 -9.78 -29.18
CA ALA G 238 -53.67 -10.90 -30.09
C ALA G 238 -54.59 -10.72 -31.28
N ALA G 239 -55.77 -10.14 -31.05
CA ALA G 239 -56.70 -9.90 -32.15
C ALA G 239 -56.11 -8.96 -33.18
N ARG G 240 -55.63 -7.80 -32.73
CA ARG G 240 -55.20 -6.77 -33.69
C ARG G 240 -53.80 -7.02 -34.22
N GLU G 241 -52.95 -7.76 -33.50
CA GLU G 241 -51.65 -8.18 -34.03
C GLU G 241 -51.25 -9.46 -33.31
N HIS G 242 -51.41 -10.59 -34.01
CA HIS G 242 -51.17 -11.87 -33.36
C HIS G 242 -49.69 -12.17 -33.15
N VAL G 243 -48.81 -11.54 -33.93
CA VAL G 243 -47.37 -11.78 -33.75
C VAL G 243 -46.88 -11.20 -32.42
N LEU G 244 -47.39 -10.03 -32.03
CA LEU G 244 -46.99 -9.49 -30.74
C LEU G 244 -47.54 -10.32 -29.59
N ALA G 245 -48.72 -10.90 -29.74
CA ALA G 245 -49.21 -11.83 -28.74
C ALA G 245 -48.41 -13.13 -28.72
N TYR G 246 -47.85 -13.53 -29.86
CA TYR G 246 -46.92 -14.65 -29.87
C TYR G 246 -45.63 -14.30 -29.14
N PHE G 247 -45.17 -13.04 -29.26
CA PHE G 247 -43.90 -12.64 -28.68
C PHE G 247 -44.00 -12.42 -27.18
N LEU G 248 -44.96 -11.62 -26.73
CA LEU G 248 -45.03 -11.08 -25.38
C LEU G 248 -44.91 -12.11 -24.26
N PRO G 249 -45.38 -13.37 -24.42
CA PRO G 249 -45.09 -14.38 -23.39
C PRO G 249 -43.75 -15.10 -23.55
N GLU G 250 -42.83 -14.57 -24.36
CA GLU G 250 -41.54 -15.23 -24.60
C GLU G 250 -40.34 -14.33 -24.33
N ALA G 251 -40.51 -13.01 -24.43
CA ALA G 251 -39.42 -12.09 -24.11
C ALA G 251 -40.00 -10.83 -23.49
N PRO G 252 -40.67 -10.93 -22.34
CA PRO G 252 -41.56 -9.83 -21.91
C PRO G 252 -40.86 -8.53 -21.56
N ALA G 253 -39.60 -8.55 -21.15
CA ALA G 253 -38.98 -7.31 -20.67
C ALA G 253 -38.86 -6.28 -21.79
N GLU G 254 -38.27 -6.68 -22.93
CA GLU G 254 -38.12 -5.75 -24.05
C GLU G 254 -39.47 -5.32 -24.58
N LEU G 255 -40.40 -6.26 -24.71
CA LEU G 255 -41.72 -5.92 -25.22
C LEU G 255 -42.41 -4.91 -24.32
N LEU G 256 -42.35 -5.13 -23.02
CA LEU G 256 -43.04 -4.23 -22.10
C LEU G 256 -42.39 -2.85 -22.10
N GLN G 257 -41.07 -2.77 -22.19
CA GLN G 257 -40.45 -1.45 -22.24
C GLN G 257 -40.80 -0.73 -23.54
N ILE G 258 -40.87 -1.46 -24.65
CA ILE G 258 -41.29 -0.88 -25.92
C ILE G 258 -42.72 -0.35 -25.80
N PHE G 259 -43.60 -1.16 -25.22
CA PHE G 259 -45.00 -0.77 -25.08
C PHE G 259 -45.13 0.45 -24.17
N ASP G 260 -44.32 0.51 -23.11
CA ASP G 260 -44.36 1.66 -22.21
C ASP G 260 -43.87 2.92 -22.90
N GLU G 261 -42.81 2.83 -23.71
CA GLU G 261 -42.37 4.00 -24.45
C GLU G 261 -43.45 4.49 -25.40
N ALA G 262 -44.10 3.55 -26.10
CA ALA G 262 -45.19 3.93 -27.00
C ALA G 262 -46.32 4.60 -26.23
N ALA G 263 -46.68 4.05 -25.06
CA ALA G 263 -47.74 4.64 -24.26
C ALA G 263 -47.37 6.04 -23.78
N LEU G 264 -46.10 6.23 -23.39
CA LEU G 264 -45.65 7.56 -22.98
C LEU G 264 -45.79 8.55 -24.12
N GLU G 265 -45.40 8.13 -25.33
CA GLU G 265 -45.54 9.01 -26.50
C GLU G 265 -47.01 9.34 -26.75
N VAL G 266 -47.89 8.35 -26.66
CA VAL G 266 -49.30 8.59 -26.95
C VAL G 266 -49.92 9.54 -25.92
N VAL G 267 -49.62 9.33 -24.63
CA VAL G 267 -50.20 10.21 -23.62
C VAL G 267 -49.58 11.60 -23.71
N LEU G 268 -48.31 11.70 -24.10
CA LEU G 268 -47.70 13.01 -24.29
C LEU G 268 -48.40 13.75 -25.43
N ALA G 269 -48.77 13.03 -26.48
CA ALA G 269 -49.56 13.63 -27.55
C ALA G 269 -50.92 14.06 -27.02
N MET G 270 -51.55 13.22 -26.20
CA MET G 270 -52.88 13.53 -25.66
C MET G 270 -52.83 14.80 -24.81
N TYR G 271 -51.82 14.91 -23.95
CA TYR G 271 -51.50 16.13 -23.23
C TYR G 271 -49.98 16.20 -23.07
N PRO G 272 -49.29 17.23 -23.56
CA PRO G 272 -47.84 17.28 -23.34
C PRO G 272 -47.48 17.65 -21.92
N LYS G 273 -48.29 18.48 -21.27
CA LYS G 273 -48.01 18.96 -19.92
C LYS G 273 -47.99 17.84 -18.89
N TYR G 274 -48.69 16.73 -19.15
CA TYR G 274 -48.82 15.68 -18.15
C TYR G 274 -47.50 15.00 -17.80
N ASP G 275 -46.48 15.10 -18.67
CA ASP G 275 -45.20 14.47 -18.36
C ASP G 275 -44.54 15.05 -17.12
N ARG G 276 -44.95 16.25 -16.68
CA ARG G 276 -44.37 16.84 -15.47
C ARG G 276 -44.63 15.98 -14.24
N ILE G 277 -45.73 15.22 -14.22
CA ILE G 277 -46.10 14.42 -13.06
C ILE G 277 -45.44 13.05 -13.11
N THR G 278 -45.48 12.38 -14.26
CA THR G 278 -45.08 10.98 -14.38
C THR G 278 -43.82 10.77 -15.20
N ASN G 279 -43.81 11.27 -16.44
CA ASN G 279 -42.72 11.13 -17.41
C ASN G 279 -42.57 9.71 -17.94
N HIS G 280 -43.43 8.76 -17.51
CA HIS G 280 -43.35 7.37 -17.94
C HIS G 280 -44.73 6.77 -17.71
N ILE G 281 -45.04 5.71 -18.46
CA ILE G 281 -46.32 5.01 -18.35
C ILE G 281 -46.03 3.53 -18.18
N HIS G 282 -46.66 2.90 -17.18
CA HIS G 282 -46.59 1.46 -17.00
C HIS G 282 -47.79 0.84 -17.69
N VAL G 283 -47.54 -0.05 -18.65
CA VAL G 283 -48.58 -0.84 -19.29
C VAL G 283 -48.61 -2.20 -18.62
N ARG G 284 -49.81 -2.62 -18.21
CA ARG G 284 -49.99 -3.82 -17.39
C ARG G 284 -50.87 -4.80 -18.15
N ILE G 285 -50.29 -5.91 -18.57
CA ILE G 285 -51.04 -6.87 -19.37
C ILE G 285 -52.05 -7.58 -18.47
N SER G 286 -53.18 -7.97 -19.05
CA SER G 286 -54.25 -8.64 -18.34
C SER G 286 -54.80 -9.76 -19.21
N HIS G 287 -55.35 -10.78 -18.54
CA HIS G 287 -55.99 -11.90 -19.22
C HIS G 287 -55.04 -12.65 -20.15
N LEU G 288 -53.85 -12.98 -19.64
CA LEU G 288 -53.01 -13.90 -20.36
C LEU G 288 -53.67 -15.28 -20.39
N PRO G 289 -53.44 -16.07 -21.42
CA PRO G 289 -54.20 -17.31 -21.55
C PRO G 289 -53.81 -18.38 -20.54
N LEU G 290 -52.52 -18.68 -20.44
CA LEU G 290 -52.06 -19.87 -19.72
C LEU G 290 -51.89 -19.56 -18.25
N VAL G 291 -52.90 -19.89 -17.46
CA VAL G 291 -52.76 -19.83 -16.01
C VAL G 291 -51.82 -20.93 -15.55
N GLU G 292 -50.93 -20.59 -14.62
CA GLU G 292 -49.97 -21.53 -14.05
C GLU G 292 -50.08 -21.48 -12.55
N GLU G 293 -50.32 -22.63 -11.92
CA GLU G 293 -50.30 -22.75 -10.48
C GLU G 293 -48.87 -22.98 -10.00
N LEU G 294 -48.59 -22.52 -8.78
CA LEU G 294 -47.20 -22.38 -8.33
C LEU G 294 -46.45 -23.71 -8.29
N ARG G 295 -47.16 -24.84 -8.17
CA ARG G 295 -46.48 -26.12 -8.16
C ARG G 295 -45.77 -26.39 -9.48
N SER G 296 -46.40 -26.02 -10.59
CA SER G 296 -45.94 -26.48 -11.89
C SER G 296 -44.92 -25.57 -12.55
N LEU G 297 -44.48 -24.49 -11.89
CA LEU G 297 -43.42 -23.67 -12.45
C LEU G 297 -42.10 -24.44 -12.41
N ARG G 298 -41.34 -24.33 -13.48
CA ARG G 298 -40.10 -25.09 -13.66
C ARG G 298 -39.06 -24.14 -14.26
N GLN G 299 -37.96 -24.70 -14.75
CA GLN G 299 -36.92 -23.85 -15.34
C GLN G 299 -37.34 -23.30 -16.69
N LEU G 300 -38.18 -24.01 -17.45
CA LEU G 300 -38.51 -23.53 -18.79
C LEU G 300 -39.32 -22.25 -18.75
N HIS G 301 -40.05 -21.99 -17.66
CA HIS G 301 -40.82 -20.77 -17.54
C HIS G 301 -39.99 -19.54 -17.23
N LEU G 302 -38.67 -19.68 -17.04
CA LEU G 302 -37.87 -18.55 -16.62
C LEU G 302 -37.81 -17.48 -17.72
N ASN G 303 -37.96 -16.22 -17.30
CA ASN G 303 -38.03 -15.07 -18.20
C ASN G 303 -39.17 -15.24 -19.21
N GLN G 304 -40.36 -15.44 -18.70
CA GLN G 304 -41.58 -15.44 -19.49
C GLN G 304 -42.69 -14.82 -18.67
N LEU G 305 -43.64 -14.18 -19.34
CA LEU G 305 -44.75 -13.52 -18.66
C LEU G 305 -45.79 -14.58 -18.36
N ILE G 306 -45.82 -15.05 -17.11
CA ILE G 306 -46.73 -16.08 -16.65
C ILE G 306 -47.84 -15.44 -15.85
N ARG G 307 -49.05 -16.00 -15.97
CA ARG G 307 -50.19 -15.63 -15.17
C ARG G 307 -50.47 -16.72 -14.16
N THR G 308 -50.81 -16.32 -12.94
CA THR G 308 -51.03 -17.24 -11.86
C THR G 308 -52.00 -16.61 -10.88
N SER G 309 -52.31 -17.35 -9.82
CA SER G 309 -53.13 -16.81 -8.75
C SER G 309 -52.86 -17.59 -7.49
N GLY G 310 -52.84 -16.88 -6.37
CA GLY G 310 -52.49 -17.48 -5.11
C GLY G 310 -53.06 -16.70 -3.96
N VAL G 311 -52.53 -16.96 -2.77
CA VAL G 311 -53.00 -16.36 -1.54
C VAL G 311 -51.83 -15.63 -0.89
N VAL G 312 -52.04 -14.36 -0.58
CA VAL G 312 -50.96 -13.51 -0.11
C VAL G 312 -50.63 -13.93 1.31
N THR G 313 -49.58 -14.74 1.45
CA THR G 313 -49.16 -15.22 2.76
C THR G 313 -48.74 -14.06 3.66
N SER G 314 -47.82 -13.22 3.18
CA SER G 314 -47.37 -12.06 3.92
C SER G 314 -46.64 -11.14 2.98
N CYS G 315 -46.79 -9.83 3.21
CA CYS G 315 -46.40 -8.80 2.25
C CYS G 315 -45.63 -7.71 2.99
N THR G 316 -44.39 -7.48 2.58
CA THR G 316 -43.59 -6.43 3.19
C THR G 316 -44.20 -5.07 2.91
N GLY G 317 -43.71 -4.05 3.60
CA GLY G 317 -44.19 -2.72 3.39
C GLY G 317 -43.79 -2.21 2.02
N VAL G 318 -44.21 -0.98 1.72
CA VAL G 318 -43.77 -0.30 0.50
C VAL G 318 -42.40 0.29 0.81
N LEU G 319 -41.36 -0.30 0.24
CA LEU G 319 -40.00 0.01 0.60
C LEU G 319 -39.43 1.09 -0.30
N PRO G 320 -38.41 1.83 0.15
CA PRO G 320 -37.78 2.84 -0.70
C PRO G 320 -36.63 2.33 -1.58
N GLN G 321 -36.96 1.65 -2.68
CA GLN G 321 -35.93 1.21 -3.61
C GLN G 321 -35.47 2.34 -4.48
N LEU G 322 -34.17 2.39 -4.75
CA LEU G 322 -33.63 3.39 -5.65
C LEU G 322 -34.13 3.14 -7.06
N SER G 323 -34.27 4.22 -7.84
CA SER G 323 -34.67 4.11 -9.25
C SER G 323 -33.69 4.80 -10.19
N MET G 324 -33.44 6.08 -9.98
CA MET G 324 -32.44 6.85 -10.74
C MET G 324 -31.47 7.44 -9.74
N VAL G 325 -30.24 6.96 -9.73
CA VAL G 325 -29.31 7.19 -8.64
C VAL G 325 -28.28 8.23 -9.05
N LYS G 326 -28.21 9.31 -8.28
CA LYS G 326 -27.07 10.20 -8.31
C LYS G 326 -26.12 9.76 -7.21
N TYR G 327 -24.83 9.87 -7.47
CA TYR G 327 -23.80 9.35 -6.57
C TYR G 327 -22.84 10.47 -6.18
N ASN G 328 -22.77 10.78 -4.90
CA ASN G 328 -21.72 11.65 -4.43
C ASN G 328 -20.40 10.90 -4.46
N CYS G 329 -19.40 11.48 -5.13
CA CYS G 329 -18.03 10.99 -5.07
C CYS G 329 -17.33 11.80 -3.99
N ASN G 330 -17.12 11.19 -2.82
CA ASN G 330 -16.58 11.95 -1.68
C ASN G 330 -15.05 11.90 -1.64
N LYS G 331 -14.44 12.19 -2.78
CA LYS G 331 -13.09 12.72 -2.90
C LYS G 331 -13.11 14.16 -3.36
N CYS G 332 -13.98 14.47 -4.33
CA CYS G 332 -14.19 15.82 -4.83
C CYS G 332 -15.63 16.29 -4.70
N ASN G 333 -16.53 15.48 -4.15
CA ASN G 333 -17.93 15.84 -3.95
C ASN G 333 -18.68 16.11 -5.26
N PHE G 334 -18.18 15.61 -6.38
CA PHE G 334 -18.96 15.65 -7.60
C PHE G 334 -20.20 14.78 -7.43
N VAL G 335 -21.22 15.05 -8.26
CA VAL G 335 -22.48 14.31 -8.25
C VAL G 335 -22.62 13.56 -9.55
N LEU G 336 -22.16 12.31 -9.57
CA LEU G 336 -22.27 11.47 -10.75
C LEU G 336 -23.73 11.29 -11.12
N GLY G 337 -24.02 11.43 -12.42
CA GLY G 337 -25.37 11.62 -12.88
C GLY G 337 -26.21 10.37 -12.78
N PRO G 338 -27.45 10.46 -13.26
CA PRO G 338 -28.44 9.43 -12.96
C PRO G 338 -28.18 8.16 -13.76
N PHE G 339 -27.96 7.06 -13.05
CA PHE G 339 -27.91 5.73 -13.61
C PHE G 339 -29.19 5.01 -13.21
N CYS G 340 -29.93 4.51 -14.20
CA CYS G 340 -31.16 3.80 -13.91
C CYS G 340 -30.87 2.53 -13.13
N GLN G 341 -31.63 2.32 -12.06
CA GLN G 341 -31.44 1.17 -11.20
C GLN G 341 -32.09 -0.04 -11.85
N SER G 342 -31.30 -0.91 -12.44
CA SER G 342 -31.83 -2.13 -13.02
C SER G 342 -32.33 -3.04 -11.90
N GLN G 343 -33.25 -3.92 -12.25
CA GLN G 343 -33.84 -4.84 -11.29
C GLN G 343 -33.07 -6.14 -11.16
N ASN G 344 -31.93 -6.29 -11.84
CA ASN G 344 -31.08 -7.46 -11.67
C ASN G 344 -29.97 -7.18 -10.67
N GLN G 345 -29.14 -6.18 -10.95
CA GLN G 345 -27.85 -6.01 -10.30
C GLN G 345 -27.75 -4.61 -9.72
N GLU G 346 -27.00 -4.50 -8.64
CA GLU G 346 -26.70 -3.18 -8.11
C GLU G 346 -25.86 -2.41 -9.12
N VAL G 347 -26.17 -1.13 -9.28
CA VAL G 347 -25.43 -0.28 -10.20
C VAL G 347 -24.14 0.17 -9.52
N LYS G 348 -23.01 -0.17 -10.14
CA LYS G 348 -21.69 0.16 -9.62
C LYS G 348 -21.10 1.26 -10.48
N PRO G 349 -20.89 2.48 -9.97
CA PRO G 349 -20.12 3.46 -10.74
C PRO G 349 -18.73 2.95 -11.08
N GLY G 350 -18.10 3.61 -12.03
CA GLY G 350 -16.76 3.28 -12.43
C GLY G 350 -15.80 4.22 -11.73
N SER G 351 -15.35 5.23 -12.44
CA SER G 351 -14.53 6.30 -11.90
C SER G 351 -15.33 7.59 -11.86
N CYS G 352 -14.88 8.53 -11.05
CA CYS G 352 -15.48 9.85 -11.05
C CYS G 352 -15.18 10.53 -12.39
N PRO G 353 -16.03 11.46 -12.84
CA PRO G 353 -15.67 12.22 -14.04
C PRO G 353 -14.59 13.25 -13.81
N GLU G 354 -14.62 13.96 -12.68
CA GLU G 354 -13.67 15.05 -12.48
C GLU G 354 -12.33 14.54 -11.96
N CYS G 355 -12.34 13.89 -10.80
CA CYS G 355 -11.11 13.45 -10.16
C CYS G 355 -10.63 12.09 -10.63
N GLN G 356 -11.44 11.35 -11.38
CA GLN G 356 -11.07 10.06 -11.95
C GLN G 356 -10.65 9.04 -10.90
N SER G 357 -11.09 9.20 -9.67
CA SER G 357 -10.86 8.18 -8.67
C SER G 357 -11.88 7.06 -8.84
N ALA G 358 -11.45 5.86 -8.49
CA ALA G 358 -12.36 4.75 -8.25
C ALA G 358 -12.83 4.72 -6.82
N GLY G 359 -12.83 5.86 -6.14
CA GLY G 359 -12.91 5.92 -4.71
C GLY G 359 -14.28 5.56 -4.20
N PRO G 360 -14.50 5.74 -2.90
CA PRO G 360 -15.82 5.41 -2.33
C PRO G 360 -16.87 6.38 -2.84
N PHE G 361 -17.95 5.81 -3.39
CA PHE G 361 -19.11 6.57 -3.84
C PHE G 361 -20.26 6.26 -2.93
N GLU G 362 -20.97 7.30 -2.47
CA GLU G 362 -22.19 7.15 -1.71
C GLU G 362 -23.39 7.51 -2.58
N VAL G 363 -24.53 6.90 -2.31
CA VAL G 363 -25.74 7.31 -2.99
C VAL G 363 -26.14 8.68 -2.46
N ASN G 364 -26.15 9.67 -3.34
CA ASN G 364 -26.69 10.96 -2.96
C ASN G 364 -28.19 10.85 -2.89
N MET G 365 -28.76 11.15 -1.72
CA MET G 365 -30.16 10.87 -1.46
C MET G 365 -31.07 12.00 -1.93
N GLU G 366 -30.63 13.25 -1.80
CA GLU G 366 -31.52 14.36 -2.12
C GLU G 366 -31.84 14.40 -3.60
N GLU G 367 -30.84 14.22 -4.45
CA GLU G 367 -31.01 14.32 -5.89
C GLU G 367 -31.39 13.01 -6.55
N THR G 368 -31.61 11.95 -5.78
CA THR G 368 -32.15 10.71 -6.26
C THR G 368 -33.66 10.84 -6.50
N ILE G 369 -34.18 10.01 -7.39
CA ILE G 369 -35.61 9.68 -7.42
C ILE G 369 -35.72 8.17 -7.30
N TYR G 370 -36.67 7.74 -6.49
CA TYR G 370 -36.80 6.37 -6.01
C TYR G 370 -38.06 5.75 -6.60
N GLN G 371 -38.46 4.60 -6.06
CA GLN G 371 -39.68 3.95 -6.51
C GLN G 371 -40.12 2.96 -5.45
N ASN G 372 -41.39 2.61 -5.51
CA ASN G 372 -41.97 1.71 -4.53
C ASN G 372 -41.56 0.27 -4.82
N TYR G 373 -41.29 -0.49 -3.76
CA TYR G 373 -40.89 -1.88 -3.85
C TYR G 373 -41.60 -2.66 -2.77
N GLN G 374 -42.29 -3.72 -3.16
CA GLN G 374 -43.00 -4.58 -2.22
C GLN G 374 -42.70 -6.03 -2.58
N ARG G 375 -42.25 -6.79 -1.60
CA ARG G 375 -42.01 -8.23 -1.75
C ARG G 375 -43.11 -8.96 -0.98
N ILE G 376 -43.88 -9.76 -1.69
CA ILE G 376 -44.99 -10.51 -1.10
C ILE G 376 -44.78 -11.98 -1.36
N ARG G 377 -45.29 -12.82 -0.47
CA ARG G 377 -45.20 -14.27 -0.60
C ARG G 377 -46.59 -14.79 -0.92
N ILE G 378 -46.77 -15.32 -2.13
CA ILE G 378 -48.03 -15.93 -2.55
C ILE G 378 -47.84 -17.44 -2.51
N GLN G 379 -48.72 -18.12 -1.76
CA GLN G 379 -48.74 -19.56 -1.68
C GLN G 379 -49.99 -20.08 -2.38
N GLU G 380 -49.98 -21.37 -2.72
CA GLU G 380 -51.11 -21.96 -3.39
C GLU G 380 -52.36 -21.87 -2.52
N SER G 381 -53.51 -21.76 -3.16
CA SER G 381 -54.75 -21.69 -2.41
C SER G 381 -54.99 -23.03 -1.70
N PRO G 382 -55.41 -23.03 -0.42
CA PRO G 382 -55.67 -24.31 0.24
C PRO G 382 -56.73 -25.15 -0.44
N GLY G 383 -57.70 -24.52 -1.10
CA GLY G 383 -58.65 -25.29 -1.89
C GLY G 383 -58.00 -25.91 -3.12
N LYS G 384 -57.10 -25.18 -3.77
CA LYS G 384 -56.51 -25.65 -5.02
C LYS G 384 -55.51 -26.77 -4.78
N VAL G 385 -54.74 -26.70 -3.69
CA VAL G 385 -53.68 -27.68 -3.46
C VAL G 385 -54.28 -29.08 -3.31
N ALA G 386 -53.53 -30.08 -3.76
CA ALA G 386 -54.01 -31.46 -3.73
C ALA G 386 -53.96 -32.00 -2.30
N ALA G 387 -54.54 -33.19 -2.13
CA ALA G 387 -54.68 -33.76 -0.79
C ALA G 387 -53.34 -34.21 -0.23
N GLY G 388 -52.53 -34.89 -1.05
CA GLY G 388 -51.24 -35.38 -0.63
C GLY G 388 -50.08 -34.43 -0.80
N ARG G 389 -50.34 -33.18 -1.21
CA ARG G 389 -49.31 -32.20 -1.52
C ARG G 389 -49.24 -31.14 -0.42
N LEU G 390 -48.05 -30.64 -0.18
CA LEU G 390 -47.86 -29.46 0.64
C LEU G 390 -48.05 -28.22 -0.23
N PRO G 391 -48.47 -27.07 0.32
CA PRO G 391 -48.69 -25.90 -0.52
C PRO G 391 -47.38 -25.19 -0.84
N ARG G 392 -47.02 -25.19 -2.11
CA ARG G 392 -45.83 -24.47 -2.55
C ARG G 392 -46.12 -22.99 -2.68
N SER G 393 -45.07 -22.18 -2.60
CA SER G 393 -45.19 -20.74 -2.61
C SER G 393 -44.02 -20.12 -3.35
N LYS G 394 -44.25 -18.89 -3.82
CA LYS G 394 -43.24 -18.11 -4.51
C LYS G 394 -43.32 -16.69 -3.96
N ASP G 395 -42.34 -15.88 -4.34
CA ASP G 395 -42.24 -14.48 -3.92
C ASP G 395 -42.35 -13.57 -5.12
N ALA G 396 -43.21 -12.57 -5.00
CA ALA G 396 -43.52 -11.62 -6.06
C ALA G 396 -43.02 -10.24 -5.68
N ILE G 397 -42.57 -9.51 -6.71
CA ILE G 397 -42.06 -8.15 -6.58
C ILE G 397 -43.03 -7.21 -7.26
N LEU G 398 -43.59 -6.28 -6.50
CA LEU G 398 -44.54 -5.29 -6.98
C LEU G 398 -43.89 -3.92 -6.93
N LEU G 399 -43.98 -3.18 -8.04
CA LEU G 399 -43.29 -1.91 -8.22
C LEU G 399 -44.24 -0.81 -8.64
N ALA G 400 -43.91 0.42 -8.22
CA ALA G 400 -44.55 1.63 -8.71
C ALA G 400 -46.01 1.65 -8.29
N ASP G 401 -46.96 1.82 -9.23
CA ASP G 401 -48.38 1.83 -8.88
C ASP G 401 -48.94 0.44 -8.60
N LEU G 402 -48.14 -0.62 -8.72
CA LEU G 402 -48.58 -1.98 -8.47
C LEU G 402 -48.45 -2.38 -7.00
N VAL G 403 -48.24 -1.43 -6.09
CA VAL G 403 -47.96 -1.73 -4.69
C VAL G 403 -49.21 -1.48 -3.86
N ASP G 404 -49.25 -2.15 -2.70
CA ASP G 404 -50.41 -2.08 -1.77
C ASP G 404 -51.71 -2.48 -2.46
N SER G 405 -51.64 -3.33 -3.48
CA SER G 405 -52.81 -3.91 -4.13
C SER G 405 -53.19 -5.27 -3.52
N CYS G 406 -52.57 -5.65 -2.40
CA CYS G 406 -52.82 -6.93 -1.77
C CYS G 406 -52.77 -6.74 -0.26
N LYS G 407 -53.34 -7.70 0.45
CA LYS G 407 -53.37 -7.71 1.91
C LYS G 407 -53.04 -9.12 2.36
N PRO G 408 -52.54 -9.30 3.59
CA PRO G 408 -52.30 -10.67 4.08
C PRO G 408 -53.61 -11.45 4.16
N GLY G 409 -53.71 -12.47 3.33
CA GLY G 409 -54.88 -13.32 3.24
C GLY G 409 -55.72 -13.10 2.01
N ASP G 410 -55.54 -11.98 1.31
CA ASP G 410 -56.37 -11.70 0.15
C ASP G 410 -55.85 -12.48 -1.06
N GLU G 411 -56.68 -13.38 -1.58
CA GLU G 411 -56.35 -14.08 -2.81
C GLU G 411 -56.17 -13.09 -3.95
N ILE G 412 -55.13 -13.29 -4.76
CA ILE G 412 -54.82 -12.41 -5.87
C ILE G 412 -54.54 -13.22 -7.12
N GLU G 413 -54.54 -12.52 -8.25
CA GLU G 413 -54.16 -13.03 -9.55
C GLU G 413 -53.06 -12.12 -10.09
N LEU G 414 -51.93 -12.72 -10.41
CA LEU G 414 -50.69 -12.01 -10.74
C LEU G 414 -50.23 -12.42 -12.12
N THR G 415 -50.02 -11.43 -12.98
CA THR G 415 -49.28 -11.62 -14.23
C THR G 415 -47.92 -10.97 -14.06
N GLY G 416 -46.87 -11.73 -14.31
CA GLY G 416 -45.53 -11.23 -14.06
C GLY G 416 -44.46 -12.05 -14.75
N ILE G 417 -43.24 -11.51 -14.72
CA ILE G 417 -42.08 -12.14 -15.33
C ILE G 417 -41.45 -13.07 -14.30
N TYR G 418 -41.29 -14.34 -14.66
CA TYR G 418 -40.70 -15.31 -13.74
C TYR G 418 -39.20 -15.07 -13.72
N HIS G 419 -38.80 -14.05 -12.96
CA HIS G 419 -37.42 -13.60 -12.94
C HIS G 419 -36.53 -14.66 -12.29
N ASN G 420 -35.26 -14.67 -12.70
CA ASN G 420 -34.30 -15.68 -12.24
C ASN G 420 -33.02 -15.10 -11.70
N ASN G 421 -32.50 -14.04 -12.30
CA ASN G 421 -31.08 -13.68 -12.21
C ASN G 421 -30.91 -12.29 -11.63
N TYR G 422 -30.89 -12.21 -10.30
CA TYR G 422 -30.58 -10.97 -9.59
C TYR G 422 -29.35 -11.09 -8.72
N ASP G 423 -29.38 -11.93 -7.68
CA ASP G 423 -28.22 -12.19 -6.84
C ASP G 423 -28.17 -13.61 -6.29
N GLY G 424 -29.13 -14.47 -6.61
CA GLY G 424 -29.31 -15.73 -5.93
C GLY G 424 -28.89 -16.89 -6.78
N SER G 425 -27.69 -17.42 -6.50
CA SER G 425 -27.20 -18.62 -7.13
C SER G 425 -26.61 -19.60 -6.13
N LEU G 426 -26.53 -19.24 -4.85
CA LEU G 426 -25.81 -20.01 -3.84
C LEU G 426 -24.42 -20.39 -4.33
N ASN G 427 -23.73 -19.38 -4.88
CA ASN G 427 -22.31 -19.45 -5.20
C ASN G 427 -21.41 -19.49 -3.97
N THR G 428 -21.97 -19.35 -2.76
CA THR G 428 -21.20 -19.42 -1.53
C THR G 428 -20.64 -20.81 -1.23
N ALA G 429 -21.05 -21.84 -1.99
CA ALA G 429 -20.64 -23.23 -1.81
C ALA G 429 -21.20 -23.85 -0.54
N ASN G 430 -22.20 -23.22 0.08
CA ASN G 430 -22.88 -23.86 1.21
C ASN G 430 -23.54 -25.17 0.78
N GLY G 431 -24.09 -25.19 -0.43
CA GLY G 431 -24.74 -26.39 -0.95
C GLY G 431 -24.65 -26.44 -2.45
N PHE G 432 -25.70 -26.94 -3.08
CA PHE G 432 -25.74 -27.16 -4.51
C PHE G 432 -25.89 -25.82 -5.23
N PRO G 433 -25.64 -25.76 -6.53
CA PRO G 433 -25.85 -24.49 -7.25
C PRO G 433 -27.28 -24.31 -7.73
N VAL G 434 -28.15 -23.92 -6.80
CA VAL G 434 -29.56 -23.64 -7.08
C VAL G 434 -29.76 -22.13 -7.07
N PHE G 435 -30.86 -21.70 -7.68
CA PHE G 435 -31.18 -20.30 -7.87
C PHE G 435 -32.49 -19.97 -7.22
N ALA G 436 -32.51 -18.93 -6.39
CA ALA G 436 -33.73 -18.47 -5.74
C ALA G 436 -34.50 -17.60 -6.71
N THR G 437 -35.57 -18.15 -7.28
CA THR G 437 -36.35 -17.46 -8.30
C THR G 437 -37.40 -16.56 -7.66
N VAL G 438 -37.89 -15.62 -8.46
CA VAL G 438 -38.81 -14.59 -7.99
C VAL G 438 -39.60 -14.12 -9.20
N ILE G 439 -40.86 -13.75 -8.99
CA ILE G 439 -41.76 -13.36 -10.07
C ILE G 439 -41.91 -11.84 -10.05
N LEU G 440 -41.59 -11.19 -11.17
CA LEU G 440 -41.70 -9.74 -11.28
C LEU G 440 -43.12 -9.41 -11.72
N ALA G 441 -43.95 -9.01 -10.76
CA ALA G 441 -45.35 -8.77 -11.02
C ALA G 441 -45.57 -7.66 -12.02
N ASN G 442 -46.60 -7.82 -12.83
CA ASN G 442 -46.99 -6.86 -13.86
C ASN G 442 -48.41 -6.34 -13.70
N HIS G 443 -49.37 -7.22 -13.42
CA HIS G 443 -50.75 -6.79 -13.13
C HIS G 443 -51.30 -7.62 -12.00
N VAL G 444 -51.93 -6.95 -11.04
CA VAL G 444 -52.54 -7.56 -9.87
C VAL G 444 -54.05 -7.39 -9.98
N ALA G 445 -54.79 -8.46 -9.65
CA ALA G 445 -56.25 -8.42 -9.59
C ALA G 445 -56.68 -9.20 -8.36
N LYS G 446 -57.35 -8.54 -7.42
CA LYS G 446 -57.65 -9.18 -6.14
C LYS G 446 -58.78 -10.20 -6.21
N LYS G 447 -59.35 -10.46 -7.39
CA LYS G 447 -60.28 -11.57 -7.63
C LYS G 447 -61.48 -11.49 -6.70
N ASP G 448 -62.29 -10.46 -6.93
CA ASP G 448 -63.56 -10.28 -6.23
C ASP G 448 -64.45 -11.52 -6.30
N ASP G 458 -75.03 7.93 -1.48
CA ASP G 458 -75.86 8.79 -2.31
C ASP G 458 -77.16 8.05 -2.65
N GLU G 459 -77.13 7.16 -3.65
CA GLU G 459 -78.27 6.27 -3.84
C GLU G 459 -78.43 5.33 -2.65
N ASP G 460 -77.32 5.02 -1.97
CA ASP G 460 -77.39 4.23 -0.74
C ASP G 460 -78.21 4.94 0.32
N VAL G 461 -77.92 6.22 0.59
CA VAL G 461 -78.69 6.95 1.60
C VAL G 461 -80.12 7.12 1.14
N LYS G 462 -80.32 7.34 -0.16
CA LYS G 462 -81.67 7.47 -0.72
C LYS G 462 -82.50 6.22 -0.43
N MET G 463 -81.93 5.04 -0.67
CA MET G 463 -82.69 3.81 -0.50
C MET G 463 -82.90 3.48 0.97
N ILE G 464 -81.87 3.65 1.80
CA ILE G 464 -82.02 3.24 3.19
C ILE G 464 -82.86 4.22 3.99
N THR G 465 -83.01 5.47 3.54
CA THR G 465 -83.99 6.35 4.16
C THR G 465 -85.40 5.81 3.95
N SER G 466 -85.72 5.36 2.73
CA SER G 466 -87.02 4.75 2.49
C SER G 466 -87.19 3.48 3.31
N LEU G 467 -86.15 2.66 3.41
CA LEU G 467 -86.25 1.47 4.25
C LEU G 467 -86.48 1.83 5.71
N SER G 468 -85.83 2.89 6.20
CA SER G 468 -86.05 3.31 7.59
C SER G 468 -87.49 3.77 7.79
N LYS G 469 -88.07 4.41 6.78
CA LYS G 469 -89.48 4.80 6.86
C LYS G 469 -90.44 3.66 6.52
N ASP G 470 -89.94 2.49 6.12
CA ASP G 470 -90.77 1.36 5.71
C ASP G 470 -91.75 0.85 6.78
N GLN G 471 -91.71 1.35 8.02
CA GLN G 471 -92.68 1.12 9.08
C GLN G 471 -92.51 -0.22 9.80
N GLN G 472 -91.62 -1.12 9.34
CA GLN G 472 -91.36 -2.37 10.02
C GLN G 472 -89.87 -2.71 9.98
N ILE G 473 -89.01 -1.69 9.97
CA ILE G 473 -87.57 -1.93 9.88
C ILE G 473 -87.08 -2.70 11.09
N GLY G 474 -87.71 -2.53 12.25
CA GLY G 474 -87.35 -3.26 13.45
C GLY G 474 -87.39 -4.76 13.28
N GLU G 475 -88.60 -5.30 13.07
CA GLU G 475 -88.73 -6.73 12.85
C GLU G 475 -88.00 -7.18 11.60
N LYS G 476 -87.89 -6.30 10.59
CA LYS G 476 -87.18 -6.68 9.39
C LYS G 476 -85.71 -6.98 9.67
N ILE G 477 -85.02 -6.08 10.39
CA ILE G 477 -83.61 -6.35 10.69
C ILE G 477 -83.49 -7.49 11.69
N PHE G 478 -84.42 -7.60 12.65
CA PHE G 478 -84.38 -8.70 13.62
C PHE G 478 -84.42 -10.03 12.91
N ALA G 479 -85.30 -10.17 11.91
CA ALA G 479 -85.34 -11.40 11.13
C ALA G 479 -84.17 -11.49 10.16
N SER G 480 -83.58 -10.37 9.77
CA SER G 480 -82.46 -10.40 8.83
C SER G 480 -81.18 -10.92 9.49
N ILE G 481 -81.02 -10.69 10.80
CA ILE G 481 -79.82 -11.14 11.49
C ILE G 481 -79.71 -12.65 11.40
N ALA G 482 -78.68 -13.13 10.71
CA ALA G 482 -78.37 -14.55 10.61
C ALA G 482 -79.51 -15.32 9.97
N PRO G 483 -79.73 -15.18 8.64
CA PRO G 483 -80.77 -15.98 7.99
C PRO G 483 -80.45 -17.47 7.89
N SER G 484 -79.26 -17.91 8.30
CA SER G 484 -78.85 -19.30 8.23
C SER G 484 -79.17 -20.07 9.51
N ILE G 485 -80.09 -19.57 10.33
CA ILE G 485 -80.37 -20.15 11.65
C ILE G 485 -81.88 -20.16 11.86
N TYR G 486 -82.37 -21.18 12.55
CA TYR G 486 -83.78 -21.30 12.90
C TYR G 486 -83.97 -21.01 14.39
N GLY G 487 -85.04 -20.29 14.69
CA GLY G 487 -85.39 -20.02 16.08
C GLY G 487 -84.55 -18.92 16.70
N HIS G 488 -84.77 -18.76 18.01
CA HIS G 488 -83.94 -17.89 18.85
C HIS G 488 -84.13 -16.40 18.51
N GLU G 489 -85.39 -16.00 18.35
CA GLU G 489 -85.68 -14.59 18.06
C GLU G 489 -85.24 -13.68 19.20
N ASP G 490 -85.21 -14.19 20.43
CA ASP G 490 -84.67 -13.41 21.53
C ASP G 490 -83.21 -13.07 21.27
N ILE G 491 -82.44 -14.06 20.82
CA ILE G 491 -81.04 -13.80 20.46
C ILE G 491 -80.98 -12.82 19.31
N LYS G 492 -81.89 -12.94 18.36
CA LYS G 492 -81.88 -12.04 17.21
C LYS G 492 -82.05 -10.59 17.65
N ARG G 493 -83.03 -10.33 18.50
CA ARG G 493 -83.26 -8.98 18.97
C ARG G 493 -82.09 -8.47 19.81
N GLY G 494 -81.56 -9.31 20.70
CA GLY G 494 -80.40 -8.92 21.49
C GLY G 494 -79.20 -8.59 20.62
N LEU G 495 -79.02 -9.34 19.53
CA LEU G 495 -77.88 -9.11 18.64
C LEU G 495 -78.08 -7.88 17.76
N ALA G 496 -79.31 -7.56 17.38
CA ALA G 496 -79.55 -6.30 16.70
C ALA G 496 -79.16 -5.14 17.59
N LEU G 497 -79.64 -5.16 18.84
CA LEU G 497 -79.27 -4.12 19.78
C LEU G 497 -77.77 -4.09 20.02
N ALA G 498 -77.12 -5.25 20.01
CA ALA G 498 -75.68 -5.32 20.19
C ALA G 498 -74.95 -4.69 19.01
N LEU G 499 -75.35 -5.05 17.79
CA LEU G 499 -74.72 -4.51 16.59
C LEU G 499 -74.83 -3.00 16.55
N PHE G 500 -75.98 -2.46 16.92
CA PHE G 500 -76.14 -1.01 16.86
C PHE G 500 -75.42 -0.32 18.01
N GLY G 501 -75.47 -0.87 19.21
CA GLY G 501 -74.76 -0.29 20.32
C GLY G 501 -75.34 1.04 20.79
N GLY G 502 -75.00 1.43 22.01
CA GLY G 502 -75.60 2.61 22.59
C GLY G 502 -74.96 3.89 22.11
N GLU G 503 -74.75 4.81 23.04
CA GLU G 503 -74.06 6.07 22.79
C GLU G 503 -73.19 6.36 24.02
N PRO G 504 -71.87 6.51 23.90
CA PRO G 504 -71.06 6.77 25.09
C PRO G 504 -71.37 8.12 25.68
N LYS G 505 -71.20 8.23 27.00
CA LYS G 505 -71.40 9.49 27.68
C LYS G 505 -70.43 9.58 28.85
N ASN G 506 -70.08 10.80 29.20
CA ASN G 506 -69.09 11.05 30.22
C ASN G 506 -69.26 12.47 30.74
N PRO G 507 -70.04 12.68 31.84
CA PRO G 507 -70.06 14.00 32.50
C PRO G 507 -68.69 14.61 32.74
N GLY G 508 -68.42 15.74 32.12
CA GLY G 508 -67.06 16.25 32.10
C GLY G 508 -66.18 15.23 31.41
N GLY G 509 -65.13 14.80 32.11
CA GLY G 509 -64.30 13.70 31.66
C GLY G 509 -64.03 12.77 32.83
N LYS G 510 -65.06 12.50 33.63
CA LYS G 510 -64.88 11.91 34.94
C LYS G 510 -65.91 10.85 35.31
N HIS G 511 -66.91 10.59 34.47
CA HIS G 511 -67.94 9.58 34.76
C HIS G 511 -68.21 8.77 33.50
N LYS G 512 -67.14 8.24 32.90
CA LYS G 512 -67.25 7.38 31.73
C LYS G 512 -68.24 6.25 31.98
N VAL G 513 -69.30 6.23 31.18
CA VAL G 513 -70.21 5.10 31.10
C VAL G 513 -70.18 4.61 29.66
N ARG G 514 -69.90 3.33 29.49
CA ARG G 514 -69.74 2.75 28.18
C ARG G 514 -71.04 2.86 27.38
N GLY G 515 -70.89 2.79 26.06
CA GLY G 515 -72.01 2.82 25.14
C GLY G 515 -72.09 1.58 24.28
N ASP G 516 -71.74 0.44 24.87
CA ASP G 516 -71.65 -0.84 24.16
C ASP G 516 -72.59 -1.85 24.81
N ILE G 517 -73.42 -2.48 23.98
CA ILE G 517 -74.41 -3.45 24.43
C ILE G 517 -73.75 -4.82 24.40
N ASN G 518 -73.37 -5.33 25.57
CA ASN G 518 -72.70 -6.61 25.70
C ASN G 518 -73.73 -7.72 25.92
N VAL G 519 -73.66 -8.77 25.09
CA VAL G 519 -74.59 -9.88 25.14
C VAL G 519 -73.80 -11.16 25.37
N LEU G 520 -74.26 -11.99 26.30
CA LEU G 520 -73.63 -13.25 26.67
C LEU G 520 -74.58 -14.39 26.35
N LEU G 521 -74.14 -15.32 25.50
CA LEU G 521 -74.95 -16.45 25.04
C LEU G 521 -74.53 -17.70 25.80
N CYS G 522 -75.34 -18.10 26.78
CA CYS G 522 -75.04 -19.22 27.67
C CYS G 522 -76.02 -20.36 27.49
N GLY G 523 -75.52 -21.57 27.34
CA GLY G 523 -76.39 -22.72 27.19
C GLY G 523 -75.62 -23.95 26.79
N ASP G 524 -76.34 -25.07 26.80
CA ASP G 524 -75.73 -26.36 26.52
C ASP G 524 -75.40 -26.49 25.03
N PRO G 525 -74.50 -27.39 24.66
CA PRO G 525 -74.12 -27.51 23.25
C PRO G 525 -75.27 -27.97 22.38
N GLY G 526 -75.16 -27.63 21.10
CA GLY G 526 -76.19 -27.92 20.12
C GLY G 526 -77.21 -26.81 20.03
N THR G 527 -76.74 -25.57 20.03
CA THR G 527 -77.62 -24.40 19.99
C THR G 527 -77.06 -23.27 19.12
N ALA G 528 -76.06 -23.53 18.28
CA ALA G 528 -75.60 -22.60 17.25
C ALA G 528 -75.07 -21.28 17.82
N LYS G 529 -74.51 -21.30 19.03
CA LYS G 529 -73.85 -20.10 19.54
C LYS G 529 -72.66 -19.75 18.66
N SER G 530 -71.87 -20.76 18.28
CA SER G 530 -70.71 -20.52 17.44
C SER G 530 -71.14 -20.01 16.07
N GLN G 531 -72.21 -20.57 15.51
CA GLN G 531 -72.69 -20.09 14.21
C GLN G 531 -73.17 -18.65 14.31
N PHE G 532 -73.82 -18.29 15.41
CA PHE G 532 -74.22 -16.90 15.62
C PHE G 532 -73.01 -15.98 15.62
N LEU G 533 -71.96 -16.36 16.35
CA LEU G 533 -70.81 -15.47 16.44
C LEU G 533 -70.03 -15.44 15.14
N LYS G 534 -70.05 -16.53 14.36
CA LYS G 534 -69.47 -16.48 13.02
C LYS G 534 -70.25 -15.51 12.14
N TYR G 535 -71.58 -15.50 12.23
CA TYR G 535 -72.35 -14.53 11.48
C TYR G 535 -72.01 -13.10 11.90
N ILE G 536 -71.86 -12.87 13.21
CA ILE G 536 -71.57 -11.52 13.67
C ILE G 536 -70.20 -11.07 13.16
N GLU G 537 -69.23 -11.98 13.14
CA GLU G 537 -67.94 -11.69 12.53
C GLU G 537 -68.11 -11.31 11.07
N LYS G 538 -68.98 -12.04 10.35
CA LYS G 538 -69.22 -11.73 8.95
C LYS G 538 -69.82 -10.34 8.78
N VAL G 539 -70.83 -10.01 9.58
CA VAL G 539 -71.67 -8.85 9.27
C VAL G 539 -71.06 -7.56 9.82
N SER G 540 -70.44 -7.59 11.00
CA SER G 540 -69.92 -6.37 11.59
C SER G 540 -68.56 -6.02 11.00
N SER G 541 -68.37 -4.76 10.67
CA SER G 541 -67.02 -4.25 10.40
C SER G 541 -66.29 -4.06 11.71
N ARG G 542 -64.96 -4.18 11.65
CA ARG G 542 -64.13 -4.18 12.86
C ARG G 542 -64.59 -5.30 13.79
N ALA G 543 -64.82 -6.47 13.22
CA ALA G 543 -65.30 -7.64 13.95
C ALA G 543 -64.20 -8.68 13.95
N ILE G 544 -63.65 -8.97 15.13
CA ILE G 544 -62.60 -9.97 15.28
C ILE G 544 -63.14 -11.11 16.12
N PHE G 545 -62.55 -12.30 15.92
CA PHE G 545 -63.06 -13.56 16.42
C PHE G 545 -61.96 -14.28 17.19
N THR G 546 -62.29 -14.76 18.39
CA THR G 546 -61.30 -15.34 19.27
C THR G 546 -61.93 -16.38 20.17
N THR G 547 -61.07 -17.18 20.82
CA THR G 547 -61.49 -18.30 21.65
C THR G 547 -60.65 -18.30 22.92
N GLY G 548 -61.26 -18.79 24.00
CA GLY G 548 -60.60 -18.80 25.30
C GLY G 548 -59.52 -19.84 25.43
N GLN G 549 -59.56 -20.90 24.63
CA GLN G 549 -58.53 -21.94 24.67
C GLN G 549 -57.16 -21.36 24.34
N GLY G 550 -57.05 -20.68 23.20
CA GLY G 550 -55.79 -20.22 22.65
C GLY G 550 -55.54 -20.74 21.25
N ALA G 551 -56.56 -21.34 20.62
CA ALA G 551 -56.39 -21.86 19.27
C ALA G 551 -56.41 -20.76 18.22
N SER G 552 -57.16 -19.69 18.45
CA SER G 552 -57.28 -18.61 17.48
C SER G 552 -55.94 -17.91 17.29
N ALA G 553 -55.76 -17.34 16.09
CA ALA G 553 -54.52 -16.64 15.78
C ALA G 553 -54.33 -15.37 16.60
N VAL G 554 -55.40 -14.85 17.22
CA VAL G 554 -55.34 -13.62 18.01
C VAL G 554 -55.63 -13.98 19.46
N GLY G 555 -54.72 -13.57 20.36
CA GLY G 555 -54.91 -13.78 21.78
C GLY G 555 -55.66 -12.63 22.40
N LEU G 556 -55.89 -12.75 23.71
CA LEU G 556 -56.65 -11.77 24.48
C LEU G 556 -55.77 -10.86 25.33
N THR G 557 -54.54 -11.27 25.63
CA THR G 557 -53.62 -10.49 26.42
C THR G 557 -52.54 -9.95 25.50
N ALA G 558 -52.39 -8.63 25.46
CA ALA G 558 -51.39 -8.01 24.61
C ALA G 558 -49.99 -8.37 25.10
N TYR G 559 -49.08 -8.57 24.15
CA TYR G 559 -47.70 -8.90 24.48
C TYR G 559 -46.79 -8.24 23.46
N VAL G 560 -45.48 -8.27 23.76
CA VAL G 560 -44.45 -7.73 22.88
C VAL G 560 -43.47 -8.85 22.56
N GLN G 561 -43.23 -9.08 21.28
CA GLN G 561 -42.35 -10.15 20.88
C GLN G 561 -41.99 -9.98 19.41
N ARG G 562 -40.92 -10.66 19.01
CA ARG G 562 -40.48 -10.60 17.62
C ARG G 562 -41.41 -11.47 16.78
N HIS G 563 -42.12 -10.85 15.85
CA HIS G 563 -43.08 -11.60 15.06
C HIS G 563 -42.35 -12.64 14.23
N PRO G 564 -42.92 -13.85 14.05
CA PRO G 564 -42.19 -14.84 13.25
C PRO G 564 -42.02 -14.45 11.79
N VAL G 565 -43.11 -14.07 11.12
CA VAL G 565 -43.03 -13.82 9.68
C VAL G 565 -42.20 -12.57 9.39
N SER G 566 -42.65 -11.43 9.90
CA SER G 566 -41.95 -10.18 9.61
C SER G 566 -40.61 -10.09 10.31
N ARG G 567 -40.37 -10.89 11.35
CA ARG G 567 -39.09 -10.88 12.08
C ARG G 567 -38.81 -9.52 12.71
N GLU G 568 -39.87 -8.79 13.06
CA GLU G 568 -39.77 -7.45 13.63
C GLU G 568 -40.37 -7.42 15.02
N TRP G 569 -39.80 -6.56 15.87
CA TRP G 569 -40.12 -6.56 17.29
C TRP G 569 -41.51 -5.99 17.53
N THR G 570 -42.53 -6.74 17.15
CA THR G 570 -43.89 -6.22 17.18
C THR G 570 -44.42 -6.15 18.62
N LEU G 571 -45.35 -5.22 18.84
CA LEU G 571 -46.18 -5.18 20.04
C LEU G 571 -47.53 -5.73 19.60
N GLU G 572 -47.69 -7.05 19.70
CA GLU G 572 -48.93 -7.68 19.31
C GLU G 572 -49.99 -7.32 20.33
N ALA G 573 -50.81 -6.33 19.99
CA ALA G 573 -51.92 -5.95 20.85
C ALA G 573 -52.98 -7.04 20.83
N GLY G 574 -53.73 -7.13 21.92
CA GLY G 574 -54.68 -8.20 22.09
C GLY G 574 -55.83 -8.11 21.10
N ALA G 575 -56.65 -9.16 21.12
CA ALA G 575 -57.90 -9.15 20.38
C ALA G 575 -58.78 -7.99 20.81
N LEU G 576 -58.76 -7.68 22.10
CA LEU G 576 -59.56 -6.58 22.62
C LEU G 576 -59.13 -5.25 22.01
N VAL G 577 -57.83 -5.01 21.91
CA VAL G 577 -57.34 -3.78 21.30
C VAL G 577 -57.63 -3.78 19.81
N LEU G 578 -57.44 -4.92 19.14
CA LEU G 578 -57.75 -4.98 17.71
C LEU G 578 -59.23 -4.77 17.42
N ALA G 579 -60.10 -4.96 18.41
CA ALA G 579 -61.52 -4.69 18.29
C ALA G 579 -61.87 -3.26 18.66
N ASP G 580 -60.95 -2.31 18.43
CA ASP G 580 -60.91 -1.02 19.12
C ASP G 580 -62.24 -0.27 19.08
N ARG G 581 -62.93 -0.29 17.95
CA ARG G 581 -64.22 0.39 17.79
C ARG G 581 -65.15 -0.51 17.00
N GLY G 582 -65.19 -1.77 17.39
CA GLY G 582 -66.13 -2.73 16.82
C GLY G 582 -66.48 -3.80 17.81
N VAL G 583 -66.52 -5.04 17.35
CA VAL G 583 -67.00 -6.18 18.15
C VAL G 583 -65.89 -7.21 18.28
N CYS G 584 -65.65 -7.67 19.50
CA CYS G 584 -64.80 -8.82 19.77
C CYS G 584 -65.70 -9.99 20.13
N LEU G 585 -65.49 -11.13 19.49
CA LEU G 585 -66.38 -12.28 19.58
C LEU G 585 -65.63 -13.44 20.22
N ILE G 586 -65.80 -13.57 21.53
CA ILE G 586 -65.20 -14.66 22.28
C ILE G 586 -66.08 -15.89 22.14
N ASP G 587 -65.45 -17.05 22.03
CA ASP G 587 -66.14 -18.33 22.09
C ASP G 587 -65.56 -19.17 23.20
N GLU G 588 -66.40 -19.96 23.84
CA GLU G 588 -66.03 -20.74 25.02
C GLU G 588 -65.45 -19.83 26.10
N PHE G 589 -66.25 -18.83 26.47
CA PHE G 589 -65.83 -17.86 27.46
C PHE G 589 -65.52 -18.49 28.80
N ASP G 590 -66.26 -19.55 29.18
CA ASP G 590 -66.05 -20.14 30.49
C ASP G 590 -64.74 -20.89 30.60
N LYS G 591 -64.11 -21.25 29.47
CA LYS G 591 -62.87 -22.01 29.46
C LYS G 591 -61.64 -21.14 29.30
N MET G 592 -61.78 -19.83 29.44
CA MET G 592 -60.62 -18.95 29.37
C MET G 592 -59.70 -19.20 30.55
N ASN G 593 -58.44 -18.82 30.38
CA ASN G 593 -57.41 -19.09 31.37
C ASN G 593 -57.36 -17.95 32.38
N ASP G 594 -56.37 -17.99 33.28
CA ASP G 594 -56.28 -16.96 34.33
C ASP G 594 -55.97 -15.59 33.74
N GLN G 595 -54.93 -15.51 32.92
CA GLN G 595 -54.56 -14.22 32.36
C GLN G 595 -55.61 -13.74 31.38
N ASP G 596 -56.27 -14.66 30.68
CA ASP G 596 -57.38 -14.25 29.81
C ASP G 596 -58.53 -13.67 30.64
N ARG G 597 -58.82 -14.26 31.79
CA ARG G 597 -59.84 -13.73 32.67
C ARG G 597 -59.47 -12.31 33.12
N THR G 598 -58.23 -12.11 33.56
CA THR G 598 -57.84 -10.78 34.01
C THR G 598 -57.88 -9.77 32.87
N SER G 599 -57.44 -10.18 31.69
CA SER G 599 -57.41 -9.27 30.54
C SER G 599 -58.82 -8.86 30.13
N ILE G 600 -59.73 -9.83 30.04
CA ILE G 600 -61.08 -9.47 29.62
C ILE G 600 -61.76 -8.67 30.72
N HIS G 601 -61.44 -8.92 31.99
CA HIS G 601 -61.96 -8.08 33.06
C HIS G 601 -61.54 -6.63 32.87
N GLU G 602 -60.26 -6.41 32.59
CA GLU G 602 -59.77 -5.04 32.39
C GLU G 602 -60.43 -4.39 31.18
N ALA G 603 -60.49 -5.13 30.07
CA ALA G 603 -61.03 -4.55 28.85
C ALA G 603 -62.51 -4.27 28.96
N MET G 604 -63.24 -5.06 29.74
CA MET G 604 -64.64 -4.76 29.99
C MET G 604 -64.79 -3.54 30.88
N GLU G 605 -64.00 -3.46 31.95
CA GLU G 605 -64.21 -2.42 32.94
C GLU G 605 -63.77 -1.07 32.40
N GLN G 606 -62.49 -0.92 32.06
CA GLN G 606 -61.93 0.37 31.69
C GLN G 606 -61.80 0.60 30.21
N GLN G 607 -61.89 -0.44 29.38
CA GLN G 607 -61.60 -0.34 27.95
C GLN G 607 -60.19 0.23 27.71
N SER G 608 -59.26 -0.13 28.59
CA SER G 608 -57.90 0.41 28.55
C SER G 608 -56.94 -0.69 29.03
N ILE G 609 -56.37 -1.41 28.08
CA ILE G 609 -55.44 -2.48 28.38
C ILE G 609 -54.07 -1.88 28.64
N SER G 610 -53.47 -2.25 29.77
CA SER G 610 -52.22 -1.67 30.24
C SER G 610 -51.11 -2.72 30.17
N ILE G 611 -50.16 -2.51 29.27
CA ILE G 611 -48.98 -3.36 29.16
C ILE G 611 -47.89 -2.77 30.02
N SER G 612 -47.11 -3.63 30.68
CA SER G 612 -45.97 -3.19 31.49
C SER G 612 -44.79 -4.16 31.38
N LYS G 613 -44.67 -4.89 30.28
CA LYS G 613 -43.83 -6.08 30.31
C LYS G 613 -42.33 -5.81 30.09
N ALA G 614 -41.94 -5.40 28.88
CA ALA G 614 -40.52 -5.49 28.51
C ALA G 614 -39.78 -4.20 28.83
N GLY G 615 -40.12 -3.13 28.14
CA GLY G 615 -39.79 -1.79 28.54
C GLY G 615 -40.93 -0.83 28.26
N ILE G 616 -42.09 -1.37 27.90
CA ILE G 616 -43.23 -0.60 27.43
C ILE G 616 -44.13 -0.36 28.62
N VAL G 617 -44.54 0.89 28.82
CA VAL G 617 -45.46 1.27 29.90
C VAL G 617 -46.51 2.17 29.27
N THR G 618 -47.66 1.61 28.95
CA THR G 618 -48.73 2.33 28.31
C THR G 618 -50.06 1.77 28.81
N SER G 619 -51.12 2.54 28.62
CA SER G 619 -52.47 2.16 29.03
C SER G 619 -53.42 2.35 27.87
N LEU G 620 -53.02 1.84 26.70
CA LEU G 620 -53.75 2.09 25.47
C LEU G 620 -55.16 1.51 25.56
N GLN G 621 -55.99 1.86 24.57
CA GLN G 621 -57.44 1.85 24.70
C GLN G 621 -58.08 0.78 23.82
N ALA G 622 -59.16 0.18 24.34
CA ALA G 622 -59.88 -0.90 23.65
C ALA G 622 -61.38 -0.75 23.93
N ARG G 623 -62.06 0.02 23.08
CA ARG G 623 -63.49 0.30 23.24
C ARG G 623 -64.30 -0.63 22.34
N CYS G 624 -64.28 -1.90 22.67
CA CYS G 624 -64.95 -2.94 21.90
C CYS G 624 -66.20 -3.42 22.62
N THR G 625 -67.18 -3.85 21.82
CA THR G 625 -68.37 -4.53 22.32
C THR G 625 -68.08 -6.02 22.36
N VAL G 626 -68.30 -6.64 23.52
CA VAL G 626 -68.02 -8.05 23.71
C VAL G 626 -69.28 -8.85 23.42
N ILE G 627 -69.13 -9.91 22.63
CA ILE G 627 -70.22 -10.81 22.29
C ILE G 627 -69.68 -12.21 22.59
N ALA G 628 -70.06 -12.77 23.72
CA ALA G 628 -69.43 -13.97 24.25
C ALA G 628 -70.25 -15.21 23.94
N ALA G 629 -69.72 -16.36 24.32
CA ALA G 629 -70.44 -17.63 24.30
C ALA G 629 -69.88 -18.47 25.43
N ALA G 630 -70.72 -19.32 26.00
CA ALA G 630 -70.29 -20.11 27.16
C ALA G 630 -71.16 -21.34 27.27
N ASN G 631 -70.67 -22.30 28.06
CA ASN G 631 -71.37 -23.53 28.38
C ASN G 631 -71.53 -23.65 29.90
N PRO G 632 -72.64 -24.20 30.42
CA PRO G 632 -72.74 -24.33 31.88
C PRO G 632 -71.82 -25.42 32.41
N ILE G 633 -71.86 -25.64 33.73
CA ILE G 633 -71.14 -26.77 34.30
C ILE G 633 -71.87 -28.04 33.90
N GLY G 634 -71.17 -28.92 33.20
CA GLY G 634 -71.65 -30.25 32.92
C GLY G 634 -72.29 -30.42 31.55
N GLY G 635 -72.71 -29.34 30.92
CA GLY G 635 -73.25 -29.41 29.58
C GLY G 635 -74.74 -29.58 29.47
N ARG G 636 -75.48 -29.42 30.57
CA ARG G 636 -76.93 -29.27 30.54
C ARG G 636 -77.27 -28.11 31.46
N TYR G 637 -78.08 -27.17 30.97
CA TYR G 637 -78.42 -26.02 31.78
C TYR G 637 -79.28 -26.44 32.97
N ASP G 638 -79.11 -25.72 34.08
CA ASP G 638 -79.74 -26.04 35.36
C ASP G 638 -80.70 -24.92 35.72
N PRO G 639 -81.99 -25.01 35.34
CA PRO G 639 -82.94 -23.99 35.80
C PRO G 639 -83.11 -23.97 37.30
N SER G 640 -82.87 -25.09 37.98
CA SER G 640 -83.03 -25.14 39.43
C SER G 640 -82.10 -24.17 40.13
N LEU G 641 -80.93 -23.90 39.54
CA LEU G 641 -79.93 -23.00 40.10
C LEU G 641 -79.85 -21.73 39.26
N THR G 642 -79.33 -20.68 39.89
CA THR G 642 -79.25 -19.38 39.23
C THR G 642 -78.16 -19.38 38.15
N PHE G 643 -78.19 -18.34 37.31
CA PHE G 643 -77.24 -18.22 36.21
C PHE G 643 -75.80 -18.17 36.72
N SER G 644 -75.58 -17.51 37.87
CA SER G 644 -74.24 -17.24 38.34
C SER G 644 -73.48 -18.51 38.65
N GLU G 645 -74.20 -19.52 39.14
CA GLU G 645 -73.61 -20.84 39.35
C GLU G 645 -73.96 -21.82 38.25
N ASN G 646 -74.80 -21.43 37.28
CA ASN G 646 -74.94 -22.25 36.09
C ASN G 646 -73.73 -22.11 35.18
N VAL G 647 -73.20 -20.90 35.04
CA VAL G 647 -72.30 -20.61 33.92
C VAL G 647 -70.82 -20.87 34.23
N ASP G 648 -70.40 -20.72 35.49
CA ASP G 648 -68.99 -20.82 35.88
C ASP G 648 -68.16 -19.67 35.29
N LEU G 649 -68.62 -18.43 35.53
CA LEU G 649 -67.78 -17.26 35.38
C LEU G 649 -67.94 -16.40 36.62
N THR G 650 -66.89 -15.65 36.96
CA THR G 650 -66.93 -14.84 38.16
C THR G 650 -67.96 -13.73 38.03
N GLU G 651 -68.66 -13.47 39.12
CA GLU G 651 -69.71 -12.44 39.11
C GLU G 651 -69.19 -11.07 38.69
N PRO G 652 -67.99 -10.64 39.07
CA PRO G 652 -67.47 -9.39 38.48
C PRO G 652 -67.39 -9.43 36.96
N ILE G 653 -67.08 -10.58 36.36
CA ILE G 653 -67.09 -10.65 34.90
C ILE G 653 -68.52 -10.59 34.37
N ILE G 654 -69.44 -11.32 35.02
CA ILE G 654 -70.82 -11.35 34.53
C ILE G 654 -71.46 -9.98 34.66
N SER G 655 -71.11 -9.24 35.72
CA SER G 655 -71.73 -7.96 36.03
C SER G 655 -71.58 -6.95 34.90
N ARG G 656 -70.53 -7.09 34.09
CA ARG G 656 -70.26 -6.17 32.99
C ARG G 656 -70.95 -6.59 31.71
N PHE G 657 -72.06 -7.32 31.80
CA PHE G 657 -72.85 -7.70 30.65
C PHE G 657 -74.25 -7.12 30.77
N ASP G 658 -74.90 -6.97 29.64
CA ASP G 658 -76.19 -6.31 29.54
C ASP G 658 -77.30 -7.29 29.21
N ILE G 659 -77.19 -8.05 28.12
CA ILE G 659 -78.15 -9.08 27.75
C ILE G 659 -77.53 -10.42 28.10
N LEU G 660 -78.29 -11.28 28.76
CA LEU G 660 -77.84 -12.62 29.15
C LEU G 660 -78.79 -13.64 28.52
N CYS G 661 -78.50 -14.01 27.27
CA CYS G 661 -79.34 -14.95 26.53
C CYS G 661 -79.07 -16.36 27.03
N VAL G 662 -79.97 -16.86 27.88
CA VAL G 662 -79.92 -18.23 28.37
C VAL G 662 -80.65 -19.11 27.35
N VAL G 663 -79.89 -19.89 26.59
CA VAL G 663 -80.43 -20.73 25.53
C VAL G 663 -80.56 -22.14 26.10
N ARG G 664 -81.73 -22.41 26.69
CA ARG G 664 -82.03 -23.75 27.14
C ARG G 664 -82.25 -24.65 25.93
N ASP G 665 -82.38 -25.95 26.20
CA ASP G 665 -82.61 -26.95 25.15
C ASP G 665 -83.54 -28.01 25.71
N THR G 666 -84.77 -28.05 25.20
CA THR G 666 -85.80 -28.98 25.64
C THR G 666 -86.38 -29.70 24.44
N VAL G 667 -86.85 -30.92 24.68
CA VAL G 667 -87.42 -31.75 23.62
C VAL G 667 -88.82 -31.24 23.32
N ASP G 668 -89.00 -30.64 22.14
CA ASP G 668 -90.26 -30.08 21.69
C ASP G 668 -90.51 -30.63 20.29
N PRO G 669 -91.69 -31.24 20.02
CA PRO G 669 -91.91 -31.82 18.66
C PRO G 669 -91.75 -30.82 17.52
N VAL G 670 -92.46 -29.70 17.56
CA VAL G 670 -92.45 -28.79 16.41
C VAL G 670 -91.07 -28.16 16.24
N GLN G 671 -90.44 -27.75 17.34
CA GLN G 671 -89.13 -27.12 17.24
C GLN G 671 -88.10 -28.10 16.69
N ASP G 672 -88.10 -29.34 17.20
CA ASP G 672 -87.15 -30.32 16.70
C ASP G 672 -87.38 -30.63 15.24
N GLU G 673 -88.64 -30.79 14.83
CA GLU G 673 -88.93 -31.08 13.42
C GLU G 673 -88.49 -29.95 12.52
N MET G 674 -88.77 -28.70 12.91
CA MET G 674 -88.40 -27.58 12.06
C MET G 674 -86.88 -27.39 12.03
N LEU G 675 -86.19 -27.61 13.16
CA LEU G 675 -84.74 -27.52 13.18
C LEU G 675 -84.13 -28.56 12.27
N ALA G 676 -84.62 -29.80 12.34
CA ALA G 676 -84.07 -30.86 11.51
C ALA G 676 -84.35 -30.60 10.04
N ARG G 677 -85.57 -30.13 9.72
CA ARG G 677 -85.90 -29.79 8.35
C ARG G 677 -85.00 -28.68 7.85
N PHE G 678 -84.64 -27.73 8.72
CA PHE G 678 -83.78 -26.64 8.29
C PHE G 678 -82.36 -27.11 8.04
N VAL G 679 -81.84 -28.00 8.89
CA VAL G 679 -80.49 -28.50 8.69
C VAL G 679 -80.41 -29.31 7.40
N VAL G 680 -81.37 -30.22 7.19
CA VAL G 680 -81.34 -30.97 5.94
C VAL G 680 -81.64 -30.05 4.75
N GLY G 681 -82.34 -28.94 4.98
CA GLY G 681 -82.48 -27.95 3.94
C GLY G 681 -81.15 -27.35 3.53
N SER G 682 -80.33 -27.01 4.52
CA SER G 682 -78.98 -26.54 4.25
C SER G 682 -78.20 -27.60 3.46
N HIS G 683 -78.34 -28.86 3.85
CA HIS G 683 -77.60 -29.93 3.18
C HIS G 683 -78.02 -30.08 1.72
N VAL G 684 -79.33 -30.15 1.46
CA VAL G 684 -79.78 -30.32 0.08
C VAL G 684 -79.39 -29.11 -0.76
N ARG G 685 -79.51 -27.92 -0.19
CA ARG G 685 -79.17 -26.72 -0.96
C ARG G 685 -77.66 -26.55 -1.12
N HIS G 686 -76.85 -27.25 -0.31
CA HIS G 686 -75.39 -27.18 -0.39
C HIS G 686 -74.77 -28.54 -0.67
N HIS G 687 -75.46 -29.38 -1.44
CA HIS G 687 -74.93 -30.67 -1.91
C HIS G 687 -73.52 -30.57 -2.51
N PRO G 714 -87.85 -8.68 4.96
CA PRO G 714 -86.43 -8.84 5.27
C PRO G 714 -85.54 -7.88 4.49
N LEU G 715 -84.23 -7.98 4.70
CA LEU G 715 -83.22 -7.21 3.99
C LEU G 715 -82.16 -8.17 3.47
N PRO G 716 -81.45 -7.83 2.39
CA PRO G 716 -80.24 -8.57 2.05
C PRO G 716 -79.07 -8.09 2.91
N GLN G 717 -78.01 -8.90 2.90
CA GLN G 717 -76.89 -8.68 3.81
C GLN G 717 -76.20 -7.35 3.54
N GLU G 718 -75.99 -7.03 2.27
CA GLU G 718 -75.30 -5.78 1.92
C GLU G 718 -76.11 -4.57 2.37
N VAL G 719 -77.43 -4.63 2.16
CA VAL G 719 -78.29 -3.53 2.59
C VAL G 719 -78.26 -3.39 4.10
N LEU G 720 -78.29 -4.52 4.83
CA LEU G 720 -78.23 -4.44 6.27
C LEU G 720 -76.92 -3.82 6.74
N LYS G 721 -75.81 -4.20 6.10
CA LYS G 721 -74.52 -3.63 6.46
C LYS G 721 -74.50 -2.13 6.22
N LYS G 722 -75.03 -1.69 5.07
CA LYS G 722 -75.04 -0.27 4.77
C LYS G 722 -75.93 0.49 5.74
N TYR G 723 -77.09 -0.08 6.09
CA TYR G 723 -77.97 0.56 7.05
C TYR G 723 -77.30 0.69 8.41
N ILE G 724 -76.60 -0.35 8.84
CA ILE G 724 -75.87 -0.31 10.11
C ILE G 724 -74.81 0.77 10.07
N ILE G 725 -74.06 0.85 8.97
CA ILE G 725 -72.97 1.81 8.86
C ILE G 725 -73.51 3.23 8.90
N TYR G 726 -74.56 3.50 8.12
CA TYR G 726 -75.14 4.83 8.04
C TYR G 726 -75.74 5.25 9.38
N ALA G 727 -76.39 4.31 10.07
CA ALA G 727 -76.92 4.63 11.38
C ALA G 727 -75.82 4.92 12.37
N LYS G 728 -74.76 4.10 12.36
CA LYS G 728 -73.68 4.26 13.33
C LYS G 728 -72.91 5.55 13.09
N GLU G 729 -72.83 6.01 11.85
CA GLU G 729 -72.02 7.19 11.54
C GLU G 729 -72.56 8.45 12.21
N ARG G 730 -73.85 8.74 12.03
CA ARG G 730 -74.41 10.06 12.29
C ARG G 730 -75.49 10.08 13.36
N VAL G 731 -76.34 9.07 13.44
CA VAL G 731 -77.47 9.11 14.36
C VAL G 731 -76.95 9.04 15.79
N HIS G 732 -77.27 10.07 16.57
CA HIS G 732 -76.86 10.18 17.98
C HIS G 732 -78.11 10.48 18.79
N PRO G 733 -78.96 9.49 19.05
CA PRO G 733 -80.24 9.77 19.73
C PRO G 733 -80.03 10.34 21.12
N LYS G 734 -81.08 11.01 21.59
CA LYS G 734 -81.07 11.67 22.90
C LYS G 734 -82.36 11.33 23.62
N LEU G 735 -82.29 11.33 24.94
CA LEU G 735 -83.31 10.75 25.80
C LEU G 735 -84.05 11.80 26.63
N ASN G 736 -84.24 13.00 26.06
CA ASN G 736 -85.07 13.99 26.74
C ASN G 736 -86.50 13.50 26.87
N GLN G 737 -87.06 12.94 25.79
CA GLN G 737 -88.44 12.48 25.76
C GLN G 737 -88.48 10.99 26.11
N MET G 738 -88.42 10.72 27.41
CA MET G 738 -88.53 9.37 27.94
C MET G 738 -89.19 9.46 29.30
N ASP G 739 -90.06 8.50 29.60
CA ASP G 739 -90.91 8.59 30.78
C ASP G 739 -90.06 8.30 32.02
N GLN G 740 -89.36 9.36 32.44
CA GLN G 740 -88.39 9.31 33.52
C GLN G 740 -89.01 9.00 34.87
N ASP G 741 -90.33 9.12 35.01
CA ASP G 741 -91.03 8.74 36.24
C ASP G 741 -91.61 7.35 36.18
N LYS G 742 -92.13 6.93 35.01
CA LYS G 742 -92.57 5.55 34.86
C LYS G 742 -91.42 4.59 35.09
N VAL G 743 -90.24 4.90 34.55
CA VAL G 743 -89.11 3.99 34.74
C VAL G 743 -88.72 3.92 36.21
N ALA G 744 -88.74 5.05 36.91
CA ALA G 744 -88.38 5.04 38.33
C ALA G 744 -89.37 4.21 39.14
N LYS G 745 -90.67 4.39 38.88
CA LYS G 745 -91.68 3.60 39.57
C LYS G 745 -91.49 2.12 39.25
N MET G 746 -91.23 1.80 37.99
CA MET G 746 -91.06 0.42 37.59
C MET G 746 -89.84 -0.19 38.28
N TYR G 747 -88.78 0.59 38.47
CA TYR G 747 -87.61 0.04 39.15
C TYR G 747 -87.88 -0.12 40.64
N SER G 748 -88.71 0.73 41.22
CA SER G 748 -89.15 0.46 42.59
C SER G 748 -89.92 -0.85 42.65
N ASP G 749 -90.77 -1.10 41.67
CA ASP G 749 -91.51 -2.36 41.62
C ASP G 749 -90.56 -3.54 41.47
N LEU G 750 -89.57 -3.41 40.58
CA LEU G 750 -88.62 -4.49 40.37
C LEU G 750 -87.79 -4.75 41.61
N ARG G 751 -87.38 -3.69 42.32
CA ARG G 751 -86.62 -3.91 43.54
C ARG G 751 -87.48 -4.52 44.63
N LYS G 752 -88.78 -4.21 44.67
CA LYS G 752 -89.67 -4.93 45.57
C LYS G 752 -89.66 -6.42 45.26
N GLU G 753 -89.89 -6.77 44.00
CA GLU G 753 -89.94 -8.17 43.62
C GLU G 753 -88.59 -8.86 43.79
N SER G 754 -87.49 -8.10 43.76
CA SER G 754 -86.16 -8.69 43.91
C SER G 754 -85.79 -8.88 45.37
N MET G 755 -86.12 -7.92 46.23
CA MET G 755 -85.94 -8.13 47.66
C MET G 755 -86.91 -9.17 48.21
N ALA G 756 -87.97 -9.49 47.47
CA ALA G 756 -88.88 -10.57 47.88
C ALA G 756 -88.14 -11.89 48.10
N THR G 757 -87.06 -12.13 47.36
CA THR G 757 -86.13 -13.22 47.60
C THR G 757 -84.74 -12.64 47.85
N GLY G 758 -83.80 -13.54 48.17
CA GLY G 758 -82.40 -13.20 48.27
C GLY G 758 -81.61 -13.38 46.99
N SER G 759 -82.29 -13.59 45.87
CA SER G 759 -81.64 -14.00 44.62
C SER G 759 -80.97 -12.80 43.97
N ILE G 760 -80.51 -12.98 42.73
CA ILE G 760 -79.80 -11.95 41.97
C ILE G 760 -80.73 -10.73 41.81
N PRO G 761 -80.45 -9.57 42.46
CA PRO G 761 -81.43 -8.47 42.44
C PRO G 761 -81.25 -7.52 41.28
N ILE G 762 -82.05 -6.45 41.26
CA ILE G 762 -81.97 -5.38 40.28
C ILE G 762 -81.19 -4.23 40.87
N THR G 763 -80.38 -3.57 40.05
CA THR G 763 -79.63 -2.38 40.47
C THR G 763 -79.49 -1.42 39.30
N VAL G 764 -79.07 -0.19 39.63
CA VAL G 764 -79.06 0.93 38.69
C VAL G 764 -78.22 0.66 37.43
N ARG G 765 -77.29 -0.29 37.50
CA ARG G 765 -76.65 -0.77 36.29
C ARG G 765 -77.67 -1.27 35.29
N HIS G 766 -78.75 -1.88 35.76
CA HIS G 766 -79.82 -2.28 34.86
C HIS G 766 -80.52 -1.07 34.26
N ILE G 767 -80.69 0.01 35.04
CA ILE G 767 -81.27 1.23 34.49
C ILE G 767 -80.42 1.74 33.34
N GLU G 768 -79.09 1.75 33.55
CA GLU G 768 -78.20 2.25 32.52
C GLU G 768 -78.20 1.33 31.30
N SER G 769 -78.28 0.02 31.52
CA SER G 769 -78.36 -0.91 30.40
C SER G 769 -79.65 -0.71 29.60
N MET G 770 -80.75 -0.45 30.31
CA MET G 770 -82.02 -0.19 29.62
C MET G 770 -81.97 1.12 28.85
N ILE G 771 -81.30 2.12 29.41
CA ILE G 771 -81.10 3.38 28.71
C ILE G 771 -80.32 3.13 27.43
N ARG G 772 -79.25 2.34 27.52
CA ARG G 772 -78.46 2.03 26.34
C ARG G 772 -79.28 1.29 25.30
N MET G 773 -80.10 0.35 25.74
CA MET G 773 -80.93 -0.41 24.80
C MET G 773 -81.95 0.50 24.12
N ALA G 774 -82.52 1.45 24.86
CA ALA G 774 -83.43 2.41 24.25
C ALA G 774 -82.71 3.25 23.21
N GLU G 775 -81.51 3.75 23.55
CA GLU G 775 -80.74 4.53 22.59
C GLU G 775 -80.41 3.72 21.36
N ALA G 776 -80.12 2.43 21.55
CA ALA G 776 -79.80 1.57 20.41
C ALA G 776 -81.03 1.36 19.52
N HIS G 777 -82.21 1.20 20.11
CA HIS G 777 -83.41 1.07 19.28
C HIS G 777 -83.69 2.38 18.55
N ALA G 778 -83.42 3.51 19.19
CA ALA G 778 -83.53 4.79 18.51
C ALA G 778 -82.62 4.83 17.31
N ARG G 779 -81.39 4.34 17.47
CA ARG G 779 -80.48 4.28 16.33
C ARG G 779 -80.92 3.24 15.30
N ILE G 780 -81.65 2.21 15.73
CA ILE G 780 -82.18 1.22 14.78
C ILE G 780 -83.14 1.91 13.82
N HIS G 781 -84.09 2.66 14.36
CA HIS G 781 -85.07 3.34 13.51
C HIS G 781 -84.59 4.68 12.98
N LEU G 782 -83.39 5.12 13.37
CA LEU G 782 -82.88 6.44 12.99
C LEU G 782 -83.76 7.56 13.50
N ARG G 783 -84.48 7.33 14.61
CA ARG G 783 -85.43 8.32 15.08
C ARG G 783 -84.78 9.62 15.51
N ASP G 784 -83.53 9.54 16.00
CA ASP G 784 -82.78 10.65 16.58
C ASP G 784 -83.32 11.05 17.96
N TYR G 785 -84.37 10.42 18.46
CA TYR G 785 -84.98 10.76 19.73
C TYR G 785 -85.76 9.53 20.18
N VAL G 786 -85.55 9.13 21.44
CA VAL G 786 -86.20 7.93 21.95
C VAL G 786 -87.69 8.16 22.06
N ILE G 787 -88.47 7.19 21.59
CA ILE G 787 -89.91 7.19 21.71
C ILE G 787 -90.29 6.00 22.59
N GLU G 788 -91.47 6.09 23.20
CA GLU G 788 -91.85 5.09 24.18
C GLU G 788 -92.04 3.70 23.55
N ASP G 789 -92.20 3.60 22.23
CA ASP G 789 -92.07 2.29 21.61
C ASP G 789 -90.65 1.74 21.78
N ASP G 790 -89.65 2.60 21.58
CA ASP G 790 -88.26 2.19 21.77
C ASP G 790 -88.02 1.80 23.22
N VAL G 791 -88.52 2.60 24.15
CA VAL G 791 -88.34 2.28 25.57
C VAL G 791 -89.06 0.99 25.92
N ASN G 792 -90.23 0.75 25.30
CA ASN G 792 -90.95 -0.49 25.53
C ASN G 792 -90.14 -1.70 25.07
N MET G 793 -89.50 -1.59 23.91
CA MET G 793 -88.69 -2.72 23.43
C MET G 793 -87.47 -2.93 24.32
N ALA G 794 -86.86 -1.84 24.78
CA ALA G 794 -85.73 -1.98 25.70
C ALA G 794 -86.16 -2.65 26.99
N ILE G 795 -87.33 -2.27 27.51
CA ILE G 795 -87.85 -2.90 28.71
C ILE G 795 -88.11 -4.38 28.46
N ARG G 796 -88.68 -4.73 27.30
CA ARG G 796 -88.94 -6.12 27.00
C ARG G 796 -87.67 -6.94 27.01
N VAL G 797 -86.63 -6.49 26.30
CA VAL G 797 -85.40 -7.29 26.21
C VAL G 797 -84.73 -7.40 27.58
N MET G 798 -84.64 -6.28 28.32
CA MET G 798 -83.93 -6.34 29.60
C MET G 798 -84.68 -7.19 30.62
N LEU G 799 -85.99 -6.98 30.75
CA LEU G 799 -86.74 -7.74 31.74
C LEU G 799 -86.80 -9.20 31.36
N GLU G 800 -86.93 -9.52 30.07
CA GLU G 800 -86.93 -10.91 29.65
C GLU G 800 -85.61 -11.58 30.02
N SER G 801 -84.49 -10.92 29.72
CA SER G 801 -83.19 -11.50 30.05
C SER G 801 -83.01 -11.65 31.55
N PHE G 802 -83.41 -10.65 32.33
CA PHE G 802 -83.21 -10.72 33.77
C PHE G 802 -84.08 -11.80 34.40
N ILE G 803 -85.34 -11.91 33.95
CA ILE G 803 -86.22 -12.96 34.47
C ILE G 803 -85.64 -14.32 34.15
N ASP G 804 -85.23 -14.53 32.89
CA ASP G 804 -84.66 -15.82 32.52
C ASP G 804 -83.35 -16.08 33.27
N THR G 805 -82.65 -15.03 33.66
CA THR G 805 -81.44 -15.21 34.46
C THR G 805 -81.77 -15.60 35.90
N GLN G 806 -82.88 -15.12 36.43
CA GLN G 806 -83.30 -15.51 37.77
C GLN G 806 -83.61 -17.00 37.80
N LYS G 807 -83.46 -17.60 38.99
CA LYS G 807 -83.69 -19.03 39.15
C LYS G 807 -85.17 -19.36 38.92
N PHE G 808 -85.48 -20.66 38.91
CA PHE G 808 -86.75 -21.15 38.39
C PHE G 808 -87.95 -20.58 39.14
N SER G 809 -87.93 -20.70 40.48
CA SER G 809 -89.05 -20.19 41.27
C SER G 809 -89.19 -18.68 41.11
N VAL G 810 -88.08 -17.96 41.26
CA VAL G 810 -88.15 -16.51 41.15
C VAL G 810 -88.42 -16.10 39.72
N MET G 811 -87.96 -16.89 38.74
CA MET G 811 -88.30 -16.64 37.34
C MET G 811 -89.80 -16.64 37.15
N ARG G 812 -90.47 -17.70 37.61
CA ARG G 812 -91.92 -17.78 37.43
C ARG G 812 -92.63 -16.68 38.20
N SER G 813 -92.20 -16.40 39.43
CA SER G 813 -92.84 -15.37 40.23
C SER G 813 -92.75 -14.01 39.55
N MET G 814 -91.54 -13.61 39.16
CA MET G 814 -91.36 -12.32 38.51
C MET G 814 -92.07 -12.28 37.16
N ARG G 815 -92.10 -13.39 36.43
CA ARG G 815 -92.78 -13.42 35.15
C ARG G 815 -94.26 -13.12 35.33
N LYS G 816 -94.93 -13.85 36.23
CA LYS G 816 -96.35 -13.62 36.41
C LYS G 816 -96.64 -12.30 37.11
N THR G 817 -95.67 -11.71 37.81
CA THR G 817 -95.88 -10.38 38.35
C THR G 817 -95.81 -9.32 37.25
N PHE G 818 -94.66 -9.23 36.58
CA PHE G 818 -94.40 -8.19 35.58
C PHE G 818 -94.74 -8.65 34.17
N ALA G 819 -95.75 -9.52 34.00
CA ALA G 819 -96.15 -9.97 32.68
C ALA G 819 -96.70 -8.86 31.79
N ARG G 820 -97.02 -7.68 32.33
CA ARG G 820 -97.59 -6.61 31.52
C ARG G 820 -96.63 -6.17 30.42
N TYR G 821 -95.33 -6.09 30.73
CA TYR G 821 -94.36 -5.56 29.79
C TYR G 821 -94.20 -6.46 28.58
N THR H 4 10.49 12.95 19.37
CA THR H 4 10.49 14.31 19.88
C THR H 4 10.34 14.30 21.38
N VAL H 5 10.78 15.39 22.03
CA VAL H 5 10.61 15.57 23.47
C VAL H 5 10.22 17.02 23.71
N VAL H 6 9.20 17.24 24.53
CA VAL H 6 8.77 18.59 24.84
C VAL H 6 9.79 19.25 25.76
N LEU H 7 10.21 20.46 25.40
CA LEU H 7 11.13 21.25 26.20
C LEU H 7 10.41 22.27 27.06
N ASP H 8 9.35 22.87 26.54
CA ASP H 8 8.57 23.88 27.25
C ASP H 8 7.10 23.56 27.06
N ASP H 9 6.33 23.77 28.12
CA ASP H 9 4.89 23.62 28.07
C ASP H 9 4.34 24.42 29.24
N VAL H 10 3.71 25.55 28.96
CA VAL H 10 3.16 26.38 30.03
C VAL H 10 2.12 25.59 30.81
N GLU H 11 1.25 24.87 30.11
CA GLU H 11 0.18 24.13 30.78
C GLU H 11 0.74 23.06 31.69
N LEU H 12 1.62 22.20 31.17
CA LEU H 12 2.14 21.11 31.98
C LEU H 12 2.98 21.63 33.14
N ARG H 13 3.84 22.62 32.89
CA ARG H 13 4.69 23.13 33.96
C ARG H 13 3.86 23.76 35.07
N GLU H 14 2.87 24.58 34.71
CA GLU H 14 2.04 25.18 35.75
C GLU H 14 1.18 24.13 36.43
N ALA H 15 0.76 23.09 35.71
CA ALA H 15 -0.01 22.03 36.33
C ALA H 15 0.81 21.33 37.41
N GLN H 16 2.03 20.95 37.07
CA GLN H 16 2.88 20.26 38.04
C GLN H 16 3.23 21.19 39.19
N ARG H 17 3.44 22.47 38.91
CA ARG H 17 3.73 23.43 39.98
C ARG H 17 2.55 23.53 40.94
N ASP H 18 1.34 23.74 40.41
CA ASP H 18 0.16 23.87 41.25
C ASP H 18 -0.09 22.60 42.04
N TYR H 19 0.08 21.44 41.41
CA TYR H 19 -0.12 20.18 42.10
C TYR H 19 0.87 20.02 43.23
N LEU H 20 2.17 20.18 42.95
CA LEU H 20 3.17 20.06 44.00
C LEU H 20 2.86 21.00 45.15
N ASP H 21 2.40 22.22 44.83
CA ASP H 21 1.99 23.16 45.88
C ASP H 21 0.81 22.61 46.68
N PHE H 22 -0.20 22.07 46.00
CA PHE H 22 -1.38 21.58 46.71
C PHE H 22 -1.04 20.36 47.57
N LEU H 23 -0.38 19.38 46.98
CA LEU H 23 -0.02 18.17 47.70
C LEU H 23 0.99 18.42 48.81
N ASP H 24 1.73 19.53 48.80
CA ASP H 24 2.62 19.81 49.92
C ASP H 24 1.83 19.88 51.22
N ASP H 25 0.99 20.90 51.38
CA ASP H 25 0.01 20.95 52.45
C ASP H 25 0.56 20.95 53.88
N GLU H 26 1.89 20.96 54.06
CA GLU H 26 2.43 20.87 55.42
C GLU H 26 2.15 22.16 56.18
N GLU H 27 2.25 23.30 55.51
CA GLU H 27 2.03 24.57 56.19
C GLU H 27 0.55 24.81 56.46
N ASP H 28 -0.33 24.22 55.67
CA ASP H 28 -1.79 24.35 55.82
C ASP H 28 -2.37 22.99 56.20
N GLN H 29 -2.40 22.72 57.49
CA GLN H 29 -3.16 21.65 58.17
C GLN H 29 -2.65 20.24 57.87
N GLY H 30 -1.67 20.05 57.00
CA GLY H 30 -1.02 18.76 56.86
C GLY H 30 -1.92 17.62 56.45
N ILE H 31 -3.01 17.92 55.75
CA ILE H 31 -3.92 16.86 55.31
C ILE H 31 -3.18 15.92 54.37
N TYR H 32 -2.66 16.46 53.27
CA TYR H 32 -1.99 15.61 52.31
C TYR H 32 -0.57 15.25 52.72
N GLN H 33 0.05 16.01 53.63
CA GLN H 33 1.29 15.53 54.22
C GLN H 33 1.02 14.24 55.00
N SER H 34 -0.06 14.22 55.78
CA SER H 34 -0.40 13.02 56.51
C SER H 34 -0.77 11.89 55.56
N LYS H 35 -1.50 12.21 54.50
CA LYS H 35 -1.93 11.15 53.57
C LYS H 35 -0.73 10.56 52.82
N VAL H 36 0.21 11.40 52.39
CA VAL H 36 1.35 10.88 51.66
C VAL H 36 2.24 10.06 52.61
N ARG H 37 2.41 10.52 53.84
CA ARG H 37 3.17 9.74 54.81
C ARG H 37 2.47 8.42 55.11
N GLU H 38 1.14 8.43 55.14
CA GLU H 38 0.40 7.21 55.42
C GLU H 38 0.58 6.19 54.30
N LEU H 39 0.43 6.63 53.05
CA LEU H 39 0.59 5.67 51.95
C LEU H 39 2.04 5.21 51.83
N ILE H 40 3.00 6.07 52.22
CA ILE H 40 4.39 5.63 52.24
C ILE H 40 4.58 4.52 53.27
N SER H 41 4.12 4.76 54.50
CA SER H 41 4.32 3.78 55.56
C SER H 41 3.55 2.50 55.29
N ASP H 42 2.33 2.61 54.78
CA ASP H 42 1.51 1.47 54.42
C ASP H 42 1.92 0.84 53.10
N ASN H 43 2.90 1.42 52.40
CA ASN H 43 3.46 0.80 51.20
C ASN H 43 2.43 0.81 50.07
N GLN H 44 1.72 1.93 49.94
CA GLN H 44 0.73 2.13 48.90
C GLN H 44 1.12 3.33 48.05
N TYR H 45 0.67 3.30 46.80
CA TYR H 45 1.12 4.23 45.76
C TYR H 45 -0.03 4.83 44.95
N ARG H 46 -1.27 4.60 45.35
CA ARG H 46 -2.44 5.21 44.75
C ARG H 46 -2.99 6.18 45.79
N LEU H 47 -2.60 7.44 45.70
CA LEU H 47 -3.16 8.41 46.62
C LEU H 47 -4.64 8.60 46.31
N ILE H 48 -5.38 9.11 47.28
CA ILE H 48 -6.78 9.50 47.11
C ILE H 48 -6.88 10.96 47.55
N VAL H 49 -7.60 11.75 46.77
CA VAL H 49 -7.55 13.20 46.85
C VAL H 49 -8.96 13.77 46.89
N ASN H 50 -9.24 14.57 47.90
CA ASN H 50 -10.55 15.20 48.04
C ASN H 50 -10.67 16.34 47.05
N VAL H 51 -11.47 16.13 46.00
CA VAL H 51 -11.72 17.19 45.01
C VAL H 51 -12.36 18.39 45.66
N ASN H 52 -13.10 18.20 46.76
CA ASN H 52 -13.64 19.36 47.46
C ASN H 52 -12.52 20.23 48.02
N ASP H 53 -11.49 19.60 48.60
CA ASP H 53 -10.34 20.37 49.07
C ASP H 53 -9.57 20.97 47.92
N LEU H 54 -9.48 20.26 46.79
CA LEU H 54 -8.81 20.83 45.62
C LEU H 54 -9.54 22.08 45.14
N ARG H 55 -10.87 22.05 45.11
CA ARG H 55 -11.64 23.24 44.77
C ARG H 55 -11.44 24.33 45.81
N ARG H 56 -11.35 23.95 47.08
CA ARG H 56 -11.15 24.94 48.14
C ARG H 56 -9.83 25.68 47.95
N LYS H 57 -8.77 24.97 47.58
CA LYS H 57 -7.46 25.60 47.46
C LYS H 57 -7.33 26.32 46.12
N ASN H 58 -7.45 25.59 45.00
CA ASN H 58 -7.23 26.14 43.65
C ASN H 58 -8.41 25.71 42.78
N GLU H 59 -9.46 26.52 42.79
CA GLU H 59 -10.72 26.16 42.13
C GLU H 59 -10.55 26.02 40.61
N LYS H 60 -9.82 26.95 39.99
CA LYS H 60 -9.64 26.88 38.54
C LYS H 60 -8.90 25.62 38.14
N ARG H 61 -7.91 25.22 38.93
CA ARG H 61 -7.25 23.95 38.70
C ARG H 61 -8.25 22.81 38.78
N ALA H 62 -9.21 22.90 39.72
CA ALA H 62 -10.21 21.85 39.86
C ALA H 62 -11.06 21.75 38.61
N ASN H 63 -11.50 22.89 38.09
CA ASN H 63 -12.32 22.87 36.89
C ASN H 63 -11.53 22.31 35.71
N ARG H 64 -10.25 22.66 35.61
CA ARG H 64 -9.41 22.09 34.56
C ARG H 64 -9.31 20.58 34.73
N LEU H 65 -9.16 20.11 35.96
CA LEU H 65 -9.06 18.67 36.22
C LEU H 65 -10.33 17.96 35.78
N LEU H 66 -11.49 18.49 36.19
CA LEU H 66 -12.74 17.82 35.90
C LEU H 66 -13.04 17.84 34.40
N ASN H 67 -12.95 19.01 33.78
CA ASN H 67 -13.31 19.12 32.38
C ASN H 67 -12.22 18.59 31.44
N ASN H 68 -11.04 18.26 31.96
CA ASN H 68 -9.99 17.63 31.16
C ASN H 68 -9.27 16.64 32.07
N ALA H 69 -9.42 15.35 31.78
CA ALA H 69 -9.07 14.29 32.71
C ALA H 69 -7.67 13.74 32.47
N PHE H 70 -7.37 13.27 31.27
CA PHE H 70 -6.13 12.53 31.07
C PHE H 70 -4.90 13.41 31.24
N GLU H 71 -4.90 14.60 30.64
CA GLU H 71 -3.76 15.50 30.77
C GLU H 71 -3.52 15.88 32.21
N GLU H 72 -4.57 16.37 32.89
CA GLU H 72 -4.42 16.82 34.26
C GLU H 72 -4.07 15.68 35.19
N LEU H 73 -4.56 14.47 34.91
CA LEU H 73 -4.22 13.32 35.75
C LEU H 73 -2.80 12.88 35.54
N VAL H 74 -2.30 12.93 34.30
CA VAL H 74 -0.88 12.63 34.06
C VAL H 74 -0.01 13.62 34.81
N ALA H 75 -0.38 14.90 34.75
CA ALA H 75 0.35 15.91 35.50
C ALA H 75 0.27 15.64 36.99
N PHE H 76 -0.89 15.20 37.48
CA PHE H 76 -1.06 14.94 38.91
C PHE H 76 -0.18 13.78 39.36
N GLN H 77 -0.22 12.67 38.62
CA GLN H 77 0.55 11.51 39.05
C GLN H 77 2.04 11.78 38.98
N ARG H 78 2.50 12.55 38.00
CA ARG H 78 3.91 12.88 37.97
C ARG H 78 4.28 13.84 39.10
N ALA H 79 3.40 14.77 39.45
CA ALA H 79 3.68 15.65 40.59
C ALA H 79 3.75 14.84 41.88
N LEU H 80 2.88 13.84 42.01
CA LEU H 80 2.95 12.94 43.16
C LEU H 80 4.27 12.18 43.16
N LYS H 81 4.71 11.73 41.99
CA LYS H 81 6.00 11.06 41.88
C LYS H 81 7.12 11.95 42.41
N ASP H 82 7.15 13.21 41.99
CA ASP H 82 8.18 14.12 42.48
C ASP H 82 8.04 14.38 43.97
N PHE H 83 6.81 14.49 44.45
CA PHE H 83 6.58 14.83 45.86
C PHE H 83 7.03 13.71 46.78
N VAL H 84 6.60 12.48 46.48
CA VAL H 84 7.06 11.34 47.25
C VAL H 84 8.54 11.08 47.02
N ALA H 85 9.09 11.50 45.88
CA ALA H 85 10.54 11.44 45.70
C ALA H 85 11.23 12.37 46.70
N SER H 86 10.66 13.56 46.92
CA SER H 86 11.24 14.47 47.89
C SER H 86 11.17 13.88 49.29
N ILE H 87 10.00 13.38 49.69
CA ILE H 87 9.85 12.86 51.05
C ILE H 87 10.61 11.56 51.26
N ASP H 88 10.87 10.79 50.20
CA ASP H 88 11.57 9.52 50.33
C ASP H 88 12.23 9.22 48.99
N ALA H 89 13.38 8.54 49.04
CA ALA H 89 14.16 8.26 47.85
C ALA H 89 14.06 6.81 47.41
N THR H 90 14.41 5.86 48.28
CA THR H 90 14.38 4.45 47.89
C THR H 90 12.97 3.99 47.56
N TYR H 91 11.97 4.51 48.28
CA TYR H 91 10.58 4.14 48.03
C TYR H 91 10.13 4.59 46.66
N ALA H 92 10.43 5.85 46.31
CA ALA H 92 10.07 6.38 45.00
C ALA H 92 10.83 5.69 43.90
N LYS H 93 12.07 5.29 44.15
CA LYS H 93 12.80 4.50 43.16
C LYS H 93 12.15 3.13 42.98
N GLN H 94 11.73 2.51 44.08
CA GLN H 94 11.16 1.17 44.03
C GLN H 94 9.88 1.16 43.21
N TYR H 95 8.97 2.08 43.50
CA TYR H 95 7.68 2.15 42.81
C TYR H 95 7.78 3.13 41.65
N GLU H 96 7.42 2.68 40.45
CA GLU H 96 7.82 3.38 39.22
C GLU H 96 6.82 4.44 38.75
N GLU H 97 5.59 4.43 39.25
CA GLU H 97 4.62 5.44 38.86
C GLU H 97 3.51 5.49 39.89
N PHE H 98 3.19 6.68 40.37
CA PHE H 98 2.37 6.88 41.55
C PHE H 98 1.01 7.43 41.14
N TYR H 99 -0.02 6.62 41.26
CA TYR H 99 -1.34 6.97 40.76
C TYR H 99 -2.07 7.90 41.73
N VAL H 100 -3.07 8.58 41.18
CA VAL H 100 -4.01 9.40 41.93
C VAL H 100 -5.41 8.85 41.70
N GLY H 101 -6.22 8.93 42.75
CA GLY H 101 -7.66 8.72 42.64
C GLY H 101 -8.37 9.91 43.25
N LEU H 102 -9.59 10.13 42.77
CA LEU H 102 -10.34 11.33 43.07
C LEU H 102 -11.59 10.97 43.85
N GLU H 103 -12.06 11.92 44.65
CA GLU H 103 -13.03 11.64 45.68
C GLU H 103 -13.59 12.96 46.18
N GLY H 104 -14.80 12.91 46.71
CA GLY H 104 -15.46 14.05 47.31
C GLY H 104 -16.84 14.25 46.74
N SER H 105 -17.12 15.48 46.29
CA SER H 105 -18.38 15.84 45.66
C SER H 105 -18.07 16.31 44.25
N PHE H 106 -18.80 15.77 43.28
CA PHE H 106 -18.58 16.02 41.87
C PHE H 106 -19.94 16.48 41.35
N GLY H 107 -20.23 17.78 41.48
CA GLY H 107 -21.59 18.30 41.39
C GLY H 107 -22.42 17.85 40.22
N SER H 108 -22.11 18.33 39.02
CA SER H 108 -22.82 17.88 37.83
C SER H 108 -22.31 16.55 37.32
N LYS H 109 -21.10 16.15 37.68
CA LYS H 109 -20.48 14.92 37.20
C LYS H 109 -20.76 13.72 38.09
N HIS H 110 -21.43 13.89 39.22
CA HIS H 110 -21.87 12.75 40.03
C HIS H 110 -23.18 12.28 39.45
N VAL H 111 -23.11 11.21 38.65
CA VAL H 111 -24.19 10.78 37.81
C VAL H 111 -24.46 9.30 38.06
N SER H 112 -25.40 8.76 37.28
CA SER H 112 -25.66 7.33 37.20
C SER H 112 -25.43 6.91 35.76
N PRO H 113 -25.40 5.60 35.47
CA PRO H 113 -25.20 5.17 34.08
C PRO H 113 -26.30 5.61 33.12
N ARG H 114 -27.44 6.08 33.62
CA ARG H 114 -28.46 6.61 32.73
C ARG H 114 -28.11 8.03 32.29
N THR H 115 -27.85 8.91 33.25
CA THR H 115 -27.59 10.31 32.94
C THR H 115 -26.23 10.54 32.27
N LEU H 116 -25.37 9.53 32.21
CA LEU H 116 -24.05 9.71 31.61
C LEU H 116 -24.20 9.73 30.10
N THR H 117 -24.18 10.93 29.53
CA THR H 117 -24.22 11.14 28.09
C THR H 117 -22.80 11.33 27.58
N SER H 118 -22.68 11.57 26.27
CA SER H 118 -21.37 11.84 25.70
C SER H 118 -20.81 13.20 26.08
N CYS H 119 -21.61 14.06 26.72
CA CYS H 119 -21.13 15.36 27.16
C CYS H 119 -19.93 15.26 28.10
N PHE H 120 -19.84 14.17 28.86
CA PHE H 120 -18.78 13.96 29.84
C PHE H 120 -17.61 13.17 29.28
N LEU H 121 -17.49 13.06 27.95
CA LEU H 121 -16.36 12.35 27.36
C LEU H 121 -15.06 13.04 27.72
N SER H 122 -14.03 12.24 28.01
CA SER H 122 -12.71 12.70 28.40
C SER H 122 -12.70 13.42 29.75
N CYS H 123 -13.78 13.34 30.52
CA CYS H 123 -13.91 14.03 31.79
C CYS H 123 -14.06 13.02 32.93
N VAL H 124 -13.93 13.55 34.14
CA VAL H 124 -13.93 12.74 35.35
C VAL H 124 -15.35 12.68 35.88
N VAL H 125 -15.97 11.51 35.74
CA VAL H 125 -17.32 11.28 36.24
C VAL H 125 -17.25 10.49 37.54
N CYS H 126 -18.37 10.48 38.27
CA CYS H 126 -18.54 9.71 39.50
C CYS H 126 -19.87 8.97 39.38
N VAL H 127 -19.83 7.70 39.04
CA VAL H 127 -20.99 6.93 38.62
C VAL H 127 -21.46 6.06 39.77
N GLU H 128 -22.75 6.16 40.09
CA GLU H 128 -23.39 5.29 41.07
C GLU H 128 -23.70 3.94 40.41
N GLY H 129 -24.47 3.10 41.09
CA GLY H 129 -25.05 1.92 40.49
C GLY H 129 -24.32 0.64 40.85
N ILE H 130 -25.04 -0.48 40.72
CA ILE H 130 -24.49 -1.77 41.12
C ILE H 130 -23.46 -2.25 40.12
N VAL H 131 -22.73 -3.31 40.48
CA VAL H 131 -21.87 -4.06 39.58
C VAL H 131 -22.67 -5.25 39.05
N THR H 132 -22.37 -5.65 37.84
CA THR H 132 -23.05 -6.76 37.18
C THR H 132 -22.09 -7.82 36.67
N LYS H 133 -20.91 -7.43 36.19
CA LYS H 133 -19.90 -8.35 35.67
C LYS H 133 -18.58 -8.11 36.38
N CYS H 134 -17.78 -9.16 36.47
CA CYS H 134 -16.42 -9.03 36.99
C CYS H 134 -15.56 -10.03 36.24
N SER H 135 -14.71 -9.52 35.36
CA SER H 135 -13.90 -10.40 34.52
C SER H 135 -12.78 -11.03 35.34
N LEU H 136 -12.32 -12.20 34.89
CA LEU H 136 -11.17 -12.84 35.49
C LEU H 136 -9.97 -11.92 35.40
N VAL H 137 -9.28 -11.73 36.52
CA VAL H 137 -8.18 -10.78 36.54
C VAL H 137 -7.01 -11.34 35.77
N ARG H 138 -6.41 -10.51 34.91
CA ARG H 138 -5.37 -10.91 33.98
C ARG H 138 -4.20 -9.94 34.01
N PRO H 139 -2.95 -10.41 33.89
CA PRO H 139 -1.82 -9.48 33.77
C PRO H 139 -1.63 -9.00 32.34
N LYS H 140 -1.48 -7.69 32.17
CA LYS H 140 -1.07 -7.10 30.91
C LYS H 140 0.41 -6.77 31.00
N VAL H 141 1.18 -7.21 30.01
CA VAL H 141 2.62 -6.99 30.04
C VAL H 141 2.92 -5.51 29.84
N VAL H 142 3.85 -5.00 30.64
CA VAL H 142 4.24 -3.59 30.62
C VAL H 142 5.73 -3.38 30.52
N ARG H 143 6.56 -4.38 30.80
CA ARG H 143 8.01 -4.24 30.60
C ARG H 143 8.58 -5.65 30.46
N SER H 144 8.82 -6.05 29.22
CA SER H 144 9.10 -7.45 28.90
C SER H 144 10.59 -7.64 28.66
N VAL H 145 11.22 -8.49 29.47
CA VAL H 145 12.65 -8.76 29.41
C VAL H 145 12.89 -10.04 28.64
N HIS H 146 13.93 -10.03 27.81
CA HIS H 146 14.31 -11.17 26.99
C HIS H 146 15.81 -11.41 27.12
N TYR H 147 16.21 -12.66 26.91
CA TYR H 147 17.59 -13.09 27.00
C TYR H 147 17.92 -13.85 25.73
N CYS H 148 19.03 -13.50 25.08
CA CYS H 148 19.45 -14.21 23.88
C CYS H 148 20.27 -15.41 24.29
N PRO H 149 19.85 -16.66 24.02
CA PRO H 149 20.71 -17.78 24.40
C PRO H 149 22.06 -17.78 23.71
N ALA H 150 22.09 -17.38 22.43
CA ALA H 150 23.35 -17.39 21.70
C ALA H 150 24.26 -16.26 22.12
N THR H 151 23.72 -15.05 22.27
CA THR H 151 24.51 -13.85 22.50
C THR H 151 24.71 -13.53 23.97
N LYS H 152 23.94 -14.13 24.87
CA LYS H 152 24.06 -13.93 26.31
C LYS H 152 23.76 -12.49 26.74
N LYS H 153 23.13 -11.68 25.87
CA LYS H 153 22.74 -10.32 26.19
C LYS H 153 21.25 -10.29 26.50
N THR H 154 20.87 -9.39 27.39
CA THR H 154 19.52 -9.24 27.87
C THR H 154 18.97 -7.89 27.41
N ILE H 155 17.78 -7.90 26.82
CA ILE H 155 17.09 -6.70 26.39
C ILE H 155 15.79 -6.58 27.19
N GLU H 156 15.13 -5.44 27.02
CA GLU H 156 13.88 -5.17 27.74
C GLU H 156 13.05 -4.22 26.90
N ARG H 157 12.06 -4.76 26.18
CA ARG H 157 11.11 -3.90 25.50
C ARG H 157 10.14 -3.33 26.53
N ARG H 158 9.64 -2.13 26.26
CA ARG H 158 8.73 -1.41 27.14
C ARG H 158 7.41 -1.19 26.44
N TYR H 159 6.39 -0.87 27.23
CA TYR H 159 5.05 -0.57 26.74
C TYR H 159 4.47 0.57 27.56
N SER H 160 3.29 1.02 27.15
CA SER H 160 2.64 2.15 27.78
C SER H 160 1.13 1.97 27.74
N ASP H 161 0.45 2.71 28.62
CA ASP H 161 -1.00 2.62 28.76
C ASP H 161 -1.64 3.35 27.59
N LEU H 162 -1.69 2.66 26.44
CA LEU H 162 -2.41 3.15 25.26
C LEU H 162 -3.86 2.66 25.26
N THR H 163 -4.53 2.82 26.40
CA THR H 163 -5.88 2.28 26.52
C THR H 163 -6.88 3.10 25.71
N THR H 164 -6.80 4.43 25.78
CA THR H 164 -7.77 5.32 25.15
C THR H 164 -7.07 6.39 24.31
N LEU H 165 -5.87 6.11 23.81
CA LEU H 165 -5.11 6.99 22.94
C LEU H 165 -4.79 6.25 21.64
N VAL H 166 -4.17 6.98 20.71
CA VAL H 166 -3.80 6.39 19.42
C VAL H 166 -2.75 5.32 19.65
N ALA H 167 -2.93 4.17 19.01
CA ALA H 167 -2.06 3.01 19.19
C ALA H 167 -1.76 2.38 17.84
N PHE H 168 -0.48 2.30 17.52
CA PHE H 168 0.04 1.74 16.28
C PHE H 168 0.72 0.40 16.56
N PRO H 169 0.90 -0.46 15.56
CA PRO H 169 1.45 -1.81 15.85
C PRO H 169 2.86 -1.81 16.43
N SER H 170 3.65 -0.76 16.15
CA SER H 170 5.03 -0.74 16.62
C SER H 170 5.11 -0.77 18.14
N SER H 171 4.22 -0.04 18.80
CA SER H 171 4.24 -0.02 20.26
C SER H 171 3.98 -1.39 20.85
N SER H 172 3.02 -2.13 20.28
CA SER H 172 2.53 -3.38 20.85
C SER H 172 3.11 -4.61 20.19
N VAL H 173 4.18 -4.49 19.40
CA VAL H 173 4.95 -5.66 19.04
C VAL H 173 5.61 -6.25 20.29
N TYR H 174 5.80 -7.57 20.28
CA TYR H 174 6.45 -8.30 21.39
C TYR H 174 7.57 -9.14 20.79
N PRO H 175 8.84 -9.00 21.26
CA PRO H 175 9.94 -9.66 20.55
C PRO H 175 9.84 -11.17 20.54
N THR H 176 10.20 -11.74 19.39
CA THR H 176 10.33 -13.16 19.20
C THR H 176 11.59 -13.56 18.44
N LYS H 177 12.35 -12.62 17.88
CA LYS H 177 13.56 -12.91 17.13
C LYS H 177 14.60 -11.84 17.45
N ASP H 178 15.86 -12.24 17.39
CA ASP H 178 16.99 -11.35 17.55
C ASP H 178 17.30 -10.72 16.20
N GLU H 179 18.11 -9.65 16.23
CA GLU H 179 18.42 -8.90 15.03
C GLU H 179 19.12 -9.71 13.96
N GLU H 180 19.69 -10.88 14.30
CA GLU H 180 20.36 -11.75 13.35
C GLU H 180 19.72 -13.15 13.32
N ASN H 181 18.43 -13.23 13.60
CA ASN H 181 17.68 -14.49 13.58
C ASN H 181 18.28 -15.49 14.56
N ASN H 182 18.22 -15.12 15.84
CA ASN H 182 18.66 -15.95 16.96
C ASN H 182 17.54 -15.89 17.99
N PRO H 183 16.57 -16.83 17.95
CA PRO H 183 15.36 -16.68 18.77
C PRO H 183 15.61 -16.51 20.26
N LEU H 184 14.77 -15.69 20.90
CA LEU H 184 14.98 -15.22 22.27
C LEU H 184 14.30 -16.15 23.26
N GLU H 185 14.60 -15.94 24.54
CA GLU H 185 13.90 -16.57 25.65
C GLU H 185 13.44 -15.48 26.60
N THR H 186 12.13 -15.39 26.81
CA THR H 186 11.62 -14.35 27.69
C THR H 186 11.89 -14.71 29.13
N GLU H 187 12.16 -13.68 29.93
CA GLU H 187 12.38 -13.81 31.38
C GLU H 187 11.13 -13.28 32.07
N TYR H 188 10.20 -14.19 32.34
CA TYR H 188 8.91 -13.79 32.91
C TYR H 188 9.10 -13.11 34.26
N GLY H 189 9.95 -13.67 35.12
CA GLY H 189 10.10 -13.12 36.46
C GLY H 189 10.74 -11.75 36.46
N LEU H 190 11.75 -11.55 35.63
CA LEU H 190 12.39 -10.24 35.54
C LEU H 190 11.49 -9.19 34.93
N SER H 191 10.47 -9.60 34.18
CA SER H 191 9.55 -8.67 33.56
C SER H 191 8.70 -7.99 34.64
N VAL H 192 7.87 -7.06 34.20
CA VAL H 192 6.89 -6.39 35.03
C VAL H 192 5.53 -6.68 34.44
N TYR H 193 4.49 -6.62 35.29
CA TYR H 193 3.13 -6.93 34.86
C TYR H 193 2.16 -6.08 35.65
N LYS H 194 0.98 -5.91 35.06
CA LYS H 194 -0.12 -5.16 35.66
C LYS H 194 -1.38 -5.99 35.47
N ASP H 195 -1.95 -6.43 36.58
CA ASP H 195 -3.24 -7.10 36.55
C ASP H 195 -4.28 -6.23 35.86
N HIS H 196 -5.30 -6.87 35.29
CA HIS H 196 -6.28 -6.15 34.48
C HIS H 196 -7.63 -6.84 34.58
N GLN H 197 -8.66 -6.09 35.01
CA GLN H 197 -10.01 -6.60 35.16
C GLN H 197 -10.97 -5.61 34.51
N THR H 198 -12.16 -6.09 34.12
CA THR H 198 -13.18 -5.25 33.52
C THR H 198 -14.54 -5.60 34.12
N ILE H 199 -15.16 -4.62 34.78
CA ILE H 199 -16.49 -4.80 35.37
C ILE H 199 -17.49 -4.03 34.53
N THR H 200 -18.78 -4.22 34.84
CA THR H 200 -19.89 -3.62 34.08
C THR H 200 -20.90 -3.02 35.05
N ILE H 201 -20.77 -1.73 35.35
CA ILE H 201 -21.72 -1.09 36.25
C ILE H 201 -23.07 -0.98 35.55
N GLN H 202 -24.14 -1.07 36.34
CA GLN H 202 -25.51 -0.89 35.88
C GLN H 202 -26.17 0.12 36.79
N GLU H 203 -27.16 0.85 36.26
CA GLU H 203 -27.94 1.76 37.08
C GLU H 203 -28.61 0.99 38.20
N MET H 204 -28.57 1.58 39.39
CA MET H 204 -28.98 0.88 40.60
C MET H 204 -30.46 0.52 40.46
N PRO H 205 -30.86 -0.73 40.77
CA PRO H 205 -32.20 -1.19 40.32
C PRO H 205 -33.36 -0.38 40.84
N GLU H 206 -33.27 0.17 42.05
CA GLU H 206 -34.36 1.00 42.55
C GLU H 206 -34.38 2.36 41.86
N LYS H 207 -33.21 2.97 41.65
CA LYS H 207 -33.18 4.35 41.17
C LYS H 207 -33.56 4.47 39.72
N ALA H 208 -33.57 3.38 38.95
CA ALA H 208 -33.97 3.48 37.56
C ALA H 208 -35.47 3.78 37.49
N PRO H 209 -35.92 4.60 36.53
CA PRO H 209 -37.37 4.77 36.37
C PRO H 209 -38.04 3.46 35.99
N ALA H 210 -39.23 3.25 36.52
CA ALA H 210 -39.88 1.95 36.47
C ALA H 210 -40.25 1.56 35.04
N GLY H 211 -40.28 0.26 34.79
CA GLY H 211 -40.62 -0.25 33.47
C GLY H 211 -39.61 0.04 32.41
N GLN H 212 -38.35 0.29 32.79
CA GLN H 212 -37.29 0.69 31.86
C GLN H 212 -36.18 -0.34 31.91
N LEU H 213 -35.74 -0.77 30.74
CA LEU H 213 -34.56 -1.61 30.66
C LEU H 213 -33.36 -0.78 31.13
N PRO H 214 -32.53 -1.27 32.04
CA PRO H 214 -31.55 -0.39 32.68
C PRO H 214 -30.37 -0.06 31.77
N ARG H 215 -29.69 1.03 32.11
CA ARG H 215 -28.51 1.51 31.41
C ARG H 215 -27.26 1.07 32.15
N SER H 216 -26.28 0.58 31.39
CA SER H 216 -25.04 0.05 31.94
C SER H 216 -23.84 0.68 31.23
N VAL H 217 -22.74 0.77 31.96
CA VAL H 217 -21.49 1.34 31.46
C VAL H 217 -20.34 0.43 31.86
N ASP H 218 -19.43 0.18 30.93
CA ASP H 218 -18.28 -0.68 31.19
C ASP H 218 -17.24 0.10 31.97
N VAL H 219 -16.46 -0.62 32.78
CA VAL H 219 -15.43 -0.03 33.62
C VAL H 219 -14.18 -0.91 33.52
N ILE H 220 -13.02 -0.25 33.48
CA ILE H 220 -11.71 -0.92 33.36
C ILE H 220 -10.93 -0.68 34.65
N LEU H 221 -10.27 -1.74 35.14
CA LEU H 221 -9.55 -1.75 36.40
C LEU H 221 -8.15 -2.33 36.20
N ASP H 222 -7.22 -1.85 37.00
CA ASP H 222 -5.80 -2.16 36.89
C ASP H 222 -5.28 -2.44 38.29
N ASP H 223 -3.94 -2.41 38.45
CA ASP H 223 -3.25 -2.66 39.72
C ASP H 223 -3.91 -1.98 40.90
N ASP H 224 -3.92 -2.71 42.02
CA ASP H 224 -4.57 -2.32 43.29
C ASP H 224 -5.98 -1.77 43.09
N LEU H 225 -6.70 -2.27 42.09
CA LEU H 225 -8.12 -2.02 41.95
C LEU H 225 -8.91 -3.23 41.45
N VAL H 226 -8.28 -4.38 41.22
CA VAL H 226 -8.98 -5.46 40.54
C VAL H 226 -10.03 -6.09 41.44
N ASP H 227 -9.62 -6.64 42.58
CA ASP H 227 -10.54 -7.32 43.49
C ASP H 227 -11.10 -6.35 44.53
N LYS H 228 -11.64 -5.23 44.04
CA LYS H 228 -12.27 -4.23 44.90
C LYS H 228 -13.79 -4.31 44.89
N ALA H 229 -14.38 -5.05 43.96
CA ALA H 229 -15.85 -5.12 43.89
C ALA H 229 -16.25 -6.34 43.09
N LYS H 230 -17.00 -7.23 43.72
CA LYS H 230 -17.53 -8.43 43.10
C LYS H 230 -18.91 -8.13 42.52
N PRO H 231 -19.53 -9.07 41.81
CA PRO H 231 -20.87 -8.81 41.29
C PRO H 231 -21.87 -8.60 42.42
N GLY H 232 -22.84 -7.73 42.15
CA GLY H 232 -23.81 -7.38 43.17
C GLY H 232 -23.31 -6.41 44.22
N ASP H 233 -22.24 -5.68 43.93
CA ASP H 233 -21.72 -4.67 44.85
C ASP H 233 -22.37 -3.34 44.55
N ARG H 234 -22.75 -2.61 45.59
CA ARG H 234 -23.38 -1.30 45.44
C ARG H 234 -22.31 -0.22 45.28
N VAL H 235 -21.51 -0.38 44.23
CA VAL H 235 -20.27 0.35 44.06
C VAL H 235 -20.57 1.80 43.69
N GLN H 236 -19.54 2.65 43.77
CA GLN H 236 -19.57 4.01 43.24
C GLN H 236 -18.19 4.26 42.65
N VAL H 237 -18.08 4.25 41.34
CA VAL H 237 -16.78 4.32 40.67
C VAL H 237 -16.54 5.74 40.21
N VAL H 238 -15.43 6.33 40.64
CA VAL H 238 -14.96 7.61 40.12
C VAL H 238 -13.90 7.30 39.07
N GLY H 239 -14.05 7.90 37.90
CA GLY H 239 -13.12 7.54 36.85
C GLY H 239 -13.23 8.50 35.69
N THR H 240 -12.51 8.17 34.62
CA THR H 240 -12.49 8.97 33.41
C THR H 240 -13.34 8.28 32.36
N TYR H 241 -14.31 9.00 31.80
CA TYR H 241 -15.14 8.48 30.73
C TYR H 241 -14.51 8.85 29.41
N ARG H 242 -14.31 7.87 28.54
CA ARG H 242 -13.52 8.06 27.33
C ARG H 242 -14.09 7.20 26.22
N CYS H 243 -13.41 7.22 25.07
CA CYS H 243 -13.76 6.42 23.92
C CYS H 243 -12.64 5.42 23.65
N LEU H 244 -13.02 4.24 23.18
CA LEU H 244 -12.06 3.24 22.72
C LEU H 244 -11.89 3.35 21.21
N PRO H 245 -10.69 3.32 20.65
CA PRO H 245 -10.58 3.37 19.18
C PRO H 245 -10.84 2.00 18.59
N GLY H 246 -11.83 1.92 17.72
CA GLY H 246 -11.97 0.74 16.90
C GLY H 246 -10.72 0.60 16.06
N LYS H 247 -10.02 -0.52 16.20
CA LYS H 247 -8.71 -0.68 15.56
C LYS H 247 -8.81 -0.63 14.04
N LYS H 248 -7.63 -0.66 13.41
CA LYS H 248 -7.36 -0.13 12.07
C LYS H 248 -8.50 -0.34 11.10
N GLY H 249 -8.98 0.76 10.54
CA GLY H 249 -10.23 0.79 9.82
C GLY H 249 -10.07 0.75 8.32
N GLY H 250 -10.18 1.92 7.70
CA GLY H 250 -10.50 2.02 6.29
C GLY H 250 -11.97 2.27 6.04
N TYR H 251 -12.81 2.14 7.07
CA TYR H 251 -14.19 2.57 7.02
C TYR H 251 -14.67 2.64 8.46
N THR H 252 -15.09 3.82 8.89
CA THR H 252 -15.58 4.02 10.26
C THR H 252 -17.01 4.52 10.21
N SER H 253 -17.87 3.88 10.99
CA SER H 253 -19.23 4.38 11.18
C SER H 253 -19.28 5.60 12.08
N GLY H 254 -18.18 5.96 12.73
CA GLY H 254 -18.21 7.02 13.70
C GLY H 254 -18.81 6.63 15.04
N THR H 255 -19.16 5.38 15.25
CA THR H 255 -19.73 4.91 16.52
C THR H 255 -18.57 4.58 17.44
N PHE H 256 -18.31 5.45 18.39
CA PHE H 256 -17.22 5.29 19.34
C PHE H 256 -17.75 4.64 20.61
N ARG H 257 -17.40 3.37 20.82
CA ARG H 257 -17.68 2.73 22.09
C ARG H 257 -16.98 3.49 23.20
N THR H 258 -17.49 3.35 24.43
CA THR H 258 -16.98 4.08 25.58
C THR H 258 -16.78 3.14 26.74
N VAL H 259 -15.91 3.57 27.66
CA VAL H 259 -15.59 2.86 28.88
C VAL H 259 -15.49 3.87 30.00
N LEU H 260 -15.18 3.38 31.21
CA LEU H 260 -14.84 4.22 32.34
C LEU H 260 -13.55 3.66 32.95
N ILE H 261 -12.43 4.33 32.71
CA ILE H 261 -11.17 3.91 33.30
C ILE H 261 -11.23 4.35 34.75
N ALA H 262 -11.32 3.39 35.67
CA ALA H 262 -11.59 3.74 37.07
C ALA H 262 -10.33 4.27 37.72
N CYS H 263 -10.41 5.48 38.29
CA CYS H 263 -9.32 6.02 39.09
C CYS H 263 -9.56 5.83 40.59
N ASN H 264 -10.63 5.17 40.99
CA ASN H 264 -10.95 4.93 42.38
C ASN H 264 -12.18 4.05 42.42
N VAL H 265 -12.30 3.22 43.46
CA VAL H 265 -13.47 2.36 43.64
C VAL H 265 -13.83 2.34 45.11
N LYS H 266 -15.12 2.47 45.41
CA LYS H 266 -15.64 2.50 46.77
C LYS H 266 -16.88 1.64 46.84
N GLN H 267 -17.13 1.10 48.03
CA GLN H 267 -18.34 0.34 48.32
C GLN H 267 -19.36 1.27 48.99
N MET H 268 -20.45 0.70 49.50
CA MET H 268 -21.36 1.47 50.33
C MET H 268 -20.64 1.92 51.59
N SER H 269 -20.94 3.15 52.03
CA SER H 269 -20.20 3.71 53.16
C SER H 269 -20.58 3.09 54.50
N LYS H 270 -21.61 2.24 54.56
CA LYS H 270 -22.10 1.76 55.85
C LYS H 270 -21.05 0.91 56.57
N ASP H 271 -20.30 0.09 55.83
CA ASP H 271 -19.24 -0.71 56.43
C ASP H 271 -18.09 0.23 56.82
N ALA H 272 -18.28 0.90 57.96
CA ALA H 272 -17.46 2.03 58.37
C ALA H 272 -16.66 1.68 59.60
N GLN H 273 -16.01 0.51 59.58
CA GLN H 273 -15.13 0.10 60.67
C GLN H 273 -14.09 1.15 61.01
N PRO H 274 -13.35 1.74 60.05
CA PRO H 274 -12.55 2.92 60.39
C PRO H 274 -13.37 4.20 60.44
N SER H 275 -13.72 4.63 61.66
CA SER H 275 -14.27 5.95 61.91
C SER H 275 -13.76 6.48 63.25
N PHE H 276 -12.52 6.11 63.59
CA PHE H 276 -11.99 6.17 64.95
C PHE H 276 -11.23 7.46 65.17
N SER H 277 -11.39 8.04 66.37
CA SER H 277 -10.77 9.33 66.68
C SER H 277 -10.71 9.52 68.18
N ALA H 278 -10.09 10.64 68.58
CA ALA H 278 -9.84 10.93 69.99
C ALA H 278 -11.14 11.08 70.77
N GLU H 279 -12.10 11.82 70.22
CA GLU H 279 -13.39 11.99 70.89
C GLU H 279 -14.12 10.66 71.03
N ASP H 280 -14.03 9.81 70.01
CA ASP H 280 -14.72 8.52 70.04
C ASP H 280 -14.14 7.64 71.14
N ILE H 281 -12.81 7.52 71.19
CA ILE H 281 -12.20 6.70 72.23
C ILE H 281 -12.47 7.29 73.61
N ALA H 282 -12.43 8.61 73.73
CA ALA H 282 -12.67 9.24 75.02
C ALA H 282 -14.08 8.94 75.53
N LYS H 283 -15.09 9.17 74.70
CA LYS H 283 -16.46 8.96 75.15
C LYS H 283 -16.77 7.49 75.40
N ILE H 284 -16.26 6.58 74.55
CA ILE H 284 -16.55 5.17 74.79
C ILE H 284 -15.80 4.67 76.03
N LYS H 285 -14.60 5.19 76.31
CA LYS H 285 -13.92 4.82 77.53
C LYS H 285 -14.69 5.31 78.75
N LYS H 286 -15.23 6.54 78.68
CA LYS H 286 -16.11 7.04 79.73
C LYS H 286 -17.28 6.10 79.93
N PHE H 287 -17.94 5.70 78.84
CA PHE H 287 -19.10 4.82 78.94
C PHE H 287 -18.73 3.48 79.54
N SER H 288 -17.57 2.95 79.18
CA SER H 288 -17.14 1.66 79.71
C SER H 288 -16.85 1.75 81.21
N LYS H 289 -16.21 2.82 81.64
CA LYS H 289 -15.65 2.88 83.00
C LYS H 289 -16.61 3.48 84.03
N THR H 290 -17.26 4.60 83.72
CA THR H 290 -18.08 5.25 84.74
C THR H 290 -19.31 4.44 85.10
N ARG H 291 -19.81 3.63 84.16
CA ARG H 291 -20.93 2.74 84.40
C ARG H 291 -20.61 1.41 83.73
N SER H 292 -20.80 0.31 84.46
CA SER H 292 -20.69 -1.03 83.92
C SER H 292 -21.82 -1.96 84.34
N LYS H 293 -22.55 -1.65 85.41
CA LYS H 293 -23.65 -2.48 85.88
C LYS H 293 -24.95 -2.25 85.12
N ASP H 294 -25.01 -1.25 84.23
CA ASP H 294 -26.23 -0.95 83.48
C ASP H 294 -25.93 -0.57 82.03
N ILE H 295 -24.77 -0.95 81.50
CA ILE H 295 -24.47 -0.69 80.09
C ILE H 295 -25.51 -1.35 79.21
N PHE H 296 -25.74 -2.65 79.42
CA PHE H 296 -26.66 -3.39 78.57
C PHE H 296 -28.08 -2.86 78.70
N ASP H 297 -28.51 -2.56 79.93
CA ASP H 297 -29.86 -2.04 80.14
C ASP H 297 -30.06 -0.70 79.45
N GLN H 298 -29.13 0.24 79.66
CA GLN H 298 -29.25 1.56 79.05
C GLN H 298 -29.20 1.46 77.53
N LEU H 299 -28.27 0.65 77.01
CA LEU H 299 -28.11 0.53 75.58
C LEU H 299 -29.34 -0.11 74.94
N ALA H 300 -29.87 -1.16 75.54
CA ALA H 300 -31.08 -1.79 75.01
C ALA H 300 -32.27 -0.84 75.09
N LYS H 301 -32.34 -0.04 76.17
CA LYS H 301 -33.42 0.93 76.32
C LYS H 301 -33.38 1.96 75.21
N SER H 302 -32.18 2.45 74.88
CA SER H 302 -32.04 3.48 73.85
C SER H 302 -31.86 2.89 72.45
N LEU H 303 -31.91 1.57 72.30
CA LEU H 303 -31.67 0.90 71.02
C LEU H 303 -32.60 1.39 69.92
N ALA H 304 -33.90 1.13 70.05
CA ALA H 304 -34.91 1.49 69.05
C ALA H 304 -35.95 2.35 69.75
N PRO H 305 -35.69 3.65 69.92
CA PRO H 305 -36.58 4.47 70.77
C PRO H 305 -38.01 4.58 70.26
N SER H 306 -38.25 4.37 68.97
CA SER H 306 -39.58 4.64 68.42
C SER H 306 -40.63 3.67 68.96
N ILE H 307 -40.27 2.38 69.07
CA ILE H 307 -41.22 1.35 69.46
C ILE H 307 -41.26 1.29 70.98
N HIS H 308 -42.47 1.28 71.55
CA HIS H 308 -42.65 1.24 72.98
C HIS H 308 -42.41 -0.15 73.53
N GLY H 309 -41.91 -0.21 74.76
CA GLY H 309 -41.80 -1.47 75.47
C GLY H 309 -40.84 -2.42 74.80
N HIS H 310 -41.23 -3.69 74.76
CA HIS H 310 -40.40 -4.78 74.22
C HIS H 310 -39.02 -4.77 74.88
N ASP H 311 -39.01 -4.68 76.21
CA ASP H 311 -37.74 -4.55 76.92
C ASP H 311 -36.90 -5.80 76.73
N TYR H 312 -37.47 -6.97 77.02
CA TYR H 312 -36.71 -8.21 76.89
C TYR H 312 -36.38 -8.51 75.44
N VAL H 313 -37.32 -8.29 74.53
CA VAL H 313 -37.08 -8.58 73.12
C VAL H 313 -35.99 -7.67 72.57
N LYS H 314 -36.01 -6.39 72.94
CA LYS H 314 -34.96 -5.48 72.49
C LYS H 314 -33.61 -5.87 73.08
N LYS H 315 -33.61 -6.32 74.33
CA LYS H 315 -32.38 -6.86 74.92
C LYS H 315 -31.86 -8.03 74.08
N ALA H 316 -32.77 -8.90 73.62
CA ALA H 316 -32.34 -10.02 72.79
C ALA H 316 -31.85 -9.54 71.43
N ILE H 317 -32.48 -8.51 70.88
CA ILE H 317 -32.00 -7.93 69.63
C ILE H 317 -30.56 -7.45 69.81
N LEU H 318 -30.29 -6.83 70.94
CA LEU H 318 -28.93 -6.38 71.21
C LEU H 318 -28.00 -7.56 71.39
N CYS H 319 -28.50 -8.66 71.96
CA CYS H 319 -27.67 -9.87 72.08
C CYS H 319 -27.27 -10.41 70.72
N LEU H 320 -28.22 -10.45 69.78
CA LEU H 320 -27.88 -10.87 68.42
C LEU H 320 -26.93 -9.87 67.77
N LEU H 321 -27.15 -8.58 67.99
CA LEU H 321 -26.34 -7.56 67.34
C LEU H 321 -24.89 -7.64 67.76
N LEU H 322 -24.65 -7.66 69.08
CA LEU H 322 -23.28 -7.83 69.57
C LEU H 322 -22.76 -9.21 69.20
N GLY H 323 -23.59 -10.23 69.29
CA GLY H 323 -23.17 -11.59 69.06
C GLY H 323 -22.53 -12.19 70.30
N GLY H 324 -22.32 -13.50 70.24
CA GLY H 324 -21.55 -14.19 71.25
C GLY H 324 -20.08 -14.09 70.95
N VAL H 325 -19.38 -15.22 71.02
CA VAL H 325 -17.99 -15.34 70.58
C VAL H 325 -17.89 -16.65 69.83
N GLU H 326 -17.42 -16.60 68.59
CA GLU H 326 -17.23 -17.81 67.80
C GLU H 326 -16.09 -18.61 68.39
N ARG H 327 -16.41 -19.78 68.94
CA ARG H 327 -15.43 -20.63 69.62
C ARG H 327 -14.98 -21.71 68.65
N ASP H 328 -13.76 -21.58 68.13
CA ASP H 328 -13.17 -22.52 67.20
C ASP H 328 -12.19 -23.41 67.95
N LEU H 329 -12.15 -24.69 67.57
CA LEU H 329 -11.39 -25.70 68.29
C LEU H 329 -10.15 -26.10 67.50
N GLU H 330 -9.15 -26.60 68.23
CA GLU H 330 -7.91 -27.04 67.60
C GLU H 330 -8.16 -28.22 66.66
N ASN H 331 -9.08 -29.10 67.01
CA ASN H 331 -9.36 -30.28 66.22
C ASN H 331 -9.98 -29.97 64.85
N GLY H 332 -10.44 -28.75 64.63
CA GLY H 332 -11.20 -28.37 63.45
C GLY H 332 -12.68 -28.19 63.70
N SER H 333 -13.17 -28.51 64.89
CA SER H 333 -14.55 -28.22 65.23
C SER H 333 -14.74 -26.72 65.42
N HIS H 334 -15.97 -26.26 65.20
CA HIS H 334 -16.31 -24.84 65.28
C HIS H 334 -17.70 -24.74 65.88
N ILE H 335 -17.80 -24.08 67.02
CA ILE H 335 -19.06 -23.84 67.71
C ILE H 335 -19.41 -22.37 67.47
N ARG H 336 -20.52 -22.14 66.78
CA ARG H 336 -20.82 -20.81 66.30
C ARG H 336 -21.09 -19.85 67.45
N GLY H 337 -20.81 -18.57 67.21
CA GLY H 337 -20.98 -17.52 68.19
C GLY H 337 -22.12 -16.57 67.97
N ASP H 338 -22.98 -16.80 66.98
CA ASP H 338 -24.00 -15.84 66.56
C ASP H 338 -25.39 -16.34 66.94
N ILE H 339 -26.16 -15.48 67.58
CA ILE H 339 -27.52 -15.79 67.99
C ILE H 339 -28.46 -15.58 66.81
N ASN H 340 -29.55 -16.35 66.78
CA ASN H 340 -30.64 -16.15 65.84
C ASN H 340 -31.94 -15.97 66.62
N ILE H 341 -32.81 -15.10 66.12
CA ILE H 341 -34.02 -14.68 66.81
C ILE H 341 -35.20 -14.78 65.88
N LEU H 342 -36.33 -15.27 66.40
CA LEU H 342 -37.61 -15.28 65.71
C LEU H 342 -38.61 -14.48 66.55
N LEU H 343 -38.83 -13.22 66.19
CA LEU H 343 -40.00 -12.52 66.69
C LEU H 343 -41.25 -13.21 66.17
N ILE H 344 -42.30 -13.24 66.99
CA ILE H 344 -43.62 -13.60 66.52
C ILE H 344 -44.64 -13.01 67.48
N GLY H 345 -45.72 -12.49 66.92
CA GLY H 345 -46.67 -11.80 67.76
C GLY H 345 -47.90 -11.39 66.99
N ASP H 346 -48.77 -10.69 67.69
CA ASP H 346 -49.99 -10.21 67.07
C ASP H 346 -49.65 -9.18 65.99
N PRO H 347 -50.56 -8.94 65.04
CA PRO H 347 -50.34 -7.84 64.11
C PRO H 347 -50.30 -6.52 64.84
N SER H 348 -49.56 -5.57 64.27
CA SER H 348 -49.32 -4.26 64.88
C SER H 348 -48.60 -4.40 66.21
N VAL H 349 -47.49 -5.12 66.19
CA VAL H 349 -46.55 -5.17 67.31
C VAL H 349 -45.14 -4.92 66.77
N ALA H 350 -45.02 -4.13 65.70
CA ALA H 350 -43.75 -3.52 65.28
C ALA H 350 -42.70 -4.56 64.91
N LYS H 351 -43.13 -5.73 64.44
CA LYS H 351 -42.17 -6.77 64.09
C LYS H 351 -41.32 -6.34 62.91
N SER H 352 -41.97 -5.91 61.83
CA SER H 352 -41.26 -5.41 60.68
C SER H 352 -40.46 -4.16 61.01
N GLN H 353 -40.91 -3.38 62.01
CA GLN H 353 -40.17 -2.17 62.38
C GLN H 353 -38.88 -2.51 63.12
N LEU H 354 -38.90 -3.53 63.97
CA LEU H 354 -37.64 -4.01 64.54
C LEU H 354 -36.72 -4.53 63.45
N LEU H 355 -37.28 -5.29 62.49
CA LEU H 355 -36.47 -5.78 61.38
C LEU H 355 -35.81 -4.64 60.63
N ARG H 356 -36.61 -3.65 60.22
CA ARG H 356 -36.07 -2.53 59.45
C ARG H 356 -35.13 -1.70 60.29
N TYR H 357 -35.29 -1.71 61.62
CA TYR H 357 -34.32 -1.02 62.47
C TYR H 357 -32.96 -1.68 62.35
N VAL H 358 -32.93 -3.01 62.46
CA VAL H 358 -31.67 -3.74 62.29
C VAL H 358 -31.09 -3.47 60.90
N LEU H 359 -31.96 -3.46 59.89
CA LEU H 359 -31.51 -3.24 58.52
C LEU H 359 -30.88 -1.86 58.35
N CYS H 360 -31.44 -0.85 59.02
CA CYS H 360 -30.89 0.49 58.90
C CYS H 360 -29.58 0.63 59.68
N THR H 361 -29.49 0.01 60.87
CA THR H 361 -28.37 0.30 61.75
C THR H 361 -27.17 -0.64 61.56
N ALA H 362 -27.40 -1.94 61.50
CA ALA H 362 -26.29 -2.88 61.63
C ALA H 362 -25.44 -2.88 60.37
N PRO H 363 -24.17 -3.31 60.45
CA PRO H 363 -23.37 -3.48 59.24
C PRO H 363 -23.67 -4.81 58.57
N ARG H 364 -23.75 -4.78 57.24
CA ARG H 364 -24.05 -5.97 56.45
C ARG H 364 -25.37 -6.60 56.90
N ALA H 365 -26.42 -5.79 56.81
CA ALA H 365 -27.78 -6.20 57.12
C ALA H 365 -28.58 -6.28 55.84
N ILE H 366 -29.11 -7.45 55.53
CA ILE H 366 -29.77 -7.73 54.25
C ILE H 366 -31.26 -7.93 54.50
N PRO H 367 -32.16 -7.11 53.90
CA PRO H 367 -33.59 -7.41 54.00
C PRO H 367 -33.99 -8.59 53.14
N THR H 368 -35.09 -9.23 53.53
CA THR H 368 -35.78 -10.17 52.67
C THR H 368 -37.17 -10.42 53.24
N THR H 369 -38.13 -10.66 52.37
CA THR H 369 -39.52 -10.87 52.73
C THR H 369 -39.93 -12.27 52.26
N GLY H 370 -40.92 -12.85 52.96
CA GLY H 370 -41.26 -14.26 52.94
C GLY H 370 -41.15 -15.02 51.64
N ARG H 371 -41.89 -14.61 50.62
CA ARG H 371 -41.75 -15.14 49.27
C ARG H 371 -40.99 -14.19 48.35
N GLY H 372 -40.30 -13.19 48.91
CA GLY H 372 -39.42 -12.37 48.08
C GLY H 372 -38.26 -13.17 47.52
N SER H 373 -37.62 -13.97 48.37
CA SER H 373 -36.54 -14.87 47.97
C SER H 373 -36.98 -16.30 48.20
N SER H 374 -36.80 -17.13 47.18
CA SER H 374 -37.20 -18.53 47.20
C SER H 374 -35.95 -19.40 47.05
N GLY H 375 -35.39 -19.85 48.18
CA GLY H 375 -34.32 -20.82 48.12
C GLY H 375 -33.04 -20.25 47.55
N VAL H 376 -32.78 -20.59 46.29
CA VAL H 376 -31.59 -20.19 45.53
C VAL H 376 -31.24 -18.72 45.70
N GLY H 377 -32.23 -17.86 45.87
CA GLY H 377 -31.94 -16.49 46.24
C GLY H 377 -31.35 -16.38 47.64
N LEU H 378 -31.94 -17.09 48.60
CA LEU H 378 -31.54 -16.91 49.99
C LEU H 378 -30.17 -17.54 50.24
N THR H 379 -30.06 -18.84 50.03
CA THR H 379 -28.76 -19.50 50.04
C THR H 379 -28.07 -19.18 48.72
N ALA H 380 -26.86 -19.70 48.54
CA ALA H 380 -26.16 -19.51 47.29
C ALA H 380 -26.81 -20.32 46.18
N ALA H 381 -26.38 -20.07 44.94
CA ALA H 381 -26.82 -20.83 43.78
C ALA H 381 -25.63 -21.10 42.88
N VAL H 382 -25.80 -22.07 41.99
CA VAL H 382 -24.76 -22.47 41.04
C VAL H 382 -25.33 -22.31 39.64
N THR H 383 -24.77 -21.37 38.88
CA THR H 383 -25.15 -21.10 37.51
C THR H 383 -24.02 -21.57 36.60
N THR H 384 -24.24 -21.41 35.29
CA THR H 384 -23.22 -21.66 34.29
C THR H 384 -22.72 -20.33 33.75
N ASP H 385 -21.42 -20.25 33.49
CA ASP H 385 -20.85 -19.01 32.96
C ASP H 385 -21.44 -18.67 31.60
N GLN H 386 -21.62 -19.68 30.75
CA GLN H 386 -22.23 -19.63 29.41
C GLN H 386 -21.29 -19.02 28.37
N GLU H 387 -20.09 -18.60 28.74
CA GLU H 387 -19.04 -18.21 27.80
C GLU H 387 -17.83 -19.12 27.86
N THR H 388 -17.32 -19.40 29.06
CA THR H 388 -16.22 -20.34 29.26
C THR H 388 -16.69 -21.75 29.58
N GLY H 389 -17.99 -21.99 29.67
CA GLY H 389 -18.52 -23.33 29.90
C GLY H 389 -18.59 -23.75 31.36
N GLU H 390 -17.64 -23.30 32.17
CA GLU H 390 -17.56 -23.70 33.57
C GLU H 390 -18.81 -23.31 34.34
N ARG H 391 -18.93 -23.85 35.54
CA ARG H 391 -19.94 -23.40 36.48
C ARG H 391 -19.55 -22.05 37.04
N ARG H 392 -20.34 -21.56 37.99
CA ARG H 392 -20.01 -20.36 38.72
C ARG H 392 -20.93 -20.28 39.91
N LEU H 393 -20.43 -19.69 40.99
CA LEU H 393 -21.17 -19.55 42.23
C LEU H 393 -21.76 -18.15 42.28
N GLU H 394 -23.05 -18.08 42.60
CA GLU H 394 -23.76 -16.82 42.78
C GLU H 394 -24.14 -16.72 44.24
N ALA H 395 -23.55 -15.75 44.94
CA ALA H 395 -23.73 -15.61 46.37
C ALA H 395 -25.13 -15.07 46.67
N GLY H 396 -25.90 -15.83 47.44
CA GLY H 396 -27.22 -15.41 47.83
C GLY H 396 -27.18 -14.36 48.90
N ALA H 397 -28.36 -14.05 49.43
CA ALA H 397 -28.46 -13.01 50.46
C ALA H 397 -27.67 -13.38 51.70
N MET H 398 -27.77 -14.63 52.14
CA MET H 398 -27.05 -15.08 53.32
C MET H 398 -25.55 -14.95 53.12
N VAL H 399 -25.06 -15.40 51.97
CA VAL H 399 -23.63 -15.37 51.68
C VAL H 399 -23.15 -13.93 51.67
N LEU H 400 -23.91 -13.03 51.03
CA LEU H 400 -23.58 -11.62 51.09
C LEU H 400 -23.61 -11.11 52.54
N ALA H 401 -24.47 -11.68 53.37
CA ALA H 401 -24.65 -11.23 54.74
C ALA H 401 -23.68 -11.86 55.72
N ASP H 402 -22.76 -12.71 55.25
CA ASP H 402 -21.76 -13.35 56.11
C ASP H 402 -21.10 -12.35 57.05
N ARG H 403 -20.96 -12.75 58.31
CA ARG H 403 -20.51 -11.87 59.38
C ARG H 403 -21.41 -10.64 59.51
N GLY H 404 -22.71 -10.86 59.35
CA GLY H 404 -23.68 -9.79 59.47
C GLY H 404 -25.01 -10.33 59.91
N VAL H 405 -26.08 -9.80 59.33
CA VAL H 405 -27.44 -10.17 59.71
C VAL H 405 -28.34 -10.22 58.48
N VAL H 406 -29.30 -11.13 58.52
CA VAL H 406 -30.36 -11.21 57.53
C VAL H 406 -31.68 -11.03 58.27
N CYS H 407 -32.52 -10.13 57.79
CA CYS H 407 -33.82 -9.85 58.41
C CYS H 407 -34.92 -10.39 57.50
N ILE H 408 -35.63 -11.40 57.99
CA ILE H 408 -36.69 -12.07 57.25
C ILE H 408 -38.01 -11.54 57.77
N ASP H 409 -38.83 -11.02 56.86
CA ASP H 409 -40.17 -10.56 57.16
C ASP H 409 -41.17 -11.53 56.54
N GLU H 410 -42.29 -11.75 57.23
CA GLU H 410 -43.26 -12.76 56.84
C GLU H 410 -42.60 -14.14 56.84
N PHE H 411 -41.91 -14.45 57.93
CA PHE H 411 -41.20 -15.72 58.02
C PHE H 411 -42.17 -16.89 58.01
N ASP H 412 -43.32 -16.75 58.66
CA ASP H 412 -44.31 -17.84 58.61
C ASP H 412 -44.80 -18.08 57.19
N LYS H 413 -45.01 -17.00 56.44
CA LYS H 413 -45.46 -17.13 55.06
C LYS H 413 -44.33 -17.43 54.09
N MET H 414 -43.08 -17.43 54.54
CA MET H 414 -42.00 -17.96 53.73
C MET H 414 -42.26 -19.45 53.50
N SER H 415 -41.92 -19.92 52.30
CA SER H 415 -42.18 -21.31 51.97
C SER H 415 -41.33 -22.23 52.85
N ASP H 416 -41.84 -23.44 53.07
CA ASP H 416 -41.14 -24.39 53.91
C ASP H 416 -39.81 -24.81 53.29
N MET H 417 -39.76 -24.88 51.96
CA MET H 417 -38.53 -25.23 51.25
C MET H 417 -37.37 -24.31 51.63
N ASP H 418 -37.65 -23.02 51.79
CA ASP H 418 -36.60 -22.08 52.17
C ASP H 418 -36.07 -22.42 53.57
N ARG H 419 -36.96 -22.77 54.49
CA ARG H 419 -36.52 -23.09 55.84
C ARG H 419 -35.69 -24.38 55.84
N THR H 420 -36.10 -25.37 55.04
CA THR H 420 -35.27 -26.56 54.88
C THR H 420 -33.91 -26.19 54.30
N ALA H 421 -33.86 -25.18 53.44
CA ALA H 421 -32.58 -24.74 52.91
C ALA H 421 -31.72 -24.12 54.01
N ILE H 422 -32.31 -23.26 54.86
CA ILE H 422 -31.51 -22.58 55.88
C ILE H 422 -31.24 -23.46 57.09
N HIS H 423 -31.70 -24.71 57.08
CA HIS H 423 -31.28 -25.68 58.08
C HIS H 423 -29.76 -25.78 58.16
N GLU H 424 -29.06 -25.63 57.04
CA GLU H 424 -27.62 -25.51 57.06
C GLU H 424 -27.20 -24.34 57.93
N VAL H 425 -27.62 -23.14 57.56
CA VAL H 425 -27.01 -21.92 58.07
C VAL H 425 -27.37 -21.69 59.52
N MET H 426 -28.53 -22.14 59.97
CA MET H 426 -29.00 -21.72 61.29
C MET H 426 -28.15 -22.25 62.44
N GLU H 427 -27.24 -23.19 62.20
CA GLU H 427 -26.29 -23.66 63.21
C GLU H 427 -24.85 -23.61 62.73
N GLN H 428 -24.58 -23.96 61.47
CA GLN H 428 -23.20 -24.05 61.00
C GLN H 428 -22.67 -22.70 60.52
N GLY H 429 -23.50 -21.90 59.87
CA GLY H 429 -23.02 -20.73 59.17
C GLY H 429 -22.37 -21.03 57.84
N ARG H 430 -22.60 -22.22 57.28
CA ARG H 430 -21.97 -22.66 56.04
C ARG H 430 -23.03 -23.29 55.14
N VAL H 431 -22.93 -23.03 53.84
CA VAL H 431 -23.82 -23.58 52.83
C VAL H 431 -23.01 -24.53 51.98
N THR H 432 -23.46 -25.79 51.90
CA THR H 432 -22.78 -26.80 51.08
C THR H 432 -23.46 -26.93 49.73
N ILE H 433 -23.41 -25.84 48.97
CA ILE H 433 -23.92 -25.86 47.60
C ILE H 433 -23.04 -26.76 46.75
N ALA H 434 -23.64 -27.43 45.79
CA ALA H 434 -22.86 -28.26 44.88
C ALA H 434 -23.70 -28.63 43.68
N LYS H 435 -23.06 -28.63 42.52
CA LYS H 435 -23.61 -29.22 41.32
C LYS H 435 -22.47 -30.04 40.69
N ALA H 436 -22.65 -30.44 39.44
CA ALA H 436 -21.78 -31.45 38.83
C ALA H 436 -20.33 -30.97 38.77
N GLY H 437 -20.11 -29.76 38.30
CA GLY H 437 -18.78 -29.28 38.03
C GLY H 437 -18.13 -28.46 39.13
N ILE H 438 -18.88 -28.15 40.19
CA ILE H 438 -18.32 -27.35 41.27
C ILE H 438 -19.00 -27.75 42.57
N HIS H 439 -18.19 -28.15 43.53
CA HIS H 439 -18.61 -28.35 44.91
C HIS H 439 -18.01 -27.23 45.74
N ALA H 440 -18.74 -26.78 46.74
CA ALA H 440 -18.27 -25.66 47.53
C ALA H 440 -18.87 -25.73 48.92
N ARG H 441 -18.33 -24.89 49.80
CA ARG H 441 -18.71 -24.83 51.20
C ARG H 441 -18.54 -23.37 51.60
N LEU H 442 -19.60 -22.60 51.43
CA LEU H 442 -19.51 -21.15 51.45
C LEU H 442 -19.75 -20.60 52.84
N ASN H 443 -18.81 -19.82 53.35
CA ASN H 443 -18.99 -19.15 54.61
C ASN H 443 -20.18 -18.20 54.51
N ALA H 444 -21.28 -18.57 55.17
CA ALA H 444 -22.49 -17.76 55.27
C ALA H 444 -22.81 -17.48 56.73
N ARG H 445 -21.77 -17.30 57.54
CA ARG H 445 -21.88 -17.24 58.99
C ARG H 445 -22.47 -15.89 59.39
N CYS H 446 -23.80 -15.84 59.55
CA CYS H 446 -24.48 -14.59 59.83
C CYS H 446 -25.73 -14.84 60.65
N SER H 447 -26.05 -13.88 61.51
CA SER H 447 -27.25 -14.01 62.31
C SER H 447 -28.49 -13.88 61.43
N VAL H 448 -29.58 -14.46 61.91
CA VAL H 448 -30.89 -14.33 61.25
C VAL H 448 -31.87 -13.81 62.28
N LEU H 449 -32.39 -12.62 62.02
CA LEU H 449 -33.57 -12.11 62.70
C LEU H 449 -34.77 -12.38 61.80
N ALA H 450 -35.88 -12.80 62.39
CA ALA H 450 -37.06 -13.15 61.62
C ALA H 450 -38.30 -12.58 62.28
N ALA H 451 -39.34 -12.38 61.46
CA ALA H 451 -40.65 -11.96 61.92
C ALA H 451 -41.68 -12.87 61.26
N ALA H 452 -42.62 -13.33 62.05
CA ALA H 452 -43.68 -14.22 61.60
C ALA H 452 -44.95 -13.85 62.33
N ASN H 453 -46.10 -13.93 61.64
CA ASN H 453 -47.37 -13.83 62.34
C ASN H 453 -47.87 -15.23 62.68
N PRO H 454 -48.60 -15.43 63.78
CA PRO H 454 -48.99 -16.80 64.15
C PRO H 454 -50.04 -17.34 63.19
N VAL H 455 -50.29 -18.65 63.31
CA VAL H 455 -51.36 -19.24 62.55
C VAL H 455 -52.69 -18.64 63.00
N TYR H 456 -53.71 -18.78 62.14
CA TYR H 456 -55.03 -18.18 62.31
C TYR H 456 -55.01 -16.66 62.21
N GLY H 457 -53.95 -16.08 61.66
CA GLY H 457 -53.86 -14.63 61.57
C GLY H 457 -53.41 -13.92 62.82
N ARG H 458 -53.98 -14.29 63.97
CA ARG H 458 -53.69 -13.64 65.25
C ARG H 458 -53.47 -14.72 66.30
N TYR H 459 -52.64 -14.39 67.28
CA TYR H 459 -52.30 -15.34 68.34
C TYR H 459 -53.54 -15.69 69.14
N ASP H 460 -53.83 -16.98 69.22
CA ASP H 460 -54.93 -17.48 70.03
C ASP H 460 -54.46 -17.54 71.48
N GLN H 461 -54.97 -16.63 72.32
CA GLN H 461 -54.50 -16.54 73.69
C GLN H 461 -54.74 -17.83 74.47
N TYR H 462 -55.78 -18.58 74.12
CA TYR H 462 -56.20 -19.77 74.86
C TYR H 462 -55.80 -21.06 74.16
N LYS H 463 -54.61 -21.09 73.59
CA LYS H 463 -54.03 -22.31 73.02
C LYS H 463 -52.53 -22.32 73.30
N THR H 464 -51.97 -23.52 73.36
CA THR H 464 -50.56 -23.66 73.66
C THR H 464 -49.72 -23.08 72.51
N PRO H 465 -48.52 -22.55 72.78
CA PRO H 465 -47.71 -22.00 71.69
C PRO H 465 -47.38 -23.01 70.61
N MET H 466 -47.24 -24.29 70.93
CA MET H 466 -46.99 -25.28 69.88
C MET H 466 -48.15 -25.34 68.90
N GLU H 467 -49.36 -25.04 69.34
CA GLU H 467 -50.51 -24.99 68.46
C GLU H 467 -50.69 -23.63 67.81
N ASN H 468 -50.23 -22.56 68.45
CA ASN H 468 -50.28 -21.22 67.85
C ASN H 468 -49.21 -20.99 66.80
N ILE H 469 -48.12 -21.74 66.81
CA ILE H 469 -47.02 -21.58 65.86
C ILE H 469 -47.15 -22.68 64.82
N GLY H 470 -47.00 -22.31 63.55
CA GLY H 470 -47.05 -23.26 62.46
C GLY H 470 -45.69 -23.78 62.06
N LEU H 471 -44.82 -23.97 63.05
CA LEU H 471 -43.43 -24.38 62.83
C LEU H 471 -43.14 -25.57 63.73
N GLN H 472 -42.19 -26.39 63.29
CA GLN H 472 -41.89 -27.67 63.93
C GLN H 472 -40.75 -27.54 64.92
N ASP H 473 -40.64 -28.56 65.78
CA ASP H 473 -39.61 -28.58 66.81
C ASP H 473 -38.23 -28.40 66.23
N SER H 474 -37.98 -28.99 65.06
CA SER H 474 -36.68 -28.85 64.42
C SER H 474 -36.36 -27.39 64.15
N LEU H 475 -37.28 -26.68 63.49
CA LEU H 475 -37.03 -25.30 63.11
C LEU H 475 -36.90 -24.41 64.34
N LEU H 476 -37.79 -24.60 65.33
CA LEU H 476 -37.70 -23.78 66.53
C LEU H 476 -36.45 -24.08 67.33
N SER H 477 -35.88 -25.28 67.17
CA SER H 477 -34.60 -25.57 67.81
C SER H 477 -33.46 -24.90 67.06
N ARG H 478 -33.53 -24.87 65.72
CA ARG H 478 -32.48 -24.19 64.96
C ARG H 478 -32.42 -22.72 65.35
N PHE H 479 -33.57 -22.11 65.53
CA PHE H 479 -33.60 -20.77 66.10
C PHE H 479 -33.18 -20.84 67.55
N ASP H 480 -32.13 -20.09 67.90
CA ASP H 480 -31.71 -20.02 69.28
C ASP H 480 -32.80 -19.41 70.16
N LEU H 481 -33.42 -18.33 69.68
CA LEU H 481 -34.41 -17.58 70.45
C LEU H 481 -35.72 -17.49 69.68
N LEU H 482 -36.82 -17.73 70.39
CA LEU H 482 -38.16 -17.45 69.91
C LEU H 482 -38.85 -16.54 70.91
N PHE H 483 -39.52 -15.51 70.42
CA PHE H 483 -40.13 -14.49 71.26
C PHE H 483 -41.58 -14.28 70.89
N ILE H 484 -42.42 -14.13 71.92
CA ILE H 484 -43.85 -13.90 71.78
C ILE H 484 -44.14 -12.45 72.14
N MET H 485 -44.93 -11.78 71.31
CA MET H 485 -45.40 -10.42 71.57
C MET H 485 -46.90 -10.38 71.35
N LEU H 486 -47.62 -9.88 72.35
CA LEU H 486 -49.07 -9.81 72.30
C LEU H 486 -49.54 -8.42 72.69
N ASP H 487 -50.50 -7.91 71.94
CA ASP H 487 -51.05 -6.60 72.23
C ASP H 487 -51.92 -6.70 73.48
N GLN H 488 -51.31 -6.47 74.63
CA GLN H 488 -52.06 -6.46 75.89
C GLN H 488 -52.89 -5.18 75.94
N MET H 489 -54.22 -5.32 75.95
CA MET H 489 -55.13 -4.20 75.79
C MET H 489 -55.47 -3.54 77.12
N ASP H 490 -54.56 -3.59 78.10
CA ASP H 490 -54.81 -2.97 79.39
C ASP H 490 -54.95 -1.46 79.23
N PRO H 491 -55.67 -0.79 80.14
CA PRO H 491 -55.84 0.67 79.98
C PRO H 491 -54.54 1.45 80.07
N GLU H 492 -53.73 1.23 81.11
CA GLU H 492 -52.48 1.96 81.22
C GLU H 492 -51.55 1.62 80.06
N GLN H 493 -51.58 0.37 79.59
CA GLN H 493 -50.76 -0.01 78.44
C GLN H 493 -51.16 0.78 77.20
N ASP H 494 -52.46 0.84 76.91
CA ASP H 494 -52.92 1.57 75.74
C ASP H 494 -52.62 3.06 75.88
N ARG H 495 -52.78 3.60 77.09
CA ARG H 495 -52.44 4.99 77.36
C ARG H 495 -50.98 5.28 77.03
N GLU H 496 -50.05 4.47 77.57
CA GLU H 496 -48.64 4.78 77.40
C GLU H 496 -48.19 4.52 75.95
N ILE H 497 -48.67 3.44 75.33
CA ILE H 497 -48.25 3.16 73.96
C ILE H 497 -48.76 4.25 73.02
N SER H 498 -50.02 4.66 73.17
CA SER H 498 -50.53 5.71 72.27
C SER H 498 -49.85 7.04 72.54
N ASP H 499 -49.58 7.35 73.81
CA ASP H 499 -48.89 8.58 74.14
C ASP H 499 -47.50 8.61 73.51
N HIS H 500 -46.77 7.51 73.63
CA HIS H 500 -45.44 7.44 73.04
C HIS H 500 -45.49 7.52 71.53
N VAL H 501 -46.47 6.87 70.91
CA VAL H 501 -46.59 6.90 69.45
C VAL H 501 -46.82 8.33 68.98
N LEU H 502 -47.73 9.04 69.64
CA LEU H 502 -47.97 10.42 69.24
C LEU H 502 -46.76 11.29 69.53
N ARG H 503 -46.04 11.01 70.62
CA ARG H 503 -44.85 11.77 70.95
C ARG H 503 -43.81 11.66 69.84
N MET H 504 -43.60 10.45 69.33
CA MET H 504 -42.68 10.27 68.22
C MET H 504 -43.28 10.72 66.89
N HIS H 505 -44.60 10.92 66.81
CA HIS H 505 -45.16 11.58 65.64
C HIS H 505 -44.92 13.08 65.63
N ARG H 506 -44.83 13.72 66.79
CA ARG H 506 -44.47 15.15 66.82
C ARG H 506 -42.99 15.29 66.53
N ALA H 565 -26.81 7.38 69.18
CA ALA H 565 -27.00 6.87 67.83
C ALA H 565 -25.65 6.62 67.17
N ALA H 566 -24.92 7.69 66.86
CA ALA H 566 -23.60 7.53 66.26
C ALA H 566 -22.65 6.85 67.23
N PHE H 567 -22.71 7.21 68.50
CA PHE H 567 -21.92 6.51 69.51
C PHE H 567 -22.33 5.05 69.60
N MET H 568 -23.61 4.76 69.37
CA MET H 568 -24.05 3.37 69.32
C MET H 568 -23.42 2.63 68.14
N LYS H 569 -23.39 3.28 66.98
CA LYS H 569 -22.77 2.65 65.81
C LYS H 569 -21.30 2.39 66.05
N LYS H 570 -20.61 3.33 66.68
CA LYS H 570 -19.21 3.09 67.06
C LYS H 570 -19.09 1.94 68.05
N TYR H 571 -19.98 1.88 69.03
CA TYR H 571 -19.88 0.90 70.10
C TYR H 571 -20.07 -0.52 69.57
N ILE H 572 -21.00 -0.71 68.64
CA ILE H 572 -21.41 -2.07 68.29
C ILE H 572 -20.27 -2.86 67.65
N HIS H 573 -19.52 -2.25 66.72
CA HIS H 573 -18.51 -3.03 66.01
C HIS H 573 -17.25 -3.26 66.87
N VAL H 574 -16.89 -2.32 67.73
CA VAL H 574 -15.78 -2.58 68.65
C VAL H 574 -16.16 -3.66 69.66
N ALA H 575 -17.41 -3.64 70.14
CA ALA H 575 -17.85 -4.71 71.03
C ALA H 575 -17.86 -6.04 70.31
N LYS H 576 -18.22 -6.04 69.03
CA LYS H 576 -18.15 -7.27 68.22
C LYS H 576 -16.71 -7.76 68.10
N ILE H 577 -15.77 -6.83 67.95
CA ILE H 577 -14.35 -7.19 67.93
C ILE H 577 -13.94 -7.83 69.25
N ILE H 578 -14.43 -7.29 70.37
CA ILE H 578 -14.06 -7.78 71.69
C ILE H 578 -14.43 -9.26 71.81
N LYS H 579 -13.54 -10.04 72.45
CA LYS H 579 -13.70 -11.48 72.64
C LYS H 579 -13.51 -11.81 74.12
N PRO H 580 -14.57 -11.82 74.92
CA PRO H 580 -14.42 -12.21 76.33
C PRO H 580 -14.24 -13.70 76.49
N VAL H 581 -13.91 -14.09 77.73
CA VAL H 581 -13.80 -15.48 78.15
C VAL H 581 -14.56 -15.60 79.47
N LEU H 582 -15.11 -16.80 79.72
CA LEU H 582 -16.05 -17.01 80.82
C LEU H 582 -15.37 -17.65 82.02
N THR H 583 -15.93 -17.36 83.20
CA THR H 583 -15.40 -17.79 84.49
C THR H 583 -15.98 -19.13 84.92
N GLN H 584 -15.28 -19.78 85.87
CA GLN H 584 -15.76 -21.06 86.38
C GLN H 584 -17.01 -20.90 87.23
N GLU H 585 -17.16 -19.75 87.92
CA GLU H 585 -18.39 -19.46 88.62
C GLU H 585 -19.57 -19.46 87.69
N SER H 586 -19.46 -18.70 86.59
CA SER H 586 -20.50 -18.69 85.58
C SER H 586 -20.69 -20.07 84.97
N ALA H 587 -19.61 -20.84 84.86
CA ALA H 587 -19.71 -22.16 84.25
C ALA H 587 -20.56 -23.11 85.09
N THR H 588 -20.28 -23.17 86.40
CA THR H 588 -21.11 -23.97 87.28
C THR H 588 -22.54 -23.45 87.30
N TYR H 589 -22.70 -22.12 87.32
CA TYR H 589 -24.03 -21.54 87.36
C TYR H 589 -24.86 -21.91 86.14
N ILE H 590 -24.26 -21.85 84.95
CA ILE H 590 -25.00 -22.18 83.74
C ILE H 590 -25.30 -23.68 83.70
N ALA H 591 -24.36 -24.51 84.14
CA ALA H 591 -24.59 -25.95 84.15
C ALA H 591 -25.80 -26.29 85.02
N GLU H 592 -25.84 -25.75 86.25
CA GLU H 592 -26.95 -26.07 87.12
C GLU H 592 -28.24 -25.38 86.69
N GLU H 593 -28.16 -24.21 86.05
CA GLU H 593 -29.39 -23.56 85.59
C GLU H 593 -30.01 -24.32 84.43
N TYR H 594 -29.20 -24.75 83.48
CA TYR H 594 -29.73 -25.58 82.39
C TYR H 594 -30.23 -26.92 82.92
N SER H 595 -29.58 -27.46 83.96
CA SER H 595 -30.10 -28.67 84.58
C SER H 595 -31.46 -28.43 85.23
N ARG H 596 -31.61 -27.28 85.88
CA ARG H 596 -32.92 -26.90 86.42
C ARG H 596 -33.96 -26.84 85.31
N LEU H 597 -33.59 -26.24 84.19
CA LEU H 597 -34.54 -26.09 83.09
C LEU H 597 -34.94 -27.44 82.51
N ARG H 598 -33.97 -28.31 82.24
CA ARG H 598 -34.24 -29.64 81.68
C ARG H 598 -34.91 -30.50 82.74
N SER H 599 -36.21 -30.26 82.92
CA SER H 599 -37.00 -30.98 83.90
C SER H 599 -38.46 -30.60 83.72
N GLN H 600 -39.35 -31.56 83.90
CA GLN H 600 -40.77 -31.24 83.94
C GLN H 600 -41.09 -30.26 85.07
N ASP H 601 -40.34 -30.33 86.17
CA ASP H 601 -40.52 -29.39 87.27
C ASP H 601 -40.19 -27.96 86.89
N SER H 602 -39.43 -27.74 85.82
CA SER H 602 -39.15 -26.39 85.36
C SER H 602 -40.42 -25.69 84.91
N MET H 603 -41.28 -26.39 84.18
CA MET H 603 -42.54 -25.86 83.68
C MET H 603 -43.67 -26.27 84.62
N SER H 604 -44.88 -25.83 84.30
CA SER H 604 -46.07 -26.14 85.08
C SER H 604 -47.26 -26.14 84.15
N SER H 605 -48.37 -26.68 84.64
CA SER H 605 -49.61 -26.67 83.88
C SER H 605 -50.05 -25.24 83.60
N ASP H 606 -50.56 -25.02 82.38
CA ASP H 606 -50.96 -23.74 81.80
C ASP H 606 -49.77 -22.86 81.41
N THR H 607 -48.53 -23.30 81.63
CA THR H 607 -47.31 -22.61 81.19
C THR H 607 -46.50 -23.61 80.38
N ALA H 608 -46.84 -23.74 79.10
CA ALA H 608 -46.14 -24.66 78.21
C ALA H 608 -44.87 -24.01 77.67
N ARG H 609 -43.88 -24.84 77.38
CA ARG H 609 -42.66 -24.35 76.74
C ARG H 609 -42.99 -23.81 75.36
N THR H 610 -42.06 -23.04 74.80
CA THR H 610 -42.20 -22.46 73.47
C THR H 610 -41.37 -23.18 72.43
N SER H 611 -40.17 -23.63 72.78
CA SER H 611 -39.24 -24.30 71.89
C SER H 611 -38.65 -25.53 72.56
N PRO H 612 -38.25 -26.57 71.79
CA PRO H 612 -37.75 -27.78 72.43
C PRO H 612 -36.38 -27.58 73.06
N VAL H 613 -36.36 -27.52 74.39
CA VAL H 613 -35.13 -27.22 75.13
C VAL H 613 -34.09 -28.30 74.86
N THR H 614 -32.83 -27.87 74.74
CA THR H 614 -31.78 -28.75 74.25
C THR H 614 -30.42 -28.25 74.75
N ALA H 615 -29.39 -29.08 74.53
CA ALA H 615 -28.01 -28.60 74.53
C ALA H 615 -27.82 -27.34 73.69
N ARG H 616 -28.59 -27.18 72.62
CA ARG H 616 -28.65 -25.89 71.94
C ARG H 616 -29.07 -24.79 72.90
N THR H 617 -30.03 -25.07 73.79
CA THR H 617 -30.45 -24.06 74.75
C THR H 617 -29.30 -23.70 75.70
N LEU H 618 -28.55 -24.72 76.14
CA LEU H 618 -27.38 -24.40 76.98
C LEU H 618 -26.36 -23.58 76.20
N GLU H 619 -26.07 -24.00 74.97
CA GLU H 619 -25.05 -23.35 74.16
C GLU H 619 -25.43 -21.91 73.88
N THR H 620 -26.70 -21.68 73.59
CA THR H 620 -27.13 -20.32 73.30
C THR H 620 -27.20 -19.50 74.57
N LEU H 621 -27.40 -20.13 75.74
CA LEU H 621 -27.22 -19.39 76.98
C LEU H 621 -25.77 -18.94 77.14
N ILE H 622 -24.81 -19.80 76.78
CA ILE H 622 -23.41 -19.38 76.82
C ILE H 622 -23.19 -18.21 75.88
N ARG H 623 -23.76 -18.28 74.66
CA ARG H 623 -23.62 -17.18 73.72
C ARG H 623 -24.24 -15.90 74.27
N LEU H 624 -25.39 -16.01 74.93
CA LEU H 624 -26.03 -14.84 75.51
C LEU H 624 -25.17 -14.23 76.61
N ALA H 625 -24.60 -15.07 77.48
CA ALA H 625 -23.75 -14.56 78.55
C ALA H 625 -22.51 -13.86 77.99
N THR H 626 -21.88 -14.48 76.98
CA THR H 626 -20.71 -13.86 76.36
C THR H 626 -21.11 -12.56 75.68
N ALA H 627 -22.28 -12.51 75.07
CA ALA H 627 -22.75 -11.27 74.44
C ALA H 627 -22.91 -10.16 75.47
N HIS H 628 -23.49 -10.48 76.62
CA HIS H 628 -23.60 -9.48 77.67
C HIS H 628 -22.22 -9.05 78.17
N ALA H 629 -21.26 -9.97 78.20
CA ALA H 629 -19.90 -9.59 78.54
C ALA H 629 -19.31 -8.62 77.52
N LYS H 630 -19.58 -8.87 76.22
CA LYS H 630 -19.13 -7.94 75.19
C LYS H 630 -19.74 -6.57 75.39
N ALA H 631 -21.01 -6.54 75.80
CA ALA H 631 -21.65 -5.27 76.13
C ALA H 631 -20.91 -4.57 77.26
N ARG H 632 -20.57 -5.33 78.31
CA ARG H 632 -19.92 -4.72 79.47
C ARG H 632 -18.44 -4.41 79.26
N MET H 633 -17.83 -4.89 78.17
CA MET H 633 -16.41 -4.68 77.89
C MET H 633 -15.49 -5.27 78.97
N SER H 634 -16.00 -6.19 79.80
CA SER H 634 -15.21 -6.68 80.91
C SER H 634 -14.18 -7.73 80.50
N LYS H 635 -14.33 -8.34 79.32
CA LYS H 635 -13.53 -9.49 78.89
C LYS H 635 -13.67 -10.68 79.84
N THR H 636 -14.74 -10.72 80.65
CA THR H 636 -14.90 -11.72 81.70
C THR H 636 -16.40 -11.97 81.86
N VAL H 637 -16.88 -13.11 81.37
CA VAL H 637 -18.30 -13.41 81.49
C VAL H 637 -18.56 -13.76 82.94
N ASP H 638 -19.12 -12.81 83.69
CA ASP H 638 -19.30 -12.96 85.11
C ASP H 638 -20.72 -13.46 85.42
N LEU H 639 -20.96 -13.68 86.72
CA LEU H 639 -22.27 -14.17 87.15
C LEU H 639 -23.37 -13.19 86.80
N GLN H 640 -23.06 -11.89 86.71
CA GLN H 640 -24.04 -10.91 86.25
C GLN H 640 -24.54 -11.28 84.85
N ASP H 641 -23.61 -11.51 83.92
CA ASP H 641 -23.99 -11.86 82.56
C ASP H 641 -24.72 -13.19 82.53
N ALA H 642 -24.25 -14.16 83.31
CA ALA H 642 -24.91 -15.46 83.32
C ALA H 642 -26.34 -15.36 83.84
N GLU H 643 -26.55 -14.61 84.93
CA GLU H 643 -27.88 -14.41 85.46
C GLU H 643 -28.77 -13.69 84.47
N GLU H 644 -28.24 -12.66 83.80
CA GLU H 644 -29.04 -11.92 82.84
C GLU H 644 -29.46 -12.81 81.67
N ALA H 645 -28.55 -13.65 81.19
CA ALA H 645 -28.91 -14.59 80.14
C ALA H 645 -29.93 -15.60 80.63
N VAL H 646 -29.84 -15.99 81.91
CA VAL H 646 -30.81 -16.92 82.48
C VAL H 646 -32.20 -16.28 82.47
N GLU H 647 -32.30 -15.03 82.89
CA GLU H 647 -33.57 -14.33 82.88
C GLU H 647 -34.12 -14.22 81.47
N LEU H 648 -33.25 -13.88 80.51
CA LEU H 648 -33.69 -13.72 79.13
C LEU H 648 -34.22 -15.02 78.55
N VAL H 649 -33.47 -16.11 78.73
CA VAL H 649 -33.91 -17.38 78.16
C VAL H 649 -35.19 -17.86 78.85
N GLN H 650 -35.32 -17.61 80.16
CA GLN H 650 -36.53 -18.01 80.87
C GLN H 650 -37.74 -17.29 80.31
N TYR H 651 -37.66 -15.96 80.19
CA TYR H 651 -38.80 -15.21 79.68
C TYR H 651 -39.11 -15.59 78.23
N ALA H 652 -38.08 -15.81 77.42
CA ALA H 652 -38.32 -16.15 76.02
C ALA H 652 -38.89 -17.55 75.85
N TYR H 653 -38.58 -18.48 76.76
CA TYR H 653 -38.93 -19.88 76.59
C TYR H 653 -40.18 -20.30 77.34
N PHE H 654 -40.69 -19.48 78.27
CA PHE H 654 -41.88 -19.82 79.03
C PHE H 654 -42.97 -18.79 78.82
N LYS H 655 -44.18 -19.28 78.50
CA LYS H 655 -45.33 -18.44 78.22
C LYS H 655 -46.56 -19.16 78.73
N LYS H 656 -47.53 -18.39 79.22
CA LYS H 656 -48.70 -18.94 79.87
C LYS H 656 -49.78 -19.31 78.87
N VAL H 657 -50.76 -20.08 79.34
CA VAL H 657 -51.89 -20.52 78.53
C VAL H 657 -53.16 -20.42 79.36
N VAL I 107 2.94 -64.79 -5.21
CA VAL I 107 1.72 -64.05 -5.46
C VAL I 107 1.29 -64.26 -6.91
N ARG I 108 0.00 -64.53 -7.11
CA ARG I 108 -0.55 -64.72 -8.44
C ARG I 108 -0.75 -63.39 -9.15
N GLY I 109 -1.09 -62.34 -8.41
CA GLY I 109 -1.47 -61.07 -8.97
C GLY I 109 -2.72 -60.47 -8.35
N THR I 110 -3.19 -61.02 -7.22
CA THR I 110 -4.37 -60.50 -6.58
C THR I 110 -4.10 -59.09 -6.06
N PRO I 111 -5.13 -58.23 -6.02
CA PRO I 111 -4.89 -56.82 -5.69
C PRO I 111 -4.42 -56.64 -4.26
N VAL I 112 -3.55 -55.65 -4.07
CA VAL I 112 -3.09 -55.25 -2.75
C VAL I 112 -3.91 -54.02 -2.38
N ARG I 113 -5.06 -54.26 -1.76
CA ARG I 113 -5.91 -53.17 -1.30
C ARG I 113 -5.33 -52.61 0.00
N GLN I 114 -5.28 -51.29 0.07
CA GLN I 114 -4.59 -50.64 1.17
C GLN I 114 -5.32 -50.91 2.49
N ARG I 115 -4.60 -50.71 3.59
CA ARG I 115 -5.09 -50.97 4.94
C ARG I 115 -5.46 -49.64 5.61
N PRO I 116 -6.68 -49.14 5.42
CA PRO I 116 -7.01 -47.85 6.05
C PRO I 116 -6.96 -47.88 7.57
N ASP I 117 -7.32 -49.01 8.19
CA ASP I 117 -7.42 -49.05 9.64
C ASP I 117 -6.04 -49.06 10.30
N LEU I 118 -5.05 -49.67 9.64
CA LEU I 118 -3.71 -49.72 10.21
C LEU I 118 -3.14 -48.31 10.39
N GLY I 119 -3.38 -47.44 9.42
CA GLY I 119 -2.95 -46.06 9.49
C GLY I 119 -2.49 -45.57 8.14
N SER I 120 -2.14 -44.28 8.06
CA SER I 120 -1.50 -43.77 6.87
C SER I 120 -0.13 -44.42 6.71
N ALA I 121 0.33 -44.47 5.46
CA ALA I 121 1.64 -45.05 5.19
C ALA I 121 2.74 -44.19 5.80
N GLN I 122 3.98 -44.64 5.64
CA GLN I 122 5.14 -43.87 6.04
C GLN I 122 6.27 -44.22 5.09
N LYS I 123 7.45 -43.66 5.34
CA LYS I 123 8.61 -43.92 4.48
C LYS I 123 9.01 -45.39 4.55
N GLY I 124 8.95 -45.98 5.74
CA GLY I 124 9.55 -47.28 5.92
C GLY I 124 11.05 -47.12 5.79
N LEU I 125 11.63 -46.31 6.67
CA LEU I 125 13.05 -46.01 6.65
C LEU I 125 13.81 -47.07 7.43
N GLN I 126 14.85 -47.63 6.80
CA GLN I 126 15.64 -48.70 7.37
C GLN I 126 17.09 -48.26 7.56
N VAL I 127 17.75 -48.84 8.56
CA VAL I 127 19.06 -48.38 9.00
C VAL I 127 19.80 -49.57 9.59
N ASP I 128 21.12 -49.58 9.41
CA ASP I 128 22.02 -50.59 9.94
C ASP I 128 22.66 -50.10 11.23
N LEU I 129 22.92 -51.04 12.14
CA LEU I 129 23.54 -50.73 13.42
C LEU I 129 25.05 -50.93 13.34
N LYS I 149 20.83 -56.69 11.46
CA LYS I 149 21.42 -56.26 10.19
C LYS I 149 20.86 -54.90 9.78
N LEU I 150 19.68 -54.90 9.16
CA LEU I 150 19.08 -53.70 8.56
C LEU I 150 17.69 -53.55 9.15
N VAL I 151 17.61 -52.88 10.30
CA VAL I 151 16.37 -52.75 11.04
C VAL I 151 15.59 -51.57 10.50
N ILE I 152 14.32 -51.44 10.89
CA ILE I 152 13.53 -50.26 10.53
C ILE I 152 13.87 -49.15 11.50
N TRP I 153 14.00 -47.94 10.95
CA TRP I 153 14.36 -46.76 11.73
C TRP I 153 13.35 -46.53 12.85
N GLY I 154 13.87 -46.21 14.04
CA GLY I 154 13.03 -46.00 15.20
C GLY I 154 12.58 -47.24 15.91
N THR I 155 12.80 -48.43 15.32
CA THR I 155 12.24 -49.67 15.82
C THR I 155 13.32 -50.75 15.86
N ASP I 156 13.15 -51.70 16.76
CA ASP I 156 13.96 -52.91 16.80
C ASP I 156 13.21 -54.04 16.07
N VAL I 157 13.03 -53.82 14.78
CA VAL I 157 12.34 -54.76 13.90
C VAL I 157 13.19 -54.98 12.67
N ASN I 158 13.19 -56.21 12.17
CA ASN I 158 13.68 -56.55 10.85
C ASN I 158 12.52 -57.13 10.08
N VAL I 159 12.31 -56.64 8.86
CA VAL I 159 11.27 -57.20 7.99
C VAL I 159 11.51 -58.69 7.80
N ALA I 160 12.75 -59.08 7.52
CA ALA I 160 13.03 -60.49 7.27
C ALA I 160 12.80 -61.32 8.52
N ALA I 161 13.24 -60.83 9.68
CA ALA I 161 13.11 -61.62 10.91
C ALA I 161 11.66 -61.79 11.30
N CYS I 162 10.88 -60.70 11.31
CA CYS I 162 9.47 -60.81 11.68
C CYS I 162 8.71 -61.67 10.69
N LYS I 163 8.97 -61.49 9.39
CA LYS I 163 8.33 -62.30 8.36
C LYS I 163 8.62 -63.77 8.57
N GLU I 164 9.89 -64.13 8.78
CA GLU I 164 10.23 -65.53 8.92
C GLU I 164 9.67 -66.12 10.20
N ASN I 165 9.72 -65.37 11.31
CA ASN I 165 9.19 -65.88 12.56
C ASN I 165 7.70 -66.16 12.45
N PHE I 166 6.96 -65.26 11.79
CA PHE I 166 5.53 -65.53 11.65
C PHE I 166 5.26 -66.64 10.64
N GLN I 167 6.13 -66.81 9.64
CA GLN I 167 5.96 -67.97 8.75
C GLN I 167 6.15 -69.28 9.52
N ARG I 168 7.13 -69.32 10.42
CA ARG I 168 7.28 -70.46 11.31
C ARG I 168 6.02 -70.64 12.15
N PHE I 169 5.52 -69.54 12.70
CA PHE I 169 4.33 -69.61 13.55
C PHE I 169 3.14 -70.18 12.78
N LEU I 170 2.99 -69.76 11.53
CA LEU I 170 1.94 -70.32 10.68
C LEU I 170 2.13 -71.80 10.48
N GLN I 171 3.33 -72.20 10.03
CA GLN I 171 3.48 -73.56 9.53
C GLN I 171 3.52 -74.58 10.66
N ARG I 172 4.15 -74.22 11.79
CA ARG I 172 4.27 -75.11 12.95
C ARG I 172 3.80 -74.35 14.19
N PHE I 173 2.49 -74.39 14.43
CA PHE I 173 1.94 -74.05 15.73
C PHE I 173 0.66 -74.88 15.88
N ILE I 174 0.79 -76.02 16.54
CA ILE I 174 -0.34 -76.83 16.97
C ILE I 174 -0.57 -76.46 18.42
N ASP I 175 -1.83 -76.51 18.85
CA ASP I 175 -2.15 -76.06 20.18
C ASP I 175 -1.55 -76.99 21.24
N PRO I 176 -1.17 -76.48 22.42
CA PRO I 176 -0.96 -77.41 23.54
C PRO I 176 -2.26 -78.05 24.00
N LEU I 177 -3.34 -77.28 23.97
CA LEU I 177 -4.68 -77.77 24.23
C LEU I 177 -5.63 -77.00 23.33
N ALA I 178 -6.54 -77.72 22.65
CA ALA I 178 -7.59 -77.10 21.85
C ALA I 178 -8.90 -77.80 22.21
N LYS I 179 -9.62 -77.21 23.17
CA LYS I 179 -10.92 -77.73 23.56
C LYS I 179 -11.85 -77.64 22.36
N GLU I 180 -12.25 -78.78 21.78
CA GLU I 180 -13.15 -78.74 20.63
C GLU I 180 -14.48 -78.08 20.98
N GLU I 181 -14.92 -78.23 22.23
CA GLU I 181 -16.21 -77.68 22.63
C GLU I 181 -16.21 -76.15 22.55
N GLU I 182 -15.15 -75.51 23.02
CA GLU I 182 -15.02 -74.05 22.96
C GLU I 182 -14.42 -73.55 21.65
N ASN I 183 -13.79 -74.43 20.86
CA ASN I 183 -13.05 -74.05 19.66
C ASN I 183 -13.37 -75.03 18.54
N VAL I 184 -14.66 -75.23 18.28
CA VAL I 184 -15.17 -76.04 17.17
C VAL I 184 -14.42 -75.75 15.88
N GLY I 185 -14.02 -76.80 15.18
CA GLY I 185 -13.22 -76.68 13.99
C GLY I 185 -11.72 -76.63 14.20
N ILE I 186 -11.27 -76.59 15.45
CA ILE I 186 -9.85 -76.52 15.80
C ILE I 186 -9.44 -77.88 16.36
N ASP I 187 -8.48 -78.53 15.70
CA ASP I 187 -7.99 -79.83 16.11
C ASP I 187 -6.71 -79.69 16.93
N ILE I 188 -6.27 -80.82 17.48
CA ILE I 188 -5.03 -80.91 18.25
C ILE I 188 -3.91 -81.57 17.43
N THR I 189 -4.19 -82.03 16.20
CA THR I 189 -3.22 -82.74 15.38
C THR I 189 -2.59 -81.83 14.34
N GLU I 190 -3.40 -81.28 13.45
CA GLU I 190 -2.89 -80.49 12.34
C GLU I 190 -2.30 -79.17 12.86
N PRO I 191 -1.39 -78.55 12.12
CA PRO I 191 -1.01 -77.17 12.46
C PRO I 191 -2.23 -76.27 12.46
N LEU I 192 -2.25 -75.32 13.39
CA LEU I 192 -3.48 -74.61 13.73
C LEU I 192 -4.01 -73.82 12.54
N TYR I 193 -3.27 -72.81 12.11
CA TYR I 193 -3.80 -71.88 11.13
C TYR I 193 -3.83 -72.44 9.71
N MET I 194 -3.18 -73.58 9.45
CA MET I 194 -3.19 -74.13 8.09
C MET I 194 -4.59 -74.55 7.66
N GLN I 195 -5.34 -75.19 8.57
CA GLN I 195 -6.71 -75.52 8.22
C GLN I 195 -7.58 -74.27 8.15
N ARG I 196 -7.22 -73.22 8.90
CA ARG I 196 -7.88 -71.93 8.70
C ARG I 196 -7.65 -71.42 7.29
N LEU I 197 -6.43 -71.55 6.79
CA LEU I 197 -6.20 -71.19 5.39
C LEU I 197 -7.02 -72.08 4.47
N GLY I 198 -7.20 -73.36 4.83
CA GLY I 198 -8.03 -74.23 4.03
C GLY I 198 -9.48 -73.77 3.95
N GLU I 199 -10.03 -73.32 5.08
CA GLU I 199 -11.40 -72.81 5.04
C GLU I 199 -11.45 -71.45 4.33
N ILE I 200 -10.40 -70.64 4.45
CA ILE I 200 -10.34 -69.40 3.70
C ILE I 200 -10.16 -69.68 2.21
N ASN I 201 -9.76 -70.91 1.85
CA ASN I 201 -9.80 -71.32 0.44
C ASN I 201 -11.19 -71.80 0.03
N VAL I 202 -11.87 -72.56 0.89
CA VAL I 202 -13.17 -73.10 0.48
C VAL I 202 -14.22 -72.00 0.39
N ILE I 203 -14.14 -70.98 1.25
CA ILE I 203 -15.00 -69.79 1.17
C ILE I 203 -14.13 -68.58 0.84
N GLY I 204 -14.77 -67.44 0.60
CA GLY I 204 -14.12 -66.29 -0.02
C GLY I 204 -13.76 -65.10 0.84
N GLU I 205 -13.91 -65.16 2.15
CA GLU I 205 -13.58 -64.02 3.01
C GLU I 205 -12.08 -64.04 3.32
N PRO I 206 -11.28 -63.00 2.94
CA PRO I 206 -9.82 -63.09 3.20
C PRO I 206 -9.39 -62.53 4.55
N PHE I 207 -9.76 -63.20 5.64
CA PHE I 207 -9.40 -62.75 6.97
C PHE I 207 -9.04 -63.91 7.87
N LEU I 208 -7.94 -63.76 8.60
CA LEU I 208 -7.36 -64.83 9.42
C LEU I 208 -7.21 -64.34 10.85
N ASN I 209 -7.84 -65.04 11.80
CA ASN I 209 -7.88 -64.62 13.21
C ASN I 209 -6.61 -65.07 13.92
N VAL I 210 -5.63 -64.17 14.02
CA VAL I 210 -4.33 -64.50 14.62
C VAL I 210 -4.40 -64.18 16.11
N ASN I 211 -4.54 -65.19 16.94
CA ASN I 211 -4.67 -64.96 18.37
C ASN I 211 -3.33 -64.50 18.96
N CYS I 212 -3.30 -63.28 19.48
CA CYS I 212 -2.06 -62.73 20.01
C CYS I 212 -1.50 -63.53 21.16
N GLU I 213 -2.33 -64.26 21.90
CA GLU I 213 -1.81 -65.07 23.00
C GLU I 213 -1.22 -66.38 22.50
N HIS I 214 -1.75 -66.92 21.40
CA HIS I 214 -1.02 -67.99 20.70
C HIS I 214 0.36 -67.50 20.32
N ILE I 215 0.46 -66.28 19.79
CA ILE I 215 1.78 -65.74 19.44
C ILE I 215 2.63 -65.57 20.70
N LYS I 216 2.02 -65.15 21.81
CA LYS I 216 2.79 -64.98 23.04
C LYS I 216 3.38 -66.29 23.52
N SER I 217 2.59 -67.36 23.47
CA SER I 217 3.12 -68.67 23.85
C SER I 217 4.22 -69.12 22.91
N PHE I 218 4.02 -68.91 21.61
CA PHE I 218 4.98 -69.39 20.62
C PHE I 218 6.30 -68.62 20.72
N ASP I 219 6.24 -67.30 20.51
CA ASP I 219 7.42 -66.47 20.30
C ASP I 219 7.17 -65.14 20.99
N LYS I 220 7.75 -64.96 22.19
CA LYS I 220 7.57 -63.72 22.93
C LYS I 220 8.16 -62.54 22.18
N ASN I 221 9.26 -62.77 21.45
CA ASN I 221 9.86 -61.69 20.67
C ASN I 221 8.90 -61.17 19.62
N LEU I 222 8.21 -62.07 18.91
CA LEU I 222 7.28 -61.61 17.89
C LEU I 222 6.07 -60.92 18.52
N TYR I 223 5.67 -61.34 19.72
CA TYR I 223 4.64 -60.59 20.44
C TYR I 223 5.09 -59.17 20.66
N ARG I 224 6.31 -58.99 21.17
CA ARG I 224 6.80 -57.65 21.43
C ARG I 224 6.82 -56.83 20.16
N GLN I 225 7.30 -57.42 19.06
CA GLN I 225 7.40 -56.65 17.83
C GLN I 225 6.03 -56.30 17.27
N LEU I 226 5.07 -57.22 17.31
CA LEU I 226 3.75 -56.92 16.74
C LEU I 226 3.01 -55.89 17.59
N ILE I 227 2.99 -56.08 18.92
CA ILE I 227 2.21 -55.23 19.80
C ILE I 227 3.06 -54.04 20.25
N SER I 228 4.21 -53.80 19.60
CA SER I 228 4.86 -52.50 19.62
C SER I 228 4.86 -51.79 18.28
N TYR I 229 4.75 -52.51 17.17
CA TYR I 229 4.96 -51.96 15.82
C TYR I 229 3.93 -52.53 14.86
N PRO I 230 2.64 -52.32 15.12
CA PRO I 230 1.60 -53.05 14.38
C PRO I 230 1.52 -52.74 12.89
N GLN I 231 1.55 -51.46 12.52
CA GLN I 231 1.24 -51.11 11.13
C GLN I 231 2.30 -51.56 10.14
N GLU I 232 3.47 -52.01 10.61
CA GLU I 232 4.56 -52.50 9.77
C GLU I 232 4.80 -53.98 9.94
N VAL I 233 4.62 -54.52 11.14
CA VAL I 233 4.70 -55.96 11.32
C VAL I 233 3.51 -56.63 10.63
N ILE I 234 2.34 -56.01 10.70
CA ILE I 234 1.14 -56.61 10.11
C ILE I 234 1.24 -56.74 8.60
N PRO I 235 1.71 -55.75 7.83
CA PRO I 235 1.87 -55.99 6.39
C PRO I 235 2.85 -57.11 6.07
N THR I 236 3.89 -57.30 6.87
CA THR I 236 4.78 -58.43 6.65
C THR I 236 4.05 -59.75 6.93
N PHE I 237 3.24 -59.79 7.99
CA PHE I 237 2.43 -60.96 8.26
C PHE I 237 1.48 -61.23 7.11
N ASP I 238 0.92 -60.16 6.55
CA ASP I 238 0.05 -60.28 5.37
C ASP I 238 0.82 -60.88 4.20
N MET I 239 2.04 -60.39 3.97
CA MET I 239 2.85 -60.90 2.87
C MET I 239 3.14 -62.37 3.04
N ALA I 240 3.53 -62.76 4.25
CA ALA I 240 3.83 -64.16 4.53
C ALA I 240 2.60 -65.04 4.33
N VAL I 241 1.45 -64.59 4.83
CA VAL I 241 0.24 -65.40 4.74
C VAL I 241 -0.16 -65.56 3.29
N ASN I 242 -0.13 -64.47 2.52
CA ASN I 242 -0.48 -64.56 1.11
C ASN I 242 0.49 -65.46 0.37
N GLU I 243 1.77 -65.37 0.70
CA GLU I 243 2.79 -66.19 0.05
C GLU I 243 2.57 -67.67 0.34
N ILE I 244 2.38 -68.02 1.62
CA ILE I 244 2.15 -69.42 1.99
C ILE I 244 0.85 -69.93 1.36
N PHE I 245 -0.20 -69.12 1.41
CA PHE I 245 -1.49 -69.54 0.89
C PHE I 245 -1.43 -69.79 -0.60
N PHE I 246 -0.78 -68.90 -1.34
CA PHE I 246 -0.75 -69.06 -2.79
C PHE I 246 0.23 -70.14 -3.20
N ASP I 247 1.26 -70.39 -2.39
CA ASP I 247 2.10 -71.56 -2.60
C ASP I 247 1.29 -72.83 -2.45
N ARG I 248 0.46 -72.91 -1.41
CA ARG I 248 -0.35 -74.10 -1.19
C ARG I 248 -1.41 -74.28 -2.28
N TYR I 249 -2.15 -73.21 -2.58
CA TYR I 249 -3.26 -73.24 -3.53
C TYR I 249 -2.92 -72.35 -4.72
N PRO I 250 -2.49 -72.90 -5.87
CA PRO I 250 -2.17 -72.00 -6.99
C PRO I 250 -3.40 -71.40 -7.64
N ASP I 251 -4.45 -72.20 -7.86
CA ASP I 251 -5.63 -71.77 -8.58
C ASP I 251 -6.71 -71.18 -7.69
N SER I 252 -6.51 -71.13 -6.37
CA SER I 252 -7.45 -70.46 -5.51
C SER I 252 -7.46 -68.96 -5.80
N ILE I 253 -8.64 -68.35 -5.75
CA ILE I 253 -8.84 -66.96 -6.13
C ILE I 253 -9.58 -66.26 -4.99
N LEU I 254 -8.89 -65.37 -4.29
CA LEU I 254 -9.49 -64.47 -3.32
C LEU I 254 -9.57 -63.08 -3.91
N GLU I 255 -10.60 -62.33 -3.51
CA GLU I 255 -10.82 -61.00 -4.07
C GLU I 255 -9.64 -60.08 -3.82
N HIS I 256 -8.93 -60.28 -2.72
CA HIS I 256 -7.66 -59.59 -2.50
C HIS I 256 -6.87 -60.41 -1.50
N GLN I 257 -5.73 -59.87 -1.09
CA GLN I 257 -4.83 -60.56 -0.19
C GLN I 257 -5.53 -60.86 1.13
N ILE I 258 -5.18 -62.01 1.73
CA ILE I 258 -5.60 -62.30 3.09
C ILE I 258 -5.09 -61.19 3.99
N GLN I 259 -5.84 -60.88 5.04
CA GLN I 259 -5.40 -59.97 6.08
C GLN I 259 -5.46 -60.66 7.43
N VAL I 260 -4.45 -60.39 8.23
CA VAL I 260 -4.35 -60.96 9.57
C VAL I 260 -5.04 -60.00 10.54
N ARG I 261 -5.96 -60.53 11.33
CA ARG I 261 -6.61 -59.81 12.41
C ARG I 261 -5.94 -60.23 13.70
N PRO I 262 -4.97 -59.46 14.23
CA PRO I 262 -4.40 -59.80 15.54
C PRO I 262 -5.19 -59.23 16.70
N PHE I 263 -5.69 -60.08 17.60
CA PHE I 263 -6.54 -59.65 18.69
C PHE I 263 -6.15 -60.38 19.96
N ASN I 264 -6.90 -60.11 21.03
CA ASN I 264 -6.65 -60.67 22.35
C ASN I 264 -5.23 -60.36 22.80
N ALA I 265 -4.75 -59.17 22.47
CA ALA I 265 -3.54 -58.68 23.10
C ALA I 265 -3.77 -58.53 24.59
N LEU I 266 -2.67 -58.46 25.34
CA LEU I 266 -2.73 -58.39 26.79
C LEU I 266 -3.56 -57.19 27.22
N LYS I 267 -4.69 -57.48 27.86
CA LYS I 267 -5.69 -56.48 28.20
C LYS I 267 -5.12 -55.36 29.07
N THR I 268 -5.02 -54.16 28.52
CA THR I 268 -4.96 -52.99 29.37
C THR I 268 -6.30 -52.85 30.07
N LYS I 269 -6.26 -52.50 31.35
CA LYS I 269 -7.50 -52.42 32.10
C LYS I 269 -8.23 -51.12 31.80
N ASN I 270 -7.54 -49.99 31.99
CA ASN I 270 -8.18 -48.68 32.04
C ASN I 270 -7.53 -47.75 31.02
N MET I 271 -8.36 -47.19 30.15
CA MET I 271 -7.92 -46.14 29.25
C MET I 271 -7.37 -44.96 30.04
N ARG I 272 -8.02 -44.62 31.15
CA ARG I 272 -7.54 -43.52 31.96
C ARG I 272 -6.19 -43.83 32.62
N ASN I 273 -5.78 -45.10 32.66
CA ASN I 273 -4.45 -45.52 33.11
C ASN I 273 -3.52 -45.88 31.96
N LEU I 274 -3.96 -45.75 30.70
CA LEU I 274 -2.99 -45.78 29.62
C LEU I 274 -2.09 -44.56 29.66
N ASN I 275 -0.92 -44.70 29.05
CA ASN I 275 0.13 -43.70 29.03
C ASN I 275 0.34 -43.16 27.62
N PRO I 276 0.96 -41.97 27.47
CA PRO I 276 1.34 -41.50 26.14
C PRO I 276 2.41 -42.30 25.39
N GLU I 277 2.89 -43.43 25.91
CA GLU I 277 3.89 -44.24 25.22
C GLU I 277 3.32 -45.32 24.32
N ASP I 278 2.01 -45.56 24.36
CA ASP I 278 1.36 -46.59 23.56
C ASP I 278 0.70 -46.03 22.30
N ILE I 279 1.12 -44.84 21.85
CA ILE I 279 0.51 -44.27 20.66
C ILE I 279 0.89 -45.13 19.48
N ASP I 280 -0.08 -45.41 18.62
CA ASP I 280 0.06 -46.33 17.50
C ASP I 280 0.43 -47.76 17.94
N GLN I 281 0.22 -48.09 19.22
CA GLN I 281 0.59 -49.38 19.80
C GLN I 281 -0.68 -50.15 20.10
N LEU I 282 -0.80 -51.35 19.54
CA LEU I 282 -2.04 -52.11 19.58
C LEU I 282 -2.44 -52.45 21.01
N ILE I 283 -3.59 -51.93 21.46
CA ILE I 283 -4.10 -52.16 22.80
C ILE I 283 -5.39 -52.94 22.74
N THR I 284 -5.94 -53.29 23.90
CA THR I 284 -7.27 -53.91 23.98
C THR I 284 -7.97 -53.45 25.24
N ILE I 285 -9.28 -53.24 25.11
CA ILE I 285 -10.17 -52.87 26.19
C ILE I 285 -11.49 -53.58 25.94
N SER I 286 -12.47 -53.34 26.80
CA SER I 286 -13.78 -53.98 26.64
C SER I 286 -14.87 -53.04 27.11
N GLY I 287 -16.00 -53.06 26.41
CA GLY I 287 -17.09 -52.18 26.76
C GLY I 287 -18.24 -52.31 25.79
N MET I 288 -19.23 -51.45 26.01
CA MET I 288 -20.47 -51.43 25.26
C MET I 288 -20.50 -50.24 24.32
N VAL I 289 -21.06 -50.45 23.13
CA VAL I 289 -21.22 -49.38 22.18
C VAL I 289 -22.25 -48.39 22.72
N ILE I 290 -22.26 -47.18 22.17
CA ILE I 290 -23.32 -46.20 22.38
C ILE I 290 -23.97 -45.79 21.07
N ARG I 291 -23.16 -45.47 20.07
CA ARG I 291 -23.69 -45.06 18.78
C ARG I 291 -22.77 -45.56 17.69
N THR I 292 -23.34 -45.80 16.50
CA THR I 292 -22.58 -46.18 15.30
C THR I 292 -23.05 -45.27 14.17
N SER I 293 -22.42 -44.10 14.06
CA SER I 293 -22.90 -43.08 13.15
C SER I 293 -22.79 -43.54 11.68
N GLN I 294 -23.32 -42.71 10.79
CA GLN I 294 -23.39 -43.04 9.38
C GLN I 294 -22.00 -43.15 8.78
N LEU I 295 -21.90 -43.94 7.71
CA LEU I 295 -20.68 -44.05 6.93
C LEU I 295 -20.16 -42.68 6.52
N ILE I 296 -18.85 -42.60 6.31
CA ILE I 296 -18.17 -41.39 5.87
C ILE I 296 -17.12 -41.84 4.86
N PRO I 297 -17.31 -41.64 3.56
CA PRO I 297 -16.23 -41.96 2.63
C PRO I 297 -15.04 -41.03 2.83
N GLU I 298 -13.85 -41.54 2.52
CA GLU I 298 -12.64 -40.74 2.48
C GLU I 298 -11.80 -41.19 1.30
N MET I 299 -10.94 -40.30 0.83
CA MET I 299 -10.27 -40.54 -0.44
C MET I 299 -9.17 -41.59 -0.28
N GLN I 300 -9.00 -42.39 -1.32
CA GLN I 300 -7.90 -43.35 -1.40
C GLN I 300 -7.18 -43.27 -2.75
N GLU I 301 -7.90 -42.92 -3.82
CA GLU I 301 -7.32 -42.83 -5.15
C GLU I 301 -8.15 -41.80 -5.92
N ALA I 302 -7.68 -40.56 -5.93
CA ALA I 302 -8.41 -39.48 -6.58
C ALA I 302 -8.41 -39.68 -8.09
N PHE I 303 -9.45 -39.16 -8.74
CA PHE I 303 -9.58 -39.17 -10.18
C PHE I 303 -9.48 -37.75 -10.70
N PHE I 304 -8.62 -37.54 -11.69
CA PHE I 304 -8.45 -36.24 -12.33
C PHE I 304 -8.68 -36.38 -13.83
N GLN I 305 -9.26 -35.33 -14.41
CA GLN I 305 -9.47 -35.25 -15.84
C GLN I 305 -9.09 -33.85 -16.30
N CYS I 306 -8.42 -33.77 -17.44
CA CYS I 306 -8.04 -32.49 -18.01
C CYS I 306 -9.28 -31.84 -18.63
N GLN I 307 -9.57 -30.60 -18.20
CA GLN I 307 -10.75 -29.90 -18.69
C GLN I 307 -10.70 -29.67 -20.19
N VAL I 308 -9.51 -29.56 -20.76
CA VAL I 308 -9.36 -29.20 -22.16
C VAL I 308 -9.37 -30.44 -23.05
N CYS I 309 -8.54 -31.43 -22.75
CA CYS I 309 -8.28 -32.55 -23.65
C CYS I 309 -8.81 -33.89 -23.14
N ALA I 310 -9.50 -33.92 -22.00
CA ALA I 310 -10.15 -35.14 -21.49
C ALA I 310 -9.16 -36.26 -21.19
N HIS I 311 -7.90 -35.92 -20.91
CA HIS I 311 -6.92 -36.90 -20.49
C HIS I 311 -7.15 -37.23 -19.02
N THR I 312 -7.26 -38.52 -18.73
CA THR I 312 -7.55 -39.03 -17.40
C THR I 312 -6.28 -39.42 -16.65
N THR I 313 -6.37 -39.39 -15.32
CA THR I 313 -5.31 -39.97 -14.50
C THR I 313 -5.80 -40.23 -13.09
N ARG I 314 -5.44 -41.40 -12.57
CA ARG I 314 -5.69 -41.76 -11.19
C ARG I 314 -4.48 -41.33 -10.38
N VAL I 315 -4.71 -40.79 -9.20
CA VAL I 315 -3.64 -40.38 -8.29
C VAL I 315 -3.87 -41.08 -6.96
N GLU I 316 -2.95 -41.96 -6.59
CA GLU I 316 -3.07 -42.68 -5.34
C GLU I 316 -2.87 -41.74 -4.17
N MET I 317 -3.69 -41.89 -3.14
CA MET I 317 -3.45 -41.16 -1.92
C MET I 317 -2.17 -41.69 -1.30
N ASP I 318 -1.27 -40.79 -0.92
CA ASP I 318 0.08 -41.15 -0.51
C ASP I 318 0.40 -40.44 0.79
N ARG I 319 0.44 -41.22 1.88
CA ARG I 319 0.94 -40.76 3.17
C ARG I 319 0.16 -39.55 3.67
N GLY I 320 -1.14 -39.57 3.47
CA GLY I 320 -2.03 -38.61 4.09
C GLY I 320 -2.43 -37.42 3.25
N ARG I 321 -2.06 -37.36 1.98
CA ARG I 321 -2.53 -36.25 1.17
C ARG I 321 -2.29 -36.52 -0.32
N ILE I 322 -3.21 -36.03 -1.14
CA ILE I 322 -3.26 -36.31 -2.57
C ILE I 322 -2.28 -35.37 -3.25
N ALA I 323 -1.95 -35.64 -4.51
CA ALA I 323 -1.07 -34.82 -5.33
C ALA I 323 -1.84 -34.36 -6.56
N GLU I 324 -2.37 -33.13 -6.52
CA GLU I 324 -3.13 -32.59 -7.63
C GLU I 324 -2.20 -32.40 -8.83
N PRO I 325 -2.46 -33.00 -10.01
CA PRO I 325 -1.40 -33.12 -11.02
C PRO I 325 -0.82 -31.81 -11.54
N SER I 326 -1.64 -30.77 -11.69
CA SER I 326 -1.19 -29.42 -12.01
C SER I 326 -0.73 -29.21 -13.45
N VAL I 327 -0.61 -30.28 -14.24
CA VAL I 327 -0.25 -30.17 -15.66
C VAL I 327 -0.86 -31.35 -16.37
N CYS I 328 -1.51 -31.10 -17.50
CA CYS I 328 -2.02 -32.23 -18.27
C CYS I 328 -0.87 -33.05 -18.79
N GLY I 329 -1.01 -34.38 -18.72
CA GLY I 329 0.01 -35.25 -19.28
C GLY I 329 0.01 -35.29 -20.80
N ARG I 330 -1.11 -34.93 -21.43
CA ARG I 330 -1.25 -35.00 -22.87
C ARG I 330 -1.00 -33.64 -23.53
N CYS I 331 -1.77 -32.62 -23.15
CA CYS I 331 -1.69 -31.30 -23.77
C CYS I 331 -0.89 -30.28 -22.96
N HIS I 332 -0.35 -30.66 -21.80
CA HIS I 332 0.60 -29.84 -21.05
C HIS I 332 0.01 -28.51 -20.58
N THR I 333 -1.31 -28.35 -20.59
CA THR I 333 -1.90 -27.13 -20.06
C THR I 333 -1.67 -27.09 -18.56
N THR I 334 -1.40 -25.90 -18.04
CA THR I 334 -1.02 -25.76 -16.64
C THR I 334 -2.26 -25.59 -15.77
N HIS I 335 -2.41 -26.48 -14.80
CA HIS I 335 -3.52 -26.46 -13.85
C HIS I 335 -4.89 -26.58 -14.52
N SER I 336 -4.95 -27.25 -15.65
CA SER I 336 -6.22 -27.60 -16.27
C SER I 336 -6.79 -28.90 -15.76
N MET I 337 -6.16 -29.53 -14.77
CA MET I 337 -6.59 -30.84 -14.28
C MET I 337 -7.59 -30.63 -13.15
N ALA I 338 -8.82 -31.12 -13.35
CA ALA I 338 -9.91 -30.97 -12.40
C ALA I 338 -10.25 -32.32 -11.79
N LEU I 339 -10.65 -32.28 -10.52
CA LEU I 339 -10.88 -33.49 -9.71
C LEU I 339 -12.32 -33.94 -9.89
N ILE I 340 -12.52 -35.02 -10.64
CA ILE I 340 -13.86 -35.58 -10.77
C ILE I 340 -14.12 -36.40 -9.52
N HIS I 341 -15.19 -36.07 -8.80
CA HIS I 341 -15.39 -36.66 -7.49
C HIS I 341 -15.80 -38.11 -7.61
N ASN I 342 -16.95 -38.37 -8.21
CA ASN I 342 -17.57 -39.67 -8.11
C ASN I 342 -17.00 -40.68 -9.09
N ARG I 343 -15.86 -40.40 -9.70
CA ARG I 343 -15.03 -41.41 -10.36
C ARG I 343 -13.93 -41.95 -9.47
N SER I 344 -13.70 -41.34 -8.31
CA SER I 344 -12.56 -41.68 -7.48
C SER I 344 -12.75 -43.06 -6.85
N LEU I 345 -11.81 -43.42 -5.98
CA LEU I 345 -11.91 -44.60 -5.13
C LEU I 345 -12.10 -44.15 -3.70
N PHE I 346 -13.03 -44.77 -2.99
CA PHE I 346 -13.31 -44.50 -1.59
C PHE I 346 -13.36 -45.79 -0.81
N SER I 347 -12.59 -45.85 0.26
CA SER I 347 -12.89 -46.75 1.37
C SER I 347 -13.86 -46.05 2.30
N ASP I 348 -14.60 -46.85 3.06
CA ASP I 348 -15.64 -46.32 3.93
C ASP I 348 -15.05 -45.99 5.29
N LYS I 349 -15.90 -45.60 6.21
CA LYS I 349 -15.50 -45.26 7.57
C LYS I 349 -16.75 -45.39 8.41
N GLN I 350 -16.58 -45.34 9.72
CA GLN I 350 -17.74 -45.29 10.61
C GLN I 350 -17.26 -44.81 11.96
N MET I 351 -17.68 -43.63 12.38
CA MET I 351 -17.49 -43.26 13.77
C MET I 351 -18.38 -44.17 14.61
N ILE I 352 -17.80 -44.76 15.67
CA ILE I 352 -18.50 -45.71 16.52
C ILE I 352 -18.21 -45.31 17.96
N LYS I 353 -19.07 -44.48 18.53
CA LYS I 353 -18.85 -44.05 19.90
C LYS I 353 -19.15 -45.21 20.83
N LEU I 354 -18.18 -45.55 21.68
CA LEU I 354 -18.21 -46.73 22.55
C LEU I 354 -17.89 -46.37 23.99
N GLN I 355 -18.64 -46.98 24.90
CA GLN I 355 -18.48 -46.78 26.33
C GLN I 355 -17.70 -47.95 26.91
N GLU I 356 -16.61 -47.65 27.59
CA GLU I 356 -15.71 -48.67 28.09
C GLU I 356 -16.29 -49.34 29.31
N SER I 357 -16.05 -50.64 29.43
CA SER I 357 -16.30 -51.40 30.65
C SER I 357 -14.95 -51.78 31.23
N PRO I 358 -14.26 -50.86 31.90
CA PRO I 358 -12.96 -51.21 32.47
C PRO I 358 -13.13 -52.21 33.60
N GLU I 359 -12.13 -53.08 33.73
CA GLU I 359 -12.05 -53.95 34.90
C GLU I 359 -11.34 -53.30 36.07
N ASP I 360 -10.73 -52.13 35.88
CA ASP I 360 -10.13 -51.34 36.94
C ASP I 360 -10.90 -50.04 37.04
N MET I 361 -11.48 -49.77 38.21
CA MET I 361 -12.31 -48.59 38.46
C MET I 361 -11.73 -47.84 39.66
N PRO I 362 -10.76 -46.94 39.45
CA PRO I 362 -10.24 -46.15 40.56
C PRO I 362 -11.32 -45.28 41.20
N ALA I 363 -10.92 -44.66 42.32
CA ALA I 363 -11.88 -44.04 43.23
C ALA I 363 -12.36 -42.72 42.66
N GLY I 364 -13.28 -42.82 41.70
CA GLY I 364 -13.96 -41.67 41.14
C GLY I 364 -13.76 -41.44 39.66
N GLN I 365 -13.22 -42.43 38.94
CA GLN I 365 -13.12 -42.34 37.49
C GLN I 365 -14.49 -42.65 36.91
N THR I 366 -15.11 -41.65 36.28
CA THR I 366 -16.42 -41.79 35.71
C THR I 366 -16.36 -42.78 34.53
N PRO I 367 -17.51 -43.22 34.01
CA PRO I 367 -17.48 -44.17 32.90
C PRO I 367 -16.83 -43.57 31.66
N HIS I 368 -15.66 -44.09 31.33
CA HIS I 368 -14.92 -43.60 30.20
C HIS I 368 -15.59 -44.05 28.90
N THR I 369 -15.60 -43.15 27.91
CA THR I 369 -16.17 -43.41 26.61
C THR I 369 -15.15 -43.01 25.55
N VAL I 370 -15.08 -43.80 24.48
CA VAL I 370 -14.01 -43.71 23.50
C VAL I 370 -14.59 -43.82 22.09
N ILE I 371 -14.04 -43.05 21.18
CA ILE I 371 -14.45 -43.05 19.78
C ILE I 371 -13.69 -44.16 19.07
N LEU I 372 -14.40 -44.91 18.23
CA LEU I 372 -13.82 -45.94 17.38
C LEU I 372 -14.12 -45.63 15.93
N PHE I 373 -13.09 -45.51 15.12
CA PHE I 373 -13.23 -45.34 13.68
C PHE I 373 -13.02 -46.70 13.03
N ALA I 374 -14.10 -47.29 12.54
CA ALA I 374 -14.00 -48.52 11.78
C ALA I 374 -13.85 -48.17 10.30
N HIS I 375 -13.49 -49.17 9.50
CA HIS I 375 -13.15 -48.96 8.10
C HIS I 375 -13.73 -50.12 7.29
N ASN I 376 -13.32 -50.21 6.03
CA ASN I 376 -14.01 -50.90 4.95
C ASN I 376 -14.66 -52.24 5.27
N ASP I 377 -14.07 -53.01 6.18
CA ASP I 377 -14.50 -54.37 6.46
C ASP I 377 -15.18 -54.53 7.81
N LEU I 378 -14.88 -53.67 8.77
CA LEU I 378 -15.43 -53.75 10.11
C LEU I 378 -16.61 -52.80 10.34
N VAL I 379 -17.01 -52.00 9.34
CA VAL I 379 -18.07 -51.02 9.53
C VAL I 379 -19.41 -51.72 9.54
N ASP I 380 -20.29 -51.30 10.46
CA ASP I 380 -21.62 -51.88 10.62
C ASP I 380 -21.56 -53.39 10.86
N LYS I 381 -20.50 -53.82 11.54
CA LYS I 381 -20.41 -55.18 12.06
C LYS I 381 -20.88 -55.27 13.51
N VAL I 382 -21.15 -54.15 14.17
CA VAL I 382 -21.49 -54.13 15.58
C VAL I 382 -22.38 -52.93 15.84
N GLN I 383 -23.53 -53.15 16.46
CA GLN I 383 -24.59 -52.18 16.64
C GLN I 383 -24.50 -51.51 18.02
N PRO I 384 -25.32 -50.49 18.28
CA PRO I 384 -25.34 -49.91 19.62
C PRO I 384 -25.86 -50.90 20.64
N GLY I 385 -25.32 -50.81 21.84
CA GLY I 385 -25.66 -51.69 22.93
C GLY I 385 -24.92 -53.00 22.95
N ASP I 386 -24.28 -53.39 21.84
CA ASP I 386 -23.47 -54.59 21.81
C ASP I 386 -22.30 -54.46 22.77
N ARG I 387 -21.96 -55.54 23.45
CA ARG I 387 -20.84 -55.60 24.36
C ARG I 387 -19.71 -56.37 23.70
N VAL I 388 -18.53 -55.76 23.64
CA VAL I 388 -17.43 -56.25 22.83
C VAL I 388 -16.13 -55.98 23.55
N ASN I 389 -15.21 -56.95 23.49
CA ASN I 389 -13.81 -56.59 23.62
C ASN I 389 -13.41 -55.95 22.30
N VAL I 390 -12.62 -54.89 22.39
CA VAL I 390 -12.11 -54.20 21.21
C VAL I 390 -10.60 -54.14 21.32
N THR I 391 -9.92 -54.78 20.37
CA THR I 391 -8.48 -54.65 20.19
C THR I 391 -8.24 -53.76 19.00
N GLY I 392 -7.34 -52.79 19.14
CA GLY I 392 -7.16 -51.81 18.09
C GLY I 392 -6.00 -50.89 18.36
N ILE I 393 -5.68 -50.11 17.34
CA ILE I 393 -4.52 -49.22 17.38
C ILE I 393 -4.90 -47.93 18.10
N TYR I 394 -4.22 -47.65 19.20
CA TYR I 394 -4.39 -46.39 19.90
C TYR I 394 -3.72 -45.31 19.07
N ARG I 395 -4.47 -44.27 18.70
CA ARG I 395 -4.05 -43.31 17.68
C ARG I 395 -4.33 -41.89 18.15
N ALA I 396 -3.26 -41.13 18.41
CA ALA I 396 -3.40 -39.70 18.65
C ALA I 396 -3.55 -38.99 17.31
N VAL I 397 -4.44 -38.00 17.28
CA VAL I 397 -4.63 -37.15 16.10
C VAL I 397 -4.83 -35.73 16.64
N PRO I 398 -4.23 -34.69 16.07
CA PRO I 398 -4.38 -33.36 16.66
C PRO I 398 -5.79 -32.83 16.50
N ILE I 399 -6.07 -31.75 17.22
CA ILE I 399 -7.37 -31.10 17.21
C ILE I 399 -7.20 -29.74 16.55
N ARG I 400 -8.02 -29.47 15.54
CA ARG I 400 -8.04 -28.14 14.93
C ARG I 400 -8.53 -27.09 15.92
N VAL I 401 -7.98 -25.88 15.81
CA VAL I 401 -8.31 -24.83 16.76
C VAL I 401 -9.75 -24.38 16.58
N ASN I 402 -10.14 -24.10 15.35
CA ASN I 402 -11.50 -23.79 14.94
C ASN I 402 -11.77 -24.57 13.66
N PRO I 403 -13.03 -24.80 13.31
CA PRO I 403 -13.33 -25.71 12.19
C PRO I 403 -12.78 -25.27 10.85
N ARG I 404 -12.54 -23.98 10.64
CA ARG I 404 -12.06 -23.46 9.35
C ARG I 404 -10.59 -23.09 9.36
N VAL I 405 -10.06 -22.62 10.49
CA VAL I 405 -8.64 -22.32 10.57
C VAL I 405 -7.86 -23.62 10.60
N SER I 406 -6.72 -23.66 9.91
CA SER I 406 -5.94 -24.87 9.77
C SER I 406 -4.88 -25.03 10.85
N ASN I 407 -4.90 -24.20 11.89
CA ASN I 407 -4.05 -24.44 13.05
C ASN I 407 -4.46 -25.72 13.74
N VAL I 408 -3.75 -26.13 14.78
CA VAL I 408 -4.13 -27.25 15.62
C VAL I 408 -3.81 -26.92 17.06
N LYS I 409 -4.09 -27.88 17.94
CA LYS I 409 -3.90 -27.75 19.37
C LYS I 409 -2.71 -28.58 19.83
N SER I 410 -2.03 -28.06 20.84
CA SER I 410 -1.01 -28.86 21.51
C SER I 410 -1.64 -30.09 22.15
N VAL I 411 -2.78 -29.91 22.82
CA VAL I 411 -3.40 -30.98 23.59
C VAL I 411 -4.22 -31.86 22.66
N TYR I 412 -3.58 -32.87 22.10
CA TYR I 412 -4.23 -33.84 21.21
C TYR I 412 -5.45 -34.48 21.84
N LYS I 413 -6.32 -35.03 21.00
CA LYS I 413 -7.23 -36.08 21.44
C LYS I 413 -6.58 -37.41 21.19
N THR I 414 -7.21 -38.47 21.67
CA THR I 414 -6.88 -39.82 21.26
C THR I 414 -8.16 -40.63 21.15
N HIS I 415 -8.12 -41.58 20.23
CA HIS I 415 -9.23 -42.47 19.99
C HIS I 415 -8.65 -43.81 19.60
N ILE I 416 -9.22 -44.89 20.12
CA ILE I 416 -8.78 -46.19 19.65
C ILE I 416 -9.29 -46.36 18.24
N ASP I 417 -8.47 -46.95 17.38
CA ASP I 417 -8.89 -47.43 16.07
C ASP I 417 -9.60 -48.75 16.32
N VAL I 418 -9.82 -49.58 15.31
CA VAL I 418 -10.25 -50.95 15.56
C VAL I 418 -9.56 -51.86 14.57
N ILE I 419 -8.86 -52.87 15.09
CA ILE I 419 -8.41 -53.98 14.26
C ILE I 419 -9.27 -55.21 14.49
N HIS I 420 -9.96 -55.31 15.62
CA HIS I 420 -10.79 -56.49 15.86
C HIS I 420 -11.74 -56.23 17.02
N TYR I 421 -12.95 -56.76 16.91
CA TYR I 421 -13.86 -56.89 18.04
C TYR I 421 -14.03 -58.37 18.36
N ARG I 422 -13.78 -58.73 19.61
CA ARG I 422 -14.15 -60.05 20.11
C ARG I 422 -15.55 -59.93 20.69
N LYS I 423 -16.50 -60.63 20.07
CA LYS I 423 -17.87 -60.66 20.56
C LYS I 423 -17.99 -61.56 21.78
N THR I 424 -17.29 -62.69 21.77
CA THR I 424 -17.49 -63.71 22.80
C THR I 424 -17.05 -63.20 24.16
N ASP I 425 -17.80 -63.59 25.18
CA ASP I 425 -17.47 -63.27 26.56
C ASP I 425 -17.68 -64.52 27.41
N ALA I 426 -16.76 -64.77 28.34
CA ALA I 426 -16.88 -65.93 29.20
C ALA I 426 -17.90 -65.75 30.31
N LYS I 427 -18.34 -64.52 30.58
CA LYS I 427 -19.32 -64.25 31.61
C LYS I 427 -20.74 -64.13 31.05
N ARG I 428 -20.89 -63.60 29.84
CA ARG I 428 -22.19 -63.42 29.22
C ARG I 428 -22.56 -64.68 28.45
N LEU I 429 -23.73 -64.67 27.81
CA LEU I 429 -24.20 -65.74 26.96
C LEU I 429 -24.00 -65.35 25.50
N HIS I 430 -24.32 -66.29 24.61
CA HIS I 430 -24.10 -66.07 23.18
C HIS I 430 -24.95 -64.93 22.68
N GLY I 431 -24.37 -64.13 21.78
CA GLY I 431 -25.08 -63.04 21.16
C GLY I 431 -26.00 -63.52 20.07
N LEU I 432 -26.75 -62.56 19.51
CA LEU I 432 -27.78 -62.90 18.54
C LEU I 432 -27.17 -63.42 17.24
N ASP I 433 -26.21 -62.69 16.67
CA ASP I 433 -25.55 -63.17 15.46
C ASP I 433 -24.70 -64.41 15.74
N GLU I 434 -24.15 -64.50 16.95
CA GLU I 434 -23.41 -65.70 17.33
C GLU I 434 -24.31 -66.93 17.29
N GLU I 435 -25.52 -66.81 17.84
CA GLU I 435 -26.48 -67.91 17.74
C GLU I 435 -26.85 -68.16 16.30
N ALA I 436 -27.02 -67.09 15.50
CA ALA I 436 -27.48 -67.26 14.13
C ALA I 436 -26.48 -68.03 13.28
N GLU I 437 -25.18 -67.77 13.47
CA GLU I 437 -24.17 -68.40 12.61
C GLU I 437 -24.16 -69.92 12.83
N GLN I 438 -24.11 -70.65 11.72
CA GLN I 438 -24.30 -72.09 11.74
C GLN I 438 -23.17 -72.79 12.51
N LYS I 439 -21.95 -72.67 12.02
CA LYS I 439 -20.81 -73.42 12.57
C LYS I 439 -20.37 -72.79 13.89
N LEU I 440 -21.17 -73.05 14.92
CA LEU I 440 -20.94 -72.54 16.27
C LEU I 440 -20.69 -73.63 17.30
N PHE I 441 -21.18 -74.85 17.09
CA PHE I 441 -21.08 -75.93 18.06
C PHE I 441 -20.60 -77.21 17.40
N SER I 442 -19.75 -77.94 18.11
CA SER I 442 -19.32 -79.25 17.68
C SER I 442 -20.47 -80.24 17.79
N GLU I 443 -20.37 -81.32 17.01
CA GLU I 443 -21.39 -82.37 17.08
C GLU I 443 -21.43 -83.00 18.47
N LYS I 444 -20.26 -83.18 19.09
CA LYS I 444 -20.22 -83.72 20.44
C LYS I 444 -20.91 -82.78 21.43
N ARG I 445 -20.65 -81.48 21.31
CA ARG I 445 -21.31 -80.53 22.19
C ARG I 445 -22.82 -80.55 21.98
N VAL I 446 -23.25 -80.64 20.71
CA VAL I 446 -24.68 -80.70 20.40
C VAL I 446 -25.30 -81.91 21.05
N GLU I 447 -24.65 -83.06 20.95
CA GLU I 447 -25.21 -84.27 21.55
C GLU I 447 -25.22 -84.18 23.07
N LEU I 448 -24.20 -83.54 23.66
CA LEU I 448 -24.20 -83.33 25.10
C LEU I 448 -25.39 -82.50 25.52
N LEU I 449 -25.66 -81.43 24.80
CA LEU I 449 -26.82 -80.60 25.13
C LEU I 449 -28.12 -81.37 24.94
N LYS I 450 -28.21 -82.18 23.88
CA LYS I 450 -29.45 -82.90 23.62
C LYS I 450 -29.73 -83.94 24.70
N GLU I 451 -28.71 -84.70 25.11
CA GLU I 451 -28.96 -85.69 26.16
C GLU I 451 -29.17 -85.02 27.51
N LEU I 452 -28.49 -83.90 27.76
CA LEU I 452 -28.76 -83.10 28.94
C LEU I 452 -30.22 -82.65 28.96
N SER I 453 -30.77 -82.33 27.79
CA SER I 453 -32.18 -82.00 27.70
C SER I 453 -33.05 -83.21 27.98
N ARG I 454 -32.69 -84.36 27.40
CA ARG I 454 -33.49 -85.58 27.59
C ARG I 454 -33.56 -86.00 29.05
N LYS I 455 -32.54 -85.65 29.83
CA LYS I 455 -32.61 -85.92 31.27
C LYS I 455 -33.82 -85.19 31.86
N PRO I 456 -34.70 -85.87 32.62
CA PRO I 456 -35.99 -85.23 32.98
C PRO I 456 -35.89 -83.93 33.77
N ASP I 457 -34.92 -83.78 34.67
CA ASP I 457 -34.90 -82.67 35.60
C ASP I 457 -34.10 -81.48 35.08
N ILE I 458 -34.04 -81.31 33.76
CA ILE I 458 -33.22 -80.26 33.15
C ILE I 458 -33.69 -78.88 33.60
N TYR I 459 -35.00 -78.66 33.61
CA TYR I 459 -35.52 -77.34 33.97
C TYR I 459 -35.12 -76.95 35.38
N GLU I 460 -35.25 -77.87 36.33
CA GLU I 460 -34.92 -77.54 37.71
C GLU I 460 -33.42 -77.45 37.91
N ARG I 461 -32.64 -78.23 37.15
CA ARG I 461 -31.19 -78.08 37.20
C ARG I 461 -30.76 -76.69 36.76
N LEU I 462 -31.34 -76.18 35.66
CA LEU I 462 -30.98 -74.84 35.21
C LEU I 462 -31.48 -73.77 36.19
N ALA I 463 -32.68 -73.94 36.72
CA ALA I 463 -33.19 -72.97 37.70
C ALA I 463 -32.33 -72.97 38.96
N SER I 464 -31.73 -74.11 39.30
CA SER I 464 -30.78 -74.14 40.40
C SER I 464 -29.47 -73.48 40.00
N ALA I 465 -29.04 -73.67 38.75
CA ALA I 465 -27.78 -73.12 38.30
C ALA I 465 -27.80 -71.60 38.31
N LEU I 466 -28.90 -71.01 37.84
CA LEU I 466 -29.01 -69.56 37.74
C LEU I 466 -28.82 -68.92 39.11
N ALA I 467 -27.86 -68.01 39.20
CA ALA I 467 -27.55 -67.28 40.41
C ALA I 467 -27.27 -68.24 41.56
N PRO I 468 -26.13 -68.94 41.56
CA PRO I 468 -25.87 -69.91 42.63
C PRO I 468 -25.80 -69.29 44.02
N SER I 469 -25.54 -67.98 44.14
CA SER I 469 -25.36 -67.37 45.45
C SER I 469 -26.64 -67.43 46.26
N ILE I 470 -27.74 -66.96 45.70
CA ILE I 470 -28.98 -66.85 46.47
C ILE I 470 -29.57 -68.24 46.68
N TYR I 471 -30.26 -68.41 47.81
CA TYR I 471 -30.61 -69.74 48.35
C TYR I 471 -32.02 -70.13 47.94
N GLU I 472 -32.12 -70.96 46.90
CA GLU I 472 -33.31 -71.77 46.60
C GLU I 472 -34.57 -70.92 46.46
N HIS I 473 -34.52 -69.98 45.53
CA HIS I 473 -35.73 -69.34 44.98
C HIS I 473 -36.09 -70.07 43.70
N GLU I 474 -36.55 -71.31 43.86
CA GLU I 474 -36.75 -72.19 42.73
C GLU I 474 -37.82 -71.66 41.79
N ASP I 475 -38.93 -71.17 42.33
CA ASP I 475 -40.01 -70.66 41.48
C ASP I 475 -39.54 -69.44 40.70
N ILE I 476 -38.97 -68.46 41.39
CA ILE I 476 -38.52 -67.23 40.73
C ILE I 476 -37.46 -67.55 39.70
N LYS I 477 -36.57 -68.50 40.01
CA LYS I 477 -35.50 -68.80 39.07
C LYS I 477 -36.02 -69.55 37.86
N LYS I 478 -37.02 -70.42 38.02
CA LYS I 478 -37.65 -71.02 36.85
C LYS I 478 -38.31 -69.95 36.00
N GLY I 479 -38.94 -68.97 36.63
CA GLY I 479 -39.55 -67.89 35.86
C GLY I 479 -38.53 -67.06 35.11
N ILE I 480 -37.44 -66.70 35.78
CA ILE I 480 -36.38 -65.90 35.17
C ILE I 480 -35.73 -66.70 34.04
N LEU I 481 -35.60 -68.01 34.23
CA LEU I 481 -35.09 -68.87 33.18
C LEU I 481 -36.02 -68.86 31.96
N LEU I 482 -37.33 -68.99 32.19
CA LEU I 482 -38.26 -68.93 31.08
C LEU I 482 -38.18 -67.59 30.38
N GLN I 483 -37.92 -66.51 31.13
CA GLN I 483 -37.72 -65.21 30.51
C GLN I 483 -36.50 -65.24 29.60
N LEU I 484 -35.37 -65.72 30.15
CA LEU I 484 -34.11 -65.72 29.41
C LEU I 484 -34.22 -66.56 28.15
N PHE I 485 -34.97 -67.65 28.20
CA PHE I 485 -35.20 -68.43 26.99
C PHE I 485 -36.12 -67.68 26.04
N GLY I 486 -37.11 -66.97 26.56
CA GLY I 486 -37.96 -66.15 25.73
C GLY I 486 -38.96 -66.96 24.92
N GLY I 487 -40.15 -66.42 24.72
CA GLY I 487 -41.19 -67.13 24.02
C GLY I 487 -40.87 -67.31 22.55
N THR I 488 -41.76 -68.01 21.87
CA THR I 488 -41.58 -68.26 20.45
C THR I 488 -41.88 -67.00 19.64
N ARG I 489 -41.04 -66.75 18.64
CA ARG I 489 -41.27 -65.67 17.69
C ARG I 489 -42.16 -66.15 16.56
N LYS I 490 -43.15 -65.34 16.21
CA LYS I 490 -44.07 -65.67 15.15
C LYS I 490 -44.51 -64.38 14.47
N ASP I 491 -45.04 -64.53 13.25
CA ASP I 491 -45.31 -63.41 12.37
C ASP I 491 -46.81 -63.25 12.18
N PHE I 492 -47.33 -62.07 12.50
CA PHE I 492 -48.74 -61.73 12.35
C PHE I 492 -48.98 -60.71 11.25
N SER I 493 -47.99 -60.47 10.38
CA SER I 493 -48.19 -59.52 9.29
C SER I 493 -49.29 -59.97 8.35
N HIS I 494 -49.34 -61.27 8.05
CA HIS I 494 -50.42 -61.80 7.23
C HIS I 494 -51.76 -61.70 7.97
N THR I 495 -51.75 -61.91 9.28
CA THR I 495 -52.97 -61.76 10.07
C THR I 495 -53.27 -60.31 10.37
N GLY I 496 -52.27 -59.45 10.31
CA GLY I 496 -52.49 -58.03 10.56
C GLY I 496 -52.93 -57.70 11.96
N ARG I 497 -52.46 -58.45 12.95
CA ARG I 497 -52.80 -58.21 14.35
C ARG I 497 -51.72 -57.38 15.03
N GLY I 498 -51.15 -56.42 14.30
CA GLY I 498 -50.00 -55.72 14.82
C GLY I 498 -48.81 -56.66 14.89
N LYS I 499 -47.92 -56.40 15.83
CA LYS I 499 -46.79 -57.27 16.13
C LYS I 499 -46.99 -57.88 17.50
N PHE I 500 -46.96 -59.21 17.57
CA PHE I 500 -47.19 -59.93 18.80
C PHE I 500 -45.89 -59.97 19.59
N ARG I 501 -45.90 -59.34 20.76
CA ARG I 501 -44.75 -59.35 21.64
C ARG I 501 -44.41 -60.78 22.02
N ALA I 502 -43.24 -61.25 21.61
CA ALA I 502 -42.78 -62.60 21.92
C ALA I 502 -41.94 -62.67 23.19
N GLU I 503 -41.54 -61.54 23.76
CA GLU I 503 -40.72 -61.55 24.95
C GLU I 503 -41.56 -61.94 26.17
N ILE I 504 -40.90 -62.02 27.31
CA ILE I 504 -41.53 -62.27 28.60
C ILE I 504 -41.18 -61.11 29.50
N ASN I 505 -42.02 -60.85 30.51
CA ASN I 505 -41.76 -59.77 31.45
C ASN I 505 -42.10 -60.21 32.86
N ILE I 506 -41.22 -59.88 33.79
CA ILE I 506 -41.32 -60.31 35.18
C ILE I 506 -41.39 -59.07 36.07
N LEU I 507 -42.23 -59.14 37.09
CA LEU I 507 -42.33 -58.12 38.12
C LEU I 507 -42.02 -58.81 39.45
N LEU I 508 -40.82 -58.59 39.96
CA LEU I 508 -40.46 -59.00 41.31
C LEU I 508 -41.02 -57.93 42.24
N CYS I 509 -42.25 -58.12 42.70
CA CYS I 509 -42.83 -57.25 43.70
C CYS I 509 -42.55 -57.88 45.06
N GLY I 510 -41.81 -57.15 45.89
CA GLY I 510 -41.37 -57.73 47.14
C GLY I 510 -40.94 -56.66 48.10
N ASP I 511 -40.90 -57.03 49.38
CA ASP I 511 -40.54 -56.07 50.40
C ASP I 511 -39.09 -55.62 50.19
N PRO I 512 -38.74 -54.40 50.61
CA PRO I 512 -37.34 -53.96 50.50
C PRO I 512 -36.40 -54.84 51.30
N GLY I 513 -35.18 -54.97 50.80
CA GLY I 513 -34.21 -55.84 51.44
C GLY I 513 -34.64 -57.29 51.35
N THR I 514 -34.66 -57.84 50.13
CA THR I 514 -35.02 -59.24 49.94
C THR I 514 -34.23 -59.92 48.83
N SER I 515 -33.10 -59.35 48.39
CA SER I 515 -32.26 -59.87 47.31
C SER I 515 -32.92 -59.77 45.93
N LYS I 516 -34.06 -59.09 45.81
CA LYS I 516 -34.61 -58.84 44.49
C LYS I 516 -33.66 -57.97 43.67
N SER I 517 -33.07 -56.96 44.31
CA SER I 517 -32.14 -56.09 43.62
C SER I 517 -30.89 -56.86 43.20
N GLN I 518 -30.45 -57.82 44.00
CA GLN I 518 -29.30 -58.63 43.63
C GLN I 518 -29.64 -59.58 42.49
N LEU I 519 -30.87 -60.11 42.46
CA LEU I 519 -31.31 -60.84 41.28
C LEU I 519 -31.24 -59.95 40.05
N LEU I 520 -31.65 -58.70 40.19
CA LEU I 520 -31.59 -57.76 39.07
C LEU I 520 -30.15 -57.58 38.60
N GLN I 521 -29.23 -57.38 39.54
CA GLN I 521 -27.84 -57.18 39.16
C GLN I 521 -27.27 -58.42 38.50
N TYR I 522 -27.55 -59.60 39.06
CA TYR I 522 -27.00 -60.82 38.51
C TYR I 522 -27.47 -61.06 37.08
N VAL I 523 -28.79 -60.97 36.85
CA VAL I 523 -29.29 -61.25 35.52
C VAL I 523 -28.82 -60.16 34.55
N TYR I 524 -28.74 -58.92 35.01
CA TYR I 524 -28.24 -57.84 34.15
C TYR I 524 -26.81 -58.12 33.72
N ASN I 525 -25.97 -58.59 34.63
CA ASN I 525 -24.60 -58.92 34.26
C ASN I 525 -24.56 -60.15 33.36
N LEU I 526 -25.38 -61.16 33.67
CA LEU I 526 -25.30 -62.41 32.95
C LEU I 526 -25.73 -62.26 31.50
N VAL I 527 -26.71 -61.40 31.23
CA VAL I 527 -27.29 -61.31 29.89
C VAL I 527 -26.56 -60.24 29.08
N PRO I 528 -26.32 -60.43 27.79
CA PRO I 528 -25.86 -59.30 26.96
C PRO I 528 -27.06 -58.48 26.51
N ARG I 529 -26.78 -57.27 26.04
CA ARG I 529 -27.85 -56.31 25.72
C ARG I 529 -28.71 -56.09 26.96
N GLY I 530 -28.03 -55.89 28.08
CA GLY I 530 -28.67 -55.62 29.34
C GLY I 530 -28.52 -54.17 29.67
N GLN I 531 -29.63 -53.47 29.88
CA GLN I 531 -29.60 -52.10 30.35
C GLN I 531 -30.32 -52.02 31.68
N TYR I 532 -30.05 -50.93 32.39
CA TYR I 532 -30.32 -50.85 33.81
C TYR I 532 -30.84 -49.46 34.15
N THR I 533 -31.98 -49.42 34.83
CA THR I 533 -32.59 -48.17 35.30
C THR I 533 -33.01 -48.38 36.74
N SER I 534 -33.21 -47.29 37.48
CA SER I 534 -33.56 -47.41 38.89
C SER I 534 -34.40 -46.20 39.31
N GLY I 535 -35.71 -46.39 39.36
CA GLY I 535 -36.60 -45.37 39.89
C GLY I 535 -36.60 -44.15 38.98
N LYS I 536 -36.49 -42.97 39.58
CA LYS I 536 -36.51 -41.71 38.83
C LYS I 536 -35.11 -41.20 38.56
N GLY I 537 -34.17 -42.11 38.32
CA GLY I 537 -32.94 -41.80 37.62
C GLY I 537 -33.13 -42.08 36.15
N SER I 538 -34.14 -41.46 35.56
CA SER I 538 -34.51 -41.72 34.18
C SER I 538 -35.49 -40.64 33.75
N SER I 539 -35.75 -40.59 32.44
CA SER I 539 -36.72 -39.66 31.88
C SER I 539 -37.27 -40.26 30.61
N ALA I 540 -38.43 -39.75 30.19
CA ALA I 540 -39.08 -40.31 29.00
C ALA I 540 -38.22 -40.11 27.77
N VAL I 541 -37.73 -38.89 27.56
CA VAL I 541 -36.87 -38.63 26.41
C VAL I 541 -35.54 -39.37 26.55
N GLY I 542 -35.03 -39.48 27.78
CA GLY I 542 -33.77 -40.15 27.98
C GLY I 542 -33.84 -41.65 27.76
N LEU I 543 -35.02 -42.25 27.93
CA LEU I 543 -35.20 -43.66 27.59
C LEU I 543 -35.52 -43.84 26.12
N THR I 544 -36.28 -42.93 25.52
CA THR I 544 -36.65 -43.11 24.12
C THR I 544 -35.49 -42.74 23.19
N ALA I 545 -35.16 -41.45 23.13
CA ALA I 545 -34.13 -40.95 22.23
C ALA I 545 -33.97 -39.45 22.48
N TYR I 546 -32.92 -38.88 21.91
CA TYR I 546 -32.79 -37.43 21.98
C TYR I 546 -31.75 -36.95 20.96
N VAL I 547 -32.00 -35.76 20.43
CA VAL I 547 -31.12 -35.17 19.42
C VAL I 547 -30.11 -34.28 20.12
N MET I 548 -28.82 -34.57 19.92
CA MET I 548 -27.74 -33.76 20.43
C MET I 548 -26.64 -33.71 19.38
N LYS I 549 -25.82 -32.66 19.44
CA LYS I 549 -24.74 -32.49 18.47
C LYS I 549 -23.55 -33.35 18.85
N ASP I 550 -23.06 -34.12 17.90
CA ASP I 550 -21.86 -34.90 18.13
C ASP I 550 -20.66 -33.95 18.14
N PRO I 551 -19.88 -33.84 19.21
CA PRO I 551 -18.79 -32.85 19.23
C PRO I 551 -17.57 -33.22 18.40
N GLU I 552 -17.60 -34.28 17.59
CA GLU I 552 -16.53 -34.60 16.64
C GLU I 552 -16.92 -34.35 15.19
N THR I 553 -18.20 -34.48 14.84
CA THR I 553 -18.72 -34.10 13.52
C THR I 553 -19.59 -32.86 13.55
N ARG I 554 -20.14 -32.50 14.72
CA ARG I 554 -20.95 -31.30 14.96
C ARG I 554 -22.36 -31.39 14.36
N GLN I 555 -22.67 -32.43 13.61
CA GLN I 555 -24.02 -32.62 13.11
C GLN I 555 -24.95 -32.98 14.27
N LEU I 556 -26.21 -32.56 14.15
CA LEU I 556 -27.20 -32.95 15.14
C LEU I 556 -27.61 -34.39 14.88
N VAL I 557 -27.32 -35.26 15.84
CA VAL I 557 -27.46 -36.70 15.72
C VAL I 557 -28.39 -37.20 16.81
N LEU I 558 -29.09 -38.29 16.52
CA LEU I 558 -30.08 -38.87 17.42
C LEU I 558 -29.44 -39.99 18.23
N GLN I 559 -29.28 -39.77 19.52
CA GLN I 559 -28.76 -40.77 20.43
C GLN I 559 -29.88 -41.56 21.08
N THR I 560 -29.65 -42.86 21.21
CA THR I 560 -30.63 -43.79 21.75
C THR I 560 -30.66 -43.72 23.26
N GLY I 561 -31.71 -44.33 23.83
CA GLY I 561 -31.83 -44.54 25.25
C GLY I 561 -31.75 -46.01 25.61
N ALA I 562 -31.97 -46.27 26.89
CA ALA I 562 -31.87 -47.64 27.40
C ALA I 562 -32.87 -48.56 26.71
N LEU I 563 -34.07 -48.06 26.43
CA LEU I 563 -35.10 -48.89 25.82
C LEU I 563 -34.84 -49.21 24.37
N VAL I 564 -33.86 -48.58 23.72
CA VAL I 564 -33.44 -48.93 22.37
C VAL I 564 -32.13 -49.71 22.42
N LEU I 565 -31.29 -49.43 23.41
CA LEU I 565 -30.10 -50.24 23.60
C LEU I 565 -30.46 -51.66 24.00
N SER I 566 -31.61 -51.85 24.65
CA SER I 566 -32.09 -53.16 25.06
C SER I 566 -32.98 -53.81 24.02
N ASP I 567 -32.73 -53.53 22.73
CA ASP I 567 -33.68 -53.86 21.67
C ASP I 567 -34.00 -55.36 21.62
N ASN I 568 -33.00 -56.20 21.79
CA ASN I 568 -33.20 -57.65 21.80
C ASN I 568 -32.58 -58.23 23.06
N GLY I 569 -32.83 -57.58 24.19
CA GLY I 569 -32.28 -58.01 25.47
C GLY I 569 -33.21 -57.72 26.62
N ILE I 570 -32.63 -57.30 27.74
CA ILE I 570 -33.34 -57.16 29.01
C ILE I 570 -33.10 -55.78 29.57
N CYS I 571 -34.15 -55.16 30.07
CA CYS I 571 -34.05 -53.94 30.84
C CYS I 571 -34.40 -54.30 32.28
N CYS I 572 -33.47 -54.07 33.20
CA CYS I 572 -33.68 -54.31 34.62
C CYS I 572 -33.99 -52.97 35.29
N ILE I 573 -35.17 -52.88 35.90
CA ILE I 573 -35.66 -51.62 36.46
C ILE I 573 -35.83 -51.80 37.96
N ASP I 574 -34.91 -51.27 38.74
CA ASP I 574 -35.10 -51.15 40.17
C ASP I 574 -36.03 -50.01 40.50
N GLU I 575 -36.57 -50.02 41.74
CA GLU I 575 -37.41 -48.95 42.26
C GLU I 575 -38.59 -48.66 41.34
N PHE I 576 -39.13 -49.72 40.73
CA PHE I 576 -40.10 -49.56 39.64
C PHE I 576 -41.37 -48.84 40.08
N ASP I 577 -41.70 -48.88 41.36
CA ASP I 577 -42.79 -48.03 41.84
C ASP I 577 -42.43 -46.57 41.73
N LYS I 578 -41.21 -46.19 42.11
CA LYS I 578 -40.78 -44.78 42.10
C LYS I 578 -40.28 -44.38 40.71
N MET I 579 -41.16 -44.54 39.73
CA MET I 579 -40.88 -44.32 38.31
C MET I 579 -42.02 -43.50 37.70
N ASN I 580 -42.22 -42.30 38.27
CA ASN I 580 -43.41 -41.46 38.09
C ASN I 580 -44.02 -41.51 36.69
N GLU I 581 -45.36 -41.60 36.65
CA GLU I 581 -46.11 -42.10 35.51
C GLU I 581 -45.76 -41.47 34.17
N SER I 582 -45.22 -40.24 34.17
CA SER I 582 -44.74 -39.64 32.94
C SER I 582 -43.70 -40.52 32.25
N THR I 583 -42.93 -41.28 33.01
CA THR I 583 -41.94 -42.19 32.46
C THR I 583 -42.57 -43.53 32.09
N ARG I 584 -43.42 -44.09 32.95
CA ARG I 584 -44.05 -45.37 32.63
C ARG I 584 -44.97 -45.29 31.43
N SER I 585 -45.40 -44.07 31.06
CA SER I 585 -46.00 -43.85 29.77
C SER I 585 -45.12 -44.40 28.65
N VAL I 586 -43.79 -44.24 28.79
CA VAL I 586 -42.88 -44.82 27.80
C VAL I 586 -42.97 -46.33 27.80
N LEU I 587 -43.00 -46.93 28.99
CA LEU I 587 -42.99 -48.39 29.07
C LEU I 587 -44.26 -49.00 28.48
N HIS I 588 -45.36 -48.25 28.49
CA HIS I 588 -46.63 -48.76 27.96
C HIS I 588 -46.50 -49.25 26.52
N GLU I 589 -45.97 -48.41 25.63
CA GLU I 589 -45.96 -48.76 24.21
C GLU I 589 -45.06 -49.96 23.95
N VAL I 590 -43.88 -49.98 24.57
CA VAL I 590 -42.96 -51.08 24.37
C VAL I 590 -43.53 -52.37 24.91
N MET I 591 -44.21 -52.33 26.06
CA MET I 591 -44.73 -53.56 26.62
C MET I 591 -45.94 -54.07 25.84
N GLU I 592 -46.68 -53.20 25.15
CA GLU I 592 -47.83 -53.69 24.41
C GLU I 592 -47.47 -54.12 22.99
N GLN I 593 -46.60 -53.36 22.29
CA GLN I 593 -46.32 -53.64 20.88
C GLN I 593 -44.85 -53.55 20.49
N GLN I 594 -43.94 -53.19 21.40
CA GLN I 594 -42.49 -53.20 21.18
C GLN I 594 -42.01 -52.13 20.20
N THR I 595 -42.88 -51.23 19.76
CA THR I 595 -42.51 -50.07 18.97
C THR I 595 -42.46 -48.87 19.89
N LEU I 596 -41.63 -47.89 19.55
CA LEU I 596 -41.44 -46.71 20.37
C LEU I 596 -41.33 -45.54 19.40
N SER I 597 -42.45 -44.85 19.18
CA SER I 597 -42.56 -43.83 18.14
C SER I 597 -42.16 -42.50 18.72
N ILE I 598 -40.95 -42.04 18.37
CA ILE I 598 -40.54 -40.69 18.75
C ILE I 598 -41.08 -39.75 17.67
N ALA I 599 -41.92 -38.81 18.09
CA ALA I 599 -42.48 -37.78 17.23
C ALA I 599 -42.00 -36.45 17.78
N LYS I 600 -40.91 -35.92 17.21
CA LYS I 600 -40.24 -34.77 17.78
C LYS I 600 -39.64 -33.98 16.63
N ALA I 601 -39.40 -32.68 16.88
CA ALA I 601 -38.92 -31.77 15.85
C ALA I 601 -37.63 -32.25 15.21
N GLY I 602 -36.82 -33.00 15.95
CA GLY I 602 -35.72 -33.71 15.36
C GLY I 602 -36.15 -34.66 14.26
N ILE I 603 -36.88 -35.74 14.61
CA ILE I 603 -37.30 -36.75 13.65
C ILE I 603 -38.67 -37.26 14.08
N ILE I 604 -39.42 -37.78 13.11
CA ILE I 604 -40.70 -38.46 13.35
C ILE I 604 -40.51 -39.89 12.87
N CYS I 605 -40.15 -40.80 13.78
CA CYS I 605 -39.75 -42.15 13.40
C CYS I 605 -40.19 -43.12 14.48
N GLN I 606 -39.99 -44.42 14.20
CA GLN I 606 -40.41 -45.51 15.08
C GLN I 606 -39.21 -46.40 15.37
N LEU I 607 -38.74 -46.37 16.62
CA LEU I 607 -37.61 -47.19 17.06
C LEU I 607 -38.12 -48.54 17.52
N ASN I 608 -37.45 -49.61 17.10
CA ASN I 608 -37.71 -50.91 17.68
C ASN I 608 -37.17 -50.92 19.10
N ALA I 609 -37.97 -51.44 20.03
CA ALA I 609 -37.58 -51.52 21.43
C ALA I 609 -38.02 -52.86 22.01
N ARG I 610 -37.77 -53.95 21.30
CA ARG I 610 -38.32 -55.24 21.70
C ARG I 610 -37.63 -55.79 22.94
N THR I 611 -37.76 -55.08 24.06
CA THR I 611 -37.03 -55.41 25.27
C THR I 611 -37.89 -56.24 26.19
N SER I 612 -37.36 -57.37 26.63
CA SER I 612 -37.93 -58.01 27.80
C SER I 612 -37.64 -57.13 29.01
N VAL I 613 -38.53 -57.20 29.99
CA VAL I 613 -38.50 -56.32 31.15
C VAL I 613 -38.40 -57.17 32.40
N LEU I 614 -37.52 -56.78 33.31
CA LEU I 614 -37.41 -57.40 34.62
C LEU I 614 -37.53 -56.24 35.60
N ALA I 615 -38.77 -55.98 36.03
CA ALA I 615 -39.07 -54.90 36.94
C ALA I 615 -38.99 -55.37 38.40
N ALA I 616 -38.57 -54.48 39.28
CA ALA I 616 -38.55 -54.71 40.71
C ALA I 616 -39.31 -53.60 41.40
N ALA I 617 -40.30 -53.99 42.22
CA ALA I 617 -41.20 -53.06 42.87
C ALA I 617 -41.23 -53.32 44.36
N ASN I 618 -41.23 -52.23 45.15
CA ASN I 618 -41.49 -52.30 46.59
C ASN I 618 -42.98 -52.13 46.84
N PRO I 619 -43.53 -52.68 47.92
CA PRO I 619 -44.91 -52.33 48.28
C PRO I 619 -44.96 -50.91 48.80
N ILE I 620 -46.18 -50.38 48.87
CA ILE I 620 -46.38 -49.05 49.42
C ILE I 620 -45.94 -49.03 50.87
N GLU I 621 -45.29 -47.93 51.27
CA GLU I 621 -44.66 -47.73 52.57
C GLU I 621 -43.50 -48.70 52.83
N SER I 622 -43.00 -49.39 51.80
CA SER I 622 -41.80 -50.19 51.90
C SER I 622 -41.94 -51.37 52.87
N GLN I 623 -43.14 -51.92 53.00
CA GLN I 623 -43.33 -53.18 53.72
C GLN I 623 -44.68 -53.77 53.31
N TRP I 624 -44.68 -55.05 52.94
CA TRP I 624 -45.91 -55.67 52.49
C TRP I 624 -46.85 -55.81 53.67
N ASN I 625 -47.81 -54.89 53.77
CA ASN I 625 -48.87 -55.02 54.76
C ASN I 625 -49.68 -56.29 54.44
N PRO I 626 -49.85 -57.22 55.39
CA PRO I 626 -50.64 -58.42 55.07
C PRO I 626 -52.14 -58.17 55.03
N LYS I 627 -52.62 -57.08 55.63
CA LYS I 627 -54.05 -56.79 55.58
C LYS I 627 -54.50 -56.49 54.15
N LYS I 628 -53.74 -55.67 53.43
CA LYS I 628 -54.09 -55.32 52.07
C LYS I 628 -53.88 -56.51 51.15
N THR I 629 -54.76 -56.63 50.14
CA THR I 629 -54.65 -57.70 49.16
C THR I 629 -53.58 -57.32 48.14
N THR I 630 -53.47 -58.12 47.07
CA THR I 630 -52.31 -58.00 46.18
C THR I 630 -52.30 -56.66 45.44
N ILE I 631 -53.40 -56.33 44.77
CA ILE I 631 -53.46 -55.10 43.99
C ILE I 631 -53.35 -53.90 44.91
N GLU I 632 -54.10 -53.93 46.01
CA GLU I 632 -54.12 -52.82 46.96
C GLU I 632 -52.73 -52.56 47.52
N ASN I 633 -51.96 -53.64 47.75
CA ASN I 633 -50.62 -53.47 48.28
C ASN I 633 -49.65 -52.97 47.21
N ILE I 634 -49.75 -53.51 46.00
CA ILE I 634 -48.82 -53.13 44.94
C ILE I 634 -48.98 -51.67 44.61
N GLN I 635 -50.21 -51.24 44.35
CA GLN I 635 -50.52 -49.86 43.97
C GLN I 635 -49.75 -49.46 42.71
N LEU I 636 -50.08 -50.12 41.62
CA LEU I 636 -49.67 -49.72 40.27
C LEU I 636 -50.88 -49.83 39.37
N PRO I 637 -50.90 -49.10 38.25
CA PRO I 637 -52.08 -49.11 37.38
C PRO I 637 -52.39 -50.51 36.85
N HIS I 638 -53.68 -50.82 36.76
CA HIS I 638 -54.10 -52.13 36.26
C HIS I 638 -53.67 -52.30 34.82
N THR I 639 -53.73 -51.24 34.03
CA THR I 639 -53.29 -51.30 32.64
C THR I 639 -51.80 -51.54 32.50
N LEU I 640 -51.01 -51.39 33.56
CA LEU I 640 -49.61 -51.75 33.58
C LEU I 640 -49.38 -53.13 34.18
N LEU I 641 -50.01 -53.42 35.31
CA LEU I 641 -49.84 -54.72 35.96
C LEU I 641 -50.40 -55.86 35.14
N SER I 642 -51.32 -55.59 34.22
CA SER I 642 -51.76 -56.61 33.28
C SER I 642 -50.78 -56.84 32.14
N ARG I 643 -49.74 -56.01 32.01
CA ARG I 643 -48.75 -56.19 30.96
C ARG I 643 -47.71 -57.22 31.35
N PHE I 644 -47.21 -57.15 32.58
CA PHE I 644 -46.25 -58.12 33.07
C PHE I 644 -46.85 -59.50 33.08
N ASP I 645 -46.35 -60.39 32.24
CA ASP I 645 -46.92 -61.72 32.13
C ASP I 645 -46.49 -62.65 33.27
N LEU I 646 -45.54 -62.24 34.12
CA LEU I 646 -45.29 -62.93 35.38
C LEU I 646 -45.14 -61.91 36.50
N ILE I 647 -45.79 -62.16 37.63
CA ILE I 647 -45.63 -61.34 38.83
C ILE I 647 -45.31 -62.28 39.99
N PHE I 648 -44.21 -62.00 40.69
CA PHE I 648 -43.76 -62.77 41.84
C PHE I 648 -43.89 -61.92 43.09
N LEU I 649 -44.67 -62.41 44.05
CA LEU I 649 -44.84 -61.76 45.34
C LEU I 649 -43.78 -62.34 46.27
N MET I 650 -42.62 -61.69 46.30
CA MET I 650 -41.53 -62.16 47.15
C MET I 650 -41.87 -61.86 48.60
N LEU I 651 -42.35 -62.89 49.29
CA LEU I 651 -42.74 -62.81 50.69
C LEU I 651 -41.83 -63.71 51.52
N ASP I 652 -41.75 -63.40 52.82
CA ASP I 652 -40.89 -64.11 53.76
C ASP I 652 -41.77 -64.83 54.77
N PRO I 653 -42.15 -66.09 54.53
CA PRO I 653 -42.70 -66.89 55.62
C PRO I 653 -41.67 -67.03 56.73
N GLN I 654 -42.19 -67.06 57.93
CA GLN I 654 -41.33 -67.14 59.11
C GLN I 654 -41.02 -68.59 59.49
N ASP I 655 -40.56 -69.38 58.49
CA ASP I 655 -40.13 -70.75 58.72
C ASP I 655 -38.75 -70.70 59.34
N GLU I 656 -38.65 -71.09 60.61
CA GLU I 656 -37.37 -71.04 61.31
C GLU I 656 -36.36 -71.96 60.65
N ALA I 657 -36.81 -73.08 60.10
CA ALA I 657 -35.92 -73.96 59.34
C ALA I 657 -35.36 -73.23 58.13
N TYR I 658 -36.21 -72.50 57.41
CA TYR I 658 -35.74 -71.73 56.28
C TYR I 658 -34.74 -70.67 56.72
N ASP I 659 -35.00 -70.04 57.87
CA ASP I 659 -34.08 -69.03 58.39
C ASP I 659 -32.71 -69.62 58.67
N ARG I 660 -32.69 -70.78 59.34
CA ARG I 660 -31.44 -71.46 59.64
C ARG I 660 -30.70 -71.83 58.35
N ARG I 661 -31.42 -72.40 57.38
CA ARG I 661 -30.77 -72.83 56.15
C ARG I 661 -30.20 -71.64 55.40
N LEU I 662 -30.94 -70.54 55.33
CA LEU I 662 -30.45 -69.34 54.67
C LEU I 662 -29.21 -68.81 55.36
N ALA I 663 -29.21 -68.82 56.70
CA ALA I 663 -28.03 -68.36 57.43
C ALA I 663 -26.81 -69.21 57.09
N HIS I 664 -26.99 -70.53 57.05
CA HIS I 664 -25.88 -71.40 56.71
C HIS I 664 -25.40 -71.16 55.29
N HIS I 665 -26.32 -70.95 54.34
CA HIS I 665 -25.92 -70.67 52.97
C HIS I 665 -25.09 -69.38 52.87
N LEU I 666 -25.57 -68.32 53.52
CA LEU I 666 -24.89 -67.04 53.38
C LEU I 666 -23.53 -67.06 54.05
N VAL I 667 -23.45 -67.57 55.28
CA VAL I 667 -22.14 -67.67 55.92
C VAL I 667 -21.25 -68.66 55.19
N ALA I 668 -21.83 -69.63 54.47
CA ALA I 668 -21.03 -70.57 53.70
C ALA I 668 -20.32 -69.86 52.57
N LEU I 669 -21.07 -69.10 51.77
CA LEU I 669 -20.43 -68.31 50.73
C LEU I 669 -19.48 -67.29 51.33
N TYR I 670 -19.70 -66.88 52.56
CA TYR I 670 -18.77 -65.96 53.20
C TYR I 670 -17.43 -66.62 53.48
N TYR I 671 -17.44 -67.81 54.11
CA TYR I 671 -16.16 -68.46 54.42
C TYR I 671 -15.47 -68.91 53.14
N GLN I 672 -16.25 -69.24 52.11
CA GLN I 672 -15.73 -69.77 50.85
C GLN I 672 -14.60 -68.93 50.28
N ASP I 683 -22.95 -76.12 34.68
CA ASP I 683 -21.83 -75.18 34.61
C ASP I 683 -22.18 -74.01 33.69
N MET I 684 -21.41 -72.93 33.79
CA MET I 684 -21.71 -71.73 33.02
C MET I 684 -21.61 -72.00 31.52
N ALA I 685 -20.57 -72.71 31.10
CA ALA I 685 -20.38 -72.98 29.67
C ALA I 685 -21.53 -73.80 29.11
N VAL I 686 -21.90 -74.87 29.81
CA VAL I 686 -22.98 -75.72 29.33
C VAL I 686 -24.29 -74.94 29.35
N LEU I 687 -24.50 -74.10 30.37
CA LEU I 687 -25.72 -73.30 30.45
C LEU I 687 -25.86 -72.38 29.24
N LYS I 688 -24.81 -71.59 28.97
CA LYS I 688 -24.90 -70.64 27.87
C LYS I 688 -25.00 -71.35 26.54
N ASP I 689 -24.29 -72.47 26.37
CA ASP I 689 -24.37 -73.21 25.12
C ASP I 689 -25.76 -73.81 24.94
N TYR I 690 -26.38 -74.23 26.05
CA TYR I 690 -27.71 -74.79 25.99
C TYR I 690 -28.71 -73.74 25.53
N ILE I 691 -28.66 -72.55 26.15
CA ILE I 691 -29.55 -71.46 25.77
C ILE I 691 -29.31 -71.06 24.32
N ALA I 692 -28.04 -71.03 23.91
CA ALA I 692 -27.70 -70.67 22.54
C ALA I 692 -28.30 -71.65 21.55
N TYR I 693 -28.21 -72.94 21.85
CA TYR I 693 -28.80 -73.93 20.95
C TYR I 693 -30.31 -73.77 20.88
N ALA I 694 -30.93 -73.53 22.04
CA ALA I 694 -32.37 -73.32 22.09
C ALA I 694 -32.80 -72.17 21.20
N HIS I 695 -32.15 -71.02 21.33
CA HIS I 695 -32.47 -69.91 20.45
C HIS I 695 -32.14 -70.24 18.99
N SER I 696 -31.13 -71.07 18.77
CA SER I 696 -30.70 -71.37 17.41
C SER I 696 -31.79 -72.07 16.62
N THR I 697 -32.22 -73.25 17.08
CA THR I 697 -33.12 -74.10 16.27
C THR I 697 -34.18 -74.78 17.13
N ILE I 698 -34.80 -74.02 18.02
CA ILE I 698 -35.97 -74.49 18.76
C ILE I 698 -37.00 -73.38 18.74
N MET I 699 -38.08 -73.58 17.97
CA MET I 699 -39.16 -72.61 17.82
C MET I 699 -40.48 -73.34 18.06
N PRO I 700 -40.81 -73.67 19.32
CA PRO I 700 -41.94 -74.56 19.58
C PRO I 700 -43.27 -73.98 19.13
N ARG I 701 -44.17 -74.87 18.74
CA ARG I 701 -45.52 -74.53 18.26
C ARG I 701 -46.56 -75.18 19.17
N LEU I 702 -47.75 -74.60 19.19
CA LEU I 702 -48.83 -75.14 20.00
C LEU I 702 -49.36 -76.43 19.42
N SER I 703 -49.76 -77.35 20.30
CA SER I 703 -50.43 -78.59 19.96
C SER I 703 -51.91 -78.49 20.30
N GLU I 704 -52.68 -79.48 19.84
CA GLU I 704 -54.11 -79.49 20.14
C GLU I 704 -54.36 -79.65 21.63
N GLU I 705 -53.63 -80.57 22.26
CA GLU I 705 -53.72 -80.76 23.71
C GLU I 705 -53.40 -79.46 24.44
N ALA I 706 -52.29 -78.83 24.07
CA ALA I 706 -51.87 -77.61 24.74
C ALA I 706 -52.88 -76.49 24.54
N SER I 707 -53.45 -76.39 23.34
CA SER I 707 -54.42 -75.32 23.08
C SER I 707 -55.68 -75.50 23.90
N GLN I 708 -56.24 -76.73 23.92
CA GLN I 708 -57.43 -76.96 24.71
C GLN I 708 -57.16 -76.75 26.19
N ALA I 709 -56.00 -77.19 26.66
CA ALA I 709 -55.63 -76.96 28.05
C ALA I 709 -55.49 -75.47 28.33
N LEU I 710 -54.96 -74.71 27.37
CA LEU I 710 -54.82 -73.27 27.56
C LEU I 710 -56.17 -72.60 27.69
N ILE I 711 -57.11 -72.97 26.82
CA ILE I 711 -58.46 -72.40 26.90
C ILE I 711 -59.09 -72.71 28.24
N GLU I 712 -59.04 -73.99 28.63
CA GLU I 712 -59.69 -74.42 29.86
C GLU I 712 -59.03 -73.77 31.08
N ALA I 713 -57.71 -73.69 31.09
CA ALA I 713 -57.01 -73.08 32.21
C ALA I 713 -57.23 -71.58 32.26
N TYR I 714 -57.37 -70.92 31.11
CA TYR I 714 -57.69 -69.50 31.11
C TYR I 714 -59.07 -69.26 31.70
N VAL I 715 -60.05 -70.09 31.33
CA VAL I 715 -61.38 -69.95 31.91
C VAL I 715 -61.32 -70.21 33.41
N ASP I 716 -60.55 -71.21 33.82
CA ASP I 716 -60.40 -71.51 35.24
C ASP I 716 -59.82 -70.32 36.00
N MET I 717 -58.72 -69.76 35.49
CA MET I 717 -58.10 -68.64 36.16
C MET I 717 -59.02 -67.43 36.16
N ARG I 718 -59.82 -67.26 35.11
CA ARG I 718 -60.77 -66.15 35.09
C ARG I 718 -61.83 -66.33 36.18
N LYS I 719 -62.36 -67.54 36.31
CA LYS I 719 -63.32 -67.81 37.37
C LYS I 719 -62.69 -67.58 38.74
N ILE I 720 -61.45 -67.99 38.93
CA ILE I 720 -60.81 -67.90 40.23
C ILE I 720 -60.54 -66.43 40.58
N GLY I 721 -59.79 -65.74 39.72
CA GLY I 721 -59.44 -64.35 39.95
C GLY I 721 -60.58 -63.37 39.75
N SER I 722 -61.77 -63.84 39.35
CA SER I 722 -62.94 -62.96 39.33
C SER I 722 -63.22 -62.35 40.69
N SER I 723 -62.86 -63.05 41.77
CA SER I 723 -62.87 -62.44 43.09
C SER I 723 -61.96 -61.22 43.10
N ARG I 724 -62.47 -60.12 43.64
CA ARG I 724 -61.74 -58.86 43.58
C ARG I 724 -60.51 -58.93 44.49
N GLY I 725 -59.72 -57.88 44.44
CA GLY I 725 -58.47 -57.80 45.20
C GLY I 725 -57.30 -58.41 44.45
N MET I 726 -57.47 -59.64 44.00
CA MET I 726 -56.45 -60.30 43.19
C MET I 726 -56.53 -59.82 41.74
N VAL I 727 -55.45 -60.06 41.01
CA VAL I 727 -55.34 -59.61 39.63
C VAL I 727 -56.31 -60.41 38.78
N SER I 728 -57.40 -59.78 38.33
CA SER I 728 -58.36 -60.49 37.49
C SER I 728 -57.74 -60.78 36.13
N ALA I 729 -58.14 -61.91 35.55
CA ALA I 729 -57.54 -62.37 34.32
C ALA I 729 -58.00 -61.52 33.14
N TYR I 730 -57.33 -61.71 32.01
CA TYR I 730 -57.62 -60.95 30.80
C TYR I 730 -57.18 -61.78 29.60
N PRO I 731 -57.60 -61.39 28.39
CA PRO I 731 -56.94 -61.93 27.18
C PRO I 731 -55.44 -61.73 27.18
N ARG I 732 -54.95 -60.64 27.79
CA ARG I 732 -53.51 -60.49 27.99
C ARG I 732 -52.95 -61.66 28.80
N GLN I 733 -53.70 -62.12 29.80
CA GLN I 733 -53.23 -63.25 30.58
C GLN I 733 -53.33 -64.55 29.79
N LEU I 734 -54.28 -64.64 28.86
CA LEU I 734 -54.25 -65.77 27.93
C LEU I 734 -52.96 -65.77 27.12
N GLU I 735 -52.58 -64.60 26.61
CA GLU I 735 -51.32 -64.50 25.87
C GLU I 735 -50.15 -64.85 26.76
N SER I 736 -50.22 -64.46 28.03
CA SER I 736 -49.18 -64.80 28.99
C SER I 736 -49.04 -66.31 29.12
N LEU I 737 -50.16 -67.01 29.25
CA LEU I 737 -50.10 -68.46 29.36
C LEU I 737 -49.51 -69.09 28.11
N ILE I 738 -49.91 -68.60 26.93
CA ILE I 738 -49.38 -69.16 25.68
C ILE I 738 -47.87 -68.96 25.61
N ARG I 739 -47.41 -67.76 25.94
CA ARG I 739 -45.98 -67.46 25.87
C ARG I 739 -45.19 -68.28 26.87
N LEU I 740 -45.69 -68.41 28.10
CA LEU I 740 -44.97 -69.20 29.09
C LEU I 740 -44.89 -70.66 28.66
N ALA I 741 -45.98 -71.17 28.07
CA ALA I 741 -45.95 -72.53 27.56
C ALA I 741 -44.91 -72.69 26.46
N GLU I 742 -44.84 -71.72 25.56
CA GLU I 742 -43.82 -71.77 24.51
C GLU I 742 -42.42 -71.73 25.10
N ALA I 743 -42.22 -70.91 26.13
CA ALA I 743 -40.90 -70.82 26.76
C ALA I 743 -40.50 -72.14 27.39
N HIS I 744 -41.44 -72.80 28.07
CA HIS I 744 -41.09 -74.08 28.69
C HIS I 744 -40.82 -75.14 27.63
N ALA I 745 -41.59 -75.13 26.54
CA ALA I 745 -41.31 -76.05 25.45
C ALA I 745 -39.93 -75.78 24.85
N LYS I 746 -39.54 -74.51 24.78
CA LYS I 746 -38.20 -74.18 24.33
C LYS I 746 -37.15 -74.74 25.27
N VAL I 747 -37.41 -74.67 26.57
CA VAL I 747 -36.49 -75.24 27.55
C VAL I 747 -36.34 -76.74 27.34
N ARG I 748 -37.44 -77.43 27.12
CA ARG I 748 -37.39 -78.88 26.94
C ARG I 748 -36.99 -79.28 25.53
N LEU I 749 -36.84 -78.33 24.60
CA LEU I 749 -36.54 -78.62 23.19
C LEU I 749 -37.59 -79.53 22.55
N SER I 750 -38.83 -79.47 23.05
CA SER I 750 -39.85 -80.39 22.57
C SER I 750 -40.20 -80.15 21.11
N ASN I 751 -40.01 -78.93 20.62
CA ASN I 751 -40.46 -78.52 19.29
C ASN I 751 -41.98 -78.61 19.14
N LYS I 752 -42.71 -78.68 20.25
CA LYS I 752 -44.16 -78.64 20.27
C LYS I 752 -44.60 -78.40 21.71
N VAL I 753 -45.42 -77.40 21.94
CA VAL I 753 -45.87 -77.13 23.31
C VAL I 753 -46.83 -78.24 23.73
N GLU I 754 -46.61 -78.79 24.92
CA GLU I 754 -47.29 -79.98 25.37
C GLU I 754 -48.13 -79.67 26.61
N ALA I 755 -48.93 -80.66 26.99
CA ALA I 755 -49.75 -80.54 28.20
C ALA I 755 -48.89 -80.32 29.42
N ILE I 756 -47.69 -80.90 29.45
CA ILE I 756 -46.75 -80.61 30.52
C ILE I 756 -46.40 -79.13 30.52
N ASP I 757 -46.15 -78.56 29.34
CA ASP I 757 -45.78 -77.15 29.25
C ASP I 757 -46.89 -76.24 29.75
N VAL I 758 -48.11 -76.46 29.26
CA VAL I 758 -49.20 -75.58 29.65
C VAL I 758 -49.56 -75.77 31.11
N GLU I 759 -49.49 -77.01 31.60
CA GLU I 759 -49.74 -77.26 33.02
C GLU I 759 -48.70 -76.57 33.88
N GLU I 760 -47.43 -76.61 33.47
CA GLU I 760 -46.38 -75.95 34.23
C GLU I 760 -46.55 -74.44 34.17
N ALA I 761 -46.97 -73.91 33.02
CA ALA I 761 -47.21 -72.48 32.91
C ALA I 761 -48.32 -72.04 33.86
N LYS I 762 -49.41 -72.81 33.90
CA LYS I 762 -50.48 -72.54 34.86
C LYS I 762 -49.97 -72.59 36.28
N ARG I 763 -49.21 -73.64 36.61
CA ARG I 763 -48.71 -73.83 37.97
C ARG I 763 -47.81 -72.67 38.37
N LEU I 764 -46.90 -72.28 37.49
CA LEU I 764 -45.97 -71.21 37.83
C LEU I 764 -46.68 -69.89 37.94
N HIS I 765 -47.68 -69.65 37.09
CA HIS I 765 -48.44 -68.41 37.18
C HIS I 765 -49.16 -68.31 38.52
N ARG I 766 -49.85 -69.39 38.91
CA ARG I 766 -50.56 -69.37 40.19
C ARG I 766 -49.58 -69.22 41.34
N GLU I 767 -48.54 -70.05 41.38
CA GLU I 767 -47.65 -70.01 42.54
C GLU I 767 -46.81 -68.74 42.56
N ALA I 768 -46.64 -68.08 41.42
CA ALA I 768 -45.97 -66.80 41.39
C ALA I 768 -46.86 -65.70 41.93
N LEU I 769 -48.13 -65.68 41.52
CA LEU I 769 -49.06 -64.66 42.00
C LEU I 769 -49.55 -64.91 43.42
N LYS I 770 -49.30 -66.10 43.97
CA LYS I 770 -49.74 -66.45 45.33
C LYS I 770 -48.52 -66.62 46.22
N SER J 5 15.40 28.05 4.99
CA SER J 5 14.31 28.85 4.46
C SER J 5 13.12 27.97 4.15
N GLY J 6 13.38 26.77 3.63
CA GLY J 6 12.33 25.84 3.29
C GLY J 6 11.92 24.93 4.43
N PHE J 7 12.24 25.32 5.67
CA PHE J 7 12.02 24.51 6.86
C PHE J 7 10.63 24.69 7.45
N ASP J 8 9.75 25.49 6.85
CA ASP J 8 8.46 25.81 7.43
C ASP J 8 7.39 25.77 6.35
N ASP J 9 6.14 25.88 6.80
CA ASP J 9 5.00 25.94 5.90
C ASP J 9 3.88 26.69 6.61
N PRO J 10 3.96 28.01 6.68
CA PRO J 10 2.91 28.77 7.37
C PRO J 10 1.60 28.68 6.64
N GLY J 11 0.53 28.77 7.41
CA GLY J 11 -0.78 28.50 6.87
C GLY J 11 -1.26 29.57 5.91
N ILE J 12 -2.28 29.19 5.14
CA ILE J 12 -3.01 30.14 4.32
C ILE J 12 -3.73 31.12 5.25
N PHE J 13 -4.00 32.30 4.72
CA PHE J 13 -4.86 33.28 5.38
C PHE J 13 -5.90 33.77 4.39
N TYR J 14 -7.04 34.23 4.89
CA TYR J 14 -8.05 34.84 4.03
C TYR J 14 -8.77 35.94 4.78
N SER J 15 -9.67 36.63 4.07
CA SER J 15 -10.32 37.84 4.52
C SER J 15 -11.83 37.71 4.41
N ASP J 16 -12.53 38.60 5.12
CA ASP J 16 -13.98 38.61 5.08
C ASP J 16 -14.48 39.06 3.72
N SER J 17 -15.64 38.53 3.33
CA SER J 17 -16.19 38.80 2.01
C SER J 17 -16.65 40.25 1.93
N PHE J 18 -15.96 41.04 1.10
CA PHE J 18 -16.27 42.47 0.98
C PHE J 18 -17.50 42.68 0.09
N GLY J 19 -17.43 42.19 -1.14
CA GLY J 19 -18.54 42.30 -2.08
C GLY J 19 -18.62 41.12 -3.01
N GLN J 28 -32.41 32.13 -7.32
CA GLN J 28 -31.90 31.15 -6.37
C GLN J 28 -30.78 31.76 -5.53
N ALA J 29 -31.16 32.44 -4.46
CA ALA J 29 -30.17 33.06 -3.59
C ALA J 29 -29.29 32.00 -2.96
N ARG J 30 -28.01 32.32 -2.83
CA ARG J 30 -27.02 31.31 -2.46
C ARG J 30 -27.23 30.86 -1.03
N LYS J 31 -26.64 29.71 -0.71
CA LYS J 31 -26.79 29.13 0.62
C LYS J 31 -26.29 30.08 1.71
N SER J 32 -25.31 30.92 1.40
CA SER J 32 -24.88 31.91 2.38
C SER J 32 -25.97 32.94 2.63
N GLN J 33 -26.71 33.34 1.59
CA GLN J 33 -27.81 34.27 1.80
C GLN J 33 -28.99 33.61 2.50
N LEU J 34 -29.23 32.32 2.24
CA LEU J 34 -30.24 31.61 3.02
C LEU J 34 -29.82 31.53 4.48
N GLN J 35 -28.53 31.35 4.73
CA GLN J 35 -27.99 31.45 6.08
C GLN J 35 -28.31 32.81 6.68
N ARG J 36 -28.11 33.87 5.89
CA ARG J 36 -28.40 35.22 6.35
C ARG J 36 -29.87 35.38 6.69
N ARG J 37 -30.75 34.83 5.87
CA ARG J 37 -32.18 35.01 6.09
C ARG J 37 -32.68 34.19 7.27
N PHE J 38 -32.08 33.02 7.53
CA PHE J 38 -32.37 32.32 8.77
C PHE J 38 -31.91 33.14 9.98
N LYS J 39 -30.73 33.75 9.87
CA LYS J 39 -30.27 34.63 10.94
C LYS J 39 -31.25 35.77 11.15
N GLU J 40 -31.80 36.31 10.07
CA GLU J 40 -32.79 37.37 10.18
C GLU J 40 -34.07 36.86 10.85
N PHE J 41 -34.51 35.66 10.49
CA PHE J 41 -35.70 35.07 11.09
C PHE J 41 -35.56 35.00 12.59
N LEU J 42 -34.47 34.41 13.05
CA LEU J 42 -34.26 34.33 14.49
C LEU J 42 -34.12 35.72 15.10
N ARG J 43 -33.37 36.61 14.47
CA ARG J 43 -33.06 37.89 15.10
C ARG J 43 -34.24 38.84 15.12
N GLN J 44 -35.25 38.64 14.27
CA GLN J 44 -36.30 39.64 14.08
C GLN J 44 -37.71 39.07 14.14
N TYR J 45 -37.90 37.79 14.47
CA TYR J 45 -39.26 37.29 14.63
C TYR J 45 -39.87 37.95 15.86
N ARG J 46 -40.75 38.92 15.60
CA ARG J 46 -41.44 39.66 16.65
C ARG J 46 -42.82 39.06 16.83
N VAL J 47 -43.07 38.50 18.01
CA VAL J 47 -44.31 37.79 18.28
C VAL J 47 -45.29 38.64 19.09
N GLY J 48 -44.79 39.46 20.00
CA GLY J 48 -45.67 40.20 20.88
C GLY J 48 -46.32 41.37 20.15
N THR J 49 -47.64 41.41 20.21
CA THR J 49 -48.39 42.48 19.55
C THR J 49 -48.07 43.82 20.20
N ASP J 50 -48.17 44.88 19.39
CA ASP J 50 -47.91 46.23 19.92
C ASP J 50 -48.89 46.59 21.02
N ARG J 51 -50.11 46.05 20.98
CA ARG J 51 -50.99 46.12 22.14
C ARG J 51 -50.42 45.31 23.30
N THR J 52 -49.96 44.09 23.01
CA THR J 52 -49.46 43.19 24.03
C THR J 52 -48.02 43.46 24.43
N GLY J 53 -47.32 44.36 23.74
CA GLY J 53 -45.91 44.56 23.99
C GLY J 53 -45.10 43.52 23.24
N PHE J 54 -44.01 43.93 22.61
CA PHE J 54 -43.29 43.09 21.66
C PHE J 54 -42.14 42.37 22.34
N THR J 55 -41.82 41.19 21.80
CA THR J 55 -40.64 40.45 22.21
C THR J 55 -40.13 39.63 21.04
N PHE J 56 -38.82 39.44 20.99
CA PHE J 56 -38.18 38.59 19.99
C PHE J 56 -38.09 37.19 20.59
N LYS J 57 -39.03 36.32 20.17
CA LYS J 57 -39.23 35.04 20.84
C LYS J 57 -37.97 34.19 20.77
N TYR J 58 -37.41 34.04 19.57
CA TYR J 58 -36.28 33.14 19.42
C TYR J 58 -35.00 33.73 19.96
N ARG J 59 -34.80 35.04 19.89
CA ARG J 59 -33.64 35.63 20.55
C ARG J 59 -33.68 35.37 22.05
N ASP J 60 -34.86 35.54 22.66
CA ASP J 60 -34.97 35.28 24.09
C ASP J 60 -34.78 33.80 24.38
N GLU J 61 -35.30 32.92 23.52
CA GLU J 61 -35.13 31.48 23.71
C GLU J 61 -33.66 31.08 23.66
N LEU J 62 -32.94 31.55 22.63
CA LEU J 62 -31.51 31.24 22.53
C LEU J 62 -30.77 31.73 23.77
N LYS J 63 -31.03 32.98 24.17
CA LYS J 63 -30.35 33.55 25.33
C LYS J 63 -30.58 32.67 26.56
N ARG J 64 -31.84 32.37 26.85
CA ARG J 64 -32.16 31.64 28.07
C ARG J 64 -31.58 30.24 28.05
N HIS J 65 -31.78 29.51 26.95
CA HIS J 65 -31.30 28.14 26.87
C HIS J 65 -29.78 28.08 26.92
N TYR J 66 -29.11 28.95 26.18
CA TYR J 66 -27.66 28.91 26.15
C TYR J 66 -27.07 29.31 27.49
N ASN J 67 -27.72 30.22 28.21
CA ASN J 67 -27.29 30.51 29.57
C ASN J 67 -27.49 29.30 30.47
N LEU J 68 -28.63 28.61 30.33
CA LEU J 68 -28.89 27.46 31.16
C LEU J 68 -27.93 26.32 30.87
N GLY J 69 -27.46 26.23 29.62
CA GLY J 69 -26.64 25.11 29.18
C GLY J 69 -27.49 24.06 28.51
N GLU J 70 -28.42 24.51 27.67
CA GLU J 70 -29.34 23.63 26.97
C GLU J 70 -28.96 23.42 25.51
N TYR J 71 -28.50 24.46 24.82
CA TYR J 71 -27.94 24.32 23.47
C TYR J 71 -28.95 23.78 22.48
N TRP J 72 -30.24 24.07 22.69
CA TRP J 72 -31.24 23.76 21.68
C TRP J 72 -32.35 24.79 21.76
N ILE J 73 -33.12 24.88 20.69
CA ILE J 73 -34.34 25.69 20.65
C ILE J 73 -35.40 24.96 19.83
N GLU J 74 -36.60 25.54 19.80
CA GLU J 74 -37.77 24.95 19.17
C GLU J 74 -38.40 25.98 18.23
N VAL J 75 -38.16 25.83 16.93
CA VAL J 75 -38.61 26.79 15.92
C VAL J 75 -39.84 26.23 15.23
N GLU J 76 -40.94 26.98 15.27
CA GLU J 76 -42.17 26.50 14.67
C GLU J 76 -42.16 26.74 13.18
N MET J 77 -42.50 25.69 12.42
CA MET J 77 -42.61 25.82 10.98
C MET J 77 -43.63 26.89 10.58
N GLU J 78 -44.66 27.09 11.39
CA GLU J 78 -45.65 28.13 11.11
C GLU J 78 -45.00 29.51 11.22
N ASP J 79 -44.19 29.71 12.25
CA ASP J 79 -43.47 30.97 12.40
C ASP J 79 -42.51 31.19 11.23
N LEU J 80 -41.82 30.13 10.81
CA LEU J 80 -40.92 30.23 9.67
C LEU J 80 -41.67 30.67 8.43
N ALA J 81 -42.83 30.07 8.17
CA ALA J 81 -43.59 30.42 6.98
C ALA J 81 -44.11 31.85 7.09
N SER J 82 -44.55 32.26 8.27
CA SER J 82 -45.09 33.61 8.44
C SER J 82 -44.00 34.65 8.19
N PHE J 83 -42.82 34.45 8.77
CA PHE J 83 -41.74 35.40 8.56
C PHE J 83 -41.18 35.34 7.14
N ASP J 84 -41.14 34.15 6.53
CA ASP J 84 -40.49 33.95 5.24
C ASP J 84 -41.10 32.69 4.63
N GLU J 85 -42.01 32.86 3.66
CA GLU J 85 -42.67 31.70 3.08
C GLU J 85 -41.69 30.82 2.33
N ASP J 86 -40.75 31.42 1.61
CA ASP J 86 -39.82 30.65 0.81
C ASP J 86 -38.92 29.78 1.67
N LEU J 87 -38.54 30.25 2.85
CA LEU J 87 -37.75 29.42 3.76
C LEU J 87 -38.53 28.18 4.19
N ALA J 88 -39.81 28.35 4.50
CA ALA J 88 -40.64 27.21 4.88
C ALA J 88 -40.72 26.21 3.75
N ASP J 89 -40.94 26.69 2.52
CA ASP J 89 -40.98 25.77 1.39
C ASP J 89 -39.65 25.07 1.22
N TYR J 90 -38.54 25.80 1.43
CA TYR J 90 -37.22 25.20 1.29
C TYR J 90 -37.01 24.10 2.30
N LEU J 91 -37.40 24.33 3.56
CA LEU J 91 -37.20 23.28 4.55
C LEU J 91 -38.11 22.09 4.31
N TYR J 92 -39.32 22.33 3.80
CA TYR J 92 -40.18 21.20 3.48
C TYR J 92 -39.62 20.37 2.33
N LYS J 93 -39.02 21.02 1.34
CA LYS J 93 -38.58 20.30 0.16
C LYS J 93 -37.19 19.70 0.30
N GLN J 94 -36.29 20.38 1.02
CA GLN J 94 -34.88 20.00 1.12
C GLN J 94 -34.42 20.29 2.54
N PRO J 95 -34.90 19.53 3.52
CA PRO J 95 -34.65 19.91 4.92
C PRO J 95 -33.21 19.85 5.36
N ALA J 96 -32.43 18.90 4.83
CA ALA J 96 -31.14 18.54 5.42
C ALA J 96 -30.16 19.69 5.43
N GLU J 97 -29.72 20.12 4.25
CA GLU J 97 -28.72 21.19 4.18
C GLU J 97 -29.31 22.52 4.65
N HIS J 98 -30.59 22.75 4.41
CA HIS J 98 -31.19 23.96 4.93
C HIS J 98 -31.32 23.91 6.43
N LEU J 99 -31.54 22.73 7.00
CA LEU J 99 -31.44 22.62 8.44
C LEU J 99 -30.03 22.91 8.92
N GLN J 100 -29.02 22.48 8.17
CA GLN J 100 -27.65 22.80 8.55
C GLN J 100 -27.44 24.30 8.59
N LEU J 101 -27.96 24.99 7.57
CA LEU J 101 -27.87 26.44 7.54
C LEU J 101 -28.57 27.04 8.75
N LEU J 102 -29.74 26.49 9.09
CA LEU J 102 -30.49 27.02 10.23
C LEU J 102 -29.74 26.80 11.54
N GLU J 103 -29.08 25.65 11.69
CA GLU J 103 -28.31 25.40 12.91
C GLU J 103 -27.14 26.37 12.99
N GLU J 104 -26.49 26.62 11.87
CA GLU J 104 -25.40 27.60 11.86
C GLU J 104 -25.93 28.98 12.23
N ALA J 105 -27.11 29.33 11.75
CA ALA J 105 -27.72 30.60 12.13
C ALA J 105 -28.02 30.66 13.61
N ALA J 106 -28.51 29.57 14.18
CA ALA J 106 -28.77 29.54 15.61
C ALA J 106 -27.49 29.74 16.39
N LYS J 107 -26.41 29.11 15.94
CA LYS J 107 -25.12 29.28 16.59
C LYS J 107 -24.69 30.74 16.55
N GLU J 108 -24.79 31.37 15.38
CA GLU J 108 -24.34 32.75 15.26
C GLU J 108 -25.19 33.70 16.10
N VAL J 109 -26.52 33.52 16.08
CA VAL J 109 -27.37 34.43 16.84
C VAL J 109 -27.14 34.22 18.33
N ALA J 110 -26.90 32.96 18.74
CA ALA J 110 -26.54 32.68 20.12
C ALA J 110 -25.31 33.48 20.52
N ASP J 111 -24.30 33.46 19.64
CA ASP J 111 -23.08 34.20 19.90
C ASP J 111 -23.38 35.69 20.04
N GLU J 112 -24.26 36.21 19.19
CA GLU J 112 -24.60 37.63 19.27
C GLU J 112 -25.27 37.97 20.60
N VAL J 113 -26.25 37.16 21.02
CA VAL J 113 -27.01 37.51 22.21
C VAL J 113 -26.17 37.37 23.48
N THR J 114 -25.26 36.39 23.54
CA THR J 114 -24.41 36.21 24.72
C THR J 114 -22.95 36.37 24.34
N ARG J 115 -22.65 37.42 23.57
CA ARG J 115 -21.28 37.66 23.14
C ARG J 115 -20.32 37.87 24.29
N PRO J 116 -20.60 38.75 25.29
CA PRO J 116 -19.65 38.93 26.40
C PRO J 116 -19.89 37.93 27.52
N ARG J 117 -19.87 36.64 27.18
CA ARG J 117 -20.07 35.62 28.19
C ARG J 117 -18.88 35.60 29.15
N PRO J 118 -19.09 35.25 30.42
CA PRO J 118 -17.94 35.16 31.33
C PRO J 118 -16.98 34.06 30.91
N SER J 119 -15.83 34.03 31.58
CA SER J 119 -14.84 33.00 31.31
C SER J 119 -15.40 31.64 31.71
N GLY J 120 -14.71 30.59 31.25
CA GLY J 120 -15.10 29.23 31.50
C GLY J 120 -16.02 28.61 30.46
N GLU J 121 -16.54 29.41 29.53
CA GLU J 121 -17.35 28.92 28.41
C GLU J 121 -16.97 29.64 27.14
N GLU J 122 -15.67 29.84 26.91
CA GLU J 122 -15.22 30.66 25.79
C GLU J 122 -15.62 30.05 24.46
N VAL J 123 -15.49 28.73 24.33
CA VAL J 123 -15.90 28.06 23.11
C VAL J 123 -17.41 28.18 22.94
N LEU J 124 -17.85 28.25 21.70
CA LEU J 124 -19.27 28.34 21.35
C LEU J 124 -19.73 26.98 20.87
N GLN J 125 -20.59 26.33 21.65
CA GLN J 125 -21.12 25.03 21.28
C GLN J 125 -22.07 25.16 20.10
N ASP J 126 -22.32 24.04 19.43
CA ASP J 126 -23.36 24.01 18.42
C ASP J 126 -24.73 24.15 19.08
N ILE J 127 -25.74 24.38 18.25
CA ILE J 127 -27.13 24.52 18.68
C ILE J 127 -27.94 23.51 17.90
N GLN J 128 -28.86 22.82 18.58
CA GLN J 128 -29.81 21.94 17.91
C GLN J 128 -31.15 22.66 17.80
N VAL J 129 -31.56 22.91 16.58
CA VAL J 129 -32.80 23.64 16.30
C VAL J 129 -33.84 22.56 16.00
N MET J 130 -34.54 22.13 17.05
CA MET J 130 -35.67 21.26 16.85
C MET J 130 -36.80 22.06 16.21
N LEU J 131 -37.60 21.37 15.40
CA LEU J 131 -38.70 21.99 14.69
C LEU J 131 -39.99 21.25 14.99
N LYS J 132 -41.07 22.00 15.20
CA LYS J 132 -42.40 21.46 15.42
C LYS J 132 -43.40 22.20 14.55
N SER J 133 -44.27 21.46 13.90
CA SER J 133 -45.32 22.01 13.06
C SER J 133 -46.67 21.84 13.73
N ASP J 134 -47.71 22.29 13.04
CA ASP J 134 -49.08 22.00 13.40
C ASP J 134 -49.86 21.36 12.27
N ALA J 135 -49.25 21.15 11.11
CA ALA J 135 -49.93 20.46 10.02
C ALA J 135 -50.29 19.05 10.46
N SER J 136 -51.45 18.59 10.03
CA SER J 136 -51.89 17.26 10.39
C SER J 136 -50.94 16.23 9.80
N PRO J 137 -50.62 15.15 10.51
CA PRO J 137 -49.58 14.25 10.02
C PRO J 137 -50.02 13.50 8.79
N SER J 138 -49.03 13.02 8.04
CA SER J 138 -49.26 11.99 7.04
C SER J 138 -49.47 10.67 7.78
N SER J 139 -49.54 9.57 7.04
CA SER J 139 -49.67 8.25 7.63
C SER J 139 -48.50 7.38 7.20
N ILE J 140 -48.13 6.44 8.08
CA ILE J 140 -47.03 5.53 7.79
C ILE J 140 -47.33 4.73 6.53
N ARG J 141 -48.60 4.44 6.27
CA ARG J 141 -48.94 3.80 5.01
C ARG J 141 -48.68 4.74 3.85
N SER J 142 -48.77 6.05 4.06
CA SER J 142 -48.61 7.04 3.02
C SER J 142 -47.16 7.47 2.80
N LEU J 143 -46.20 6.94 3.55
CA LEU J 143 -44.77 7.23 3.33
C LEU J 143 -44.26 6.39 2.16
N LYS J 144 -44.81 6.68 0.99
CA LYS J 144 -44.34 6.02 -0.21
C LYS J 144 -43.02 6.64 -0.62
N SER J 145 -42.44 6.13 -1.70
CA SER J 145 -41.08 6.51 -2.06
C SER J 145 -40.97 7.96 -2.44
N ASP J 146 -42.01 8.54 -3.05
CA ASP J 146 -41.91 9.90 -3.55
C ASP J 146 -41.72 10.94 -2.45
N MET J 147 -42.06 10.62 -1.20
CA MET J 147 -41.98 11.55 -0.08
C MET J 147 -40.66 11.42 0.67
N MET J 148 -39.58 11.10 -0.04
CA MET J 148 -38.34 10.67 0.57
C MET J 148 -37.25 11.71 0.41
N SER J 149 -36.50 11.93 1.49
CA SER J 149 -35.56 13.03 1.66
C SER J 149 -36.24 14.38 1.79
N HIS J 150 -37.57 14.42 1.89
CA HIS J 150 -38.33 15.60 2.26
C HIS J 150 -38.84 15.40 3.67
N LEU J 151 -39.00 16.51 4.37
CA LEU J 151 -39.46 16.48 5.75
C LEU J 151 -40.89 15.98 5.80
N VAL J 152 -41.12 14.91 6.57
CA VAL J 152 -42.43 14.28 6.72
C VAL J 152 -42.81 14.30 8.18
N LYS J 153 -44.12 14.30 8.44
CA LYS J 153 -44.68 14.29 9.78
C LYS J 153 -45.56 13.05 9.93
N ILE J 154 -45.37 12.32 11.03
CA ILE J 154 -45.90 10.96 11.19
C ILE J 154 -46.36 10.73 12.63
N PRO J 155 -47.50 10.04 12.90
CA PRO J 155 -47.80 9.63 14.28
C PRO J 155 -47.35 8.21 14.53
N GLY J 156 -47.28 7.80 15.79
CA GLY J 156 -46.93 6.42 16.07
C GLY J 156 -46.85 6.17 17.56
N ILE J 157 -46.57 4.91 17.90
CA ILE J 157 -46.32 4.49 19.27
C ILE J 157 -44.97 3.80 19.30
N ILE J 158 -44.06 4.32 20.11
CA ILE J 158 -42.74 3.73 20.23
C ILE J 158 -42.87 2.43 21.01
N ILE J 159 -42.03 1.46 20.66
CA ILE J 159 -42.03 0.14 21.31
C ILE J 159 -40.67 -0.28 21.81
N ALA J 160 -39.58 0.23 21.26
CA ALA J 160 -38.23 -0.20 21.65
C ALA J 160 -37.29 0.96 21.41
N ALA J 161 -36.56 1.34 22.45
CA ALA J 161 -35.65 2.48 22.41
C ALA J 161 -34.30 2.01 22.91
N SER J 162 -33.32 1.95 22.01
CA SER J 162 -32.01 1.44 22.34
C SER J 162 -31.29 2.41 23.28
N ALA J 163 -30.07 2.05 23.66
CA ALA J 163 -29.30 2.84 24.61
C ALA J 163 -28.51 3.93 23.89
N VAL J 164 -28.31 5.05 24.58
CA VAL J 164 -27.62 6.18 23.99
C VAL J 164 -26.14 5.83 23.85
N ARG J 165 -25.71 5.64 22.61
CA ARG J 165 -24.31 5.38 22.27
C ARG J 165 -23.70 6.63 21.66
N ALA J 166 -22.40 6.80 21.87
CA ALA J 166 -21.70 8.00 21.41
C ALA J 166 -21.31 7.84 19.95
N LYS J 167 -21.83 8.71 19.09
CA LYS J 167 -21.48 8.77 17.68
C LYS J 167 -20.77 10.09 17.41
N ALA J 168 -19.83 10.06 16.47
CA ALA J 168 -18.91 11.18 16.24
C ALA J 168 -19.42 12.09 15.14
N THR J 169 -19.47 13.38 15.43
CA THR J 169 -19.81 14.39 14.44
C THR J 169 -18.57 14.99 13.79
N ARG J 170 -17.48 15.13 14.53
CA ARG J 170 -16.21 15.59 14.00
C ARG J 170 -15.10 14.78 14.64
N ILE J 171 -14.09 14.41 13.83
CA ILE J 171 -13.03 13.50 14.25
C ILE J 171 -11.67 14.09 13.88
N SER J 172 -10.63 13.34 14.23
CA SER J 172 -9.26 13.64 13.82
C SER J 172 -8.51 12.32 13.70
N ILE J 173 -7.58 12.24 12.76
CA ILE J 173 -6.84 11.03 12.47
C ILE J 173 -5.37 11.37 12.32
N GLN J 174 -4.50 10.54 12.90
CA GLN J 174 -3.05 10.70 12.86
C GLN J 174 -2.43 9.75 11.85
N CYS J 175 -1.31 10.17 11.26
CA CYS J 175 -0.54 9.33 10.36
C CYS J 175 0.48 8.52 11.15
N ARG J 176 0.56 7.23 10.86
CA ARG J 176 1.36 6.31 11.68
C ARG J 176 2.85 6.56 11.54
N SER J 177 3.29 7.06 10.39
CA SER J 177 4.71 7.35 10.17
C SER J 177 5.04 8.80 10.51
N CYS J 178 4.41 9.74 9.83
CA CYS J 178 4.79 11.12 10.01
C CYS J 178 4.19 11.77 11.25
N ARG J 179 3.16 11.18 11.84
CA ARG J 179 2.57 11.68 13.08
C ARG J 179 2.04 13.11 12.92
N ASN J 180 1.44 13.39 11.78
CA ASN J 180 0.67 14.60 11.54
C ASN J 180 -0.81 14.23 11.47
N THR J 181 -1.66 15.21 11.78
CA THR J 181 -3.07 14.99 12.04
C THR J 181 -3.94 15.75 11.06
N LEU J 182 -5.10 15.15 10.73
CA LEU J 182 -6.16 15.82 9.97
C LEU J 182 -7.28 16.22 10.92
N THR J 183 -7.03 17.31 11.65
CA THR J 183 -7.94 17.70 12.71
C THR J 183 -9.29 18.13 12.17
N ASN J 184 -10.35 17.77 12.90
CA ASN J 184 -11.70 18.30 12.72
C ASN J 184 -12.21 18.11 11.31
N ILE J 185 -12.20 16.87 10.85
CA ILE J 185 -13.06 16.49 9.74
C ILE J 185 -14.50 16.53 10.26
N ALA J 186 -15.45 16.71 9.35
CA ALA J 186 -16.87 16.72 9.68
C ALA J 186 -17.50 15.42 9.22
N MET J 187 -18.14 14.71 10.16
CA MET J 187 -18.88 13.50 9.82
C MET J 187 -20.28 13.89 9.36
N ARG J 188 -20.69 13.37 8.23
CA ARG J 188 -21.99 13.74 7.70
C ARG J 188 -23.08 13.15 8.57
N PRO J 189 -24.01 13.94 9.11
CA PRO J 189 -24.91 13.40 10.13
C PRO J 189 -25.91 12.43 9.54
N GLY J 190 -26.48 11.61 10.42
CA GLY J 190 -27.37 10.53 10.03
C GLY J 190 -26.77 9.19 10.42
N LEU J 191 -27.20 8.13 9.74
CA LEU J 191 -26.46 6.87 9.74
C LEU J 191 -25.59 6.80 8.49
N GLU J 192 -24.68 7.78 8.44
CA GLU J 192 -23.78 7.97 7.30
C GLU J 192 -22.37 7.65 7.74
N GLY J 193 -21.72 6.75 7.00
CA GLY J 193 -20.38 6.32 7.31
C GLY J 193 -19.34 7.31 6.82
N TYR J 194 -18.08 6.86 6.85
CA TYR J 194 -16.99 7.72 6.41
C TYR J 194 -15.77 6.86 6.11
N ALA J 195 -15.37 6.82 4.85
CA ALA J 195 -14.17 6.11 4.46
C ALA J 195 -12.94 6.95 4.78
N LEU J 196 -11.94 6.34 5.39
CA LEU J 196 -10.76 7.08 5.77
C LEU J 196 -9.93 7.38 4.51
N PRO J 197 -9.19 8.50 4.49
CA PRO J 197 -8.28 8.71 3.35
C PRO J 197 -7.16 7.70 3.33
N ARG J 198 -6.62 7.48 2.12
CA ARG J 198 -5.61 6.45 1.89
C ARG J 198 -4.29 7.02 1.42
N LYS J 199 -3.98 8.26 1.78
CA LYS J 199 -2.70 8.87 1.42
C LYS J 199 -2.37 9.93 2.44
N CYS J 200 -1.18 9.86 3.01
CA CYS J 200 -0.70 10.97 3.82
C CYS J 200 -0.35 12.12 2.90
N ASN J 201 -1.08 13.24 3.02
CA ASN J 201 -0.84 14.36 2.14
C ASN J 201 0.43 15.12 2.49
N THR J 202 0.92 15.03 3.73
CA THR J 202 2.05 15.84 4.17
C THR J 202 3.31 15.32 3.49
N ASP J 203 3.73 16.00 2.44
CA ASP J 203 4.87 15.58 1.63
C ASP J 203 6.12 16.28 2.11
N GLN J 204 7.16 15.51 2.41
CA GLN J 204 8.46 16.00 2.81
C GLN J 204 9.47 15.63 1.73
N ALA J 205 10.19 16.63 1.24
CA ALA J 205 11.07 16.42 0.11
C ALA J 205 12.24 15.53 0.47
N GLY J 206 12.72 14.78 -0.51
CA GLY J 206 13.91 13.98 -0.35
C GLY J 206 13.80 12.83 0.62
N ARG J 207 12.58 12.44 1.01
CA ARG J 207 12.31 11.43 2.01
C ARG J 207 11.31 10.42 1.45
N PRO J 208 11.41 9.13 1.79
CA PRO J 208 10.35 8.21 1.37
C PRO J 208 9.02 8.54 2.04
N LYS J 209 7.94 8.21 1.33
CA LYS J 209 6.62 8.65 1.73
C LYS J 209 6.04 7.74 2.81
N CYS J 210 4.99 8.24 3.47
CA CYS J 210 4.28 7.46 4.46
C CYS J 210 3.56 6.30 3.77
N PRO J 211 3.20 5.25 4.52
CA PRO J 211 2.73 4.02 3.87
C PRO J 211 1.34 4.17 3.27
N LEU J 212 0.76 3.09 2.75
CA LEU J 212 -0.42 3.22 1.90
C LEU J 212 -1.64 3.69 2.68
N ASP J 213 -1.94 3.05 3.82
CA ASP J 213 -3.12 3.38 4.62
C ASP J 213 -2.61 3.92 5.95
N PRO J 214 -2.15 5.17 5.98
CA PRO J 214 -1.40 5.61 7.14
C PRO J 214 -2.22 5.97 8.36
N TYR J 215 -3.53 6.13 8.24
CA TYR J 215 -4.29 6.89 9.22
C TYR J 215 -4.95 6.01 10.28
N PHE J 216 -4.80 6.44 11.54
CA PHE J 216 -5.47 5.85 12.69
C PHE J 216 -6.29 6.91 13.39
N ILE J 217 -7.48 6.52 13.86
CA ILE J 217 -8.47 7.47 14.35
C ILE J 217 -8.07 7.84 15.78
N MET J 218 -7.50 9.03 15.96
CA MET J 218 -7.19 9.54 17.28
C MET J 218 -8.47 9.61 18.11
N PRO J 219 -8.68 8.79 19.14
CA PRO J 219 -9.94 8.88 19.89
C PRO J 219 -9.95 10.01 20.89
N ASP J 220 -8.80 10.47 21.35
CA ASP J 220 -8.77 11.55 22.33
C ASP J 220 -9.37 12.83 21.79
N LYS J 221 -9.11 13.12 20.52
CA LYS J 221 -9.50 14.38 19.89
C LYS J 221 -10.60 14.10 18.87
N CYS J 222 -11.83 14.07 19.35
CA CYS J 222 -13.01 14.04 18.49
C CYS J 222 -14.10 14.81 19.20
N LYS J 223 -15.14 15.13 18.46
CA LYS J 223 -16.39 15.63 19.00
C LYS J 223 -17.44 14.56 18.79
N CYS J 224 -18.08 14.13 19.88
CA CYS J 224 -19.03 13.04 19.86
C CYS J 224 -20.32 13.50 20.54
N VAL J 225 -21.43 13.00 20.01
CA VAL J 225 -22.76 13.32 20.51
C VAL J 225 -23.55 12.02 20.59
N ASP J 226 -24.56 12.02 21.42
CA ASP J 226 -25.32 10.81 21.67
C ASP J 226 -26.13 10.45 20.43
N PHE J 227 -26.68 9.25 20.43
CA PHE J 227 -27.70 8.92 19.46
C PHE J 227 -28.45 7.68 19.92
N GLN J 228 -29.73 7.64 19.61
CA GLN J 228 -30.62 6.57 20.05
C GLN J 228 -31.40 6.05 18.87
N THR J 229 -31.43 4.73 18.71
CA THR J 229 -32.11 4.08 17.58
C THR J 229 -33.45 3.56 18.06
N LEU J 230 -34.50 4.37 17.88
CA LEU J 230 -35.83 3.99 18.36
C LEU J 230 -36.56 3.17 17.31
N LYS J 231 -37.61 2.50 17.75
CA LYS J 231 -38.53 1.76 16.91
C LYS J 231 -39.92 2.35 17.08
N LEU J 232 -40.49 2.88 16.01
CA LEU J 232 -41.84 3.42 15.99
C LEU J 232 -42.75 2.42 15.33
N GLN J 233 -44.01 2.39 15.76
CA GLN J 233 -45.02 1.50 15.23
C GLN J 233 -46.29 2.26 14.91
N GLU J 234 -46.97 1.79 13.86
CA GLU J 234 -48.25 2.32 13.41
C GLU J 234 -49.23 2.39 14.57
N LEU J 235 -50.00 3.47 14.63
CA LEU J 235 -50.95 3.63 15.72
C LEU J 235 -52.00 2.51 15.63
N PRO J 236 -52.27 1.77 16.71
CA PRO J 236 -53.13 0.58 16.59
C PRO J 236 -54.52 0.88 16.07
N ASP J 237 -55.07 2.03 16.46
CA ASP J 237 -56.33 2.48 15.88
C ASP J 237 -56.16 2.78 14.40
N ALA J 238 -55.04 3.39 14.02
CA ALA J 238 -54.82 3.75 12.62
C ALA J 238 -54.60 2.55 11.72
N VAL J 239 -54.23 1.40 12.28
CA VAL J 239 -54.02 0.21 11.44
C VAL J 239 -55.35 -0.20 10.83
N PRO J 240 -55.40 -0.66 9.56
CA PRO J 240 -56.67 -1.18 9.03
C PRO J 240 -57.12 -2.46 9.72
N HIS J 241 -58.24 -3.03 9.28
CA HIS J 241 -58.77 -4.21 9.93
C HIS J 241 -57.83 -5.40 9.82
N GLY J 242 -57.64 -5.92 8.60
CA GLY J 242 -56.71 -7.02 8.39
C GLY J 242 -55.36 -6.52 7.92
N GLU J 243 -54.43 -6.32 8.86
CA GLU J 243 -53.10 -5.83 8.52
C GLU J 243 -52.24 -5.87 9.77
N MET J 244 -50.97 -6.24 9.60
CA MET J 244 -50.01 -6.14 10.69
C MET J 244 -49.45 -4.72 10.76
N PRO J 245 -49.19 -4.16 11.95
CA PRO J 245 -48.72 -2.77 12.03
C PRO J 245 -47.40 -2.57 11.31
N ARG J 246 -47.27 -1.42 10.64
CA ARG J 246 -46.01 -1.01 10.07
C ARG J 246 -45.08 -0.49 11.16
N HIS J 247 -43.78 -0.49 10.86
CA HIS J 247 -42.77 0.01 11.77
C HIS J 247 -41.81 0.91 11.02
N MET J 248 -41.07 1.71 11.79
CA MET J 248 -40.04 2.56 11.22
C MET J 248 -38.96 2.81 12.25
N GLN J 249 -37.71 2.71 11.83
CA GLN J 249 -36.64 3.13 12.71
C GLN J 249 -36.68 4.63 12.90
N LEU J 250 -36.00 5.09 13.93
CA LEU J 250 -35.76 6.52 14.15
C LEU J 250 -34.38 6.69 14.71
N TYR J 251 -33.75 7.82 14.39
CA TYR J 251 -32.38 8.10 14.80
C TYR J 251 -32.40 9.42 15.57
N CYS J 252 -32.70 9.34 16.85
CA CYS J 252 -32.70 10.52 17.71
C CYS J 252 -31.28 10.96 17.99
N ASP J 253 -31.07 12.27 18.06
CA ASP J 253 -29.72 12.85 18.03
C ASP J 253 -29.61 14.02 18.99
N ARG J 254 -28.78 13.87 20.01
CA ARG J 254 -28.16 14.90 20.85
C ARG J 254 -29.07 15.63 21.83
N TYR J 255 -30.34 15.75 21.54
CA TYR J 255 -31.32 16.11 22.56
C TYR J 255 -32.67 15.44 22.36
N LEU J 256 -32.87 14.71 21.27
CA LEU J 256 -34.00 13.82 21.12
C LEU J 256 -33.76 12.48 21.80
N CYS J 257 -32.59 12.27 22.40
CA CYS J 257 -32.34 11.07 23.18
C CYS J 257 -32.90 11.25 24.58
N ASP J 258 -33.72 10.30 25.01
CA ASP J 258 -34.44 10.26 26.29
C ASP J 258 -35.61 11.22 26.35
N LYS J 259 -35.88 11.99 25.29
CA LYS J 259 -37.09 12.80 25.26
C LYS J 259 -38.34 11.93 25.16
N VAL J 260 -38.21 10.69 24.70
CA VAL J 260 -39.31 9.74 24.62
C VAL J 260 -38.87 8.43 25.27
N VAL J 261 -39.84 7.55 25.47
CA VAL J 261 -39.62 6.22 26.04
C VAL J 261 -40.54 5.24 25.35
N PRO J 262 -40.28 3.93 25.48
CA PRO J 262 -41.16 2.97 24.84
C PRO J 262 -42.56 3.02 25.44
N GLY J 263 -43.55 2.79 24.59
CA GLY J 263 -44.94 2.86 24.97
C GLY J 263 -45.56 4.22 24.76
N ASN J 264 -44.76 5.28 24.79
CA ASN J 264 -45.28 6.62 24.57
C ASN J 264 -45.90 6.74 23.20
N ARG J 265 -46.99 7.48 23.11
CA ARG J 265 -47.64 7.80 21.85
C ARG J 265 -47.13 9.16 21.42
N VAL J 266 -46.56 9.24 20.22
CA VAL J 266 -45.82 10.41 19.78
C VAL J 266 -46.18 10.77 18.34
N THR J 267 -45.87 12.02 18.00
CA THR J 267 -45.86 12.50 16.64
C THR J 267 -44.46 13.01 16.36
N ILE J 268 -43.93 12.67 15.19
CA ILE J 268 -42.55 12.95 14.82
C ILE J 268 -42.55 13.81 13.58
N MET J 269 -41.46 14.57 13.41
CA MET J 269 -41.16 15.27 12.17
C MET J 269 -39.71 14.99 11.82
N GLY J 270 -39.46 14.45 10.63
CA GLY J 270 -38.11 14.08 10.29
C GLY J 270 -37.95 13.77 8.82
N ILE J 271 -36.70 13.51 8.44
CA ILE J 271 -36.34 13.29 7.04
C ILE J 271 -36.44 11.81 6.76
N TYR J 272 -37.40 11.41 5.94
CA TYR J 272 -37.40 10.04 5.43
C TYR J 272 -36.14 9.84 4.60
N SER J 273 -35.40 8.77 4.88
CA SER J 273 -34.00 8.71 4.51
C SER J 273 -33.59 7.27 4.22
N ILE J 274 -32.29 7.05 4.04
CA ILE J 274 -31.72 5.71 3.92
C ILE J 274 -30.41 5.65 4.68
N LYS J 275 -30.04 4.44 5.10
CA LYS J 275 -28.77 4.19 5.75
C LYS J 275 -27.67 4.21 4.71
N LYS J 276 -26.70 5.10 4.89
CA LYS J 276 -25.61 5.29 3.94
C LYS J 276 -24.31 4.74 4.54
N PHE J 277 -24.10 3.44 4.36
CA PHE J 277 -22.87 2.74 4.76
C PHE J 277 -22.30 2.07 3.53
N GLY J 278 -21.57 2.84 2.74
CA GLY J 278 -20.86 2.30 1.61
C GLY J 278 -21.76 1.76 0.52
N LEU J 279 -21.16 1.41 -0.60
CA LEU J 279 -21.86 0.81 -1.72
C LEU J 279 -21.95 -0.71 -1.60
N THR J 280 -21.68 -1.26 -0.42
CA THR J 280 -21.69 -2.71 -0.21
C THR J 280 -23.08 -3.30 -0.46
N GLY J 289 -33.46 -8.58 -3.34
CA GLY J 289 -33.47 -7.31 -2.64
C GLY J 289 -32.49 -6.32 -3.23
N VAL J 290 -32.34 -6.38 -4.56
CA VAL J 290 -31.34 -5.56 -5.24
C VAL J 290 -31.73 -4.10 -5.14
N GLY J 291 -30.77 -3.25 -4.81
CA GLY J 291 -30.98 -1.83 -4.78
C GLY J 291 -31.65 -1.30 -3.54
N ILE J 292 -32.17 -2.16 -2.68
CA ILE J 292 -32.84 -1.67 -1.48
C ILE J 292 -31.80 -1.13 -0.51
N ARG J 293 -32.16 -0.08 0.20
CA ARG J 293 -31.33 0.49 1.24
C ARG J 293 -32.20 0.66 2.47
N SER J 294 -31.81 0.04 3.57
CA SER J 294 -32.64 0.06 4.78
C SER J 294 -32.84 1.49 5.25
N SER J 295 -34.09 1.83 5.55
CA SER J 295 -34.52 3.21 5.67
C SER J 295 -34.94 3.54 7.09
N TYR J 296 -34.96 4.83 7.37
CA TYR J 296 -35.30 5.34 8.69
C TYR J 296 -35.77 6.77 8.52
N ILE J 297 -36.07 7.42 9.64
CA ILE J 297 -36.49 8.81 9.69
C ILE J 297 -35.54 9.51 10.63
N ARG J 298 -34.67 10.36 10.09
CA ARG J 298 -33.80 11.14 10.97
C ARG J 298 -34.65 12.18 11.66
N VAL J 299 -35.13 11.87 12.86
CA VAL J 299 -36.16 12.67 13.49
C VAL J 299 -35.59 14.03 13.85
N LEU J 300 -36.36 15.08 13.52
CA LEU J 300 -36.02 16.45 13.87
C LEU J 300 -36.84 16.97 15.03
N GLY J 301 -38.08 16.54 15.14
CA GLY J 301 -38.99 17.05 16.14
C GLY J 301 -39.87 15.96 16.69
N ILE J 302 -40.22 16.12 17.96
CA ILE J 302 -41.00 15.16 18.72
C ILE J 302 -42.10 15.91 19.47
N GLN J 303 -43.28 15.31 19.51
CA GLN J 303 -44.33 15.70 20.45
C GLN J 303 -44.89 14.42 21.03
N VAL J 304 -45.29 14.48 22.30
CA VAL J 304 -45.79 13.32 23.03
C VAL J 304 -47.25 13.60 23.41
N ASP J 305 -48.14 12.74 22.95
CA ASP J 305 -49.56 12.90 23.21
C ASP J 305 -49.85 12.71 24.70
N SER J 318 -47.97 27.76 37.35
CA SER J 318 -47.66 29.17 37.12
C SER J 318 -48.02 30.00 38.35
N PRO J 319 -47.58 31.26 38.41
CA PRO J 319 -48.04 32.13 39.51
C PRO J 319 -49.55 32.29 39.56
N GLN J 320 -50.21 32.34 38.41
CA GLN J 320 -51.67 32.41 38.39
C GLN J 320 -52.29 31.19 39.06
N GLU J 321 -51.81 30.01 38.69
CA GLU J 321 -52.32 28.77 39.29
C GLU J 321 -52.02 28.74 40.79
N GLU J 322 -50.83 29.18 41.18
CA GLU J 322 -50.48 29.16 42.60
C GLU J 322 -51.35 30.11 43.40
N GLU J 323 -51.66 31.29 42.85
CA GLU J 323 -52.57 32.19 43.54
C GLU J 323 -53.97 31.61 43.62
N GLU J 324 -54.41 30.92 42.55
CA GLU J 324 -55.70 30.24 42.60
C GLU J 324 -55.75 29.20 43.71
N PHE J 325 -54.67 28.42 43.85
CA PHE J 325 -54.66 27.38 44.87
C PHE J 325 -54.52 27.98 46.27
N ARG J 326 -53.81 29.09 46.41
CA ARG J 326 -53.76 29.76 47.70
C ARG J 326 -55.14 30.29 48.09
N ARG J 327 -55.88 30.84 47.13
CA ARG J 327 -57.26 31.24 47.40
C ARG J 327 -58.10 30.03 47.79
N LEU J 328 -57.95 28.92 47.06
CA LEU J 328 -58.70 27.71 47.36
C LEU J 328 -58.40 27.22 48.78
N ALA J 329 -57.15 27.38 49.22
CA ALA J 329 -56.84 27.15 50.62
C ALA J 329 -57.58 28.13 51.51
N ALA J 330 -57.65 29.38 51.10
CA ALA J 330 -58.27 30.41 51.92
C ALA J 330 -59.78 30.26 52.03
N LEU J 331 -60.41 29.47 51.17
CA LEU J 331 -61.87 29.39 51.17
C LEU J 331 -62.38 28.79 52.49
N PRO J 332 -63.61 29.13 52.91
CA PRO J 332 -64.19 28.43 54.06
C PRO J 332 -64.56 27.00 53.73
N ASN J 333 -65.31 26.82 52.65
CA ASN J 333 -65.84 25.51 52.25
C ASN J 333 -64.92 24.82 51.24
N VAL J 334 -63.63 24.78 51.53
CA VAL J 334 -62.72 24.05 50.66
C VAL J 334 -62.96 22.55 50.80
N TYR J 335 -63.14 22.09 52.03
CA TYR J 335 -63.50 20.70 52.30
C TYR J 335 -64.77 20.32 51.55
N GLU J 336 -65.79 21.16 51.64
CA GLU J 336 -67.07 20.82 51.04
C GLU J 336 -67.00 20.86 49.52
N VAL J 337 -66.36 21.87 48.95
CA VAL J 337 -66.32 21.96 47.49
C VAL J 337 -65.51 20.81 46.91
N ILE J 338 -64.40 20.45 47.55
CA ILE J 338 -63.64 19.31 47.05
C ILE J 338 -64.46 18.03 47.17
N SER J 339 -65.14 17.83 48.30
CA SER J 339 -65.94 16.64 48.49
C SER J 339 -67.04 16.54 47.45
N LYS J 340 -67.72 17.65 47.18
CA LYS J 340 -68.76 17.65 46.16
C LYS J 340 -68.18 17.40 44.78
N SER J 341 -67.03 18.00 44.49
CA SER J 341 -66.49 17.96 43.14
C SER J 341 -65.80 16.66 42.81
N ILE J 342 -65.46 15.84 43.82
CA ILE J 342 -64.86 14.55 43.50
C ILE J 342 -65.93 13.51 43.14
N ALA J 343 -67.15 13.69 43.62
CA ALA J 343 -68.28 12.83 43.25
C ALA J 343 -69.47 13.72 42.93
N PRO J 344 -69.43 14.42 41.80
CA PRO J 344 -70.59 15.20 41.39
C PRO J 344 -71.65 14.31 40.77
N SER J 345 -71.20 13.28 40.05
CA SER J 345 -72.09 12.36 39.36
C SER J 345 -72.44 11.14 40.18
N ILE J 346 -71.77 10.90 41.30
CA ILE J 346 -72.03 9.74 42.15
C ILE J 346 -73.02 10.16 43.22
N PHE J 347 -74.23 9.60 43.15
CA PHE J 347 -75.27 9.95 44.10
C PHE J 347 -74.90 9.47 45.49
N GLY J 348 -75.19 10.29 46.49
CA GLY J 348 -75.05 9.87 47.86
C GLY J 348 -73.60 9.61 48.24
N GLY J 349 -73.44 8.93 49.36
CA GLY J 349 -72.11 8.59 49.85
C GLY J 349 -71.25 9.80 50.11
N THR J 350 -71.83 10.85 50.71
CA THR J 350 -71.07 12.06 51.01
C THR J 350 -69.89 11.76 51.93
N ASP J 351 -70.09 10.85 52.88
CA ASP J 351 -68.98 10.39 53.71
C ASP J 351 -67.91 9.68 52.88
N MET J 352 -68.35 8.92 51.87
CA MET J 352 -67.40 8.29 50.96
C MET J 352 -66.57 9.34 50.23
N LYS J 353 -67.21 10.42 49.79
CA LYS J 353 -66.47 11.50 49.14
C LYS J 353 -65.47 12.11 50.12
N LYS J 354 -65.90 12.33 51.36
CA LYS J 354 -65.02 12.91 52.37
C LYS J 354 -63.76 12.08 52.54
N ALA J 355 -63.94 10.78 52.76
CA ALA J 355 -62.80 9.91 52.99
C ALA J 355 -61.90 9.81 51.77
N ILE J 356 -62.48 9.81 50.57
CA ILE J 356 -61.65 9.69 49.38
C ILE J 356 -60.88 10.98 49.10
N ALA J 357 -61.45 12.13 49.45
CA ALA J 357 -60.66 13.35 49.37
C ALA J 357 -59.48 13.29 50.34
N CYS J 358 -59.75 12.82 51.57
CA CYS J 358 -58.67 12.63 52.54
C CYS J 358 -57.61 11.70 51.99
N LEU J 359 -58.01 10.66 51.26
CA LEU J 359 -57.05 9.75 50.64
C LEU J 359 -56.22 10.47 49.59
N LEU J 360 -56.89 11.05 48.58
CA LEU J 360 -56.20 11.68 47.45
C LEU J 360 -55.20 12.71 47.91
N PHE J 361 -55.50 13.43 48.99
CA PHE J 361 -54.45 14.25 49.59
C PHE J 361 -53.41 13.40 50.30
N GLY J 362 -53.84 12.33 50.98
CA GLY J 362 -52.95 11.48 51.72
C GLY J 362 -52.44 12.11 53.00
N GLY J 363 -51.81 11.32 53.87
CA GLY J 363 -51.30 11.85 55.11
C GLY J 363 -49.98 12.55 54.92
N SER J 364 -49.03 12.29 55.81
CA SER J 364 -47.67 12.80 55.65
C SER J 364 -46.71 11.79 56.26
N ARG J 365 -45.56 11.64 55.61
CA ARG J 365 -44.55 10.66 56.00
C ARG J 365 -43.55 11.28 56.97
N LYS J 366 -43.03 10.45 57.87
CA LYS J 366 -42.04 10.86 58.85
C LYS J 366 -40.96 9.79 58.95
N ARG J 367 -39.72 10.23 59.17
CA ARG J 367 -38.55 9.35 59.27
C ARG J 367 -37.75 9.81 60.48
N LEU J 368 -38.08 9.26 61.64
CA LEU J 368 -37.50 9.67 62.91
C LEU J 368 -35.99 9.38 62.93
N PRO J 369 -35.22 9.92 63.88
CA PRO J 369 -33.79 9.58 63.93
C PRO J 369 -33.51 8.13 64.28
N ASP J 370 -34.52 7.35 64.67
CA ASP J 370 -34.35 5.90 64.81
C ASP J 370 -33.87 5.26 63.52
N GLY J 371 -34.21 5.82 62.38
CA GLY J 371 -33.87 5.27 61.07
C GLY J 371 -34.96 4.53 60.37
N LEU J 372 -36.20 4.59 60.87
CA LEU J 372 -37.33 3.85 60.34
C LEU J 372 -38.15 4.76 59.44
N THR J 373 -39.16 4.18 58.79
CA THR J 373 -40.06 4.88 57.88
C THR J 373 -41.49 4.74 58.39
N ARG J 374 -42.18 5.87 58.54
CA ARG J 374 -43.58 5.91 58.97
C ARG J 374 -44.45 6.20 57.74
N ARG J 375 -45.39 5.30 57.48
CA ARG J 375 -46.24 5.44 56.29
C ARG J 375 -47.11 6.68 56.41
N GLY J 376 -47.25 7.39 55.28
CA GLY J 376 -48.09 8.57 55.18
C GLY J 376 -49.30 8.37 54.32
N ASP J 377 -49.26 7.39 53.41
CA ASP J 377 -50.40 7.10 52.56
C ASP J 377 -51.59 6.64 53.38
N ILE J 378 -52.79 7.03 52.94
CA ILE J 378 -54.04 6.63 53.56
C ILE J 378 -54.65 5.53 52.71
N ASN J 379 -55.04 4.42 53.36
CA ASN J 379 -55.54 3.23 52.69
C ASN J 379 -57.01 3.02 53.05
N LEU J 380 -57.85 2.94 52.03
CA LEU J 380 -59.29 2.82 52.19
C LEU J 380 -59.76 1.54 51.51
N LEU J 381 -60.80 0.94 52.08
CA LEU J 381 -61.40 -0.28 51.57
C LEU J 381 -62.91 -0.10 51.50
N MET J 382 -63.51 -0.69 50.47
CA MET J 382 -64.94 -0.65 50.24
C MET J 382 -65.44 -2.07 50.06
N LEU J 383 -66.09 -2.62 51.08
CA LEU J 383 -66.65 -3.96 51.04
C LEU J 383 -68.13 -3.80 50.76
N GLY J 384 -68.52 -3.99 49.51
CA GLY J 384 -69.83 -3.55 49.04
C GLY J 384 -70.60 -4.60 48.27
N ASP J 385 -71.92 -4.44 48.31
CA ASP J 385 -72.80 -5.18 47.43
C ASP J 385 -72.43 -4.90 45.98
N PRO J 386 -72.86 -5.74 45.03
CA PRO J 386 -72.45 -5.55 43.64
C PRO J 386 -73.20 -4.45 42.88
N GLY J 387 -73.96 -3.60 43.58
CA GLY J 387 -74.75 -2.58 42.91
C GLY J 387 -74.10 -1.21 42.86
N THR J 388 -73.49 -0.80 43.97
CA THR J 388 -73.01 0.56 44.13
C THR J 388 -71.89 0.86 43.12
N ALA J 389 -71.50 2.13 43.07
CA ALA J 389 -70.54 2.60 42.08
C ALA J 389 -69.10 2.46 42.56
N LYS J 390 -68.73 1.25 42.98
CA LYS J 390 -67.37 1.03 43.47
C LYS J 390 -66.36 1.18 42.34
N SER J 391 -66.55 0.45 41.25
CA SER J 391 -65.61 0.49 40.14
C SER J 391 -65.62 1.85 39.45
N GLN J 392 -66.80 2.46 39.33
CA GLN J 392 -66.88 3.80 38.76
C GLN J 392 -66.15 4.81 39.63
N LEU J 393 -66.30 4.70 40.93
CA LEU J 393 -65.59 5.59 41.84
C LEU J 393 -64.09 5.38 41.72
N LEU J 394 -63.64 4.13 41.59
CA LEU J 394 -62.21 3.88 41.41
C LEU J 394 -61.71 4.50 40.13
N LYS J 395 -62.48 4.39 39.05
CA LYS J 395 -62.09 5.00 37.79
C LYS J 395 -61.99 6.51 37.94
N PHE J 396 -62.91 7.12 38.71
CA PHE J 396 -62.75 8.53 39.00
C PHE J 396 -61.44 8.80 39.70
N VAL J 397 -61.13 8.02 40.74
CA VAL J 397 -59.97 8.36 41.56
C VAL J 397 -58.70 8.19 40.75
N GLU J 398 -58.65 7.20 39.86
CA GLU J 398 -57.46 7.05 39.03
C GLU J 398 -57.35 8.19 38.02
N LYS J 399 -58.47 8.67 37.49
CA LYS J 399 -58.39 9.83 36.61
C LYS J 399 -57.98 11.07 37.38
N CYS J 400 -58.52 11.25 38.58
CA CYS J 400 -58.40 12.49 39.35
C CYS J 400 -57.10 12.58 40.13
N SER J 401 -56.40 11.48 40.34
CA SER J 401 -55.11 11.54 40.99
C SER J 401 -54.02 11.80 39.96
N PRO J 402 -52.88 12.44 40.32
CA PRO J 402 -51.82 12.63 39.33
C PRO J 402 -51.27 11.32 38.81
N ILE J 403 -50.79 10.48 39.73
CA ILE J 403 -50.17 9.20 39.40
C ILE J 403 -51.12 8.11 39.85
N GLY J 404 -52.07 7.76 38.98
CA GLY J 404 -53.10 6.79 39.30
C GLY J 404 -53.07 5.58 38.41
N VAL J 405 -53.10 4.38 39.01
CA VAL J 405 -53.18 3.13 38.27
C VAL J 405 -54.36 2.33 38.81
N TYR J 406 -55.24 1.90 37.92
CA TYR J 406 -56.39 1.09 38.25
C TYR J 406 -56.06 -0.35 37.87
N THR J 407 -55.87 -1.20 38.87
CA THR J 407 -55.51 -2.59 38.66
C THR J 407 -56.47 -3.48 39.43
N SER J 408 -56.67 -4.69 38.92
CA SER J 408 -57.40 -5.70 39.67
C SER J 408 -56.51 -6.25 40.78
N GLY J 409 -57.02 -7.25 41.50
CA GLY J 409 -56.17 -7.98 42.43
C GLY J 409 -55.21 -8.94 41.75
N LYS J 410 -55.48 -9.32 40.51
CA LYS J 410 -54.66 -10.23 39.74
C LYS J 410 -53.90 -9.49 38.65
N GLY J 411 -53.48 -8.26 38.95
CA GLY J 411 -52.83 -7.42 37.96
C GLY J 411 -53.81 -7.04 36.86
N SER J 412 -53.27 -6.35 35.87
CA SER J 412 -53.99 -6.01 34.64
C SER J 412 -53.36 -6.79 33.48
N SER J 413 -53.95 -6.63 32.30
CA SER J 413 -53.58 -7.42 31.14
C SER J 413 -52.13 -7.23 30.76
N ALA J 414 -51.31 -8.26 30.96
CA ALA J 414 -49.87 -8.18 30.74
C ALA J 414 -49.26 -7.04 31.56
N ALA J 415 -49.58 -7.03 32.85
CA ALA J 415 -49.00 -6.03 33.74
C ALA J 415 -49.19 -6.52 35.17
N GLY J 416 -48.09 -6.78 35.85
CA GLY J 416 -48.16 -7.35 37.18
C GLY J 416 -48.69 -6.36 38.18
N LEU J 417 -49.06 -6.89 39.35
CA LEU J 417 -49.47 -6.08 40.48
C LEU J 417 -48.28 -5.65 41.35
N THR J 418 -47.13 -6.30 41.22
CA THR J 418 -45.98 -6.01 42.05
C THR J 418 -44.73 -6.29 41.25
N ALA J 419 -43.64 -5.63 41.62
CA ALA J 419 -42.41 -5.68 40.85
C ALA J 419 -41.81 -7.08 40.87
N SER J 420 -41.03 -7.38 39.83
CA SER J 420 -40.32 -8.65 39.71
C SER J 420 -38.95 -8.41 39.08
N VAL J 421 -37.90 -8.81 39.78
CA VAL J 421 -36.54 -8.74 39.27
C VAL J 421 -36.26 -10.04 38.52
N MET J 422 -35.56 -9.94 37.40
CA MET J 422 -35.09 -11.10 36.66
C MET J 422 -33.65 -10.87 36.24
N ARG J 423 -32.89 -11.96 36.16
CA ARG J 423 -31.51 -11.95 35.70
C ARG J 423 -31.51 -12.37 34.24
N ASP J 424 -30.94 -11.54 33.36
CA ASP J 424 -30.99 -11.82 31.94
C ASP J 424 -30.14 -13.06 31.64
N PRO J 425 -30.53 -13.88 30.64
CA PRO J 425 -29.60 -14.94 30.23
C PRO J 425 -28.35 -14.40 29.58
N SER J 426 -28.51 -13.50 28.60
CA SER J 426 -27.38 -13.07 27.79
C SER J 426 -26.50 -12.06 28.54
N SER J 427 -27.04 -10.87 28.79
CA SER J 427 -26.23 -9.80 29.38
C SER J 427 -26.13 -9.90 30.89
N ARG J 428 -26.89 -10.81 31.52
CA ARG J 428 -27.04 -10.93 32.97
C ARG J 428 -27.15 -9.57 33.65
N ASN J 429 -27.97 -8.70 33.05
CA ASN J 429 -28.47 -7.49 33.67
C ASN J 429 -29.76 -7.79 34.41
N PHE J 430 -30.10 -6.91 35.35
CA PHE J 430 -31.31 -7.07 36.16
C PHE J 430 -32.45 -6.34 35.47
N ILE J 431 -33.30 -7.10 34.80
CA ILE J 431 -34.50 -6.57 34.16
C ILE J 431 -35.59 -6.56 35.22
N MET J 432 -36.02 -5.37 35.62
CA MET J 432 -37.11 -5.20 36.57
C MET J 432 -38.39 -4.98 35.78
N GLU J 433 -39.35 -5.89 35.91
CA GLU J 433 -40.69 -5.67 35.42
C GLU J 433 -41.45 -4.95 36.53
N GLY J 434 -42.04 -3.81 36.19
CA GLY J 434 -42.72 -2.97 37.15
C GLY J 434 -44.22 -3.21 37.11
N GLY J 435 -44.79 -3.46 38.29
CA GLY J 435 -46.21 -3.64 38.43
C GLY J 435 -46.89 -2.35 38.85
N ALA J 436 -48.12 -2.50 39.35
CA ALA J 436 -48.89 -1.33 39.78
C ALA J 436 -48.19 -0.63 40.93
N MET J 437 -47.76 -1.39 41.94
CA MET J 437 -47.27 -0.81 43.18
C MET J 437 -46.01 0.02 42.98
N VAL J 438 -45.22 -0.25 41.93
CA VAL J 438 -43.98 0.48 41.67
C VAL J 438 -44.16 1.49 40.54
N LEU J 439 -45.01 1.16 39.56
CA LEU J 439 -45.31 2.14 38.53
C LEU J 439 -45.96 3.37 39.13
N ALA J 440 -46.89 3.17 40.08
CA ALA J 440 -47.63 4.27 40.69
C ALA J 440 -47.01 4.62 42.05
N ASP J 441 -45.77 5.08 42.02
CA ASP J 441 -45.09 5.51 43.23
C ASP J 441 -45.47 6.96 43.53
N GLY J 442 -45.76 7.23 44.80
CA GLY J 442 -46.23 8.55 45.17
C GLY J 442 -47.56 8.90 44.56
N GLY J 443 -48.50 7.97 44.58
CA GLY J 443 -49.80 8.18 43.98
C GLY J 443 -50.81 7.22 44.54
N VAL J 444 -51.76 6.82 43.69
CA VAL J 444 -52.88 5.97 44.10
C VAL J 444 -52.93 4.73 43.22
N VAL J 445 -53.04 3.57 43.88
CA VAL J 445 -53.37 2.32 43.24
C VAL J 445 -54.79 1.98 43.64
N CYS J 446 -55.66 1.85 42.64
CA CYS J 446 -57.04 1.44 42.84
C CYS J 446 -57.07 -0.06 42.62
N ILE J 447 -57.10 -0.82 43.72
CA ILE J 447 -57.02 -2.27 43.67
C ILE J 447 -58.47 -2.76 43.69
N ASP J 448 -59.02 -2.95 42.50
CA ASP J 448 -60.34 -3.54 42.38
C ASP J 448 -60.24 -5.04 42.65
N GLU J 449 -61.30 -5.60 43.23
CA GLU J 449 -61.35 -7.03 43.56
C GLU J 449 -60.20 -7.41 44.46
N PHE J 450 -60.07 -6.69 45.57
CA PHE J 450 -59.05 -7.02 46.57
C PHE J 450 -59.27 -8.38 47.20
N ASP J 451 -60.48 -8.94 47.13
CA ASP J 451 -60.76 -10.23 47.73
C ASP J 451 -60.21 -11.41 46.93
N LYS J 452 -59.69 -11.18 45.72
CA LYS J 452 -59.08 -12.23 44.91
C LYS J 452 -57.77 -11.71 44.36
N MET J 453 -56.66 -12.19 44.93
CA MET J 453 -55.33 -11.88 44.42
C MET J 453 -54.40 -13.02 44.82
N ARG J 454 -53.32 -13.18 44.05
CA ARG J 454 -52.44 -14.32 44.24
C ARG J 454 -51.73 -14.23 45.59
N GLU J 455 -51.34 -15.39 46.12
CA GLU J 455 -50.75 -15.46 47.45
C GLU J 455 -49.41 -14.73 47.49
N ASP J 456 -48.61 -14.88 46.43
CA ASP J 456 -47.34 -14.16 46.38
C ASP J 456 -47.58 -12.65 46.38
N ASP J 457 -48.58 -12.19 45.63
CA ASP J 457 -48.94 -10.78 45.66
C ASP J 457 -49.39 -10.35 47.04
N ARG J 458 -50.19 -11.21 47.70
CA ARG J 458 -50.68 -10.90 49.05
C ARG J 458 -49.53 -10.72 50.01
N VAL J 459 -48.56 -11.64 49.97
CA VAL J 459 -47.41 -11.58 50.86
C VAL J 459 -46.56 -10.36 50.54
N ALA J 460 -46.48 -9.98 49.26
CA ALA J 460 -45.76 -8.76 48.92
C ALA J 460 -46.43 -7.54 49.50
N ILE J 461 -47.74 -7.41 49.29
CA ILE J 461 -48.43 -6.20 49.73
C ILE J 461 -48.48 -6.11 51.25
N HIS J 462 -48.37 -7.24 51.96
CA HIS J 462 -48.37 -7.23 53.42
C HIS J 462 -47.38 -6.24 54.00
N GLU J 463 -46.20 -6.13 53.36
CA GLU J 463 -45.20 -5.13 53.74
C GLU J 463 -45.09 -3.98 52.76
N ALA J 464 -45.60 -4.11 51.54
CA ALA J 464 -45.65 -2.95 50.66
C ALA J 464 -46.72 -1.93 51.08
N MET J 465 -47.61 -2.30 52.01
CA MET J 465 -48.66 -1.41 52.48
C MET J 465 -48.38 -0.80 53.85
N GLU J 466 -47.35 -1.26 54.58
CA GLU J 466 -46.94 -0.64 55.83
C GLU J 466 -45.49 -0.18 55.85
N GLN J 467 -44.64 -0.71 54.97
CA GLN J 467 -43.28 -0.23 54.79
C GLN J 467 -43.10 0.56 53.53
N GLN J 468 -43.97 0.38 52.53
CA GLN J 468 -43.88 1.03 51.22
C GLN J 468 -42.59 0.70 50.48
N THR J 469 -41.93 -0.40 50.86
CA THR J 469 -40.73 -0.89 50.18
C THR J 469 -40.90 -2.37 49.94
N ILE J 470 -40.85 -2.78 48.68
CA ILE J 470 -40.98 -4.17 48.29
C ILE J 470 -39.58 -4.72 48.13
N SER J 471 -39.23 -5.70 48.96
CA SER J 471 -37.89 -6.28 48.99
C SER J 471 -37.86 -7.54 48.16
N ILE J 472 -36.89 -7.62 47.24
CA ILE J 472 -36.69 -8.78 46.38
C ILE J 472 -35.22 -9.13 46.43
N ALA J 473 -34.90 -10.34 46.88
CA ALA J 473 -33.53 -10.83 46.96
C ALA J 473 -33.43 -12.09 46.10
N LYS J 474 -33.06 -11.90 44.84
CA LYS J 474 -32.89 -13.00 43.91
C LYS J 474 -31.46 -13.51 43.98
N ALA J 475 -31.23 -14.64 43.28
CA ALA J 475 -29.92 -15.27 43.22
C ALA J 475 -28.85 -14.31 42.75
N GLY J 476 -29.22 -13.36 41.90
CA GLY J 476 -28.33 -12.26 41.61
C GLY J 476 -28.07 -11.37 42.82
N ILE J 477 -29.09 -10.68 43.33
CA ILE J 477 -28.87 -9.47 44.11
C ILE J 477 -30.06 -9.19 45.02
N THR J 478 -29.80 -8.41 46.07
CA THR J 478 -30.84 -7.83 46.93
C THR J 478 -31.20 -6.43 46.45
N THR J 479 -32.50 -6.14 46.43
CA THR J 479 -33.02 -4.82 46.13
C THR J 479 -34.21 -4.53 47.02
N THR J 480 -34.40 -3.25 47.33
CA THR J 480 -35.52 -2.76 48.13
C THR J 480 -36.21 -1.68 47.30
N LEU J 481 -37.08 -2.10 46.39
CA LEU J 481 -37.75 -1.15 45.52
C LEU J 481 -38.74 -0.33 46.34
N ASN J 482 -39.04 0.87 45.85
CA ASN J 482 -39.89 1.82 46.57
C ASN J 482 -41.29 1.83 45.94
N SER J 483 -42.27 1.28 46.65
CA SER J 483 -43.68 1.35 46.31
C SER J 483 -44.33 2.22 47.37
N ARG J 484 -44.42 3.52 47.09
CA ARG J 484 -44.93 4.52 48.04
C ARG J 484 -46.34 4.94 47.70
N CYS J 485 -47.18 3.98 47.31
CA CYS J 485 -48.54 4.23 46.84
C CYS J 485 -49.54 4.19 48.00
N SER J 486 -50.75 4.66 47.70
CA SER J 486 -51.90 4.55 48.59
C SER J 486 -52.93 3.61 47.96
N VAL J 487 -53.51 2.74 48.79
CA VAL J 487 -54.35 1.64 48.33
C VAL J 487 -55.81 2.01 48.55
N LEU J 488 -56.53 2.20 47.45
CA LEU J 488 -57.99 2.31 47.47
C LEU J 488 -58.52 0.98 46.94
N ALA J 489 -58.98 0.13 47.85
CA ALA J 489 -59.34 -1.25 47.54
C ALA J 489 -60.85 -1.40 47.48
N ALA J 490 -61.31 -2.18 46.50
CA ALA J 490 -62.73 -2.44 46.31
C ALA J 490 -62.95 -3.94 46.27
N ALA J 491 -63.96 -4.42 47.00
CA ALA J 491 -64.23 -5.85 47.03
C ALA J 491 -65.70 -6.09 47.35
N ASN J 492 -66.15 -7.29 47.00
CA ASN J 492 -67.50 -7.75 47.28
C ASN J 492 -67.51 -8.46 48.63
N SER J 493 -68.62 -9.13 48.94
CA SER J 493 -68.66 -10.15 49.97
C SER J 493 -68.28 -11.48 49.34
N VAL J 494 -68.24 -12.56 50.15
CA VAL J 494 -67.83 -13.85 49.59
C VAL J 494 -68.85 -14.34 48.57
N PHE J 495 -70.13 -14.13 48.84
CA PHE J 495 -71.20 -14.39 47.88
C PHE J 495 -71.47 -13.10 47.11
N GLY J 496 -72.56 -13.09 46.36
CA GLY J 496 -72.96 -11.91 45.61
C GLY J 496 -73.79 -10.91 46.39
N ARG J 497 -74.02 -11.14 47.68
CA ARG J 497 -74.83 -10.25 48.51
C ARG J 497 -74.36 -10.35 49.95
N TRP J 498 -74.32 -9.22 50.64
CA TRP J 498 -73.97 -9.20 52.06
C TRP J 498 -75.18 -9.65 52.85
N ASP J 499 -75.17 -10.92 53.28
CA ASP J 499 -76.23 -11.43 54.15
C ASP J 499 -76.04 -10.90 55.57
N GLU J 500 -77.12 -10.40 56.16
CA GLU J 500 -77.01 -9.78 57.48
C GLU J 500 -76.81 -10.82 58.58
N THR J 501 -77.46 -11.99 58.44
CA THR J 501 -77.34 -13.03 59.46
C THR J 501 -75.91 -13.53 59.57
N LYS J 502 -75.23 -13.68 58.43
CA LYS J 502 -73.89 -14.24 58.40
C LYS J 502 -72.88 -13.39 59.18
N GLY J 503 -73.13 -12.08 59.28
CA GLY J 503 -72.20 -11.21 59.98
C GLY J 503 -70.86 -11.16 59.29
N GLU J 504 -69.79 -11.34 60.07
CA GLU J 504 -68.44 -11.32 59.51
C GLU J 504 -68.14 -12.50 58.59
N ASP J 505 -69.00 -13.51 58.57
CA ASP J 505 -68.70 -14.70 57.78
C ASP J 505 -68.75 -14.47 56.26
N ASN J 506 -68.94 -13.26 55.72
CA ASN J 506 -68.89 -13.02 54.28
C ASN J 506 -67.67 -12.24 53.83
N ILE J 507 -66.67 -12.05 54.69
CA ILE J 507 -65.39 -11.46 54.31
C ILE J 507 -64.29 -12.49 54.55
N ASP J 508 -63.40 -12.64 53.57
CA ASP J 508 -62.39 -13.69 53.55
C ASP J 508 -60.99 -13.15 53.77
N PHE J 509 -60.86 -12.08 54.54
CA PHE J 509 -59.58 -11.45 54.83
C PHE J 509 -59.09 -11.84 56.22
N MET J 510 -57.81 -11.75 56.40
CA MET J 510 -57.16 -11.93 57.69
C MET J 510 -57.06 -10.60 58.41
N PRO J 511 -56.98 -10.61 59.74
CA PRO J 511 -56.71 -9.34 60.44
C PRO J 511 -55.39 -8.74 60.03
N THR J 512 -54.41 -9.57 59.69
CA THR J 512 -53.09 -9.09 59.30
C THR J 512 -53.16 -8.18 58.08
N ILE J 513 -54.13 -8.38 57.19
CA ILE J 513 -54.32 -7.50 56.04
C ILE J 513 -55.35 -6.40 56.34
N LEU J 514 -56.43 -6.72 57.06
CA LEU J 514 -57.41 -5.67 57.34
C LEU J 514 -56.91 -4.62 58.30
N SER J 515 -55.78 -4.85 58.99
CA SER J 515 -55.22 -3.82 59.87
C SER J 515 -54.50 -2.73 59.10
N ARG J 516 -53.86 -3.08 57.98
CA ARG J 516 -53.10 -2.09 57.22
C ARG J 516 -53.95 -0.98 56.66
N PHE J 517 -55.24 -1.21 56.46
CA PHE J 517 -56.11 -0.17 55.94
C PHE J 517 -56.40 0.87 57.02
N ASP J 518 -56.59 2.11 56.56
CA ASP J 518 -56.96 3.21 57.44
C ASP J 518 -58.46 3.31 57.63
N MET J 519 -59.23 3.09 56.56
CA MET J 519 -60.69 3.10 56.61
C MET J 519 -61.24 1.88 55.90
N ILE J 520 -62.27 1.27 56.48
CA ILE J 520 -63.01 0.17 55.87
C ILE J 520 -64.49 0.54 55.95
N PHE J 521 -65.10 0.80 54.80
CA PHE J 521 -66.52 1.12 54.71
C PHE J 521 -67.26 -0.05 54.09
N ILE J 522 -68.29 -0.51 54.77
CA ILE J 522 -69.20 -1.49 54.21
C ILE J 522 -70.30 -0.76 53.47
N VAL J 523 -70.62 -1.23 52.28
CA VAL J 523 -71.55 -0.57 51.37
C VAL J 523 -72.71 -1.53 51.13
N LYS J 524 -73.74 -1.42 51.95
CA LYS J 524 -74.97 -2.19 51.80
C LYS J 524 -76.00 -1.35 51.06
N ASP J 525 -76.60 -1.92 50.02
CA ASP J 525 -77.65 -1.23 49.26
C ASP J 525 -79.02 -1.55 49.85
N GLU J 526 -79.17 -1.19 51.14
CA GLU J 526 -80.43 -1.36 51.83
C GLU J 526 -81.52 -0.56 51.12
N HIS J 527 -82.67 -1.20 50.89
CA HIS J 527 -83.66 -0.61 50.03
C HIS J 527 -84.43 0.51 50.72
N ASN J 528 -84.71 1.55 49.95
CA ASN J 528 -85.71 2.55 50.29
C ASN J 528 -86.37 2.94 48.97
N GLU J 529 -87.70 2.98 48.95
CA GLU J 529 -88.42 3.31 47.73
C GLU J 529 -88.08 4.72 47.26
N GLU J 530 -88.05 5.67 48.20
CA GLU J 530 -87.67 7.04 47.87
C GLU J 530 -86.26 7.09 47.31
N ARG J 531 -85.33 6.37 47.93
CA ARG J 531 -83.96 6.38 47.45
C ARG J 531 -83.85 5.76 46.07
N ASP J 532 -84.62 4.70 45.81
CA ASP J 532 -84.57 4.06 44.50
C ASP J 532 -85.08 4.98 43.41
N VAL J 533 -86.23 5.64 43.66
CA VAL J 533 -86.74 6.56 42.63
C VAL J 533 -85.79 7.73 42.48
N MET J 534 -85.18 8.18 43.57
CA MET J 534 -84.18 9.25 43.48
C MET J 534 -83.01 8.83 42.61
N LEU J 535 -82.53 7.59 42.78
CA LEU J 535 -81.37 7.15 42.02
C LEU J 535 -81.71 6.99 40.54
N ALA J 536 -82.88 6.43 40.24
CA ALA J 536 -83.30 6.35 38.84
C ALA J 536 -83.41 7.74 38.24
N LYS J 537 -84.01 8.67 38.98
CA LYS J 537 -84.13 10.05 38.56
C LYS J 537 -82.77 10.66 38.28
N HIS J 538 -81.80 10.43 39.18
CA HIS J 538 -80.51 11.08 39.03
C HIS J 538 -79.72 10.49 37.88
N VAL J 539 -79.75 9.17 37.71
CA VAL J 539 -78.99 8.57 36.61
C VAL J 539 -79.58 9.01 35.28
N ILE J 540 -80.91 9.11 35.20
CA ILE J 540 -81.50 9.55 33.93
C ILE J 540 -81.19 11.02 33.68
N THR J 541 -81.20 11.83 34.74
CA THR J 541 -80.79 13.22 34.62
C THR J 541 -79.37 13.32 34.10
N LEU J 542 -78.48 12.48 34.64
CA LEU J 542 -77.10 12.47 34.20
C LEU J 542 -77.00 12.11 32.73
N HIS J 543 -77.74 11.09 32.31
CA HIS J 543 -77.68 10.66 30.92
C HIS J 543 -78.21 11.73 29.98
N VAL J 544 -79.27 12.44 30.39
CA VAL J 544 -79.76 13.57 29.59
C VAL J 544 -78.69 14.65 29.51
N SER J 545 -78.14 15.05 30.65
CA SER J 545 -77.13 16.09 30.68
C SER J 545 -75.81 15.59 30.08
N ASP J 558 -63.10 21.15 38.47
CA ASP J 558 -63.01 20.11 37.47
C ASP J 558 -61.64 19.42 37.54
N LEU J 559 -61.43 18.40 36.70
CA LEU J 559 -60.33 17.47 36.91
C LEU J 559 -58.98 18.14 36.65
N ALA J 560 -58.86 18.86 35.54
CA ALA J 560 -57.59 19.47 35.20
C ALA J 560 -57.14 20.50 36.23
N LYS J 561 -58.07 21.02 37.03
CA LYS J 561 -57.76 21.93 38.12
C LYS J 561 -57.48 21.16 39.41
N LEU J 562 -58.29 20.15 39.72
CA LEU J 562 -58.19 19.50 41.02
C LEU J 562 -56.99 18.56 41.10
N LYS J 563 -56.64 17.91 40.00
CA LYS J 563 -55.39 17.15 39.94
C LYS J 563 -54.22 18.04 40.32
N LYS J 564 -54.15 19.22 39.70
CA LYS J 564 -53.07 20.16 39.95
C LYS J 564 -53.09 20.61 41.39
N PHE J 565 -54.28 20.89 41.93
CA PHE J 565 -54.39 21.37 43.30
C PHE J 565 -53.89 20.32 44.29
N ILE J 566 -54.32 19.08 44.11
CA ILE J 566 -53.93 18.02 45.05
C ILE J 566 -52.44 17.75 44.96
N ALA J 567 -51.89 17.71 43.73
CA ALA J 567 -50.45 17.53 43.59
C ALA J 567 -49.69 18.67 44.23
N TYR J 568 -50.19 19.90 44.05
CA TYR J 568 -49.56 21.08 44.64
C TYR J 568 -49.53 20.99 46.15
N CYS J 569 -50.64 20.58 46.76
CA CYS J 569 -50.68 20.42 48.21
C CYS J 569 -49.72 19.35 48.67
N ARG J 570 -49.68 18.21 47.96
CA ARG J 570 -48.82 17.11 48.37
C ARG J 570 -47.35 17.52 48.32
N VAL J 571 -46.94 18.24 47.27
CA VAL J 571 -45.54 18.65 47.21
C VAL J 571 -45.27 19.74 48.25
N LYS J 572 -46.23 20.64 48.48
CA LYS J 572 -45.94 21.82 49.28
C LYS J 572 -45.97 21.52 50.77
N CYS J 573 -47.12 21.10 51.29
CA CYS J 573 -47.37 21.11 52.72
C CYS J 573 -47.36 19.70 53.30
N GLY J 574 -46.60 19.51 54.38
CA GLY J 574 -46.67 18.33 55.20
C GLY J 574 -46.96 18.72 56.66
N PRO J 575 -48.17 18.43 57.17
CA PRO J 575 -48.50 18.84 58.54
C PRO J 575 -48.03 17.81 59.57
N ARG J 576 -48.10 18.21 60.85
CA ARG J 576 -47.66 17.37 61.95
C ARG J 576 -48.60 17.41 63.14
N LEU J 577 -49.88 17.74 62.95
CA LEU J 577 -50.90 17.77 64.02
C LEU J 577 -50.61 18.77 65.13
N SER J 578 -51.65 19.12 65.89
CA SER J 578 -51.53 19.91 67.10
C SER J 578 -51.48 18.99 68.31
N ALA J 579 -50.78 19.44 69.35
CA ALA J 579 -50.58 18.59 70.52
C ALA J 579 -51.89 18.29 71.23
N GLU J 580 -52.74 19.32 71.41
CA GLU J 580 -54.01 19.09 72.09
C GLU J 580 -54.94 18.25 71.24
N ALA J 581 -54.90 18.44 69.92
CA ALA J 581 -55.63 17.57 69.01
C ALA J 581 -55.18 16.12 69.16
N ALA J 582 -53.87 15.92 69.32
CA ALA J 582 -53.36 14.57 69.54
C ALA J 582 -53.84 14.00 70.86
N GLU J 583 -53.90 14.83 71.91
CA GLU J 583 -54.41 14.36 73.20
C GLU J 583 -55.86 13.92 73.08
N LYS J 584 -56.68 14.73 72.39
CA LYS J 584 -58.07 14.36 72.16
C LYS J 584 -58.18 13.06 71.39
N LEU J 585 -57.36 12.91 70.34
CA LEU J 585 -57.38 11.68 69.56
C LEU J 585 -56.98 10.49 70.39
N LYS J 586 -55.96 10.65 71.23
CA LYS J 586 -55.50 9.54 72.06
C LYS J 586 -56.58 9.11 73.04
N ASN J 587 -57.27 10.09 73.64
CA ASN J 587 -58.37 9.75 74.55
C ASN J 587 -59.46 8.98 73.83
N ARG J 588 -59.89 9.48 72.66
CA ARG J 588 -60.96 8.81 71.93
C ARG J 588 -60.54 7.41 71.51
N TYR J 589 -59.29 7.26 71.05
CA TYR J 589 -58.82 5.96 70.59
C TYR J 589 -58.73 4.96 71.73
N ILE J 590 -58.29 5.39 72.91
CA ILE J 590 -58.16 4.43 74.01
C ILE J 590 -59.53 3.98 74.49
N ILE J 591 -60.49 4.90 74.59
CA ILE J 591 -61.84 4.45 74.96
C ILE J 591 -62.42 3.57 73.87
N MET J 592 -62.11 3.86 72.60
CA MET J 592 -62.54 3.01 71.50
C MET J 592 -61.95 1.62 71.63
N ARG J 593 -60.69 1.53 72.04
CA ARG J 593 -60.05 0.24 72.26
C ARG J 593 -60.76 -0.54 73.35
N SER J 594 -61.07 0.13 74.46
CA SER J 594 -61.76 -0.55 75.55
C SER J 594 -63.12 -1.05 75.10
N GLY J 595 -63.87 -0.22 74.37
CA GLY J 595 -65.17 -0.64 73.87
C GLY J 595 -65.07 -1.81 72.92
N ALA J 596 -64.09 -1.77 72.03
CA ALA J 596 -63.89 -2.88 71.10
C ALA J 596 -63.56 -4.16 71.86
N ARG J 597 -62.69 -4.07 72.87
CA ARG J 597 -62.32 -5.26 73.65
C ARG J 597 -63.53 -5.83 74.36
N GLN J 598 -64.39 -4.96 74.90
CA GLN J 598 -65.60 -5.46 75.53
C GLN J 598 -66.52 -6.12 74.53
N HIS J 599 -66.62 -5.56 73.32
CA HIS J 599 -67.38 -6.22 72.26
C HIS J 599 -66.81 -7.60 71.96
N GLU J 600 -65.48 -7.72 71.93
CA GLU J 600 -64.86 -9.02 71.67
C GLU J 600 -65.22 -10.02 72.75
N ARG J 601 -65.12 -9.60 74.01
CA ARG J 601 -65.43 -10.51 75.11
C ARG J 601 -66.91 -10.87 75.15
N ASP J 602 -67.77 -9.99 74.62
CA ASP J 602 -69.20 -10.30 74.57
C ASP J 602 -69.56 -11.15 73.36
N SER J 603 -68.77 -11.10 72.29
CA SER J 603 -69.02 -11.85 71.07
C SER J 603 -68.07 -13.03 70.95
N ASP J 604 -68.28 -13.81 69.91
CA ASP J 604 -67.47 -15.00 69.60
C ASP J 604 -66.43 -14.70 68.54
N ARG J 605 -65.86 -13.50 68.57
CA ARG J 605 -64.82 -13.09 67.64
C ARG J 605 -63.87 -12.17 68.39
N ARG J 606 -62.57 -12.42 68.30
CA ARG J 606 -61.57 -11.52 68.88
C ARG J 606 -61.02 -10.65 67.75
N SER J 607 -61.31 -9.36 67.85
CA SER J 607 -60.73 -8.31 66.99
C SER J 607 -60.97 -8.60 65.51
N SER J 608 -62.14 -9.13 65.20
CA SER J 608 -62.57 -9.23 63.81
C SER J 608 -62.67 -7.83 63.21
N ILE J 609 -61.96 -7.60 62.11
CA ILE J 609 -61.67 -6.25 61.64
C ILE J 609 -61.04 -5.54 62.84
N PRO J 610 -59.81 -5.86 63.21
CA PRO J 610 -59.29 -5.47 64.52
C PRO J 610 -59.14 -3.97 64.66
N ILE J 611 -58.99 -3.56 65.91
CA ILE J 611 -58.59 -2.20 66.27
C ILE J 611 -57.18 -2.29 66.83
N THR J 612 -56.26 -1.53 66.24
CA THR J 612 -54.83 -1.70 66.43
C THR J 612 -54.19 -0.34 66.60
N VAL J 613 -52.86 -0.35 66.70
CA VAL J 613 -52.11 0.90 66.64
C VAL J 613 -52.14 1.47 65.22
N ARG J 614 -52.31 0.61 64.20
CA ARG J 614 -52.38 1.13 62.84
C ARG J 614 -53.58 2.02 62.65
N GLN J 615 -54.66 1.82 63.41
CA GLN J 615 -55.81 2.70 63.29
C GLN J 615 -55.57 4.04 63.97
N LEU J 616 -54.86 4.05 65.11
CA LEU J 616 -54.40 5.31 65.67
C LEU J 616 -53.57 6.07 64.64
N GLU J 617 -52.63 5.37 64.01
CA GLU J 617 -51.82 5.98 62.96
C GLU J 617 -52.69 6.42 61.78
N ALA J 618 -53.77 5.68 61.51
CA ALA J 618 -54.68 6.04 60.44
C ALA J 618 -55.37 7.36 60.73
N ILE J 619 -55.81 7.58 61.96
CA ILE J 619 -56.42 8.86 62.28
C ILE J 619 -55.37 9.96 62.23
N VAL J 620 -54.14 9.67 62.66
CA VAL J 620 -53.09 10.69 62.51
C VAL J 620 -52.87 11.04 61.05
N ARG J 621 -53.06 10.07 60.15
CA ARG J 621 -52.89 10.36 58.73
C ARG J 621 -54.10 11.10 58.16
N ILE J 622 -55.31 10.74 58.59
CA ILE J 622 -56.49 11.42 58.08
C ILE J 622 -56.48 12.87 58.53
N ALA J 623 -56.05 13.10 59.78
CA ALA J 623 -55.92 14.46 60.28
C ALA J 623 -54.90 15.24 59.47
N GLU J 624 -53.78 14.59 59.12
CA GLU J 624 -52.80 15.28 58.26
C GLU J 624 -53.40 15.59 56.89
N ALA J 625 -54.18 14.67 56.32
CA ALA J 625 -54.80 14.91 55.02
C ALA J 625 -55.77 16.09 55.08
N LEU J 626 -56.60 16.13 56.12
CA LEU J 626 -57.52 17.25 56.29
C LEU J 626 -56.75 18.55 56.47
N SER J 627 -55.66 18.52 57.23
CA SER J 627 -54.89 19.73 57.47
C SER J 627 -54.30 20.26 56.17
N LYS J 628 -53.76 19.39 55.33
CA LYS J 628 -53.15 19.84 54.10
C LYS J 628 -54.14 20.03 52.96
N MET J 629 -55.42 19.70 53.15
CA MET J 629 -56.43 20.13 52.18
C MET J 629 -56.38 21.63 51.98
N LYS J 630 -56.26 22.37 53.09
CA LYS J 630 -56.22 23.83 53.09
C LYS J 630 -54.81 24.38 53.38
N LEU J 631 -53.77 23.59 53.11
CA LEU J 631 -52.37 23.96 53.26
C LEU J 631 -51.99 24.31 54.71
N GLN J 632 -52.83 23.99 55.69
CA GLN J 632 -52.47 24.26 57.08
C GLN J 632 -51.29 23.37 57.47
N PRO J 633 -50.16 23.91 57.98
CA PRO J 633 -49.09 23.03 58.47
C PRO J 633 -49.32 22.52 59.89
N PHE J 634 -50.55 22.12 60.20
CA PHE J 634 -50.98 21.76 61.53
C PHE J 634 -52.41 21.27 61.43
N ALA J 635 -52.81 20.32 62.27
CA ALA J 635 -54.19 19.88 62.35
C ALA J 635 -54.88 20.61 63.49
N THR J 636 -56.18 20.38 63.62
CA THR J 636 -57.00 20.99 64.66
C THR J 636 -57.90 19.91 65.26
N GLU J 637 -58.48 20.26 66.41
CA GLU J 637 -59.43 19.36 67.03
C GLU J 637 -60.63 19.10 66.13
N ALA J 638 -61.01 20.09 65.31
CA ALA J 638 -62.03 19.85 64.29
C ALA J 638 -61.56 18.80 63.30
N ASP J 639 -60.30 18.86 62.89
CA ASP J 639 -59.77 17.85 61.98
C ASP J 639 -59.82 16.47 62.62
N VAL J 640 -59.44 16.38 63.89
CA VAL J 640 -59.47 15.09 64.59
C VAL J 640 -60.89 14.57 64.68
N GLU J 641 -61.84 15.46 64.99
CA GLU J 641 -63.22 15.01 65.14
C GLU J 641 -63.79 14.56 63.81
N GLU J 642 -63.46 15.27 62.72
CA GLU J 642 -63.93 14.84 61.41
C GLU J 642 -63.31 13.50 61.02
N ALA J 643 -62.00 13.34 61.27
CA ALA J 643 -61.34 12.09 60.97
C ALA J 643 -61.95 10.94 61.75
N LEU J 644 -62.25 11.15 63.03
CA LEU J 644 -62.83 10.09 63.83
C LEU J 644 -64.29 9.86 63.49
N ARG J 645 -64.98 10.89 62.99
CA ARG J 645 -66.31 10.66 62.43
C ARG J 645 -66.23 9.71 61.25
N LEU J 646 -65.25 9.93 60.37
CA LEU J 646 -65.04 9.00 59.27
C LEU J 646 -64.71 7.61 59.79
N PHE J 647 -63.87 7.51 60.82
CA PHE J 647 -63.50 6.21 61.32
C PHE J 647 -64.64 5.54 62.07
N GLN J 648 -65.59 6.31 62.61
CA GLN J 648 -66.78 5.74 63.20
C GLN J 648 -67.70 5.19 62.12
N VAL J 649 -67.84 5.93 61.01
CA VAL J 649 -68.59 5.43 59.87
C VAL J 649 -67.96 4.15 59.34
N SER J 650 -66.63 4.02 59.49
CA SER J 650 -65.95 2.78 59.14
C SER J 650 -66.16 1.68 60.17
N THR J 651 -66.08 2.03 61.46
CA THR J 651 -66.23 1.08 62.55
C THR J 651 -67.66 0.57 62.68
N LEU J 652 -68.60 1.19 61.97
CA LEU J 652 -69.87 0.53 61.64
C LEU J 652 -69.62 -0.88 61.12
N ASP J 653 -68.59 -1.04 60.28
CA ASP J 653 -68.28 -2.35 59.72
C ASP J 653 -67.66 -3.28 60.76
N ALA J 654 -66.97 -2.73 61.76
CA ALA J 654 -66.26 -3.56 62.73
C ALA J 654 -67.09 -3.83 63.98
N ALA J 655 -67.45 -2.79 64.71
CA ALA J 655 -68.12 -2.95 66.00
C ALA J 655 -69.63 -3.09 65.85
N LEU J 656 -70.28 -2.05 65.33
CA LEU J 656 -71.73 -2.07 65.21
C LEU J 656 -72.24 -3.05 64.17
N SER J 657 -71.36 -3.61 63.32
CA SER J 657 -71.79 -4.62 62.37
C SER J 657 -72.34 -5.85 63.09
N GLY J 658 -71.68 -6.28 64.16
CA GLY J 658 -72.12 -7.43 64.91
C GLY J 658 -73.47 -7.22 65.57
N LEU K 16 -6.23 -33.64 -29.96
CA LEU K 16 -7.40 -32.78 -29.93
C LEU K 16 -8.27 -33.10 -28.72
N GLU K 17 -8.50 -34.39 -28.48
CA GLU K 17 -9.34 -34.87 -27.39
C GLU K 17 -9.17 -36.38 -27.32
N VAL K 18 -9.60 -36.95 -26.19
CA VAL K 18 -9.63 -38.40 -26.01
C VAL K 18 -10.91 -38.76 -25.30
N ARG K 19 -11.54 -39.84 -25.75
CA ARG K 19 -12.90 -40.19 -25.37
C ARG K 19 -12.92 -41.29 -24.31
N ASP K 20 -14.05 -41.38 -23.62
CA ASP K 20 -14.35 -42.50 -22.73
C ASP K 20 -14.87 -43.63 -23.60
N GLU K 21 -13.94 -44.33 -24.25
CA GLU K 21 -14.25 -45.31 -25.29
C GLU K 21 -15.36 -46.29 -24.91
N VAL K 22 -15.36 -46.77 -23.67
CA VAL K 22 -16.45 -47.65 -23.24
C VAL K 22 -17.75 -46.86 -23.20
N ALA K 23 -17.70 -45.60 -22.77
CA ALA K 23 -18.91 -44.79 -22.75
C ALA K 23 -19.43 -44.54 -24.16
N GLU K 24 -18.52 -44.32 -25.12
CA GLU K 24 -18.93 -44.07 -26.50
C GLU K 24 -19.60 -45.30 -27.10
N LYS K 25 -18.98 -46.47 -26.97
CA LYS K 25 -19.60 -47.67 -27.52
C LYS K 25 -20.90 -47.98 -26.81
N CYS K 26 -20.96 -47.71 -25.50
CA CYS K 26 -22.20 -47.93 -24.76
C CYS K 26 -23.30 -47.01 -25.26
N GLN K 27 -22.96 -45.74 -25.58
CA GLN K 27 -23.94 -44.84 -26.15
C GLN K 27 -24.44 -45.34 -27.48
N LYS K 28 -23.55 -45.86 -28.30
CA LYS K 28 -23.98 -46.39 -29.60
C LYS K 28 -24.94 -47.56 -29.41
N LEU K 29 -24.55 -48.54 -28.59
CA LEU K 29 -25.41 -49.68 -28.33
C LEU K 29 -26.72 -49.26 -27.65
N PHE K 30 -26.70 -48.17 -26.88
CA PHE K 30 -27.87 -47.71 -26.17
C PHE K 30 -28.86 -47.01 -27.11
N LEU K 31 -28.36 -46.23 -28.05
CA LEU K 31 -29.21 -45.72 -29.12
C LEU K 31 -29.80 -46.87 -29.91
N ASP K 32 -29.00 -47.90 -30.18
CA ASP K 32 -29.52 -49.08 -30.88
C ASP K 32 -30.64 -49.72 -30.07
N PHE K 33 -30.50 -49.77 -28.74
CA PHE K 33 -31.57 -50.28 -27.89
C PHE K 33 -32.83 -49.44 -28.03
N LEU K 34 -32.68 -48.10 -27.92
CA LEU K 34 -33.83 -47.20 -28.05
C LEU K 34 -34.58 -47.42 -29.35
N GLU K 35 -33.85 -47.57 -30.45
CA GLU K 35 -34.47 -47.63 -31.76
C GLU K 35 -34.85 -49.05 -32.21
N GLU K 36 -34.39 -50.09 -31.53
CA GLU K 36 -34.69 -51.47 -31.92
C GLU K 36 -35.82 -52.11 -31.13
N PHE K 37 -35.83 -51.92 -29.80
CA PHE K 37 -36.54 -52.82 -28.90
C PHE K 37 -38.03 -52.73 -29.12
N GLN K 38 -38.58 -53.74 -29.77
CA GLN K 38 -40.02 -53.87 -29.93
C GLN K 38 -40.64 -54.42 -28.67
N SER K 39 -41.85 -53.97 -28.37
CA SER K 39 -42.65 -54.54 -27.29
C SER K 39 -43.31 -55.82 -27.82
N SER K 40 -44.26 -56.35 -27.06
CA SER K 40 -44.95 -57.57 -27.50
C SER K 40 -45.77 -57.33 -28.76
N ASP K 41 -46.37 -56.14 -28.89
CA ASP K 41 -47.18 -55.85 -30.08
C ASP K 41 -46.33 -55.84 -31.35
N GLY K 42 -45.12 -55.29 -31.26
CA GLY K 42 -44.21 -55.18 -32.40
C GLY K 42 -43.74 -53.77 -32.62
N GLU K 43 -44.63 -52.80 -32.43
CA GLU K 43 -44.23 -51.41 -32.54
C GLU K 43 -43.36 -51.03 -31.35
N ILE K 44 -42.56 -49.99 -31.53
CA ILE K 44 -41.50 -49.64 -30.59
C ILE K 44 -42.11 -48.71 -29.55
N LYS K 45 -42.33 -49.25 -28.36
CA LYS K 45 -42.97 -48.51 -27.30
C LYS K 45 -42.14 -47.30 -26.89
N TYR K 46 -40.82 -47.46 -26.88
CA TYR K 46 -39.97 -46.32 -26.55
C TYR K 46 -39.98 -45.28 -27.65
N LEU K 47 -40.18 -45.69 -28.90
CA LEU K 47 -40.36 -44.71 -29.97
C LEU K 47 -41.64 -43.93 -29.76
N GLN K 48 -42.73 -44.62 -29.37
CA GLN K 48 -43.98 -43.92 -29.13
C GLN K 48 -43.87 -42.98 -27.94
N LEU K 49 -43.19 -43.39 -26.88
CA LEU K 49 -42.98 -42.50 -25.76
C LEU K 49 -42.11 -41.31 -26.17
N ALA K 50 -41.12 -41.56 -27.04
CA ALA K 50 -40.31 -40.46 -27.55
C ALA K 50 -41.17 -39.49 -28.37
N GLU K 51 -42.12 -40.02 -29.14
CA GLU K 51 -43.06 -39.16 -29.84
C GLU K 51 -43.84 -38.31 -28.85
N GLU K 52 -44.28 -38.92 -27.75
CA GLU K 52 -44.96 -38.17 -26.70
C GLU K 52 -44.04 -37.12 -26.06
N LEU K 53 -42.73 -37.34 -26.13
CA LEU K 53 -41.74 -36.43 -25.57
C LEU K 53 -41.65 -35.09 -26.28
N ILE K 54 -42.43 -34.85 -27.33
CA ILE K 54 -42.30 -33.61 -28.10
C ILE K 54 -42.69 -32.39 -27.27
N ARG K 55 -43.63 -32.52 -26.36
CA ARG K 55 -44.24 -31.37 -25.71
C ARG K 55 -43.26 -30.65 -24.80
N PRO K 56 -43.52 -29.38 -24.48
CA PRO K 56 -42.81 -28.77 -23.34
C PRO K 56 -43.26 -29.41 -22.04
N GLU K 57 -42.42 -29.25 -21.02
CA GLU K 57 -42.58 -29.95 -19.74
C GLU K 57 -42.61 -31.47 -19.93
N ARG K 58 -41.92 -31.95 -20.95
CA ARG K 58 -41.70 -33.38 -21.16
C ARG K 58 -40.28 -33.50 -21.71
N ASN K 59 -39.34 -33.71 -20.79
CA ASN K 59 -37.91 -33.77 -21.09
C ASN K 59 -37.29 -35.02 -20.48
N THR K 60 -38.09 -36.06 -20.27
CA THR K 60 -37.68 -37.23 -19.49
C THR K 60 -38.24 -38.47 -20.16
N LEU K 61 -37.40 -39.49 -20.33
CA LEU K 61 -37.86 -40.82 -20.71
C LEU K 61 -37.47 -41.80 -19.62
N VAL K 62 -38.45 -42.48 -19.07
CA VAL K 62 -38.22 -43.56 -18.11
C VAL K 62 -38.10 -44.86 -18.89
N VAL K 63 -37.10 -45.67 -18.52
CA VAL K 63 -36.68 -46.84 -19.27
C VAL K 63 -36.69 -48.03 -18.31
N SER K 64 -36.80 -49.22 -18.89
CA SER K 64 -36.94 -50.47 -18.13
C SER K 64 -35.67 -51.28 -18.28
N PHE K 65 -35.07 -51.61 -17.15
CA PHE K 65 -33.90 -52.48 -17.18
C PHE K 65 -34.22 -53.85 -17.76
N VAL K 66 -35.46 -54.31 -17.62
CA VAL K 66 -35.79 -55.63 -18.17
C VAL K 66 -35.76 -55.60 -19.68
N ASP K 67 -36.31 -54.53 -20.28
CA ASP K 67 -36.24 -54.38 -21.73
C ASP K 67 -34.80 -54.23 -22.18
N LEU K 68 -34.02 -53.43 -21.46
CA LEU K 68 -32.61 -53.25 -21.80
C LEU K 68 -31.86 -54.57 -21.75
N GLU K 69 -32.12 -55.37 -20.72
CA GLU K 69 -31.45 -56.66 -20.58
C GLU K 69 -31.85 -57.61 -21.69
N GLN K 70 -33.15 -57.66 -22.02
CA GLN K 70 -33.59 -58.52 -23.11
C GLN K 70 -32.98 -58.07 -24.43
N PHE K 71 -32.74 -56.78 -24.60
CA PHE K 71 -32.04 -56.31 -25.79
C PHE K 71 -30.62 -56.86 -25.82
N ASN K 72 -29.87 -56.68 -24.74
CA ASN K 72 -28.51 -57.23 -24.72
C ASN K 72 -28.00 -57.31 -23.30
N GLN K 73 -27.32 -58.41 -22.98
CA GLN K 73 -26.91 -58.67 -21.61
C GLN K 73 -25.75 -57.75 -21.19
N GLN K 74 -24.65 -57.78 -21.95
CA GLN K 74 -23.45 -57.04 -21.55
C GLN K 74 -23.70 -55.55 -21.52
N LEU K 75 -24.59 -55.05 -22.38
CA LEU K 75 -25.03 -53.66 -22.29
C LEU K 75 -25.60 -53.38 -20.92
N SER K 76 -26.47 -54.27 -20.43
CA SER K 76 -27.04 -54.09 -19.10
C SER K 76 -25.97 -54.18 -18.04
N THR K 77 -25.04 -55.14 -18.19
CA THR K 77 -24.02 -55.33 -17.18
C THR K 77 -23.14 -54.09 -17.03
N THR K 78 -22.72 -53.52 -18.16
CA THR K 78 -21.86 -52.34 -18.06
C THR K 78 -22.64 -51.12 -17.62
N ILE K 79 -23.89 -50.98 -18.06
CA ILE K 79 -24.72 -49.85 -17.60
C ILE K 79 -24.87 -49.91 -16.09
N GLN K 80 -25.19 -51.09 -15.57
CA GLN K 80 -25.29 -51.24 -14.12
C GLN K 80 -23.96 -50.94 -13.45
N GLU K 81 -22.88 -51.59 -13.90
CA GLU K 81 -21.63 -51.54 -13.16
C GLU K 81 -20.98 -50.17 -13.18
N GLU K 82 -21.23 -49.38 -14.21
CA GLU K 82 -20.66 -48.04 -14.32
C GLU K 82 -21.69 -47.05 -14.82
N PHE K 83 -22.86 -47.04 -14.16
CA PHE K 83 -23.96 -46.18 -14.59
C PHE K 83 -23.55 -44.71 -14.63
N TYR K 84 -22.86 -44.23 -13.59
CA TYR K 84 -22.51 -42.81 -13.56
C TYR K 84 -21.44 -42.45 -14.58
N ARG K 85 -20.62 -43.41 -15.01
CA ARG K 85 -19.69 -43.13 -16.10
C ARG K 85 -20.44 -42.75 -17.36
N VAL K 86 -21.44 -43.56 -17.71
CA VAL K 86 -22.04 -43.48 -19.02
C VAL K 86 -23.26 -42.57 -19.02
N TYR K 87 -23.73 -42.11 -17.86
CA TYR K 87 -25.07 -41.51 -17.77
C TYR K 87 -25.25 -40.25 -18.61
N PRO K 88 -24.36 -39.25 -18.56
CA PRO K 88 -24.46 -38.16 -19.55
C PRO K 88 -24.45 -38.62 -20.99
N TYR K 89 -23.68 -39.67 -21.29
CA TYR K 89 -23.69 -40.18 -22.66
C TYR K 89 -25.04 -40.80 -22.99
N LEU K 90 -25.70 -41.42 -22.02
CA LEU K 90 -27.05 -41.92 -22.27
C LEU K 90 -28.03 -40.78 -22.53
N CYS K 91 -27.92 -39.68 -21.77
CA CYS K 91 -28.80 -38.55 -22.02
C CYS K 91 -28.56 -37.95 -23.39
N ARG K 92 -27.29 -37.87 -23.80
CA ARG K 92 -26.97 -37.39 -25.14
C ARG K 92 -27.50 -38.35 -26.20
N ALA K 93 -27.48 -39.65 -25.91
CA ALA K 93 -28.04 -40.63 -26.83
C ALA K 93 -29.53 -40.41 -27.02
N LEU K 94 -30.25 -40.15 -25.92
CA LEU K 94 -31.67 -39.84 -26.03
C LEU K 94 -31.89 -38.58 -26.85
N LYS K 95 -31.05 -37.55 -26.61
CA LYS K 95 -31.24 -36.28 -27.31
C LYS K 95 -31.03 -36.44 -28.82
N THR K 96 -29.99 -37.17 -29.23
CA THR K 96 -29.84 -37.39 -30.67
C THR K 96 -30.96 -38.27 -31.21
N PHE K 97 -31.41 -39.25 -30.40
CA PHE K 97 -32.47 -40.15 -30.84
C PHE K 97 -33.75 -39.38 -31.17
N VAL K 98 -34.10 -38.40 -30.35
CA VAL K 98 -35.31 -37.63 -30.63
C VAL K 98 -35.05 -36.58 -31.70
N LYS K 99 -33.90 -35.91 -31.67
CA LYS K 99 -33.65 -34.81 -32.60
C LYS K 99 -33.50 -35.30 -34.03
N ASP K 100 -32.99 -36.51 -34.24
CA ASP K 100 -32.78 -36.99 -35.60
C ASP K 100 -34.07 -37.22 -36.37
N ARG K 101 -35.22 -37.21 -35.70
CA ARG K 101 -36.50 -37.39 -36.38
C ARG K 101 -37.61 -36.46 -35.89
N LYS K 102 -37.32 -35.51 -35.00
CA LYS K 102 -38.34 -34.62 -34.46
C LYS K 102 -37.80 -33.19 -34.44
N GLU K 103 -38.70 -32.25 -34.18
CA GLU K 103 -38.40 -30.82 -34.11
C GLU K 103 -38.83 -30.29 -32.76
N ILE K 104 -37.93 -29.59 -32.09
CA ILE K 104 -38.08 -29.23 -30.68
C ILE K 104 -36.98 -28.20 -30.42
N PRO K 105 -37.05 -27.36 -29.38
CA PRO K 105 -35.97 -26.37 -29.18
C PRO K 105 -34.61 -27.03 -29.00
N LEU K 106 -33.61 -26.44 -29.65
CA LEU K 106 -32.30 -27.08 -29.74
C LEU K 106 -31.59 -27.14 -28.40
N ALA K 107 -31.99 -26.33 -27.43
CA ALA K 107 -31.41 -26.33 -26.09
C ALA K 107 -32.20 -27.18 -25.10
N LYS K 108 -33.23 -27.90 -25.55
CA LYS K 108 -33.97 -28.77 -24.65
C LYS K 108 -33.17 -30.04 -24.41
N ASP K 109 -32.93 -30.33 -23.14
CA ASP K 109 -32.09 -31.46 -22.72
C ASP K 109 -32.98 -32.59 -22.22
N PHE K 110 -32.91 -33.73 -22.88
CA PHE K 110 -33.77 -34.88 -22.64
C PHE K 110 -33.01 -35.88 -21.78
N TYR K 111 -33.46 -36.05 -20.55
CA TYR K 111 -32.85 -36.98 -19.62
C TYR K 111 -33.48 -38.36 -19.73
N VAL K 112 -32.71 -39.36 -19.34
CA VAL K 112 -33.13 -40.75 -19.35
C VAL K 112 -32.98 -41.31 -17.94
N ALA K 113 -34.08 -41.79 -17.38
CA ALA K 113 -34.10 -42.49 -16.11
C ALA K 113 -34.42 -43.95 -16.32
N PHE K 114 -34.24 -44.75 -15.28
CA PHE K 114 -34.35 -46.21 -15.38
C PHE K 114 -35.34 -46.76 -14.37
N GLN K 115 -35.86 -47.94 -14.68
CA GLN K 115 -36.88 -48.58 -13.88
C GLN K 115 -36.79 -50.09 -14.04
N ASP K 116 -37.49 -50.79 -13.16
CA ASP K 116 -37.61 -52.25 -13.20
C ASP K 116 -36.27 -52.94 -13.02
N LEU K 117 -35.38 -52.33 -12.25
CA LEU K 117 -34.14 -53.01 -11.88
C LEU K 117 -34.50 -54.19 -10.98
N PRO K 118 -34.03 -55.41 -11.28
CA PRO K 118 -34.56 -56.57 -10.54
C PRO K 118 -34.23 -56.57 -9.07
N THR K 119 -33.04 -56.10 -8.70
CA THR K 119 -32.54 -56.21 -7.34
C THR K 119 -32.81 -54.93 -6.56
N ARG K 120 -32.78 -55.07 -5.23
CA ARG K 120 -32.96 -53.95 -4.31
C ARG K 120 -31.90 -54.06 -3.24
N HIS K 121 -31.63 -52.94 -2.58
CA HIS K 121 -30.66 -52.86 -1.51
C HIS K 121 -31.23 -52.11 -0.33
N LYS K 122 -30.82 -52.50 0.86
CA LYS K 122 -31.18 -51.77 2.06
C LYS K 122 -30.46 -50.43 2.07
N ILE K 123 -30.93 -49.52 2.91
CA ILE K 123 -30.23 -48.25 3.07
C ILE K 123 -28.86 -48.49 3.67
N ARG K 124 -28.77 -49.40 4.64
CA ARG K 124 -27.47 -49.68 5.25
C ARG K 124 -26.50 -50.34 4.29
N GLU K 125 -26.98 -50.94 3.21
CA GLU K 125 -26.08 -51.48 2.20
C GLU K 125 -25.43 -50.39 1.35
N LEU K 126 -25.69 -49.11 1.61
CA LEU K 126 -24.89 -48.06 0.98
C LEU K 126 -23.45 -48.21 1.43
N THR K 127 -22.56 -48.35 0.45
CA THR K 127 -21.15 -48.55 0.72
C THR K 127 -20.41 -47.98 -0.47
N SER K 128 -19.16 -47.59 -0.24
CA SER K 128 -18.40 -46.92 -1.29
C SER K 128 -18.21 -47.79 -2.53
N SER K 129 -18.32 -49.10 -2.41
CA SER K 129 -18.33 -49.95 -3.59
C SER K 129 -19.54 -49.68 -4.48
N ARG K 130 -20.63 -49.14 -3.93
CA ARG K 130 -21.83 -48.87 -4.71
C ARG K 130 -21.83 -47.50 -5.38
N ILE K 131 -20.85 -46.63 -5.09
CA ILE K 131 -20.83 -45.31 -5.68
C ILE K 131 -20.74 -45.42 -7.19
N GLY K 132 -21.52 -44.60 -7.87
CA GLY K 132 -21.48 -44.51 -9.32
C GLY K 132 -22.36 -45.50 -10.03
N LEU K 133 -22.38 -46.75 -9.55
CA LEU K 133 -23.16 -47.79 -10.19
C LEU K 133 -24.60 -47.75 -9.70
N LEU K 134 -25.50 -48.11 -10.59
CA LEU K 134 -26.93 -47.97 -10.35
C LEU K 134 -27.36 -48.86 -9.20
N THR K 135 -28.37 -48.42 -8.46
CA THR K 135 -28.89 -49.17 -7.32
C THR K 135 -30.40 -49.14 -7.38
N ARG K 136 -31.06 -49.60 -6.32
CA ARG K 136 -32.49 -49.42 -6.16
C ARG K 136 -32.83 -49.53 -4.68
N ILE K 137 -33.05 -48.40 -4.03
CA ILE K 137 -33.25 -48.37 -2.59
C ILE K 137 -34.74 -48.19 -2.32
N SER K 138 -35.11 -48.29 -1.05
CA SER K 138 -36.51 -48.12 -0.65
C SER K 138 -36.55 -47.66 0.79
N GLY K 139 -36.97 -46.42 1.01
CA GLY K 139 -37.14 -45.90 2.35
C GLY K 139 -38.16 -44.78 2.31
N GLN K 140 -38.87 -44.62 3.41
CA GLN K 140 -39.98 -43.68 3.39
C GLN K 140 -39.47 -42.26 3.30
N VAL K 141 -40.32 -41.39 2.77
CA VAL K 141 -40.02 -39.98 2.64
C VAL K 141 -40.35 -39.29 3.96
N VAL K 142 -39.50 -38.33 4.34
CA VAL K 142 -39.70 -37.52 5.54
C VAL K 142 -40.17 -36.13 5.18
N ARG K 143 -39.44 -35.44 4.30
CA ARG K 143 -39.85 -34.11 3.84
C ARG K 143 -39.25 -33.82 2.48
N THR K 144 -40.04 -33.18 1.63
CA THR K 144 -39.62 -32.73 0.31
C THR K 144 -39.31 -31.23 0.35
N HIS K 145 -38.21 -30.84 -0.26
CA HIS K 145 -37.87 -29.43 -0.37
C HIS K 145 -38.50 -28.83 -1.62
N PRO K 146 -38.57 -27.50 -1.74
CA PRO K 146 -39.21 -26.89 -2.91
C PRO K 146 -38.45 -27.18 -4.19
N VAL K 147 -39.15 -27.01 -5.31
CA VAL K 147 -38.51 -27.09 -6.61
C VAL K 147 -37.58 -25.90 -6.78
N HIS K 148 -36.52 -26.09 -7.54
CA HIS K 148 -35.54 -25.04 -7.81
C HIS K 148 -34.96 -25.26 -9.19
N PRO K 149 -34.40 -24.20 -9.81
CA PRO K 149 -33.46 -24.43 -10.93
C PRO K 149 -32.04 -24.64 -10.44
N GLU K 150 -31.45 -25.81 -10.68
CA GLU K 150 -30.04 -26.07 -10.40
C GLU K 150 -29.23 -25.72 -11.64
N LEU K 151 -28.03 -25.21 -11.41
CA LEU K 151 -27.06 -25.03 -12.49
C LEU K 151 -26.46 -26.39 -12.86
N VAL K 152 -26.38 -26.66 -14.17
CA VAL K 152 -25.78 -27.88 -14.68
C VAL K 152 -24.44 -27.62 -15.35
N SER K 153 -24.35 -26.57 -16.17
CA SER K 153 -23.10 -26.20 -16.80
C SER K 153 -23.22 -24.76 -17.26
N GLY K 154 -22.41 -23.87 -16.70
CA GLY K 154 -22.48 -22.45 -16.95
C GLY K 154 -21.33 -21.96 -17.81
N THR K 155 -21.51 -20.75 -18.32
CA THR K 155 -20.46 -20.04 -19.03
C THR K 155 -19.99 -18.91 -18.13
N PHE K 156 -18.69 -18.68 -18.12
CA PHE K 156 -18.07 -17.73 -17.22
C PHE K 156 -17.24 -16.73 -18.00
N LEU K 157 -16.96 -15.61 -17.37
CA LEU K 157 -16.16 -14.53 -17.92
C LEU K 157 -15.01 -14.26 -16.95
N CYS K 158 -13.79 -14.40 -17.43
CA CYS K 158 -12.63 -14.11 -16.60
C CYS K 158 -12.53 -12.60 -16.41
N LEU K 159 -12.49 -12.14 -15.17
CA LEU K 159 -12.54 -10.71 -14.95
C LEU K 159 -11.22 -10.01 -15.25
N ASP K 160 -10.16 -10.72 -15.61
CA ASP K 160 -8.89 -10.08 -15.94
C ASP K 160 -8.82 -9.72 -17.42
N CYS K 161 -8.86 -10.72 -18.29
CA CYS K 161 -8.75 -10.53 -19.73
C CYS K 161 -10.09 -10.59 -20.46
N GLN K 162 -11.21 -10.69 -19.72
CA GLN K 162 -12.54 -10.67 -20.30
C GLN K 162 -12.74 -11.79 -21.31
N THR K 163 -12.09 -12.92 -21.10
CA THR K 163 -12.24 -14.08 -21.95
C THR K 163 -13.43 -14.92 -21.47
N VAL K 164 -14.11 -15.54 -22.42
CA VAL K 164 -15.34 -16.28 -22.17
C VAL K 164 -15.04 -17.77 -22.20
N ILE K 165 -15.49 -18.47 -21.16
CA ILE K 165 -15.27 -19.91 -20.98
C ILE K 165 -16.63 -20.57 -21.04
N ARG K 166 -16.74 -21.63 -21.83
CA ARG K 166 -18.03 -22.23 -22.19
C ARG K 166 -18.26 -23.52 -21.43
N ASP K 167 -19.40 -23.61 -20.74
CA ASP K 167 -19.97 -24.87 -20.28
C ASP K 167 -19.01 -25.62 -19.34
N VAL K 168 -18.69 -24.97 -18.23
CA VAL K 168 -17.86 -25.59 -17.21
C VAL K 168 -18.79 -26.42 -16.32
N GLU K 169 -18.67 -27.73 -16.39
CA GLU K 169 -19.64 -28.57 -15.71
C GLU K 169 -19.47 -28.46 -14.20
N GLN K 170 -20.57 -28.54 -13.50
CA GLN K 170 -20.59 -28.56 -12.04
C GLN K 170 -20.64 -30.00 -11.57
N GLN K 171 -20.18 -30.21 -10.34
CA GLN K 171 -20.11 -31.51 -9.69
C GLN K 171 -20.86 -31.46 -8.38
N PHE K 172 -22.10 -30.96 -8.45
CA PHE K 172 -22.93 -30.74 -7.28
C PHE K 172 -22.31 -29.72 -6.34
N LYS K 173 -21.53 -28.80 -6.90
CA LYS K 173 -20.98 -27.68 -6.16
C LYS K 173 -20.75 -26.55 -7.15
N TYR K 174 -20.74 -25.31 -6.65
CA TYR K 174 -20.52 -24.17 -7.52
C TYR K 174 -19.06 -24.09 -7.88
N THR K 175 -18.69 -24.80 -8.95
CA THR K 175 -17.29 -24.93 -9.35
C THR K 175 -16.99 -23.98 -10.50
N GLN K 176 -16.04 -23.08 -10.28
CA GLN K 176 -15.48 -22.26 -11.32
C GLN K 176 -14.49 -23.07 -12.14
N PRO K 177 -14.16 -22.66 -13.35
CA PRO K 177 -13.22 -23.47 -14.16
C PRO K 177 -11.84 -23.51 -13.54
N ASN K 178 -11.10 -24.55 -13.90
CA ASN K 178 -9.83 -24.79 -13.24
C ASN K 178 -8.81 -23.71 -13.56
N ILE K 179 -8.92 -23.06 -14.72
CA ILE K 179 -8.07 -21.93 -15.05
C ILE K 179 -8.68 -21.19 -16.24
N CYS K 180 -8.40 -19.89 -16.33
CA CYS K 180 -8.89 -19.10 -17.45
C CYS K 180 -8.36 -19.64 -18.76
N ARG K 181 -9.23 -19.68 -19.77
CA ARG K 181 -8.89 -20.35 -21.01
C ARG K 181 -7.79 -19.65 -21.78
N ASN K 182 -7.54 -18.38 -21.52
CA ASN K 182 -6.39 -17.71 -22.12
C ASN K 182 -5.12 -18.36 -21.60
N PRO K 183 -4.19 -18.78 -22.47
CA PRO K 183 -2.93 -19.34 -21.94
C PRO K 183 -2.14 -18.37 -21.09
N VAL K 184 -1.96 -17.13 -21.55
CA VAL K 184 -1.27 -16.13 -20.73
C VAL K 184 -2.34 -15.44 -19.87
N CYS K 185 -2.83 -16.18 -18.89
CA CYS K 185 -3.73 -15.69 -17.87
C CYS K 185 -3.89 -16.84 -16.90
N ALA K 186 -3.69 -16.59 -15.61
CA ALA K 186 -3.68 -17.64 -14.61
C ALA K 186 -4.89 -17.52 -13.69
N ASN K 187 -5.98 -16.97 -14.18
CA ASN K 187 -7.10 -16.66 -13.31
C ASN K 187 -7.78 -17.93 -12.84
N ARG K 188 -7.85 -18.08 -11.52
CA ARG K 188 -8.66 -19.10 -10.88
C ARG K 188 -9.43 -18.51 -9.70
N ARG K 189 -9.62 -17.18 -9.69
CA ARG K 189 -10.06 -16.46 -8.50
C ARG K 189 -11.11 -15.41 -8.78
N ARG K 190 -11.36 -15.02 -10.04
CA ARG K 190 -12.18 -13.85 -10.35
C ARG K 190 -12.94 -14.13 -11.65
N PHE K 191 -14.16 -14.66 -11.50
CA PHE K 191 -15.01 -15.05 -12.61
C PHE K 191 -16.39 -14.48 -12.41
N LEU K 192 -17.11 -14.31 -13.53
CA LEU K 192 -18.49 -13.84 -13.53
C LEU K 192 -19.34 -14.83 -14.31
N LEU K 193 -20.40 -15.33 -13.69
CA LEU K 193 -21.28 -16.26 -14.37
C LEU K 193 -22.20 -15.48 -15.31
N ASP K 194 -22.17 -15.82 -16.60
CA ASP K 194 -23.12 -15.24 -17.55
C ASP K 194 -24.43 -16.02 -17.39
N THR K 195 -25.22 -15.55 -16.43
CA THR K 195 -26.42 -16.27 -16.01
C THR K 195 -27.42 -16.47 -17.13
N ASN K 196 -27.44 -15.60 -18.14
CA ASN K 196 -28.34 -15.78 -19.26
C ASN K 196 -27.91 -16.95 -20.13
N LYS K 197 -26.60 -17.10 -20.35
CA LYS K 197 -26.10 -18.17 -21.19
C LYS K 197 -25.97 -19.50 -20.45
N SER K 198 -25.98 -19.48 -19.12
CA SER K 198 -25.92 -20.73 -18.38
C SER K 198 -27.21 -21.52 -18.56
N ARG K 199 -27.11 -22.84 -18.38
CA ARG K 199 -28.23 -23.75 -18.54
C ARG K 199 -28.58 -24.37 -17.19
N PHE K 200 -29.85 -24.76 -17.06
CA PHE K 200 -30.45 -25.11 -15.79
C PHE K 200 -31.16 -26.45 -15.90
N VAL K 201 -31.56 -26.99 -14.74
CA VAL K 201 -32.38 -28.19 -14.69
C VAL K 201 -33.23 -28.13 -13.43
N ASP K 202 -34.45 -28.65 -13.51
CA ASP K 202 -35.32 -28.71 -12.34
C ASP K 202 -34.71 -29.62 -11.29
N PHE K 203 -34.87 -29.26 -10.02
CA PHE K 203 -34.13 -29.92 -8.95
C PHE K 203 -34.90 -29.83 -7.64
N GLN K 204 -34.95 -30.94 -6.92
CA GLN K 204 -35.59 -30.98 -5.60
C GLN K 204 -34.96 -32.09 -4.79
N LYS K 205 -34.54 -31.79 -3.56
CA LYS K 205 -33.96 -32.78 -2.67
C LYS K 205 -34.99 -33.18 -1.62
N VAL K 206 -35.19 -34.48 -1.47
CA VAL K 206 -36.15 -35.04 -0.53
C VAL K 206 -35.39 -35.98 0.39
N ARG K 207 -35.65 -35.87 1.70
CA ARG K 207 -34.87 -36.54 2.73
C ARG K 207 -35.57 -37.80 3.18
N ILE K 208 -35.08 -38.96 2.75
CA ILE K 208 -35.71 -40.22 3.04
C ILE K 208 -34.99 -40.91 4.19
N GLN K 209 -35.61 -41.94 4.75
CA GLN K 209 -34.99 -42.71 5.82
C GLN K 209 -35.38 -44.18 5.70
N GLU K 210 -34.59 -45.01 6.36
CA GLU K 210 -34.80 -46.45 6.33
C GLU K 210 -36.15 -46.81 6.92
N THR K 211 -36.85 -47.72 6.25
CA THR K 211 -38.16 -48.14 6.73
C THR K 211 -38.00 -48.99 8.01
N GLN K 212 -39.14 -49.43 8.55
CA GLN K 212 -39.10 -50.20 9.80
C GLN K 212 -38.50 -51.59 9.58
N ALA K 213 -38.89 -52.26 8.49
CA ALA K 213 -38.52 -53.65 8.29
C ALA K 213 -37.02 -53.81 8.13
N GLU K 214 -36.38 -52.90 7.41
CA GLU K 214 -34.95 -53.00 7.15
C GLU K 214 -34.09 -52.59 8.33
N LEU K 215 -34.68 -52.16 9.45
CA LEU K 215 -33.90 -51.68 10.57
C LEU K 215 -33.26 -52.86 11.30
N PRO K 216 -31.94 -52.90 11.46
CA PRO K 216 -31.35 -53.90 12.35
C PRO K 216 -31.53 -53.52 13.81
N ARG K 217 -31.38 -54.53 14.66
CA ARG K 217 -31.61 -54.41 16.10
C ARG K 217 -30.79 -53.28 16.73
N GLY K 218 -31.47 -52.46 17.52
CA GLY K 218 -30.83 -51.46 18.36
C GLY K 218 -30.61 -50.11 17.71
N SER K 219 -30.84 -49.99 16.42
CA SER K 219 -30.36 -48.86 15.64
C SER K 219 -31.42 -47.79 15.41
N ILE K 220 -30.96 -46.55 15.30
CA ILE K 220 -31.76 -45.44 14.78
C ILE K 220 -31.83 -45.66 13.28
N PRO K 221 -32.89 -45.25 12.58
CA PRO K 221 -32.88 -45.41 11.12
C PRO K 221 -31.85 -44.53 10.44
N ARG K 222 -31.35 -45.03 9.31
CA ARG K 222 -30.39 -44.32 8.49
C ARG K 222 -31.13 -43.40 7.52
N SER K 223 -30.87 -42.10 7.61
CA SER K 223 -31.56 -41.07 6.84
C SER K 223 -30.57 -40.38 5.93
N LEU K 224 -30.94 -40.25 4.65
CA LEU K 224 -30.08 -39.59 3.67
C LEU K 224 -30.93 -38.79 2.71
N GLU K 225 -30.28 -37.83 2.05
CA GLU K 225 -30.97 -36.78 1.31
C GLU K 225 -30.91 -37.08 -0.18
N VAL K 226 -31.90 -37.82 -0.67
CA VAL K 226 -31.90 -38.17 -2.08
C VAL K 226 -32.24 -36.92 -2.89
N ILE K 227 -31.74 -36.87 -4.13
CA ILE K 227 -31.91 -35.76 -5.05
C ILE K 227 -32.84 -36.20 -6.17
N LEU K 228 -33.59 -35.26 -6.72
CA LEU K 228 -34.52 -35.49 -7.81
C LEU K 228 -34.31 -34.43 -8.86
N ARG K 229 -34.33 -34.85 -10.12
CA ARG K 229 -33.90 -34.02 -11.23
C ARG K 229 -34.84 -34.22 -12.41
N ALA K 230 -35.18 -33.13 -13.10
CA ALA K 230 -36.00 -33.17 -14.31
C ALA K 230 -37.44 -33.56 -13.98
N GLU K 231 -38.09 -34.43 -14.77
CA GLU K 231 -39.51 -34.68 -14.57
C GLU K 231 -39.82 -35.35 -13.23
N ALA K 232 -38.83 -35.92 -12.56
CA ALA K 232 -39.03 -36.51 -11.24
C ALA K 232 -38.98 -35.49 -10.11
N VAL K 233 -39.06 -34.19 -10.41
CA VAL K 233 -38.86 -33.15 -9.40
C VAL K 233 -39.96 -33.10 -8.35
N GLU K 234 -41.06 -33.81 -8.53
CA GLU K 234 -42.17 -33.73 -7.60
C GLU K 234 -42.90 -35.05 -7.40
N SER K 235 -42.42 -36.16 -7.95
CA SER K 235 -43.15 -37.40 -7.90
C SER K 235 -43.24 -38.00 -6.49
N ALA K 236 -42.42 -37.54 -5.55
CA ALA K 236 -42.38 -38.06 -4.19
C ALA K 236 -42.89 -37.00 -3.23
N GLN K 237 -43.63 -37.43 -2.21
CA GLN K 237 -44.22 -36.52 -1.24
C GLN K 237 -44.08 -37.12 0.15
N ALA K 238 -44.46 -36.32 1.15
CA ALA K 238 -44.31 -36.73 2.54
C ALA K 238 -45.12 -37.99 2.82
N GLY K 239 -44.47 -38.96 3.46
CA GLY K 239 -45.10 -40.20 3.83
C GLY K 239 -45.08 -41.27 2.75
N ASP K 240 -45.02 -40.87 1.48
CA ASP K 240 -45.09 -41.83 0.38
C ASP K 240 -43.88 -42.74 0.42
N LYS K 241 -44.07 -43.97 0.84
CA LYS K 241 -43.00 -44.95 0.86
C LYS K 241 -42.68 -45.29 -0.59
N CYS K 242 -41.59 -44.73 -1.09
CA CYS K 242 -41.22 -44.76 -2.50
C CYS K 242 -39.98 -45.61 -2.69
N ASP K 243 -39.57 -45.76 -3.94
CA ASP K 243 -38.51 -46.68 -4.35
C ASP K 243 -37.64 -45.93 -5.36
N PHE K 244 -36.57 -45.32 -4.85
CA PHE K 244 -35.71 -44.45 -5.65
C PHE K 244 -34.66 -45.29 -6.34
N THR K 245 -34.77 -45.41 -7.67
CA THR K 245 -33.81 -46.17 -8.46
C THR K 245 -32.85 -45.18 -9.11
N GLY K 246 -31.85 -44.76 -8.34
CA GLY K 246 -30.87 -43.77 -8.77
C GLY K 246 -29.45 -44.27 -8.75
N THR K 247 -28.57 -43.54 -8.10
CA THR K 247 -27.18 -43.94 -7.98
C THR K 247 -26.52 -43.15 -6.87
N LEU K 248 -25.86 -43.87 -5.97
CA LEU K 248 -25.20 -43.21 -4.85
C LEU K 248 -24.09 -42.31 -5.36
N ILE K 249 -23.83 -41.24 -4.61
CA ILE K 249 -23.00 -40.14 -5.08
C ILE K 249 -22.46 -39.42 -3.86
N VAL K 250 -21.18 -39.07 -3.91
CA VAL K 250 -20.56 -38.29 -2.85
C VAL K 250 -20.51 -36.85 -3.30
N VAL K 251 -20.96 -35.95 -2.43
CA VAL K 251 -20.97 -34.51 -2.68
C VAL K 251 -19.83 -33.93 -1.87
N PRO K 252 -19.21 -32.81 -2.29
CA PRO K 252 -18.31 -32.11 -1.36
C PRO K 252 -19.02 -31.72 -0.08
N ASP K 253 -18.25 -31.54 1.00
CA ASP K 253 -18.79 -31.49 2.35
C ASP K 253 -18.34 -30.22 3.06
N VAL K 254 -18.55 -30.15 4.37
CA VAL K 254 -18.43 -28.92 5.15
C VAL K 254 -17.01 -28.74 5.67
N SER K 255 -16.72 -27.53 6.13
CA SER K 255 -15.50 -27.20 6.87
C SER K 255 -15.66 -27.41 8.37
N LYS K 256 -16.53 -28.33 8.77
CA LYS K 256 -16.94 -28.53 10.15
C LYS K 256 -16.18 -29.67 10.84
N LEU K 257 -15.30 -30.37 10.14
CA LEU K 257 -14.58 -31.52 10.69
C LEU K 257 -13.36 -31.03 11.46
N SER K 258 -13.25 -31.45 12.73
CA SER K 258 -12.14 -31.01 13.56
C SER K 258 -10.87 -31.82 13.32
N THR K 259 -11.02 -33.11 13.06
CA THR K 259 -9.85 -33.95 12.84
C THR K 259 -9.29 -33.66 11.45
N PRO K 260 -8.00 -33.35 11.31
CA PRO K 260 -7.49 -33.01 9.97
C PRO K 260 -7.35 -34.28 9.13
N GLY K 261 -8.08 -34.33 8.03
CA GLY K 261 -8.11 -35.51 7.18
C GLY K 261 -8.09 -35.21 5.70
N ALA K 262 -7.21 -35.92 4.98
CA ALA K 262 -7.19 -35.96 3.53
C ALA K 262 -7.07 -34.56 2.92
N ARG K 263 -5.90 -33.97 3.08
CA ARG K 263 -5.57 -32.77 2.34
C ARG K 263 -5.27 -33.14 0.90
N ALA K 264 -5.88 -32.43 -0.04
CA ALA K 264 -5.52 -32.49 -1.45
C ALA K 264 -4.68 -31.26 -1.75
N GLU K 265 -3.48 -31.48 -2.27
CA GLU K 265 -2.49 -30.43 -2.46
C GLU K 265 -1.86 -30.54 -3.84
N THR K 266 -0.87 -29.71 -4.13
CA THR K 266 -0.27 -29.61 -5.46
C THR K 266 1.01 -30.41 -5.56
N ASN K 267 1.26 -30.96 -6.75
CA ASN K 267 2.42 -31.81 -6.97
C ASN K 267 3.63 -31.06 -7.50
N SER K 268 3.51 -29.76 -7.79
CA SER K 268 4.56 -29.07 -8.52
C SER K 268 5.82 -28.81 -7.70
N ARG K 269 5.80 -29.06 -6.39
CA ARG K 269 6.97 -28.94 -5.53
C ARG K 269 7.48 -27.51 -5.43
N VAL K 270 6.64 -26.53 -5.76
CA VAL K 270 7.07 -25.14 -5.76
C VAL K 270 7.31 -24.69 -4.33
N SER K 271 8.41 -23.98 -4.11
CA SER K 271 8.80 -23.53 -2.78
C SER K 271 8.42 -22.06 -2.61
N GLY K 272 8.83 -21.48 -1.48
CA GLY K 272 8.57 -20.09 -1.16
C GLY K 272 9.85 -19.34 -0.87
N VAL K 273 9.99 -18.14 -1.43
CA VAL K 273 11.20 -17.36 -1.28
C VAL K 273 11.16 -16.60 0.04
N ASP K 274 12.29 -16.00 0.40
CA ASP K 274 12.36 -15.17 1.59
C ASP K 274 11.31 -14.06 1.53
N GLY K 275 10.59 -13.87 2.64
CA GLY K 275 9.45 -12.98 2.68
C GLY K 275 8.14 -13.63 2.32
N TYR K 276 8.16 -14.62 1.44
CA TYR K 276 6.98 -15.39 1.10
C TYR K 276 7.25 -16.85 1.38
N GLU K 277 7.82 -17.13 2.55
CA GLU K 277 7.99 -18.50 2.99
C GLU K 277 6.62 -19.17 3.07
N THR K 278 6.51 -20.33 2.46
CA THR K 278 5.25 -21.05 2.33
C THR K 278 4.97 -21.80 3.64
N GLU K 279 4.73 -21.02 4.70
CA GLU K 279 4.40 -21.57 6.01
C GLU K 279 3.30 -20.70 6.61
N GLY K 280 2.13 -21.27 6.81
CA GLY K 280 0.97 -20.59 7.34
C GLY K 280 -0.15 -20.55 6.33
N ILE K 281 -1.14 -19.69 6.59
CA ILE K 281 -2.32 -19.59 5.73
C ILE K 281 -1.91 -19.18 4.33
N ARG K 282 -0.91 -18.30 4.22
CA ARG K 282 -0.35 -17.93 2.92
C ARG K 282 0.11 -19.17 2.18
N GLY K 283 0.84 -20.05 2.86
CA GLY K 283 1.35 -21.25 2.20
C GLY K 283 0.24 -22.20 1.80
N LEU K 284 -0.76 -22.36 2.68
CA LEU K 284 -1.87 -23.25 2.37
C LEU K 284 -2.60 -22.77 1.12
N ARG K 285 -2.89 -21.48 1.04
CA ARG K 285 -3.56 -20.98 -0.15
C ARG K 285 -2.66 -21.08 -1.37
N ALA K 286 -1.35 -20.87 -1.19
CA ALA K 286 -0.43 -20.90 -2.33
C ALA K 286 -0.38 -22.27 -2.95
N LEU K 287 -0.15 -23.30 -2.14
CA LEU K 287 -0.24 -24.66 -2.65
C LEU K 287 -1.66 -25.05 -3.03
N GLY K 288 -2.66 -24.31 -2.59
CA GLY K 288 -4.03 -24.67 -2.85
C GLY K 288 -4.41 -25.94 -2.13
N VAL K 289 -3.91 -26.12 -0.90
CA VAL K 289 -4.27 -27.30 -0.14
C VAL K 289 -5.69 -27.13 0.39
N ARG K 290 -6.50 -28.15 0.19
CA ARG K 290 -7.90 -28.12 0.58
C ARG K 290 -8.24 -29.43 1.26
N ASP K 291 -9.36 -29.44 1.98
CA ASP K 291 -9.81 -30.66 2.64
C ASP K 291 -10.60 -31.51 1.66
N LEU K 292 -10.63 -32.82 1.92
CA LEU K 292 -11.44 -33.77 1.17
C LEU K 292 -12.35 -34.47 2.17
N SER K 293 -13.41 -33.80 2.55
CA SER K 293 -14.51 -34.38 3.30
C SER K 293 -15.65 -34.70 2.33
N TYR K 294 -16.54 -35.59 2.76
CA TYR K 294 -17.57 -36.09 1.88
C TYR K 294 -18.75 -36.58 2.71
N ARG K 295 -19.92 -36.57 2.09
CA ARG K 295 -21.07 -37.30 2.58
C ARG K 295 -21.70 -38.00 1.39
N LEU K 296 -22.52 -38.99 1.67
CA LEU K 296 -23.17 -39.81 0.66
C LEU K 296 -24.59 -39.30 0.44
N VAL K 297 -24.89 -38.89 -0.80
CA VAL K 297 -26.22 -38.46 -1.21
C VAL K 297 -26.63 -39.30 -2.39
N PHE K 298 -27.93 -39.42 -2.59
CA PHE K 298 -28.53 -40.29 -3.58
C PHE K 298 -29.09 -39.44 -4.72
N LEU K 299 -28.80 -39.82 -5.95
CA LEU K 299 -29.23 -39.08 -7.13
C LEU K 299 -30.33 -39.89 -7.82
N ALA K 300 -31.56 -39.71 -7.37
CA ALA K 300 -32.66 -40.44 -7.97
C ALA K 300 -32.95 -39.91 -9.37
N CYS K 301 -33.48 -40.78 -10.22
CA CYS K 301 -33.88 -40.42 -11.57
C CYS K 301 -35.29 -40.83 -11.94
N CYS K 302 -35.88 -41.84 -11.29
CA CYS K 302 -37.29 -42.13 -11.49
C CYS K 302 -37.85 -42.77 -10.23
N VAL K 303 -38.72 -42.05 -9.56
CA VAL K 303 -39.35 -42.50 -8.32
C VAL K 303 -40.61 -43.28 -8.66
N ALA K 304 -40.99 -44.18 -7.77
CA ALA K 304 -42.21 -44.96 -7.90
C ALA K 304 -42.69 -45.29 -6.49
N PRO K 305 -43.95 -45.70 -6.33
CA PRO K 305 -44.38 -46.19 -5.01
C PRO K 305 -43.74 -47.53 -4.69
N THR K 306 -43.59 -47.78 -3.38
CA THR K 306 -43.02 -49.05 -2.93
C THR K 306 -43.89 -50.20 -3.37
N ASN K 307 -45.11 -50.26 -2.82
CA ASN K 307 -46.12 -51.19 -3.29
C ASN K 307 -46.96 -50.48 -4.35
N PRO K 308 -47.10 -51.01 -5.58
CA PRO K 308 -47.75 -50.21 -6.62
C PRO K 308 -49.22 -50.00 -6.32
N ARG K 309 -49.57 -48.77 -5.95
CA ARG K 309 -50.96 -48.43 -5.65
C ARG K 309 -51.85 -48.73 -6.84
N PHE K 310 -52.69 -49.75 -6.68
CA PHE K 310 -53.66 -50.24 -7.68
C PHE K 310 -53.11 -50.20 -9.10
N GLY K 311 -51.91 -50.74 -9.25
CA GLY K 311 -51.27 -50.84 -10.56
C GLY K 311 -51.01 -49.49 -11.21
N THR K 321 -60.82 -38.04 -9.30
CA THR K 321 -62.24 -38.24 -9.61
C THR K 321 -62.55 -39.72 -9.79
N ALA K 322 -63.84 -40.04 -9.82
CA ALA K 322 -64.26 -41.43 -9.99
C ALA K 322 -63.76 -41.98 -11.31
N GLU K 323 -63.88 -41.18 -12.38
CA GLU K 323 -63.36 -41.61 -13.67
C GLU K 323 -61.84 -41.68 -13.67
N SER K 324 -61.18 -40.81 -12.91
CA SER K 324 -59.72 -40.88 -12.81
C SER K 324 -59.28 -42.22 -12.21
N ILE K 325 -59.92 -42.62 -11.11
CA ILE K 325 -59.58 -43.92 -10.51
C ILE K 325 -59.96 -45.05 -11.45
N LYS K 326 -61.12 -44.93 -12.12
CA LYS K 326 -61.57 -45.96 -13.04
C LYS K 326 -60.56 -46.16 -14.17
N ASN K 327 -59.97 -45.08 -14.66
CA ASN K 327 -58.96 -45.20 -15.71
C ASN K 327 -57.65 -45.73 -15.15
N GLN K 328 -57.26 -45.28 -13.95
CA GLN K 328 -55.97 -45.68 -13.40
C GLN K 328 -55.93 -47.17 -13.09
N MET K 329 -57.00 -47.73 -12.55
CA MET K 329 -57.03 -49.15 -12.24
C MET K 329 -57.20 -49.98 -13.51
N THR K 330 -56.76 -51.24 -13.44
CA THR K 330 -56.80 -52.14 -14.59
C THR K 330 -58.19 -52.76 -14.72
N VAL K 331 -58.36 -53.59 -15.76
CA VAL K 331 -59.67 -54.15 -16.07
C VAL K 331 -60.11 -55.17 -15.02
N LYS K 332 -59.20 -56.04 -14.59
CA LYS K 332 -59.57 -57.05 -13.59
C LYS K 332 -59.89 -56.41 -12.26
N GLU K 333 -59.05 -55.47 -11.82
CA GLU K 333 -59.33 -54.75 -10.59
C GLU K 333 -60.64 -53.96 -10.71
N TRP K 334 -60.89 -53.37 -11.89
CA TRP K 334 -62.11 -52.62 -12.10
C TRP K 334 -63.33 -53.51 -11.99
N GLU K 335 -63.30 -54.69 -12.62
CA GLU K 335 -64.47 -55.57 -12.56
C GLU K 335 -64.64 -56.16 -11.17
N LYS K 336 -63.53 -56.40 -10.46
CA LYS K 336 -63.63 -56.84 -9.07
C LYS K 336 -64.29 -55.78 -8.20
N VAL K 337 -63.87 -54.52 -8.36
CA VAL K 337 -64.47 -53.42 -7.61
C VAL K 337 -65.95 -53.32 -7.94
N PHE K 338 -66.28 -53.40 -9.23
CA PHE K 338 -67.66 -53.27 -9.67
C PHE K 338 -68.55 -54.37 -9.09
N GLU K 339 -68.11 -55.63 -9.22
CA GLU K 339 -68.95 -56.72 -8.76
C GLU K 339 -69.08 -56.73 -7.24
N MET K 340 -68.01 -56.43 -6.50
CA MET K 340 -68.15 -56.39 -5.05
C MET K 340 -69.05 -55.23 -4.63
N SER K 341 -68.96 -54.10 -5.35
CA SER K 341 -69.86 -52.98 -5.10
C SER K 341 -71.30 -53.42 -5.24
N GLN K 342 -71.60 -54.19 -6.28
CA GLN K 342 -72.96 -54.67 -6.46
C GLN K 342 -73.33 -55.72 -5.44
N ASP K 343 -72.36 -56.44 -4.88
CA ASP K 343 -72.66 -57.59 -4.03
C ASP K 343 -73.39 -57.17 -2.76
N LYS K 344 -74.28 -58.04 -2.30
CA LYS K 344 -75.09 -57.78 -1.12
C LYS K 344 -74.32 -58.19 0.13
N ASN K 345 -74.84 -57.78 1.30
CA ASN K 345 -74.27 -58.03 2.64
C ASN K 345 -72.77 -57.72 2.72
N LEU K 346 -72.32 -56.77 1.90
CA LEU K 346 -70.92 -56.38 1.90
C LEU K 346 -70.54 -55.72 3.21
N TYR K 347 -71.52 -55.19 3.96
CA TYR K 347 -71.30 -54.71 5.32
C TYR K 347 -70.65 -55.80 6.17
N HIS K 348 -71.32 -56.95 6.28
CA HIS K 348 -70.79 -58.05 7.08
C HIS K 348 -69.52 -58.61 6.46
N ASN K 349 -69.49 -58.72 5.13
CA ASN K 349 -68.30 -59.29 4.47
C ASN K 349 -67.06 -58.45 4.75
N LEU K 350 -67.19 -57.13 4.62
CA LEU K 350 -66.06 -56.26 4.90
C LEU K 350 -65.72 -56.23 6.38
N CYS K 351 -66.73 -56.35 7.26
CA CYS K 351 -66.43 -56.45 8.68
C CYS K 351 -65.52 -57.63 8.96
N THR K 352 -65.87 -58.81 8.45
CA THR K 352 -65.03 -59.98 8.70
C THR K 352 -63.71 -59.90 7.93
N SER K 353 -63.66 -59.17 6.81
CA SER K 353 -62.40 -58.97 6.12
C SER K 353 -61.46 -58.09 6.94
N LEU K 354 -61.96 -56.97 7.45
CA LEU K 354 -61.12 -56.00 8.10
C LEU K 354 -60.79 -56.35 9.54
N PHE K 355 -61.57 -57.22 10.19
CA PHE K 355 -61.25 -57.72 11.52
C PHE K 355 -61.51 -59.22 11.57
N PRO K 356 -60.68 -60.02 10.88
CA PRO K 356 -60.86 -61.46 10.97
C PRO K 356 -60.41 -62.06 12.29
N THR K 357 -59.51 -61.39 13.01
CA THR K 357 -58.98 -61.92 14.26
C THR K 357 -59.78 -61.48 15.47
N ILE K 358 -60.34 -60.29 15.45
CA ILE K 358 -61.13 -59.80 16.57
C ILE K 358 -62.49 -60.48 16.53
N HIS K 359 -63.12 -60.59 17.70
CA HIS K 359 -64.42 -61.23 17.87
C HIS K 359 -65.29 -60.32 18.73
N GLY K 360 -66.57 -60.24 18.41
CA GLY K 360 -67.45 -59.33 19.10
C GLY K 360 -67.20 -57.90 18.66
N ASN K 361 -67.91 -56.96 19.30
CA ASN K 361 -67.85 -55.55 18.95
C ASN K 361 -68.21 -55.33 17.49
N ASP K 362 -69.19 -56.10 16.99
CA ASP K 362 -69.57 -56.02 15.60
C ASP K 362 -70.08 -54.64 15.24
N GLU K 363 -70.88 -54.03 16.12
CA GLU K 363 -71.35 -52.66 15.88
C GLU K 363 -70.18 -51.69 15.78
N VAL K 364 -69.14 -51.90 16.58
CA VAL K 364 -67.96 -51.04 16.49
C VAL K 364 -67.26 -51.25 15.15
N LYS K 365 -67.21 -52.50 14.67
CA LYS K 365 -66.68 -52.74 13.33
C LYS K 365 -67.48 -51.98 12.29
N ARG K 366 -68.80 -52.03 12.40
CA ARG K 366 -69.68 -51.29 11.50
C ARG K 366 -69.36 -49.81 11.51
N GLY K 367 -69.32 -49.22 12.71
CA GLY K 367 -69.10 -47.79 12.82
C GLY K 367 -67.74 -47.35 12.30
N VAL K 368 -66.69 -48.11 12.61
CA VAL K 368 -65.36 -47.75 12.15
C VAL K 368 -65.27 -47.90 10.64
N LEU K 369 -65.95 -48.92 10.09
CA LEU K 369 -66.02 -49.06 8.64
C LEU K 369 -66.71 -47.87 7.97
N LEU K 370 -67.82 -47.41 8.55
CA LEU K 370 -68.51 -46.27 7.97
C LEU K 370 -67.64 -45.02 8.05
N MET K 371 -66.90 -44.87 9.14
CA MET K 371 -65.98 -43.75 9.25
C MET K 371 -64.88 -43.85 8.20
N LEU K 372 -64.37 -45.07 7.96
CA LEU K 372 -63.34 -45.24 6.94
C LEU K 372 -63.83 -44.83 5.57
N PHE K 373 -65.04 -45.26 5.20
CA PHE K 373 -65.58 -44.79 3.93
C PHE K 373 -65.93 -43.32 3.96
N GLY K 374 -66.14 -42.74 5.13
CA GLY K 374 -66.32 -41.31 5.24
C GLY K 374 -67.58 -40.77 4.59
N GLY K 375 -67.87 -39.51 4.84
CA GLY K 375 -68.99 -38.80 4.26
C GLY K 375 -68.56 -37.91 3.12
N VAL K 376 -69.26 -36.80 2.95
CA VAL K 376 -69.02 -35.84 1.87
C VAL K 376 -68.81 -34.46 2.49
N PRO K 377 -67.70 -33.75 2.23
CA PRO K 377 -67.59 -32.38 2.74
C PRO K 377 -68.47 -31.44 1.93
N LYS K 378 -69.03 -30.45 2.61
CA LYS K 378 -70.05 -29.57 2.04
C LYS K 378 -69.65 -28.12 2.29
N THR K 379 -69.86 -27.28 1.29
CA THR K 379 -69.63 -25.84 1.38
C THR K 379 -70.90 -25.10 1.03
N THR K 380 -71.14 -23.99 1.73
CA THR K 380 -72.40 -23.28 1.68
C THR K 380 -72.30 -22.07 0.75
N GLY K 381 -73.43 -21.38 0.59
CA GLY K 381 -73.38 -20.07 -0.04
C GLY K 381 -72.57 -19.09 0.78
N GLU K 382 -72.64 -19.21 2.11
CA GLU K 382 -71.80 -18.42 2.99
C GLU K 382 -70.36 -18.92 3.03
N GLY K 383 -70.12 -20.17 2.62
CA GLY K 383 -68.78 -20.71 2.55
C GLY K 383 -68.28 -21.37 3.81
N THR K 384 -69.07 -21.39 4.88
CA THR K 384 -68.64 -22.04 6.12
C THR K 384 -68.44 -23.53 5.89
N SER K 385 -67.35 -24.05 6.44
CA SER K 385 -67.04 -25.47 6.30
C SER K 385 -68.09 -26.30 7.03
N LEU K 386 -68.50 -27.40 6.39
CA LEU K 386 -69.45 -28.33 6.97
C LEU K 386 -68.87 -29.74 6.80
N ARG K 387 -68.44 -30.32 7.92
CA ARG K 387 -67.59 -31.50 7.89
C ARG K 387 -68.31 -32.71 7.34
N GLY K 388 -67.59 -33.52 6.58
CA GLY K 388 -68.10 -34.75 6.02
C GLY K 388 -67.54 -35.98 6.70
N ASP K 389 -66.28 -35.92 7.12
CA ASP K 389 -65.64 -37.07 7.73
C ASP K 389 -66.16 -37.30 9.15
N ILE K 390 -66.08 -38.56 9.58
CA ILE K 390 -66.61 -39.03 10.86
C ILE K 390 -65.43 -39.24 11.81
N ASN K 391 -65.71 -39.06 13.11
CA ASN K 391 -64.72 -39.26 14.16
C ASN K 391 -65.29 -40.20 15.21
N VAL K 392 -64.50 -41.21 15.57
CA VAL K 392 -64.95 -42.32 16.40
C VAL K 392 -64.03 -42.44 17.60
N CYS K 393 -64.62 -42.68 18.76
CA CYS K 393 -63.89 -42.91 20.01
C CYS K 393 -64.33 -44.25 20.58
N ILE K 394 -63.37 -44.97 21.15
CA ILE K 394 -63.59 -46.25 21.81
C ILE K 394 -63.08 -46.12 23.23
N VAL K 395 -63.95 -46.46 24.19
CA VAL K 395 -63.59 -46.52 25.60
C VAL K 395 -63.98 -47.90 26.08
N GLY K 396 -63.30 -48.39 27.10
CA GLY K 396 -63.66 -49.68 27.63
C GLY K 396 -62.68 -50.15 28.68
N ASP K 397 -63.02 -51.29 29.24
CA ASP K 397 -62.16 -51.93 30.22
C ASP K 397 -60.91 -52.46 29.52
N PRO K 398 -59.79 -52.62 30.24
CA PRO K 398 -58.53 -52.90 29.57
C PRO K 398 -58.51 -54.27 28.92
N SER K 399 -57.72 -54.38 27.87
CA SER K 399 -57.60 -55.60 27.09
C SER K 399 -58.94 -55.98 26.46
N THR K 400 -59.47 -55.04 25.66
CA THR K 400 -60.68 -55.26 24.88
C THR K 400 -60.46 -55.00 23.39
N ALA K 401 -59.20 -55.05 22.94
CA ALA K 401 -58.81 -54.98 21.53
C ALA K 401 -58.92 -53.57 20.95
N LYS K 402 -58.93 -52.53 21.80
CA LYS K 402 -58.93 -51.15 21.30
C LYS K 402 -57.72 -50.89 20.42
N SER K 403 -56.53 -51.16 20.96
CA SER K 403 -55.31 -50.97 20.19
C SER K 403 -55.28 -51.89 18.97
N GLN K 404 -55.93 -53.05 19.03
CA GLN K 404 -55.95 -53.92 17.86
C GLN K 404 -56.82 -53.33 16.76
N PHE K 405 -57.98 -52.74 17.11
CA PHE K 405 -58.77 -52.04 16.12
C PHE K 405 -57.95 -50.93 15.46
N LEU K 406 -57.24 -50.16 16.29
CA LEU K 406 -56.44 -49.07 15.75
C LEU K 406 -55.34 -49.59 14.82
N LYS K 407 -54.67 -50.67 15.22
CA LYS K 407 -53.60 -51.23 14.38
C LYS K 407 -54.18 -51.78 13.07
N HIS K 408 -55.36 -52.37 13.13
CA HIS K 408 -55.99 -52.88 11.92
C HIS K 408 -56.24 -51.76 10.92
N VAL K 409 -56.81 -50.65 11.38
CA VAL K 409 -57.06 -49.55 10.44
C VAL K 409 -55.74 -48.96 9.97
N GLU K 410 -54.74 -48.91 10.84
CA GLU K 410 -53.43 -48.39 10.49
C GLU K 410 -52.86 -49.14 9.30
N GLU K 411 -52.77 -50.47 9.41
CA GLU K 411 -52.17 -51.22 8.31
C GLU K 411 -53.09 -51.23 7.10
N PHE K 412 -54.40 -51.12 7.31
CA PHE K 412 -55.34 -51.09 6.20
C PHE K 412 -55.04 -49.92 5.29
N SER K 413 -55.28 -48.69 5.77
CA SER K 413 -55.42 -47.67 4.74
C SER K 413 -54.09 -46.94 4.53
N PRO K 414 -53.73 -46.52 3.31
CA PRO K 414 -52.73 -45.47 3.18
C PRO K 414 -53.29 -44.17 3.74
N ARG K 415 -52.39 -43.23 4.03
CA ARG K 415 -52.76 -42.02 4.77
C ARG K 415 -53.36 -42.38 6.12
N ALA K 416 -52.81 -43.43 6.75
CA ALA K 416 -53.18 -43.87 8.08
C ALA K 416 -51.96 -43.71 8.96
N VAL K 417 -52.15 -43.13 10.13
CA VAL K 417 -51.05 -42.87 11.04
C VAL K 417 -51.46 -43.34 12.43
N TYR K 418 -50.46 -43.72 13.22
CA TYR K 418 -50.61 -44.10 14.61
C TYR K 418 -49.89 -43.10 15.49
N THR K 419 -50.36 -42.96 16.73
CA THR K 419 -49.61 -42.23 17.73
C THR K 419 -50.20 -42.54 19.09
N SER K 420 -49.45 -42.17 20.13
CA SER K 420 -49.84 -42.38 21.52
C SER K 420 -50.15 -41.02 22.15
N GLY K 421 -50.39 -41.02 23.45
CA GLY K 421 -50.67 -39.79 24.15
C GLY K 421 -49.45 -38.94 24.38
N LYS K 422 -48.50 -39.43 25.17
CA LYS K 422 -47.39 -38.62 25.63
C LYS K 422 -46.17 -38.67 24.72
N ALA K 423 -46.14 -39.55 23.72
CA ALA K 423 -44.94 -39.68 22.91
C ALA K 423 -44.73 -38.54 21.93
N SER K 424 -45.71 -37.65 21.75
CA SER K 424 -45.70 -36.65 20.69
C SER K 424 -45.79 -35.25 21.26
N SER K 425 -44.97 -34.36 20.72
CA SER K 425 -45.05 -32.93 20.99
C SER K 425 -45.95 -32.26 19.95
N ALA K 426 -46.26 -30.99 20.19
CA ALA K 426 -47.23 -30.29 19.34
C ALA K 426 -46.70 -30.13 17.93
N ALA K 427 -45.48 -29.62 17.78
CA ALA K 427 -44.92 -29.38 16.45
C ALA K 427 -44.75 -30.69 15.70
N GLY K 428 -44.20 -31.71 16.36
CA GLY K 428 -44.08 -33.00 15.72
C GLY K 428 -45.42 -33.63 15.37
N LEU K 429 -46.46 -33.29 16.13
CA LEU K 429 -47.78 -33.87 15.90
C LEU K 429 -48.52 -33.18 14.76
N THR K 430 -48.29 -31.88 14.55
CA THR K 430 -49.02 -31.10 13.56
C THR K 430 -48.17 -30.73 12.36
N ALA K 431 -47.07 -30.00 12.59
CA ALA K 431 -46.15 -29.60 11.52
C ALA K 431 -44.98 -28.85 12.12
N ALA K 432 -43.85 -28.86 11.43
CA ALA K 432 -42.67 -28.12 11.85
C ALA K 432 -42.06 -27.45 10.63
N VAL K 433 -41.43 -26.30 10.84
CA VAL K 433 -40.74 -25.58 9.79
C VAL K 433 -39.24 -25.74 10.03
N VAL K 434 -38.53 -26.15 8.99
CA VAL K 434 -37.07 -26.14 8.97
C VAL K 434 -36.64 -25.54 7.64
N ARG K 435 -35.62 -24.70 7.68
CA ARG K 435 -35.35 -23.86 6.53
C ARG K 435 -34.77 -24.66 5.37
N ASP K 436 -34.86 -24.06 4.18
CA ASP K 436 -34.23 -24.64 3.01
C ASP K 436 -32.72 -24.70 3.22
N GLU K 437 -32.14 -25.87 2.98
CA GLU K 437 -30.69 -26.02 3.15
C GLU K 437 -29.91 -25.32 2.06
N GLU K 438 -30.55 -24.89 0.98
CA GLU K 438 -29.91 -24.12 -0.09
C GLU K 438 -30.70 -22.85 -0.39
N PHE K 442 -38.71 -22.13 3.10
CA PHE K 442 -38.53 -22.90 4.34
C PHE K 442 -39.43 -24.11 4.33
N VAL K 443 -38.83 -25.30 4.24
CA VAL K 443 -39.61 -26.51 4.06
C VAL K 443 -40.39 -26.79 5.34
N ILE K 444 -41.54 -27.45 5.17
CA ILE K 444 -42.50 -27.73 6.24
C ILE K 444 -42.55 -29.24 6.39
N GLU K 445 -41.80 -29.77 7.35
CA GLU K 445 -41.96 -31.16 7.74
C GLU K 445 -43.36 -31.38 8.28
N ALA K 446 -43.96 -32.50 7.89
CA ALA K 446 -45.37 -32.77 8.16
C ALA K 446 -45.50 -33.60 9.44
N GLY K 447 -46.40 -33.16 10.32
CA GLY K 447 -46.72 -33.92 11.52
C GLY K 447 -47.66 -35.06 11.22
N ALA K 448 -48.14 -35.70 12.29
CA ALA K 448 -48.97 -36.89 12.13
C ALA K 448 -50.28 -36.57 11.42
N LEU K 449 -50.93 -35.48 11.81
CA LEU K 449 -52.20 -35.14 11.19
C LEU K 449 -52.02 -34.70 9.75
N MET K 450 -50.97 -33.94 9.48
CA MET K 450 -50.68 -33.55 8.10
C MET K 450 -50.36 -34.77 7.24
N LEU K 451 -49.73 -35.80 7.84
CA LEU K 451 -49.57 -37.06 7.14
C LEU K 451 -50.93 -37.72 6.90
N ALA K 452 -51.81 -37.66 7.87
CA ALA K 452 -53.15 -38.22 7.77
C ALA K 452 -54.11 -37.37 6.96
N ASP K 453 -53.63 -36.27 6.35
CA ASP K 453 -54.43 -35.39 5.52
C ASP K 453 -55.23 -36.18 4.48
N ASN K 454 -56.54 -35.96 4.47
CA ASN K 454 -57.47 -36.73 3.66
C ASN K 454 -57.34 -38.21 4.00
N GLY K 455 -57.28 -38.49 5.28
CA GLY K 455 -57.06 -39.84 5.76
C GLY K 455 -57.47 -40.02 7.20
N VAL K 456 -56.80 -40.95 7.88
CA VAL K 456 -57.17 -41.39 9.21
C VAL K 456 -55.99 -41.28 10.17
N CYS K 457 -56.24 -40.68 11.32
CA CYS K 457 -55.30 -40.74 12.43
C CYS K 457 -55.83 -41.73 13.46
N CYS K 458 -54.90 -42.37 14.15
CA CYS K 458 -55.21 -43.43 15.11
C CYS K 458 -54.49 -43.08 16.40
N ILE K 459 -55.22 -42.51 17.34
CA ILE K 459 -54.67 -42.07 18.62
C ILE K 459 -54.99 -43.14 19.65
N ASP K 460 -53.94 -43.74 20.21
CA ASP K 460 -54.07 -44.72 21.27
C ASP K 460 -53.67 -44.08 22.59
N GLU K 461 -54.32 -44.50 23.67
CA GLU K 461 -54.17 -43.85 24.97
C GLU K 461 -54.47 -42.35 24.84
N PHE K 462 -55.53 -42.04 24.10
CA PHE K 462 -55.81 -40.65 23.74
C PHE K 462 -56.07 -39.80 24.97
N ASP K 463 -56.70 -40.39 26.01
CA ASP K 463 -56.96 -39.63 27.22
C ASP K 463 -55.67 -39.23 27.92
N LYS K 464 -54.60 -39.99 27.73
CA LYS K 464 -53.30 -39.61 28.29
C LYS K 464 -52.61 -38.50 27.51
N MET K 465 -53.25 -37.94 26.48
CA MET K 465 -52.68 -36.84 25.74
C MET K 465 -52.55 -35.61 26.64
N ASP K 466 -51.60 -34.75 26.30
CA ASP K 466 -51.39 -33.51 27.05
C ASP K 466 -52.47 -32.49 26.66
N VAL K 467 -52.63 -31.47 27.51
CA VAL K 467 -53.64 -30.45 27.26
C VAL K 467 -53.33 -29.67 26.00
N ARG K 468 -52.05 -29.33 25.77
CA ARG K 468 -51.68 -28.56 24.58
C ARG K 468 -52.00 -29.34 23.31
N ASP K 469 -51.64 -30.62 23.30
CA ASP K 469 -51.89 -31.45 22.13
C ASP K 469 -53.38 -31.73 21.98
N GLN K 470 -54.13 -31.79 23.08
CA GLN K 470 -55.58 -31.88 22.99
C GLN K 470 -56.16 -30.63 22.33
N VAL K 471 -55.60 -29.46 22.66
CA VAL K 471 -56.04 -28.23 22.00
C VAL K 471 -55.73 -28.30 20.50
N ALA K 472 -54.54 -28.78 20.15
CA ALA K 472 -54.14 -28.84 18.75
C ALA K 472 -55.04 -29.79 17.96
N ILE K 473 -55.29 -30.98 18.51
CA ILE K 473 -56.14 -31.93 17.80
C ILE K 473 -57.58 -31.42 17.74
N HIS K 474 -58.01 -30.68 18.76
CA HIS K 474 -59.33 -30.07 18.69
C HIS K 474 -59.42 -29.10 17.52
N GLU K 475 -58.38 -28.28 17.35
CA GLU K 475 -58.37 -27.36 16.21
C GLU K 475 -58.42 -28.14 14.91
N ALA K 476 -57.66 -29.22 14.81
CA ALA K 476 -57.65 -30.01 13.60
C ALA K 476 -59.03 -30.60 13.31
N MET K 477 -59.70 -31.09 14.35
CA MET K 477 -61.04 -31.65 14.16
C MET K 477 -62.03 -30.58 13.71
N GLU K 478 -62.06 -29.45 14.42
CA GLU K 478 -63.08 -28.45 14.15
C GLU K 478 -62.83 -27.78 12.80
N GLN K 479 -61.69 -27.10 12.66
CA GLN K 479 -61.46 -26.24 11.51
C GLN K 479 -60.85 -26.96 10.32
N GLN K 480 -60.46 -28.23 10.47
CA GLN K 480 -59.95 -29.04 9.37
C GLN K 480 -58.76 -28.38 8.68
N THR K 481 -57.93 -27.69 9.46
CA THR K 481 -56.72 -27.11 8.90
C THR K 481 -55.80 -26.67 10.03
N ILE K 482 -54.50 -26.77 9.77
CA ILE K 482 -53.47 -26.31 10.68
C ILE K 482 -52.84 -25.07 10.07
N SER K 483 -52.94 -23.95 10.78
CA SER K 483 -52.38 -22.68 10.34
C SER K 483 -51.14 -22.42 11.18
N ILE K 484 -49.97 -22.55 10.55
CA ILE K 484 -48.69 -22.43 11.22
C ILE K 484 -48.01 -21.16 10.73
N THR K 485 -47.55 -20.34 11.67
CA THR K 485 -46.90 -19.05 11.40
C THR K 485 -45.63 -18.96 12.25
N LYS K 486 -44.56 -19.55 11.73
CA LYS K 486 -43.31 -19.64 12.48
C LYS K 486 -42.13 -19.56 11.54
N ALA K 487 -40.99 -19.11 12.09
CA ALA K 487 -39.69 -19.17 11.43
C ALA K 487 -39.70 -18.46 10.09
N GLY K 488 -40.35 -17.30 10.03
CA GLY K 488 -40.31 -16.49 8.84
C GLY K 488 -41.26 -16.90 7.73
N VAL K 489 -42.06 -17.95 7.94
CA VAL K 489 -43.02 -18.42 6.94
C VAL K 489 -44.35 -18.65 7.62
N LYS K 490 -45.42 -18.25 6.94
CA LYS K 490 -46.80 -18.47 7.35
C LYS K 490 -47.46 -19.39 6.32
N ALA K 491 -48.44 -20.15 6.78
CA ALA K 491 -49.11 -21.08 5.89
C ALA K 491 -50.32 -21.65 6.60
N THR K 492 -51.28 -22.10 5.81
CA THR K 492 -52.41 -22.88 6.30
C THR K 492 -52.49 -24.14 5.45
N LEU K 493 -52.69 -25.27 6.12
CA LEU K 493 -52.55 -26.58 5.53
C LEU K 493 -53.83 -27.35 5.82
N ASN K 494 -54.56 -27.71 4.77
CA ASN K 494 -55.81 -28.42 4.95
C ASN K 494 -55.55 -29.78 5.58
N ALA K 495 -56.22 -30.04 6.70
CA ALA K 495 -56.07 -31.27 7.49
C ALA K 495 -57.42 -31.97 7.50
N ARG K 496 -57.64 -32.83 6.50
CA ARG K 496 -58.87 -33.61 6.39
C ARG K 496 -58.60 -34.96 7.04
N THR K 497 -58.58 -34.94 8.37
CA THR K 497 -58.27 -36.10 9.19
C THR K 497 -59.52 -36.59 9.90
N SER K 498 -59.80 -37.89 9.78
CA SER K 498 -60.78 -38.57 10.61
C SER K 498 -60.05 -39.29 11.72
N ILE K 499 -60.49 -39.08 12.96
CA ILE K 499 -59.80 -39.59 14.13
C ILE K 499 -60.48 -40.87 14.59
N LEU K 500 -59.69 -41.90 14.85
CA LEU K 500 -60.10 -43.05 15.64
C LEU K 500 -59.28 -42.99 16.93
N ALA K 501 -59.96 -42.74 18.03
CA ALA K 501 -59.31 -42.55 19.32
C ALA K 501 -59.67 -43.69 20.27
N ALA K 502 -58.71 -44.04 21.11
CA ALA K 502 -58.90 -45.04 22.15
C ALA K 502 -58.52 -44.41 23.49
N ALA K 503 -59.43 -44.48 24.45
CA ALA K 503 -59.26 -43.81 25.73
C ALA K 503 -59.65 -44.75 26.86
N ASN K 504 -58.72 -45.04 27.74
CA ASN K 504 -59.05 -45.81 28.93
C ASN K 504 -59.88 -44.93 29.88
N PRO K 505 -60.94 -45.46 30.48
CA PRO K 505 -61.71 -44.63 31.42
C PRO K 505 -60.91 -44.30 32.66
N ILE K 506 -61.36 -43.27 33.38
CA ILE K 506 -60.75 -42.94 34.66
C ILE K 506 -60.87 -44.13 35.59
N SER K 507 -59.83 -44.35 36.41
CA SER K 507 -59.71 -45.47 37.32
C SER K 507 -59.52 -46.81 36.60
N GLY K 508 -59.19 -46.80 35.31
CA GLY K 508 -58.85 -48.01 34.59
C GLY K 508 -59.98 -48.97 34.37
N HIS K 509 -61.22 -48.58 34.64
CA HIS K 509 -62.37 -49.44 34.40
C HIS K 509 -63.60 -48.56 34.26
N TYR K 510 -64.52 -48.98 33.40
CA TYR K 510 -65.74 -48.22 33.19
C TYR K 510 -66.64 -48.34 34.41
N ASP K 511 -67.52 -47.36 34.55
CA ASP K 511 -68.56 -47.34 35.57
C ASP K 511 -69.90 -47.24 34.85
N ARG K 512 -70.66 -48.34 34.84
CA ARG K 512 -71.95 -48.34 34.16
C ARG K 512 -72.95 -47.40 34.81
N SER K 513 -72.77 -47.05 36.09
CA SER K 513 -73.65 -46.14 36.81
C SER K 513 -73.14 -44.70 36.77
N LYS K 514 -72.41 -44.33 35.72
CA LYS K 514 -71.95 -42.96 35.52
C LYS K 514 -71.98 -42.65 34.04
N SER K 515 -72.05 -41.37 33.73
CA SER K 515 -72.08 -40.92 32.35
C SER K 515 -70.66 -40.84 31.79
N LEU K 516 -70.59 -40.62 30.47
CA LEU K 516 -69.30 -40.41 29.82
C LEU K 516 -68.55 -39.24 30.43
N LYS K 517 -69.31 -38.18 30.76
CA LYS K 517 -68.72 -36.94 31.27
C LYS K 517 -67.94 -37.20 32.55
N GLN K 518 -68.44 -38.09 33.39
CA GLN K 518 -67.78 -38.47 34.63
C GLN K 518 -66.92 -39.71 34.49
N ASN K 519 -66.94 -40.40 33.34
CA ASN K 519 -66.09 -41.57 33.11
C ASN K 519 -64.73 -41.17 32.54
N ILE K 520 -64.71 -40.45 31.43
CA ILE K 520 -63.49 -40.18 30.66
C ILE K 520 -63.08 -38.73 30.91
N ASN K 521 -61.77 -38.52 31.02
CA ASN K 521 -61.21 -37.21 31.28
C ASN K 521 -61.03 -36.36 30.02
N LEU K 522 -61.68 -36.72 28.92
CA LEU K 522 -61.58 -35.90 27.72
C LEU K 522 -62.20 -34.53 27.95
N SER K 523 -61.67 -33.54 27.25
CA SER K 523 -62.28 -32.22 27.26
C SER K 523 -63.64 -32.27 26.57
N ALA K 524 -64.61 -31.58 27.16
CA ALA K 524 -65.95 -31.54 26.60
C ALA K 524 -66.00 -31.05 25.15
N PRO K 525 -65.25 -30.04 24.72
CA PRO K 525 -65.28 -29.69 23.29
C PRO K 525 -64.84 -30.83 22.38
N ILE K 526 -63.76 -31.52 22.72
CA ILE K 526 -63.31 -32.64 21.89
C ILE K 526 -64.36 -33.72 21.89
N MET K 527 -64.95 -33.99 23.06
CA MET K 527 -65.97 -35.03 23.15
C MET K 527 -67.17 -34.70 22.29
N SER K 528 -67.56 -33.43 22.26
CA SER K 528 -68.67 -33.01 21.41
C SER K 528 -68.30 -33.13 19.94
N ARG K 529 -67.10 -32.66 19.56
CA ARG K 529 -66.69 -32.73 18.17
C ARG K 529 -66.56 -34.17 17.69
N PHE K 530 -66.31 -35.11 18.59
CA PHE K 530 -66.35 -36.51 18.21
C PHE K 530 -67.77 -36.88 17.77
N ASP K 531 -67.84 -37.85 16.86
CA ASP K 531 -69.09 -38.24 16.23
C ASP K 531 -69.73 -39.43 16.93
N LEU K 532 -69.00 -40.52 17.10
CA LEU K 532 -69.50 -41.74 17.72
C LEU K 532 -68.64 -42.12 18.92
N PHE K 533 -69.30 -42.68 19.93
CA PHE K 533 -68.64 -43.25 21.09
C PHE K 533 -69.08 -44.69 21.26
N PHE K 534 -68.11 -45.59 21.44
CA PHE K 534 -68.36 -47.01 21.63
C PHE K 534 -67.75 -47.46 22.94
N ILE K 535 -68.57 -48.04 23.81
CA ILE K 535 -68.17 -48.51 25.13
C ILE K 535 -68.03 -50.03 25.06
N LEU K 536 -66.93 -50.53 25.64
CA LEU K 536 -66.60 -51.95 25.64
C LEU K 536 -66.32 -52.35 27.09
N VAL K 537 -67.38 -52.64 27.83
CA VAL K 537 -67.26 -53.15 29.17
C VAL K 537 -66.83 -54.61 29.11
N ASP K 538 -66.17 -55.07 30.17
CA ASP K 538 -65.72 -56.46 30.28
C ASP K 538 -66.72 -57.22 31.15
N GLU K 539 -67.84 -57.57 30.55
CA GLU K 539 -68.82 -58.40 31.22
C GLU K 539 -68.24 -59.79 31.43
N CYS K 540 -68.35 -60.30 32.66
CA CYS K 540 -67.73 -61.58 33.01
C CYS K 540 -68.62 -62.73 32.56
N ASN K 541 -68.75 -62.85 31.24
CA ASN K 541 -69.55 -63.90 30.61
C ASN K 541 -68.62 -65.02 30.19
N GLU K 542 -68.87 -66.21 30.74
CA GLU K 542 -68.02 -67.36 30.44
C GLU K 542 -68.17 -67.80 29.00
N VAL K 543 -69.34 -67.60 28.39
CA VAL K 543 -69.51 -67.93 26.98
C VAL K 543 -68.60 -67.07 26.12
N THR K 544 -68.56 -65.77 26.40
CA THR K 544 -67.68 -64.89 25.64
C THR K 544 -66.22 -65.19 25.95
N ASP K 545 -65.92 -65.58 27.19
CA ASP K 545 -64.56 -65.97 27.53
C ASP K 545 -64.12 -67.15 26.68
N TYR K 546 -64.97 -68.17 26.57
CA TYR K 546 -64.67 -69.30 25.70
C TYR K 546 -64.50 -68.86 24.26
N ALA K 547 -65.38 -67.96 23.78
CA ALA K 547 -65.31 -67.53 22.40
C ALA K 547 -63.98 -66.82 22.10
N ILE K 548 -63.63 -65.83 22.91
CA ILE K 548 -62.41 -65.05 22.62
C ILE K 548 -61.18 -65.91 22.83
N ALA K 549 -61.17 -66.76 23.86
CA ALA K 549 -60.03 -67.65 24.06
C ALA K 549 -59.88 -68.60 22.89
N ARG K 550 -60.99 -69.11 22.37
CA ARG K 550 -60.95 -69.99 21.22
C ARG K 550 -60.36 -69.26 20.02
N ARG K 551 -60.82 -68.04 19.77
CA ARG K 551 -60.33 -67.30 18.61
C ARG K 551 -58.84 -66.99 18.74
N ILE K 552 -58.41 -66.54 19.92
CA ILE K 552 -57.00 -66.16 20.10
C ILE K 552 -56.10 -67.38 19.98
N VAL K 553 -56.49 -68.49 20.63
CA VAL K 553 -55.64 -69.68 20.57
C VAL K 553 -55.66 -70.25 19.17
N ASP K 554 -56.77 -70.10 18.43
CA ASP K 554 -56.77 -70.54 17.03
C ASP K 554 -55.83 -69.70 16.19
N LEU K 555 -55.79 -68.38 16.44
CA LEU K 555 -54.80 -67.53 15.77
C LEU K 555 -53.39 -68.03 16.03
N HIS K 556 -53.07 -68.28 17.30
CA HIS K 556 -51.71 -68.70 17.65
C HIS K 556 -51.38 -70.05 17.04
N SER K 557 -52.30 -71.00 17.12
CA SER K 557 -52.03 -72.34 16.59
C SER K 557 -52.04 -72.37 15.08
N ARG K 558 -52.65 -71.38 14.41
CA ARG K 558 -52.77 -71.35 12.96
C ARG K 558 -52.47 -69.92 12.53
N ILE K 559 -51.26 -69.70 12.04
CA ILE K 559 -50.77 -68.34 11.80
C ILE K 559 -51.23 -67.86 10.43
N GLU K 560 -50.76 -68.51 9.37
CA GLU K 560 -51.13 -68.08 8.03
C GLU K 560 -52.60 -68.39 7.74
N GLU K 561 -52.98 -69.64 7.94
CA GLU K 561 -54.38 -70.03 7.87
C GLU K 561 -55.08 -69.61 9.16
N SER K 562 -56.38 -69.90 9.24
CA SER K 562 -57.37 -69.36 10.19
C SER K 562 -57.74 -67.92 9.83
N ILE K 563 -57.44 -67.46 8.61
CA ILE K 563 -57.70 -66.10 8.19
C ILE K 563 -58.96 -66.09 7.34
N ASP K 564 -58.97 -66.89 6.26
CA ASP K 564 -60.07 -67.04 5.30
C ASP K 564 -60.73 -65.72 4.92
N ARG K 565 -59.90 -64.70 4.69
CA ARG K 565 -60.41 -63.36 4.44
C ARG K 565 -61.18 -63.34 3.13
N VAL K 566 -62.43 -62.89 3.17
CA VAL K 566 -63.30 -62.99 2.01
C VAL K 566 -62.85 -62.07 0.90
N TYR K 567 -62.35 -60.87 1.25
CA TYR K 567 -61.88 -59.89 0.29
C TYR K 567 -60.43 -59.53 0.57
N SER K 568 -59.64 -59.44 -0.50
CA SER K 568 -58.22 -59.13 -0.38
C SER K 568 -58.01 -57.69 0.06
N LEU K 569 -56.87 -57.46 0.72
CA LEU K 569 -56.56 -56.14 1.28
C LEU K 569 -56.43 -55.10 0.16
N ASP K 570 -55.70 -55.43 -0.90
CA ASP K 570 -55.56 -54.49 -2.00
C ASP K 570 -56.91 -54.20 -2.64
N ASP K 571 -57.74 -55.23 -2.81
CA ASP K 571 -59.06 -55.05 -3.40
C ASP K 571 -59.92 -54.11 -2.59
N ILE K 572 -59.94 -54.31 -1.27
CA ILE K 572 -60.80 -53.48 -0.43
C ILE K 572 -60.27 -52.07 -0.30
N ARG K 573 -58.94 -51.87 -0.26
CA ARG K 573 -58.41 -50.51 -0.31
C ARG K 573 -58.81 -49.81 -1.60
N ARG K 574 -58.70 -50.53 -2.72
CA ARG K 574 -59.05 -49.95 -4.00
C ARG K 574 -60.54 -49.58 -4.04
N TYR K 575 -61.37 -50.47 -3.51
CA TYR K 575 -62.80 -50.19 -3.45
C TYR K 575 -63.10 -49.01 -2.53
N LEU K 576 -62.33 -48.87 -1.44
CA LEU K 576 -62.54 -47.73 -0.55
C LEU K 576 -62.24 -46.43 -1.27
N LEU K 577 -61.16 -46.39 -2.04
CA LEU K 577 -60.87 -45.16 -2.80
C LEU K 577 -61.98 -44.88 -3.82
N PHE K 578 -62.43 -45.92 -4.52
CA PHE K 578 -63.51 -45.75 -5.49
C PHE K 578 -64.78 -45.23 -4.82
N ALA K 579 -65.08 -45.71 -3.61
CA ALA K 579 -66.22 -45.20 -2.87
C ALA K 579 -66.02 -43.75 -2.47
N ARG K 580 -64.83 -43.42 -1.95
CA ARG K 580 -64.56 -42.05 -1.50
C ARG K 580 -64.72 -41.04 -2.61
N GLN K 581 -64.47 -41.44 -3.86
CA GLN K 581 -64.67 -40.49 -4.95
C GLN K 581 -66.15 -40.13 -5.16
N PHE K 582 -67.06 -41.05 -4.85
CA PHE K 582 -68.48 -40.82 -5.11
C PHE K 582 -69.05 -39.73 -4.19
N LYS K 583 -70.13 -39.10 -4.64
CA LYS K 583 -70.77 -37.99 -3.93
C LYS K 583 -72.29 -38.09 -4.07
N PRO K 584 -72.93 -38.99 -3.33
CA PRO K 584 -74.40 -39.10 -3.41
C PRO K 584 -75.11 -37.88 -2.86
N LYS K 585 -76.25 -37.56 -3.47
CA LYS K 585 -77.17 -36.55 -2.97
C LYS K 585 -78.11 -37.21 -1.94
N ILE K 586 -79.14 -36.48 -1.51
CA ILE K 586 -80.19 -37.01 -0.65
C ILE K 586 -81.54 -36.58 -1.19
N SER K 587 -82.57 -37.40 -0.94
CA SER K 587 -83.89 -37.27 -1.56
C SER K 587 -84.95 -36.84 -0.53
N LYS K 588 -86.19 -36.74 -1.02
CA LYS K 588 -87.29 -36.25 -0.19
C LYS K 588 -87.73 -37.30 0.82
N GLU K 589 -87.82 -38.56 0.40
CA GLU K 589 -88.10 -39.65 1.34
C GLU K 589 -87.01 -39.70 2.40
N SER K 590 -85.75 -39.52 1.98
CA SER K 590 -84.64 -39.51 2.92
C SER K 590 -84.81 -38.38 3.93
N GLU K 591 -85.16 -37.19 3.44
CA GLU K 591 -85.34 -36.04 4.32
C GLU K 591 -86.43 -36.29 5.35
N ASP K 592 -87.58 -36.80 4.89
CA ASP K 592 -88.68 -37.07 5.79
C ASP K 592 -88.29 -38.13 6.83
N PHE K 593 -87.58 -39.16 6.39
CA PHE K 593 -87.25 -40.24 7.31
C PHE K 593 -86.22 -39.79 8.33
N ILE K 594 -85.24 -38.97 7.93
CA ILE K 594 -84.24 -38.53 8.89
C ILE K 594 -84.85 -37.57 9.90
N VAL K 595 -85.75 -36.68 9.48
CA VAL K 595 -86.39 -35.82 10.47
C VAL K 595 -87.23 -36.65 11.43
N GLU K 596 -87.92 -37.66 10.89
CA GLU K 596 -88.71 -38.56 11.75
C GLU K 596 -87.84 -39.28 12.76
N GLN K 597 -86.71 -39.83 12.31
CA GLN K 597 -85.90 -40.65 13.19
C GLN K 597 -85.11 -39.80 14.18
N TYR K 598 -84.72 -38.58 13.80
CA TYR K 598 -84.12 -37.70 14.79
C TYR K 598 -85.14 -37.24 15.81
N LYS K 599 -86.40 -37.06 15.39
CA LYS K 599 -87.44 -36.81 16.37
C LYS K 599 -87.57 -38.00 17.32
N HIS K 600 -87.47 -39.22 16.79
CA HIS K 600 -87.52 -40.41 17.63
C HIS K 600 -86.36 -40.44 18.62
N LEU K 601 -85.16 -40.09 18.15
CA LEU K 601 -84.00 -40.14 19.03
C LEU K 601 -84.08 -39.07 20.10
N ARG K 602 -84.48 -37.86 19.74
CA ARG K 602 -84.70 -36.84 20.75
C ARG K 602 -85.83 -37.22 21.70
N GLN K 603 -86.79 -37.99 21.22
CA GLN K 603 -87.85 -38.50 22.08
C GLN K 603 -87.28 -39.45 23.13
N ARG K 604 -86.48 -40.44 22.70
CA ARG K 604 -85.92 -41.39 23.66
C ARG K 604 -84.96 -40.69 24.63
N ASP K 605 -84.31 -39.62 24.18
CA ASP K 605 -83.54 -38.79 25.09
C ASP K 605 -84.48 -37.88 25.89
N GLY K 606 -84.00 -37.47 27.06
CA GLY K 606 -84.71 -36.49 27.85
C GLY K 606 -86.04 -36.99 28.39
N SER K 607 -86.88 -36.02 28.77
CA SER K 607 -88.22 -36.23 29.31
C SER K 607 -88.22 -36.87 30.69
N GLY K 608 -87.06 -37.04 31.32
CA GLY K 608 -87.00 -37.64 32.65
C GLY K 608 -87.50 -39.07 32.71
N VAL K 609 -87.33 -39.83 31.64
CA VAL K 609 -87.76 -41.23 31.58
C VAL K 609 -86.60 -42.18 31.87
N THR K 610 -85.45 -41.94 31.25
CA THR K 610 -84.22 -42.69 31.52
C THR K 610 -83.06 -41.76 31.22
N LYS K 611 -82.07 -41.75 32.12
CA LYS K 611 -80.91 -40.89 31.93
C LYS K 611 -79.96 -41.53 30.94
N SER K 612 -79.48 -40.73 29.99
CA SER K 612 -78.64 -41.20 28.90
C SER K 612 -77.18 -40.95 29.24
N SER K 613 -76.31 -41.88 28.82
CA SER K 613 -74.89 -41.73 29.10
C SER K 613 -74.31 -40.51 28.39
N TRP K 614 -74.80 -40.22 27.17
CA TRP K 614 -74.63 -38.92 26.55
C TRP K 614 -75.95 -38.50 25.92
N ARG K 615 -76.15 -37.19 25.83
CA ARG K 615 -77.44 -36.63 25.44
C ARG K 615 -77.61 -36.75 23.93
N ILE K 616 -78.65 -36.10 23.41
CA ILE K 616 -78.91 -36.01 21.97
C ILE K 616 -79.13 -34.55 21.62
N THR K 617 -78.42 -34.07 20.60
CA THR K 617 -78.54 -32.71 20.09
C THR K 617 -78.69 -32.77 18.58
N VAL K 618 -78.64 -31.62 17.91
CA VAL K 618 -78.69 -31.65 16.45
C VAL K 618 -77.36 -32.10 15.84
N ARG K 619 -76.27 -32.07 16.60
CA ARG K 619 -75.05 -32.70 16.14
C ARG K 619 -75.27 -34.18 15.88
N GLN K 620 -76.15 -34.82 16.65
CA GLN K 620 -76.47 -36.22 16.40
C GLN K 620 -77.19 -36.36 15.07
N LEU K 621 -78.07 -35.42 14.73
CA LEU K 621 -78.70 -35.45 13.42
C LEU K 621 -77.67 -35.28 12.31
N GLU K 622 -76.74 -34.35 12.49
CA GLU K 622 -75.72 -34.12 11.46
C GLU K 622 -74.87 -35.38 11.30
N SER K 623 -74.54 -36.04 12.40
CA SER K 623 -73.82 -37.30 12.34
C SER K 623 -74.64 -38.36 11.62
N MET K 624 -75.96 -38.35 11.83
CA MET K 624 -76.81 -39.31 11.13
C MET K 624 -76.74 -39.11 9.63
N ILE K 625 -76.78 -37.86 9.18
CA ILE K 625 -76.66 -37.59 7.75
C ILE K 625 -75.29 -38.05 7.25
N ARG K 626 -74.23 -37.77 8.02
CA ARG K 626 -72.90 -38.20 7.61
C ARG K 626 -72.81 -39.70 7.47
N LEU K 627 -73.37 -40.43 8.43
CA LEU K 627 -73.33 -41.89 8.36
C LEU K 627 -74.17 -42.42 7.21
N SER K 628 -75.32 -41.80 6.96
CA SER K 628 -76.16 -42.23 5.84
C SER K 628 -75.47 -41.99 4.51
N GLU K 629 -74.83 -40.83 4.36
CA GLU K 629 -74.06 -40.56 3.15
C GLU K 629 -72.92 -41.54 3.00
N ALA K 630 -72.26 -41.88 4.12
CA ALA K 630 -71.18 -42.85 4.06
C ALA K 630 -71.69 -44.22 3.62
N MET K 631 -72.85 -44.63 4.13
CA MET K 631 -73.43 -45.91 3.73
C MET K 631 -73.78 -45.91 2.24
N ALA K 632 -74.38 -44.82 1.76
CA ALA K 632 -74.73 -44.75 0.35
C ALA K 632 -73.49 -44.75 -0.52
N ARG K 633 -72.45 -44.02 -0.11
CA ARG K 633 -71.18 -44.05 -0.83
C ARG K 633 -70.59 -45.45 -0.82
N MET K 634 -70.72 -46.16 0.29
CA MET K 634 -70.23 -47.52 0.39
C MET K 634 -70.95 -48.42 -0.60
N HIS K 635 -72.27 -48.31 -0.66
CA HIS K 635 -73.05 -49.10 -1.61
C HIS K 635 -73.00 -48.57 -3.03
N CYS K 636 -72.32 -47.44 -3.28
CA CYS K 636 -72.06 -46.84 -4.58
C CYS K 636 -73.31 -46.26 -5.25
N CYS K 637 -74.48 -46.33 -4.62
CA CYS K 637 -75.64 -45.66 -5.19
C CYS K 637 -75.44 -44.16 -5.12
N ASP K 638 -76.00 -43.47 -6.12
CA ASP K 638 -75.87 -42.02 -6.24
C ASP K 638 -76.97 -41.27 -5.50
N GLU K 639 -77.56 -41.87 -4.47
CA GLU K 639 -78.63 -41.24 -3.71
C GLU K 639 -78.85 -42.01 -2.41
N VAL K 640 -78.86 -41.29 -1.28
CA VAL K 640 -79.11 -41.95 -0.01
C VAL K 640 -80.54 -42.51 -0.01
N GLN K 641 -80.78 -43.48 0.86
CA GLN K 641 -82.01 -44.25 0.87
C GLN K 641 -82.58 -44.35 2.29
N PRO K 642 -83.91 -44.61 2.41
CA PRO K 642 -84.47 -44.88 3.74
C PRO K 642 -83.77 -46.00 4.48
N LYS K 643 -83.34 -47.04 3.77
CA LYS K 643 -82.63 -48.15 4.41
C LYS K 643 -81.30 -47.68 5.00
N HIS K 644 -80.57 -46.83 4.27
CA HIS K 644 -79.27 -46.39 4.74
C HIS K 644 -79.40 -45.48 5.95
N VAL K 645 -80.37 -44.55 5.91
CA VAL K 645 -80.58 -43.72 7.10
C VAL K 645 -81.08 -44.56 8.26
N LYS K 646 -81.87 -45.60 7.98
CA LYS K 646 -82.32 -46.51 9.02
C LYS K 646 -81.15 -47.21 9.68
N GLU K 647 -80.19 -47.67 8.88
CA GLU K 647 -79.02 -48.35 9.45
C GLU K 647 -78.16 -47.37 10.23
N ALA K 648 -78.05 -46.13 9.77
CA ALA K 648 -77.34 -45.13 10.56
C ALA K 648 -78.01 -44.89 11.90
N PHE K 649 -79.35 -44.81 11.90
CA PHE K 649 -80.07 -44.68 13.15
C PHE K 649 -79.85 -45.87 14.05
N ARG K 650 -79.87 -47.08 13.48
CA ARG K 650 -79.62 -48.27 14.28
C ARG K 650 -78.24 -48.22 14.90
N LEU K 651 -77.24 -47.80 14.12
CA LEU K 651 -75.87 -47.72 14.62
C LEU K 651 -75.78 -46.75 15.79
N LEU K 652 -76.33 -45.55 15.64
CA LEU K 652 -76.20 -44.57 16.71
C LEU K 652 -77.03 -44.96 17.93
N ASN K 653 -78.23 -45.52 17.69
CA ASN K 653 -79.08 -45.93 18.80
C ASN K 653 -78.44 -47.05 19.60
N LYS K 654 -77.76 -47.98 18.92
CA LYS K 654 -77.08 -49.04 19.66
C LYS K 654 -75.80 -48.50 20.31
N SER K 655 -75.16 -47.52 19.69
CA SER K 655 -73.94 -46.95 20.28
C SER K 655 -74.26 -46.27 21.61
N ILE K 656 -75.37 -45.54 21.67
CA ILE K 656 -75.73 -44.92 22.93
C ILE K 656 -76.13 -46.02 23.91
N ILE K 657 -75.80 -45.80 25.19
CA ILE K 657 -76.15 -46.71 26.28
C ILE K 657 -76.82 -45.89 27.37
N ARG K 658 -77.55 -46.61 28.24
CA ARG K 658 -78.33 -46.02 29.31
C ARG K 658 -77.66 -46.36 30.63
N VAL K 659 -77.48 -45.33 31.47
CA VAL K 659 -76.76 -45.47 32.73
C VAL K 659 -77.47 -46.44 33.67
N LEU L 6 21.34 -8.28 37.78
CA LEU L 6 21.31 -9.54 37.06
C LEU L 6 22.65 -10.26 37.19
N LYS L 7 22.75 -11.45 36.61
CA LYS L 7 23.90 -12.33 36.81
C LYS L 7 24.26 -12.96 35.46
N ASP L 8 25.21 -13.90 35.50
CA ASP L 8 25.66 -14.63 34.33
C ASP L 8 25.26 -16.09 34.50
N TYR L 9 24.45 -16.58 33.59
CA TYR L 9 23.83 -17.88 33.79
C TYR L 9 24.77 -19.03 33.46
N ALA L 10 25.87 -18.79 32.76
CA ALA L 10 26.93 -19.81 32.71
C ALA L 10 27.53 -20.02 34.08
N LEU L 11 27.78 -18.93 34.82
CA LEU L 11 28.24 -19.07 36.20
C LEU L 11 27.21 -19.78 37.05
N GLU L 12 25.93 -19.43 36.87
CA GLU L 12 24.88 -20.09 37.65
C GLU L 12 24.83 -21.58 37.34
N LYS L 13 24.96 -21.95 36.06
CA LYS L 13 24.95 -23.36 35.69
C LYS L 13 26.14 -24.10 36.29
N GLU L 14 27.31 -23.46 36.29
CA GLU L 14 28.47 -24.08 36.94
C GLU L 14 28.20 -24.28 38.43
N LYS L 15 27.61 -23.28 39.08
CA LYS L 15 27.26 -23.36 40.49
C LYS L 15 26.36 -24.57 40.75
N VAL L 16 25.29 -24.70 39.97
CA VAL L 16 24.35 -25.76 40.28
C VAL L 16 24.91 -27.11 39.88
N LYS L 17 25.79 -27.15 38.88
CA LYS L 17 26.39 -28.42 38.51
C LYS L 17 27.27 -28.95 39.63
N LYS L 18 28.15 -28.09 40.16
CA LYS L 18 28.97 -28.51 41.29
C LYS L 18 28.11 -28.87 42.49
N PHE L 19 27.02 -28.13 42.69
CA PHE L 19 26.11 -28.41 43.80
C PHE L 19 25.51 -29.80 43.67
N LEU L 20 24.94 -30.11 42.51
CA LEU L 20 24.25 -31.38 42.31
C LEU L 20 25.23 -32.54 42.42
N GLN L 21 26.46 -32.35 41.96
CA GLN L 21 27.46 -33.39 42.15
C GLN L 21 27.79 -33.55 43.63
N GLU L 22 27.88 -32.45 44.37
CA GLU L 22 28.46 -32.43 45.72
C GLU L 22 27.48 -31.85 46.73
N PHE L 23 26.65 -32.70 47.32
CA PHE L 23 25.80 -32.30 48.44
C PHE L 23 25.27 -33.56 49.10
N TYR L 24 25.25 -33.55 50.43
CA TYR L 24 24.80 -34.70 51.20
C TYR L 24 24.76 -34.37 52.69
N GLN L 33 26.38 -40.63 52.30
CA GLN L 33 25.44 -40.97 51.25
C GLN L 33 25.27 -39.79 50.29
N PHE L 34 25.66 -39.98 49.04
CA PHE L 34 25.54 -38.90 48.06
C PHE L 34 24.08 -38.70 47.73
N LYS L 35 23.43 -37.80 48.48
CA LYS L 35 21.99 -37.54 48.39
C LYS L 35 21.52 -37.38 46.95
N TYR L 36 22.04 -36.36 46.27
CA TYR L 36 21.64 -36.14 44.89
C TYR L 36 22.35 -37.10 43.94
N GLY L 37 23.53 -37.61 44.32
CA GLY L 37 24.26 -38.49 43.42
C GLY L 37 23.53 -39.78 43.14
N ASN L 38 22.93 -40.37 44.18
CA ASN L 38 22.17 -41.60 43.98
C ASN L 38 21.00 -41.38 43.03
N GLN L 39 20.28 -40.27 43.21
CA GLN L 39 19.19 -39.92 42.29
C GLN L 39 19.71 -39.76 40.87
N LEU L 40 20.86 -39.08 40.74
CA LEU L 40 21.42 -38.84 39.41
C LEU L 40 21.78 -40.15 38.72
N VAL L 41 22.41 -41.08 39.43
CA VAL L 41 22.79 -42.33 38.79
C VAL L 41 21.55 -43.16 38.46
N ARG L 42 20.54 -43.12 39.33
CA ARG L 42 19.31 -43.86 39.04
C ARG L 42 18.66 -43.35 37.77
N LEU L 43 18.57 -42.02 37.60
CA LEU L 43 17.98 -41.51 36.37
C LEU L 43 18.91 -41.70 35.19
N ALA L 44 20.22 -41.75 35.42
CA ALA L 44 21.16 -42.05 34.34
C ALA L 44 20.90 -43.44 33.77
N HIS L 45 20.73 -44.44 34.64
CA HIS L 45 20.29 -45.77 34.21
C HIS L 45 18.83 -45.82 33.81
N ARG L 46 18.07 -44.74 34.05
CA ARG L 46 16.64 -44.65 33.79
C ARG L 46 15.87 -45.62 34.69
N GLU L 47 16.17 -45.53 35.99
CA GLU L 47 15.35 -46.09 37.04
C GLU L 47 14.46 -45.03 37.71
N GLN L 48 14.52 -43.78 37.27
CA GLN L 48 13.47 -42.82 37.55
C GLN L 48 13.39 -41.84 36.39
N VAL L 49 12.19 -41.32 36.16
CA VAL L 49 11.90 -40.45 35.03
C VAL L 49 11.71 -38.98 35.44
N ALA L 50 11.47 -38.70 36.72
CA ALA L 50 11.35 -37.34 37.22
C ALA L 50 12.32 -37.11 38.37
N LEU L 51 12.60 -35.84 38.58
CA LEU L 51 13.54 -35.39 39.61
C LEU L 51 12.93 -34.18 40.27
N TYR L 52 13.37 -33.91 41.50
CA TYR L 52 12.77 -32.87 42.33
C TYR L 52 13.88 -32.17 43.09
N VAL L 53 14.10 -30.92 42.78
CA VAL L 53 14.98 -30.08 43.59
C VAL L 53 14.21 -29.60 44.81
N ASP L 54 14.95 -29.35 45.89
CA ASP L 54 14.39 -28.86 47.14
C ASP L 54 15.15 -27.61 47.56
N LEU L 55 14.43 -26.50 47.68
CA LEU L 55 15.06 -25.24 48.02
C LEU L 55 15.48 -25.20 49.48
N ASP L 56 14.92 -26.04 50.33
CA ASP L 56 15.52 -26.22 51.66
C ASP L 56 16.90 -26.84 51.54
N ASP L 57 17.01 -27.91 50.73
CA ASP L 57 18.29 -28.57 50.51
C ASP L 57 19.30 -27.69 49.79
N VAL L 58 18.86 -26.63 49.10
CA VAL L 58 19.79 -25.74 48.40
C VAL L 58 20.08 -24.52 49.27
N ALA L 59 19.17 -24.15 50.15
CA ALA L 59 19.49 -23.19 51.20
C ALA L 59 20.37 -23.79 52.28
N GLU L 60 20.54 -25.13 52.27
CA GLU L 60 21.52 -25.75 53.17
C GLU L 60 22.91 -25.15 53.01
N ASP L 61 23.28 -24.72 51.79
CA ASP L 61 24.55 -24.03 51.58
C ASP L 61 24.39 -22.61 51.03
N ASP L 62 23.69 -22.40 49.90
CA ASP L 62 23.74 -21.10 49.21
C ASP L 62 22.39 -20.39 49.24
N PRO L 63 22.22 -19.27 50.00
CA PRO L 63 20.92 -18.57 50.00
C PRO L 63 20.67 -17.62 48.83
N GLU L 64 21.70 -17.00 48.27
CA GLU L 64 21.48 -16.10 47.14
C GLU L 64 20.87 -16.84 45.95
N LEU L 65 21.41 -18.01 45.63
CA LEU L 65 20.84 -18.80 44.55
C LEU L 65 19.39 -19.17 44.86
N VAL L 66 19.08 -19.43 46.13
CA VAL L 66 17.72 -19.81 46.48
C VAL L 66 16.77 -18.64 46.29
N ASP L 67 17.17 -17.44 46.74
CA ASP L 67 16.33 -16.27 46.56
C ASP L 67 16.12 -15.98 45.08
N SER L 68 17.17 -16.13 44.27
CA SER L 68 17.03 -15.92 42.84
C SER L 68 16.08 -16.94 42.23
N ILE L 69 16.15 -18.19 42.69
CA ILE L 69 15.22 -19.21 42.18
C ILE L 69 13.79 -18.82 42.53
N CYS L 70 13.58 -18.36 43.76
CA CYS L 70 12.25 -17.92 44.16
C CYS L 70 11.74 -16.78 43.28
N GLU L 71 12.64 -15.91 42.83
CA GLU L 71 12.20 -14.71 42.10
C GLU L 71 12.09 -14.90 40.59
N ASN L 72 12.82 -15.84 40.00
CA ASN L 72 12.77 -16.10 38.55
C ASN L 72 12.85 -17.60 38.26
N ALA L 73 12.01 -18.39 38.92
CA ALA L 73 12.18 -19.84 38.99
C ALA L 73 12.30 -20.56 37.64
N ARG L 74 11.63 -20.06 36.60
CA ARG L 74 11.56 -20.80 35.34
C ARG L 74 12.94 -20.97 34.72
N ARG L 75 13.71 -19.87 34.65
CA ARG L 75 15.05 -19.93 34.06
C ARG L 75 15.91 -20.95 34.78
N TYR L 76 15.92 -20.89 36.11
CA TYR L 76 16.73 -21.84 36.85
C TYR L 76 16.22 -23.24 36.67
N ALA L 77 14.92 -23.42 36.41
CA ALA L 77 14.44 -24.75 36.05
C ALA L 77 15.13 -25.23 34.79
N LYS L 78 15.23 -24.36 33.78
CA LYS L 78 15.92 -24.72 32.55
C LYS L 78 17.40 -25.05 32.82
N LEU L 79 18.04 -24.22 33.65
CA LEU L 79 19.45 -24.42 34.00
C LEU L 79 19.65 -25.79 34.65
N PHE L 80 18.86 -26.07 35.69
CA PHE L 80 19.01 -27.31 36.43
C PHE L 80 18.81 -28.50 35.52
N ALA L 81 17.78 -28.44 34.68
CA ALA L 81 17.49 -29.61 33.85
C ALA L 81 18.59 -29.84 32.84
N ASP L 82 19.11 -28.79 32.20
CA ASP L 82 20.19 -29.00 31.25
C ASP L 82 21.47 -29.46 31.96
N ALA L 83 21.71 -28.94 33.17
CA ALA L 83 22.88 -29.32 33.94
C ALA L 83 22.86 -30.81 34.24
N VAL L 84 21.70 -31.32 34.67
CA VAL L 84 21.57 -32.75 34.93
C VAL L 84 21.68 -33.54 33.64
N GLN L 85 21.17 -32.99 32.53
CA GLN L 85 21.27 -33.65 31.24
C GLN L 85 22.73 -33.87 30.85
N GLU L 86 23.58 -32.87 31.10
CA GLU L 86 25.00 -33.03 30.80
C GLU L 86 25.71 -33.89 31.84
N LEU L 87 25.24 -33.90 33.09
CA LEU L 87 25.80 -34.79 34.08
C LEU L 87 25.46 -36.25 33.81
N LEU L 88 24.45 -36.52 32.99
CA LEU L 88 23.95 -37.87 32.69
C LEU L 88 25.01 -38.93 32.36
N PRO L 89 25.81 -38.75 31.29
CA PRO L 89 26.49 -39.93 30.72
C PRO L 89 27.64 -40.44 31.56
N GLN L 90 28.35 -39.58 32.26
CA GLN L 90 29.38 -40.08 33.16
C GLN L 90 28.78 -40.87 34.30
N TYR L 91 27.56 -40.54 34.72
CA TYR L 91 26.86 -41.36 35.69
C TYR L 91 26.35 -42.67 35.08
N LYS L 92 26.01 -42.64 33.80
CA LYS L 92 25.63 -43.88 33.11
C LYS L 92 26.79 -44.88 33.16
N GLU L 93 26.45 -46.15 33.44
CA GLU L 93 27.45 -47.18 33.70
C GLU L 93 27.22 -48.48 32.94
N ARG L 94 26.02 -48.74 32.43
CA ARG L 94 25.69 -49.99 31.75
C ARG L 94 24.88 -49.66 30.51
N GLU L 95 24.43 -50.70 29.82
CA GLU L 95 23.48 -50.55 28.72
C GLU L 95 22.08 -50.78 29.26
N VAL L 96 21.25 -49.73 29.20
CA VAL L 96 19.85 -49.85 29.59
C VAL L 96 19.12 -50.68 28.53
N VAL L 97 18.06 -51.36 28.96
CA VAL L 97 17.37 -52.33 28.09
C VAL L 97 16.48 -51.69 27.04
N ASN L 98 16.41 -50.36 26.95
CA ASN L 98 15.57 -49.66 25.97
C ASN L 98 14.10 -50.06 26.11
N LYS L 99 13.53 -49.69 27.26
CA LYS L 99 12.21 -50.17 27.65
C LYS L 99 11.07 -49.63 26.79
N ASP L 100 11.30 -48.62 25.95
CA ASP L 100 10.24 -47.96 25.18
C ASP L 100 10.67 -47.77 23.74
N VAL L 101 9.67 -47.71 22.85
CA VAL L 101 9.94 -47.33 21.46
C VAL L 101 10.52 -45.92 21.41
N LEU L 102 10.14 -45.08 22.38
CA LEU L 102 10.78 -43.78 22.55
C LEU L 102 12.27 -43.93 22.88
N ASP L 103 12.61 -44.92 23.72
CA ASP L 103 14.02 -45.19 23.96
C ASP L 103 14.71 -45.61 22.67
N VAL L 104 14.04 -46.43 21.86
CA VAL L 104 14.62 -46.85 20.59
C VAL L 104 14.92 -45.65 19.72
N TYR L 105 13.97 -44.71 19.65
CA TYR L 105 14.17 -43.54 18.80
C TYR L 105 15.35 -42.71 19.28
N ILE L 106 15.43 -42.41 20.57
CA ILE L 106 16.54 -41.55 21.03
C ILE L 106 17.88 -42.24 20.81
N GLU L 107 17.95 -43.55 21.09
CA GLU L 107 19.21 -44.26 20.87
C GLU L 107 19.60 -44.24 19.39
N HIS L 108 18.63 -44.50 18.50
CA HIS L 108 18.89 -44.45 17.07
C HIS L 108 19.35 -43.06 16.64
N ARG L 109 18.71 -42.02 17.19
CA ARG L 109 19.04 -40.66 16.81
C ARG L 109 20.48 -40.34 17.16
N LEU L 110 20.87 -40.58 18.41
CA LEU L 110 22.24 -40.25 18.79
C LEU L 110 23.23 -41.18 18.10
N MET L 111 22.82 -42.40 17.77
CA MET L 111 23.69 -43.28 17.01
C MET L 111 24.01 -42.70 15.65
N MET L 112 23.00 -42.23 14.92
CA MET L 112 23.29 -41.67 13.59
C MET L 112 24.02 -40.34 13.69
N GLU L 113 23.78 -39.57 14.76
CA GLU L 113 24.60 -38.37 14.98
C GLU L 113 26.07 -38.75 15.13
N GLN L 114 26.36 -39.81 15.89
CA GLN L 114 27.73 -40.28 15.97
C GLN L 114 28.24 -40.76 14.62
N ARG L 115 27.38 -41.44 13.85
CA ARG L 115 27.81 -42.00 12.58
C ARG L 115 28.25 -40.91 11.62
N SER L 116 27.42 -39.88 11.42
CA SER L 116 27.75 -38.74 10.58
C SER L 116 28.23 -37.56 11.39
N ARG L 117 28.93 -37.82 12.50
CA ARG L 117 29.38 -36.76 13.39
C ARG L 117 30.31 -35.79 12.68
N ASP L 118 31.48 -36.28 12.24
CA ASP L 118 32.57 -35.44 11.76
C ASP L 118 32.88 -34.40 12.83
N PRO L 119 33.51 -34.78 13.95
CA PRO L 119 33.47 -33.94 15.16
C PRO L 119 34.09 -32.57 14.99
N GLY L 120 35.13 -32.44 14.17
CA GLY L 120 35.66 -31.12 13.90
C GLY L 120 34.68 -30.23 13.17
N MET L 121 33.85 -30.80 12.31
CA MET L 121 32.92 -30.03 11.49
C MET L 121 31.94 -29.28 12.38
N VAL L 122 31.79 -27.99 12.11
CA VAL L 122 30.90 -27.12 12.87
C VAL L 122 29.51 -27.18 12.25
N ARG L 123 28.49 -27.13 13.11
CA ARG L 123 27.10 -27.12 12.71
C ARG L 123 26.40 -25.89 13.28
N SER L 124 25.33 -25.47 12.62
CA SER L 124 24.66 -24.20 12.87
C SER L 124 24.14 -24.11 14.31
N PRO L 125 23.71 -22.94 14.77
CA PRO L 125 23.10 -22.87 16.11
C PRO L 125 21.72 -23.49 16.19
N GLN L 126 21.13 -23.90 15.07
CA GLN L 126 19.79 -24.49 15.02
C GLN L 126 19.82 -25.78 14.22
N ASN L 127 20.90 -26.54 14.32
CA ASN L 127 20.98 -27.88 13.72
C ASN L 127 21.51 -28.82 14.81
N GLN L 128 20.59 -29.30 15.63
CA GLN L 128 20.96 -30.14 16.77
C GLN L 128 19.69 -30.67 17.41
N TYR L 129 19.76 -31.88 17.93
CA TYR L 129 18.64 -32.42 18.66
C TYR L 129 18.46 -31.62 19.94
N PRO L 130 17.29 -31.01 20.21
CA PRO L 130 17.19 -30.14 21.38
C PRO L 130 17.04 -30.93 22.67
N ALA L 131 17.31 -30.22 23.77
CA ALA L 131 17.21 -30.82 25.09
C ALA L 131 15.79 -31.27 25.38
N GLU L 132 14.81 -30.40 25.11
CA GLU L 132 13.43 -30.71 25.48
C GLU L 132 12.93 -31.97 24.79
N LEU L 133 13.49 -32.30 23.63
CA LEU L 133 13.22 -33.57 22.98
C LEU L 133 14.02 -34.69 23.64
N MET L 134 15.35 -34.58 23.64
CA MET L 134 16.19 -35.74 23.94
C MET L 134 16.42 -35.96 25.42
N ARG L 135 15.80 -35.18 26.30
CA ARG L 135 16.07 -35.32 27.72
C ARG L 135 15.65 -36.68 28.24
N ARG L 136 14.41 -37.07 28.00
CA ARG L 136 13.74 -38.29 28.47
C ARG L 136 13.49 -38.32 29.97
N PHE L 137 13.96 -37.33 30.72
CA PHE L 137 13.66 -37.14 32.13
C PHE L 137 13.02 -35.77 32.26
N GLU L 138 12.52 -35.49 33.45
CA GLU L 138 11.96 -34.18 33.74
C GLU L 138 12.42 -33.75 35.11
N LEU L 139 12.49 -32.44 35.31
CA LEU L 139 12.99 -31.86 36.55
C LEU L 139 11.98 -30.86 37.06
N TYR L 140 11.56 -31.03 38.32
CA TYR L 140 10.67 -30.11 38.99
C TYR L 140 11.30 -29.71 40.31
N PHE L 141 10.56 -29.02 41.17
CA PHE L 141 11.10 -28.40 42.38
C PHE L 141 10.18 -28.76 43.54
N GLN L 142 10.50 -28.25 44.73
CA GLN L 142 9.53 -28.17 45.83
C GLN L 142 9.94 -27.01 46.72
N GLY L 143 9.16 -25.95 46.69
CA GLY L 143 9.55 -24.69 47.27
C GLY L 143 9.85 -24.76 48.76
N PRO L 144 10.62 -23.80 49.26
CA PRO L 144 11.13 -23.91 50.64
C PRO L 144 10.05 -23.67 51.67
N SER L 145 10.31 -24.18 52.88
CA SER L 145 9.42 -23.94 54.01
C SER L 145 9.34 -22.45 54.34
N SER L 146 10.39 -21.69 54.05
CA SER L 146 10.34 -20.24 54.23
C SER L 146 9.27 -19.63 53.36
N ASN L 147 9.10 -20.14 52.14
CA ASN L 147 8.05 -19.65 51.23
C ASN L 147 6.69 -20.01 51.79
N LYS L 148 6.00 -19.04 52.35
CA LYS L 148 4.67 -19.29 52.88
C LYS L 148 3.73 -19.61 51.72
N PRO L 149 2.88 -20.64 51.80
CA PRO L 149 1.87 -20.81 50.77
C PRO L 149 0.89 -19.64 50.79
N ARG L 150 0.73 -18.99 49.65
CA ARG L 150 -0.04 -17.75 49.55
C ARG L 150 -1.45 -18.05 49.07
N VAL L 151 -2.35 -17.10 49.35
CA VAL L 151 -3.76 -17.26 49.03
C VAL L 151 -3.95 -17.21 47.52
N ILE L 152 -4.80 -18.10 47.02
CA ILE L 152 -5.04 -18.20 45.57
C ILE L 152 -5.58 -16.89 45.03
N ARG L 153 -6.40 -16.20 45.81
CA ARG L 153 -6.80 -14.85 45.43
C ARG L 153 -5.59 -13.93 45.39
N GLU L 154 -4.68 -14.05 46.34
CA GLU L 154 -3.58 -13.10 46.46
C GLU L 154 -2.47 -13.32 45.44
N VAL L 155 -2.45 -14.44 44.71
CA VAL L 155 -1.37 -14.65 43.75
C VAL L 155 -1.70 -13.81 42.50
N ARG L 156 -1.23 -12.57 42.51
CA ARG L 156 -1.61 -11.57 41.53
C ARG L 156 -0.58 -11.54 40.39
N ALA L 157 -0.65 -10.50 39.56
CA ALA L 157 0.31 -10.31 38.48
C ALA L 157 1.73 -10.15 39.00
N ASP L 158 1.88 -9.52 40.17
CA ASP L 158 3.21 -9.33 40.76
C ASP L 158 3.91 -10.66 41.00
N SER L 159 3.15 -11.72 41.22
CA SER L 159 3.67 -13.06 41.44
C SER L 159 3.67 -13.89 40.17
N VAL L 160 3.87 -13.28 39.01
CA VAL L 160 4.03 -14.01 37.75
C VAL L 160 5.52 -14.24 37.54
N GLY L 161 5.90 -15.50 37.35
CA GLY L 161 7.28 -15.92 37.30
C GLY L 161 7.83 -16.30 38.65
N LYS L 162 7.34 -15.70 39.72
CA LYS L 162 7.81 -16.03 41.06
C LYS L 162 7.47 -17.48 41.38
N LEU L 163 8.30 -18.12 42.20
CA LEU L 163 7.99 -19.45 42.71
C LEU L 163 7.02 -19.32 43.88
N VAL L 164 5.96 -20.13 43.86
CA VAL L 164 4.83 -19.93 44.75
C VAL L 164 4.19 -21.28 45.01
N THR L 165 3.85 -21.52 46.28
CA THR L 165 3.09 -22.68 46.69
C THR L 165 1.69 -22.22 47.08
N VAL L 166 0.71 -23.09 46.84
CA VAL L 166 -0.69 -22.80 47.11
C VAL L 166 -1.32 -24.04 47.69
N ARG L 167 -2.30 -23.84 48.56
CA ARG L 167 -3.10 -24.91 49.15
C ARG L 167 -4.55 -24.68 48.80
N GLY L 168 -5.16 -25.63 48.10
CA GLY L 168 -6.54 -25.46 47.64
C GLY L 168 -7.23 -26.78 47.43
N ILE L 169 -8.55 -26.72 47.41
CA ILE L 169 -9.40 -27.87 47.16
C ILE L 169 -9.55 -28.00 45.65
N VAL L 170 -9.69 -29.19 45.20
CA VAL L 170 -9.88 -29.50 43.79
C VAL L 170 -11.37 -29.50 43.51
N THR L 171 -11.75 -29.08 42.31
CA THR L 171 -13.14 -29.04 41.87
C THR L 171 -13.43 -30.02 40.75
N ARG L 172 -12.49 -30.17 39.82
CA ARG L 172 -12.67 -30.99 38.64
C ARG L 172 -11.32 -31.08 37.97
N VAL L 173 -11.00 -32.25 37.42
CA VAL L 173 -9.69 -32.51 36.84
C VAL L 173 -9.86 -33.28 35.54
N SER L 174 -9.34 -32.73 34.46
CA SER L 174 -9.35 -33.43 33.19
C SER L 174 -8.48 -34.70 33.27
N GLU L 175 -8.55 -35.51 32.23
CA GLU L 175 -7.82 -36.77 32.18
C GLU L 175 -6.45 -36.56 31.54
N VAL L 176 -5.69 -37.64 31.41
CA VAL L 176 -4.35 -37.59 30.83
C VAL L 176 -4.49 -37.78 29.33
N LYS L 177 -4.39 -36.67 28.57
CA LYS L 177 -4.33 -36.70 27.12
C LYS L 177 -2.97 -36.18 26.66
N PRO L 178 -2.43 -36.68 25.53
CA PRO L 178 -1.03 -36.40 25.23
C PRO L 178 -0.82 -35.00 24.68
N LYS L 179 -0.33 -34.10 25.52
CA LYS L 179 0.11 -32.80 25.02
C LYS L 179 1.36 -32.99 24.18
N MET L 180 1.48 -32.19 23.12
CA MET L 180 2.68 -32.22 22.31
C MET L 180 3.77 -31.41 22.99
N VAL L 181 5.01 -31.92 22.92
CA VAL L 181 6.20 -31.24 23.43
C VAL L 181 7.14 -30.86 22.30
N VAL L 182 7.50 -31.83 21.46
CA VAL L 182 8.36 -31.58 20.31
C VAL L 182 7.81 -32.37 19.14
N ALA L 183 7.08 -31.70 18.25
CA ALA L 183 6.57 -32.38 17.08
C ALA L 183 7.72 -32.71 16.15
N THR L 184 7.61 -33.85 15.48
CA THR L 184 8.64 -34.35 14.56
C THR L 184 8.02 -34.50 13.19
N TYR L 185 8.68 -33.94 12.18
CA TYR L 185 8.24 -33.93 10.80
C TYR L 185 9.29 -34.63 9.96
N THR L 186 8.84 -35.42 8.98
CA THR L 186 9.72 -36.04 8.00
C THR L 186 9.37 -35.55 6.61
N CYS L 187 10.36 -35.58 5.72
CA CYS L 187 10.27 -34.98 4.39
C CYS L 187 9.76 -35.99 3.37
N ASP L 188 9.40 -35.48 2.19
CA ASP L 188 8.96 -36.32 1.09
C ASP L 188 10.08 -36.70 0.13
N GLN L 189 11.19 -35.95 0.12
CA GLN L 189 12.31 -36.23 -0.76
C GLN L 189 13.59 -36.52 0.02
N CYS L 190 13.93 -35.69 0.99
CA CYS L 190 15.25 -35.79 1.61
C CYS L 190 15.35 -36.99 2.52
N GLY L 191 14.60 -37.00 3.61
CA GLY L 191 14.66 -38.04 4.62
C GLY L 191 15.17 -37.59 5.97
N ALA L 192 15.55 -36.32 6.13
CA ALA L 192 15.88 -35.81 7.45
C ALA L 192 14.62 -35.72 8.29
N GLU L 193 14.76 -35.27 9.54
CA GLU L 193 13.64 -35.16 10.45
C GLU L 193 13.76 -33.89 11.27
N THR L 194 12.88 -32.93 10.98
CA THR L 194 12.87 -31.62 11.59
C THR L 194 11.94 -31.60 12.78
N TYR L 195 12.21 -30.68 13.71
CA TYR L 195 11.46 -30.55 14.95
C TYR L 195 10.79 -29.20 15.04
N GLN L 196 9.59 -29.19 15.60
CA GLN L 196 8.88 -27.98 15.99
C GLN L 196 8.67 -28.12 17.49
N PRO L 197 9.55 -27.55 18.31
CA PRO L 197 9.31 -27.58 19.76
C PRO L 197 8.14 -26.68 20.14
N ILE L 198 7.08 -27.29 20.66
CA ILE L 198 5.85 -26.59 21.01
C ILE L 198 6.01 -26.03 22.42
N GLN L 199 5.39 -24.88 22.64
CA GLN L 199 5.35 -24.21 23.93
C GLN L 199 3.93 -23.84 24.33
N SER L 200 3.10 -23.44 23.37
CA SER L 200 1.89 -22.69 23.60
C SER L 200 0.67 -23.58 23.42
N PRO L 201 -0.55 -23.08 23.67
CA PRO L 201 -1.73 -23.93 23.47
C PRO L 201 -1.93 -24.44 22.06
N THR L 202 -1.35 -23.77 21.06
CA THR L 202 -1.57 -24.11 19.67
C THR L 202 -0.28 -23.95 18.89
N PHE L 203 -0.21 -24.64 17.76
CA PHE L 203 0.88 -24.47 16.82
C PHE L 203 0.34 -24.58 15.40
N MET L 204 0.82 -23.71 14.53
CA MET L 204 0.59 -23.88 13.11
C MET L 204 1.51 -24.97 12.60
N PRO L 205 1.02 -26.03 11.97
CA PRO L 205 1.94 -27.02 11.39
C PRO L 205 2.88 -26.42 10.37
N LEU L 206 3.91 -27.18 10.04
CA LEU L 206 4.87 -26.85 9.01
C LEU L 206 4.56 -27.65 7.74
N ILE L 207 5.03 -27.13 6.61
CA ILE L 207 4.84 -27.79 5.33
C ILE L 207 6.12 -27.81 4.49
N MET L 208 7.19 -27.14 4.95
CA MET L 208 8.47 -27.10 4.25
C MET L 208 9.60 -27.50 5.20
N CYS L 209 10.62 -28.16 4.63
CA CYS L 209 11.68 -28.82 5.38
C CYS L 209 12.97 -27.99 5.29
N PRO L 210 13.48 -27.39 6.41
CA PRO L 210 14.75 -26.66 6.32
C PRO L 210 16.01 -27.51 6.36
N SER L 211 15.90 -28.81 6.10
CA SER L 211 17.07 -29.65 5.99
C SER L 211 17.99 -29.17 4.87
N GLN L 212 19.29 -29.22 5.12
CA GLN L 212 20.25 -28.66 4.17
C GLN L 212 20.28 -29.44 2.88
N GLU L 213 19.89 -30.72 2.89
CA GLU L 213 19.74 -31.42 1.63
C GLU L 213 18.63 -30.78 0.80
N CYS L 214 17.54 -30.37 1.44
CA CYS L 214 16.49 -29.67 0.71
C CYS L 214 16.99 -28.32 0.19
N GLN L 215 17.75 -27.60 1.03
CA GLN L 215 18.27 -26.31 0.59
C GLN L 215 19.25 -26.46 -0.58
N THR L 216 19.96 -27.59 -0.64
CA THR L 216 20.84 -27.87 -1.78
C THR L 216 20.06 -28.30 -3.02
N ASN L 217 19.02 -29.11 -2.84
CA ASN L 217 18.30 -29.65 -3.97
C ASN L 217 17.40 -28.63 -4.63
N ARG L 218 16.89 -27.66 -3.86
CA ARG L 218 15.73 -26.87 -4.24
C ARG L 218 14.59 -27.80 -4.65
N SER L 219 14.20 -28.63 -3.68
CA SER L 219 13.06 -29.51 -3.76
C SER L 219 11.94 -28.97 -2.89
N GLY L 220 10.71 -29.35 -3.22
CA GLY L 220 9.59 -29.06 -2.35
C GLY L 220 9.76 -29.82 -1.05
N GLY L 221 9.75 -29.11 0.08
CA GLY L 221 9.82 -29.76 1.37
C GLY L 221 8.72 -30.78 1.56
N ARG L 222 7.47 -30.32 1.66
CA ARG L 222 6.30 -31.20 1.75
C ARG L 222 6.41 -32.16 2.91
N LEU L 223 6.97 -31.71 4.02
CA LEU L 223 7.15 -32.64 5.13
C LEU L 223 5.82 -32.92 5.81
N TYR L 224 5.68 -34.15 6.32
CA TYR L 224 4.44 -34.64 6.91
C TYR L 224 4.67 -34.91 8.40
N LEU L 225 3.89 -34.26 9.24
CA LEU L 225 3.94 -34.51 10.67
C LEU L 225 3.45 -35.92 10.96
N GLN L 226 4.05 -36.56 11.96
CA GLN L 226 3.52 -37.81 12.48
C GLN L 226 3.84 -37.89 13.96
N THR L 227 3.16 -38.81 14.63
CA THR L 227 3.26 -39.00 16.08
C THR L 227 4.39 -39.92 16.49
N ARG L 228 4.85 -40.79 15.58
CA ARG L 228 5.90 -41.76 15.86
C ARG L 228 7.14 -41.10 16.47
N GLY L 229 7.78 -40.22 15.71
CA GLY L 229 9.00 -39.59 16.17
C GLY L 229 8.81 -38.42 17.11
N SER L 230 7.57 -38.11 17.47
CA SER L 230 7.29 -36.93 18.27
C SER L 230 7.65 -37.20 19.72
N ARG L 231 7.35 -36.23 20.58
CA ARG L 231 7.51 -36.38 22.03
C ARG L 231 6.26 -35.82 22.68
N PHE L 232 5.34 -36.71 23.06
CA PHE L 232 4.18 -36.32 23.83
C PHE L 232 4.54 -36.37 25.31
N ILE L 233 3.57 -36.08 26.17
CA ILE L 233 3.82 -36.02 27.60
C ILE L 233 2.50 -36.17 28.33
N LYS L 234 2.57 -36.58 29.58
CA LYS L 234 1.38 -36.71 30.42
C LYS L 234 1.00 -35.31 30.85
N PHE L 235 -0.11 -34.79 30.32
CA PHE L 235 -0.55 -33.44 30.61
C PHE L 235 -1.97 -33.44 31.14
N GLN L 236 -2.18 -32.75 32.25
CA GLN L 236 -3.52 -32.48 32.77
C GLN L 236 -3.63 -31.01 33.11
N GLU L 237 -4.81 -30.44 32.85
CA GLU L 237 -5.20 -29.16 33.41
C GLU L 237 -6.17 -29.45 34.53
N MET L 238 -5.79 -29.10 35.75
CA MET L 238 -6.62 -29.25 36.92
C MET L 238 -7.09 -27.89 37.38
N LYS L 239 -8.19 -27.89 38.11
CA LYS L 239 -8.76 -26.71 38.72
C LYS L 239 -8.51 -26.77 40.21
N MET L 240 -8.50 -25.62 40.84
CA MET L 240 -8.38 -25.54 42.29
C MET L 240 -9.21 -24.36 42.77
N GLN L 241 -9.57 -24.42 44.05
CA GLN L 241 -10.52 -23.51 44.66
C GLN L 241 -9.99 -23.08 46.01
N GLU L 242 -10.31 -21.84 46.40
CA GLU L 242 -9.84 -21.33 47.69
C GLU L 242 -10.33 -22.21 48.83
N HIS L 243 -9.59 -22.20 49.93
CA HIS L 243 -10.11 -22.77 51.16
C HIS L 243 -11.17 -21.84 51.72
N SER L 244 -12.28 -22.44 52.16
CA SER L 244 -13.38 -21.67 52.73
C SER L 244 -12.94 -20.88 53.95
N ASP L 245 -11.90 -21.35 54.65
CA ASP L 245 -11.29 -20.55 55.70
C ASP L 245 -10.41 -19.45 55.11
N GLN L 246 -9.74 -19.71 53.98
CA GLN L 246 -8.94 -18.66 53.35
C GLN L 246 -9.80 -17.52 52.84
N VAL L 247 -11.05 -17.78 52.46
CA VAL L 247 -11.88 -16.82 51.73
C VAL L 247 -12.12 -15.58 52.58
N PRO L 248 -12.19 -14.36 52.01
CA PRO L 248 -12.52 -13.19 52.83
C PRO L 248 -13.96 -13.20 53.30
N VAL L 249 -14.43 -12.09 53.89
CA VAL L 249 -15.64 -12.08 54.72
C VAL L 249 -16.86 -12.54 53.93
N GLY L 250 -17.01 -12.08 52.68
CA GLY L 250 -18.25 -12.29 51.93
C GLY L 250 -18.12 -12.71 50.48
N ASN L 251 -16.91 -12.74 49.95
CA ASN L 251 -16.73 -13.08 48.55
C ASN L 251 -16.78 -14.59 48.37
N ILE L 252 -17.16 -15.02 47.17
CA ILE L 252 -17.14 -16.44 46.86
C ILE L 252 -15.69 -16.87 46.71
N PRO L 253 -15.36 -18.16 46.81
CA PRO L 253 -13.95 -18.58 46.67
C PRO L 253 -13.46 -18.45 45.24
N ARG L 254 -12.28 -17.84 45.09
CA ARG L 254 -11.64 -17.75 43.79
C ARG L 254 -11.06 -19.08 43.38
N SER L 255 -11.10 -19.32 42.08
CA SER L 255 -10.56 -20.52 41.46
C SER L 255 -9.16 -20.25 40.92
N ILE L 256 -8.57 -21.27 40.32
CA ILE L 256 -7.30 -21.13 39.64
C ILE L 256 -7.08 -22.37 38.78
N THR L 257 -6.42 -22.18 37.64
CA THR L 257 -6.06 -23.27 36.75
C THR L 257 -4.60 -23.62 36.97
N VAL L 258 -4.33 -24.92 37.06
CA VAL L 258 -3.01 -25.45 37.32
C VAL L 258 -2.72 -26.46 36.24
N LEU L 259 -1.47 -26.54 35.79
CA LEU L 259 -1.05 -27.45 34.73
C LEU L 259 -0.04 -28.45 35.28
N VAL L 260 -0.30 -29.71 34.98
CA VAL L 260 0.30 -30.85 35.63
C VAL L 260 0.99 -31.66 34.56
N GLU L 261 2.28 -31.97 34.76
CA GLU L 261 3.12 -32.55 33.72
C GLU L 261 3.94 -33.70 34.27
N GLY L 262 4.14 -34.73 33.43
CA GLY L 262 5.09 -35.79 33.75
C GLY L 262 4.67 -36.64 34.91
N GLU L 263 5.58 -36.82 35.88
CA GLU L 263 5.30 -37.58 37.09
C GLU L 263 4.54 -36.80 38.15
N ASN L 264 4.04 -35.60 37.82
CA ASN L 264 3.04 -34.93 38.64
C ASN L 264 1.61 -35.33 38.26
N THR L 265 1.40 -36.07 37.17
CA THR L 265 0.06 -36.41 36.74
C THR L 265 -0.55 -37.50 37.61
N ARG L 266 -1.88 -37.45 37.71
CA ARG L 266 -2.69 -38.46 38.39
C ARG L 266 -2.28 -38.60 39.84
N ILE L 267 -2.17 -37.47 40.52
CA ILE L 267 -2.05 -37.41 41.99
C ILE L 267 -3.32 -36.86 42.59
N ALA L 268 -3.64 -35.61 42.31
CA ALA L 268 -4.87 -35.03 42.81
C ALA L 268 -6.07 -35.63 42.09
N GLN L 269 -7.21 -35.64 42.77
CA GLN L 269 -8.46 -36.14 42.25
C GLN L 269 -9.58 -35.27 42.78
N PRO L 270 -10.73 -35.25 42.11
CA PRO L 270 -11.78 -34.27 42.48
C PRO L 270 -12.24 -34.43 43.91
N GLY L 271 -12.20 -33.32 44.64
CA GLY L 271 -12.62 -33.26 46.02
C GLY L 271 -11.49 -33.32 47.02
N ASP L 272 -10.33 -33.82 46.63
CA ASP L 272 -9.21 -33.99 47.56
C ASP L 272 -8.42 -32.70 47.67
N HIS L 273 -8.13 -32.30 48.90
CA HIS L 273 -7.29 -31.14 49.15
C HIS L 273 -5.90 -31.38 48.57
N VAL L 274 -5.28 -30.32 48.06
CA VAL L 274 -3.97 -30.41 47.45
C VAL L 274 -3.14 -29.21 47.89
N SER L 275 -1.83 -29.41 47.96
CA SER L 275 -0.83 -28.35 48.00
C SER L 275 0.02 -28.51 46.75
N VAL L 276 -0.01 -27.51 45.89
CA VAL L 276 0.72 -27.50 44.62
C VAL L 276 1.78 -26.40 44.68
N THR L 277 2.99 -26.75 44.27
CA THR L 277 4.14 -25.87 44.26
C THR L 277 4.51 -25.64 42.81
N GLY L 278 4.49 -24.38 42.38
CA GLY L 278 4.77 -24.10 40.99
C GLY L 278 5.00 -22.62 40.75
N ILE L 279 5.01 -22.28 39.46
CA ILE L 279 5.27 -20.93 38.99
C ILE L 279 4.04 -20.47 38.20
N PHE L 280 3.76 -19.18 38.27
CA PHE L 280 2.50 -18.58 37.82
C PHE L 280 2.65 -17.93 36.44
N LEU L 281 2.96 -18.77 35.40
CA LEU L 281 3.38 -18.19 34.12
C LEU L 281 2.19 -17.85 33.22
N PRO L 282 2.34 -16.88 32.26
CA PRO L 282 1.19 -16.45 31.45
C PRO L 282 1.07 -17.10 30.07
N ILE L 283 -0.14 -17.06 29.52
CA ILE L 283 -0.47 -17.45 28.16
C ILE L 283 -1.04 -16.21 27.48
N LEU L 284 -0.92 -16.16 26.15
CA LEU L 284 -1.53 -15.06 25.40
C LEU L 284 -3.04 -15.06 25.59
N ARG L 285 -3.61 -13.88 25.85
CA ARG L 285 -5.06 -13.81 26.01
C ARG L 285 -5.77 -14.08 24.68
N THR L 286 -5.26 -13.53 23.59
CA THR L 286 -5.93 -13.64 22.31
C THR L 286 -5.77 -15.03 21.70
N VAL L 291 -11.33 -6.39 25.20
CA VAL L 291 -10.74 -6.04 23.92
C VAL L 291 -10.09 -4.66 24.02
N VAL L 292 -9.55 -4.34 25.20
CA VAL L 292 -8.85 -3.08 25.43
C VAL L 292 -7.38 -3.28 25.08
N GLN L 293 -6.71 -2.20 24.69
CA GLN L 293 -5.32 -2.27 24.23
C GLN L 293 -4.39 -2.69 25.36
N GLY L 294 -3.11 -2.86 25.02
CA GLY L 294 -2.12 -3.44 25.93
C GLY L 294 -1.69 -4.76 25.35
N LEU L 295 -1.25 -5.70 26.20
CA LEU L 295 -1.01 -7.08 25.76
C LEU L 295 -1.45 -7.98 26.90
N LEU L 296 -2.71 -8.39 26.87
CA LEU L 296 -3.31 -9.14 27.96
C LEU L 296 -2.87 -10.59 27.91
N SER L 297 -3.14 -11.32 28.98
CA SER L 297 -2.62 -12.66 29.11
C SER L 297 -3.36 -13.43 30.18
N GLU L 298 -3.62 -14.71 29.91
CA GLU L 298 -4.17 -15.60 30.92
C GLU L 298 -3.09 -15.96 31.92
N THR L 299 -3.49 -16.64 33.00
CA THR L 299 -2.58 -17.08 34.05
C THR L 299 -2.87 -18.52 34.40
N TYR L 300 -1.86 -19.36 34.30
CA TYR L 300 -1.93 -20.73 34.77
C TYR L 300 -0.72 -20.96 35.66
N LEU L 301 -0.91 -21.78 36.69
CA LEU L 301 0.17 -22.13 37.61
C LEU L 301 0.77 -23.44 37.17
N GLU L 302 2.06 -23.44 36.84
CA GLU L 302 2.71 -24.66 36.32
C GLU L 302 3.19 -25.46 37.51
N ALA L 303 2.48 -26.55 37.82
CA ALA L 303 2.76 -27.32 39.01
C ALA L 303 4.13 -27.95 38.94
N HIS L 304 4.81 -28.01 40.09
CA HIS L 304 6.12 -28.62 40.20
C HIS L 304 6.30 -29.50 41.43
N ARG L 305 5.35 -29.51 42.37
CA ARG L 305 5.25 -30.60 43.34
C ARG L 305 3.82 -30.64 43.86
N ILE L 306 3.28 -31.85 43.94
CA ILE L 306 1.88 -32.09 44.33
C ILE L 306 1.89 -32.96 45.58
N VAL L 307 1.30 -32.45 46.66
CA VAL L 307 1.17 -33.19 47.91
C VAL L 307 -0.25 -32.99 48.41
N LYS L 308 -1.03 -34.06 48.44
CA LYS L 308 -2.33 -33.97 49.08
C LYS L 308 -2.09 -33.79 50.57
N MET L 309 -2.93 -33.00 51.23
CA MET L 309 -2.68 -32.70 52.63
C MET L 309 -3.97 -32.39 53.36
N ASN L 310 -3.97 -32.74 54.65
CA ASN L 310 -4.94 -32.37 55.67
C ASN L 310 -6.24 -33.15 55.57
N LYS L 311 -6.47 -33.92 54.51
CA LYS L 311 -7.52 -34.93 54.51
C LYS L 311 -7.12 -36.25 53.88
N SER L 312 -6.11 -36.28 52.99
CA SER L 312 -5.79 -37.46 52.20
C SER L 312 -4.29 -37.71 52.14
N GLU L 313 -3.57 -37.40 53.22
CA GLU L 313 -2.14 -37.69 53.28
C GLU L 313 -1.91 -39.19 53.22
N TYR L 336 -8.90 -49.10 71.33
CA TYR L 336 -10.25 -49.21 70.79
C TYR L 336 -11.20 -48.31 71.57
N GLU L 337 -11.24 -48.48 72.89
CA GLU L 337 -12.13 -47.68 73.72
C GLU L 337 -11.70 -46.22 73.70
N LYS L 338 -10.43 -45.98 74.02
CA LYS L 338 -9.86 -44.65 73.92
C LYS L 338 -9.93 -44.12 72.49
N LEU L 339 -9.80 -45.01 71.50
CA LEU L 339 -9.90 -44.61 70.09
C LEU L 339 -11.29 -44.03 69.79
N ALA L 340 -12.33 -44.79 70.12
CA ALA L 340 -13.69 -44.33 69.85
C ALA L 340 -13.98 -43.06 70.62
N ALA L 341 -13.55 -42.99 71.88
CA ALA L 341 -13.69 -41.73 72.59
C ALA L 341 -12.86 -40.61 71.95
N SER L 342 -11.80 -40.95 71.21
CA SER L 342 -11.05 -39.96 70.46
C SER L 342 -11.81 -39.48 69.24
N ILE L 343 -12.80 -40.25 68.78
CA ILE L 343 -13.58 -39.81 67.61
C ILE L 343 -14.46 -38.65 68.08
N ALA L 344 -14.04 -37.43 67.78
CA ALA L 344 -14.75 -36.21 68.15
C ALA L 344 -14.86 -36.12 69.66
N PRO L 345 -13.79 -35.83 70.39
CA PRO L 345 -13.91 -35.72 71.86
C PRO L 345 -14.89 -34.67 72.32
N GLU L 346 -15.18 -33.67 71.47
CA GLU L 346 -16.08 -32.59 71.85
C GLU L 346 -17.53 -33.03 72.02
N ILE L 347 -17.89 -34.25 71.60
CA ILE L 347 -19.23 -34.80 71.82
C ILE L 347 -19.14 -35.78 73.00
N TYR L 348 -20.21 -35.83 73.80
CA TYR L 348 -20.29 -36.70 74.96
C TYR L 348 -21.43 -37.69 74.80
N GLY L 349 -21.29 -38.84 75.43
CA GLY L 349 -22.25 -39.90 75.27
C GLY L 349 -22.16 -40.50 73.88
N HIS L 350 -23.18 -41.31 73.56
CA HIS L 350 -23.28 -41.99 72.27
C HIS L 350 -22.06 -42.87 72.04
N GLU L 351 -21.60 -43.53 73.10
CA GLU L 351 -20.37 -44.31 73.03
C GLU L 351 -20.51 -45.46 72.04
N ASP L 352 -21.65 -46.15 72.07
CA ASP L 352 -21.85 -47.22 71.11
C ASP L 352 -21.97 -46.68 69.69
N VAL L 353 -22.51 -45.47 69.53
CA VAL L 353 -22.55 -44.85 68.21
C VAL L 353 -21.13 -44.62 67.72
N LYS L 354 -20.28 -44.08 68.58
CA LYS L 354 -18.90 -43.82 68.18
C LYS L 354 -18.18 -45.12 67.85
N LYS L 355 -18.46 -46.19 68.61
CA LYS L 355 -17.82 -47.46 68.32
C LYS L 355 -18.24 -47.98 66.95
N ALA L 356 -19.54 -47.90 66.62
CA ALA L 356 -19.97 -48.31 65.29
C ALA L 356 -19.37 -47.42 64.21
N LEU L 357 -19.18 -46.13 64.52
CA LEU L 357 -18.56 -45.24 63.54
C LEU L 357 -17.12 -45.62 63.27
N LEU L 358 -16.37 -45.91 64.34
CA LEU L 358 -15.03 -46.46 64.19
C LEU L 358 -15.06 -47.73 63.36
N LEU L 359 -16.05 -48.58 63.62
CA LEU L 359 -16.15 -49.85 62.91
C LEU L 359 -16.33 -49.64 61.41
N LEU L 360 -17.26 -48.78 61.01
CA LEU L 360 -17.41 -48.50 59.59
C LEU L 360 -16.13 -47.92 59.02
N LEU L 361 -15.50 -46.98 59.75
CA LEU L 361 -14.28 -46.35 59.26
C LEU L 361 -13.21 -47.39 58.98
N VAL L 362 -13.16 -48.45 59.79
CA VAL L 362 -12.33 -49.59 59.43
C VAL L 362 -12.92 -50.30 58.23
N GLY L 363 -14.23 -50.40 58.16
CA GLY L 363 -14.91 -51.00 57.01
C GLY L 363 -15.00 -52.50 57.09
N GLY L 364 -16.20 -53.05 56.91
CA GLY L 364 -16.35 -54.48 56.82
C GLY L 364 -15.65 -55.04 55.60
N VAL L 365 -15.38 -56.34 55.64
CA VAL L 365 -14.51 -56.94 54.64
C VAL L 365 -15.17 -56.90 53.27
N ASP L 366 -14.45 -56.36 52.30
CA ASP L 366 -14.94 -56.34 50.93
C ASP L 366 -14.88 -57.75 50.35
N GLN L 367 -16.01 -58.22 49.83
CA GLN L 367 -16.15 -59.58 49.33
C GLN L 367 -16.79 -59.56 47.95
N SER L 368 -16.25 -60.36 47.04
CA SER L 368 -16.83 -60.63 45.73
C SER L 368 -16.79 -62.13 45.47
N PRO L 369 -17.58 -62.93 46.23
CA PRO L 369 -17.55 -64.38 46.05
C PRO L 369 -18.55 -64.86 45.02
N ARG L 370 -18.11 -65.71 44.09
CA ARG L 370 -18.96 -66.28 43.06
C ARG L 370 -19.67 -65.19 42.25
N GLY L 371 -18.92 -64.15 41.89
CA GLY L 371 -19.43 -63.13 41.01
C GLY L 371 -20.34 -62.12 41.67
N MET L 372 -21.41 -62.59 42.31
CA MET L 372 -22.30 -61.70 43.03
C MET L 372 -21.53 -61.00 44.14
N LYS L 373 -21.71 -59.70 44.26
CA LYS L 373 -20.91 -58.88 45.16
C LYS L 373 -21.59 -58.77 46.51
N ILE L 374 -20.81 -58.99 47.56
CA ILE L 374 -21.23 -58.75 48.95
C ILE L 374 -20.29 -57.65 49.44
N ARG L 375 -20.71 -56.40 49.27
CA ARG L 375 -19.80 -55.30 49.52
C ARG L 375 -19.59 -55.12 51.01
N GLY L 376 -18.36 -54.77 51.38
CA GLY L 376 -17.99 -54.55 52.77
C GLY L 376 -18.14 -53.10 53.18
N ASN L 377 -19.30 -52.51 52.88
CA ASN L 377 -19.67 -51.18 53.33
C ASN L 377 -20.64 -51.29 54.49
N ILE L 378 -20.62 -50.30 55.37
CA ILE L 378 -21.47 -50.27 56.56
C ILE L 378 -22.25 -48.96 56.52
N ASN L 379 -23.58 -49.07 56.53
CA ASN L 379 -24.49 -47.94 56.31
C ASN L 379 -25.22 -47.64 57.61
N ILE L 380 -25.10 -46.40 58.09
CA ILE L 380 -25.67 -45.98 59.36
C ILE L 380 -26.61 -44.80 59.12
N CYS L 381 -27.71 -44.78 59.87
CA CYS L 381 -28.59 -43.61 59.94
C CYS L 381 -28.79 -43.22 61.38
N LEU L 382 -28.82 -41.92 61.63
CA LEU L 382 -29.00 -41.33 62.96
C LEU L 382 -30.28 -40.51 62.94
N MET L 383 -31.39 -41.13 63.31
CA MET L 383 -32.62 -40.39 63.54
C MET L 383 -32.54 -39.83 64.94
N GLY L 384 -32.90 -38.56 65.10
CA GLY L 384 -32.66 -37.91 66.37
C GLY L 384 -33.66 -36.82 66.69
N ASP L 385 -33.77 -36.55 67.98
CA ASP L 385 -34.46 -35.36 68.45
C ASP L 385 -33.69 -34.12 68.01
N PRO L 386 -34.35 -32.96 67.95
CA PRO L 386 -33.67 -31.80 67.36
C PRO L 386 -32.51 -31.28 68.20
N GLY L 387 -31.31 -31.63 67.77
CA GLY L 387 -30.07 -31.14 68.32
C GLY L 387 -29.46 -32.13 69.30
N VAL L 388 -28.55 -32.99 68.84
CA VAL L 388 -27.74 -33.83 69.70
C VAL L 388 -26.30 -33.90 69.18
N ALA L 389 -25.91 -32.96 68.29
CA ALA L 389 -24.62 -32.95 67.62
C ALA L 389 -24.47 -34.10 66.61
N LYS L 390 -25.57 -34.54 66.00
CA LYS L 390 -25.44 -35.53 64.92
C LYS L 390 -24.81 -34.90 63.67
N SER L 391 -25.20 -33.66 63.35
CA SER L 391 -24.55 -32.95 62.26
C SER L 391 -23.07 -32.77 62.55
N GLN L 392 -22.72 -32.49 63.80
CA GLN L 392 -21.31 -32.34 64.14
C GLN L 392 -20.57 -33.67 64.01
N LEU L 393 -21.23 -34.77 64.36
CA LEU L 393 -20.60 -36.08 64.14
C LEU L 393 -20.34 -36.32 62.67
N LEU L 394 -21.31 -35.97 61.82
CA LEU L 394 -21.12 -36.11 60.38
C LEU L 394 -19.98 -35.22 59.88
N SER L 395 -19.89 -33.99 60.41
CA SER L 395 -18.81 -33.09 60.00
C SER L 395 -17.45 -33.62 60.43
N TYR L 396 -17.37 -34.20 61.63
CA TYR L 396 -16.10 -34.77 62.06
C TYR L 396 -15.71 -35.95 61.18
N ILE L 397 -16.67 -36.81 60.84
CA ILE L 397 -16.34 -37.91 59.94
C ILE L 397 -15.92 -37.37 58.58
N ASP L 398 -16.53 -36.27 58.15
CA ASP L 398 -16.12 -35.64 56.89
C ASP L 398 -14.67 -35.18 56.96
N ARG L 399 -14.30 -34.51 58.05
CA ARG L 399 -12.92 -34.10 58.24
C ARG L 399 -12.00 -35.31 58.38
N LEU L 400 -12.53 -36.45 58.83
CA LEU L 400 -11.69 -37.60 59.15
C LEU L 400 -11.34 -38.39 57.90
N ALA L 401 -12.34 -38.94 57.21
CA ALA L 401 -12.09 -40.05 56.29
C ALA L 401 -11.19 -39.61 55.12
N PRO L 402 -10.37 -40.51 54.57
CA PRO L 402 -9.53 -40.12 53.42
C PRO L 402 -10.33 -39.68 52.20
N ARG L 403 -11.56 -40.14 52.06
CA ARG L 403 -12.50 -39.61 51.08
C ARG L 403 -13.81 -39.37 51.79
N SER L 404 -14.31 -38.13 51.74
CA SER L 404 -15.51 -37.80 52.48
C SER L 404 -16.23 -36.64 51.81
N GLN L 405 -17.57 -36.72 51.82
CA GLN L 405 -18.40 -35.69 51.20
C GLN L 405 -19.63 -35.45 52.07
N TYR L 406 -19.68 -34.27 52.69
CA TYR L 406 -20.75 -33.90 53.62
C TYR L 406 -21.80 -33.09 52.89
N THR L 407 -22.94 -33.70 52.59
CA THR L 407 -23.99 -33.08 51.79
C THR L 407 -25.25 -32.91 52.63
N THR L 408 -25.77 -31.68 52.70
CA THR L 408 -27.01 -31.41 53.39
C THR L 408 -28.12 -31.57 52.34
N GLY L 409 -29.35 -31.12 52.61
CA GLY L 409 -30.50 -31.43 51.79
C GLY L 409 -30.43 -31.01 50.32
N ARG L 410 -30.39 -29.71 50.08
CA ARG L 410 -30.65 -29.14 48.77
C ARG L 410 -29.47 -28.41 48.14
N GLY L 411 -28.39 -28.20 48.88
CA GLY L 411 -27.19 -27.66 48.28
C GLY L 411 -26.61 -28.57 47.21
N SER L 412 -26.82 -29.88 47.34
CA SER L 412 -26.40 -30.88 46.37
C SER L 412 -27.61 -31.75 46.07
N SER L 413 -28.34 -31.41 45.00
CA SER L 413 -29.54 -32.12 44.60
C SER L 413 -29.51 -32.33 43.10
N GLY L 414 -30.10 -33.42 42.67
CA GLY L 414 -30.03 -33.78 41.26
C GLY L 414 -28.59 -34.06 40.88
N VAL L 415 -28.05 -33.23 39.99
CA VAL L 415 -26.69 -33.40 39.52
C VAL L 415 -25.67 -33.23 40.64
N GLY L 416 -26.03 -32.55 41.73
CA GLY L 416 -25.09 -32.39 42.82
C GLY L 416 -24.67 -33.70 43.43
N LEU L 417 -25.60 -34.64 43.57
CA LEU L 417 -25.31 -35.98 44.04
C LEU L 417 -24.96 -36.91 42.90
N THR L 418 -25.66 -36.78 41.78
CA THR L 418 -25.45 -37.63 40.62
C THR L 418 -24.23 -37.12 39.85
N ALA L 419 -24.02 -37.61 38.62
CA ALA L 419 -22.99 -37.11 37.71
C ALA L 419 -23.65 -36.46 36.50
N ALA L 420 -23.05 -35.40 35.98
CA ALA L 420 -23.63 -34.66 34.86
C ALA L 420 -22.55 -34.34 33.83
N VAL L 421 -22.93 -33.56 32.82
CA VAL L 421 -22.17 -33.31 31.61
C VAL L 421 -21.80 -31.83 31.56
N LEU L 422 -20.59 -31.52 31.12
CA LEU L 422 -20.11 -30.15 31.07
C LEU L 422 -19.12 -29.98 29.92
N ARG L 423 -19.02 -28.74 29.42
CA ARG L 423 -18.04 -28.44 28.39
C ARG L 423 -16.64 -28.37 28.98
N ASP L 424 -15.67 -28.95 28.27
CA ASP L 424 -14.29 -28.97 28.71
C ASP L 424 -13.59 -27.67 28.32
N SER L 427 -9.18 -28.95 25.08
CA SER L 427 -9.95 -29.77 24.16
C SER L 427 -11.41 -29.82 24.57
N GLY L 428 -12.20 -28.90 24.02
CA GLY L 428 -13.62 -28.80 24.33
C GLY L 428 -14.38 -30.07 23.99
N GLU L 429 -15.21 -30.53 24.93
CA GLU L 429 -15.89 -31.80 24.79
C GLU L 429 -16.90 -31.92 25.92
N LEU L 430 -17.91 -32.75 25.71
CA LEU L 430 -18.89 -33.06 26.75
C LEU L 430 -18.25 -34.01 27.75
N THR L 431 -17.42 -33.43 28.63
CA THR L 431 -16.85 -34.18 29.74
C THR L 431 -17.94 -34.50 30.75
N LEU L 432 -18.18 -35.79 30.97
CA LEU L 432 -19.05 -36.23 32.05
C LEU L 432 -18.22 -36.29 33.32
N GLU L 433 -18.59 -35.49 34.31
CA GLU L 433 -17.93 -35.52 35.61
C GLU L 433 -18.99 -35.72 36.68
N GLY L 434 -18.51 -35.92 37.91
CA GLY L 434 -19.33 -36.42 38.99
C GLY L 434 -19.73 -35.40 40.03
N GLY L 435 -20.79 -35.71 40.75
CA GLY L 435 -21.22 -34.97 41.92
C GLY L 435 -20.71 -35.60 43.19
N ALA L 436 -21.48 -35.46 44.27
CA ALA L 436 -20.97 -35.76 45.61
C ALA L 436 -20.61 -37.22 45.76
N LEU L 437 -21.54 -38.12 45.42
CA LEU L 437 -21.29 -39.53 45.67
C LEU L 437 -20.15 -40.06 44.81
N VAL L 438 -20.16 -39.74 43.51
CA VAL L 438 -19.09 -40.24 42.63
C VAL L 438 -17.76 -39.57 43.00
N LEU L 439 -17.79 -38.37 43.57
CA LEU L 439 -16.56 -37.83 44.15
C LEU L 439 -16.12 -38.67 45.34
N ALA L 440 -17.08 -39.15 46.13
CA ALA L 440 -16.82 -40.03 47.26
C ALA L 440 -16.89 -41.50 46.89
N ASP L 441 -16.54 -41.82 45.64
CA ASP L 441 -16.58 -43.16 45.04
C ASP L 441 -16.15 -44.29 45.96
N GLN L 442 -15.15 -44.08 46.82
CA GLN L 442 -14.69 -45.08 47.77
C GLN L 442 -14.88 -44.69 49.21
N GLY L 443 -15.26 -43.46 49.50
CA GLY L 443 -15.23 -42.94 50.85
C GLY L 443 -16.58 -42.93 51.51
N VAL L 444 -16.85 -41.86 52.24
CA VAL L 444 -17.98 -41.76 53.15
C VAL L 444 -18.79 -40.52 52.80
N CYS L 445 -20.03 -40.71 52.37
CA CYS L 445 -20.96 -39.60 52.16
C CYS L 445 -21.74 -39.39 53.45
N CYS L 446 -21.48 -38.25 54.08
CA CYS L 446 -22.17 -37.84 55.30
C CYS L 446 -23.38 -37.04 54.86
N ILE L 447 -24.51 -37.71 54.74
CA ILE L 447 -25.74 -37.07 54.27
C ILE L 447 -26.49 -36.56 55.48
N ASP L 448 -26.86 -35.29 55.46
CA ASP L 448 -27.51 -34.63 56.58
C ASP L 448 -28.94 -34.32 56.22
N GLU L 449 -29.85 -34.57 57.16
CA GLU L 449 -31.28 -34.36 56.96
C GLU L 449 -31.79 -35.18 55.78
N PHE L 450 -31.55 -36.49 55.87
CA PHE L 450 -32.05 -37.43 54.87
C PHE L 450 -33.57 -37.44 54.80
N ASP L 451 -34.26 -37.03 55.85
CA ASP L 451 -35.72 -37.09 55.86
C ASP L 451 -36.33 -36.20 54.80
N LYS L 452 -35.79 -34.99 54.61
CA LYS L 452 -36.38 -33.97 53.75
C LYS L 452 -35.66 -33.83 52.42
N MET L 453 -34.90 -34.84 52.01
CA MET L 453 -34.25 -34.80 50.71
C MET L 453 -35.31 -34.85 49.61
N ALA L 454 -34.89 -34.44 48.41
CA ALA L 454 -35.73 -34.63 47.24
C ALA L 454 -35.92 -36.11 46.99
N GLU L 455 -37.03 -36.46 46.36
CA GLU L 455 -37.35 -37.87 46.19
C GLU L 455 -36.41 -38.52 45.19
N ALA L 456 -35.92 -37.78 44.19
CA ALA L 456 -34.91 -38.34 43.30
C ALA L 456 -33.60 -38.59 44.03
N ASP L 457 -33.21 -37.67 44.92
CA ASP L 457 -32.02 -37.89 45.74
C ASP L 457 -32.20 -39.12 46.61
N ARG L 458 -33.39 -39.28 47.18
CA ARG L 458 -33.68 -40.44 48.02
C ARG L 458 -33.57 -41.72 47.23
N THR L 459 -34.10 -41.72 46.00
CA THR L 459 -34.00 -42.89 45.13
C THR L 459 -32.55 -43.22 44.80
N ALA L 460 -31.76 -42.21 44.46
CA ALA L 460 -30.37 -42.45 44.12
C ALA L 460 -29.61 -43.02 45.30
N ILE L 461 -29.86 -42.50 46.50
CA ILE L 461 -29.16 -42.98 47.67
C ILE L 461 -29.58 -44.41 47.98
N HIS L 462 -30.85 -44.74 47.74
CA HIS L 462 -31.26 -46.14 47.88
C HIS L 462 -30.50 -47.03 46.91
N GLU L 463 -30.34 -46.57 45.66
CA GLU L 463 -29.60 -47.34 44.67
C GLU L 463 -28.16 -47.57 45.11
N VAL L 464 -27.50 -46.52 45.60
CA VAL L 464 -26.08 -46.66 45.91
C VAL L 464 -25.89 -47.49 47.16
N MET L 465 -26.80 -47.41 48.13
CA MET L 465 -26.67 -48.29 49.29
C MET L 465 -26.92 -49.74 48.92
N GLU L 466 -27.79 -49.98 47.93
CA GLU L 466 -28.13 -51.37 47.61
C GLU L 466 -27.10 -52.02 46.68
N GLN L 467 -26.53 -51.27 45.71
CA GLN L 467 -25.72 -51.88 44.66
C GLN L 467 -24.44 -51.15 44.30
N GLN L 468 -24.09 -50.06 45.00
CA GLN L 468 -22.89 -49.24 44.76
C GLN L 468 -22.67 -48.89 43.28
N THR L 469 -23.77 -48.73 42.53
CA THR L 469 -23.77 -48.13 41.21
C THR L 469 -24.80 -47.02 41.19
N ILE L 470 -24.78 -46.24 40.11
CA ILE L 470 -25.81 -45.24 39.84
C ILE L 470 -26.13 -45.31 38.35
N SER L 471 -27.25 -45.94 38.00
CA SER L 471 -27.66 -46.02 36.60
C SER L 471 -28.36 -44.74 36.21
N ILE L 472 -28.09 -44.27 35.00
CA ILE L 472 -28.71 -43.08 34.44
C ILE L 472 -29.03 -43.34 32.99
N ALA L 473 -30.22 -42.94 32.56
CA ALA L 473 -30.60 -42.89 31.15
C ALA L 473 -31.35 -41.60 30.89
N LYS L 474 -30.78 -40.47 31.30
CA LYS L 474 -31.45 -39.17 31.31
C LYS L 474 -31.18 -38.44 29.99
N ALA L 475 -31.40 -37.12 29.97
CA ALA L 475 -31.52 -36.36 28.72
C ALA L 475 -30.27 -36.47 27.85
N GLY L 476 -29.09 -36.23 28.41
CA GLY L 476 -27.83 -36.30 27.68
C GLY L 476 -26.82 -37.20 28.35
N ILE L 477 -27.31 -38.17 29.13
CA ILE L 477 -26.47 -39.03 29.95
C ILE L 477 -27.04 -40.43 29.84
N LEU L 478 -26.19 -41.40 29.51
CA LEU L 478 -26.57 -42.81 29.44
C LEU L 478 -25.40 -43.61 29.99
N THR L 479 -25.41 -43.82 31.31
CA THR L 479 -24.23 -44.30 32.03
C THR L 479 -24.65 -45.23 33.14
N THR L 480 -23.65 -45.88 33.74
CA THR L 480 -23.83 -46.54 35.03
C THR L 480 -22.58 -46.22 35.86
N LEU L 481 -22.66 -45.11 36.59
CA LEU L 481 -21.56 -44.69 37.44
C LEU L 481 -21.28 -45.77 38.48
N ASN L 482 -20.04 -45.81 38.95
CA ASN L 482 -19.59 -46.72 39.99
C ASN L 482 -19.32 -45.91 41.24
N ALA L 483 -20.07 -46.20 42.32
CA ALA L 483 -19.99 -45.41 43.56
C ALA L 483 -19.94 -46.37 44.74
N ARG L 484 -18.72 -46.69 45.19
CA ARG L 484 -18.50 -47.65 46.26
C ARG L 484 -18.45 -46.93 47.61
N CYS L 485 -19.47 -46.13 47.86
CA CYS L 485 -19.49 -45.22 49.00
C CYS L 485 -20.21 -45.86 50.18
N SER L 486 -19.98 -45.28 51.37
CA SER L 486 -20.68 -45.68 52.59
C SER L 486 -21.44 -44.48 53.15
N ILE L 487 -22.68 -44.73 53.58
CA ILE L 487 -23.65 -43.67 53.86
C ILE L 487 -23.76 -43.47 55.36
N LEU L 488 -23.69 -42.21 55.78
CA LEU L 488 -23.95 -41.79 57.15
C LEU L 488 -25.07 -40.77 57.09
N ALA L 489 -26.30 -41.27 57.17
CA ALA L 489 -27.47 -40.41 57.12
C ALA L 489 -27.76 -39.85 58.50
N ALA L 490 -28.26 -38.63 58.53
CA ALA L 490 -28.84 -38.06 59.73
C ALA L 490 -30.23 -37.55 59.40
N ALA L 491 -31.10 -37.54 60.40
CA ALA L 491 -32.48 -37.17 60.15
C ALA L 491 -33.16 -36.92 61.49
N ASN L 492 -34.39 -36.39 61.40
CA ASN L 492 -35.29 -36.24 62.52
C ASN L 492 -36.51 -37.15 62.33
N PRO L 493 -37.10 -37.71 63.39
CA PRO L 493 -38.31 -38.49 63.15
C PRO L 493 -39.48 -37.65 62.67
N ALA L 512 -39.91 -46.43 57.22
CA ALA L 512 -39.95 -47.89 57.06
C ALA L 512 -38.89 -48.35 56.06
N ALA L 513 -38.81 -47.65 54.92
CA ALA L 513 -37.76 -47.95 53.94
C ALA L 513 -36.39 -47.78 54.56
N LEU L 514 -36.24 -46.81 55.45
CA LEU L 514 -34.98 -46.63 56.17
C LEU L 514 -34.62 -47.90 56.95
N LEU L 515 -35.57 -48.41 57.73
CA LEU L 515 -35.32 -49.62 58.50
C LEU L 515 -34.99 -50.79 57.59
N SER L 516 -35.69 -50.89 56.46
CA SER L 516 -35.57 -52.06 55.61
C SER L 516 -34.36 -52.05 54.69
N ARG L 517 -33.70 -50.90 54.51
CA ARG L 517 -32.49 -50.79 53.68
C ARG L 517 -31.44 -50.08 54.51
N PHE L 518 -30.68 -50.84 55.29
CA PHE L 518 -29.59 -50.29 56.10
C PHE L 518 -28.88 -51.45 56.79
N ASP L 519 -27.77 -51.09 57.44
CA ASP L 519 -27.11 -51.97 58.41
C ASP L 519 -27.25 -51.48 59.84
N LEU L 520 -27.51 -50.19 60.06
CA LEU L 520 -27.85 -49.77 61.42
C LEU L 520 -28.64 -48.48 61.38
N LEU L 521 -29.75 -48.46 62.12
CA LEU L 521 -30.49 -47.24 62.41
C LEU L 521 -30.43 -46.99 63.89
N TRP L 522 -30.24 -45.73 64.28
CA TRP L 522 -30.10 -45.35 65.67
C TRP L 522 -31.09 -44.22 65.96
N LEU L 523 -32.03 -44.48 66.86
CA LEU L 523 -32.94 -43.46 67.34
C LEU L 523 -32.34 -42.83 68.59
N ILE L 524 -32.11 -41.52 68.55
CA ILE L 524 -31.64 -40.76 69.69
C ILE L 524 -32.84 -39.97 70.20
N GLN L 525 -33.31 -40.33 71.40
CA GLN L 525 -34.30 -39.56 72.13
C GLN L 525 -33.63 -39.07 73.41
N ASP L 526 -33.32 -37.77 73.46
CA ASP L 526 -32.73 -37.20 74.66
C ASP L 526 -33.79 -37.07 75.75
N ARG L 527 -34.18 -38.21 76.32
CA ARG L 527 -35.08 -38.23 77.45
C ARG L 527 -34.42 -37.44 78.58
N PRO L 528 -35.00 -36.30 79.06
CA PRO L 528 -34.25 -35.47 80.00
C PRO L 528 -33.95 -36.18 81.31
N ASP L 529 -32.67 -36.51 81.51
CA ASP L 529 -32.17 -37.10 82.74
C ASP L 529 -31.22 -36.11 83.38
N ARG L 530 -31.47 -35.81 84.65
CA ARG L 530 -30.79 -34.69 85.30
C ARG L 530 -29.29 -34.92 85.36
N ASP L 531 -28.85 -36.11 85.77
CA ASP L 531 -27.42 -36.35 85.91
C ASP L 531 -26.73 -36.39 84.54
N ASN L 532 -27.37 -37.01 83.55
CA ASN L 532 -26.81 -37.04 82.20
C ASN L 532 -26.62 -35.62 81.67
N ASP L 533 -27.68 -34.81 81.74
CA ASP L 533 -27.59 -33.45 81.26
C ASP L 533 -26.61 -32.62 82.09
N LEU L 534 -26.50 -32.90 83.39
CA LEU L 534 -25.54 -32.17 84.22
C LEU L 534 -24.12 -32.45 83.76
N ARG L 535 -23.80 -33.72 83.54
CA ARG L 535 -22.45 -34.07 83.12
C ARG L 535 -22.15 -33.52 81.73
N LEU L 536 -23.11 -33.63 80.80
CA LEU L 536 -22.91 -33.08 79.47
C LEU L 536 -22.77 -31.56 79.50
N ALA L 537 -23.53 -30.89 80.38
CA ALA L 537 -23.45 -29.44 80.51
C ALA L 537 -22.09 -29.02 81.03
N GLN L 538 -21.62 -29.68 82.10
CA GLN L 538 -20.27 -29.45 82.60
C GLN L 538 -19.25 -29.65 81.49
N HIS L 539 -19.43 -30.70 80.70
CA HIS L 539 -18.49 -31.03 79.63
C HIS L 539 -18.42 -29.94 78.57
N ILE L 540 -19.58 -29.51 78.06
CA ILE L 540 -19.55 -28.53 76.98
C ILE L 540 -19.17 -27.15 77.51
N THR L 541 -19.56 -26.82 78.73
CA THR L 541 -19.13 -25.55 79.30
C THR L 541 -17.62 -25.55 79.46
N TYR L 542 -17.05 -26.67 79.91
CA TYR L 542 -15.60 -26.81 79.96
C TYR L 542 -14.98 -26.68 78.57
N VAL L 543 -15.68 -27.19 77.54
CA VAL L 543 -15.18 -27.08 76.19
C VAL L 543 -15.05 -25.62 75.80
N HIS L 544 -16.11 -24.85 76.03
CA HIS L 544 -16.04 -23.42 75.75
C HIS L 544 -14.98 -22.75 76.61
N GLN L 545 -14.81 -23.23 77.84
CA GLN L 545 -13.88 -22.61 78.78
C GLN L 545 -12.44 -22.76 78.30
N HIS L 546 -12.04 -23.99 77.98
CA HIS L 546 -10.66 -24.32 77.65
C HIS L 546 -10.40 -24.38 76.16
N SER L 547 -11.39 -24.08 75.33
CA SER L 547 -11.37 -24.45 73.93
C SER L 547 -11.05 -25.92 73.81
N LEU L 557 -6.75 -39.01 70.98
CA LEU L 557 -5.77 -39.25 69.94
C LEU L 557 -5.68 -38.11 68.95
N ASP L 558 -4.50 -37.92 68.38
CA ASP L 558 -4.35 -36.98 67.28
C ASP L 558 -5.07 -37.54 66.05
N MET L 559 -5.57 -36.63 65.22
CA MET L 559 -6.34 -37.04 64.05
C MET L 559 -5.46 -37.82 63.07
N LYS L 560 -4.22 -37.37 62.86
CA LYS L 560 -3.34 -38.05 61.92
C LYS L 560 -3.02 -39.46 62.41
N LEU L 561 -2.75 -39.62 63.70
CA LEU L 561 -2.44 -40.94 64.23
C LEU L 561 -3.67 -41.86 64.17
N MET L 562 -4.83 -41.31 64.53
CA MET L 562 -6.08 -42.06 64.42
C MET L 562 -6.28 -42.57 63.00
N ARG L 563 -6.14 -41.67 62.04
CA ARG L 563 -6.33 -42.04 60.64
C ARG L 563 -5.26 -43.01 60.19
N ARG L 564 -4.05 -42.92 60.73
CA ARG L 564 -3.01 -43.87 60.37
C ARG L 564 -3.37 -45.27 60.85
N TYR L 565 -3.84 -45.38 62.10
CA TYR L 565 -4.25 -46.68 62.61
C TYR L 565 -5.37 -47.25 61.77
N ILE L 566 -6.35 -46.41 61.42
CA ILE L 566 -7.46 -46.86 60.58
C ILE L 566 -6.94 -47.32 59.22
N ALA L 567 -6.03 -46.55 58.63
CA ALA L 567 -5.52 -46.84 57.30
C ALA L 567 -4.82 -48.19 57.27
N MET L 568 -3.97 -48.45 58.27
CA MET L 568 -3.36 -49.77 58.36
C MET L 568 -4.41 -50.84 58.62
N CYS L 569 -5.41 -50.52 59.44
CA CYS L 569 -6.45 -51.49 59.80
C CYS L 569 -7.26 -51.94 58.59
N ARG L 570 -7.35 -51.09 57.56
CA ARG L 570 -8.18 -51.40 56.41
C ARG L 570 -7.77 -52.69 55.70
N GLU L 571 -6.50 -53.10 55.84
CA GLU L 571 -5.92 -54.13 55.00
C GLU L 571 -5.37 -55.31 55.80
N LYS L 572 -6.25 -56.02 56.51
CA LYS L 572 -5.91 -57.31 57.10
C LYS L 572 -6.71 -58.48 56.54
N GLN L 573 -7.89 -58.24 55.96
CA GLN L 573 -8.68 -59.23 55.22
C GLN L 573 -8.90 -60.51 56.02
N PRO L 574 -9.71 -60.50 57.07
CA PRO L 574 -10.04 -61.74 57.76
C PRO L 574 -10.97 -62.61 56.93
N MET L 575 -10.96 -63.90 57.27
CA MET L 575 -11.87 -64.89 56.69
C MET L 575 -12.54 -65.62 57.84
N VAL L 576 -13.86 -65.72 57.77
CA VAL L 576 -14.69 -66.19 58.88
C VAL L 576 -14.32 -67.64 59.24
N PRO L 577 -14.35 -68.04 60.51
CA PRO L 577 -14.05 -69.43 60.85
C PRO L 577 -15.31 -70.29 60.89
N GLU L 578 -15.09 -71.61 60.82
CA GLU L 578 -16.19 -72.56 60.90
C GLU L 578 -16.74 -72.70 62.31
N SER L 579 -15.94 -72.39 63.34
CA SER L 579 -16.39 -72.56 64.71
C SER L 579 -17.58 -71.67 65.03
N LEU L 580 -17.68 -70.50 64.40
CA LEU L 580 -18.74 -69.55 64.66
C LEU L 580 -19.98 -69.76 63.79
N ALA L 581 -20.01 -70.77 62.92
CA ALA L 581 -21.18 -70.97 62.08
C ALA L 581 -22.41 -71.32 62.90
N ASP L 582 -22.26 -72.29 63.81
CA ASP L 582 -23.35 -72.62 64.71
C ASP L 582 -23.76 -71.42 65.55
N TYR L 583 -22.78 -70.67 66.06
CA TYR L 583 -23.08 -69.53 66.91
C TYR L 583 -23.85 -68.48 66.15
N ILE L 584 -23.42 -68.17 64.92
CA ILE L 584 -24.07 -67.08 64.19
C ILE L 584 -25.46 -67.49 63.72
N THR L 585 -25.63 -68.74 63.28
CA THR L 585 -26.96 -69.20 62.90
C THR L 585 -27.91 -69.21 64.10
N ALA L 586 -27.42 -69.68 65.25
CA ALA L 586 -28.24 -69.70 66.46
C ALA L 586 -28.63 -68.29 66.87
N ALA L 587 -27.69 -67.36 66.84
CA ALA L 587 -27.98 -65.98 67.21
C ALA L 587 -28.97 -65.36 66.23
N TYR L 588 -28.85 -65.69 64.94
CA TYR L 588 -29.77 -65.18 63.94
C TYR L 588 -31.19 -65.65 64.20
N VAL L 589 -31.38 -66.95 64.40
CA VAL L 589 -32.74 -67.46 64.62
C VAL L 589 -33.29 -66.91 65.94
N GLU L 590 -32.44 -66.81 66.97
CA GLU L 590 -32.92 -66.29 68.25
C GLU L 590 -33.34 -64.84 68.13
N MET L 591 -32.58 -64.03 67.39
CA MET L 591 -32.98 -62.65 67.16
C MET L 591 -34.27 -62.58 66.37
N ARG L 592 -34.47 -63.51 65.42
CA ARG L 592 -35.73 -63.53 64.68
C ARG L 592 -36.91 -63.83 65.60
N ARG L 593 -36.77 -64.81 66.49
CA ARG L 593 -37.86 -65.09 67.43
C ARG L 593 -38.09 -63.92 68.37
N GLU L 594 -37.02 -63.28 68.83
CA GLU L 594 -37.18 -62.09 69.67
C GLU L 594 -37.90 -60.99 68.91
N ALA L 595 -37.69 -60.89 67.60
CA ALA L 595 -38.46 -59.95 66.80
C ALA L 595 -39.93 -60.35 66.77
N TRP L 596 -40.20 -61.64 66.55
CA TRP L 596 -41.57 -62.14 66.40
C TRP L 596 -42.09 -62.78 67.68
N TYR L 603 -38.91 -56.03 62.72
CA TYR L 603 -38.54 -56.35 61.35
C TYR L 603 -37.05 -56.62 61.25
N THR L 604 -36.70 -57.89 61.04
CA THR L 604 -35.34 -58.31 60.77
C THR L 604 -35.37 -59.41 59.72
N SER L 605 -34.29 -59.53 58.96
CA SER L 605 -34.27 -60.45 57.82
C SER L 605 -32.82 -60.66 57.40
N ALA L 606 -32.63 -61.25 56.23
CA ALA L 606 -31.31 -61.51 55.67
C ALA L 606 -30.41 -60.28 55.66
N ARG L 607 -31.00 -59.09 55.49
CA ARG L 607 -30.19 -57.89 55.60
C ARG L 607 -29.61 -57.74 56.99
N THR L 608 -30.39 -58.06 58.02
CA THR L 608 -29.84 -57.98 59.38
C THR L 608 -28.84 -59.10 59.65
N LEU L 609 -29.03 -60.26 59.01
CA LEU L 609 -27.99 -61.30 59.07
C LEU L 609 -26.69 -60.78 58.51
N LEU L 610 -26.75 -60.21 57.31
CA LEU L 610 -25.56 -59.61 56.71
C LEU L 610 -25.02 -58.48 57.58
N ALA L 611 -25.89 -57.77 58.28
CA ALA L 611 -25.41 -56.70 59.16
C ALA L 611 -24.55 -57.27 60.28
N ILE L 612 -25.07 -58.27 61.02
CA ILE L 612 -24.30 -58.84 62.13
C ILE L 612 -23.01 -59.44 61.60
N LEU L 613 -23.08 -60.08 60.44
CA LEU L 613 -21.91 -60.74 59.88
C LEU L 613 -20.83 -59.74 59.46
N ARG L 614 -21.24 -58.66 58.80
CA ARG L 614 -20.29 -57.60 58.44
C ARG L 614 -19.69 -56.97 59.67
N LEU L 615 -20.51 -56.68 60.68
CA LEU L 615 -19.99 -56.06 61.89
C LEU L 615 -18.99 -56.99 62.59
N SER L 616 -19.24 -58.31 62.54
CA SER L 616 -18.28 -59.26 63.08
C SER L 616 -16.95 -59.20 62.34
N THR L 617 -17.00 -59.17 61.00
CA THR L 617 -15.77 -59.11 60.22
C THR L 617 -15.00 -57.84 60.55
N ALA L 618 -15.72 -56.72 60.63
CA ALA L 618 -15.07 -55.45 60.91
C ALA L 618 -14.48 -55.43 62.31
N LEU L 619 -15.15 -56.05 63.28
CA LEU L 619 -14.59 -56.08 64.63
C LEU L 619 -13.33 -56.93 64.68
N ALA L 620 -13.29 -58.03 63.92
CA ALA L 620 -12.04 -58.78 63.80
C ALA L 620 -10.95 -57.91 63.22
N ARG L 621 -11.29 -57.09 62.21
CA ARG L 621 -10.31 -56.16 61.67
C ARG L 621 -9.82 -55.18 62.72
N LEU L 622 -10.73 -54.64 63.55
CA LEU L 622 -10.33 -53.73 64.61
C LEU L 622 -9.37 -54.40 65.59
N ARG L 623 -9.63 -55.67 65.92
CA ARG L 623 -8.69 -56.43 66.72
C ARG L 623 -7.38 -56.72 65.98
N MET L 624 -7.37 -56.60 64.65
CA MET L 624 -6.28 -56.83 63.71
C MET L 624 -6.01 -58.31 63.49
N VAL L 625 -6.63 -59.22 64.25
CA VAL L 625 -6.48 -60.64 63.98
C VAL L 625 -7.22 -60.99 62.69
N ASP L 626 -6.75 -62.03 62.02
CA ASP L 626 -7.34 -62.46 60.76
C ASP L 626 -8.54 -63.39 60.94
N VAL L 627 -8.93 -63.70 62.18
CA VAL L 627 -9.99 -64.66 62.48
C VAL L 627 -11.00 -64.01 63.41
N VAL L 628 -12.27 -64.10 63.06
CA VAL L 628 -13.33 -63.53 63.87
C VAL L 628 -13.61 -64.49 65.03
N GLU L 629 -14.04 -63.93 66.17
CA GLU L 629 -14.24 -64.72 67.39
C GLU L 629 -15.63 -64.45 67.98
N LYS L 630 -15.88 -65.03 69.15
CA LYS L 630 -17.16 -64.84 69.82
C LYS L 630 -17.30 -63.45 70.41
N GLU L 631 -16.17 -62.85 70.83
CA GLU L 631 -16.18 -61.49 71.37
C GLU L 631 -16.72 -60.51 70.34
N ASP L 632 -16.31 -60.68 69.08
CA ASP L 632 -16.73 -59.77 68.02
C ASP L 632 -18.25 -59.82 67.83
N VAL L 633 -18.79 -61.04 67.67
CA VAL L 633 -20.22 -61.16 67.44
C VAL L 633 -20.99 -60.68 68.67
N ASN L 634 -20.44 -60.91 69.87
CA ASN L 634 -21.09 -60.42 71.08
C ASN L 634 -21.19 -58.91 71.07
N GLU L 635 -20.09 -58.23 70.73
CA GLU L 635 -20.15 -56.76 70.69
C GLU L 635 -21.06 -56.28 69.57
N ALA L 636 -21.11 -57.01 68.45
CA ALA L 636 -22.01 -56.62 67.37
C ALA L 636 -23.46 -56.67 67.81
N ILE L 637 -23.86 -57.77 68.46
CA ILE L 637 -25.22 -57.87 68.97
C ILE L 637 -25.46 -56.82 70.03
N ARG L 638 -24.44 -56.51 70.83
CA ARG L 638 -24.56 -55.44 71.82
C ARG L 638 -24.90 -54.12 71.15
N LEU L 639 -24.15 -53.77 70.10
CA LEU L 639 -24.39 -52.52 69.38
C LEU L 639 -25.79 -52.48 68.79
N MET L 640 -26.20 -53.54 68.11
CA MET L 640 -27.50 -53.53 67.45
C MET L 640 -28.64 -53.51 68.46
N GLU L 641 -28.49 -54.22 69.58
CA GLU L 641 -29.49 -54.16 70.63
C GLU L 641 -29.61 -52.75 71.17
N MET L 642 -28.48 -52.09 71.40
CA MET L 642 -28.51 -50.73 71.89
C MET L 642 -29.20 -49.81 70.89
N SER L 643 -28.91 -50.02 69.60
CA SER L 643 -29.51 -49.16 68.58
C SER L 643 -31.02 -49.35 68.51
N LYS L 644 -31.48 -50.60 68.43
CA LYS L 644 -32.90 -50.87 68.31
C LYS L 644 -33.65 -50.36 69.53
N ASP L 645 -33.12 -50.64 70.71
CA ASP L 645 -33.72 -50.11 71.94
C ASP L 645 -33.22 -48.70 72.17
#